data_9CPK
#
_entry.id   9CPK
#
loop_
_entity.id
_entity.type
_entity.pdbx_description
1 polymer Chaperonin
2 non-polymer 'MAGNESIUM ION'
3 non-polymer "ADENOSINE-5'-DIPHOSPHATE"
4 non-polymer 'ALUMINUM FLUORIDE'
5 non-polymer 'POTASSIUM ION'
6 water water
#
_entity_poly.entity_id   1
_entity_poly.type   'polypeptide(L)'
_entity_poly.pdbx_seq_one_letter_code
;MSQQPGVLPENMKRYMGRDAQRMNILAGRIIAETVRSTLGPKGMDKMLVDDLGDVVVTNDGVTILREMSVEHPAAKMLIE
VAKTQEKEVGDGTTTAVVVAGELLRKAEELLDQNVHPTIVVKGYQAAAQKAQELLKTIACEVGAQDKEILTKIAMTSITG
KGAEKAKEKLAEIIVEAVSAVVDDEGKVDKDLIKIEKKSGASIDDTELIKGVLVDKERVSAQMPKKVTDAKIALLNCAIE
IKETETDAEIRITDPAKLMEFIEQEEKMLKDMVAEIKASGANVLFCQKGIDDLAQHYLAKEGIVAARRVKKSDMEKLAKA
TGANVITNIKDLSAQDLGDAGLVEERKISGDSMIFVEECKHPKAVTMLIRGTTEHVIEEVARAVDDAVGVVGCTIEDGRI
VSGGGSTEVELSMKLREYAEGISGREQLAVRAFADALEVIPRTLAENAGLDAIEILVKVRAAHASNGNKCAGLNVFTGAV
EDMCENGVVEPLRVKTQAIQSAAESTEMLLRIDDVIAAEKLRGAPDMGDMGGMPGMGGMPGMM
;
_entity_poly.pdbx_strand_id   B,J,K,L,M,A,C,D,N,E,F,G,H,I,O,P
#
loop_
_chem_comp.id
_chem_comp.type
_chem_comp.name
_chem_comp.formula
ADP non-polymer ADENOSINE-5'-DIPHOSPHATE 'C10 H15 N5 O10 P2'
AF3 non-polymer 'ALUMINUM FLUORIDE' 'Al F3'
K non-polymer 'POTASSIUM ION' 'K 1'
MG non-polymer 'MAGNESIUM ION' 'Mg 2'
#
# COMPACT_ATOMS: atom_id res chain seq x y z
N GLU A 10 7.93 -26.18 23.12
CA GLU A 10 8.47 -27.28 22.32
C GLU A 10 9.07 -26.89 20.94
N ASN A 11 8.75 -27.65 19.89
CA ASN A 11 9.31 -27.48 18.54
C ASN A 11 8.50 -28.26 17.50
N MET A 12 8.49 -27.77 16.25
CA MET A 12 7.86 -28.49 15.14
C MET A 12 8.24 -29.97 15.09
N LYS A 13 9.53 -30.29 15.11
CA LYS A 13 10.06 -31.61 14.76
C LYS A 13 9.93 -32.65 15.87
N ARG A 14 8.80 -32.63 16.59
CA ARG A 14 8.45 -33.54 17.67
C ARG A 14 7.06 -34.14 17.46
N TYR A 15 6.41 -33.78 16.36
CA TYR A 15 5.07 -34.27 16.04
C TYR A 15 5.14 -35.73 15.66
N MET A 16 6.31 -36.14 15.20
CA MET A 16 6.57 -37.52 14.76
C MET A 16 6.60 -38.50 15.92
N GLY A 17 6.94 -38.03 17.13
CA GLY A 17 7.43 -38.89 18.20
C GLY A 17 6.39 -39.61 19.03
N ARG A 18 5.11 -39.54 18.71
CA ARG A 18 4.10 -40.30 19.46
C ARG A 18 3.00 -40.77 18.52
N ASP A 19 2.43 -41.95 18.80
CA ASP A 19 1.39 -42.47 17.91
C ASP A 19 0.08 -41.69 18.09
N ALA A 20 -0.89 -42.01 17.22
CA ALA A 20 -2.24 -41.47 17.34
C ALA A 20 -2.88 -41.91 18.65
N GLN A 21 -2.56 -43.12 19.11
CA GLN A 21 -3.11 -43.60 20.37
C GLN A 21 -2.52 -42.84 21.55
N ARG A 22 -1.23 -42.52 21.50
CA ARG A 22 -0.64 -41.66 22.51
C ARG A 22 -1.25 -40.27 22.49
N MET A 23 -1.41 -39.71 21.28
CA MET A 23 -2.17 -38.47 21.08
C MET A 23 -3.49 -38.49 21.82
N ASN A 24 -4.33 -39.48 21.53
CA ASN A 24 -5.67 -39.56 22.09
C ASN A 24 -5.64 -39.79 23.60
N ILE A 25 -4.75 -40.66 24.07
CA ILE A 25 -4.68 -40.95 25.50
C ILE A 25 -4.28 -39.70 26.27
N LEU A 26 -3.34 -38.91 25.73
CA LEU A 26 -2.92 -37.68 26.39
C LEU A 26 -4.02 -36.62 26.37
N ALA A 27 -4.64 -36.41 25.21
CA ALA A 27 -5.77 -35.49 25.10
C ALA A 27 -6.89 -35.87 26.06
N GLY A 28 -7.03 -37.17 26.35
CA GLY A 28 -8.03 -37.58 27.31
C GLY A 28 -7.60 -37.34 28.75
N ARG A 29 -6.36 -37.71 29.08
CA ARG A 29 -5.86 -37.50 30.43
C ARG A 29 -5.99 -36.04 30.85
N ILE A 30 -5.86 -35.13 29.89
CA ILE A 30 -5.95 -33.70 30.21
C ILE A 30 -7.30 -33.35 30.85
N ILE A 31 -8.38 -33.90 30.30
CA ILE A 31 -9.72 -33.58 30.82
C ILE A 31 -9.88 -34.08 32.25
N ALA A 32 -9.46 -35.32 32.52
CA ALA A 32 -9.57 -35.86 33.87
C ALA A 32 -8.69 -35.08 34.84
N GLU A 33 -7.53 -34.61 34.38
CA GLU A 33 -6.68 -33.78 35.22
C GLU A 33 -7.33 -32.43 35.52
N THR A 34 -8.18 -31.94 34.61
CA THR A 34 -8.83 -30.65 34.84
C THR A 34 -9.78 -30.70 36.04
N VAL A 35 -10.60 -31.75 36.14
CA VAL A 35 -11.69 -31.77 37.12
C VAL A 35 -11.34 -32.47 38.43
N ARG A 36 -10.15 -33.03 38.56
CA ARG A 36 -9.86 -34.00 39.62
C ARG A 36 -9.84 -33.34 41.00
N SER A 37 -9.31 -32.12 41.10
CA SER A 37 -9.22 -31.37 42.35
C SER A 37 -10.56 -30.89 42.87
N THR A 38 -11.65 -31.11 42.13
CA THR A 38 -12.98 -30.78 42.64
C THR A 38 -13.55 -31.90 43.51
N LEU A 39 -12.83 -33.01 43.65
CA LEU A 39 -13.41 -34.22 44.21
C LEU A 39 -13.35 -34.24 45.73
N GLY A 40 -14.41 -34.73 46.37
CA GLY A 40 -14.39 -35.00 47.78
C GLY A 40 -14.72 -33.80 48.64
N PRO A 41 -14.86 -34.03 49.95
CA PRO A 41 -15.33 -32.95 50.84
C PRO A 41 -14.43 -31.72 50.86
N LYS A 42 -13.12 -31.90 50.74
CA LYS A 42 -12.14 -30.83 50.66
C LYS A 42 -11.93 -30.34 49.23
N GLY A 43 -12.87 -30.60 48.33
CA GLY A 43 -12.75 -30.15 46.96
C GLY A 43 -12.92 -28.65 46.81
N MET A 44 -12.41 -28.13 45.70
CA MET A 44 -12.36 -26.70 45.46
C MET A 44 -13.09 -26.34 44.17
N ASP A 45 -13.47 -25.07 44.06
CA ASP A 45 -14.31 -24.60 42.96
C ASP A 45 -13.48 -24.07 41.80
N LYS A 46 -14.10 -24.05 40.62
CA LYS A 46 -13.54 -23.49 39.41
C LYS A 46 -14.30 -22.23 39.02
N MET A 47 -13.62 -21.26 38.41
CA MET A 47 -14.26 -20.08 37.87
C MET A 47 -14.26 -20.13 36.35
N LEU A 48 -15.45 -19.97 35.75
CA LEU A 48 -15.62 -20.01 34.31
C LEU A 48 -15.94 -18.61 33.80
N VAL A 49 -15.24 -18.17 32.76
CA VAL A 49 -15.40 -16.81 32.24
C VAL A 49 -15.69 -16.87 30.75
N ASP A 50 -16.64 -16.05 30.31
CA ASP A 50 -17.12 -16.00 28.94
C ASP A 50 -16.24 -15.10 28.08
N ASP A 51 -16.51 -15.11 26.77
CA ASP A 51 -16.05 -14.05 25.89
C ASP A 51 -16.77 -12.74 26.21
N LEU A 52 -18.06 -12.80 26.55
CA LEU A 52 -18.86 -11.59 26.73
C LEU A 52 -18.75 -11.01 28.14
N GLY A 53 -18.15 -11.75 29.08
CA GLY A 53 -18.00 -11.30 30.45
C GLY A 53 -18.90 -11.96 31.47
N ASP A 54 -19.77 -12.89 31.06
CA ASP A 54 -20.51 -13.68 32.03
C ASP A 54 -19.56 -14.56 32.85
N VAL A 55 -19.96 -14.86 34.08
CA VAL A 55 -19.11 -15.59 35.03
C VAL A 55 -19.94 -16.68 35.72
N VAL A 56 -19.34 -17.85 35.90
CA VAL A 56 -19.94 -18.94 36.66
C VAL A 56 -18.92 -19.47 37.67
N VAL A 57 -19.37 -19.73 38.89
CA VAL A 57 -18.52 -20.35 39.92
C VAL A 57 -19.19 -21.61 40.43
N THR A 58 -18.49 -22.74 40.30
CA THR A 58 -19.04 -24.04 40.69
C THR A 58 -17.91 -25.05 40.82
N ASN A 59 -18.21 -26.15 41.54
CA ASN A 59 -17.37 -27.34 41.46
C ASN A 59 -18.11 -28.55 40.91
N ASP A 60 -19.30 -28.34 40.33
CA ASP A 60 -20.02 -29.41 39.66
C ASP A 60 -19.27 -29.80 38.40
N GLY A 61 -18.95 -31.09 38.26
CA GLY A 61 -18.03 -31.52 37.23
C GLY A 61 -18.60 -31.42 35.83
N VAL A 62 -19.79 -31.98 35.63
CA VAL A 62 -20.38 -31.99 34.29
C VAL A 62 -20.62 -30.57 33.80
N THR A 63 -20.79 -29.62 34.72
CA THR A 63 -20.96 -28.23 34.32
C THR A 63 -19.66 -27.65 33.81
N ILE A 64 -18.55 -27.95 34.49
CA ILE A 64 -17.23 -27.52 34.03
C ILE A 64 -16.95 -28.09 32.64
N LEU A 65 -17.18 -29.39 32.48
CA LEU A 65 -16.95 -30.07 31.20
C LEU A 65 -17.92 -29.60 30.13
N ARG A 66 -19.08 -29.08 30.51
CA ARG A 66 -20.05 -28.61 29.53
C ARG A 66 -19.79 -27.19 29.06
N GLU A 67 -19.21 -26.36 29.93
CA GLU A 67 -18.97 -24.96 29.59
C GLU A 67 -17.57 -24.68 29.09
N MET A 68 -16.69 -25.69 29.07
CA MET A 68 -15.30 -25.43 28.73
C MET A 68 -15.15 -25.31 27.22
N SER A 69 -14.18 -24.51 26.79
CA SER A 69 -13.80 -24.50 25.38
C SER A 69 -12.88 -25.69 25.15
N VAL A 70 -13.40 -26.75 24.54
CA VAL A 70 -12.69 -28.00 24.34
C VAL A 70 -12.70 -28.34 22.86
N GLU A 71 -11.52 -28.62 22.29
CA GLU A 71 -11.40 -28.69 20.83
C GLU A 71 -10.86 -30.00 20.28
N HIS A 72 -10.18 -30.82 21.09
CA HIS A 72 -9.66 -32.06 20.54
C HIS A 72 -10.74 -33.14 20.58
N PRO A 73 -10.83 -33.99 19.55
CA PRO A 73 -11.94 -34.96 19.49
C PRO A 73 -12.03 -35.91 20.67
N ALA A 74 -10.90 -36.41 21.17
CA ALA A 74 -10.95 -37.39 22.25
C ALA A 74 -11.43 -36.77 23.55
N ALA A 75 -11.03 -35.51 23.80
CA ALA A 75 -11.53 -34.80 24.96
C ALA A 75 -13.03 -34.56 24.85
N LYS A 76 -13.50 -34.29 23.64
CA LYS A 76 -14.92 -34.21 23.35
C LYS A 76 -15.62 -35.53 23.64
N MET A 77 -14.93 -36.65 23.39
CA MET A 77 -15.48 -37.97 23.69
C MET A 77 -15.53 -38.27 25.17
N LEU A 78 -14.67 -37.65 25.98
CA LEU A 78 -14.72 -37.88 27.42
C LEU A 78 -15.83 -37.07 28.11
N ILE A 79 -16.20 -35.92 27.52
CA ILE A 79 -17.30 -35.15 28.09
C ILE A 79 -18.61 -35.94 28.09
N GLU A 80 -18.76 -36.85 27.12
CA GLU A 80 -19.98 -37.66 27.06
C GLU A 80 -20.07 -38.68 28.19
N VAL A 81 -18.97 -38.90 28.89
CA VAL A 81 -18.96 -39.78 30.07
C VAL A 81 -19.66 -39.10 31.25
N ALA A 82 -19.55 -37.77 31.34
CA ALA A 82 -20.22 -37.03 32.41
C ALA A 82 -21.72 -36.87 32.14
N LYS A 83 -22.08 -36.51 30.91
CA LYS A 83 -23.47 -36.20 30.58
C LYS A 83 -24.39 -37.39 30.82
N THR A 84 -23.90 -38.61 30.61
CA THR A 84 -24.76 -39.77 30.78
C THR A 84 -25.00 -40.04 32.26
N GLN A 85 -23.98 -39.81 33.09
CA GLN A 85 -24.15 -39.89 34.53
C GLN A 85 -25.09 -38.79 35.02
N GLU A 86 -25.04 -37.61 34.40
CA GLU A 86 -25.97 -36.53 34.70
C GLU A 86 -27.40 -36.95 34.40
N LYS A 87 -27.59 -37.55 33.24
CA LYS A 87 -28.92 -37.82 32.69
C LYS A 87 -29.59 -39.00 33.39
N GLU A 88 -28.84 -40.10 33.55
CA GLU A 88 -29.43 -41.35 34.00
C GLU A 88 -29.46 -41.50 35.53
N VAL A 89 -28.59 -40.78 36.24
CA VAL A 89 -28.46 -40.94 37.68
C VAL A 89 -28.66 -39.56 38.31
N GLY A 90 -27.78 -38.63 37.96
CA GLY A 90 -27.84 -37.27 38.46
C GLY A 90 -26.64 -36.86 39.28
N ASP A 91 -26.10 -37.77 40.09
CA ASP A 91 -24.88 -37.51 40.84
C ASP A 91 -23.80 -38.47 40.35
N GLY A 92 -22.55 -38.17 40.70
CA GLY A 92 -21.44 -39.02 40.32
C GLY A 92 -20.68 -38.61 39.08
N THR A 93 -20.85 -37.38 38.58
CA THR A 93 -20.25 -36.99 37.32
C THR A 93 -18.77 -36.69 37.41
N THR A 94 -18.16 -36.76 38.59
CA THR A 94 -16.71 -36.58 38.68
C THR A 94 -15.96 -37.89 38.87
N THR A 95 -16.58 -38.85 39.56
CA THR A 95 -15.98 -40.17 39.71
C THR A 95 -15.80 -40.82 38.35
N ALA A 96 -16.82 -40.73 37.50
CA ALA A 96 -16.78 -41.31 36.17
C ALA A 96 -15.58 -40.80 35.38
N VAL A 97 -15.36 -39.48 35.35
CA VAL A 97 -14.34 -38.98 34.44
C VAL A 97 -12.95 -39.28 34.99
N VAL A 98 -12.80 -39.22 36.32
CA VAL A 98 -11.50 -39.49 36.92
C VAL A 98 -11.12 -40.96 36.72
N VAL A 99 -12.09 -41.86 36.89
CA VAL A 99 -11.83 -43.27 36.65
C VAL A 99 -11.52 -43.53 35.18
N ALA A 100 -12.25 -42.85 34.28
CA ALA A 100 -11.97 -43.00 32.85
C ALA A 100 -10.54 -42.60 32.51
N GLY A 101 -10.10 -41.43 32.98
CA GLY A 101 -8.74 -41.00 32.68
C GLY A 101 -7.68 -41.87 33.33
N GLU A 102 -7.96 -42.41 34.52
CA GLU A 102 -7.01 -43.32 35.12
C GLU A 102 -6.92 -44.62 34.32
N LEU A 103 -8.04 -45.04 33.73
CA LEU A 103 -8.01 -46.20 32.84
C LEU A 103 -7.20 -45.92 31.58
N LEU A 104 -7.36 -44.73 31.01
CA LEU A 104 -6.52 -44.32 29.87
C LEU A 104 -5.04 -44.40 30.22
N ARG A 105 -4.68 -43.86 31.39
CA ARG A 105 -3.28 -43.72 31.77
C ARG A 105 -2.68 -45.06 32.16
N LYS A 106 -3.48 -45.94 32.78
CA LYS A 106 -3.06 -47.32 33.01
C LYS A 106 -2.87 -48.06 31.70
N ALA A 107 -3.75 -47.84 30.73
CA ALA A 107 -3.59 -48.49 29.43
C ALA A 107 -2.30 -48.04 28.77
N GLU A 108 -1.92 -46.77 28.98
CA GLU A 108 -0.69 -46.25 28.42
C GLU A 108 0.55 -46.96 28.97
N GLU A 109 0.45 -47.50 30.19
CA GLU A 109 1.58 -48.18 30.81
C GLU A 109 1.79 -49.57 30.23
N LEU A 110 0.79 -50.12 29.54
CA LEU A 110 0.92 -51.44 28.93
C LEU A 110 1.27 -51.38 27.45
N LEU A 111 0.90 -50.30 26.77
CA LEU A 111 1.24 -50.17 25.35
C LEU A 111 2.72 -49.85 25.17
N ASP A 112 3.34 -49.21 26.16
CA ASP A 112 4.79 -49.02 26.09
C ASP A 112 5.57 -50.28 26.44
N GLN A 113 4.90 -51.39 26.78
CA GLN A 113 5.50 -52.71 26.82
C GLN A 113 5.12 -53.53 25.59
N ASN A 114 4.44 -52.91 24.62
CA ASN A 114 4.09 -53.51 23.34
C ASN A 114 2.99 -54.57 23.45
N VAL A 115 2.00 -54.35 24.33
CA VAL A 115 0.82 -55.20 24.36
C VAL A 115 -0.20 -54.74 23.33
N HIS A 116 -0.75 -55.69 22.57
CA HIS A 116 -1.69 -55.33 21.51
C HIS A 116 -2.94 -54.67 22.09
N PRO A 117 -3.43 -53.59 21.46
CA PRO A 117 -4.65 -52.93 21.94
C PRO A 117 -5.86 -53.84 22.09
N THR A 118 -6.09 -54.77 21.16
CA THR A 118 -7.23 -55.66 21.31
C THR A 118 -7.11 -56.53 22.55
N ILE A 119 -5.89 -56.90 22.94
CA ILE A 119 -5.71 -57.68 24.15
C ILE A 119 -6.10 -56.86 25.37
N VAL A 120 -5.74 -55.58 25.40
CA VAL A 120 -6.13 -54.70 26.49
C VAL A 120 -7.65 -54.59 26.56
N VAL A 121 -8.29 -54.40 25.40
CA VAL A 121 -9.74 -54.19 25.35
C VAL A 121 -10.48 -55.44 25.82
N LYS A 122 -10.04 -56.61 25.35
CA LYS A 122 -10.62 -57.87 25.81
C LYS A 122 -10.36 -58.16 27.29
N GLY A 123 -9.29 -57.62 27.86
CA GLY A 123 -9.16 -57.73 29.31
C GLY A 123 -10.08 -56.81 30.10
N TYR A 124 -10.10 -55.53 29.73
CA TYR A 124 -11.01 -54.59 30.38
C TYR A 124 -12.44 -55.09 30.34
N GLN A 125 -12.85 -55.66 29.21
CA GLN A 125 -14.20 -56.18 29.08
C GLN A 125 -14.49 -57.26 30.11
N ALA A 126 -13.55 -58.19 30.31
CA ALA A 126 -13.73 -59.25 31.29
C ALA A 126 -13.72 -58.73 32.71
N ALA A 127 -13.05 -57.60 32.95
CA ALA A 127 -12.99 -57.02 34.29
C ALA A 127 -14.28 -56.28 34.66
N ALA A 128 -14.88 -55.59 33.69
CA ALA A 128 -16.04 -54.75 34.03
C ALA A 128 -17.27 -55.57 34.36
N GLN A 129 -17.49 -56.69 33.65
CA GLN A 129 -18.60 -57.57 34.00
C GLN A 129 -18.42 -58.15 35.40
N LYS A 130 -17.17 -58.46 35.76
CA LYS A 130 -16.87 -58.94 37.10
C LYS A 130 -17.13 -57.86 38.14
N ALA A 131 -16.83 -56.60 37.80
CA ALA A 131 -17.13 -55.51 38.72
C ALA A 131 -18.64 -55.33 38.87
N GLN A 132 -19.41 -55.64 37.83
CA GLN A 132 -20.87 -55.62 37.95
C GLN A 132 -21.36 -56.70 38.92
N GLU A 133 -20.87 -57.93 38.77
CA GLU A 133 -21.21 -58.99 39.71
C GLU A 133 -20.88 -58.60 41.15
N LEU A 134 -19.66 -58.09 41.35
CA LEU A 134 -19.20 -57.74 42.68
C LEU A 134 -20.03 -56.61 43.28
N LEU A 135 -20.31 -55.56 42.49
CA LEU A 135 -21.15 -54.47 42.98
C LEU A 135 -22.56 -54.93 43.30
N LYS A 136 -23.07 -55.92 42.56
CA LYS A 136 -24.40 -56.44 42.84
C LYS A 136 -24.43 -57.30 44.09
N THR A 137 -23.28 -57.78 44.57
CA THR A 137 -23.26 -58.62 45.75
C THR A 137 -22.66 -57.99 47.01
N ILE A 138 -21.93 -56.87 46.91
CA ILE A 138 -21.37 -56.21 48.09
C ILE A 138 -22.25 -55.08 48.62
N ALA A 139 -23.44 -54.88 48.06
CA ALA A 139 -24.30 -53.77 48.45
C ALA A 139 -25.18 -54.16 49.63
N CYS A 140 -25.79 -53.16 50.27
CA CYS A 140 -26.70 -53.36 51.39
C CYS A 140 -28.12 -53.04 50.97
N GLU A 141 -29.07 -53.83 51.45
CA GLU A 141 -30.45 -53.80 50.98
C GLU A 141 -31.35 -53.12 52.01
N VAL A 142 -32.02 -52.05 51.60
CA VAL A 142 -32.79 -51.20 52.50
C VAL A 142 -34.15 -50.90 51.87
N GLY A 143 -35.16 -50.71 52.72
CA GLY A 143 -36.51 -50.44 52.23
C GLY A 143 -36.73 -48.98 51.88
N ALA A 144 -37.62 -48.74 50.92
CA ALA A 144 -37.77 -47.41 50.34
C ALA A 144 -38.56 -46.47 51.26
N GLN A 145 -39.22 -47.03 52.28
CA GLN A 145 -39.97 -46.25 53.26
C GLN A 145 -39.08 -45.67 54.35
N ASP A 146 -37.77 -45.92 54.32
CA ASP A 146 -36.87 -45.68 55.44
C ASP A 146 -36.24 -44.28 55.29
N LYS A 147 -36.93 -43.29 55.87
CA LYS A 147 -36.61 -41.90 55.61
C LYS A 147 -35.27 -41.47 56.21
N GLU A 148 -34.84 -42.15 57.27
CA GLU A 148 -33.60 -41.81 57.97
C GLU A 148 -32.37 -41.97 57.06
N ILE A 149 -32.22 -43.15 56.47
CA ILE A 149 -31.11 -43.38 55.57
C ILE A 149 -31.22 -42.47 54.34
N LEU A 150 -32.45 -42.11 53.95
CA LEU A 150 -32.61 -41.13 52.88
C LEU A 150 -32.03 -39.77 53.26
N THR A 151 -32.29 -39.33 54.49
CA THR A 151 -31.68 -38.11 55.00
C THR A 151 -30.16 -38.18 54.96
N LYS A 152 -29.61 -39.31 55.43
CA LYS A 152 -28.16 -39.48 55.49
C LYS A 152 -27.54 -39.44 54.10
N ILE A 153 -28.22 -40.04 53.11
CA ILE A 153 -27.73 -40.03 51.74
C ILE A 153 -27.79 -38.61 51.16
N ALA A 154 -28.85 -37.87 51.47
CA ALA A 154 -29.00 -36.51 50.99
C ALA A 154 -27.88 -35.62 51.53
N MET A 155 -27.62 -35.72 52.83
CA MET A 155 -26.51 -34.99 53.44
C MET A 155 -25.18 -35.36 52.79
N THR A 156 -24.98 -36.66 52.51
CA THR A 156 -23.78 -37.10 51.82
C THR A 156 -23.67 -36.48 50.43
N SER A 157 -24.81 -36.15 49.82
CA SER A 157 -24.79 -35.56 48.49
C SER A 157 -24.41 -34.08 48.54
N ILE A 158 -24.76 -33.41 49.65
CA ILE A 158 -24.54 -31.97 49.79
C ILE A 158 -23.14 -31.65 50.31
N THR A 159 -22.48 -32.62 50.97
CA THR A 159 -21.16 -32.40 51.56
C THR A 159 -20.11 -32.08 50.49
N GLY A 160 -19.28 -31.07 50.79
CA GLY A 160 -18.22 -30.68 49.88
C GLY A 160 -18.58 -29.62 48.85
N LYS A 161 -19.73 -28.97 48.97
CA LYS A 161 -20.23 -28.10 47.91
C LYS A 161 -20.37 -26.64 48.33
N GLY A 162 -19.75 -26.23 49.43
CA GLY A 162 -19.84 -24.84 49.85
C GLY A 162 -21.14 -24.47 50.54
N ALA A 163 -22.25 -25.05 50.08
CA ALA A 163 -23.53 -24.93 50.77
C ALA A 163 -23.67 -26.04 51.82
N GLU A 164 -22.62 -26.28 52.61
CA GLU A 164 -22.66 -27.30 53.66
C GLU A 164 -23.39 -26.82 54.89
N LYS A 165 -23.45 -25.50 55.08
CA LYS A 165 -23.87 -24.95 56.36
C LYS A 165 -25.35 -25.19 56.60
N ALA A 166 -26.11 -25.43 55.52
CA ALA A 166 -27.54 -25.68 55.59
C ALA A 166 -27.94 -27.12 55.32
N LYS A 167 -26.99 -28.07 55.25
CA LYS A 167 -27.32 -29.40 54.75
C LYS A 167 -28.32 -30.12 55.65
N GLU A 168 -28.27 -29.86 56.96
CA GLU A 168 -29.14 -30.56 57.90
C GLU A 168 -30.56 -30.01 57.89
N LYS A 169 -30.82 -28.96 57.12
CA LYS A 169 -32.19 -28.50 56.83
C LYS A 169 -32.60 -28.88 55.41
N LEU A 170 -31.69 -28.70 54.46
CA LEU A 170 -31.95 -29.07 53.08
C LEU A 170 -32.30 -30.55 52.95
N ALA A 171 -31.70 -31.38 53.79
CA ALA A 171 -31.97 -32.81 53.77
C ALA A 171 -33.44 -33.11 54.06
N GLU A 172 -33.99 -32.51 55.14
CA GLU A 172 -35.39 -32.71 55.46
C GLU A 172 -36.30 -32.19 54.35
N ILE A 173 -35.99 -30.99 53.86
CA ILE A 173 -36.79 -30.37 52.81
C ILE A 173 -36.86 -31.29 51.59
N ILE A 174 -35.69 -31.77 51.14
CA ILE A 174 -35.62 -32.57 49.93
C ILE A 174 -36.26 -33.94 50.13
N VAL A 175 -36.11 -34.54 51.32
CA VAL A 175 -36.70 -35.85 51.56
C VAL A 175 -38.21 -35.76 51.47
N GLU A 176 -38.82 -34.75 52.11
CA GLU A 176 -40.27 -34.61 51.97
C GLU A 176 -40.66 -34.28 50.53
N ALA A 177 -39.91 -33.39 49.88
CA ALA A 177 -40.23 -32.96 48.52
C ALA A 177 -40.27 -34.14 47.55
N VAL A 178 -39.31 -35.05 47.68
CA VAL A 178 -39.22 -36.21 46.81
C VAL A 178 -40.26 -37.25 47.20
N SER A 179 -40.50 -37.40 48.51
CA SER A 179 -41.45 -38.42 48.97
C SER A 179 -42.86 -38.09 48.50
N ALA A 180 -43.13 -36.82 48.23
CA ALA A 180 -44.44 -36.39 47.76
C ALA A 180 -44.73 -36.94 46.36
N VAL A 181 -43.72 -36.92 45.50
CA VAL A 181 -43.88 -37.13 44.06
C VAL A 181 -43.61 -38.57 43.66
N VAL A 182 -43.44 -39.47 44.62
CA VAL A 182 -43.34 -40.90 44.34
C VAL A 182 -44.69 -41.38 43.84
N ASP A 183 -44.75 -41.84 42.58
CA ASP A 183 -46.01 -42.07 41.91
C ASP A 183 -46.62 -43.41 42.34
N ASP A 184 -47.86 -43.65 41.89
CA ASP A 184 -48.59 -44.84 42.33
C ASP A 184 -47.93 -46.13 41.86
N GLU A 185 -46.93 -46.04 40.99
CA GLU A 185 -46.14 -47.21 40.61
C GLU A 185 -44.76 -47.26 41.27
N GLY A 186 -44.49 -46.37 42.23
CA GLY A 186 -43.24 -46.39 42.96
C GLY A 186 -42.02 -45.86 42.25
N LYS A 187 -42.18 -44.84 41.41
CA LYS A 187 -41.09 -44.28 40.64
C LYS A 187 -41.07 -42.77 40.80
N VAL A 188 -39.87 -42.19 40.78
CA VAL A 188 -39.67 -40.77 41.03
C VAL A 188 -39.42 -40.08 39.70
N ASP A 189 -40.20 -39.04 39.42
CA ASP A 189 -40.00 -38.18 38.26
C ASP A 189 -39.51 -36.83 38.74
N LYS A 190 -38.40 -36.36 38.18
CA LYS A 190 -37.71 -35.18 38.70
C LYS A 190 -38.44 -33.89 38.35
N ASP A 191 -39.10 -33.87 37.18
CA ASP A 191 -39.78 -32.67 36.73
C ASP A 191 -41.07 -32.40 37.49
N LEU A 192 -41.52 -33.32 38.35
CA LEU A 192 -42.68 -33.04 39.19
C LEU A 192 -42.33 -32.20 40.41
N ILE A 193 -41.05 -31.83 40.57
CA ILE A 193 -40.61 -30.92 41.62
C ILE A 193 -40.13 -29.63 40.96
N LYS A 194 -40.69 -28.51 41.39
CA LYS A 194 -40.41 -27.20 40.80
C LYS A 194 -39.42 -26.47 41.70
N ILE A 195 -38.33 -26.00 41.10
CA ILE A 195 -37.25 -25.38 41.85
C ILE A 195 -37.20 -23.90 41.48
N GLU A 196 -37.37 -23.04 42.47
CA GLU A 196 -37.45 -21.60 42.23
C GLU A 196 -36.40 -20.85 43.04
N LYS A 197 -35.88 -19.79 42.44
CA LYS A 197 -34.62 -19.17 42.84
C LYS A 197 -34.79 -17.67 43.07
N LYS A 198 -35.27 -17.31 44.26
CA LYS A 198 -35.61 -15.91 44.57
C LYS A 198 -34.64 -15.38 45.61
N SER A 199 -33.93 -14.30 45.26
CA SER A 199 -32.83 -13.81 46.07
C SER A 199 -33.35 -13.07 47.32
N GLY A 200 -32.42 -12.53 48.09
CA GLY A 200 -32.74 -11.95 49.38
C GLY A 200 -32.72 -12.98 50.49
N ALA A 201 -32.62 -12.50 51.73
CA ALA A 201 -32.42 -13.34 52.90
C ALA A 201 -31.21 -14.27 52.80
N SER A 202 -31.06 -15.18 53.75
CA SER A 202 -29.94 -16.11 53.80
C SER A 202 -30.37 -17.53 53.47
N ILE A 203 -29.36 -18.35 53.10
CA ILE A 203 -29.59 -19.71 52.61
C ILE A 203 -30.43 -20.53 53.57
N ASP A 204 -30.43 -20.16 54.85
CA ASP A 204 -31.23 -20.88 55.85
C ASP A 204 -32.69 -20.47 55.83
N ASP A 205 -33.06 -19.45 55.06
CA ASP A 205 -34.46 -19.06 54.88
C ASP A 205 -35.13 -19.80 53.73
N THR A 206 -34.47 -20.80 53.14
CA THR A 206 -35.11 -21.65 52.15
C THR A 206 -36.26 -22.44 52.77
N GLU A 207 -37.32 -22.65 51.99
CA GLU A 207 -38.52 -23.31 52.51
C GLU A 207 -39.19 -24.11 51.41
N LEU A 208 -40.14 -24.95 51.84
CA LEU A 208 -40.87 -25.86 50.96
C LEU A 208 -42.34 -25.46 50.90
N ILE A 209 -42.88 -25.38 49.69
CA ILE A 209 -44.30 -25.05 49.49
C ILE A 209 -45.02 -26.30 49.02
N LYS A 210 -46.10 -26.66 49.73
CA LYS A 210 -46.95 -27.76 49.31
C LYS A 210 -47.97 -27.26 48.28
N GLY A 211 -47.45 -26.81 47.15
CA GLY A 211 -48.28 -26.14 46.17
C GLY A 211 -47.43 -25.45 45.11
N VAL A 212 -47.90 -24.31 44.60
CA VAL A 212 -47.25 -23.68 43.45
C VAL A 212 -47.04 -22.20 43.71
N LEU A 213 -46.01 -21.68 43.04
CA LEU A 213 -45.72 -20.27 43.04
C LEU A 213 -45.85 -19.97 41.54
N VAL A 214 -46.65 -18.98 41.15
CA VAL A 214 -46.92 -18.64 39.76
C VAL A 214 -46.37 -17.24 39.48
N ASP A 215 -45.75 -17.09 38.32
CA ASP A 215 -45.14 -15.81 37.92
C ASP A 215 -46.20 -14.90 37.30
N LYS A 216 -47.24 -14.57 38.08
CA LYS A 216 -48.37 -13.81 37.56
C LYS A 216 -48.96 -12.94 38.67
N GLU A 217 -49.66 -11.89 38.25
CA GLU A 217 -50.50 -11.10 39.14
C GLU A 217 -51.90 -10.99 38.55
N ARG A 218 -52.88 -10.83 39.43
CA ARG A 218 -54.28 -10.90 39.01
C ARG A 218 -54.62 -9.75 38.08
N VAL A 219 -55.57 -10.00 37.17
CA VAL A 219 -55.79 -9.12 36.03
C VAL A 219 -56.37 -7.77 36.47
N SER A 220 -57.32 -7.77 37.40
CA SER A 220 -58.04 -6.56 37.79
C SER A 220 -57.88 -6.36 39.29
N ALA A 221 -57.53 -5.14 39.70
CA ALA A 221 -57.10 -4.93 41.08
C ALA A 221 -58.27 -4.87 42.07
N GLN A 222 -59.51 -4.83 41.57
CA GLN A 222 -60.69 -4.96 42.42
C GLN A 222 -60.86 -6.39 42.90
N MET A 223 -60.19 -7.34 42.25
CA MET A 223 -60.26 -8.76 42.54
C MET A 223 -59.64 -9.08 43.89
N PRO A 224 -60.30 -9.85 44.74
CA PRO A 224 -59.78 -10.10 46.09
C PRO A 224 -58.38 -10.70 46.06
N LYS A 225 -57.51 -10.16 46.92
CA LYS A 225 -56.10 -10.50 46.89
C LYS A 225 -55.78 -11.70 47.78
N LYS A 226 -56.76 -12.13 48.57
CA LYS A 226 -56.61 -13.29 49.45
C LYS A 226 -57.90 -14.11 49.43
N VAL A 227 -57.78 -15.42 49.22
CA VAL A 227 -58.92 -16.32 49.19
C VAL A 227 -58.58 -17.58 49.98
N THR A 228 -59.56 -18.07 50.76
CA THR A 228 -59.40 -19.28 51.56
C THR A 228 -60.36 -20.35 51.06
N ASP A 229 -59.93 -21.61 51.16
CA ASP A 229 -60.64 -22.75 50.55
C ASP A 229 -61.08 -22.43 49.12
N ALA A 230 -60.11 -22.06 48.29
CA ALA A 230 -60.32 -21.70 46.90
C ALA A 230 -60.94 -22.82 46.08
N LYS A 231 -61.79 -22.45 45.13
CA LYS A 231 -62.33 -23.33 44.09
C LYS A 231 -61.73 -22.87 42.76
N ILE A 232 -60.76 -23.63 42.27
CA ILE A 232 -59.89 -23.13 41.21
C ILE A 232 -60.32 -23.75 39.88
N ALA A 233 -60.51 -22.90 38.87
CA ALA A 233 -60.87 -23.34 37.53
C ALA A 233 -59.73 -23.05 36.57
N LEU A 234 -59.39 -24.04 35.75
CA LEU A 234 -58.30 -23.92 34.77
C LEU A 234 -58.87 -24.05 33.36
N LEU A 235 -58.50 -23.10 32.49
CA LEU A 235 -58.98 -23.06 31.12
C LEU A 235 -57.82 -23.02 30.12
N ASN A 236 -58.00 -23.75 29.01
CA ASN A 236 -57.08 -23.71 27.89
C ASN A 236 -57.61 -22.80 26.78
N CYS A 237 -58.92 -22.55 26.79
CA CYS A 237 -59.54 -21.60 25.90
C CYS A 237 -59.48 -20.18 26.46
N ALA A 238 -59.38 -19.21 25.56
CA ALA A 238 -59.37 -17.79 25.89
C ALA A 238 -60.79 -17.27 26.09
N ILE A 239 -60.96 -16.36 27.05
CA ILE A 239 -62.26 -15.74 27.28
C ILE A 239 -62.31 -14.49 26.40
N GLU A 240 -62.78 -14.69 25.16
CA GLU A 240 -62.82 -13.64 24.14
C GLU A 240 -63.94 -13.96 23.18
N ILE A 241 -64.32 -12.97 22.38
CA ILE A 241 -65.41 -13.16 21.43
C ILE A 241 -64.93 -14.05 20.28
N LYS A 242 -65.67 -15.13 20.03
CA LYS A 242 -65.27 -16.10 19.02
C LYS A 242 -65.31 -15.48 17.63
N GLU A 243 -64.43 -15.98 16.75
CA GLU A 243 -64.41 -15.64 15.34
C GLU A 243 -64.91 -16.82 14.51
N THR A 244 -65.37 -16.53 13.30
CA THR A 244 -65.78 -17.58 12.37
C THR A 244 -64.61 -17.92 11.45
N GLU A 245 -64.27 -19.21 11.41
CA GLU A 245 -63.17 -19.66 10.56
C GLU A 245 -63.61 -19.77 9.09
N THR A 246 -64.63 -19.00 8.70
CA THR A 246 -65.14 -18.93 7.33
C THR A 246 -65.22 -17.49 6.80
N ASP A 247 -64.81 -16.49 7.59
CA ASP A 247 -64.84 -15.06 7.27
C ASP A 247 -66.24 -14.42 7.16
N ALA A 248 -66.38 -13.20 7.68
CA ALA A 248 -67.66 -12.59 8.00
C ALA A 248 -67.65 -11.07 7.80
N GLU A 249 -68.84 -10.53 7.47
CA GLU A 249 -69.15 -9.11 7.47
C GLU A 249 -70.59 -8.94 7.96
N ILE A 250 -70.83 -7.90 8.78
CA ILE A 250 -72.15 -7.76 9.42
C ILE A 250 -73.14 -6.88 8.65
N ARG A 251 -72.65 -5.93 7.85
CA ARG A 251 -73.47 -5.16 6.92
C ARG A 251 -74.67 -4.47 7.57
N ILE A 252 -74.49 -3.22 7.99
CA ILE A 252 -75.49 -2.53 8.80
C ILE A 252 -76.30 -1.58 7.92
N THR A 253 -77.52 -1.99 7.57
CA THR A 253 -78.33 -1.24 6.63
C THR A 253 -79.28 -0.29 7.35
N ASP A 254 -79.66 -0.61 8.59
CA ASP A 254 -80.45 0.27 9.44
C ASP A 254 -79.53 0.91 10.48
N PRO A 255 -79.43 2.23 10.53
CA PRO A 255 -78.67 2.89 11.61
C PRO A 255 -79.01 2.41 13.00
N ALA A 256 -80.28 2.07 13.26
CA ALA A 256 -80.69 1.62 14.59
C ALA A 256 -80.00 0.33 15.03
N LYS A 257 -79.25 -0.33 14.14
CA LYS A 257 -78.63 -1.61 14.46
C LYS A 257 -77.12 -1.50 14.69
N LEU A 258 -76.62 -0.31 15.04
CA LEU A 258 -75.24 -0.19 15.48
C LEU A 258 -75.07 -0.68 16.93
N MET A 259 -75.85 -0.10 17.85
CA MET A 259 -75.75 -0.47 19.25
C MET A 259 -76.19 -1.91 19.50
N GLU A 260 -77.11 -2.42 18.70
CA GLU A 260 -77.61 -3.77 18.90
C GLU A 260 -76.53 -4.81 18.65
N PHE A 261 -75.80 -4.68 17.54
CA PHE A 261 -74.69 -5.58 17.27
C PHE A 261 -73.66 -5.53 18.42
N ILE A 262 -73.40 -4.34 18.94
CA ILE A 262 -72.38 -4.16 19.97
C ILE A 262 -72.83 -4.75 21.31
N GLU A 263 -74.09 -4.52 21.68
CA GLU A 263 -74.68 -5.12 22.88
C GLU A 263 -74.65 -6.65 22.81
N GLN A 264 -74.88 -7.23 21.63
CA GLN A 264 -74.86 -8.69 21.56
C GLN A 264 -73.45 -9.23 21.72
N GLU A 265 -72.43 -8.52 21.19
CA GLU A 265 -71.08 -8.95 21.56
C GLU A 265 -70.81 -8.80 23.06
N GLU A 266 -71.34 -7.76 23.71
CA GLU A 266 -71.17 -7.68 25.17
C GLU A 266 -71.84 -8.85 25.88
N LYS A 267 -73.02 -9.26 25.41
CA LYS A 267 -73.74 -10.35 26.06
C LYS A 267 -73.01 -11.68 25.89
N MET A 268 -72.33 -11.85 24.76
CA MET A 268 -71.60 -13.10 24.54
C MET A 268 -70.42 -13.26 25.49
N LEU A 269 -69.97 -12.18 26.14
CA LEU A 269 -68.99 -12.33 27.22
C LEU A 269 -69.69 -12.46 28.58
N LYS A 270 -70.79 -11.73 28.74
CA LYS A 270 -71.55 -11.78 29.99
C LYS A 270 -71.98 -13.20 30.32
N ASP A 271 -72.40 -13.95 29.29
CA ASP A 271 -72.85 -15.32 29.51
C ASP A 271 -71.72 -16.26 29.86
N MET A 272 -70.53 -16.05 29.30
CA MET A 272 -69.37 -16.86 29.69
C MET A 272 -69.06 -16.67 31.17
N VAL A 273 -69.13 -15.43 31.65
CA VAL A 273 -68.84 -15.20 33.06
C VAL A 273 -69.93 -15.77 33.96
N ALA A 274 -71.19 -15.64 33.54
CA ALA A 274 -72.28 -16.32 34.25
C ALA A 274 -72.02 -17.82 34.37
N GLU A 275 -71.56 -18.45 33.28
CA GLU A 275 -71.30 -19.89 33.28
C GLU A 275 -70.13 -20.26 34.18
N ILE A 276 -69.07 -19.44 34.18
CA ILE A 276 -67.95 -19.72 35.07
C ILE A 276 -68.40 -19.64 36.53
N LYS A 277 -69.32 -18.69 36.82
CA LYS A 277 -69.82 -18.57 38.18
C LYS A 277 -70.68 -19.77 38.57
N ALA A 278 -71.53 -20.22 37.65
CA ALA A 278 -72.45 -21.32 37.95
C ALA A 278 -71.72 -22.64 38.22
N SER A 279 -70.49 -22.80 37.71
CA SER A 279 -69.73 -23.98 38.09
C SER A 279 -69.42 -24.00 39.59
N GLY A 280 -69.33 -22.85 40.24
CA GLY A 280 -68.95 -22.78 41.63
C GLY A 280 -67.57 -22.19 41.88
N ALA A 281 -66.90 -21.72 40.84
CA ALA A 281 -65.52 -21.28 40.95
C ALA A 281 -65.41 -19.94 41.67
N ASN A 282 -64.24 -19.69 42.27
CA ASN A 282 -63.90 -18.35 42.74
C ASN A 282 -62.44 -17.97 42.48
N VAL A 283 -61.67 -18.82 41.83
CA VAL A 283 -60.32 -18.51 41.35
C VAL A 283 -60.17 -19.10 39.95
N LEU A 284 -59.50 -18.35 39.08
CA LEU A 284 -59.41 -18.68 37.66
C LEU A 284 -57.98 -18.55 37.15
N PHE A 285 -57.59 -19.48 36.27
CA PHE A 285 -56.36 -19.40 35.50
C PHE A 285 -56.68 -19.65 34.04
N CYS A 286 -56.14 -18.83 33.15
CA CYS A 286 -56.31 -18.98 31.71
C CYS A 286 -54.96 -19.09 31.02
N GLN A 287 -54.78 -20.15 30.22
CA GLN A 287 -53.56 -20.32 29.45
C GLN A 287 -53.48 -19.36 28.26
N LYS A 288 -54.42 -18.42 28.15
CA LYS A 288 -54.61 -17.61 26.96
C LYS A 288 -55.34 -16.33 27.38
N GLY A 289 -55.72 -15.52 26.39
CA GLY A 289 -56.16 -14.16 26.68
C GLY A 289 -57.53 -14.08 27.34
N ILE A 290 -57.68 -13.04 28.16
CA ILE A 290 -58.96 -12.63 28.72
C ILE A 290 -59.17 -11.17 28.32
N ASP A 291 -60.33 -10.87 27.74
CA ASP A 291 -60.65 -9.53 27.27
C ASP A 291 -60.88 -8.56 28.43
N ASP A 292 -60.67 -7.27 28.17
CA ASP A 292 -60.79 -6.26 29.21
C ASP A 292 -62.22 -6.07 29.70
N LEU A 293 -63.24 -6.49 28.93
CA LEU A 293 -64.60 -6.47 29.44
C LEU A 293 -64.91 -7.74 30.26
N ALA A 294 -64.35 -8.86 29.83
CA ALA A 294 -64.43 -10.11 30.60
C ALA A 294 -63.85 -9.91 31.99
N GLN A 295 -62.72 -9.18 32.05
CA GLN A 295 -62.07 -8.81 33.30
C GLN A 295 -63.01 -8.01 34.20
N HIS A 296 -63.79 -7.12 33.60
CA HIS A 296 -64.80 -6.37 34.33
C HIS A 296 -65.81 -7.29 34.97
N TYR A 297 -66.40 -8.20 34.18
CA TYR A 297 -67.45 -9.03 34.76
C TYR A 297 -66.87 -9.97 35.81
N LEU A 298 -65.65 -10.46 35.60
CA LEU A 298 -64.95 -11.26 36.61
C LEU A 298 -64.72 -10.49 37.91
N ALA A 299 -64.28 -9.23 37.82
CA ALA A 299 -64.13 -8.41 39.03
C ALA A 299 -65.47 -7.96 39.59
N LYS A 300 -66.55 -8.08 38.82
CA LYS A 300 -67.86 -7.70 39.33
C LYS A 300 -68.50 -8.87 40.07
N GLU A 301 -68.14 -10.09 39.68
CA GLU A 301 -68.63 -11.29 40.33
C GLU A 301 -67.77 -11.72 41.51
N GLY A 302 -66.67 -11.02 41.78
CA GLY A 302 -65.67 -11.45 42.74
C GLY A 302 -64.97 -12.77 42.45
N ILE A 303 -64.49 -12.97 41.24
CA ILE A 303 -63.70 -14.13 40.86
C ILE A 303 -62.28 -13.66 40.55
N VAL A 304 -61.28 -14.35 41.10
CA VAL A 304 -59.88 -13.96 40.89
C VAL A 304 -59.36 -14.68 39.66
N ALA A 305 -58.70 -13.94 38.76
CA ALA A 305 -58.29 -14.45 37.46
C ALA A 305 -56.88 -14.02 37.09
N ALA A 306 -56.13 -14.96 36.50
CA ALA A 306 -54.86 -14.69 35.84
C ALA A 306 -54.93 -15.22 34.41
N ARG A 307 -54.15 -14.62 33.51
CA ARG A 307 -54.24 -14.92 32.09
C ARG A 307 -52.88 -15.23 31.48
N ARG A 308 -52.92 -15.84 30.30
CA ARG A 308 -51.71 -16.23 29.56
C ARG A 308 -50.72 -17.03 30.42
N VAL A 309 -51.23 -17.94 31.21
CA VAL A 309 -50.41 -18.79 32.06
C VAL A 309 -49.75 -19.85 31.20
N LYS A 310 -48.48 -20.09 31.45
CA LYS A 310 -47.71 -21.02 30.63
C LYS A 310 -48.09 -22.47 30.95
N LYS A 311 -47.86 -23.34 29.94
CA LYS A 311 -48.42 -24.68 29.94
C LYS A 311 -47.89 -25.51 31.10
N SER A 312 -46.60 -25.38 31.41
CA SER A 312 -46.00 -26.16 32.50
C SER A 312 -46.61 -25.78 33.83
N ASP A 313 -46.87 -24.49 34.04
CA ASP A 313 -47.56 -24.03 35.22
C ASP A 313 -48.99 -24.56 35.27
N MET A 314 -49.64 -24.68 34.11
CA MET A 314 -50.97 -25.29 34.04
C MET A 314 -50.93 -26.75 34.50
N GLU A 315 -49.91 -27.49 34.04
CA GLU A 315 -49.70 -28.88 34.45
C GLU A 315 -49.52 -28.98 35.96
N LYS A 316 -48.67 -28.11 36.52
CA LYS A 316 -48.36 -28.18 37.94
C LYS A 316 -49.56 -27.76 38.79
N LEU A 317 -50.35 -26.78 38.33
CA LEU A 317 -51.60 -26.45 39.01
C LEU A 317 -52.59 -27.61 38.99
N ALA A 318 -52.80 -28.22 37.83
CA ALA A 318 -53.70 -29.35 37.72
C ALA A 318 -53.24 -30.50 38.62
N LYS A 319 -51.94 -30.73 38.69
CA LYS A 319 -51.38 -31.75 39.56
C LYS A 319 -51.65 -31.42 41.03
N ALA A 320 -51.43 -30.16 41.42
CA ALA A 320 -51.40 -29.80 42.84
C ALA A 320 -52.81 -29.75 43.41
N THR A 321 -53.75 -29.17 42.66
CA THR A 321 -55.10 -28.91 43.12
C THR A 321 -56.08 -30.05 42.82
N GLY A 322 -55.80 -30.84 41.79
CA GLY A 322 -56.75 -31.82 41.30
C GLY A 322 -57.77 -31.29 40.32
N ALA A 323 -57.56 -30.08 39.81
CA ALA A 323 -58.42 -29.50 38.79
C ALA A 323 -58.13 -30.13 37.43
N ASN A 324 -59.10 -30.00 36.52
CA ASN A 324 -58.98 -30.49 35.16
C ASN A 324 -58.92 -29.30 34.21
N VAL A 325 -57.90 -29.29 33.34
CA VAL A 325 -57.81 -28.24 32.34
C VAL A 325 -58.93 -28.40 31.34
N ILE A 326 -59.72 -27.35 31.14
CA ILE A 326 -60.92 -27.38 30.32
C ILE A 326 -60.67 -26.59 29.05
N THR A 327 -61.12 -27.12 27.91
CA THR A 327 -60.90 -26.45 26.63
C THR A 327 -62.13 -25.70 26.13
N ASN A 328 -63.29 -25.88 26.75
CA ASN A 328 -64.54 -25.26 26.29
C ASN A 328 -65.43 -25.02 27.50
N ILE A 329 -65.95 -23.80 27.65
CA ILE A 329 -66.53 -23.39 28.92
C ILE A 329 -67.93 -23.99 29.13
N LYS A 330 -68.57 -24.46 28.05
CA LYS A 330 -69.90 -25.02 28.16
C LYS A 330 -69.92 -26.33 28.92
N ASP A 331 -68.76 -27.00 29.03
CA ASP A 331 -68.71 -28.28 29.72
C ASP A 331 -68.25 -28.16 31.16
N LEU A 332 -67.79 -26.97 31.56
CA LEU A 332 -67.25 -26.75 32.89
C LEU A 332 -68.32 -26.96 33.94
N SER A 333 -67.99 -27.72 34.98
CA SER A 333 -68.95 -28.15 35.99
C SER A 333 -68.24 -28.25 37.33
N ALA A 334 -69.00 -28.64 38.37
CA ALA A 334 -68.38 -28.81 39.68
C ALA A 334 -67.44 -30.01 39.73
N GLN A 335 -67.50 -30.86 38.70
CA GLN A 335 -66.65 -32.03 38.60
C GLN A 335 -65.22 -31.66 38.23
N ASP A 336 -65.04 -30.51 37.60
CA ASP A 336 -63.78 -30.10 37.01
C ASP A 336 -62.97 -29.18 37.91
N LEU A 337 -63.51 -28.77 39.06
CA LEU A 337 -62.87 -27.78 39.90
C LEU A 337 -61.90 -28.41 40.89
N GLY A 338 -60.74 -27.79 41.04
CA GLY A 338 -59.81 -28.20 42.07
C GLY A 338 -60.06 -27.47 43.38
N ASP A 339 -59.31 -27.86 44.41
CA ASP A 339 -59.45 -27.28 45.75
C ASP A 339 -58.08 -26.96 46.33
N ALA A 340 -58.01 -25.84 47.05
CA ALA A 340 -56.78 -25.43 47.72
C ALA A 340 -57.13 -24.50 48.87
N GLY A 341 -56.49 -24.75 50.02
CA GLY A 341 -56.90 -24.10 51.26
C GLY A 341 -56.60 -22.60 51.30
N LEU A 342 -55.59 -22.15 50.57
CA LEU A 342 -55.20 -20.74 50.61
C LEU A 342 -54.59 -20.30 49.28
N VAL A 343 -55.07 -19.17 48.77
CA VAL A 343 -54.51 -18.50 47.60
C VAL A 343 -54.34 -17.02 47.92
N GLU A 344 -53.16 -16.48 47.65
CA GLU A 344 -52.91 -15.07 47.90
C GLU A 344 -51.81 -14.55 46.99
N GLU A 345 -51.98 -13.32 46.51
CA GLU A 345 -50.91 -12.63 45.81
C GLU A 345 -49.97 -11.96 46.80
N ARG A 346 -48.67 -12.08 46.57
CA ARG A 346 -47.66 -11.47 47.43
C ARG A 346 -46.56 -10.79 46.60
N LYS A 347 -45.80 -9.90 47.25
CA LYS A 347 -44.61 -9.32 46.65
C LYS A 347 -43.40 -9.88 47.38
N ILE A 348 -42.48 -10.50 46.64
CA ILE A 348 -41.31 -11.14 47.21
C ILE A 348 -40.11 -10.87 46.31
N SER A 349 -39.00 -10.46 46.92
CA SER A 349 -37.74 -10.23 46.19
C SER A 349 -37.89 -9.22 45.07
N GLY A 350 -38.94 -8.41 45.14
CA GLY A 350 -39.25 -7.36 44.20
C GLY A 350 -40.23 -7.75 43.10
N ASP A 351 -40.62 -9.02 43.05
CA ASP A 351 -41.55 -9.53 42.04
C ASP A 351 -42.91 -9.84 42.66
N SER A 352 -43.97 -9.46 41.95
CA SER A 352 -45.33 -9.84 42.30
C SER A 352 -45.60 -11.28 41.86
N MET A 353 -46.03 -12.12 42.80
CA MET A 353 -46.29 -13.52 42.50
C MET A 353 -47.54 -14.01 43.22
N ILE A 354 -48.17 -15.02 42.63
CA ILE A 354 -49.37 -15.63 43.19
C ILE A 354 -48.98 -16.95 43.84
N PHE A 355 -49.42 -17.13 45.09
CA PHE A 355 -49.07 -18.30 45.90
C PHE A 355 -50.28 -19.20 46.10
N VAL A 356 -50.11 -20.50 45.88
CA VAL A 356 -51.14 -21.49 46.14
C VAL A 356 -50.65 -22.40 47.25
N GLU A 357 -51.45 -22.54 48.32
CA GLU A 357 -51.00 -23.26 49.51
C GLU A 357 -52.11 -24.13 50.09
N GLU A 358 -51.68 -25.06 50.94
CA GLU A 358 -52.56 -26.01 51.62
C GLU A 358 -53.44 -26.77 50.62
N CYS A 359 -52.78 -27.54 49.76
CA CYS A 359 -53.45 -28.26 48.69
C CYS A 359 -54.05 -29.55 49.22
N LYS A 360 -55.13 -29.99 48.55
CA LYS A 360 -55.93 -31.10 49.06
C LYS A 360 -55.17 -32.42 49.01
N HIS A 361 -54.47 -32.68 47.91
CA HIS A 361 -53.59 -33.85 47.79
C HIS A 361 -52.54 -33.55 46.73
N PRO A 362 -51.44 -32.89 47.12
CA PRO A 362 -50.45 -32.44 46.13
C PRO A 362 -49.64 -33.58 45.53
N LYS A 363 -49.79 -33.75 44.21
CA LYS A 363 -48.90 -34.61 43.44
C LYS A 363 -47.72 -33.85 42.83
N ALA A 364 -47.57 -32.56 43.18
CA ALA A 364 -46.43 -31.76 42.77
C ALA A 364 -46.12 -30.73 43.85
N VAL A 365 -44.83 -30.41 44.02
CA VAL A 365 -44.37 -29.52 45.09
C VAL A 365 -43.35 -28.53 44.56
N THR A 366 -43.22 -27.41 45.26
CA THR A 366 -42.31 -26.33 44.89
C THR A 366 -41.32 -26.06 46.02
N MET A 367 -40.03 -25.95 45.66
CA MET A 367 -38.96 -25.61 46.60
C MET A 367 -38.44 -24.22 46.31
N LEU A 368 -38.43 -23.36 47.33
CA LEU A 368 -38.09 -21.94 47.18
C LEU A 368 -36.71 -21.69 47.78
N ILE A 369 -35.71 -21.53 46.91
CA ILE A 369 -34.33 -21.37 47.35
C ILE A 369 -34.02 -19.88 47.54
N ARG A 370 -33.55 -19.52 48.72
CA ARG A 370 -33.22 -18.15 49.07
C ARG A 370 -31.70 -17.95 49.15
N GLY A 371 -31.28 -16.69 49.09
CA GLY A 371 -29.85 -16.41 49.10
C GLY A 371 -29.48 -14.96 48.85
N THR A 372 -28.32 -14.58 49.37
CA THR A 372 -27.87 -13.19 49.39
C THR A 372 -27.25 -12.74 48.08
N THR A 373 -27.23 -13.61 47.06
CA THR A 373 -26.50 -13.29 45.84
C THR A 373 -26.88 -14.32 44.78
N GLU A 374 -26.88 -13.87 43.52
CA GLU A 374 -27.33 -14.74 42.44
C GLU A 374 -26.33 -15.87 42.18
N HIS A 375 -25.04 -15.56 42.29
CA HIS A 375 -24.02 -16.61 42.19
C HIS A 375 -24.12 -17.62 43.32
N VAL A 376 -24.73 -17.26 44.44
CA VAL A 376 -24.94 -18.21 45.53
C VAL A 376 -26.07 -19.17 45.17
N ILE A 377 -27.15 -18.63 44.63
CA ILE A 377 -28.35 -19.42 44.37
C ILE A 377 -28.15 -20.33 43.16
N GLU A 378 -27.39 -19.86 42.17
CA GLU A 378 -27.05 -20.67 41.01
C GLU A 378 -26.17 -21.85 41.40
N GLU A 379 -25.66 -21.87 42.64
CA GLU A 379 -24.93 -23.05 43.11
C GLU A 379 -25.78 -23.90 44.04
N VAL A 380 -26.58 -23.25 44.89
CA VAL A 380 -27.45 -24.00 45.79
C VAL A 380 -28.43 -24.85 44.98
N ALA A 381 -28.87 -24.34 43.83
CA ALA A 381 -29.76 -25.13 42.97
C ALA A 381 -29.11 -26.44 42.52
N ARG A 382 -27.84 -26.39 42.15
CA ARG A 382 -27.10 -27.60 41.79
C ARG A 382 -26.98 -28.54 42.98
N ALA A 383 -26.64 -27.99 44.14
CA ALA A 383 -26.49 -28.81 45.35
C ALA A 383 -27.81 -29.46 45.76
N VAL A 384 -28.94 -28.94 45.30
CA VAL A 384 -30.22 -29.56 45.62
C VAL A 384 -30.61 -30.56 44.55
N ASP A 385 -30.27 -30.27 43.28
CA ASP A 385 -30.58 -31.19 42.19
C ASP A 385 -29.88 -32.53 42.41
N ASP A 386 -28.63 -32.49 42.89
CA ASP A 386 -27.86 -33.72 43.13
C ASP A 386 -28.50 -34.59 44.21
N ALA A 387 -29.02 -33.95 45.27
CA ALA A 387 -29.68 -34.69 46.34
C ALA A 387 -31.02 -35.26 45.89
N VAL A 388 -31.77 -34.53 45.07
CA VAL A 388 -32.99 -35.10 44.48
C VAL A 388 -32.64 -36.35 43.68
N GLY A 389 -31.57 -36.30 42.90
CA GLY A 389 -31.07 -37.47 42.22
C GLY A 389 -30.82 -38.69 43.09
N VAL A 390 -29.90 -38.56 44.06
CA VAL A 390 -29.57 -39.70 44.90
C VAL A 390 -30.75 -40.20 45.73
N VAL A 391 -31.67 -39.32 46.13
CA VAL A 391 -32.84 -39.78 46.87
C VAL A 391 -33.76 -40.59 45.97
N GLY A 392 -33.99 -40.14 44.73
CA GLY A 392 -34.77 -40.94 43.80
C GLY A 392 -34.16 -42.31 43.57
N CYS A 393 -32.83 -42.35 43.41
CA CYS A 393 -32.14 -43.63 43.19
C CYS A 393 -32.40 -44.60 44.35
N THR A 394 -32.27 -44.13 45.59
CA THR A 394 -32.50 -45.00 46.75
C THR A 394 -33.96 -45.44 46.84
N ILE A 395 -34.89 -44.56 46.50
CA ILE A 395 -36.30 -44.88 46.61
C ILE A 395 -36.71 -45.90 45.55
N GLU A 396 -36.10 -45.82 44.36
CA GLU A 396 -36.47 -46.70 43.27
C GLU A 396 -35.83 -48.08 43.41
N ASP A 397 -34.53 -48.11 43.74
CA ASP A 397 -33.81 -49.39 43.73
C ASP A 397 -33.76 -50.07 45.09
N GLY A 398 -33.80 -49.30 46.17
CA GLY A 398 -33.57 -49.80 47.52
C GLY A 398 -32.29 -50.56 47.76
N ARG A 399 -31.16 -50.04 47.29
CA ARG A 399 -29.85 -50.65 47.51
C ARG A 399 -28.83 -49.56 47.72
N ILE A 400 -27.98 -49.72 48.74
CA ILE A 400 -27.02 -48.68 49.11
C ILE A 400 -25.62 -49.27 49.22
N VAL A 401 -24.62 -48.40 49.10
CA VAL A 401 -23.21 -48.81 49.20
C VAL A 401 -22.49 -47.85 50.13
N SER A 402 -21.38 -48.32 50.70
CA SER A 402 -20.60 -47.54 51.65
C SER A 402 -19.76 -46.50 50.92
N GLY A 403 -19.57 -45.35 51.55
CA GLY A 403 -18.92 -44.23 50.91
C GLY A 403 -17.47 -44.05 51.33
N GLY A 404 -16.96 -42.86 51.07
CA GLY A 404 -15.57 -42.55 51.36
C GLY A 404 -14.55 -43.43 50.67
N GLY A 405 -14.84 -43.87 49.45
CA GLY A 405 -13.98 -44.77 48.72
C GLY A 405 -13.79 -46.15 49.32
N SER A 406 -14.55 -46.54 50.35
CA SER A 406 -14.45 -47.91 50.83
C SER A 406 -14.93 -48.95 49.82
N THR A 407 -15.59 -48.56 48.74
CA THR A 407 -16.06 -49.54 47.77
C THR A 407 -14.96 -49.88 46.75
N GLU A 408 -14.19 -48.87 46.34
CA GLU A 408 -13.18 -49.08 45.32
C GLU A 408 -12.06 -50.00 45.80
N VAL A 409 -11.66 -49.86 47.07
CA VAL A 409 -10.65 -50.78 47.62
C VAL A 409 -11.14 -52.22 47.62
N GLU A 410 -12.41 -52.43 48.00
CA GLU A 410 -12.99 -53.76 47.98
C GLU A 410 -13.00 -54.32 46.56
N LEU A 411 -13.39 -53.51 45.59
CA LEU A 411 -13.45 -53.98 44.21
C LEU A 411 -12.06 -54.32 43.69
N SER A 412 -11.07 -53.47 43.98
CA SER A 412 -9.71 -53.74 43.54
C SER A 412 -9.21 -55.06 44.11
N MET A 413 -9.42 -55.29 45.40
CA MET A 413 -9.01 -56.56 46.00
C MET A 413 -9.71 -57.76 45.36
N LYS A 414 -11.03 -57.68 45.20
CA LYS A 414 -11.80 -58.80 44.69
C LYS A 414 -11.60 -59.02 43.20
N LEU A 415 -11.07 -58.03 42.48
CA LEU A 415 -10.67 -58.24 41.09
C LEU A 415 -9.26 -58.80 41.01
N ARG A 416 -8.43 -58.55 42.02
CA ARG A 416 -7.10 -59.15 42.01
C ARG A 416 -7.18 -60.63 42.36
N GLU A 417 -8.08 -61.00 43.28
CA GLU A 417 -8.41 -62.41 43.51
C GLU A 417 -9.01 -63.06 42.27
N TYR A 418 -9.69 -62.28 41.42
CA TYR A 418 -10.15 -62.76 40.12
C TYR A 418 -8.99 -63.00 39.15
N ALA A 419 -8.04 -62.09 39.11
CA ALA A 419 -7.05 -62.07 38.03
C ALA A 419 -6.15 -63.31 38.05
N GLU A 420 -6.02 -63.99 39.19
CA GLU A 420 -5.21 -65.21 39.19
C GLU A 420 -5.89 -66.39 38.51
N GLY A 421 -7.21 -66.36 38.35
CA GLY A 421 -7.88 -67.39 37.59
C GLY A 421 -7.70 -67.26 36.09
N ILE A 422 -7.57 -66.03 35.61
CA ILE A 422 -7.39 -65.75 34.19
C ILE A 422 -5.94 -65.98 33.79
N SER A 423 -5.73 -66.59 32.63
CA SER A 423 -4.38 -66.83 32.16
C SER A 423 -4.24 -66.32 30.73
N GLY A 424 -2.99 -66.10 30.34
CA GLY A 424 -2.66 -65.42 29.09
C GLY A 424 -2.21 -64.00 29.38
N ARG A 425 -2.48 -63.08 28.45
CA ARG A 425 -2.00 -61.71 28.61
C ARG A 425 -3.11 -60.72 28.92
N GLU A 426 -4.37 -61.14 28.82
CA GLU A 426 -5.46 -60.32 29.36
C GLU A 426 -5.35 -60.16 30.87
N GLN A 427 -4.59 -61.03 31.54
CA GLN A 427 -4.38 -60.90 32.98
C GLN A 427 -3.71 -59.57 33.33
N LEU A 428 -2.82 -59.11 32.45
CA LEU A 428 -2.17 -57.82 32.66
C LEU A 428 -3.17 -56.69 32.65
N ALA A 429 -4.08 -56.69 31.67
CA ALA A 429 -5.10 -55.65 31.57
C ALA A 429 -6.10 -55.73 32.72
N VAL A 430 -6.43 -56.94 33.18
CA VAL A 430 -7.32 -57.10 34.33
C VAL A 430 -6.69 -56.49 35.59
N ARG A 431 -5.39 -56.69 35.75
CA ARG A 431 -4.70 -56.10 36.91
C ARG A 431 -4.63 -54.58 36.79
N ALA A 432 -4.33 -54.07 35.60
CA ALA A 432 -4.30 -52.62 35.41
C ALA A 432 -5.67 -51.99 35.61
N PHE A 433 -6.74 -52.73 35.30
CA PHE A 433 -8.08 -52.23 35.58
C PHE A 433 -8.34 -52.19 37.09
N ALA A 434 -7.97 -53.27 37.80
CA ALA A 434 -8.21 -53.34 39.23
C ALA A 434 -7.39 -52.30 39.99
N ASP A 435 -6.23 -51.94 39.44
CA ASP A 435 -5.34 -50.98 40.09
C ASP A 435 -5.70 -49.54 39.73
N ALA A 436 -6.66 -49.35 38.82
CA ALA A 436 -7.06 -48.01 38.38
C ALA A 436 -8.24 -47.47 39.18
N LEU A 437 -8.91 -48.32 39.95
CA LEU A 437 -10.08 -47.88 40.70
C LEU A 437 -9.69 -47.20 42.00
N GLU A 438 -8.47 -47.45 42.47
CA GLU A 438 -7.96 -46.82 43.67
C GLU A 438 -7.55 -45.37 43.46
N VAL A 439 -7.83 -44.80 42.28
CA VAL A 439 -7.57 -43.37 42.06
C VAL A 439 -8.47 -42.51 42.93
N ILE A 440 -9.64 -43.04 43.30
CA ILE A 440 -10.66 -42.28 44.02
C ILE A 440 -10.26 -42.09 45.49
N PRO A 441 -9.95 -43.16 46.24
CA PRO A 441 -9.46 -42.96 47.62
C PRO A 441 -8.10 -42.27 47.68
N ARG A 442 -7.25 -42.48 46.67
CA ARG A 442 -6.04 -41.70 46.52
C ARG A 442 -6.34 -40.19 46.42
N THR A 443 -7.21 -39.80 45.49
CA THR A 443 -7.50 -38.37 45.35
C THR A 443 -8.23 -37.82 46.57
N LEU A 444 -9.04 -38.66 47.24
CA LEU A 444 -9.74 -38.22 48.44
C LEU A 444 -8.75 -37.86 49.54
N ALA A 445 -7.59 -38.51 49.57
CA ALA A 445 -6.53 -38.08 50.48
C ALA A 445 -5.71 -36.92 49.91
N GLU A 446 -5.50 -36.90 48.59
CA GLU A 446 -4.68 -35.86 47.97
C GLU A 446 -5.26 -34.46 48.19
N ASN A 447 -6.59 -34.34 48.09
CA ASN A 447 -7.22 -33.03 48.20
C ASN A 447 -7.18 -32.48 49.63
N ALA A 448 -7.30 -33.35 50.64
CA ALA A 448 -7.26 -32.96 52.04
C ALA A 448 -5.85 -32.69 52.55
N GLY A 449 -4.84 -32.78 51.69
CA GLY A 449 -3.46 -32.61 52.12
C GLY A 449 -2.92 -33.71 52.98
N LEU A 450 -3.44 -34.92 52.84
CA LEU A 450 -2.96 -36.07 53.59
C LEU A 450 -1.91 -36.82 52.79
N ASP A 451 -1.27 -37.80 53.44
CA ASP A 451 -0.21 -38.60 52.83
C ASP A 451 -0.87 -39.84 52.25
N ALA A 452 -1.05 -39.86 50.93
CA ALA A 452 -1.89 -40.87 50.30
C ALA A 452 -1.25 -42.26 50.35
N ILE A 453 0.07 -42.34 50.22
CA ILE A 453 0.73 -43.64 50.15
C ILE A 453 0.69 -44.34 51.51
N GLU A 454 0.75 -43.56 52.59
CA GLU A 454 0.65 -44.14 53.93
C GLU A 454 -0.81 -44.46 54.28
N ILE A 455 -1.75 -43.67 53.76
CA ILE A 455 -3.16 -43.89 54.08
C ILE A 455 -3.67 -45.17 53.39
N LEU A 456 -3.33 -45.34 52.12
CA LEU A 456 -3.92 -46.39 51.30
C LEU A 456 -3.60 -47.79 51.84
N VAL A 457 -2.41 -47.96 52.43
CA VAL A 457 -2.02 -49.26 52.98
C VAL A 457 -2.88 -49.62 54.18
N LYS A 458 -3.09 -48.66 55.08
CA LYS A 458 -3.95 -48.90 56.24
C LYS A 458 -5.37 -49.23 55.82
N VAL A 459 -5.87 -48.50 54.81
CA VAL A 459 -7.21 -48.75 54.28
C VAL A 459 -7.31 -50.17 53.74
N ARG A 460 -6.31 -50.60 52.96
CA ARG A 460 -6.32 -51.98 52.45
C ARG A 460 -6.29 -53.00 53.57
N ALA A 461 -5.41 -52.77 54.56
CA ALA A 461 -5.24 -53.72 55.65
C ALA A 461 -6.54 -53.95 56.41
N ALA A 462 -7.31 -52.87 56.62
CA ALA A 462 -8.59 -52.98 57.31
C ALA A 462 -9.53 -53.95 56.60
N HIS A 463 -9.43 -54.03 55.26
CA HIS A 463 -10.27 -54.94 54.50
C HIS A 463 -9.73 -56.36 54.57
N ALA A 464 -8.42 -56.51 54.32
CA ALA A 464 -7.84 -57.84 54.12
C ALA A 464 -7.99 -58.74 55.35
N SER A 465 -8.24 -58.18 56.52
CA SER A 465 -8.30 -58.98 57.75
C SER A 465 -9.72 -59.29 58.21
N ASN A 466 -10.74 -58.91 57.45
CA ASN A 466 -12.10 -58.91 57.97
C ASN A 466 -13.19 -59.24 56.96
N GLY A 467 -12.99 -58.93 55.69
CA GLY A 467 -14.18 -58.83 54.85
C GLY A 467 -15.02 -57.64 55.21
N ASN A 468 -14.43 -56.63 55.85
CA ASN A 468 -15.11 -55.38 56.18
C ASN A 468 -15.42 -54.64 54.88
N LYS A 469 -16.71 -54.56 54.55
CA LYS A 469 -17.13 -53.88 53.33
C LYS A 469 -16.93 -52.37 53.42
N CYS A 470 -16.79 -51.84 54.64
CA CYS A 470 -17.15 -50.45 54.92
C CYS A 470 -15.98 -49.52 55.19
N ALA A 471 -14.82 -50.04 55.63
CA ALA A 471 -13.78 -49.19 56.18
C ALA A 471 -13.16 -48.28 55.12
N GLY A 472 -12.88 -47.04 55.50
CA GLY A 472 -12.41 -46.03 54.55
C GLY A 472 -11.90 -44.79 55.25
N LEU A 473 -11.50 -43.81 54.44
CA LEU A 473 -10.82 -42.64 54.96
C LEU A 473 -11.80 -41.63 55.58
N ASN A 474 -11.46 -41.15 56.77
CA ASN A 474 -12.08 -39.96 57.35
C ASN A 474 -11.15 -38.78 57.07
N VAL A 475 -11.60 -37.87 56.18
CA VAL A 475 -10.74 -36.79 55.70
C VAL A 475 -10.66 -35.62 56.66
N PHE A 476 -11.20 -35.76 57.88
CA PHE A 476 -11.19 -34.70 58.88
C PHE A 476 -10.25 -35.03 60.04
N THR A 477 -10.56 -36.10 60.76
CA THR A 477 -9.61 -36.71 61.69
C THR A 477 -8.38 -37.31 61.01
N GLY A 478 -8.40 -37.50 59.69
CA GLY A 478 -7.24 -38.13 59.06
C GLY A 478 -7.02 -39.57 59.49
N ALA A 479 -8.08 -40.37 59.56
CA ALA A 479 -7.98 -41.73 60.09
C ALA A 479 -8.98 -42.63 59.38
N VAL A 480 -8.80 -43.94 59.58
CA VAL A 480 -9.52 -44.97 58.83
C VAL A 480 -10.68 -45.46 59.68
N GLU A 481 -11.90 -45.28 59.17
CA GLU A 481 -13.08 -45.57 59.99
C GLU A 481 -14.15 -46.29 59.18
N ASP A 482 -15.06 -46.92 59.92
CA ASP A 482 -16.25 -47.57 59.34
C ASP A 482 -17.16 -46.49 58.79
N MET A 483 -17.40 -46.54 57.47
CA MET A 483 -18.15 -45.46 56.83
C MET A 483 -19.66 -45.67 56.89
N CYS A 484 -20.12 -46.78 57.46
CA CYS A 484 -21.55 -46.95 57.72
C CYS A 484 -21.94 -46.44 59.10
N GLU A 485 -21.10 -46.71 60.10
CA GLU A 485 -21.28 -46.12 61.43
C GLU A 485 -21.16 -44.61 61.37
N ASN A 486 -20.34 -44.11 60.45
CA ASN A 486 -20.17 -42.67 60.23
C ASN A 486 -21.36 -42.06 59.49
N GLY A 487 -22.18 -42.87 58.83
CA GLY A 487 -23.31 -42.40 58.06
C GLY A 487 -23.02 -41.83 56.69
N VAL A 488 -21.93 -42.26 56.04
CA VAL A 488 -21.59 -41.81 54.69
C VAL A 488 -22.03 -42.91 53.73
N VAL A 489 -23.19 -42.71 53.09
CA VAL A 489 -23.88 -43.74 52.33
C VAL A 489 -24.24 -43.20 50.94
N GLU A 490 -24.22 -44.09 49.95
CA GLU A 490 -24.55 -43.71 48.58
C GLU A 490 -25.45 -44.77 47.97
N PRO A 491 -26.20 -44.43 46.91
CA PRO A 491 -27.01 -45.45 46.25
C PRO A 491 -26.21 -46.25 45.24
N LEU A 492 -26.57 -47.54 45.14
CA LEU A 492 -25.78 -48.49 44.36
C LEU A 492 -25.67 -48.07 42.89
N ARG A 493 -26.71 -47.41 42.37
CA ARG A 493 -26.76 -47.04 40.96
C ARG A 493 -25.68 -46.05 40.58
N VAL A 494 -25.04 -45.42 41.56
CA VAL A 494 -24.00 -44.42 41.28
C VAL A 494 -22.70 -45.09 40.88
N LYS A 495 -22.44 -46.28 41.40
CA LYS A 495 -21.19 -46.99 41.08
C LYS A 495 -21.29 -47.75 39.76
N THR A 496 -22.31 -48.60 39.63
CA THR A 496 -22.50 -49.41 38.43
C THR A 496 -22.50 -48.56 37.17
N GLN A 497 -23.32 -47.51 37.14
CA GLN A 497 -23.37 -46.61 35.99
C GLN A 497 -22.01 -45.98 35.72
N ALA A 498 -21.30 -45.55 36.77
CA ALA A 498 -20.01 -44.89 36.59
C ALA A 498 -19.02 -45.80 35.89
N ILE A 499 -18.84 -47.01 36.43
CA ILE A 499 -17.90 -47.97 35.87
C ILE A 499 -18.32 -48.36 34.46
N GLN A 500 -19.63 -48.48 34.24
CA GLN A 500 -20.16 -48.94 32.97
C GLN A 500 -19.86 -47.93 31.86
N SER A 501 -20.23 -46.68 32.10
CA SER A 501 -19.89 -45.56 31.22
C SER A 501 -18.39 -45.49 30.94
N ALA A 502 -17.56 -45.57 31.99
CA ALA A 502 -16.13 -45.31 31.82
C ALA A 502 -15.46 -46.41 31.00
N ALA A 503 -15.82 -47.67 31.27
CA ALA A 503 -15.25 -48.76 30.49
C ALA A 503 -15.66 -48.66 29.02
N GLU A 504 -16.96 -48.44 28.77
CA GLU A 504 -17.45 -48.40 27.40
C GLU A 504 -16.85 -47.23 26.62
N SER A 505 -16.55 -46.11 27.29
CA SER A 505 -15.96 -44.98 26.58
C SER A 505 -14.44 -45.10 26.46
N THR A 506 -13.79 -45.90 27.30
CA THR A 506 -12.34 -46.03 27.15
C THR A 506 -12.00 -47.00 26.01
N GLU A 507 -12.87 -47.97 25.77
CA GLU A 507 -12.58 -49.01 24.79
C GLU A 507 -12.58 -48.43 23.37
N MET A 508 -13.38 -47.39 23.14
CA MET A 508 -13.41 -46.77 21.82
C MET A 508 -12.09 -46.09 21.49
N LEU A 509 -11.51 -45.37 22.45
CA LEU A 509 -10.21 -44.74 22.22
C LEU A 509 -9.08 -45.76 22.16
N LEU A 510 -9.28 -46.94 22.77
CA LEU A 510 -8.28 -47.99 22.61
C LEU A 510 -8.38 -48.71 21.27
N ARG A 511 -9.56 -48.70 20.64
CA ARG A 511 -9.73 -49.42 19.39
C ARG A 511 -9.39 -48.58 18.16
N ILE A 512 -9.09 -47.29 18.32
CA ILE A 512 -8.79 -46.41 17.19
C ILE A 512 -7.29 -46.44 16.90
N ASP A 513 -6.91 -46.38 15.62
CA ASP A 513 -5.52 -46.17 15.28
C ASP A 513 -5.25 -45.10 14.21
N ASP A 514 -6.25 -44.39 13.73
CA ASP A 514 -5.98 -43.37 12.72
C ASP A 514 -6.93 -42.18 12.92
N VAL A 515 -6.49 -41.02 12.45
CA VAL A 515 -7.30 -39.80 12.45
C VAL A 515 -7.20 -39.15 11.07
N ILE A 516 -8.34 -39.02 10.39
CA ILE A 516 -8.40 -38.50 9.04
C ILE A 516 -9.53 -37.48 8.92
N ALA A 517 -9.51 -36.69 7.84
CA ALA A 517 -10.39 -35.52 7.73
C ALA A 517 -11.66 -35.83 6.93
N ALA A 518 -12.76 -35.19 7.34
CA ALA A 518 -14.10 -35.49 6.81
C ALA A 518 -14.70 -34.30 6.07
N GLU A 519 -15.58 -34.63 5.11
CA GLU A 519 -16.07 -33.71 4.10
C GLU A 519 -17.52 -33.31 4.40
N LYS A 520 -17.68 -32.43 5.39
CA LYS A 520 -18.99 -32.01 5.89
C LYS A 520 -19.83 -33.23 6.24
N LEU A 521 -19.55 -33.76 7.43
CA LEU A 521 -20.01 -35.08 7.85
C LEU A 521 -21.53 -35.15 7.93
N ARG A 522 -22.15 -34.27 8.71
CA ARG A 522 -23.60 -34.29 8.91
C ARG A 522 -24.13 -32.91 9.24
N GLU B 10 9.40 -34.46 -2.58
CA GLU B 10 9.87 -34.65 -3.94
C GLU B 10 10.36 -33.37 -4.68
N ASN B 11 9.96 -33.19 -5.94
CA ASN B 11 10.41 -32.08 -6.81
C ASN B 11 9.52 -31.96 -8.03
N MET B 12 9.42 -30.73 -8.59
CA MET B 12 8.70 -30.48 -9.84
C MET B 12 9.06 -31.49 -10.94
N LYS B 13 10.34 -31.66 -11.23
CA LYS B 13 10.84 -32.32 -12.43
C LYS B 13 10.78 -33.85 -12.37
N ARG B 14 9.71 -34.40 -11.78
CA ARG B 14 9.44 -35.83 -11.64
C ARG B 14 8.04 -36.18 -12.12
N TYR B 15 7.30 -35.17 -12.60
CA TYR B 15 5.93 -35.36 -13.09
C TYR B 15 5.96 -36.14 -14.40
N MET B 16 7.10 -36.05 -15.09
CA MET B 16 7.31 -36.69 -16.37
C MET B 16 7.42 -38.21 -16.25
N GLY B 17 7.86 -38.71 -15.09
CA GLY B 17 8.42 -40.04 -14.97
C GLY B 17 7.45 -41.19 -14.81
N ARG B 18 6.13 -40.98 -14.93
CA ARG B 18 5.19 -42.09 -14.87
C ARG B 18 4.02 -41.82 -15.80
N ASP B 19 3.46 -42.88 -16.39
CA ASP B 19 2.34 -42.67 -17.32
C ASP B 19 1.06 -42.32 -16.57
N ALA B 20 0.04 -41.97 -17.35
CA ALA B 20 -1.30 -41.74 -16.80
C ALA B 20 -1.85 -43.00 -16.15
N GLN B 21 -1.50 -44.17 -16.69
CA GLN B 21 -1.96 -45.43 -16.12
C GLN B 21 -1.28 -45.68 -14.77
N ARG B 22 0.02 -45.36 -14.68
CA ARG B 22 0.70 -45.43 -13.38
C ARG B 22 0.09 -44.45 -12.39
N MET B 23 -0.16 -43.21 -12.83
CA MET B 23 -0.92 -42.23 -12.06
C MET B 23 -2.19 -42.83 -11.46
N ASN B 24 -3.05 -43.37 -12.32
CA ASN B 24 -4.34 -43.89 -11.89
C ASN B 24 -4.20 -45.11 -10.99
N ILE B 25 -3.28 -46.02 -11.33
CA ILE B 25 -3.10 -47.22 -10.52
C ILE B 25 -2.64 -46.86 -9.11
N LEU B 26 -1.74 -45.87 -8.99
CA LEU B 26 -1.26 -45.44 -7.69
C LEU B 26 -2.34 -44.73 -6.88
N ALA B 27 -3.05 -43.79 -7.54
CA ALA B 27 -4.18 -43.12 -6.90
C ALA B 27 -5.22 -44.11 -6.42
N GLY B 28 -5.35 -45.23 -7.11
CA GLY B 28 -6.27 -46.27 -6.67
C GLY B 28 -5.73 -47.08 -5.50
N ARG B 29 -4.48 -47.53 -5.61
CA ARG B 29 -3.87 -48.30 -4.53
C ARG B 29 -3.96 -47.56 -3.21
N ILE B 30 -3.90 -46.23 -3.25
CA ILE B 30 -3.95 -45.45 -2.00
C ILE B 30 -5.23 -45.71 -1.22
N ILE B 31 -6.37 -45.78 -1.93
CA ILE B 31 -7.66 -45.98 -1.26
C ILE B 31 -7.70 -47.34 -0.59
N ALA B 32 -7.29 -48.39 -1.30
CA ALA B 32 -7.29 -49.72 -0.72
C ALA B 32 -6.33 -49.81 0.46
N GLU B 33 -5.20 -49.09 0.39
CA GLU B 33 -4.29 -49.05 1.53
C GLU B 33 -4.91 -48.34 2.73
N THR B 34 -5.82 -47.40 2.49
CA THR B 34 -6.45 -46.68 3.58
C THR B 34 -7.29 -47.60 4.46
N VAL B 35 -8.11 -48.46 3.84
CA VAL B 35 -9.13 -49.21 4.59
C VAL B 35 -8.68 -50.60 5.01
N ARG B 36 -7.48 -51.04 4.62
CA ARG B 36 -7.13 -52.45 4.69
C ARG B 36 -7.00 -52.96 6.11
N SER B 37 -6.45 -52.14 7.01
CA SER B 37 -6.24 -52.48 8.42
C SER B 37 -7.54 -52.57 9.21
N THR B 38 -8.69 -52.25 8.60
CA THR B 38 -9.97 -52.45 9.27
C THR B 38 -10.48 -53.88 9.14
N LEU B 39 -9.77 -54.74 8.41
CA LEU B 39 -10.32 -56.01 7.99
C LEU B 39 -10.13 -57.09 9.05
N GLY B 40 -11.15 -57.94 9.21
CA GLY B 40 -11.03 -59.12 10.02
C GLY B 40 -11.28 -58.89 11.49
N PRO B 41 -11.31 -59.98 12.27
CA PRO B 41 -11.70 -59.86 13.68
C PRO B 41 -10.80 -58.95 14.51
N LYS B 42 -9.50 -58.93 14.21
CA LYS B 42 -8.52 -58.07 14.85
C LYS B 42 -8.42 -56.70 14.18
N GLY B 43 -9.43 -56.32 13.42
CA GLY B 43 -9.41 -55.02 12.76
C GLY B 43 -9.57 -53.86 13.72
N MET B 44 -9.14 -52.68 13.27
CA MET B 44 -9.10 -51.50 14.10
C MET B 44 -9.93 -50.37 13.49
N ASP B 45 -10.31 -49.41 14.33
CA ASP B 45 -11.23 -48.35 13.92
C ASP B 45 -10.49 -47.11 13.43
N LYS B 46 -11.20 -46.30 12.64
CA LYS B 46 -10.72 -45.02 12.15
C LYS B 46 -11.52 -43.89 12.81
N MET B 47 -10.86 -42.75 13.02
CA MET B 47 -11.53 -41.56 13.51
C MET B 47 -11.65 -40.53 12.40
N LEU B 48 -12.87 -40.06 12.16
CA LEU B 48 -13.17 -39.07 11.12
C LEU B 48 -13.52 -37.74 11.77
N VAL B 49 -12.89 -36.66 11.30
CA VAL B 49 -13.08 -35.34 11.89
C VAL B 49 -13.47 -34.35 10.81
N ASP B 50 -14.45 -33.50 11.13
CA ASP B 50 -15.04 -32.53 10.23
C ASP B 50 -14.22 -31.24 10.21
N ASP B 51 -14.59 -30.34 9.29
CA ASP B 51 -14.20 -28.94 9.40
C ASP B 51 -14.87 -28.27 10.58
N LEU B 52 -16.13 -28.62 10.85
CA LEU B 52 -16.91 -27.94 11.88
C LEU B 52 -16.68 -28.50 13.28
N GLY B 53 -16.03 -29.66 13.39
CA GLY B 53 -15.77 -30.29 14.67
C GLY B 53 -16.59 -31.53 14.98
N ASP B 54 -17.49 -31.94 14.09
CA ASP B 54 -18.17 -33.22 14.26
C ASP B 54 -17.16 -34.36 14.16
N VAL B 55 -17.47 -35.47 14.84
CA VAL B 55 -16.56 -36.61 14.95
C VAL B 55 -17.33 -37.90 14.73
N VAL B 56 -16.73 -38.85 14.00
CA VAL B 56 -17.28 -40.18 13.79
C VAL B 56 -16.19 -41.21 14.08
N VAL B 57 -16.54 -42.29 14.78
CA VAL B 57 -15.63 -43.39 15.03
C VAL B 57 -16.26 -44.68 14.53
N THR B 58 -15.59 -45.37 13.61
CA THR B 58 -16.11 -46.58 13.00
C THR B 58 -14.99 -47.35 12.31
N ASN B 59 -15.23 -48.63 12.07
CA ASN B 59 -14.42 -49.39 11.12
C ASN B 59 -15.21 -49.89 9.92
N ASP B 60 -16.43 -49.40 9.74
CA ASP B 60 -17.22 -49.72 8.55
C ASP B 60 -16.55 -49.08 7.34
N GLY B 61 -16.26 -49.88 6.32
CA GLY B 61 -15.43 -49.42 5.22
C GLY B 61 -16.11 -48.39 4.33
N VAL B 62 -17.32 -48.70 3.87
CA VAL B 62 -18.01 -47.80 2.95
C VAL B 62 -18.28 -46.46 3.62
N THR B 63 -18.37 -46.44 4.95
CA THR B 63 -18.56 -45.17 5.66
C THR B 63 -17.28 -44.34 5.63
N ILE B 64 -16.13 -44.98 5.84
CA ILE B 64 -14.85 -44.29 5.73
C ILE B 64 -14.68 -43.70 4.33
N LEU B 65 -14.94 -44.52 3.31
CA LEU B 65 -14.81 -44.10 1.92
C LEU B 65 -15.85 -43.05 1.55
N ARG B 66 -16.98 -43.02 2.25
CA ARG B 66 -18.02 -42.04 1.95
C ARG B 66 -17.78 -40.69 2.60
N GLU B 67 -17.13 -40.68 3.76
CA GLU B 67 -16.92 -39.45 4.49
C GLU B 67 -15.54 -38.82 4.25
N MET B 68 -14.68 -39.48 3.49
CA MET B 68 -13.31 -38.99 3.33
C MET B 68 -13.28 -37.84 2.34
N SER B 69 -12.34 -36.91 2.55
CA SER B 69 -12.08 -35.90 1.52
C SER B 69 -11.18 -36.53 0.47
N VAL B 70 -11.76 -36.88 -0.68
CA VAL B 70 -11.07 -37.60 -1.74
C VAL B 70 -11.20 -36.79 -3.02
N GLU B 71 -10.07 -36.55 -3.70
CA GLU B 71 -10.06 -35.56 -4.78
C GLU B 71 -9.59 -36.08 -6.12
N HIS B 72 -8.85 -37.19 -6.17
CA HIS B 72 -8.38 -37.68 -7.46
C HIS B 72 -9.46 -38.52 -8.14
N PRO B 73 -9.63 -38.41 -9.46
CA PRO B 73 -10.75 -39.10 -10.12
C PRO B 73 -10.77 -40.61 -9.95
N ALA B 74 -9.60 -41.26 -10.01
CA ALA B 74 -9.58 -42.72 -9.94
C ALA B 74 -9.95 -43.21 -8.54
N ALA B 75 -9.53 -42.48 -7.51
CA ALA B 75 -9.92 -42.82 -6.16
C ALA B 75 -11.42 -42.64 -5.98
N LYS B 76 -11.99 -41.61 -6.62
CA LYS B 76 -13.43 -41.42 -6.67
C LYS B 76 -14.11 -42.60 -7.36
N MET B 77 -13.45 -43.18 -8.36
CA MET B 77 -13.99 -44.35 -9.05
C MET B 77 -13.92 -45.62 -8.21
N LEU B 78 -13.00 -45.70 -7.25
CA LEU B 78 -12.94 -46.88 -6.38
C LEU B 78 -13.98 -46.84 -5.27
N ILE B 79 -14.40 -45.63 -4.85
CA ILE B 79 -15.44 -45.53 -3.83
C ILE B 79 -16.75 -46.16 -4.32
N GLU B 80 -17.00 -46.13 -5.63
CA GLU B 80 -18.22 -46.72 -6.17
C GLU B 80 -18.23 -48.24 -6.09
N VAL B 81 -17.07 -48.85 -5.81
CA VAL B 81 -16.98 -50.29 -5.59
C VAL B 81 -17.58 -50.68 -4.24
N ALA B 82 -17.45 -49.80 -3.25
CA ALA B 82 -18.03 -50.05 -1.93
C ALA B 82 -19.54 -49.81 -1.92
N LYS B 83 -19.99 -48.71 -2.51
CA LYS B 83 -21.41 -48.33 -2.45
C LYS B 83 -22.32 -49.39 -3.06
N THR B 84 -21.85 -50.08 -4.10
CA THR B 84 -22.71 -51.07 -4.75
C THR B 84 -22.84 -52.32 -3.87
N GLN B 85 -21.76 -52.68 -3.19
CA GLN B 85 -21.81 -53.76 -2.20
C GLN B 85 -22.71 -53.37 -1.03
N GLU B 86 -22.68 -52.09 -0.64
CA GLU B 86 -23.58 -51.57 0.40
C GLU B 86 -25.03 -51.75 -0.03
N LYS B 87 -25.33 -51.36 -1.27
CA LYS B 87 -26.69 -51.23 -1.76
C LYS B 87 -27.31 -52.58 -2.06
N GLU B 88 -26.57 -53.45 -2.76
CA GLU B 88 -27.12 -54.68 -3.29
C GLU B 88 -27.04 -55.85 -2.31
N VAL B 89 -26.11 -55.80 -1.35
CA VAL B 89 -25.87 -56.92 -0.45
C VAL B 89 -26.01 -56.40 0.96
N GLY B 90 -25.16 -55.44 1.33
CA GLY B 90 -25.17 -54.84 2.64
C GLY B 90 -23.91 -55.07 3.44
N ASP B 91 -23.31 -56.25 3.34
CA ASP B 91 -22.04 -56.53 3.98
C ASP B 91 -21.01 -56.82 2.89
N GLY B 92 -19.73 -56.80 3.27
CA GLY B 92 -18.65 -57.07 2.35
C GLY B 92 -17.99 -55.88 1.70
N THR B 93 -18.19 -54.66 2.24
CA THR B 93 -17.69 -53.47 1.58
C THR B 93 -16.18 -53.25 1.76
N THR B 94 -15.49 -54.10 2.51
CA THR B 94 -14.05 -53.95 2.61
C THR B 94 -13.29 -54.99 1.78
N THR B 95 -13.86 -56.19 1.63
CA THR B 95 -13.26 -57.20 0.77
C THR B 95 -13.20 -56.70 -0.66
N ALA B 96 -14.28 -56.08 -1.14
CA ALA B 96 -14.34 -55.57 -2.50
C ALA B 96 -13.22 -54.59 -2.77
N VAL B 97 -12.98 -53.62 -1.87
CA VAL B 97 -12.03 -52.57 -2.23
C VAL B 97 -10.60 -53.10 -2.12
N VAL B 98 -10.35 -53.99 -1.15
CA VAL B 98 -9.01 -54.54 -1.00
C VAL B 98 -8.66 -55.42 -2.20
N VAL B 99 -9.62 -56.23 -2.65
CA VAL B 99 -9.39 -57.06 -3.83
C VAL B 99 -9.20 -56.19 -5.08
N ALA B 100 -9.98 -55.10 -5.19
CA ALA B 100 -9.82 -54.19 -6.32
C ALA B 100 -8.42 -53.60 -6.37
N GLY B 101 -7.94 -53.08 -5.24
CA GLY B 101 -6.60 -52.50 -5.23
C GLY B 101 -5.50 -53.52 -5.46
N GLU B 102 -5.70 -54.75 -4.97
CA GLU B 102 -4.70 -55.78 -5.24
C GLU B 102 -4.68 -56.13 -6.73
N LEU B 103 -5.85 -56.07 -7.38
CA LEU B 103 -5.91 -56.27 -8.82
C LEU B 103 -5.19 -55.15 -9.57
N LEU B 104 -5.39 -53.90 -9.12
CA LEU B 104 -4.63 -52.78 -9.69
C LEU B 104 -3.13 -53.01 -9.58
N ARG B 105 -2.68 -53.43 -8.40
CA ARG B 105 -1.24 -53.52 -8.12
C ARG B 105 -0.63 -54.73 -8.82
N LYS B 106 -1.40 -55.81 -8.96
CA LYS B 106 -0.96 -56.94 -9.78
C LYS B 106 -0.87 -56.54 -11.25
N ALA B 107 -1.83 -55.74 -11.73
CA ALA B 107 -1.77 -55.29 -13.11
C ALA B 107 -0.53 -54.43 -13.34
N GLU B 108 -0.13 -53.67 -12.32
CA GLU B 108 1.06 -52.84 -12.43
C GLU B 108 2.33 -53.67 -12.61
N GLU B 109 2.31 -54.92 -12.13
CA GLU B 109 3.49 -55.78 -12.23
C GLU B 109 3.64 -56.36 -13.64
N LEU B 110 2.58 -56.32 -14.44
CA LEU B 110 2.66 -56.82 -15.81
C LEU B 110 2.89 -55.71 -16.84
N LEU B 111 2.49 -54.48 -16.54
CA LEU B 111 2.72 -53.38 -17.47
C LEU B 111 4.17 -52.94 -17.47
N ASP B 112 4.88 -53.16 -16.36
CA ASP B 112 6.31 -52.91 -16.36
C ASP B 112 7.12 -54.01 -17.05
N GLN B 113 6.46 -55.06 -17.54
CA GLN B 113 7.05 -56.01 -18.48
C GLN B 113 6.57 -55.75 -19.90
N ASN B 114 5.83 -54.66 -20.12
CA ASN B 114 5.37 -54.20 -21.43
C ASN B 114 4.27 -55.09 -22.02
N VAL B 115 3.36 -55.59 -21.19
CA VAL B 115 2.18 -56.29 -21.69
C VAL B 115 1.09 -55.28 -22.03
N HIS B 116 0.46 -55.45 -23.20
CA HIS B 116 -0.55 -54.49 -23.66
C HIS B 116 -1.74 -54.48 -22.70
N PRO B 117 -2.26 -53.30 -22.35
CA PRO B 117 -3.45 -53.23 -21.48
C PRO B 117 -4.64 -54.04 -21.93
N THR B 118 -4.96 -54.05 -23.23
CA THR B 118 -6.09 -54.84 -23.69
C THR B 118 -5.89 -56.34 -23.43
N ILE B 119 -4.64 -56.80 -23.49
CA ILE B 119 -4.37 -58.20 -23.19
C ILE B 119 -4.67 -58.50 -21.72
N VAL B 120 -4.28 -57.59 -20.83
CA VAL B 120 -4.59 -57.75 -19.41
C VAL B 120 -6.10 -57.79 -19.19
N VAL B 121 -6.82 -56.88 -19.84
CA VAL B 121 -8.26 -56.77 -19.64
C VAL B 121 -8.97 -58.02 -20.15
N LYS B 122 -8.59 -58.51 -21.33
CA LYS B 122 -9.15 -59.74 -21.86
C LYS B 122 -8.77 -60.97 -21.02
N GLY B 123 -7.65 -60.94 -20.31
CA GLY B 123 -7.41 -62.03 -19.37
C GLY B 123 -8.26 -61.98 -18.12
N TYR B 124 -8.31 -60.80 -17.47
CA TYR B 124 -9.15 -60.64 -16.29
C TYR B 124 -10.58 -61.05 -16.58
N GLN B 125 -11.09 -60.67 -17.76
CA GLN B 125 -12.44 -61.00 -18.14
C GLN B 125 -12.66 -62.52 -18.15
N ALA B 126 -11.71 -63.27 -18.72
CA ALA B 126 -11.83 -64.73 -18.77
C ALA B 126 -11.71 -65.35 -17.38
N ALA B 127 -11.02 -64.68 -16.46
CA ALA B 127 -10.84 -65.21 -15.12
C ALA B 127 -12.09 -65.01 -14.27
N ALA B 128 -12.77 -63.87 -14.41
CA ALA B 128 -13.88 -63.56 -13.52
C ALA B 128 -15.09 -64.44 -13.79
N GLN B 129 -15.38 -64.74 -15.06
CA GLN B 129 -16.46 -65.67 -15.36
C GLN B 129 -16.18 -67.05 -14.79
N LYS B 130 -14.91 -67.47 -14.84
CA LYS B 130 -14.51 -68.74 -14.25
C LYS B 130 -14.68 -68.71 -12.73
N ALA B 131 -14.40 -67.57 -12.10
CA ALA B 131 -14.62 -67.44 -10.66
C ALA B 131 -16.10 -67.50 -10.34
N GLN B 132 -16.96 -67.03 -11.25
CA GLN B 132 -18.40 -67.18 -11.05
C GLN B 132 -18.82 -68.64 -11.10
N GLU B 133 -18.35 -69.39 -12.11
CA GLU B 133 -18.64 -70.81 -12.17
C GLU B 133 -18.19 -71.53 -10.89
N LEU B 134 -16.95 -71.26 -10.47
CA LEU B 134 -16.39 -71.92 -9.30
C LEU B 134 -17.16 -71.57 -8.04
N LEU B 135 -17.49 -70.29 -7.84
CA LEU B 135 -18.28 -69.90 -6.67
C LEU B 135 -19.67 -70.53 -6.69
N LYS B 136 -20.25 -70.72 -7.88
CA LYS B 136 -21.56 -71.36 -7.96
C LYS B 136 -21.50 -72.85 -7.69
N THR B 137 -20.31 -73.46 -7.75
CA THR B 137 -20.21 -74.90 -7.51
C THR B 137 -19.51 -75.30 -6.21
N ILE B 138 -18.78 -74.40 -5.54
CA ILE B 138 -18.13 -74.74 -4.27
C ILE B 138 -18.95 -74.35 -3.05
N ALA B 139 -20.18 -73.88 -3.23
CA ALA B 139 -21.00 -73.40 -2.12
C ALA B 139 -21.79 -74.55 -1.51
N CYS B 140 -22.34 -74.31 -0.32
CA CYS B 140 -23.16 -75.29 0.39
C CYS B 140 -24.61 -74.83 0.41
N GLU B 141 -25.53 -75.79 0.24
CA GLU B 141 -26.94 -75.49 0.02
C GLU B 141 -27.75 -75.79 1.28
N VAL B 142 -28.44 -74.77 1.78
CA VAL B 142 -29.14 -74.83 3.07
C VAL B 142 -30.54 -74.24 2.92
N GLY B 143 -31.47 -74.75 3.71
CA GLY B 143 -32.85 -74.28 3.64
C GLY B 143 -33.09 -73.02 4.43
N ALA B 144 -34.05 -72.20 3.96
CA ALA B 144 -34.24 -70.87 4.51
C ALA B 144 -34.94 -70.89 5.87
N GLN B 145 -35.53 -72.03 6.24
CA GLN B 145 -36.19 -72.20 7.53
C GLN B 145 -35.20 -72.52 8.65
N ASP B 146 -33.91 -72.60 8.36
CA ASP B 146 -32.92 -73.18 9.28
C ASP B 146 -32.30 -72.05 10.12
N LYS B 147 -32.92 -71.79 11.26
CA LYS B 147 -32.62 -70.59 12.05
C LYS B 147 -31.25 -70.65 12.69
N GLU B 148 -30.73 -71.86 12.93
CA GLU B 148 -29.45 -72.04 13.59
C GLU B 148 -28.29 -71.47 12.77
N ILE B 149 -28.20 -71.88 11.51
CA ILE B 149 -27.15 -71.35 10.64
C ILE B 149 -27.36 -69.85 10.42
N LEU B 150 -28.60 -69.38 10.47
CA LEU B 150 -28.84 -67.94 10.42
C LEU B 150 -28.22 -67.22 11.60
N THR B 151 -28.38 -67.79 12.81
CA THR B 151 -27.72 -67.23 14.00
C THR B 151 -26.21 -67.19 13.81
N LYS B 152 -25.63 -68.28 13.32
CA LYS B 152 -24.19 -68.39 13.15
C LYS B 152 -23.68 -67.35 12.16
N ILE B 153 -24.43 -67.13 11.08
CA ILE B 153 -24.05 -66.12 10.09
C ILE B 153 -24.14 -64.71 10.68
N ALA B 154 -25.18 -64.46 11.48
CA ALA B 154 -25.35 -63.15 12.11
C ALA B 154 -24.18 -62.85 13.05
N MET B 155 -23.83 -63.83 13.89
CA MET B 155 -22.67 -63.69 14.77
C MET B 155 -21.39 -63.42 13.97
N THR B 156 -21.23 -64.13 12.84
CA THR B 156 -20.09 -63.90 11.97
C THR B 156 -20.08 -62.48 11.41
N SER B 157 -21.27 -61.88 11.29
CA SER B 157 -21.33 -60.51 10.75
C SER B 157 -20.95 -59.49 11.81
N ILE B 158 -21.21 -59.81 13.08
CA ILE B 158 -20.96 -58.88 14.18
C ILE B 158 -19.51 -58.95 14.69
N THR B 159 -18.82 -60.06 14.45
CA THR B 159 -17.46 -60.26 14.93
C THR B 159 -16.48 -59.24 14.34
N GLY B 160 -15.63 -58.68 15.21
CA GLY B 160 -14.64 -57.71 14.78
C GLY B 160 -15.06 -56.26 14.81
N LYS B 161 -16.21 -55.94 15.44
CA LYS B 161 -16.78 -54.60 15.33
C LYS B 161 -16.87 -53.86 16.65
N GLY B 162 -16.17 -54.31 17.69
CA GLY B 162 -16.22 -53.63 18.97
C GLY B 162 -17.45 -53.91 19.79
N ALA B 163 -18.60 -54.06 19.14
CA ALA B 163 -19.82 -54.52 19.78
C ALA B 163 -19.89 -56.05 19.75
N GLU B 164 -18.77 -56.72 20.07
CA GLU B 164 -18.74 -58.19 20.09
C GLU B 164 -19.38 -58.75 21.36
N LYS B 165 -19.41 -57.94 22.42
CA LYS B 165 -19.73 -58.48 23.73
C LYS B 165 -21.19 -58.88 23.83
N ALA B 166 -22.03 -58.33 22.95
CA ALA B 166 -23.45 -58.62 22.91
C ALA B 166 -23.88 -59.49 21.72
N LYS B 167 -22.94 -60.05 20.95
CA LYS B 167 -23.33 -60.67 19.68
C LYS B 167 -24.25 -61.86 19.87
N GLU B 168 -24.11 -62.60 20.97
CA GLU B 168 -24.92 -63.80 21.19
C GLU B 168 -26.33 -63.47 21.67
N LYS B 169 -26.64 -62.19 21.88
CA LYS B 169 -28.01 -61.73 22.07
C LYS B 169 -28.54 -61.01 20.82
N LEU B 170 -27.70 -60.19 20.22
CA LEU B 170 -28.07 -59.48 19.00
C LEU B 170 -28.44 -60.46 17.90
N ALA B 171 -27.78 -61.61 17.87
CA ALA B 171 -28.06 -62.63 16.86
C ALA B 171 -29.51 -63.11 16.96
N GLU B 172 -29.97 -63.47 18.17
CA GLU B 172 -31.35 -63.92 18.33
C GLU B 172 -32.33 -62.81 17.96
N ILE B 173 -32.05 -61.59 18.45
CA ILE B 173 -32.92 -60.45 18.20
C ILE B 173 -33.09 -60.26 16.68
N ILE B 174 -31.97 -60.23 15.97
CA ILE B 174 -32.00 -59.94 14.53
C ILE B 174 -32.64 -61.08 13.76
N VAL B 175 -32.39 -62.33 14.16
CA VAL B 175 -32.97 -63.46 13.44
C VAL B 175 -34.50 -63.41 13.54
N GLU B 176 -35.04 -63.18 14.74
CA GLU B 176 -36.49 -63.04 14.83
C GLU B 176 -37.00 -61.83 14.06
N ALA B 177 -36.29 -60.69 14.18
CA ALA B 177 -36.70 -59.44 13.55
C ALA B 177 -36.83 -59.61 12.04
N VAL B 178 -35.87 -60.30 11.43
CA VAL B 178 -35.86 -60.50 9.98
C VAL B 178 -36.87 -61.57 9.59
N SER B 179 -37.01 -62.61 10.42
CA SER B 179 -37.93 -63.68 10.09
C SER B 179 -39.38 -63.21 10.07
N ALA B 180 -39.65 -62.12 10.79
CA ALA B 180 -40.99 -61.56 10.84
C ALA B 180 -41.39 -60.98 9.49
N VAL B 181 -40.45 -60.30 8.83
CA VAL B 181 -40.73 -59.45 7.67
C VAL B 181 -40.50 -60.18 6.35
N VAL B 182 -40.26 -61.48 6.39
CA VAL B 182 -40.19 -62.30 5.18
C VAL B 182 -41.59 -62.36 4.56
N ASP B 183 -41.74 -61.80 3.36
CA ASP B 183 -43.05 -61.56 2.80
C ASP B 183 -43.65 -62.83 2.19
N ASP B 184 -44.91 -62.74 1.79
CA ASP B 184 -45.61 -63.94 1.30
C ASP B 184 -45.00 -64.49 0.03
N GLU B 185 -44.07 -63.77 -0.60
CA GLU B 185 -43.32 -64.30 -1.73
C GLU B 185 -41.90 -64.73 -1.38
N GLY B 186 -41.55 -64.75 -0.10
CA GLY B 186 -40.25 -65.22 0.34
C GLY B 186 -39.08 -64.29 0.12
N LYS B 187 -39.30 -62.98 0.27
CA LYS B 187 -38.26 -61.99 0.05
C LYS B 187 -38.21 -61.03 1.23
N VAL B 188 -37.01 -60.54 1.54
CA VAL B 188 -36.80 -59.70 2.71
C VAL B 188 -36.63 -58.26 2.25
N ASP B 189 -37.43 -57.37 2.82
CA ASP B 189 -37.31 -55.93 2.58
C ASP B 189 -36.78 -55.29 3.86
N LYS B 190 -35.71 -54.50 3.72
CA LYS B 190 -34.97 -54.01 4.88
C LYS B 190 -35.71 -52.87 5.59
N ASP B 191 -36.46 -52.08 4.81
CA ASP B 191 -37.16 -50.93 5.38
C ASP B 191 -38.39 -51.33 6.19
N LEU B 192 -38.78 -52.62 6.17
CA LEU B 192 -39.87 -53.07 7.03
C LEU B 192 -39.41 -53.30 8.47
N ILE B 193 -38.13 -53.09 8.76
CA ILE B 193 -37.60 -53.16 10.12
C ILE B 193 -37.17 -51.76 10.53
N LYS B 194 -37.67 -51.30 11.67
CA LYS B 194 -37.44 -49.95 12.14
C LYS B 194 -36.38 -50.01 13.23
N ILE B 195 -35.32 -49.20 13.08
CA ILE B 195 -34.18 -49.24 13.98
C ILE B 195 -34.16 -47.93 14.75
N GLU B 196 -34.23 -48.01 16.08
CA GLU B 196 -34.33 -46.83 16.92
C GLU B 196 -33.21 -46.82 17.96
N LYS B 197 -32.73 -45.61 18.25
CA LYS B 197 -31.44 -45.39 18.90
C LYS B 197 -31.58 -44.50 20.13
N LYS B 198 -31.96 -45.09 21.25
CA LYS B 198 -32.26 -44.35 22.47
C LYS B 198 -31.21 -44.64 23.52
N SER B 199 -30.52 -43.60 23.99
CA SER B 199 -29.36 -43.77 24.86
C SER B 199 -29.78 -44.14 26.27
N GLY B 200 -28.79 -44.26 27.15
CA GLY B 200 -29.01 -44.77 28.50
C GLY B 200 -28.91 -46.28 28.55
N ALA B 201 -28.70 -46.80 29.76
CA ALA B 201 -28.43 -48.22 29.98
C ALA B 201 -27.23 -48.75 29.19
N SER B 202 -27.03 -50.06 29.20
CA SER B 202 -25.90 -50.69 28.52
C SER B 202 -26.36 -51.49 27.31
N ILE B 203 -25.41 -51.77 26.42
CA ILE B 203 -25.67 -52.39 25.12
C ILE B 203 -26.46 -53.70 25.28
N ASP B 204 -26.35 -54.34 26.44
CA ASP B 204 -27.07 -55.58 26.69
C ASP B 204 -28.53 -55.35 27.05
N ASP B 205 -28.95 -54.10 27.25
CA ASP B 205 -30.35 -53.76 27.48
C ASP B 205 -31.11 -53.52 26.18
N THR B 206 -30.50 -53.78 25.02
CA THR B 206 -31.23 -53.71 23.77
C THR B 206 -32.33 -54.77 23.71
N GLU B 207 -33.46 -54.43 23.08
CA GLU B 207 -34.61 -55.32 23.06
C GLU B 207 -35.37 -55.16 21.76
N LEU B 208 -36.30 -56.09 21.53
CA LEU B 208 -37.11 -56.16 20.31
C LEU B 208 -38.57 -55.90 20.63
N ILE B 209 -39.20 -55.01 19.87
CA ILE B 209 -40.62 -54.70 20.04
C ILE B 209 -41.39 -55.30 18.87
N LYS B 210 -42.41 -56.10 19.18
CA LYS B 210 -43.31 -56.64 18.17
C LYS B 210 -44.40 -55.61 17.85
N GLY B 211 -43.96 -54.46 17.34
CA GLY B 211 -44.86 -53.34 17.16
C GLY B 211 -44.10 -52.07 16.85
N VAL B 212 -44.59 -50.93 17.32
CA VAL B 212 -44.03 -49.65 16.92
C VAL B 212 -43.78 -48.76 18.14
N LEU B 213 -42.79 -47.87 17.96
CA LEU B 213 -42.51 -46.85 18.93
C LEU B 213 -42.75 -45.60 18.10
N VAL B 214 -43.55 -44.65 18.56
CA VAL B 214 -43.94 -43.45 17.84
C VAL B 214 -43.39 -42.24 18.59
N ASP B 215 -42.86 -41.28 17.83
CA ASP B 215 -42.28 -40.06 18.41
C ASP B 215 -43.37 -39.03 18.69
N LYS B 216 -44.35 -39.39 19.53
CA LYS B 216 -45.51 -38.55 19.76
C LYS B 216 -46.00 -38.74 21.20
N GLU B 217 -46.73 -37.73 21.68
CA GLU B 217 -47.49 -37.84 22.92
C GLU B 217 -48.93 -37.42 22.66
N ARG B 218 -49.84 -37.96 23.46
CA ARG B 218 -51.27 -37.79 23.19
C ARG B 218 -51.66 -36.32 23.36
N VAL B 219 -52.70 -35.92 22.62
CA VAL B 219 -52.98 -34.50 22.43
C VAL B 219 -53.53 -33.88 23.73
N SER B 220 -54.41 -34.59 24.45
CA SER B 220 -55.08 -34.03 25.61
C SER B 220 -54.80 -34.93 26.81
N ALA B 221 -54.41 -34.33 27.94
CA ALA B 221 -53.88 -35.14 29.04
C ALA B 221 -54.97 -35.85 29.85
N GLN B 222 -56.24 -35.53 29.60
CA GLN B 222 -57.35 -36.28 30.19
C GLN B 222 -57.50 -37.64 29.52
N MET B 223 -56.88 -37.82 28.36
CA MET B 223 -56.95 -39.04 27.56
C MET B 223 -56.21 -40.18 28.25
N PRO B 224 -56.83 -41.37 28.35
CA PRO B 224 -56.20 -42.46 29.09
C PRO B 224 -54.81 -42.80 28.58
N LYS B 225 -53.87 -42.97 29.51
CA LYS B 225 -52.47 -43.12 29.17
C LYS B 225 -52.10 -44.58 28.92
N LYS B 226 -53.01 -45.51 29.24
CA LYS B 226 -52.81 -46.94 29.04
C LYS B 226 -54.10 -47.55 28.52
N VAL B 227 -54.00 -48.34 27.45
CA VAL B 227 -55.15 -49.01 26.85
C VAL B 227 -54.76 -50.45 26.52
N THR B 228 -55.68 -51.39 26.78
CA THR B 228 -55.48 -52.80 26.49
C THR B 228 -56.48 -53.26 25.44
N ASP B 229 -56.06 -54.20 24.59
CA ASP B 229 -56.81 -54.62 23.41
C ASP B 229 -57.37 -53.41 22.65
N ALA B 230 -56.45 -52.52 22.26
CA ALA B 230 -56.78 -51.29 21.55
C ALA B 230 -57.46 -51.55 20.20
N LYS B 231 -58.38 -50.65 19.84
CA LYS B 231 -59.00 -50.58 18.53
C LYS B 231 -58.50 -49.29 17.87
N ILE B 232 -57.58 -49.42 16.94
CA ILE B 232 -56.79 -48.29 16.47
C ILE B 232 -57.33 -47.81 15.13
N ALA B 233 -57.59 -46.51 15.03
CA ALA B 233 -58.05 -45.90 13.78
C ALA B 233 -56.99 -44.96 13.24
N LEU B 234 -56.71 -45.07 11.94
CA LEU B 234 -55.71 -44.24 11.27
C LEU B 234 -56.39 -43.38 10.22
N LEU B 235 -56.07 -42.08 10.25
CA LEU B 235 -56.66 -41.10 9.34
C LEU B 235 -55.58 -40.33 8.58
N ASN B 236 -55.85 -40.07 7.31
CA ASN B 236 -55.03 -39.21 6.47
C ASN B 236 -55.63 -37.81 6.36
N CYS B 237 -56.92 -37.70 6.63
CA CYS B 237 -57.61 -36.42 6.70
C CYS B 237 -57.49 -35.82 8.10
N ALA B 238 -57.47 -34.49 8.14
CA ALA B 238 -57.41 -33.72 9.37
C ALA B 238 -58.81 -33.55 9.96
N ILE B 239 -58.90 -33.59 11.29
CA ILE B 239 -60.17 -33.37 11.98
C ILE B 239 -60.29 -31.87 12.22
N GLU B 240 -60.85 -31.16 11.24
CA GLU B 240 -60.95 -29.71 11.27
C GLU B 240 -62.15 -29.31 10.42
N ILE B 241 -62.58 -28.06 10.58
CA ILE B 241 -63.74 -27.58 9.84
C ILE B 241 -63.36 -27.39 8.37
N LYS B 242 -64.13 -28.01 7.48
CA LYS B 242 -63.81 -27.97 6.06
C LYS B 242 -63.96 -26.55 5.50
N GLU B 243 -63.15 -26.25 4.48
CA GLU B 243 -63.23 -25.01 3.73
C GLU B 243 -63.81 -25.29 2.35
N THR B 244 -64.36 -24.26 1.71
CA THR B 244 -64.84 -24.37 0.34
C THR B 244 -63.76 -23.92 -0.62
N GLU B 245 -63.42 -24.78 -1.58
CA GLU B 245 -62.41 -24.45 -2.56
C GLU B 245 -62.96 -23.53 -3.66
N THR B 246 -64.00 -22.75 -3.33
CA THR B 246 -64.61 -21.76 -4.20
C THR B 246 -64.72 -20.37 -3.57
N ASP B 247 -64.24 -20.20 -2.34
CA ASP B 247 -64.28 -18.95 -1.55
C ASP B 247 -65.67 -18.50 -1.10
N ALA B 248 -65.77 -18.01 0.14
CA ALA B 248 -67.02 -17.85 0.88
C ALA B 248 -67.02 -16.63 1.80
N GLU B 249 -68.21 -16.08 2.02
CA GLU B 249 -68.51 -15.08 3.04
C GLU B 249 -69.90 -15.37 3.61
N ILE B 250 -70.08 -15.23 4.93
CA ILE B 250 -71.34 -15.64 5.56
C ILE B 250 -72.38 -14.51 5.68
N ARG B 251 -71.95 -13.27 5.76
CA ARG B 251 -72.83 -12.09 5.71
C ARG B 251 -73.98 -12.13 6.72
N ILE B 252 -73.75 -11.53 7.89
CA ILE B 252 -74.68 -11.65 9.00
C ILE B 252 -75.54 -10.40 9.09
N THR B 253 -76.79 -10.50 8.63
CA THR B 253 -77.67 -9.34 8.55
C THR B 253 -78.55 -9.23 9.78
N ASP B 254 -78.83 -10.35 10.45
CA ASP B 254 -79.55 -10.34 11.72
C ASP B 254 -78.55 -10.59 12.85
N PRO B 255 -78.44 -9.68 13.82
CA PRO B 255 -77.59 -9.93 14.99
C PRO B 255 -77.82 -11.27 15.67
N ALA B 256 -79.07 -11.76 15.69
CA ALA B 256 -79.38 -13.03 16.33
C ALA B 256 -78.67 -14.22 15.69
N LYS B 257 -78.00 -14.02 14.56
CA LYS B 257 -77.36 -15.13 13.85
C LYS B 257 -75.85 -15.14 13.99
N LEU B 258 -75.30 -14.52 15.04
CA LEU B 258 -73.89 -14.67 15.35
C LEU B 258 -73.62 -16.03 16.02
N MET B 259 -74.32 -16.30 17.13
CA MET B 259 -74.11 -17.54 17.86
C MET B 259 -74.55 -18.76 17.05
N GLU B 260 -75.53 -18.60 16.17
CA GLU B 260 -76.03 -19.73 15.40
C GLU B 260 -74.97 -20.24 14.42
N PHE B 261 -74.33 -19.32 13.68
CA PHE B 261 -73.25 -19.73 12.81
C PHE B 261 -72.14 -20.45 13.58
N ILE B 262 -71.83 -19.96 14.78
CA ILE B 262 -70.72 -20.50 15.56
C ILE B 262 -71.07 -21.89 16.13
N GLU B 263 -72.30 -22.04 16.63
CA GLU B 263 -72.80 -23.34 17.08
C GLU B 263 -72.79 -24.37 15.96
N GLN B 264 -73.12 -23.97 14.73
CA GLN B 264 -73.11 -24.97 13.65
C GLN B 264 -71.69 -25.39 13.30
N GLU B 265 -70.72 -24.46 13.36
CA GLU B 265 -69.35 -24.95 13.24
C GLU B 265 -68.96 -25.90 14.39
N GLU B 266 -69.43 -25.64 15.61
CA GLU B 266 -69.15 -26.60 16.70
C GLU B 266 -69.77 -27.97 16.41
N LYS B 267 -70.99 -27.98 15.87
CA LYS B 267 -71.67 -29.24 15.61
C LYS B 267 -70.97 -30.03 14.50
N MET B 268 -70.38 -29.33 13.53
CA MET B 268 -69.68 -30.02 12.45
C MET B 268 -68.41 -30.75 12.94
N LEU B 269 -67.92 -30.42 14.13
CA LEU B 269 -66.86 -31.24 14.74
C LEU B 269 -67.44 -32.32 15.65
N LYS B 270 -68.53 -31.97 16.35
CA LYS B 270 -69.19 -32.92 17.24
C LYS B 270 -69.60 -34.18 16.50
N ASP B 271 -70.10 -34.01 15.27
CA ASP B 271 -70.57 -35.15 14.49
C ASP B 271 -69.40 -36.02 14.01
N MET B 272 -68.26 -35.41 13.69
CA MET B 272 -67.07 -36.20 13.33
C MET B 272 -66.66 -37.10 14.48
N VAL B 273 -66.68 -36.56 15.70
CA VAL B 273 -66.27 -37.37 16.85
C VAL B 273 -67.30 -38.46 17.14
N ALA B 274 -68.59 -38.14 17.02
CA ALA B 274 -69.63 -39.16 17.10
C ALA B 274 -69.37 -40.30 16.11
N GLU B 275 -69.01 -39.96 14.87
CA GLU B 275 -68.76 -40.98 13.85
C GLU B 275 -67.52 -41.81 14.16
N ILE B 276 -66.46 -41.17 14.66
CA ILE B 276 -65.27 -41.94 15.03
C ILE B 276 -65.62 -42.93 16.14
N LYS B 277 -66.49 -42.51 17.06
CA LYS B 277 -66.89 -43.40 18.15
C LYS B 277 -67.72 -44.57 17.63
N ALA B 278 -68.65 -44.29 16.71
CA ALA B 278 -69.55 -45.32 16.21
C ALA B 278 -68.81 -46.41 15.42
N SER B 279 -67.63 -46.11 14.87
CA SER B 279 -66.84 -47.18 14.27
C SER B 279 -66.41 -48.23 15.29
N GLY B 280 -66.27 -47.86 16.56
CA GLY B 280 -65.78 -48.78 17.57
C GLY B 280 -64.39 -48.46 18.08
N ALA B 281 -63.80 -47.36 17.64
CA ALA B 281 -62.40 -47.06 17.95
C ALA B 281 -62.23 -46.61 19.39
N ASN B 282 -61.01 -46.80 19.92
CA ASN B 282 -60.63 -46.15 21.17
C ASN B 282 -59.19 -45.64 21.17
N VAL B 283 -58.47 -45.75 20.06
CA VAL B 283 -57.17 -45.13 19.86
C VAL B 283 -57.14 -44.56 18.44
N LEU B 284 -56.53 -43.38 18.31
CA LEU B 284 -56.55 -42.61 17.07
C LEU B 284 -55.16 -42.09 16.72
N PHE B 285 -54.84 -42.11 15.42
CA PHE B 285 -53.68 -41.45 14.85
C PHE B 285 -54.13 -40.62 13.66
N CYS B 286 -53.63 -39.39 13.57
CA CYS B 286 -53.93 -38.49 12.47
C CYS B 286 -52.63 -38.02 11.82
N GLN B 287 -52.52 -38.20 10.51
CA GLN B 287 -51.36 -37.72 9.76
C GLN B 287 -51.36 -36.20 9.58
N LYS B 288 -52.30 -35.51 10.22
CA LYS B 288 -52.58 -34.10 9.97
C LYS B 288 -53.26 -33.52 11.21
N GLY B 289 -53.72 -32.27 11.10
CA GLY B 289 -54.12 -31.53 12.29
C GLY B 289 -55.43 -32.00 12.90
N ILE B 290 -55.51 -31.85 14.23
CA ILE B 290 -56.74 -32.01 14.99
C ILE B 290 -56.97 -30.70 15.74
N ASP B 291 -58.17 -30.15 15.60
CA ASP B 291 -58.50 -28.88 16.24
C ASP B 291 -58.64 -29.02 17.75
N ASP B 292 -58.45 -27.90 18.46
CA ASP B 292 -58.49 -27.93 19.93
C ASP B 292 -59.88 -28.20 20.50
N LEU B 293 -60.94 -28.00 19.71
CA LEU B 293 -62.27 -28.43 20.17
C LEU B 293 -62.53 -29.90 19.87
N ALA B 294 -62.00 -30.39 18.74
CA ALA B 294 -62.04 -31.81 18.42
C ALA B 294 -61.34 -32.61 19.50
N GLN B 295 -60.21 -32.09 20.00
CA GLN B 295 -59.46 -32.67 21.10
C GLN B 295 -60.32 -32.78 22.36
N HIS B 296 -61.14 -31.76 22.60
CA HIS B 296 -62.08 -31.78 23.72
C HIS B 296 -63.05 -32.95 23.57
N TYR B 297 -63.70 -33.07 22.41
CA TYR B 297 -64.71 -34.12 22.31
C TYR B 297 -64.06 -35.49 22.36
N LEU B 298 -62.86 -35.63 21.77
CA LEU B 298 -62.10 -36.87 21.89
C LEU B 298 -61.76 -37.23 23.34
N ALA B 299 -61.31 -36.25 24.14
CA ALA B 299 -61.07 -36.52 25.56
C ALA B 299 -62.37 -36.65 26.36
N LYS B 300 -63.50 -36.24 25.79
CA LYS B 300 -64.76 -36.39 26.50
C LYS B 300 -65.34 -37.78 26.24
N GLU B 301 -65.03 -38.35 25.08
CA GLU B 301 -65.48 -39.69 24.72
C GLU B 301 -64.53 -40.78 25.21
N GLY B 302 -63.41 -40.40 25.82
CA GLY B 302 -62.33 -41.35 26.13
C GLY B 302 -61.68 -42.05 24.97
N ILE B 303 -61.30 -41.31 23.93
CA ILE B 303 -60.54 -41.84 22.79
C ILE B 303 -59.15 -41.21 22.82
N VAL B 304 -58.11 -42.05 22.66
CA VAL B 304 -56.73 -41.55 22.71
C VAL B 304 -56.32 -41.18 21.30
N ALA B 305 -55.72 -39.99 21.15
CA ALA B 305 -55.42 -39.41 19.85
C ALA B 305 -54.03 -38.77 19.79
N ALA B 306 -53.34 -39.00 18.68
CA ALA B 306 -52.13 -38.28 18.32
C ALA B 306 -52.31 -37.66 16.94
N ARG B 307 -51.59 -36.56 16.68
CA ARG B 307 -51.80 -35.78 15.47
C ARG B 307 -50.49 -35.51 14.74
N ARG B 308 -50.62 -35.11 13.47
CA ARG B 308 -49.48 -34.81 12.60
C ARG B 308 -48.43 -35.93 12.58
N VAL B 309 -48.89 -37.17 12.53
CA VAL B 309 -48.01 -38.33 12.49
C VAL B 309 -47.43 -38.44 11.10
N LYS B 310 -46.13 -38.71 11.02
CA LYS B 310 -45.45 -38.77 9.75
C LYS B 310 -45.81 -40.03 8.97
N LYS B 311 -45.67 -39.92 7.63
CA LYS B 311 -46.24 -40.91 6.72
C LYS B 311 -45.63 -42.30 6.93
N SER B 312 -44.32 -42.36 7.15
CA SER B 312 -43.65 -43.64 7.34
C SER B 312 -44.15 -44.34 8.60
N ASP B 313 -44.37 -43.58 9.66
CA ASP B 313 -44.98 -44.12 10.87
C ASP B 313 -46.40 -44.61 10.61
N MET B 314 -47.14 -43.90 9.74
CA MET B 314 -48.47 -44.36 9.34
C MET B 314 -48.40 -45.70 8.63
N GLU B 315 -47.42 -45.87 7.73
CA GLU B 315 -47.20 -47.13 7.04
C GLU B 315 -46.90 -48.24 8.03
N LYS B 316 -46.01 -47.99 8.97
CA LYS B 316 -45.59 -49.02 9.92
C LYS B 316 -46.72 -49.37 10.89
N LEU B 317 -47.53 -48.39 11.30
CA LEU B 317 -48.72 -48.70 12.08
C LEU B 317 -49.72 -49.56 11.31
N ALA B 318 -50.02 -49.18 10.07
CA ALA B 318 -50.94 -49.96 9.25
C ALA B 318 -50.43 -51.38 9.06
N LYS B 319 -49.11 -51.52 8.86
CA LYS B 319 -48.51 -52.84 8.74
C LYS B 319 -48.66 -53.65 10.02
N ALA B 320 -48.39 -53.02 11.16
CA ALA B 320 -48.25 -53.75 12.42
C ALA B 320 -49.61 -54.19 12.95
N THR B 321 -50.60 -53.30 12.88
CA THR B 321 -51.92 -53.50 13.48
C THR B 321 -52.92 -54.14 12.52
N GLY B 322 -52.74 -53.96 11.21
CA GLY B 322 -53.73 -54.38 10.24
C GLY B 322 -54.82 -53.36 9.98
N ALA B 323 -54.63 -52.12 10.46
CA ALA B 323 -55.57 -51.05 10.20
C ALA B 323 -55.39 -50.52 8.78
N ASN B 324 -56.42 -49.84 8.28
CA ASN B 324 -56.41 -49.22 6.97
C ASN B 324 -56.41 -47.71 7.12
N VAL B 325 -55.47 -47.04 6.45
CA VAL B 325 -55.45 -45.58 6.49
C VAL B 325 -56.64 -45.05 5.73
N ILE B 326 -57.44 -44.21 6.38
CA ILE B 326 -58.70 -43.70 5.85
C ILE B 326 -58.53 -42.24 5.49
N THR B 327 -59.07 -41.84 4.34
CA THR B 327 -58.95 -40.46 3.88
C THR B 327 -60.21 -39.63 4.14
N ASN B 328 -61.32 -40.24 4.53
CA ASN B 328 -62.59 -39.55 4.71
C ASN B 328 -63.39 -40.27 5.79
N ILE B 329 -63.88 -39.53 6.78
CA ILE B 329 -64.36 -40.16 8.01
C ILE B 329 -65.74 -40.80 7.82
N LYS B 330 -66.47 -40.40 6.77
CA LYS B 330 -67.80 -40.95 6.53
C LYS B 330 -67.76 -42.42 6.14
N ASP B 331 -66.61 -42.90 5.67
CA ASP B 331 -66.51 -44.29 5.25
C ASP B 331 -65.93 -45.20 6.34
N LEU B 332 -65.45 -44.62 7.42
CA LEU B 332 -64.79 -45.37 8.49
C LEU B 332 -65.79 -46.31 9.16
N SER B 333 -65.39 -47.56 9.32
CA SER B 333 -66.26 -48.62 9.80
C SER B 333 -65.46 -49.61 10.63
N ALA B 334 -66.13 -50.64 11.14
CA ALA B 334 -65.41 -51.67 11.92
C ALA B 334 -64.50 -52.50 11.04
N GLN B 335 -64.64 -52.39 9.72
CA GLN B 335 -63.80 -53.11 8.77
C GLN B 335 -62.40 -52.51 8.69
N ASP B 336 -62.27 -51.24 9.05
CA ASP B 336 -61.05 -50.48 8.84
C ASP B 336 -60.17 -50.41 10.07
N LEU B 337 -60.62 -50.96 11.21
CA LEU B 337 -59.90 -50.81 12.47
C LEU B 337 -58.87 -51.91 12.66
N GLY B 338 -57.68 -51.52 13.13
CA GLY B 338 -56.69 -52.49 13.52
C GLY B 338 -56.83 -52.90 14.98
N ASP B 339 -56.00 -53.86 15.38
CA ASP B 339 -56.04 -54.40 16.74
C ASP B 339 -54.63 -54.52 17.29
N ALA B 340 -54.48 -54.22 18.59
CA ALA B 340 -53.21 -54.34 19.28
C ALA B 340 -53.46 -54.51 20.78
N GLY B 341 -52.74 -55.46 21.37
CA GLY B 341 -53.04 -55.88 22.73
C GLY B 341 -52.74 -54.85 23.79
N LEU B 342 -51.77 -53.95 23.53
CA LEU B 342 -51.38 -52.97 24.53
C LEU B 342 -50.86 -51.70 23.87
N VAL B 343 -51.38 -50.55 24.32
CA VAL B 343 -50.90 -49.23 23.93
C VAL B 343 -50.69 -48.40 25.19
N GLU B 344 -49.53 -47.76 25.31
CA GLU B 344 -49.25 -46.93 26.47
C GLU B 344 -48.22 -45.86 26.13
N GLU B 345 -48.41 -44.66 26.67
CA GLU B 345 -47.39 -43.62 26.59
C GLU B 345 -46.38 -43.81 27.71
N ARG B 346 -45.10 -43.67 27.38
CA ARG B 346 -44.02 -43.78 28.35
C ARG B 346 -42.99 -42.67 28.18
N LYS B 347 -42.17 -42.45 29.22
CA LYS B 347 -41.02 -41.56 29.12
C LYS B 347 -39.76 -42.41 29.18
N ILE B 348 -38.91 -42.28 28.17
CA ILE B 348 -37.71 -43.09 28.04
C ILE B 348 -36.58 -42.20 27.53
N SER B 349 -35.42 -42.28 28.18
CA SER B 349 -34.22 -41.56 27.75
C SER B 349 -34.45 -40.05 27.66
N GLY B 350 -35.48 -39.58 28.36
CA GLY B 350 -35.86 -38.19 28.46
C GLY B 350 -36.91 -37.75 27.46
N ASP B 351 -37.33 -38.63 26.55
CA ASP B 351 -38.33 -38.32 25.54
C ASP B 351 -39.63 -39.04 25.85
N SER B 352 -40.74 -38.33 25.67
CA SER B 352 -42.08 -38.91 25.73
C SER B 352 -42.39 -39.64 24.42
N MET B 353 -42.76 -40.92 24.53
CA MET B 353 -43.04 -41.71 23.33
C MET B 353 -44.24 -42.62 23.58
N ILE B 354 -44.93 -42.95 22.49
CA ILE B 354 -46.09 -43.84 22.53
C ILE B 354 -45.66 -45.22 22.04
N PHE B 355 -46.00 -46.26 22.82
CA PHE B 355 -45.60 -47.63 22.54
C PHE B 355 -46.80 -48.47 22.14
N VAL B 356 -46.66 -49.21 21.04
CA VAL B 356 -47.67 -50.16 20.59
C VAL B 356 -47.11 -51.57 20.71
N GLU B 357 -47.83 -52.45 21.42
CA GLU B 357 -47.28 -53.77 21.72
C GLU B 357 -48.35 -54.85 21.60
N GLU B 358 -47.87 -56.10 21.51
CA GLU B 358 -48.72 -57.29 21.38
C GLU B 358 -49.67 -57.18 20.19
N CYS B 359 -49.08 -57.07 19.00
CA CYS B 359 -49.84 -56.87 17.77
C CYS B 359 -50.41 -58.20 17.27
N LYS B 360 -51.54 -58.09 16.55
CA LYS B 360 -52.31 -59.27 16.18
C LYS B 360 -51.55 -60.13 15.18
N HIS B 361 -50.95 -59.51 14.17
CA HIS B 361 -50.10 -60.21 13.21
C HIS B 361 -49.12 -59.20 12.60
N PRO B 362 -48.00 -58.96 13.28
CA PRO B 362 -47.08 -57.90 12.84
C PRO B 362 -46.33 -58.24 11.56
N LYS B 363 -46.58 -57.46 10.51
CA LYS B 363 -45.76 -57.47 9.31
C LYS B 363 -44.63 -56.45 9.35
N ALA B 364 -44.43 -55.78 10.49
CA ALA B 364 -43.31 -54.86 10.69
C ALA B 364 -42.92 -54.87 12.17
N VAL B 365 -41.62 -54.70 12.43
CA VAL B 365 -41.08 -54.80 13.78
C VAL B 365 -40.09 -53.67 14.05
N THR B 366 -39.89 -53.37 15.32
CA THR B 366 -39.01 -52.29 15.77
C THR B 366 -37.93 -52.84 16.69
N MET B 367 -36.67 -52.46 16.44
CA MET B 367 -35.53 -52.83 17.28
C MET B 367 -35.03 -51.60 18.03
N LEU B 368 -34.92 -51.71 19.35
CA LEU B 368 -34.59 -50.58 20.22
C LEU B 368 -33.17 -50.75 20.74
N ILE B 369 -32.23 -49.98 20.18
CA ILE B 369 -30.82 -50.11 20.52
C ILE B 369 -30.49 -49.18 21.68
N ARG B 370 -29.92 -49.72 22.74
CA ARG B 370 -29.56 -48.98 23.94
C ARG B 370 -28.04 -48.82 24.04
N GLY B 371 -27.60 -47.86 24.86
CA GLY B 371 -26.18 -47.60 24.98
C GLY B 371 -25.82 -46.38 25.80
N THR B 372 -24.62 -46.41 26.37
CA THR B 372 -24.16 -45.42 27.34
C THR B 372 -23.64 -44.15 26.68
N THR B 373 -23.70 -44.05 25.35
CA THR B 373 -23.06 -42.94 24.67
C THR B 373 -23.53 -42.93 23.21
N GLU B 374 -23.63 -41.73 22.64
CA GLU B 374 -24.16 -41.61 21.29
C GLU B 374 -23.21 -42.17 20.25
N HIS B 375 -21.90 -41.98 20.47
CA HIS B 375 -20.91 -42.60 19.60
C HIS B 375 -20.93 -44.12 19.68
N VAL B 376 -21.45 -44.67 20.78
CA VAL B 376 -21.58 -46.13 20.89
C VAL B 376 -22.73 -46.62 20.03
N ILE B 377 -23.86 -45.91 20.08
CA ILE B 377 -25.08 -46.35 19.42
C ILE B 377 -24.97 -46.13 17.92
N GLU B 378 -24.29 -45.06 17.50
CA GLU B 378 -24.05 -44.81 16.08
C GLU B 378 -23.15 -45.87 15.47
N GLU B 379 -22.55 -46.73 16.30
CA GLU B 379 -21.79 -47.86 15.76
C GLU B 379 -22.58 -49.17 15.87
N VAL B 380 -23.30 -49.34 16.98
CA VAL B 380 -24.10 -50.54 17.14
C VAL B 380 -25.15 -50.63 16.04
N ALA B 381 -25.68 -49.48 15.60
CA ALA B 381 -26.64 -49.48 14.50
C ALA B 381 -26.04 -50.07 13.23
N ARG B 382 -24.79 -49.70 12.92
CA ARG B 382 -24.09 -50.26 11.76
C ARG B 382 -23.90 -51.78 11.93
N ALA B 383 -23.45 -52.19 13.12
CA ALA B 383 -23.22 -53.61 13.39
C ALA B 383 -24.50 -54.42 13.31
N VAL B 384 -25.67 -53.77 13.42
CA VAL B 384 -26.92 -54.50 13.29
C VAL B 384 -27.40 -54.48 11.83
N ASP B 385 -27.16 -53.37 11.12
CA ASP B 385 -27.56 -53.28 9.73
C ASP B 385 -26.86 -54.35 8.89
N ASP B 386 -25.58 -54.59 9.19
CA ASP B 386 -24.81 -55.59 8.44
C ASP B 386 -25.37 -57.01 8.63
N ALA B 387 -25.79 -57.33 9.86
CA ALA B 387 -26.37 -58.62 10.14
C ALA B 387 -27.75 -58.79 9.51
N VAL B 388 -28.55 -57.73 9.48
CA VAL B 388 -29.81 -57.79 8.74
C VAL B 388 -29.55 -58.09 7.26
N GLY B 389 -28.53 -57.45 6.70
CA GLY B 389 -28.09 -57.78 5.35
C GLY B 389 -27.80 -59.25 5.10
N VAL B 390 -26.80 -59.78 5.81
CA VAL B 390 -26.41 -61.18 5.59
C VAL B 390 -27.53 -62.17 5.89
N VAL B 391 -28.41 -61.87 6.86
CA VAL B 391 -29.53 -62.77 7.13
C VAL B 391 -30.52 -62.77 5.97
N GLY B 392 -30.84 -61.58 5.43
CA GLY B 392 -31.69 -61.54 4.26
C GLY B 392 -31.11 -62.31 3.08
N CYS B 393 -29.80 -62.16 2.86
CA CYS B 393 -29.14 -62.89 1.78
C CYS B 393 -29.32 -64.40 1.92
N THR B 394 -29.09 -64.93 3.12
CA THR B 394 -29.24 -66.37 3.35
C THR B 394 -30.67 -66.83 3.19
N ILE B 395 -31.63 -65.99 3.62
CA ILE B 395 -33.04 -66.38 3.57
C ILE B 395 -33.53 -66.38 2.12
N GLU B 396 -33.02 -65.46 1.30
CA GLU B 396 -33.47 -65.33 -0.08
C GLU B 396 -32.83 -66.38 -0.99
N ASP B 397 -31.51 -66.57 -0.86
CA ASP B 397 -30.81 -67.43 -1.81
C ASP B 397 -30.66 -68.87 -1.33
N GLY B 398 -30.61 -69.07 -0.02
CA GLY B 398 -30.29 -70.37 0.57
C GLY B 398 -29.00 -71.02 0.13
N ARG B 399 -27.90 -70.27 0.09
CA ARG B 399 -26.59 -70.80 -0.26
C ARG B 399 -25.53 -70.11 0.61
N ILE B 400 -24.61 -70.90 1.17
CA ILE B 400 -23.62 -70.37 2.09
C ILE B 400 -22.22 -70.81 1.66
N VAL B 401 -21.22 -70.07 2.14
CA VAL B 401 -19.82 -70.35 1.84
C VAL B 401 -19.01 -70.29 3.13
N SER B 402 -17.88 -70.98 3.14
CA SER B 402 -17.01 -71.06 4.30
C SER B 402 -16.22 -69.76 4.46
N GLY B 403 -15.98 -69.37 5.72
CA GLY B 403 -15.37 -68.09 6.02
C GLY B 403 -13.89 -68.19 6.34
N GLY B 404 -13.38 -67.13 6.98
CA GLY B 404 -11.98 -67.04 7.30
C GLY B 404 -11.02 -67.15 6.14
N GLY B 405 -11.41 -66.61 4.98
CA GLY B 405 -10.61 -66.70 3.78
C GLY B 405 -10.39 -68.09 3.22
N SER B 406 -11.07 -69.12 3.72
CA SER B 406 -10.95 -70.43 3.10
C SER B 406 -11.51 -70.49 1.67
N THR B 407 -12.25 -69.48 1.23
CA THR B 407 -12.80 -69.51 -0.13
C THR B 407 -11.78 -68.99 -1.14
N GLU B 408 -11.04 -67.95 -0.77
CA GLU B 408 -10.11 -67.32 -1.71
C GLU B 408 -8.96 -68.26 -2.07
N VAL B 409 -8.47 -69.05 -1.11
CA VAL B 409 -7.43 -70.04 -1.42
C VAL B 409 -7.94 -71.07 -2.41
N GLU B 410 -9.16 -71.56 -2.21
CA GLU B 410 -9.76 -72.50 -3.14
C GLU B 410 -9.89 -71.92 -4.53
N LEU B 411 -10.35 -70.68 -4.62
CA LEU B 411 -10.51 -70.04 -5.93
C LEU B 411 -9.17 -69.84 -6.62
N SER B 412 -8.15 -69.41 -5.87
CA SER B 412 -6.83 -69.22 -6.45
C SER B 412 -6.30 -70.53 -7.02
N MET B 413 -6.41 -71.62 -6.25
CA MET B 413 -5.97 -72.92 -6.74
C MET B 413 -6.72 -73.35 -8.00
N LYS B 414 -8.06 -73.25 -7.97
CA LYS B 414 -8.87 -73.72 -9.08
C LYS B 414 -8.79 -72.82 -10.30
N LEU B 415 -8.31 -71.58 -10.14
CA LEU B 415 -8.01 -70.75 -11.30
C LEU B 415 -6.62 -71.02 -11.84
N ARG B 416 -5.71 -71.50 -10.99
CA ARG B 416 -4.39 -71.86 -11.51
C ARG B 416 -4.46 -73.16 -12.30
N GLU B 417 -5.28 -74.12 -11.85
CA GLU B 417 -5.61 -75.29 -12.66
C GLU B 417 -6.31 -74.92 -13.97
N TYR B 418 -7.04 -73.80 -13.98
CA TYR B 418 -7.60 -73.23 -15.21
C TYR B 418 -6.54 -72.67 -16.13
N ALA B 419 -5.57 -71.95 -15.57
CA ALA B 419 -4.68 -71.14 -16.39
C ALA B 419 -3.79 -71.98 -17.30
N GLU B 420 -3.58 -73.27 -16.98
CA GLU B 420 -2.77 -74.09 -17.88
C GLU B 420 -3.51 -74.48 -19.15
N GLY B 421 -4.85 -74.41 -19.16
CA GLY B 421 -5.59 -74.64 -20.39
C GLY B 421 -5.52 -73.49 -21.37
N ILE B 422 -5.41 -72.26 -20.85
CA ILE B 422 -5.35 -71.06 -21.66
C ILE B 422 -3.93 -70.88 -22.19
N SER B 423 -3.81 -70.49 -23.46
CA SER B 423 -2.50 -70.27 -24.05
C SER B 423 -2.47 -68.89 -24.72
N GLY B 424 -1.25 -68.39 -24.91
CA GLY B 424 -1.01 -67.02 -25.32
C GLY B 424 -0.53 -66.20 -24.15
N ARG B 425 -0.85 -64.91 -24.15
CA ARG B 425 -0.35 -64.02 -23.10
C ARG B 425 -1.44 -63.58 -22.12
N GLU B 426 -2.71 -63.86 -22.40
CA GLU B 426 -3.74 -63.73 -21.38
C GLU B 426 -3.52 -64.67 -20.20
N GLN B 427 -2.71 -65.72 -20.39
CA GLN B 427 -2.39 -66.63 -19.29
C GLN B 427 -1.69 -65.89 -18.15
N LEU B 428 -0.86 -64.90 -18.50
CA LEU B 428 -0.18 -64.11 -17.49
C LEU B 428 -1.18 -63.35 -16.63
N ALA B 429 -2.15 -62.70 -17.28
CA ALA B 429 -3.18 -61.95 -16.55
C ALA B 429 -4.09 -62.87 -15.74
N VAL B 430 -4.38 -64.06 -16.24
CA VAL B 430 -5.18 -65.01 -15.48
C VAL B 430 -4.45 -65.44 -14.21
N ARG B 431 -3.14 -65.64 -14.30
CA ARG B 431 -2.36 -66.00 -13.12
C ARG B 431 -2.30 -64.84 -12.14
N ALA B 432 -2.09 -63.62 -12.63
CA ALA B 432 -2.06 -62.45 -11.75
C ALA B 432 -3.41 -62.20 -11.09
N PHE B 433 -4.50 -62.57 -11.75
CA PHE B 433 -5.81 -62.48 -11.12
C PHE B 433 -5.95 -63.52 -10.01
N ALA B 434 -5.53 -64.76 -10.30
CA ALA B 434 -5.67 -65.84 -9.32
C ALA B 434 -4.78 -65.58 -8.09
N ASP B 435 -3.67 -64.90 -8.30
CA ASP B 435 -2.72 -64.63 -7.22
C ASP B 435 -3.09 -63.36 -6.44
N ALA B 436 -4.12 -62.64 -6.90
CA ALA B 436 -4.53 -61.41 -6.24
C ALA B 436 -5.64 -61.63 -5.22
N LEU B 437 -6.26 -62.82 -5.23
CA LEU B 437 -7.38 -63.08 -4.32
C LEU B 437 -6.88 -63.50 -2.94
N GLU B 438 -5.63 -63.94 -2.86
CA GLU B 438 -5.02 -64.31 -1.60
C GLU B 438 -4.61 -63.11 -0.75
N VAL B 439 -4.98 -61.89 -1.16
CA VAL B 439 -4.72 -60.72 -0.34
C VAL B 439 -5.55 -60.77 0.94
N ILE B 440 -6.69 -61.45 0.91
CA ILE B 440 -7.65 -61.47 2.01
C ILE B 440 -7.14 -62.35 3.16
N PRO B 441 -6.77 -63.62 2.92
CA PRO B 441 -6.18 -64.41 4.01
C PRO B 441 -4.82 -63.91 4.45
N ARG B 442 -4.05 -63.30 3.53
CA ARG B 442 -2.84 -62.59 3.91
C ARG B 442 -3.14 -61.47 4.91
N THR B 443 -4.07 -60.58 4.59
CA THR B 443 -4.36 -59.47 5.51
C THR B 443 -4.99 -59.97 6.81
N LEU B 444 -5.76 -61.07 6.74
CA LEU B 444 -6.35 -61.64 7.94
C LEU B 444 -5.29 -62.12 8.92
N ALA B 445 -4.13 -62.54 8.40
CA ALA B 445 -3.00 -62.82 9.29
C ALA B 445 -2.22 -61.57 9.65
N GLU B 446 -2.11 -60.60 8.72
CA GLU B 446 -1.33 -59.39 8.96
C GLU B 446 -1.88 -58.58 10.14
N ASN B 447 -3.21 -58.50 10.23
CA ASN B 447 -3.81 -57.67 11.27
C ASN B 447 -3.66 -58.28 12.67
N ALA B 448 -3.71 -59.61 12.77
CA ALA B 448 -3.57 -60.32 14.04
C ALA B 448 -2.11 -60.42 14.51
N GLY B 449 -1.17 -59.84 13.77
CA GLY B 449 0.22 -59.93 14.11
C GLY B 449 0.83 -61.30 13.91
N LEU B 450 0.29 -62.09 12.99
CA LEU B 450 0.82 -63.41 12.69
C LEU B 450 1.80 -63.33 11.52
N ASP B 451 2.48 -64.45 11.26
CA ASP B 451 3.48 -64.53 10.20
C ASP B 451 2.77 -65.05 8.95
N ALA B 452 2.49 -64.13 8.02
CA ALA B 452 1.59 -64.44 6.91
C ALA B 452 2.22 -65.44 5.94
N ILE B 453 3.52 -65.34 5.70
CA ILE B 453 4.17 -66.18 4.70
C ILE B 453 4.23 -67.63 5.18
N GLU B 454 4.38 -67.84 6.48
CA GLU B 454 4.37 -69.20 7.02
C GLU B 454 2.94 -69.74 7.13
N ILE B 455 1.98 -68.86 7.38
CA ILE B 455 0.60 -69.31 7.53
C ILE B 455 0.03 -69.77 6.19
N LEU B 456 0.26 -68.97 5.14
CA LEU B 456 -0.41 -69.18 3.86
C LEU B 456 -0.05 -70.54 3.24
N VAL B 457 1.18 -71.01 3.45
CA VAL B 457 1.60 -72.29 2.90
C VAL B 457 0.83 -73.44 3.55
N LYS B 458 0.69 -73.40 4.88
CA LYS B 458 -0.06 -74.42 5.59
C LYS B 458 -1.52 -74.43 5.14
N VAL B 459 -2.09 -73.23 4.98
CA VAL B 459 -3.47 -73.10 4.50
C VAL B 459 -3.63 -73.74 3.13
N ARG B 460 -2.69 -73.45 2.22
CA ARG B 460 -2.75 -74.05 0.88
C ARG B 460 -2.63 -75.58 0.96
N ALA B 461 -1.70 -76.07 1.76
CA ALA B 461 -1.44 -77.50 1.86
C ALA B 461 -2.69 -78.26 2.30
N ALA B 462 -3.42 -77.68 3.26
CA ALA B 462 -4.65 -78.30 3.75
C ALA B 462 -5.64 -78.53 2.61
N HIS B 463 -5.65 -77.65 1.62
CA HIS B 463 -6.56 -77.80 0.49
C HIS B 463 -6.02 -78.82 -0.51
N ALA B 464 -4.75 -78.70 -0.86
CA ALA B 464 -4.18 -79.48 -1.97
C ALA B 464 -4.25 -80.98 -1.73
N SER B 465 -4.40 -81.42 -0.48
CA SER B 465 -4.38 -82.84 -0.18
C SER B 465 -5.76 -83.47 0.02
N ASN B 466 -6.83 -82.71 -0.19
CA ASN B 466 -8.15 -83.15 0.27
C ASN B 466 -9.31 -82.72 -0.62
N GLY B 467 -9.22 -81.59 -1.32
CA GLY B 467 -10.45 -80.99 -1.76
C GLY B 467 -11.27 -80.44 -0.62
N ASN B 468 -10.60 -80.14 0.50
CA ASN B 468 -11.26 -79.53 1.66
C ASN B 468 -11.66 -78.11 1.27
N LYS B 469 -12.97 -77.88 1.17
CA LYS B 469 -13.47 -76.56 0.82
C LYS B 469 -13.26 -75.54 1.93
N CYS B 470 -13.03 -76.01 3.16
CA CYS B 470 -13.34 -75.25 4.36
C CYS B 470 -12.14 -74.71 5.14
N ALA B 471 -10.96 -75.32 5.00
CA ALA B 471 -9.88 -75.06 5.93
C ALA B 471 -9.33 -73.64 5.78
N GLY B 472 -9.01 -73.01 6.91
CA GLY B 472 -8.61 -71.62 6.91
C GLY B 472 -8.03 -71.21 8.26
N LEU B 473 -7.70 -69.92 8.35
CA LEU B 473 -6.96 -69.41 9.51
C LEU B 473 -7.88 -69.18 10.70
N ASN B 474 -7.46 -69.67 11.87
CA ASN B 474 -8.03 -69.25 13.15
C ASN B 474 -7.11 -68.17 13.73
N VAL B 475 -7.60 -66.93 13.77
CA VAL B 475 -6.78 -65.77 14.14
C VAL B 475 -6.62 -65.61 15.65
N PHE B 476 -7.06 -66.60 16.44
CA PHE B 476 -6.96 -66.55 17.89
C PHE B 476 -5.95 -67.55 18.41
N THR B 477 -6.21 -68.84 18.20
CA THR B 477 -5.20 -69.87 18.36
C THR B 477 -4.03 -69.76 17.39
N GLY B 478 -4.14 -68.97 16.32
CA GLY B 478 -3.05 -68.92 15.36
C GLY B 478 -2.80 -70.23 14.64
N ALA B 479 -3.86 -70.90 14.19
CA ALA B 479 -3.72 -72.24 13.61
C ALA B 479 -4.79 -72.43 12.53
N VAL B 480 -4.60 -73.49 11.73
CA VAL B 480 -5.39 -73.72 10.53
C VAL B 480 -6.49 -74.72 10.85
N GLU B 481 -7.74 -74.31 10.69
CA GLU B 481 -8.86 -75.13 11.13
C GLU B 481 -10.00 -75.13 10.12
N ASP B 482 -10.85 -76.14 10.25
CA ASP B 482 -12.08 -76.26 9.47
C ASP B 482 -13.03 -75.14 9.88
N MET B 483 -13.37 -74.27 8.94
CA MET B 483 -14.15 -73.09 9.29
C MET B 483 -15.65 -73.35 9.28
N CYS B 484 -16.08 -74.56 8.92
CA CYS B 484 -17.49 -74.93 9.07
C CYS B 484 -17.76 -75.56 10.42
N GLU B 485 -16.85 -76.42 10.90
CA GLU B 485 -16.93 -76.94 12.25
C GLU B 485 -16.79 -75.82 13.28
N ASN B 486 -16.05 -74.77 12.93
CA ASN B 486 -15.90 -73.60 13.77
C ASN B 486 -17.12 -72.69 13.75
N GLY B 487 -17.99 -72.85 12.75
CA GLY B 487 -19.17 -72.03 12.62
C GLY B 487 -18.99 -70.64 12.03
N VAL B 488 -17.96 -70.46 11.21
CA VAL B 488 -17.72 -69.17 10.55
C VAL B 488 -18.24 -69.29 9.12
N VAL B 489 -19.44 -68.75 8.88
CA VAL B 489 -20.20 -68.98 7.66
C VAL B 489 -20.66 -67.64 7.08
N GLU B 490 -20.73 -67.58 5.75
CA GLU B 490 -21.16 -66.37 5.07
C GLU B 490 -22.11 -66.73 3.94
N PRO B 491 -22.94 -65.78 3.48
CA PRO B 491 -23.81 -66.08 2.34
C PRO B 491 -23.10 -65.90 1.02
N LEU B 492 -23.47 -66.76 0.06
CA LEU B 492 -22.75 -66.85 -1.21
C LEU B 492 -22.75 -65.51 -1.96
N ARG B 493 -23.81 -64.73 -1.81
CA ARG B 493 -23.98 -63.48 -2.54
C ARG B 493 -22.92 -62.46 -2.17
N VAL B 494 -22.19 -62.66 -1.06
CA VAL B 494 -21.18 -61.71 -0.64
C VAL B 494 -19.91 -61.85 -1.47
N LYS B 495 -19.62 -63.05 -1.95
CA LYS B 495 -18.41 -63.26 -2.75
C LYS B 495 -18.62 -62.87 -4.22
N THR B 496 -19.66 -63.44 -4.84
CA THR B 496 -19.95 -63.18 -6.25
C THR B 496 -20.03 -61.68 -6.54
N GLN B 497 -20.85 -60.96 -5.77
CA GLN B 497 -20.97 -59.52 -5.95
C GLN B 497 -19.64 -58.81 -5.78
N ALA B 498 -18.84 -59.21 -4.78
CA ALA B 498 -17.57 -58.55 -4.52
C ALA B 498 -16.64 -58.66 -5.72
N ILE B 499 -16.43 -59.89 -6.19
CA ILE B 499 -15.54 -60.14 -7.32
C ILE B 499 -16.07 -59.43 -8.57
N GLN B 500 -17.40 -59.44 -8.74
CA GLN B 500 -18.03 -58.89 -9.93
C GLN B 500 -17.81 -57.39 -10.01
N SER B 501 -18.15 -56.68 -8.93
CA SER B 501 -17.86 -55.26 -8.81
C SER B 501 -16.39 -54.94 -9.04
N ALA B 502 -15.49 -55.68 -8.40
CA ALA B 502 -14.07 -55.32 -8.42
C ALA B 502 -13.47 -55.49 -9.82
N ALA B 503 -13.82 -56.58 -10.50
CA ALA B 503 -13.32 -56.79 -11.85
C ALA B 503 -13.83 -55.70 -12.79
N GLU B 504 -15.16 -55.43 -12.74
CA GLU B 504 -15.75 -54.46 -13.65
C GLU B 504 -15.20 -53.06 -13.41
N SER B 505 -14.84 -52.72 -12.17
CA SER B 505 -14.30 -51.40 -11.91
C SER B 505 -12.80 -51.31 -12.18
N THR B 506 -12.08 -52.44 -12.18
CA THR B 506 -10.66 -52.36 -12.48
C THR B 506 -10.41 -52.23 -13.97
N GLU B 507 -11.30 -52.80 -14.78
CA GLU B 507 -11.10 -52.83 -16.23
C GLU B 507 -11.21 -51.43 -16.82
N MET B 508 -12.01 -50.56 -16.20
CA MET B 508 -12.14 -49.19 -16.69
C MET B 508 -10.84 -48.41 -16.52
N LEU B 509 -10.18 -48.55 -15.37
CA LEU B 509 -8.90 -47.88 -15.17
C LEU B 509 -7.79 -48.50 -16.01
N LEU B 510 -7.94 -49.78 -16.39
CA LEU B 510 -6.97 -50.37 -17.30
C LEU B 510 -7.19 -49.94 -18.75
N ARG B 511 -8.41 -49.55 -19.12
CA ARG B 511 -8.68 -49.19 -20.51
C ARG B 511 -8.43 -47.71 -20.80
N ILE B 512 -8.10 -46.89 -19.79
CA ILE B 512 -7.88 -45.46 -20.00
C ILE B 512 -6.41 -45.21 -20.31
N ASP B 513 -6.14 -44.24 -21.20
CA ASP B 513 -4.76 -43.79 -21.37
C ASP B 513 -4.56 -42.27 -21.40
N ASP B 514 -5.60 -41.47 -21.18
CA ASP B 514 -5.40 -40.02 -21.18
C ASP B 514 -6.33 -39.37 -20.16
N VAL B 515 -5.91 -38.19 -19.69
CA VAL B 515 -6.71 -37.37 -18.79
C VAL B 515 -6.71 -35.94 -19.32
N ILE B 516 -7.91 -35.42 -19.62
CA ILE B 516 -8.07 -34.10 -20.22
C ILE B 516 -9.20 -33.35 -19.51
N ALA B 517 -9.25 -32.03 -19.72
CA ALA B 517 -10.13 -31.17 -18.93
C ALA B 517 -11.45 -30.88 -19.63
N ALA B 518 -12.52 -30.76 -18.83
CA ALA B 518 -13.89 -30.67 -19.33
C ALA B 518 -14.54 -29.33 -18.98
N GLU B 519 -15.49 -28.94 -19.84
CA GLU B 519 -16.05 -27.59 -19.87
C GLU B 519 -17.46 -27.59 -19.30
N LYS B 520 -17.54 -27.67 -17.96
CA LYS B 520 -18.81 -27.79 -17.23
C LYS B 520 -19.63 -28.95 -17.79
N LEU B 521 -19.25 -30.15 -17.34
CA LEU B 521 -19.71 -31.39 -17.95
C LEU B 521 -21.21 -31.58 -17.85
N ARG B 522 -21.75 -31.54 -16.64
CA ARG B 522 -23.18 -31.75 -16.43
C ARG B 522 -23.69 -31.03 -15.18
N GLU C 10 8.88 -22.20 -26.65
CA GLU C 10 9.24 -21.34 -27.78
C GLU C 10 9.69 -19.89 -27.43
N ASN C 11 9.19 -18.90 -28.17
CA ASN C 11 9.58 -17.49 -28.04
C ASN C 11 8.60 -16.57 -28.76
N MET C 12 8.48 -15.32 -28.27
CA MET C 12 7.67 -14.31 -28.95
C MET C 12 7.93 -14.22 -30.45
N LYS C 13 9.18 -14.08 -30.86
CA LYS C 13 9.59 -13.69 -32.21
C LYS C 13 9.51 -14.81 -33.24
N ARG C 14 8.50 -15.67 -33.14
CA ARG C 14 8.22 -16.79 -34.03
C ARG C 14 6.78 -16.77 -34.54
N TYR C 15 6.02 -15.75 -34.12
CA TYR C 15 4.62 -15.61 -34.53
C TYR C 15 4.55 -15.24 -35.99
N MET C 16 5.62 -14.64 -36.49
CA MET C 16 5.73 -14.18 -37.86
C MET C 16 5.83 -15.35 -38.85
N GLY C 17 6.36 -16.49 -38.41
CA GLY C 17 6.91 -17.49 -39.30
C GLY C 17 5.95 -18.47 -39.94
N ARG C 18 4.63 -18.30 -39.79
CA ARG C 18 3.68 -19.18 -40.48
C ARG C 18 2.45 -18.38 -40.87
N ASP C 19 1.84 -18.75 -42.01
CA ASP C 19 0.66 -18.01 -42.45
C ASP C 19 -0.56 -18.34 -41.59
N ALA C 20 -1.65 -17.59 -41.84
CA ALA C 20 -2.93 -17.87 -41.21
C ALA C 20 -3.44 -19.26 -41.60
N GLN C 21 -3.15 -19.69 -42.83
CA GLN C 21 -3.57 -21.01 -43.28
C GLN C 21 -2.79 -22.09 -42.55
N ARG C 22 -1.49 -21.89 -42.33
CA ARG C 22 -0.71 -22.81 -41.51
C ARG C 22 -1.23 -22.85 -40.08
N MET C 23 -1.51 -21.66 -39.50
CA MET C 23 -2.19 -21.54 -38.22
C MET C 23 -3.42 -22.44 -38.14
N ASN C 24 -4.35 -22.27 -39.07
CA ASN C 24 -5.61 -23.00 -39.05
C ASN C 24 -5.41 -24.49 -39.29
N ILE C 25 -4.52 -24.86 -40.22
CA ILE C 25 -4.29 -26.26 -40.51
C ILE C 25 -3.72 -26.98 -39.29
N LEU C 26 -2.81 -26.31 -38.57
CA LEU C 26 -2.22 -26.90 -37.37
C LEU C 26 -3.25 -27.01 -36.23
N ALA C 27 -3.99 -25.93 -35.99
CA ALA C 27 -5.05 -25.95 -35.00
C ALA C 27 -6.07 -27.05 -35.29
N GLY C 28 -6.26 -27.36 -36.57
CA GLY C 28 -7.15 -28.45 -36.92
C GLY C 28 -6.54 -29.82 -36.70
N ARG C 29 -5.30 -30.00 -37.17
CA ARG C 29 -4.62 -31.28 -36.99
C ARG C 29 -4.60 -31.70 -35.52
N ILE C 30 -4.54 -30.71 -34.62
CA ILE C 30 -4.47 -31.03 -33.19
C ILE C 30 -5.70 -31.83 -32.74
N ILE C 31 -6.89 -31.44 -33.23
CA ILE C 31 -8.11 -32.11 -32.81
C ILE C 31 -8.13 -33.55 -33.30
N ALA C 32 -7.78 -33.77 -34.56
CA ALA C 32 -7.75 -35.13 -35.09
C ALA C 32 -6.70 -35.97 -34.37
N GLU C 33 -5.57 -35.37 -33.98
CA GLU C 33 -4.58 -36.10 -33.21
C GLU C 33 -5.10 -36.46 -31.82
N THR C 34 -6.01 -35.66 -31.27
CA THR C 34 -6.55 -35.95 -29.95
C THR C 34 -7.33 -37.27 -29.93
N VAL C 35 -8.21 -37.48 -30.92
CA VAL C 35 -9.17 -38.58 -30.87
C VAL C 35 -8.71 -39.85 -31.58
N ARG C 36 -7.54 -39.82 -32.23
CA ARG C 36 -7.20 -40.86 -33.20
C ARG C 36 -6.95 -42.22 -32.55
N SER C 37 -6.33 -42.24 -31.37
CA SER C 37 -6.03 -43.46 -30.62
C SER C 37 -7.27 -44.14 -30.06
N THR C 38 -8.46 -43.55 -30.19
CA THR C 38 -9.68 -44.21 -29.79
C THR C 38 -10.21 -45.16 -30.85
N LEU C 39 -9.56 -45.22 -32.01
CA LEU C 39 -10.16 -45.86 -33.19
C LEU C 39 -9.90 -47.36 -33.20
N GLY C 40 -10.91 -48.13 -33.62
CA GLY C 40 -10.73 -49.53 -33.89
C GLY C 40 -10.87 -50.42 -32.67
N PRO C 41 -10.85 -51.73 -32.88
CA PRO C 41 -11.13 -52.66 -31.77
C PRO C 41 -10.16 -52.55 -30.61
N LYS C 42 -8.88 -52.28 -30.88
CA LYS C 42 -7.86 -52.06 -29.88
C LYS C 42 -7.79 -50.62 -29.40
N GLY C 43 -8.86 -49.85 -29.60
CA GLY C 43 -8.88 -48.46 -29.16
C GLY C 43 -8.95 -48.33 -27.65
N MET C 44 -8.56 -47.14 -27.17
CA MET C 44 -8.44 -46.89 -25.74
C MET C 44 -9.30 -45.70 -25.33
N ASP C 45 -9.61 -45.62 -24.04
CA ASP C 45 -10.55 -44.63 -23.53
C ASP C 45 -9.84 -43.37 -23.05
N LYS C 46 -10.60 -42.28 -23.00
CA LYS C 46 -10.15 -41.00 -22.46
C LYS C 46 -10.87 -40.70 -21.16
N MET C 47 -10.19 -40.01 -20.25
CA MET C 47 -10.82 -39.53 -19.02
C MET C 47 -11.02 -38.03 -19.08
N LEU C 48 -12.25 -37.58 -18.84
CA LEU C 48 -12.61 -36.17 -18.86
C LEU C 48 -12.91 -35.70 -17.44
N VAL C 49 -12.31 -34.57 -17.06
CA VAL C 49 -12.44 -34.06 -15.70
C VAL C 49 -12.91 -32.61 -15.73
N ASP C 50 -13.85 -32.28 -14.85
CA ASP C 50 -14.49 -30.98 -14.77
C ASP C 50 -13.67 -30.02 -13.92
N ASP C 51 -14.11 -28.75 -13.93
CA ASP C 51 -13.69 -27.81 -12.89
C ASP C 51 -14.27 -28.20 -11.54
N LEU C 52 -15.51 -28.70 -11.52
CA LEU C 52 -16.19 -28.97 -10.26
C LEU C 52 -15.87 -30.34 -9.68
N GLY C 53 -15.21 -31.22 -10.46
CA GLY C 53 -14.87 -32.54 -10.01
C GLY C 53 -15.67 -33.68 -10.61
N ASP C 54 -16.64 -33.40 -11.48
CA ASP C 54 -17.31 -34.45 -12.22
C ASP C 54 -16.34 -35.15 -13.16
N VAL C 55 -16.59 -36.44 -13.43
CA VAL C 55 -15.68 -37.28 -14.22
C VAL C 55 -16.49 -38.07 -15.23
N VAL C 56 -15.95 -38.20 -16.45
CA VAL C 56 -16.52 -39.04 -17.50
C VAL C 56 -15.42 -39.90 -18.09
N VAL C 57 -15.73 -41.18 -18.33
CA VAL C 57 -14.80 -42.10 -18.99
C VAL C 57 -15.49 -42.70 -20.22
N THR C 58 -14.89 -42.50 -21.39
CA THR C 58 -15.47 -42.95 -22.64
C THR C 58 -14.40 -42.97 -23.73
N ASN C 59 -14.68 -43.73 -24.80
CA ASN C 59 -13.94 -43.56 -26.05
C ASN C 59 -14.83 -43.11 -27.20
N ASP C 60 -16.06 -42.68 -26.92
CA ASP C 60 -16.94 -42.12 -27.93
C ASP C 60 -16.36 -40.78 -28.38
N GLY C 61 -16.16 -40.62 -29.69
CA GLY C 61 -15.41 -39.49 -30.19
C GLY C 61 -16.14 -38.16 -30.04
N VAL C 62 -17.38 -38.11 -30.52
CA VAL C 62 -18.14 -36.86 -30.49
C VAL C 62 -18.34 -36.39 -29.06
N THR C 63 -18.33 -37.31 -28.10
CA THR C 63 -18.46 -36.93 -26.71
C THR C 63 -17.18 -36.25 -26.21
N ILE C 64 -16.02 -36.79 -26.58
CA ILE C 64 -14.75 -36.16 -26.24
C ILE C 64 -14.68 -34.76 -26.83
N LEU C 65 -15.02 -34.64 -28.12
CA LEU C 65 -15.00 -33.35 -28.81
C LEU C 65 -16.06 -32.40 -28.28
N ARG C 66 -17.13 -32.93 -27.69
CA ARG C 66 -18.18 -32.07 -27.15
C ARG C 66 -17.88 -31.55 -25.75
N GLU C 67 -17.14 -32.33 -24.97
CA GLU C 67 -16.85 -31.96 -23.59
C GLU C 67 -15.51 -31.28 -23.40
N MET C 68 -14.71 -31.17 -24.45
CA MET C 68 -13.35 -30.64 -24.31
C MET C 68 -13.38 -29.13 -24.20
N SER C 69 -12.43 -28.57 -23.46
CA SER C 69 -12.24 -27.13 -23.48
C SER C 69 -11.42 -26.79 -24.73
N VAL C 70 -12.10 -26.26 -25.74
CA VAL C 70 -11.49 -25.99 -27.05
C VAL C 70 -11.72 -24.53 -27.39
N GLU C 71 -10.64 -23.81 -27.76
CA GLU C 71 -10.70 -22.36 -27.83
C GLU C 71 -10.33 -21.76 -29.17
N HIS C 72 -9.61 -22.47 -30.03
CA HIS C 72 -9.25 -21.89 -31.31
C HIS C 72 -10.38 -22.07 -32.31
N PRO C 73 -10.65 -21.06 -33.17
CA PRO C 73 -11.82 -21.15 -34.05
C PRO C 73 -11.84 -22.35 -34.99
N ALA C 74 -10.69 -22.71 -35.56
CA ALA C 74 -10.67 -23.79 -36.54
C ALA C 74 -10.94 -25.14 -35.88
N ALA C 75 -10.43 -25.32 -34.65
CA ALA C 75 -10.73 -26.53 -33.92
C ALA C 75 -12.21 -26.60 -33.57
N LYS C 76 -12.81 -25.45 -33.27
CA LYS C 76 -14.25 -25.35 -33.09
C LYS C 76 -14.99 -25.73 -34.37
N MET C 77 -14.42 -25.40 -35.53
CA MET C 77 -15.01 -25.79 -36.81
C MET C 77 -14.89 -27.28 -37.10
N LEU C 78 -13.90 -27.96 -36.54
CA LEU C 78 -13.79 -29.40 -36.76
C LEU C 78 -14.74 -30.20 -35.87
N ILE C 79 -15.12 -29.67 -34.71
CA ILE C 79 -16.08 -30.36 -33.85
C ILE C 79 -17.42 -30.52 -34.57
N GLU C 80 -17.76 -29.60 -35.46
CA GLU C 80 -19.03 -29.69 -36.18
C GLU C 80 -19.04 -30.83 -37.19
N VAL C 81 -17.88 -31.40 -37.49
CA VAL C 81 -17.78 -32.57 -38.36
C VAL C 81 -18.28 -33.82 -37.64
N ALA C 82 -18.07 -33.89 -36.32
CA ALA C 82 -18.55 -35.02 -35.53
C ALA C 82 -20.05 -34.94 -35.27
N LYS C 83 -20.55 -33.76 -34.89
CA LYS C 83 -21.94 -33.61 -34.49
C LYS C 83 -22.91 -33.98 -35.61
N THR C 84 -22.53 -33.71 -36.86
CA THR C 84 -23.43 -34.00 -37.97
C THR C 84 -23.51 -35.50 -38.22
N GLN C 85 -22.38 -36.19 -38.05
CA GLN C 85 -22.37 -37.64 -38.11
C GLN C 85 -23.17 -38.24 -36.95
N GLU C 86 -23.11 -37.60 -35.78
CA GLU C 86 -23.92 -38.00 -34.63
C GLU C 86 -25.40 -37.90 -34.97
N LYS C 87 -25.79 -36.76 -35.55
CA LYS C 87 -27.18 -36.38 -35.72
C LYS C 87 -27.83 -37.16 -36.86
N GLU C 88 -27.16 -37.26 -38.00
CA GLU C 88 -27.75 -37.79 -39.21
C GLU C 88 -27.60 -39.31 -39.36
N VAL C 89 -26.61 -39.90 -38.70
CA VAL C 89 -26.30 -41.32 -38.86
C VAL C 89 -26.34 -41.94 -37.47
N GLY C 90 -25.45 -41.49 -36.61
CA GLY C 90 -25.36 -41.98 -35.25
C GLY C 90 -24.04 -42.65 -34.92
N ASP C 91 -23.46 -43.39 -35.86
CA ASP C 91 -22.15 -43.98 -35.68
C ASP C 91 -21.21 -43.36 -36.72
N GLY C 92 -19.90 -43.55 -36.51
CA GLY C 92 -18.90 -43.05 -37.42
C GLY C 92 -18.28 -41.71 -37.07
N THR C 93 -18.43 -41.24 -35.83
CA THR C 93 -17.97 -39.90 -35.49
C THR C 93 -16.46 -39.80 -35.29
N THR C 94 -15.71 -40.90 -35.40
CA THR C 94 -14.27 -40.80 -35.31
C THR C 94 -13.59 -40.91 -36.68
N THR C 95 -14.17 -41.69 -37.58
CA THR C 95 -13.66 -41.78 -38.95
C THR C 95 -13.68 -40.40 -39.61
N ALA C 96 -14.80 -39.69 -39.45
CA ALA C 96 -14.96 -38.37 -40.04
C ALA C 96 -13.85 -37.42 -39.61
N VAL C 97 -13.54 -37.36 -38.31
CA VAL C 97 -12.61 -36.33 -37.87
C VAL C 97 -11.18 -36.71 -38.26
N VAL C 98 -10.87 -38.00 -38.22
CA VAL C 98 -9.52 -38.44 -38.58
C VAL C 98 -9.27 -38.20 -40.07
N VAL C 99 -10.27 -38.51 -40.90
CA VAL C 99 -10.14 -38.24 -42.33
C VAL C 99 -10.04 -36.75 -42.60
N ALA C 100 -10.81 -35.93 -41.89
CA ALA C 100 -10.73 -34.49 -42.05
C ALA C 100 -9.33 -33.97 -41.75
N GLY C 101 -8.76 -34.37 -40.61
CA GLY C 101 -7.43 -33.89 -40.28
C GLY C 101 -6.36 -34.41 -41.22
N GLU C 102 -6.53 -35.64 -41.73
CA GLU C 102 -5.56 -36.13 -42.71
C GLU C 102 -5.66 -35.34 -44.01
N LEU C 103 -6.88 -34.89 -44.35
CA LEU C 103 -7.04 -34.02 -45.52
C LEU C 103 -6.37 -32.67 -45.30
N LEU C 104 -6.53 -32.10 -44.10
CA LEU C 104 -5.81 -30.88 -43.75
C LEU C 104 -4.29 -31.04 -43.92
N ARG C 105 -3.76 -32.14 -43.41
CA ARG C 105 -2.31 -32.35 -43.37
C ARG C 105 -1.76 -32.67 -44.75
N LYS C 106 -2.54 -33.39 -45.57
CA LYS C 106 -2.19 -33.58 -46.97
C LYS C 106 -2.20 -32.27 -47.73
N ALA C 107 -3.19 -31.40 -47.45
CA ALA C 107 -3.23 -30.11 -48.11
C ALA C 107 -2.00 -29.28 -47.74
N GLU C 108 -1.52 -29.44 -46.51
CA GLU C 108 -0.34 -28.72 -46.07
C GLU C 108 0.90 -29.12 -46.86
N GLU C 109 0.92 -30.35 -47.40
CA GLU C 109 2.08 -30.83 -48.15
C GLU C 109 2.12 -30.24 -49.55
N LEU C 110 0.99 -29.69 -50.03
CA LEU C 110 0.97 -29.09 -51.36
C LEU C 110 1.14 -27.57 -51.33
N LEU C 111 0.76 -26.93 -50.21
CA LEU C 111 0.92 -25.48 -50.12
C LEU C 111 2.38 -25.10 -49.90
N ASP C 112 3.17 -26.00 -49.31
CA ASP C 112 4.60 -25.76 -49.21
C ASP C 112 5.34 -26.01 -50.52
N GLN C 113 4.64 -26.44 -51.57
CA GLN C 113 5.14 -26.43 -52.94
C GLN C 113 4.56 -25.27 -53.73
N ASN C 114 3.81 -24.38 -53.07
CA ASN C 114 3.26 -23.15 -53.64
C ASN C 114 2.12 -23.41 -54.63
N VAL C 115 1.27 -24.40 -54.34
CA VAL C 115 0.04 -24.60 -55.12
C VAL C 115 -1.07 -23.70 -54.58
N HIS C 116 -1.78 -23.03 -55.49
CA HIS C 116 -2.81 -22.08 -55.08
C HIS C 116 -3.92 -22.80 -54.33
N PRO C 117 -4.41 -22.23 -53.22
CA PRO C 117 -5.52 -22.85 -52.47
C PRO C 117 -6.76 -23.17 -53.30
N THR C 118 -7.17 -22.28 -54.20
CA THR C 118 -8.35 -22.58 -55.02
C THR C 118 -8.13 -23.80 -55.90
N ILE C 119 -6.89 -24.04 -56.35
CA ILE C 119 -6.61 -25.23 -57.14
C ILE C 119 -6.80 -26.49 -56.29
N VAL C 120 -6.34 -26.44 -55.03
CA VAL C 120 -6.54 -27.57 -54.13
C VAL C 120 -8.03 -27.82 -53.91
N VAL C 121 -8.80 -26.75 -53.69
CA VAL C 121 -10.22 -26.89 -53.38
C VAL C 121 -10.97 -27.46 -54.57
N LYS C 122 -10.68 -26.94 -55.78
CA LYS C 122 -11.29 -27.49 -56.99
C LYS C 122 -10.87 -28.91 -57.29
N GLY C 123 -9.69 -29.35 -56.83
CA GLY C 123 -9.38 -30.77 -56.95
C GLY C 123 -10.14 -31.66 -55.96
N TYR C 124 -10.12 -31.29 -54.69
CA TYR C 124 -10.87 -32.03 -53.68
C TYR C 124 -12.33 -32.18 -54.09
N GLN C 125 -12.91 -31.11 -54.63
CA GLN C 125 -14.30 -31.15 -55.05
C GLN C 125 -14.53 -32.23 -56.11
N ALA C 126 -13.64 -32.31 -57.10
CA ALA C 126 -13.78 -33.31 -58.15
C ALA C 126 -13.55 -34.73 -57.62
N ALA C 127 -12.78 -34.87 -56.55
CA ALA C 127 -12.52 -36.19 -55.97
C ALA C 127 -13.70 -36.70 -55.15
N ALA C 128 -14.37 -35.81 -54.42
CA ALA C 128 -15.40 -36.27 -53.50
C ALA C 128 -16.65 -36.77 -54.23
N GLN C 129 -17.03 -36.10 -55.33
CA GLN C 129 -18.14 -36.60 -56.13
C GLN C 129 -17.83 -37.97 -56.73
N LYS C 130 -16.57 -38.17 -57.12
CA LYS C 130 -16.12 -39.47 -57.61
C LYS C 130 -16.18 -40.53 -56.51
N ALA C 131 -15.84 -40.14 -55.28
CA ALA C 131 -15.96 -41.08 -54.17
C ALA C 131 -17.42 -41.41 -53.88
N GLN C 132 -18.33 -40.48 -54.16
CA GLN C 132 -19.76 -40.79 -54.03
C GLN C 132 -20.20 -41.82 -55.07
N GLU C 133 -19.81 -41.61 -56.33
CA GLU C 133 -20.10 -42.60 -57.37
C GLU C 133 -19.57 -43.98 -56.99
N LEU C 134 -18.30 -44.03 -56.58
CA LEU C 134 -17.65 -45.29 -56.25
C LEU C 134 -18.33 -45.97 -55.06
N LEU C 135 -18.63 -45.22 -54.00
CA LEU C 135 -19.33 -45.80 -52.86
C LEU C 135 -20.71 -46.30 -53.23
N LYS C 136 -21.39 -45.64 -54.17
CA LYS C 136 -22.71 -46.09 -54.59
C LYS C 136 -22.64 -47.34 -55.46
N THR C 137 -21.46 -47.66 -56.01
CA THR C 137 -21.35 -48.85 -56.85
C THR C 137 -20.55 -50.01 -56.26
N ILE C 138 -19.78 -49.81 -55.18
CA ILE C 138 -19.04 -50.91 -54.56
C ILE C 138 -19.75 -51.54 -53.38
N ALA C 139 -20.99 -51.13 -53.10
CA ALA C 139 -21.72 -51.61 -51.94
C ALA C 139 -22.48 -52.90 -52.27
N CYS C 140 -22.92 -53.59 -51.21
CA CYS C 140 -23.69 -54.82 -51.36
C CYS C 140 -25.14 -54.58 -50.94
N GLU C 141 -26.07 -55.18 -51.67
CA GLU C 141 -27.49 -54.89 -51.54
C GLU C 141 -28.21 -56.02 -50.81
N VAL C 142 -28.85 -55.68 -49.69
CA VAL C 142 -29.45 -56.66 -48.79
C VAL C 142 -30.85 -56.20 -48.39
N GLY C 143 -31.73 -57.17 -48.14
CA GLY C 143 -33.11 -56.85 -47.78
C GLY C 143 -33.27 -56.52 -46.30
N ALA C 144 -34.26 -55.66 -46.01
CA ALA C 144 -34.39 -55.10 -44.66
C ALA C 144 -34.99 -56.10 -43.68
N GLN C 145 -35.55 -57.20 -44.19
CA GLN C 145 -36.12 -58.26 -43.35
C GLN C 145 -35.06 -59.23 -42.84
N ASP C 146 -33.79 -59.03 -43.18
CA ASP C 146 -32.73 -60.04 -42.99
C ASP C 146 -32.04 -59.79 -41.65
N LYS C 147 -32.58 -60.45 -40.62
CA LYS C 147 -32.21 -60.13 -39.24
C LYS C 147 -30.79 -60.56 -38.90
N GLU C 148 -30.27 -61.56 -39.62
CA GLU C 148 -28.93 -62.10 -39.35
C GLU C 148 -27.84 -61.05 -39.59
N ILE C 149 -27.85 -60.46 -40.79
CA ILE C 149 -26.86 -59.42 -41.09
C ILE C 149 -27.07 -58.21 -40.18
N LEU C 150 -28.31 -57.96 -39.74
CA LEU C 150 -28.54 -56.92 -38.75
C LEU C 150 -27.82 -57.21 -37.43
N THR C 151 -27.90 -58.46 -36.98
CA THR C 151 -27.15 -58.88 -35.80
C THR C 151 -25.64 -58.65 -35.97
N LYS C 152 -25.12 -59.05 -37.13
CA LYS C 152 -23.70 -58.93 -37.41
C LYS C 152 -23.26 -57.47 -37.41
N ILE C 153 -24.09 -56.59 -37.98
CA ILE C 153 -23.77 -55.16 -37.99
C ILE C 153 -23.81 -54.59 -36.58
N ALA C 154 -24.77 -55.02 -35.76
CA ALA C 154 -24.89 -54.55 -34.38
C ALA C 154 -23.65 -54.93 -33.58
N MET C 155 -23.24 -56.19 -33.69
CA MET C 155 -22.02 -56.66 -33.04
C MET C 155 -20.81 -55.85 -33.51
N THR C 156 -20.73 -55.56 -34.80
CA THR C 156 -19.66 -54.73 -35.34
C THR C 156 -19.68 -53.33 -34.73
N SER C 157 -20.86 -52.86 -34.32
CA SER C 157 -20.97 -51.53 -33.73
C SER C 157 -20.49 -51.53 -32.28
N ILE C 158 -20.65 -52.65 -31.59
CA ILE C 158 -20.33 -52.75 -30.16
C ILE C 158 -18.84 -53.10 -29.94
N THR C 159 -18.17 -53.67 -30.95
CA THR C 159 -16.78 -54.09 -30.83
C THR C 159 -15.85 -52.91 -30.59
N GLY C 160 -14.91 -53.08 -29.63
CA GLY C 160 -13.96 -52.04 -29.31
C GLY C 160 -14.37 -51.06 -28.24
N LYS C 161 -15.46 -51.32 -27.50
CA LYS C 161 -16.03 -50.32 -26.60
C LYS C 161 -16.01 -50.73 -25.13
N GLY C 162 -15.23 -51.75 -24.77
CA GLY C 162 -15.17 -52.17 -23.37
C GLY C 162 -16.35 -53.00 -22.92
N ALA C 163 -17.54 -52.69 -23.42
CA ALA C 163 -18.71 -53.55 -23.22
C ALA C 163 -18.80 -54.60 -24.31
N GLU C 164 -17.68 -55.26 -24.62
CA GLU C 164 -17.66 -56.32 -25.64
C GLU C 164 -18.19 -57.62 -25.10
N LYS C 165 -18.14 -57.80 -23.78
CA LYS C 165 -18.36 -59.12 -23.20
C LYS C 165 -19.81 -59.54 -23.34
N ALA C 166 -20.71 -58.58 -23.53
CA ALA C 166 -22.13 -58.82 -23.68
C ALA C 166 -22.66 -58.61 -25.09
N LYS C 167 -21.79 -58.44 -26.10
CA LYS C 167 -22.28 -58.00 -27.41
C LYS C 167 -23.20 -59.03 -28.06
N GLU C 168 -22.97 -60.32 -27.80
CA GLU C 168 -23.77 -61.36 -28.44
C GLU C 168 -25.13 -61.52 -27.79
N LYS C 169 -25.42 -60.78 -26.72
CA LYS C 169 -26.77 -60.65 -26.18
C LYS C 169 -27.39 -59.30 -26.53
N LEU C 170 -26.58 -58.24 -26.42
CA LEU C 170 -27.04 -56.91 -26.77
C LEU C 170 -27.50 -56.84 -28.21
N ALA C 171 -26.86 -57.62 -29.09
CA ALA C 171 -27.23 -57.64 -30.50
C ALA C 171 -28.67 -58.11 -30.68
N GLU C 172 -29.03 -59.24 -30.06
CA GLU C 172 -30.40 -59.74 -30.16
C GLU C 172 -31.39 -58.75 -29.58
N ILE C 173 -31.08 -58.21 -28.40
CA ILE C 173 -31.96 -57.27 -27.74
C ILE C 173 -32.24 -56.08 -28.65
N ILE C 174 -31.17 -55.49 -29.20
CA ILE C 174 -31.30 -54.28 -30.01
C ILE C 174 -32.01 -54.57 -31.33
N VAL C 175 -31.74 -55.74 -31.94
CA VAL C 175 -32.39 -56.07 -33.20
C VAL C 175 -33.90 -56.16 -33.02
N GLU C 176 -34.35 -56.86 -31.97
CA GLU C 176 -35.79 -56.90 -31.72
C GLU C 176 -36.35 -55.52 -31.38
N ALA C 177 -35.62 -54.77 -30.54
CA ALA C 177 -36.07 -53.45 -30.08
C ALA C 177 -36.31 -52.52 -31.26
N VAL C 178 -35.40 -52.54 -32.24
CA VAL C 178 -35.51 -51.66 -33.40
C VAL C 178 -36.55 -52.20 -34.37
N SER C 179 -36.64 -53.53 -34.50
CA SER C 179 -37.58 -54.11 -35.44
C SER C 179 -39.03 -53.82 -35.03
N ALA C 180 -39.24 -53.57 -33.74
CA ALA C 180 -40.57 -53.26 -33.23
C ALA C 180 -41.07 -51.92 -33.75
N VAL C 181 -40.17 -50.93 -33.80
CA VAL C 181 -40.53 -49.53 -34.01
C VAL C 181 -40.41 -49.11 -35.46
N VAL C 182 -40.18 -50.06 -36.37
CA VAL C 182 -40.21 -49.78 -37.80
C VAL C 182 -41.65 -49.45 -38.19
N ASP C 183 -41.88 -48.22 -38.64
CA ASP C 183 -43.23 -47.71 -38.79
C ASP C 183 -43.88 -48.21 -40.08
N ASP C 184 -45.17 -47.94 -40.24
CA ASP C 184 -45.92 -48.47 -41.37
C ASP C 184 -45.41 -47.93 -42.71
N GLU C 185 -44.52 -46.95 -42.70
CA GLU C 185 -43.87 -46.49 -43.91
C GLU C 185 -42.43 -46.98 -44.05
N GLY C 186 -41.98 -47.87 -43.18
CA GLY C 186 -40.65 -48.46 -43.28
C GLY C 186 -39.49 -47.58 -42.84
N LYS C 187 -39.69 -46.76 -41.82
CA LYS C 187 -38.67 -45.86 -41.33
C LYS C 187 -38.52 -46.01 -39.83
N VAL C 188 -37.31 -45.82 -39.33
CA VAL C 188 -36.99 -46.04 -37.93
C VAL C 188 -36.84 -44.68 -37.25
N ASP C 189 -37.60 -44.48 -36.17
CA ASP C 189 -37.48 -43.30 -35.33
C ASP C 189 -36.85 -43.71 -34.00
N LYS C 190 -35.78 -43.00 -33.62
CA LYS C 190 -34.96 -43.43 -32.49
C LYS C 190 -35.63 -43.16 -31.15
N ASP C 191 -36.43 -42.09 -31.09
CA ASP C 191 -37.08 -41.69 -29.84
C ASP C 191 -38.25 -42.61 -29.48
N LEU C 192 -38.63 -43.53 -30.37
CA LEU C 192 -39.67 -44.51 -30.01
C LEU C 192 -39.11 -45.66 -29.19
N ILE C 193 -37.81 -45.66 -28.91
CA ILE C 193 -37.17 -46.63 -28.02
C ILE C 193 -36.69 -45.91 -26.78
N LYS C 194 -37.11 -46.41 -25.62
CA LYS C 194 -36.83 -45.78 -24.34
C LYS C 194 -35.68 -46.52 -23.68
N ILE C 195 -34.65 -45.79 -23.28
CA ILE C 195 -33.44 -46.40 -22.74
C ILE C 195 -33.34 -46.01 -21.27
N GLU C 196 -33.32 -47.00 -20.38
CA GLU C 196 -33.34 -46.77 -18.96
C GLU C 196 -32.15 -47.43 -18.28
N LYS C 197 -31.64 -46.76 -17.25
CA LYS C 197 -30.29 -46.99 -16.72
C LYS C 197 -30.33 -47.23 -15.21
N LYS C 198 -30.64 -48.46 -14.81
CA LYS C 198 -30.84 -48.81 -13.40
C LYS C 198 -29.70 -49.71 -12.93
N SER C 199 -28.97 -49.25 -11.91
CA SER C 199 -27.75 -49.93 -11.49
C SER C 199 -28.06 -51.21 -10.71
N GLY C 200 -27.01 -51.87 -10.24
CA GLY C 200 -27.13 -53.18 -9.63
C GLY C 200 -27.04 -54.28 -10.66
N ALA C 201 -26.75 -55.50 -10.19
CA ALA C 201 -26.47 -56.65 -11.05
C ALA C 201 -25.34 -56.40 -12.04
N SER C 202 -25.15 -57.33 -12.97
CA SER C 202 -24.08 -57.25 -13.97
C SER C 202 -24.65 -56.99 -15.36
N ILE C 203 -23.76 -56.51 -16.25
CA ILE C 203 -24.13 -56.06 -17.59
C ILE C 203 -24.91 -57.13 -18.35
N ASP C 204 -24.71 -58.40 -17.99
CA ASP C 204 -25.43 -59.49 -18.64
C ASP C 204 -26.85 -59.66 -18.13
N ASP C 205 -27.25 -58.92 -17.09
CA ASP C 205 -28.62 -58.92 -16.60
C ASP C 205 -29.49 -57.86 -17.31
N THR C 206 -28.96 -57.21 -18.34
CA THR C 206 -29.79 -56.31 -19.15
C THR C 206 -30.89 -57.08 -19.86
N GLU C 207 -32.06 -56.45 -20.00
CA GLU C 207 -33.22 -57.11 -20.57
C GLU C 207 -34.09 -56.11 -21.34
N LEU C 208 -35.03 -56.66 -22.09
CA LEU C 208 -35.92 -55.90 -22.95
C LEU C 208 -37.35 -56.02 -22.45
N ILE C 209 -38.04 -54.88 -22.34
CA ILE C 209 -39.44 -54.84 -21.91
C ILE C 209 -40.31 -54.48 -23.11
N LYS C 210 -41.30 -55.32 -23.39
CA LYS C 210 -42.27 -55.04 -24.45
C LYS C 210 -43.37 -54.13 -23.88
N GLY C 211 -42.97 -52.93 -23.46
CA GLY C 211 -43.88 -52.06 -22.74
C GLY C 211 -43.12 -50.90 -22.10
N VAL C 212 -43.57 -50.45 -20.94
CA VAL C 212 -43.03 -49.22 -20.35
C VAL C 212 -42.69 -49.43 -18.89
N LEU C 213 -41.62 -48.76 -18.45
CA LEU C 213 -41.33 -48.55 -17.04
C LEU C 213 -41.59 -47.08 -16.73
N VAL C 214 -42.40 -46.81 -15.71
CA VAL C 214 -42.82 -45.47 -15.35
C VAL C 214 -42.22 -45.10 -14.00
N ASP C 215 -41.73 -43.86 -13.88
CA ASP C 215 -41.09 -43.39 -12.65
C ASP C 215 -42.16 -42.90 -11.67
N LYS C 216 -43.06 -43.80 -11.28
CA LYS C 216 -44.21 -43.42 -10.45
C LYS C 216 -44.58 -44.58 -9.53
N GLU C 217 -45.27 -44.24 -8.44
CA GLU C 217 -45.93 -45.22 -7.59
C GLU C 217 -47.38 -44.81 -7.39
N ARG C 218 -48.24 -45.80 -7.15
CA ARG C 218 -49.67 -45.55 -7.14
C ARG C 218 -50.05 -44.66 -5.97
N VAL C 219 -51.13 -43.90 -6.14
CA VAL C 219 -51.42 -42.77 -5.25
C VAL C 219 -51.85 -43.26 -3.86
N SER C 220 -52.68 -44.31 -3.81
CA SER C 220 -53.26 -44.77 -2.55
C SER C 220 -52.90 -46.24 -2.35
N ALA C 221 -52.41 -46.59 -1.16
CA ALA C 221 -51.81 -47.91 -0.97
C ALA C 221 -52.84 -49.03 -0.83
N GLN C 222 -54.12 -48.69 -0.70
CA GLN C 222 -55.19 -49.69 -0.76
C GLN C 222 -55.40 -50.19 -2.18
N MET C 223 -54.87 -49.48 -3.17
CA MET C 223 -55.01 -49.78 -4.59
C MET C 223 -54.24 -51.05 -4.94
N PRO C 224 -54.85 -51.99 -5.67
CA PRO C 224 -54.18 -53.27 -5.95
C PRO C 224 -52.83 -53.07 -6.64
N LYS C 225 -51.84 -53.80 -6.16
CA LYS C 225 -50.46 -53.60 -6.59
C LYS C 225 -50.12 -54.45 -7.82
N LYS C 226 -51.02 -55.37 -8.19
CA LYS C 226 -50.84 -56.23 -9.35
C LYS C 226 -52.18 -56.37 -10.07
N VAL C 227 -52.17 -56.17 -11.39
CA VAL C 227 -53.36 -56.29 -12.21
C VAL C 227 -53.01 -57.05 -13.49
N THR C 228 -53.91 -57.94 -13.91
CA THR C 228 -53.75 -58.74 -15.12
C THR C 228 -54.83 -58.37 -16.12
N ASP C 229 -54.48 -58.42 -17.41
CA ASP C 229 -55.33 -57.92 -18.50
C ASP C 229 -55.92 -56.55 -18.15
N ALA C 230 -55.04 -55.60 -17.86
CA ALA C 230 -55.40 -54.24 -17.47
C ALA C 230 -56.18 -53.52 -18.56
N LYS C 231 -57.13 -52.68 -18.13
CA LYS C 231 -57.85 -51.73 -18.98
C LYS C 231 -57.40 -50.33 -18.56
N ILE C 232 -56.55 -49.72 -19.37
CA ILE C 232 -55.78 -48.56 -18.95
C ILE C 232 -56.41 -47.30 -19.53
N ALA C 233 -56.67 -46.31 -18.68
CA ALA C 233 -57.23 -45.03 -19.09
C ALA C 233 -56.19 -43.93 -18.88
N LEU C 234 -56.03 -43.08 -19.89
CA LEU C 234 -55.07 -41.98 -19.85
C LEU C 234 -55.81 -40.65 -19.94
N LEU C 235 -55.49 -39.73 -19.03
CA LEU C 235 -56.13 -38.43 -18.94
C LEU C 235 -55.11 -37.30 -19.00
N ASN C 236 -55.47 -36.24 -19.70
CA ASN C 236 -54.70 -34.99 -19.74
C ASN C 236 -55.30 -33.95 -18.80
N CYS C 237 -56.58 -34.12 -18.46
CA CYS C 237 -57.24 -33.30 -17.46
C CYS C 237 -57.01 -33.85 -16.06
N ALA C 238 -56.97 -32.93 -15.09
CA ALA C 238 -56.83 -33.25 -13.68
C ALA C 238 -58.16 -33.61 -13.06
N ILE C 239 -58.15 -34.58 -12.14
CA ILE C 239 -59.37 -34.96 -11.42
C ILE C 239 -59.45 -34.08 -10.19
N GLU C 240 -60.08 -32.92 -10.34
CA GLU C 240 -60.17 -31.90 -9.31
C GLU C 240 -61.43 -31.08 -9.54
N ILE C 241 -61.83 -30.32 -8.53
CA ILE C 241 -63.04 -29.52 -8.65
C ILE C 241 -62.77 -28.33 -9.57
N LYS C 242 -63.61 -28.18 -10.60
CA LYS C 242 -63.40 -27.15 -11.59
C LYS C 242 -63.57 -25.76 -10.98
N GLU C 243 -62.86 -24.79 -11.54
CA GLU C 243 -62.97 -23.37 -11.20
C GLU C 243 -63.66 -22.63 -12.34
N THR C 244 -64.25 -21.48 -12.02
CA THR C 244 -64.83 -20.62 -13.04
C THR C 244 -63.83 -19.57 -13.47
N GLU C 245 -63.57 -19.50 -14.77
CA GLU C 245 -62.63 -18.52 -15.30
C GLU C 245 -63.26 -17.13 -15.39
N THR C 246 -64.26 -16.86 -14.54
CA THR C 246 -64.93 -15.57 -14.43
C THR C 246 -64.97 -15.02 -13.00
N ASP C 247 -64.41 -15.75 -12.03
CA ASP C 247 -64.38 -15.42 -10.60
C ASP C 247 -65.73 -15.49 -9.87
N ALA C 248 -65.71 -16.01 -8.64
CA ALA C 248 -66.91 -16.47 -7.94
C ALA C 248 -66.83 -16.26 -6.43
N GLU C 249 -68.01 -16.08 -5.82
CA GLU C 249 -68.21 -16.10 -4.36
C GLU C 249 -69.56 -16.77 -4.09
N ILE C 250 -69.63 -17.60 -3.05
CA ILE C 250 -70.85 -18.40 -2.82
C ILE C 250 -71.86 -17.74 -1.88
N ARG C 251 -71.42 -16.88 -0.96
CA ARG C 251 -72.29 -16.06 -0.12
C ARG C 251 -73.36 -16.84 0.64
N ILE C 252 -73.03 -17.23 1.87
CA ILE C 252 -73.87 -18.15 2.64
C ILE C 252 -74.72 -17.36 3.63
N THR C 253 -76.00 -17.17 3.30
CA THR C 253 -76.87 -16.33 4.12
C THR C 253 -77.66 -17.16 5.12
N ASP C 254 -77.90 -18.44 4.83
CA ASP C 254 -78.52 -19.36 5.77
C ASP C 254 -77.45 -20.29 6.33
N PRO C 255 -77.24 -20.30 7.65
CA PRO C 255 -76.31 -21.27 8.26
C PRO C 255 -76.50 -22.71 7.80
N ALA C 256 -77.75 -23.12 7.56
CA ALA C 256 -78.02 -24.49 7.13
C ALA C 256 -77.37 -24.86 5.80
N LYS C 257 -76.78 -23.89 5.09
CA LYS C 257 -76.21 -24.15 3.77
C LYS C 257 -74.69 -24.18 3.78
N LEU C 258 -74.07 -24.46 4.93
CA LEU C 258 -72.63 -24.72 4.95
C LEU C 258 -72.33 -26.14 4.46
N MET C 259 -72.94 -27.14 5.09
CA MET C 259 -72.69 -28.52 4.72
C MET C 259 -73.19 -28.84 3.31
N GLU C 260 -74.24 -28.16 2.87
CA GLU C 260 -74.81 -28.44 1.55
C GLU C 260 -73.83 -28.07 0.44
N PHE C 261 -73.24 -26.87 0.52
CA PHE C 261 -72.23 -26.48 -0.46
C PHE C 261 -71.08 -27.49 -0.48
N ILE C 262 -70.66 -27.97 0.69
CA ILE C 262 -69.51 -28.86 0.81
C ILE C 262 -69.83 -30.25 0.25
N GLU C 263 -71.01 -30.76 0.57
CA GLU C 263 -71.49 -32.03 0.01
C GLU C 263 -71.57 -31.98 -1.51
N GLN C 264 -71.99 -30.84 -2.09
CA GLN C 264 -72.08 -30.79 -3.55
C GLN C 264 -70.69 -30.77 -4.18
N GLU C 265 -69.71 -30.12 -3.54
CA GLU C 265 -68.35 -30.32 -4.06
C GLU C 265 -67.88 -31.77 -3.93
N GLU C 266 -68.26 -32.47 -2.86
CA GLU C 266 -67.90 -33.89 -2.78
C GLU C 266 -68.56 -34.71 -3.90
N LYS C 267 -69.81 -34.39 -4.22
CA LYS C 267 -70.52 -35.14 -5.26
C LYS C 267 -69.91 -34.88 -6.64
N MET C 268 -69.39 -33.67 -6.86
CA MET C 268 -68.78 -33.38 -8.15
C MET C 268 -67.50 -34.18 -8.39
N LEU C 269 -66.90 -34.76 -7.36
CA LEU C 269 -65.80 -35.71 -7.57
C LEU C 269 -66.34 -37.14 -7.65
N LYS C 270 -67.36 -37.44 -6.84
CA LYS C 270 -67.95 -38.77 -6.84
C LYS C 270 -68.43 -39.16 -8.23
N ASP C 271 -69.02 -38.21 -8.95
CA ASP C 271 -69.55 -38.49 -10.28
C ASP C 271 -68.44 -38.71 -11.31
N MET C 272 -67.31 -38.00 -11.17
CA MET C 272 -66.18 -38.25 -12.05
C MET C 272 -65.67 -39.68 -11.90
N VAL C 273 -65.60 -40.15 -10.65
CA VAL C 273 -65.11 -41.52 -10.43
C VAL C 273 -66.13 -42.55 -10.94
N ALA C 274 -67.41 -42.29 -10.71
CA ALA C 274 -68.45 -43.12 -11.32
C ALA C 274 -68.28 -43.23 -12.84
N GLU C 275 -68.02 -42.10 -13.48
CA GLU C 275 -67.86 -42.09 -14.94
C GLU C 275 -66.60 -42.84 -15.39
N ILE C 276 -65.50 -42.70 -14.64
CA ILE C 276 -64.29 -43.44 -14.99
C ILE C 276 -64.56 -44.94 -14.88
N LYS C 277 -65.35 -45.33 -13.89
CA LYS C 277 -65.67 -46.75 -13.73
C LYS C 277 -66.57 -47.26 -14.86
N ALA C 278 -67.55 -46.45 -15.26
CA ALA C 278 -68.50 -46.87 -16.29
C ALA C 278 -67.84 -47.06 -17.65
N SER C 279 -66.70 -46.40 -17.90
CA SER C 279 -65.96 -46.70 -19.13
C SER C 279 -65.47 -48.15 -19.17
N GLY C 280 -65.23 -48.76 -18.02
CA GLY C 280 -64.67 -50.11 -17.98
C GLY C 280 -63.24 -50.18 -17.48
N ALA C 281 -62.67 -49.06 -17.06
CA ALA C 281 -61.25 -48.98 -16.72
C ALA C 281 -60.97 -49.68 -15.38
N ASN C 282 -59.72 -50.12 -15.20
CA ASN C 282 -59.24 -50.53 -13.89
C ASN C 282 -57.80 -50.10 -13.62
N VAL C 283 -57.17 -49.35 -14.52
CA VAL C 283 -55.87 -48.71 -14.31
C VAL C 283 -55.94 -47.31 -14.91
N LEU C 284 -55.35 -46.35 -14.21
CA LEU C 284 -55.44 -44.93 -14.54
C LEU C 284 -54.08 -44.25 -14.51
N PHE C 285 -53.87 -43.34 -15.46
CA PHE C 285 -52.75 -42.42 -15.47
C PHE C 285 -53.27 -41.01 -15.71
N CYS C 286 -52.78 -40.05 -14.93
CA CYS C 286 -53.15 -38.65 -15.05
C CYS C 286 -51.90 -37.80 -15.26
N GLN C 287 -51.90 -37.00 -16.32
CA GLN C 287 -50.79 -36.08 -16.59
C GLN C 287 -50.79 -34.88 -15.64
N LYS C 288 -51.68 -34.87 -14.64
CA LYS C 288 -51.96 -33.70 -13.81
C LYS C 288 -52.55 -34.19 -12.49
N GLY C 289 -52.99 -33.26 -11.65
CA GLY C 289 -53.30 -33.59 -10.27
C GLY C 289 -54.56 -34.41 -10.08
N ILE C 290 -54.54 -35.24 -9.05
CA ILE C 290 -55.71 -35.95 -8.54
C ILE C 290 -55.87 -35.56 -7.08
N ASP C 291 -57.07 -35.13 -6.70
CA ASP C 291 -57.35 -34.69 -5.34
C ASP C 291 -57.38 -35.87 -4.37
N ASP C 292 -57.11 -35.56 -3.09
CA ASP C 292 -57.04 -36.61 -2.07
C ASP C 292 -58.38 -37.27 -1.77
N LEU C 293 -59.51 -36.63 -2.12
CA LEU C 293 -60.79 -37.32 -2.02
C LEU C 293 -61.09 -38.16 -3.27
N ALA C 294 -60.65 -37.69 -4.43
CA ALA C 294 -60.73 -38.47 -5.65
C ALA C 294 -59.95 -39.77 -5.49
N GLN C 295 -58.79 -39.69 -4.84
CA GLN C 295 -57.96 -40.85 -4.52
C GLN C 295 -58.72 -41.85 -3.66
N HIS C 296 -59.51 -41.33 -2.72
CA HIS C 296 -60.36 -42.18 -1.89
C HIS C 296 -61.35 -42.95 -2.75
N TYR C 297 -62.09 -42.25 -3.61
CA TYR C 297 -63.11 -42.97 -4.38
C TYR C 297 -62.47 -43.95 -5.34
N LEU C 298 -61.33 -43.58 -5.92
CA LEU C 298 -60.57 -44.51 -6.76
C LEU C 298 -60.13 -45.76 -6.01
N ALA C 299 -59.60 -45.61 -4.78
CA ALA C 299 -59.26 -46.78 -3.98
C ALA C 299 -60.49 -47.51 -3.43
N LYS C 300 -61.66 -46.87 -3.48
CA LYS C 300 -62.86 -47.54 -3.01
C LYS C 300 -63.48 -48.36 -4.14
N GLU C 301 -63.25 -47.94 -5.37
CA GLU C 301 -63.74 -48.66 -6.54
C GLU C 301 -62.77 -49.73 -7.02
N GLY C 302 -61.60 -49.85 -6.39
CA GLY C 302 -60.52 -50.68 -6.90
C GLY C 302 -59.95 -50.34 -8.26
N ILE C 303 -59.65 -49.06 -8.49
CA ILE C 303 -58.99 -48.60 -9.71
C ILE C 303 -57.60 -48.11 -9.34
N VAL C 304 -56.57 -48.54 -10.09
CA VAL C 304 -55.20 -48.16 -9.80
C VAL C 304 -54.88 -46.87 -10.57
N ALA C 305 -54.29 -45.90 -9.85
CA ALA C 305 -54.08 -44.56 -10.40
C ALA C 305 -52.70 -44.01 -10.07
N ALA C 306 -52.10 -43.34 -11.06
CA ALA C 306 -50.91 -42.52 -10.88
C ALA C 306 -51.20 -41.12 -11.40
N ARG C 307 -50.48 -40.13 -10.86
CA ARG C 307 -50.77 -38.73 -11.15
C ARG C 307 -49.52 -37.96 -11.56
N ARG C 308 -49.74 -36.80 -12.17
CA ARG C 308 -48.68 -35.91 -12.65
C ARG C 308 -47.64 -36.65 -13.50
N VAL C 309 -48.11 -37.52 -14.38
CA VAL C 309 -47.24 -38.27 -15.28
C VAL C 309 -46.78 -37.33 -16.37
N LYS C 310 -45.50 -37.42 -16.70
CA LYS C 310 -44.91 -36.53 -17.69
C LYS C 310 -45.33 -36.89 -19.11
N LYS C 311 -45.30 -35.88 -19.98
CA LYS C 311 -45.94 -35.97 -21.29
C LYS C 311 -45.33 -37.06 -22.15
N SER C 312 -44.00 -37.20 -22.12
CA SER C 312 -43.33 -38.21 -22.93
C SER C 312 -43.74 -39.62 -22.51
N ASP C 313 -43.88 -39.83 -21.20
CA ASP C 313 -44.39 -41.10 -20.70
C ASP C 313 -45.84 -41.32 -21.12
N MET C 314 -46.62 -40.26 -21.21
CA MET C 314 -47.99 -40.36 -21.72
C MET C 314 -47.99 -40.81 -23.18
N GLU C 315 -47.09 -40.24 -23.99
CA GLU C 315 -46.93 -40.64 -25.38
C GLU C 315 -46.57 -42.11 -25.49
N LYS C 316 -45.59 -42.56 -24.69
CA LYS C 316 -45.12 -43.94 -24.77
C LYS C 316 -46.18 -44.93 -24.27
N LEU C 317 -46.94 -44.54 -23.24
CA LEU C 317 -48.08 -45.37 -22.82
C LEU C 317 -49.14 -45.50 -23.92
N ALA C 318 -49.53 -44.36 -24.51
CA ALA C 318 -50.52 -44.38 -25.59
C ALA C 318 -50.03 -45.23 -26.76
N LYS C 319 -48.73 -45.14 -27.07
CA LYS C 319 -48.15 -45.95 -28.12
C LYS C 319 -48.21 -47.44 -27.78
N ALA C 320 -47.85 -47.78 -26.54
CA ALA C 320 -47.63 -49.17 -26.18
C ALA C 320 -48.94 -49.93 -26.03
N THR C 321 -49.93 -49.29 -25.39
CA THR C 321 -51.19 -49.92 -25.04
C THR C 321 -52.28 -49.75 -26.10
N GLY C 322 -52.18 -48.69 -26.91
CA GLY C 322 -53.26 -48.35 -27.84
C GLY C 322 -54.34 -47.50 -27.23
N ALA C 323 -54.11 -46.95 -26.04
CA ALA C 323 -55.06 -46.04 -25.41
C ALA C 323 -54.99 -44.66 -26.05
N ASN C 324 -56.05 -43.89 -25.86
CA ASN C 324 -56.13 -42.52 -26.36
C ASN C 324 -56.11 -41.55 -25.18
N VAL C 325 -55.21 -40.57 -25.24
CA VAL C 325 -55.17 -39.55 -24.19
C VAL C 325 -56.43 -38.70 -24.28
N ILE C 326 -57.15 -38.59 -23.18
CA ILE C 326 -58.45 -37.93 -23.12
C ILE C 326 -58.31 -36.63 -22.36
N THR C 327 -58.93 -35.56 -22.86
CA THR C 327 -58.83 -34.25 -22.21
C THR C 327 -60.06 -33.90 -21.37
N ASN C 328 -61.13 -34.66 -21.47
CA ASN C 328 -62.39 -34.36 -20.77
C ASN C 328 -63.11 -35.67 -20.47
N ILE C 329 -63.51 -35.86 -19.21
CA ILE C 329 -63.91 -37.20 -18.77
C ILE C 329 -65.31 -37.58 -19.27
N LYS C 330 -66.10 -36.60 -19.69
CA LYS C 330 -67.45 -36.88 -20.16
C LYS C 330 -67.46 -37.65 -21.48
N ASP C 331 -66.35 -37.62 -22.21
CA ASP C 331 -66.29 -38.30 -23.50
C ASP C 331 -65.64 -39.68 -23.40
N LEU C 332 -65.06 -40.01 -22.25
CA LEU C 332 -64.34 -41.25 -22.06
C LEU C 332 -65.29 -42.44 -22.19
N SER C 333 -64.89 -43.43 -22.98
CA SER C 333 -65.74 -44.56 -23.34
C SER C 333 -64.88 -45.80 -23.50
N ALA C 334 -65.52 -46.93 -23.82
CA ALA C 334 -64.76 -48.16 -24.04
C ALA C 334 -63.90 -48.10 -25.30
N GLN C 335 -64.16 -47.10 -26.15
CA GLN C 335 -63.40 -46.90 -27.38
C GLN C 335 -62.00 -46.36 -27.10
N ASP C 336 -61.83 -45.70 -25.96
CA ASP C 336 -60.62 -44.95 -25.63
C ASP C 336 -59.65 -45.73 -24.77
N LEU C 337 -60.02 -46.94 -24.34
CA LEU C 337 -59.21 -47.68 -23.37
C LEU C 337 -58.18 -48.55 -24.07
N GLY C 338 -56.96 -48.55 -23.53
CA GLY C 338 -55.94 -49.46 -24.01
C GLY C 338 -55.97 -50.79 -23.26
N ASP C 339 -55.13 -51.72 -23.70
CA ASP C 339 -55.07 -53.04 -23.11
C ASP C 339 -53.62 -53.45 -22.89
N ALA C 340 -53.37 -54.14 -21.77
CA ALA C 340 -52.04 -54.65 -21.44
C ALA C 340 -52.18 -55.84 -20.48
N GLY C 341 -51.42 -56.90 -20.78
CA GLY C 341 -51.62 -58.16 -20.10
C GLY C 341 -51.23 -58.15 -18.64
N LEU C 342 -50.29 -57.29 -18.25
CA LEU C 342 -49.81 -57.28 -16.87
C LEU C 342 -49.33 -55.89 -16.48
N VAL C 343 -49.80 -55.41 -15.31
CA VAL C 343 -49.34 -54.18 -14.68
C VAL C 343 -49.04 -54.47 -13.22
N GLU C 344 -47.86 -54.05 -12.77
CA GLU C 344 -47.49 -54.25 -11.37
C GLU C 344 -46.48 -53.20 -10.93
N GLU C 345 -46.62 -52.74 -9.69
CA GLU C 345 -45.60 -51.89 -9.07
C GLU C 345 -44.51 -52.77 -8.48
N ARG C 346 -43.25 -52.38 -8.69
CA ARG C 346 -42.10 -53.09 -8.14
C ARG C 346 -41.09 -52.13 -7.54
N LYS C 347 -40.18 -52.67 -6.70
CA LYS C 347 -39.04 -51.91 -6.21
C LYS C 347 -37.79 -52.50 -6.83
N ILE C 348 -37.01 -51.65 -7.52
CA ILE C 348 -35.83 -52.09 -8.25
C ILE C 348 -34.74 -51.04 -8.06
N SER C 349 -33.53 -51.50 -7.73
CA SER C 349 -32.36 -50.63 -7.59
C SER C 349 -32.58 -49.51 -6.57
N GLY C 350 -33.56 -49.71 -5.69
CA GLY C 350 -33.91 -48.80 -4.61
C GLY C 350 -35.04 -47.84 -4.95
N ASP C 351 -35.53 -47.85 -6.18
CA ASP C 351 -36.61 -46.97 -6.62
C ASP C 351 -37.89 -47.75 -6.84
N SER C 352 -39.00 -47.18 -6.39
CA SER C 352 -40.33 -47.71 -6.68
C SER C 352 -40.75 -47.32 -8.10
N MET C 353 -41.12 -48.31 -8.90
CA MET C 353 -41.50 -48.05 -10.29
C MET C 353 -42.69 -48.92 -10.68
N ILE C 354 -43.45 -48.43 -11.65
CA ILE C 354 -44.61 -49.14 -12.19
C ILE C 354 -44.23 -49.76 -13.52
N PHE C 355 -44.53 -51.05 -13.68
CA PHE C 355 -44.15 -51.81 -14.86
C PHE C 355 -45.39 -52.19 -15.67
N VAL C 356 -45.33 -51.94 -16.98
CA VAL C 356 -46.39 -52.34 -17.90
C VAL C 356 -45.83 -53.40 -18.84
N GLU C 357 -46.50 -54.55 -18.92
CA GLU C 357 -45.95 -55.68 -19.67
C GLU C 357 -47.04 -56.41 -20.46
N GLU C 358 -46.57 -57.21 -21.42
CA GLU C 358 -47.43 -58.01 -22.31
C GLU C 358 -48.47 -57.13 -23.01
N CYS C 359 -47.97 -56.19 -23.82
CA CYS C 359 -48.82 -55.23 -24.49
C CYS C 359 -49.44 -55.85 -25.75
N LYS C 360 -50.61 -55.32 -26.10
CA LYS C 360 -51.42 -55.93 -27.16
C LYS C 360 -50.76 -55.80 -28.53
N HIS C 361 -50.23 -54.62 -28.84
CA HIS C 361 -49.46 -54.41 -30.06
C HIS C 361 -48.52 -53.23 -29.84
N PRO C 362 -47.35 -53.47 -29.25
CA PRO C 362 -46.46 -52.35 -28.88
C PRO C 362 -45.80 -51.66 -30.06
N LYS C 363 -46.13 -50.38 -30.24
CA LYS C 363 -45.39 -49.51 -31.15
C LYS C 363 -44.26 -48.76 -30.46
N ALA C 364 -43.97 -49.08 -29.20
CA ALA C 364 -42.84 -48.51 -28.47
C ALA C 364 -42.34 -49.55 -27.46
N VAL C 365 -41.02 -49.54 -27.23
CA VAL C 365 -40.37 -50.53 -26.38
C VAL C 365 -39.36 -49.87 -25.46
N THR C 366 -39.06 -50.55 -24.35
CA THR C 366 -38.13 -50.06 -23.33
C THR C 366 -36.99 -51.05 -23.13
N MET C 367 -35.76 -50.53 -23.12
CA MET C 367 -34.57 -51.33 -22.85
C MET C 367 -33.99 -50.96 -21.49
N LEU C 368 -33.78 -51.96 -20.64
CA LEU C 368 -33.38 -51.76 -19.24
C LEU C 368 -31.92 -52.17 -19.09
N ILE C 369 -31.03 -51.19 -19.00
CA ILE C 369 -29.59 -51.46 -18.93
C ILE C 369 -29.16 -51.58 -17.46
N ARG C 370 -28.52 -52.70 -17.13
CA ARG C 370 -28.06 -53.00 -15.78
C ARG C 370 -26.55 -52.88 -15.70
N GLY C 371 -26.04 -52.75 -14.47
CA GLY C 371 -24.60 -52.58 -14.28
C GLY C 371 -24.17 -52.28 -12.86
N THR C 372 -22.93 -52.64 -12.56
CA THR C 372 -22.39 -52.59 -11.20
C THR C 372 -21.91 -51.21 -10.80
N THR C 373 -22.07 -50.21 -11.68
CA THR C 373 -21.48 -48.90 -11.41
C THR C 373 -22.05 -47.90 -12.40
N GLU C 374 -22.20 -46.65 -11.95
CA GLU C 374 -22.83 -45.64 -12.80
C GLU C 374 -21.95 -45.27 -13.99
N HIS C 375 -20.64 -45.21 -13.78
CA HIS C 375 -19.71 -45.00 -14.89
C HIS C 375 -19.74 -46.14 -15.89
N VAL C 376 -20.18 -47.33 -15.47
CA VAL C 376 -20.31 -48.44 -16.41
C VAL C 376 -21.54 -48.24 -17.30
N ILE C 377 -22.64 -47.82 -16.69
CA ILE C 377 -23.92 -47.72 -17.40
C ILE C 377 -23.93 -46.52 -18.32
N GLU C 378 -23.27 -45.44 -17.90
CA GLU C 378 -23.13 -44.25 -18.74
C GLU C 378 -22.29 -44.53 -19.97
N GLU C 379 -21.63 -45.69 -20.03
CA GLU C 379 -20.94 -46.09 -21.25
C GLU C 379 -21.72 -47.12 -22.04
N VAL C 380 -22.35 -48.06 -21.34
CA VAL C 380 -23.16 -49.07 -22.03
C VAL C 380 -24.29 -48.40 -22.81
N ALA C 381 -24.83 -47.31 -22.27
CA ALA C 381 -25.87 -46.58 -22.99
C ALA C 381 -25.37 -46.06 -24.34
N ARG C 382 -24.16 -45.54 -24.38
CA ARG C 382 -23.55 -45.09 -25.63
C ARG C 382 -23.35 -46.27 -26.60
N ALA C 383 -22.83 -47.37 -26.06
CA ALA C 383 -22.59 -48.56 -26.89
C ALA C 383 -23.88 -49.14 -27.45
N VAL C 384 -25.02 -48.82 -26.85
CA VAL C 384 -26.29 -49.30 -27.38
C VAL C 384 -26.89 -48.29 -28.35
N ASP C 385 -26.69 -46.99 -28.09
CA ASP C 385 -27.19 -45.97 -28.99
C ASP C 385 -26.56 -46.10 -30.37
N ASP C 386 -25.26 -46.42 -30.42
CA ASP C 386 -24.56 -46.58 -31.69
C ASP C 386 -25.11 -47.74 -32.52
N ALA C 387 -25.45 -48.84 -31.85
CA ALA C 387 -26.02 -50.00 -32.53
C ALA C 387 -27.44 -49.73 -33.01
N VAL C 388 -28.24 -49.00 -32.24
CA VAL C 388 -29.55 -48.57 -32.73
C VAL C 388 -29.40 -47.75 -34.00
N GLY C 389 -28.43 -46.84 -34.00
CA GLY C 389 -28.09 -46.11 -35.23
C GLY C 389 -27.83 -46.96 -36.46
N VAL C 390 -26.79 -47.79 -36.38
CA VAL C 390 -26.43 -48.61 -37.55
C VAL C 390 -27.53 -49.58 -37.97
N VAL C 391 -28.33 -50.08 -37.02
CA VAL C 391 -29.42 -50.97 -37.39
C VAL C 391 -30.51 -50.20 -38.14
N GLY C 392 -30.86 -49.00 -37.68
CA GLY C 392 -31.79 -48.18 -38.43
C GLY C 392 -31.31 -47.88 -39.83
N CYS C 393 -30.02 -47.56 -39.97
CA CYS C 393 -29.45 -47.28 -41.29
C CYS C 393 -29.63 -48.46 -42.24
N THR C 394 -29.31 -49.67 -41.78
CA THR C 394 -29.46 -50.85 -42.62
C THR C 394 -30.92 -51.14 -42.97
N ILE C 395 -31.82 -50.90 -42.02
CA ILE C 395 -33.23 -51.19 -42.25
C ILE C 395 -33.83 -50.20 -43.24
N GLU C 396 -33.37 -48.95 -43.19
CA GLU C 396 -33.93 -47.92 -44.06
C GLU C 396 -33.37 -47.99 -45.48
N ASP C 397 -32.05 -48.15 -45.60
CA ASP C 397 -31.42 -48.06 -46.92
C ASP C 397 -31.25 -49.42 -47.61
N GLY C 398 -31.10 -50.48 -46.82
CA GLY C 398 -30.75 -51.80 -47.34
C GLY C 398 -29.50 -51.88 -48.18
N ARG C 399 -28.40 -51.27 -47.75
CA ARG C 399 -27.13 -51.34 -48.44
C ARG C 399 -26.00 -51.41 -47.42
N ILE C 400 -25.04 -52.32 -47.64
CA ILE C 400 -23.98 -52.55 -46.67
C ILE C 400 -22.63 -52.50 -47.36
N VAL C 401 -21.58 -52.25 -46.56
CA VAL C 401 -20.22 -52.17 -47.06
C VAL C 401 -19.32 -53.00 -46.15
N SER C 402 -18.19 -53.43 -46.70
CA SER C 402 -17.23 -54.26 -45.97
C SER C 402 -16.42 -53.42 -45.00
N GLY C 403 -16.08 -54.01 -43.85
CA GLY C 403 -15.44 -53.29 -42.77
C GLY C 403 -13.94 -53.52 -42.71
N GLY C 404 -13.38 -53.19 -41.55
CA GLY C 404 -11.95 -53.30 -41.33
C GLY C 404 -11.09 -52.50 -42.28
N GLY C 405 -11.56 -51.32 -42.71
CA GLY C 405 -10.86 -50.50 -43.66
C GLY C 405 -10.69 -51.09 -45.05
N SER C 406 -11.34 -52.21 -45.38
CA SER C 406 -11.28 -52.68 -46.75
C SER C 406 -11.94 -51.75 -47.77
N THR C 407 -12.71 -50.76 -47.32
CA THR C 407 -13.35 -49.87 -48.27
C THR C 407 -12.43 -48.73 -48.69
N GLU C 408 -11.65 -48.21 -47.74
CA GLU C 408 -10.79 -47.07 -48.02
C GLU C 408 -9.67 -47.42 -49.00
N VAL C 409 -9.11 -48.64 -48.91
CA VAL C 409 -8.11 -49.06 -49.89
C VAL C 409 -8.70 -49.14 -51.28
N GLU C 410 -9.91 -49.67 -51.40
CA GLU C 410 -10.58 -49.72 -52.70
C GLU C 410 -10.81 -48.33 -53.26
N LEU C 411 -11.26 -47.41 -52.43
CA LEU C 411 -11.52 -46.06 -52.89
C LEU C 411 -10.23 -45.36 -53.32
N SER C 412 -9.16 -45.53 -52.54
CA SER C 412 -7.89 -44.93 -52.90
C SER C 412 -7.41 -45.43 -54.26
N MET C 413 -7.47 -46.75 -54.48
CA MET C 413 -7.08 -47.31 -55.77
C MET C 413 -7.93 -46.76 -56.92
N LYS C 414 -9.25 -46.78 -56.75
CA LYS C 414 -10.17 -46.37 -57.81
C LYS C 414 -10.17 -44.86 -58.05
N LEU C 415 -9.66 -44.08 -57.09
CA LEU C 415 -9.45 -42.66 -57.34
C LEU C 415 -8.10 -42.40 -57.99
N ARG C 416 -7.14 -43.30 -57.79
CA ARG C 416 -5.86 -43.13 -58.48
C ARG C 416 -6.00 -43.50 -59.96
N GLU C 417 -6.80 -44.53 -60.26
CA GLU C 417 -7.19 -44.82 -61.64
C GLU C 417 -7.98 -43.66 -62.26
N TYR C 418 -8.71 -42.90 -61.43
CA TYR C 418 -9.36 -41.67 -61.88
C TYR C 418 -8.35 -40.56 -62.20
N ALA C 419 -7.35 -40.40 -61.35
CA ALA C 419 -6.52 -39.21 -61.41
C ALA C 419 -5.70 -39.12 -62.70
N GLU C 420 -5.48 -40.25 -63.40
CA GLU C 420 -4.76 -40.16 -64.67
C GLU C 420 -5.59 -39.57 -65.79
N GLY C 421 -6.92 -39.58 -65.66
CA GLY C 421 -7.74 -38.92 -66.67
C GLY C 421 -7.74 -37.41 -66.54
N ILE C 422 -7.59 -36.90 -65.32
CA ILE C 422 -7.58 -35.47 -65.06
C ILE C 422 -6.21 -34.90 -65.38
N SER C 423 -6.18 -33.73 -66.01
CA SER C 423 -4.92 -33.10 -66.35
C SER C 423 -4.92 -31.65 -65.86
N GLY C 424 -3.72 -31.10 -65.71
CA GLY C 424 -3.50 -29.83 -65.06
C GLY C 424 -2.92 -30.04 -63.67
N ARG C 425 -3.24 -29.15 -62.74
CA ARG C 425 -2.65 -29.22 -61.41
C ARG C 425 -3.65 -29.66 -60.34
N GLU C 426 -4.95 -29.72 -60.66
CA GLU C 426 -5.89 -30.39 -59.78
C GLU C 426 -5.58 -31.87 -59.63
N GLN C 427 -4.81 -32.46 -60.54
CA GLN C 427 -4.42 -33.86 -60.43
C GLN C 427 -3.62 -34.10 -59.15
N LEU C 428 -2.82 -33.11 -58.75
CA LEU C 428 -2.06 -33.22 -57.51
C LEU C 428 -2.97 -33.33 -56.31
N ALA C 429 -3.99 -32.47 -56.25
CA ALA C 429 -4.95 -32.49 -55.15
C ALA C 429 -5.80 -33.75 -55.16
N VAL C 430 -6.14 -34.27 -56.34
CA VAL C 430 -6.90 -35.52 -56.43
C VAL C 430 -6.08 -36.68 -55.88
N ARG C 431 -4.77 -36.69 -56.16
CA ARG C 431 -3.91 -37.74 -55.62
C ARG C 431 -3.76 -37.60 -54.11
N ALA C 432 -3.58 -36.38 -53.61
CA ALA C 432 -3.47 -36.17 -52.17
C ALA C 432 -4.76 -36.53 -51.45
N PHE C 433 -5.91 -36.37 -52.11
CA PHE C 433 -7.16 -36.81 -51.52
C PHE C 433 -7.23 -38.33 -51.47
N ALA C 434 -6.85 -39.00 -52.56
CA ALA C 434 -6.91 -40.45 -52.62
C ALA C 434 -5.94 -41.09 -51.63
N ASP C 435 -4.83 -40.41 -51.35
CA ASP C 435 -3.80 -40.93 -50.46
C ASP C 435 -4.11 -40.59 -49.00
N ALA C 436 -5.16 -39.81 -48.74
CA ALA C 436 -5.52 -39.42 -47.38
C ALA C 436 -6.55 -40.36 -46.76
N LEU C 437 -7.18 -41.21 -47.56
CA LEU C 437 -8.22 -42.09 -47.04
C LEU C 437 -7.61 -43.33 -46.38
N GLU C 438 -6.37 -43.64 -46.72
CA GLU C 438 -5.66 -44.77 -46.12
C GLU C 438 -5.19 -44.49 -44.71
N VAL C 439 -5.57 -43.36 -44.11
CA VAL C 439 -5.26 -43.08 -42.72
C VAL C 439 -5.97 -44.06 -41.79
N ILE C 440 -7.12 -44.58 -42.23
CA ILE C 440 -7.99 -45.41 -41.41
C ILE C 440 -7.40 -46.81 -41.25
N PRO C 441 -7.06 -47.53 -42.33
CA PRO C 441 -6.40 -48.83 -42.16
C PRO C 441 -5.00 -48.71 -41.57
N ARG C 442 -4.30 -47.61 -41.85
CA ARG C 442 -3.07 -47.31 -41.14
C ARG C 442 -3.28 -47.24 -39.63
N THR C 443 -4.22 -46.40 -39.17
CA THR C 443 -4.44 -46.29 -37.72
C THR C 443 -4.97 -47.59 -37.12
N LEU C 444 -5.74 -48.36 -37.90
CA LEU C 444 -6.25 -49.63 -37.41
C LEU C 444 -5.12 -50.60 -37.12
N ALA C 445 -4.01 -50.49 -37.85
CA ALA C 445 -2.82 -51.26 -37.50
C ALA C 445 -2.00 -50.58 -36.40
N GLU C 446 -1.96 -49.24 -36.38
CA GLU C 446 -1.15 -48.51 -35.41
C GLU C 446 -1.60 -48.80 -33.98
N ASN C 447 -2.91 -48.86 -33.77
CA ASN C 447 -3.43 -49.04 -32.41
C ASN C 447 -3.18 -50.45 -31.86
N ALA C 448 -3.23 -51.47 -32.72
CA ALA C 448 -3.00 -52.85 -32.32
C ALA C 448 -1.52 -53.18 -32.16
N GLY C 449 -0.63 -52.20 -32.33
CA GLY C 449 0.80 -52.44 -32.24
C GLY C 449 1.38 -53.24 -33.38
N LEU C 450 0.76 -53.17 -34.55
CA LEU C 450 1.25 -53.88 -35.73
C LEU C 450 2.13 -52.96 -36.56
N ASP C 451 2.78 -53.53 -37.57
CA ASP C 451 3.70 -52.80 -38.45
C ASP C 451 2.89 -52.32 -39.64
N ALA C 452 2.55 -51.04 -39.64
CA ALA C 452 1.57 -50.52 -40.59
C ALA C 452 2.11 -50.52 -42.02
N ILE C 453 3.39 -50.22 -42.19
CA ILE C 453 3.95 -50.08 -43.54
C ILE C 453 4.04 -51.43 -44.23
N GLU C 454 4.28 -52.50 -43.45
CA GLU C 454 4.31 -53.84 -44.03
C GLU C 454 2.89 -54.38 -44.24
N ILE C 455 1.95 -53.96 -43.39
CA ILE C 455 0.57 -54.45 -43.52
C ILE C 455 -0.09 -53.86 -44.75
N LEU C 456 0.07 -52.56 -44.95
CA LEU C 456 -0.70 -51.83 -45.97
C LEU C 456 -0.41 -52.34 -47.38
N VAL C 457 0.84 -52.77 -47.64
CA VAL C 457 1.20 -53.27 -48.95
C VAL C 457 0.47 -54.58 -49.25
N LYS C 458 0.44 -55.49 -48.28
CA LYS C 458 -0.26 -56.76 -48.46
C LYS C 458 -1.76 -56.52 -48.69
N VAL C 459 -2.32 -55.57 -47.93
CA VAL C 459 -3.74 -55.22 -48.09
C VAL C 459 -4.00 -54.70 -49.50
N ARG C 460 -3.14 -53.82 -50.00
CA ARG C 460 -3.30 -53.32 -51.36
C ARG C 460 -3.20 -54.45 -52.38
N ALA C 461 -2.20 -55.31 -52.22
CA ALA C 461 -1.95 -56.39 -53.18
C ALA C 461 -3.16 -57.30 -53.32
N ALA C 462 -3.82 -57.59 -52.19
CA ALA C 462 -5.01 -58.43 -52.21
C ALA C 462 -6.09 -57.85 -53.11
N HIS C 463 -6.16 -56.52 -53.21
CA HIS C 463 -7.16 -55.88 -54.05
C HIS C 463 -6.71 -55.89 -55.51
N ALA C 464 -5.46 -55.48 -55.75
CA ALA C 464 -4.99 -55.23 -57.11
C ALA C 464 -5.05 -56.47 -58.01
N SER C 465 -5.11 -57.66 -57.42
CA SER C 465 -5.07 -58.89 -58.20
C SER C 465 -6.44 -59.53 -58.42
N ASN C 466 -7.53 -58.90 -57.98
CA ASN C 466 -8.81 -59.60 -57.89
C ASN C 466 -10.03 -58.72 -58.14
N GLY C 467 -9.98 -57.43 -57.84
CA GLY C 467 -11.24 -56.75 -57.67
C GLY C 467 -11.96 -57.21 -56.41
N ASN C 468 -11.21 -57.74 -55.45
CA ASN C 468 -11.77 -58.15 -54.16
C ASN C 468 -12.19 -56.90 -53.40
N LYS C 469 -13.50 -56.72 -53.23
CA LYS C 469 -14.02 -55.55 -52.53
C LYS C 469 -13.71 -55.61 -51.04
N CYS C 470 -13.39 -56.79 -50.51
CA CYS C 470 -13.61 -57.11 -49.11
C CYS C 470 -12.34 -57.23 -48.26
N ALA C 471 -11.18 -57.51 -48.85
CA ALA C 471 -10.03 -57.92 -48.07
C ALA C 471 -9.48 -56.78 -47.22
N GLY C 472 -9.07 -57.10 -45.99
CA GLY C 472 -8.65 -56.10 -45.03
C GLY C 472 -7.98 -56.73 -43.83
N LEU C 473 -7.63 -55.87 -42.87
CA LEU C 473 -6.81 -56.28 -41.73
C LEU C 473 -7.63 -57.00 -40.67
N ASN C 474 -7.12 -58.14 -40.21
CA ASN C 474 -7.58 -58.79 -38.98
C ASN C 474 -6.62 -58.38 -37.87
N VAL C 475 -7.10 -57.54 -36.94
CA VAL C 475 -6.24 -56.95 -35.91
C VAL C 475 -5.96 -57.88 -34.75
N PHE C 476 -6.35 -59.16 -34.85
CA PHE C 476 -6.14 -60.14 -33.79
C PHE C 476 -5.10 -61.18 -34.19
N THR C 477 -5.38 -61.94 -35.24
CA THR C 477 -4.37 -62.75 -35.90
C THR C 477 -3.28 -61.93 -36.58
N GLY C 478 -3.47 -60.62 -36.78
CA GLY C 478 -2.45 -59.87 -37.48
C GLY C 478 -2.27 -60.27 -38.94
N ALA C 479 -3.36 -60.48 -39.66
CA ALA C 479 -3.29 -61.01 -41.02
C ALA C 479 -4.43 -60.44 -41.86
N VAL C 480 -4.32 -60.63 -43.17
CA VAL C 480 -5.20 -59.98 -44.14
C VAL C 480 -6.28 -60.97 -44.55
N GLU C 481 -7.53 -60.62 -44.30
CA GLU C 481 -8.62 -61.57 -44.51
C GLU C 481 -9.82 -60.92 -45.15
N ASP C 482 -10.68 -61.77 -45.72
CA ASP C 482 -11.97 -61.36 -46.29
C ASP C 482 -12.87 -60.90 -45.14
N MET C 483 -13.27 -59.64 -45.17
CA MET C 483 -14.02 -59.07 -44.05
C MET C 483 -15.52 -59.33 -44.15
N CYS C 484 -15.98 -59.97 -45.23
CA CYS C 484 -17.38 -60.39 -45.30
C CYS C 484 -17.56 -61.81 -44.78
N GLU C 485 -16.62 -62.70 -45.10
CA GLU C 485 -16.60 -64.03 -44.50
C GLU C 485 -16.38 -63.95 -43.00
N ASN C 486 -15.64 -62.93 -42.55
CA ASN C 486 -15.42 -62.67 -41.13
C ASN C 486 -16.64 -62.08 -40.44
N GLY C 487 -17.58 -61.54 -41.20
CA GLY C 487 -18.76 -60.92 -40.64
C GLY C 487 -18.61 -59.50 -40.10
N VAL C 488 -17.65 -58.74 -40.61
CA VAL C 488 -17.45 -57.35 -40.19
C VAL C 488 -18.08 -56.45 -41.25
N VAL C 489 -19.29 -55.97 -40.97
CA VAL C 489 -20.14 -55.30 -41.96
C VAL C 489 -20.63 -53.97 -41.40
N GLU C 490 -20.80 -52.99 -42.28
CA GLU C 490 -21.27 -51.68 -41.87
C GLU C 490 -22.31 -51.18 -42.88
N PRO C 491 -23.16 -50.23 -42.49
CA PRO C 491 -24.12 -49.69 -43.45
C PRO C 491 -23.51 -48.59 -44.31
N LEU C 492 -23.96 -48.55 -45.57
CA LEU C 492 -23.34 -47.67 -46.57
C LEU C 492 -23.38 -46.21 -46.16
N ARG C 493 -24.44 -45.82 -45.44
CA ARG C 493 -24.64 -44.42 -45.07
C ARG C 493 -23.54 -43.89 -44.14
N VAL C 494 -22.75 -44.79 -43.55
CA VAL C 494 -21.69 -44.36 -42.63
C VAL C 494 -20.49 -43.81 -43.39
N LYS C 495 -20.24 -44.31 -44.61
CA LYS C 495 -19.11 -43.85 -45.40
C LYS C 495 -19.41 -42.55 -46.14
N THR C 496 -20.51 -42.56 -46.92
CA THR C 496 -20.90 -41.40 -47.72
C THR C 496 -20.99 -40.14 -46.87
N GLN C 497 -21.75 -40.21 -45.77
CA GLN C 497 -21.88 -39.07 -44.87
C GLN C 497 -20.52 -38.62 -44.33
N ALA C 498 -19.65 -39.57 -43.96
CA ALA C 498 -18.36 -39.22 -43.38
C ALA C 498 -17.53 -38.41 -44.37
N ILE C 499 -17.36 -38.94 -45.57
CA ILE C 499 -16.56 -38.27 -46.60
C ILE C 499 -17.18 -36.93 -46.96
N GLN C 500 -18.52 -36.88 -47.00
CA GLN C 500 -19.24 -35.69 -47.43
C GLN C 500 -19.00 -34.54 -46.44
N SER C 501 -19.25 -34.82 -45.15
CA SER C 501 -18.95 -33.88 -44.07
C SER C 501 -17.50 -33.42 -44.10
N ALA C 502 -16.55 -34.36 -44.23
CA ALA C 502 -15.14 -34.01 -44.08
C ALA C 502 -14.65 -33.13 -45.22
N ALA C 503 -15.06 -33.44 -46.44
CA ALA C 503 -14.66 -32.61 -47.58
C ALA C 503 -15.24 -31.20 -47.45
N GLU C 504 -16.55 -31.11 -47.15
CA GLU C 504 -17.21 -29.81 -47.07
C GLU C 504 -16.63 -28.96 -45.95
N SER C 505 -16.18 -29.57 -44.85
CA SER C 505 -15.60 -28.79 -43.77
C SER C 505 -14.13 -28.48 -43.99
N THR C 506 -13.42 -29.24 -44.83
CA THR C 506 -12.02 -28.90 -45.06
C THR C 506 -11.88 -27.74 -46.05
N GLU C 507 -12.84 -27.63 -46.96
CA GLU C 507 -12.76 -26.63 -48.02
C GLU C 507 -12.89 -25.22 -47.45
N MET C 508 -13.63 -25.07 -46.35
CA MET C 508 -13.80 -23.77 -45.72
C MET C 508 -12.48 -23.27 -45.14
N LEU C 509 -11.74 -24.14 -44.46
CA LEU C 509 -10.43 -23.75 -43.93
C LEU C 509 -9.41 -23.56 -45.02
N LEU C 510 -9.59 -24.19 -46.18
CA LEU C 510 -8.69 -23.93 -47.30
C LEU C 510 -9.01 -22.62 -48.01
N ARG C 511 -10.27 -22.14 -47.92
CA ARG C 511 -10.62 -20.92 -48.63
C ARG C 511 -10.40 -19.65 -47.81
N ILE C 512 -9.99 -19.76 -46.55
CA ILE C 512 -9.78 -18.59 -45.70
C ILE C 512 -8.33 -18.13 -45.82
N ASP C 513 -8.11 -16.80 -45.79
CA ASP C 513 -6.75 -16.29 -45.67
C ASP C 513 -6.55 -15.18 -44.64
N ASP C 514 -7.56 -14.82 -43.85
CA ASP C 514 -7.34 -13.78 -42.85
C ASP C 514 -8.17 -14.08 -41.61
N VAL C 515 -7.72 -13.54 -40.47
CA VAL C 515 -8.43 -13.64 -39.20
C VAL C 515 -8.47 -12.26 -38.58
N ILE C 516 -9.68 -11.73 -38.36
CA ILE C 516 -9.87 -10.38 -37.83
C ILE C 516 -10.94 -10.39 -36.75
N ALA C 517 -11.00 -9.31 -35.96
CA ALA C 517 -11.80 -9.30 -34.74
C ALA C 517 -13.17 -8.66 -34.94
N ALA C 518 -14.19 -9.19 -34.24
CA ALA C 518 -15.58 -8.84 -34.44
C ALA C 518 -16.20 -8.17 -33.22
N GLU C 519 -17.20 -7.34 -33.49
CA GLU C 519 -17.76 -6.38 -32.53
C GLU C 519 -19.13 -6.86 -32.04
N LYS C 520 -19.11 -7.85 -31.15
CA LYS C 520 -20.30 -8.51 -30.64
C LYS C 520 -21.18 -8.97 -31.81
N LEU C 521 -20.78 -10.13 -32.34
CA LEU C 521 -21.28 -10.60 -33.63
C LEU C 521 -22.79 -10.88 -33.60
N ARG C 522 -23.23 -11.73 -32.68
CA ARG C 522 -24.65 -12.09 -32.60
C ARG C 522 -25.04 -12.49 -31.18
N GLU D 10 6.66 3.41 -35.03
CA GLU D 10 6.93 4.83 -35.25
C GLU D 10 7.42 5.63 -34.01
N ASN D 11 6.88 6.84 -33.80
CA ASN D 11 7.29 7.76 -32.74
C ASN D 11 6.27 8.88 -32.55
N MET D 12 6.20 9.42 -31.32
CA MET D 12 5.35 10.58 -31.03
C MET D 12 5.49 11.70 -32.06
N LYS D 13 6.71 12.15 -32.32
CA LYS D 13 7.01 13.40 -33.02
C LYS D 13 6.85 13.31 -34.54
N ARG D 14 5.84 12.59 -35.00
CA ARG D 14 5.48 12.40 -36.41
C ARG D 14 4.01 12.71 -36.66
N TYR D 15 3.29 13.10 -35.61
CA TYR D 15 1.87 13.42 -35.70
C TYR D 15 1.68 14.71 -36.48
N MET D 16 2.73 15.53 -36.47
CA MET D 16 2.73 16.83 -37.14
C MET D 16 2.76 16.71 -38.65
N GLY D 17 3.30 15.61 -39.18
CA GLY D 17 3.78 15.54 -40.55
C GLY D 17 2.75 15.26 -41.63
N ARG D 18 1.46 15.21 -41.33
CA ARG D 18 0.45 15.02 -42.37
C ARG D 18 -0.81 15.81 -42.02
N ASP D 19 -1.50 16.32 -43.05
CA ASP D 19 -2.70 17.10 -42.76
C ASP D 19 -3.86 16.20 -42.31
N ALA D 20 -4.95 16.85 -41.90
CA ALA D 20 -6.19 16.14 -41.57
C ALA D 20 -6.74 15.42 -42.80
N GLN D 21 -6.54 15.99 -43.99
CA GLN D 21 -7.01 15.35 -45.21
C GLN D 21 -6.19 14.10 -45.52
N ARG D 22 -4.87 14.16 -45.27
CA ARG D 22 -4.04 12.96 -45.39
C ARG D 22 -4.46 11.91 -44.37
N MET D 23 -4.68 12.34 -43.12
CA MET D 23 -5.27 11.49 -42.08
C MET D 23 -6.49 10.73 -42.60
N ASN D 24 -7.49 11.46 -43.08
CA ASN D 24 -8.75 10.87 -43.50
C ASN D 24 -8.58 9.99 -44.73
N ILE D 25 -7.77 10.42 -45.70
CA ILE D 25 -7.57 9.64 -46.91
C ILE D 25 -6.91 8.30 -46.59
N LEU D 26 -5.95 8.31 -45.65
CA LEU D 26 -5.28 7.08 -45.26
C LEU D 26 -6.21 6.15 -44.47
N ALA D 27 -6.92 6.71 -43.49
CA ALA D 27 -7.91 5.95 -42.74
C ALA D 27 -8.95 5.34 -43.66
N GLY D 28 -9.25 5.99 -44.77
CA GLY D 28 -10.17 5.43 -45.73
C GLY D 28 -9.55 4.34 -46.58
N ARG D 29 -8.35 4.59 -47.11
CA ARG D 29 -7.67 3.59 -47.92
C ARG D 29 -7.54 2.26 -47.18
N ILE D 30 -7.40 2.32 -45.85
CA ILE D 30 -7.24 1.10 -45.07
C ILE D 30 -8.44 0.16 -45.24
N ILE D 31 -9.65 0.73 -45.23
CA ILE D 31 -10.84 -0.10 -45.34
C ILE D 31 -10.92 -0.78 -46.70
N ALA D 32 -10.66 -0.03 -47.77
CA ALA D 32 -10.69 -0.63 -49.10
C ALA D 32 -9.60 -1.68 -49.25
N GLU D 33 -8.44 -1.47 -48.62
CA GLU D 33 -7.39 -2.49 -48.64
C GLU D 33 -7.80 -3.74 -47.89
N THR D 34 -8.67 -3.60 -46.88
CA THR D 34 -9.10 -4.77 -46.12
C THR D 34 -9.90 -5.75 -46.98
N VAL D 35 -10.84 -5.24 -47.78
CA VAL D 35 -11.80 -6.11 -48.46
C VAL D 35 -11.42 -6.49 -49.88
N ARG D 36 -10.30 -5.97 -50.39
CA ARG D 36 -10.04 -6.00 -51.83
C ARG D 36 -9.76 -7.40 -52.35
N SER D 37 -9.05 -8.22 -51.56
CA SER D 37 -8.71 -9.59 -51.91
C SER D 37 -9.90 -10.54 -51.92
N THR D 38 -11.09 -10.07 -51.52
CA THR D 38 -12.29 -10.90 -51.62
C THR D 38 -12.91 -10.84 -53.02
N LEU D 39 -12.35 -10.04 -53.92
CA LEU D 39 -13.04 -9.70 -55.16
C LEU D 39 -12.79 -10.74 -56.24
N GLY D 40 -13.84 -11.03 -57.02
CA GLY D 40 -13.69 -11.84 -58.21
C GLY D 40 -13.75 -13.33 -57.96
N PRO D 41 -13.75 -14.11 -59.04
CA PRO D 41 -13.96 -15.56 -58.90
C PRO D 41 -12.90 -16.27 -58.06
N LYS D 42 -11.66 -15.82 -58.13
CA LYS D 42 -10.54 -16.31 -57.33
C LYS D 42 -10.44 -15.63 -55.98
N GLY D 43 -11.51 -14.99 -55.51
CA GLY D 43 -11.48 -14.32 -54.23
C GLY D 43 -11.44 -15.28 -53.06
N MET D 44 -11.00 -14.76 -51.91
CA MET D 44 -10.77 -15.58 -50.73
C MET D 44 -11.59 -15.06 -49.55
N ASP D 45 -11.79 -15.93 -48.56
CA ASP D 45 -12.68 -15.63 -47.44
C ASP D 45 -11.92 -15.04 -46.26
N LYS D 46 -12.68 -14.33 -45.41
CA LYS D 46 -12.17 -13.78 -44.16
C LYS D 46 -12.80 -14.51 -42.98
N MET D 47 -12.04 -14.64 -41.89
CA MET D 47 -12.57 -15.19 -40.64
C MET D 47 -12.75 -14.09 -39.62
N LEU D 48 -13.96 -14.00 -39.06
CA LEU D 48 -14.31 -13.00 -38.06
C LEU D 48 -14.49 -13.68 -36.70
N VAL D 49 -13.86 -13.12 -35.67
CA VAL D 49 -13.87 -13.72 -34.34
C VAL D 49 -14.34 -12.68 -33.32
N ASP D 50 -15.21 -13.11 -32.40
CA ASP D 50 -15.83 -12.28 -31.40
C ASP D 50 -14.93 -12.15 -30.17
N ASP D 51 -15.35 -11.27 -29.25
CA ASP D 51 -14.85 -11.31 -27.88
C ASP D 51 -15.33 -12.57 -27.17
N LEU D 52 -16.56 -12.98 -27.43
CA LEU D 52 -17.15 -14.10 -26.68
C LEU D 52 -16.80 -15.47 -27.27
N GLY D 53 -16.22 -15.50 -28.46
CA GLY D 53 -15.85 -16.75 -29.11
C GLY D 53 -16.71 -17.17 -30.28
N ASP D 54 -17.74 -16.40 -30.63
CA ASP D 54 -18.48 -16.66 -31.87
C ASP D 54 -17.57 -16.46 -33.09
N VAL D 55 -17.86 -17.19 -34.16
CA VAL D 55 -17.02 -17.19 -35.36
C VAL D 55 -17.91 -17.07 -36.59
N VAL D 56 -17.47 -16.28 -37.58
CA VAL D 56 -18.13 -16.17 -38.88
C VAL D 56 -17.09 -16.32 -39.97
N VAL D 57 -17.42 -17.08 -41.03
CA VAL D 57 -16.56 -17.22 -42.19
C VAL D 57 -17.34 -16.82 -43.43
N THR D 58 -16.83 -15.82 -44.16
CA THR D 58 -17.51 -15.29 -45.34
C THR D 58 -16.53 -14.49 -46.19
N ASN D 59 -16.89 -14.29 -47.46
CA ASN D 59 -16.25 -13.26 -48.27
C ASN D 59 -17.21 -12.17 -48.71
N ASP D 60 -18.42 -12.12 -48.14
CA ASP D 60 -19.37 -11.06 -48.41
C ASP D 60 -18.82 -9.76 -47.81
N GLY D 61 -18.71 -8.72 -48.65
CA GLY D 61 -17.99 -7.52 -48.24
C GLY D 61 -18.70 -6.72 -47.16
N VAL D 62 -19.98 -6.41 -47.39
CA VAL D 62 -20.71 -5.57 -46.44
C VAL D 62 -20.80 -6.26 -45.09
N THR D 63 -20.72 -7.59 -45.05
CA THR D 63 -20.74 -8.29 -43.78
C THR D 63 -19.42 -8.11 -43.03
N ILE D 64 -18.30 -8.17 -43.76
CA ILE D 64 -17.00 -7.90 -43.15
C ILE D 64 -16.97 -6.49 -42.59
N LEU D 65 -17.40 -5.51 -43.39
CA LEU D 65 -17.42 -4.12 -42.98
C LEU D 65 -18.43 -3.87 -41.86
N ARG D 66 -19.45 -4.71 -41.75
CA ARG D 66 -20.45 -4.52 -40.70
C ARG D 66 -20.03 -5.13 -39.36
N GLU D 67 -19.26 -6.20 -39.40
CA GLU D 67 -18.86 -6.89 -38.18
C GLU D 67 -17.50 -6.47 -37.65
N MET D 68 -16.78 -5.61 -38.37
CA MET D 68 -15.41 -5.28 -37.98
C MET D 68 -15.42 -4.28 -36.83
N SER D 69 -14.40 -4.36 -35.97
CA SER D 69 -14.20 -3.31 -34.98
C SER D 69 -13.49 -2.16 -35.67
N VAL D 70 -14.22 -1.10 -35.98
CA VAL D 70 -13.72 0.03 -36.75
C VAL D 70 -13.95 1.30 -35.94
N GLU D 71 -12.90 2.11 -35.77
CA GLU D 71 -12.95 3.20 -34.79
C GLU D 71 -12.69 4.58 -35.35
N HIS D 72 -12.05 4.71 -36.50
CA HIS D 72 -11.77 6.06 -37.02
C HIS D 72 -12.98 6.57 -37.78
N PRO D 73 -13.31 7.87 -37.67
CA PRO D 73 -14.55 8.38 -38.28
C PRO D 73 -14.64 8.19 -39.78
N ALA D 74 -13.54 8.39 -40.51
CA ALA D 74 -13.61 8.30 -41.97
C ALA D 74 -13.83 6.88 -42.43
N ALA D 75 -13.24 5.90 -41.73
CA ALA D 75 -13.49 4.51 -42.04
C ALA D 75 -14.94 4.16 -41.76
N LYS D 76 -15.51 4.73 -40.70
CA LYS D 76 -16.92 4.61 -40.41
C LYS D 76 -17.77 5.19 -41.54
N MET D 77 -17.28 6.27 -42.17
CA MET D 77 -17.97 6.87 -43.30
C MET D 77 -17.89 6.03 -44.57
N LEU D 78 -16.86 5.19 -44.71
CA LEU D 78 -16.78 4.32 -45.88
C LEU D 78 -17.67 3.09 -45.77
N ILE D 79 -17.95 2.64 -44.55
CA ILE D 79 -18.85 1.50 -44.37
C ILE D 79 -20.25 1.82 -44.90
N GLU D 80 -20.64 3.09 -44.86
CA GLU D 80 -21.97 3.47 -45.37
C GLU D 80 -22.07 3.37 -46.88
N VAL D 81 -20.93 3.23 -47.57
CA VAL D 81 -20.92 3.01 -49.01
C VAL D 81 -21.37 1.59 -49.35
N ALA D 82 -21.06 0.63 -48.48
CA ALA D 82 -21.49 -0.75 -48.69
C ALA D 82 -22.96 -0.94 -48.36
N LYS D 83 -23.41 -0.40 -47.22
CA LYS D 83 -24.77 -0.64 -46.74
C LYS D 83 -25.83 -0.16 -47.74
N THR D 84 -25.54 0.93 -48.46
CA THR D 84 -26.53 1.46 -49.40
C THR D 84 -26.64 0.57 -50.62
N GLN D 85 -25.51 0.01 -51.06
CA GLN D 85 -25.51 -0.99 -52.13
C GLN D 85 -26.23 -2.26 -51.68
N GLU D 86 -26.07 -2.63 -50.40
CA GLU D 86 -26.80 -3.75 -49.83
C GLU D 86 -28.31 -3.51 -49.90
N LYS D 87 -28.71 -2.32 -49.49
CA LYS D 87 -30.12 -1.99 -49.26
C LYS D 87 -30.87 -1.78 -50.58
N GLU D 88 -30.27 -1.02 -51.50
CA GLU D 88 -30.97 -0.57 -52.69
C GLU D 88 -30.85 -1.54 -53.86
N VAL D 89 -29.81 -2.38 -53.88
CA VAL D 89 -29.53 -3.25 -55.00
C VAL D 89 -29.46 -4.67 -54.47
N GLY D 90 -28.51 -4.91 -53.58
CA GLY D 90 -28.32 -6.22 -52.98
C GLY D 90 -26.99 -6.86 -53.29
N ASP D 91 -26.48 -6.69 -54.51
CA ASP D 91 -25.16 -7.18 -54.88
C ASP D 91 -24.30 -5.97 -55.24
N GLY D 92 -22.98 -6.19 -55.31
CA GLY D 92 -22.05 -5.14 -55.65
C GLY D 92 -21.40 -4.41 -54.50
N THR D 93 -21.45 -4.95 -53.28
CA THR D 93 -20.94 -4.22 -52.12
C THR D 93 -19.43 -4.22 -52.00
N THR D 94 -18.70 -4.89 -52.90
CA THR D 94 -17.24 -4.81 -52.86
C THR D 94 -16.68 -3.90 -53.94
N THR D 95 -17.34 -3.83 -55.10
CA THR D 95 -16.92 -2.92 -56.16
C THR D 95 -16.99 -1.48 -55.66
N ALA D 96 -18.09 -1.13 -54.98
CA ALA D 96 -18.29 0.21 -54.45
C ALA D 96 -17.13 0.64 -53.55
N VAL D 97 -16.73 -0.22 -52.61
CA VAL D 97 -15.76 0.25 -51.63
C VAL D 97 -14.37 0.31 -52.25
N VAL D 98 -14.05 -0.62 -53.15
CA VAL D 98 -12.74 -0.61 -53.79
C VAL D 98 -12.61 0.61 -54.70
N VAL D 99 -13.68 0.94 -55.44
CA VAL D 99 -13.65 2.13 -56.28
C VAL D 99 -13.55 3.39 -55.43
N ALA D 100 -14.27 3.42 -54.29
CA ALA D 100 -14.18 4.57 -53.39
C ALA D 100 -12.76 4.80 -52.90
N GLY D 101 -12.10 3.75 -52.41
CA GLY D 101 -10.74 3.91 -51.92
C GLY D 101 -9.76 4.25 -53.02
N GLU D 102 -9.97 3.73 -54.24
CA GLU D 102 -9.09 4.12 -55.34
C GLU D 102 -9.28 5.59 -55.68
N LEU D 103 -10.51 6.09 -55.55
CA LEU D 103 -10.76 7.51 -55.74
C LEU D 103 -10.07 8.35 -54.67
N LEU D 104 -10.12 7.91 -53.42
CA LEU D 104 -9.37 8.57 -52.35
C LEU D 104 -7.87 8.64 -52.68
N ARG D 105 -7.31 7.52 -53.13
CA ARG D 105 -5.87 7.43 -53.32
C ARG D 105 -5.42 8.19 -54.57
N LYS D 106 -6.27 8.21 -55.61
CA LYS D 106 -6.02 9.08 -56.75
C LYS D 106 -6.09 10.54 -56.37
N ALA D 107 -7.04 10.91 -55.49
CA ALA D 107 -7.12 12.30 -55.06
C ALA D 107 -5.87 12.69 -54.29
N GLU D 108 -5.30 11.72 -53.55
CA GLU D 108 -4.07 11.98 -52.80
C GLU D 108 -2.90 12.32 -53.72
N GLU D 109 -2.94 11.82 -54.97
CA GLU D 109 -1.85 12.06 -55.91
C GLU D 109 -1.91 13.46 -56.49
N LEU D 110 -3.05 14.14 -56.38
CA LEU D 110 -3.17 15.51 -56.88
C LEU D 110 -2.99 16.57 -55.81
N LEU D 111 -3.27 16.23 -54.54
CA LEU D 111 -3.10 17.19 -53.46
C LEU D 111 -1.62 17.37 -53.13
N ASP D 112 -0.80 16.35 -53.40
CA ASP D 112 0.64 16.53 -53.24
C ASP D 112 1.27 17.30 -54.39
N GLN D 113 0.49 17.70 -55.40
CA GLN D 113 0.89 18.70 -56.39
C GLN D 113 0.26 20.05 -56.10
N ASN D 114 -0.43 20.19 -54.96
CA ASN D 114 -1.01 21.43 -54.46
C ASN D 114 -2.22 21.88 -55.28
N VAL D 115 -3.06 20.94 -55.71
CA VAL D 115 -4.35 21.29 -56.33
C VAL D 115 -5.40 21.50 -55.25
N HIS D 116 -6.18 22.58 -55.37
CA HIS D 116 -7.16 22.91 -54.35
C HIS D 116 -8.22 21.82 -54.27
N PRO D 117 -8.62 21.42 -53.05
CA PRO D 117 -9.67 20.40 -52.89
C PRO D 117 -10.98 20.70 -53.63
N THR D 118 -11.44 21.96 -53.62
CA THR D 118 -12.69 22.26 -54.32
C THR D 118 -12.55 22.02 -55.83
N ILE D 119 -11.35 22.22 -56.38
CA ILE D 119 -11.14 21.95 -57.81
C ILE D 119 -11.27 20.45 -58.07
N VAL D 120 -10.72 19.62 -57.19
CA VAL D 120 -10.86 18.17 -57.32
C VAL D 120 -12.33 17.77 -57.26
N VAL D 121 -13.07 18.34 -56.30
CA VAL D 121 -14.46 17.96 -56.09
C VAL D 121 -15.31 18.36 -57.30
N LYS D 122 -15.10 19.58 -57.80
CA LYS D 122 -15.82 20.02 -59.00
C LYS D 122 -15.42 19.23 -60.25
N GLY D 123 -14.22 18.66 -60.30
CA GLY D 123 -13.94 17.74 -61.40
C GLY D 123 -14.62 16.39 -61.29
N TYR D 124 -14.51 15.75 -60.12
CA TYR D 124 -15.19 14.48 -59.89
C TYR D 124 -16.67 14.59 -60.20
N GLN D 125 -17.29 15.70 -59.78
CA GLN D 125 -18.70 15.92 -60.03
C GLN D 125 -19.03 15.88 -61.53
N ALA D 126 -18.20 16.56 -62.34
CA ALA D 126 -18.43 16.58 -63.78
C ALA D 126 -18.18 15.21 -64.41
N ALA D 127 -17.33 14.39 -63.79
CA ALA D 127 -17.04 13.07 -64.33
C ALA D 127 -18.15 12.07 -64.04
N ALA D 128 -18.76 12.15 -62.86
CA ALA D 128 -19.73 11.13 -62.47
C ALA D 128 -21.02 11.24 -63.27
N GLN D 129 -21.48 12.46 -63.54
CA GLN D 129 -22.66 12.62 -64.40
C GLN D 129 -22.41 12.08 -65.80
N LYS D 130 -21.19 12.27 -66.30
CA LYS D 130 -20.79 11.72 -67.58
C LYS D 130 -20.77 10.20 -67.56
N ALA D 131 -20.34 9.62 -66.44
CA ALA D 131 -20.38 8.16 -66.30
C ALA D 131 -21.81 7.65 -66.24
N GLN D 132 -22.74 8.47 -65.73
CA GLN D 132 -24.15 8.10 -65.77
C GLN D 132 -24.68 8.07 -67.19
N GLU D 133 -24.38 9.11 -67.97
CA GLU D 133 -24.77 9.14 -69.38
C GLU D 133 -24.22 7.91 -70.12
N LEU D 134 -22.92 7.65 -69.94
CA LEU D 134 -22.26 6.55 -70.63
C LEU D 134 -22.85 5.19 -70.23
N LEU D 135 -23.07 4.98 -68.93
CA LEU D 135 -23.68 3.73 -68.48
C LEU D 135 -25.10 3.57 -69.02
N LYS D 136 -25.82 4.67 -69.17
CA LYS D 136 -27.18 4.59 -69.71
C LYS D 136 -27.19 4.31 -71.21
N THR D 137 -26.06 4.51 -71.90
CA THR D 137 -26.03 4.28 -73.34
C THR D 137 -25.20 3.07 -73.79
N ILE D 138 -24.33 2.50 -72.94
CA ILE D 138 -23.56 1.32 -73.32
C ILE D 138 -24.19 0.01 -72.88
N ALA D 139 -25.40 0.03 -72.31
CA ALA D 139 -26.04 -1.16 -71.78
C ALA D 139 -26.84 -1.88 -72.88
N CYS D 140 -27.21 -3.12 -72.59
CA CYS D 140 -28.00 -3.93 -73.51
C CYS D 140 -29.40 -4.13 -72.96
N GLU D 141 -30.40 -4.08 -73.85
CA GLU D 141 -31.81 -4.03 -73.47
C GLU D 141 -32.47 -5.38 -73.69
N VAL D 142 -33.02 -5.96 -72.62
CA VAL D 142 -33.56 -7.32 -72.64
C VAL D 142 -34.92 -7.33 -71.96
N GLY D 143 -35.78 -8.25 -72.40
CA GLY D 143 -37.13 -8.34 -71.84
C GLY D 143 -37.18 -9.14 -70.55
N ALA D 144 -38.13 -8.78 -69.69
CA ALA D 144 -38.15 -9.34 -68.33
C ALA D 144 -38.69 -10.77 -68.30
N GLN D 145 -39.30 -11.22 -69.40
CA GLN D 145 -39.81 -12.59 -69.52
C GLN D 145 -38.73 -13.59 -69.91
N ASP D 146 -37.48 -13.14 -70.09
CA ASP D 146 -36.42 -13.94 -70.72
C ASP D 146 -35.62 -14.68 -69.64
N LYS D 147 -36.09 -15.89 -69.34
CA LYS D 147 -35.61 -16.62 -68.15
C LYS D 147 -34.17 -17.10 -68.31
N GLU D 148 -33.72 -17.28 -69.56
CA GLU D 148 -32.38 -17.77 -69.83
C GLU D 148 -31.30 -16.82 -69.33
N ILE D 149 -31.39 -15.55 -69.76
CA ILE D 149 -30.42 -14.56 -69.29
C ILE D 149 -30.55 -14.35 -67.79
N LEU D 150 -31.74 -14.55 -67.24
CA LEU D 150 -31.89 -14.50 -65.78
C LEU D 150 -31.07 -15.61 -65.10
N THR D 151 -31.13 -16.82 -65.64
CA THR D 151 -30.29 -17.91 -65.15
C THR D 151 -28.81 -17.55 -65.21
N LYS D 152 -28.38 -17.00 -66.34
CA LYS D 152 -26.98 -16.65 -66.54
C LYS D 152 -26.52 -15.60 -65.55
N ILE D 153 -27.39 -14.62 -65.27
CA ILE D 153 -27.07 -13.58 -64.29
C ILE D 153 -26.99 -14.16 -62.88
N ALA D 154 -27.89 -15.08 -62.56
CA ALA D 154 -27.89 -15.72 -61.24
C ALA D 154 -26.60 -16.50 -61.02
N MET D 155 -26.21 -17.30 -62.00
CA MET D 155 -24.95 -18.02 -61.95
C MET D 155 -23.77 -17.08 -61.78
N THR D 156 -23.79 -15.95 -62.50
CA THR D 156 -22.76 -14.93 -62.35
C THR D 156 -22.72 -14.37 -60.93
N SER D 157 -23.86 -14.38 -60.26
CA SER D 157 -23.91 -13.85 -58.89
C SER D 157 -23.32 -14.84 -57.89
N ILE D 158 -23.44 -16.14 -58.19
CA ILE D 158 -23.00 -17.19 -57.27
C ILE D 158 -21.51 -17.52 -57.44
N THR D 159 -20.94 -17.20 -58.60
CA THR D 159 -19.53 -17.51 -58.90
C THR D 159 -18.57 -16.80 -57.94
N GLY D 160 -17.58 -17.54 -57.45
CA GLY D 160 -16.59 -16.99 -56.55
C GLY D 160 -16.91 -17.07 -55.07
N LYS D 161 -17.94 -17.81 -54.67
CA LYS D 161 -18.43 -17.76 -53.29
C LYS D 161 -18.30 -19.10 -52.54
N GLY D 162 -17.51 -20.04 -53.05
CA GLY D 162 -17.36 -21.31 -52.36
C GLY D 162 -18.49 -22.28 -52.56
N ALA D 163 -19.73 -21.76 -52.61
CA ALA D 163 -20.88 -22.56 -53.00
C ALA D 163 -21.07 -22.55 -54.52
N GLU D 164 -19.97 -22.75 -55.27
CA GLU D 164 -20.04 -22.78 -56.73
C GLU D 164 -20.54 -24.11 -57.24
N LYS D 165 -20.39 -25.16 -56.43
CA LYS D 165 -20.58 -26.52 -56.95
C LYS D 165 -22.04 -26.79 -57.24
N ALA D 166 -22.95 -26.01 -56.64
CA ALA D 166 -24.37 -26.15 -56.84
C ALA D 166 -25.00 -25.03 -57.67
N LYS D 167 -24.21 -24.16 -58.30
CA LYS D 167 -24.80 -22.95 -58.89
C LYS D 167 -25.77 -23.27 -60.02
N GLU D 168 -25.53 -24.35 -60.76
CA GLU D 168 -26.38 -24.68 -61.89
C GLU D 168 -27.70 -25.32 -61.48
N LYS D 169 -27.90 -25.55 -60.18
CA LYS D 169 -29.20 -25.91 -59.62
C LYS D 169 -29.84 -24.74 -58.88
N LEU D 170 -29.02 -24.02 -58.10
CA LEU D 170 -29.48 -22.85 -57.38
C LEU D 170 -30.06 -21.81 -58.32
N ALA D 171 -29.49 -21.72 -59.53
CA ALA D 171 -29.97 -20.76 -60.52
C ALA D 171 -31.42 -21.03 -60.91
N GLU D 172 -31.74 -22.29 -61.24
CA GLU D 172 -33.12 -22.63 -61.58
C GLU D 172 -34.05 -22.38 -60.40
N ILE D 173 -33.64 -22.82 -59.21
CA ILE D 173 -34.47 -22.65 -58.02
C ILE D 173 -34.80 -21.18 -57.81
N ILE D 174 -33.77 -20.32 -57.86
CA ILE D 174 -33.96 -18.90 -57.57
C ILE D 174 -34.76 -18.22 -58.67
N VAL D 175 -34.55 -18.60 -59.93
CA VAL D 175 -35.31 -17.98 -61.02
C VAL D 175 -36.79 -18.25 -60.87
N GLU D 176 -37.16 -19.51 -60.59
CA GLU D 176 -38.59 -19.78 -60.36
C GLU D 176 -39.09 -19.06 -59.10
N ALA D 177 -38.31 -19.09 -58.03
CA ALA D 177 -38.71 -18.50 -56.76
C ALA D 177 -39.03 -17.02 -56.91
N VAL D 178 -38.19 -16.30 -57.67
CA VAL D 178 -38.38 -14.87 -57.87
C VAL D 178 -39.50 -14.61 -58.87
N SER D 179 -39.61 -15.47 -59.89
CA SER D 179 -40.64 -15.26 -60.91
C SER D 179 -42.03 -15.42 -60.33
N ALA D 180 -42.14 -16.15 -59.23
CA ALA D 180 -43.43 -16.36 -58.57
C ALA D 180 -43.95 -15.06 -57.96
N VAL D 181 -43.06 -14.28 -57.35
CA VAL D 181 -43.41 -13.17 -56.49
C VAL D 181 -43.40 -11.83 -57.23
N VAL D 182 -43.25 -11.86 -58.56
CA VAL D 182 -43.38 -10.66 -59.37
C VAL D 182 -44.84 -10.22 -59.33
N ASP D 183 -45.10 -9.04 -58.77
CA ASP D 183 -46.46 -8.63 -58.43
C ASP D 183 -47.21 -8.12 -59.67
N ASP D 184 -48.51 -7.87 -59.50
CA ASP D 184 -49.34 -7.49 -60.64
C ASP D 184 -48.94 -6.15 -61.24
N GLU D 185 -48.04 -5.42 -60.58
CA GLU D 185 -47.47 -4.20 -61.16
C GLU D 185 -46.05 -4.38 -61.69
N GLY D 186 -45.54 -5.61 -61.73
CA GLY D 186 -44.23 -5.88 -62.30
C GLY D 186 -43.05 -5.52 -61.44
N LYS D 187 -43.15 -5.67 -60.12
CA LYS D 187 -42.08 -5.32 -59.20
C LYS D 187 -41.83 -6.48 -58.25
N VAL D 188 -40.58 -6.63 -57.85
CA VAL D 188 -40.15 -7.75 -57.02
C VAL D 188 -39.95 -7.26 -55.60
N ASP D 189 -40.61 -7.92 -54.65
CA ASP D 189 -40.42 -7.66 -53.23
C ASP D 189 -39.69 -8.86 -52.61
N LYS D 190 -38.59 -8.57 -51.91
CA LYS D 190 -37.69 -9.63 -51.46
C LYS D 190 -38.26 -10.41 -50.28
N ASP D 191 -39.04 -9.73 -49.44
CA ASP D 191 -39.58 -10.36 -48.23
C ASP D 191 -40.73 -11.33 -48.56
N LEU D 192 -41.20 -11.36 -49.82
CA LEU D 192 -42.20 -12.35 -50.19
C LEU D 192 -41.60 -13.73 -50.45
N ILE D 193 -40.28 -13.87 -50.33
CA ILE D 193 -39.58 -15.14 -50.43
C ILE D 193 -39.00 -15.49 -49.07
N LYS D 194 -39.35 -16.67 -48.56
CA LYS D 194 -38.95 -17.10 -47.24
C LYS D 194 -37.77 -18.06 -47.36
N ILE D 195 -36.70 -17.76 -46.63
CA ILE D 195 -35.46 -18.52 -46.75
C ILE D 195 -35.25 -19.27 -45.43
N GLU D 196 -35.18 -20.59 -45.52
CA GLU D 196 -35.08 -21.43 -44.33
C GLU D 196 -33.83 -22.32 -44.39
N LYS D 197 -33.24 -22.54 -43.22
CA LYS D 197 -31.87 -23.02 -43.09
C LYS D 197 -31.80 -24.25 -42.19
N LYS D 198 -32.08 -25.42 -42.75
CA LYS D 198 -32.18 -26.66 -41.99
C LYS D 198 -31.02 -27.57 -42.36
N SER D 199 -30.21 -27.94 -41.36
CA SER D 199 -28.97 -28.66 -41.61
C SER D 199 -29.23 -30.13 -41.95
N GLY D 200 -28.15 -30.88 -42.14
CA GLY D 200 -28.23 -32.24 -42.63
C GLY D 200 -28.24 -32.30 -44.14
N ALA D 201 -27.93 -33.48 -44.67
CA ALA D 201 -27.72 -33.68 -46.10
C ALA D 201 -26.66 -32.75 -46.71
N SER D 202 -26.55 -32.75 -48.04
CA SER D 202 -25.57 -31.94 -48.74
C SER D 202 -26.23 -30.81 -49.51
N ILE D 203 -25.40 -29.81 -49.85
CA ILE D 203 -25.88 -28.56 -50.47
C ILE D 203 -26.71 -28.82 -51.71
N ASP D 204 -26.51 -29.96 -52.36
CA ASP D 204 -27.28 -30.31 -53.55
C ASP D 204 -28.66 -30.86 -53.22
N ASP D 205 -28.97 -31.09 -51.93
CA ASP D 205 -30.31 -31.48 -51.51
C ASP D 205 -31.21 -30.29 -51.21
N THR D 206 -30.76 -29.07 -51.52
CA THR D 206 -31.63 -27.90 -51.40
C THR D 206 -32.80 -28.00 -52.39
N GLU D 207 -33.97 -27.51 -51.96
CA GLU D 207 -35.18 -27.64 -52.77
C GLU D 207 -36.08 -26.44 -52.56
N LEU D 208 -37.09 -26.33 -53.42
CA LEU D 208 -38.04 -25.23 -53.44
C LEU D 208 -39.43 -25.73 -53.08
N ILE D 209 -40.10 -25.04 -52.15
CA ILE D 209 -41.45 -25.38 -51.74
C ILE D 209 -42.41 -24.32 -52.29
N LYS D 210 -43.43 -24.77 -53.02
CA LYS D 210 -44.49 -23.87 -53.49
C LYS D 210 -45.53 -23.68 -52.40
N GLY D 211 -45.07 -23.11 -51.28
CA GLY D 211 -45.92 -23.03 -50.10
C GLY D 211 -45.11 -22.62 -48.88
N VAL D 212 -45.46 -23.13 -47.71
CA VAL D 212 -44.87 -22.64 -46.46
C VAL D 212 -44.42 -23.81 -45.59
N LEU D 213 -43.41 -23.51 -44.78
CA LEU D 213 -42.92 -24.44 -43.78
C LEU D 213 -43.18 -23.62 -42.52
N VAL D 214 -43.86 -24.17 -41.53
CA VAL D 214 -44.25 -23.48 -40.30
C VAL D 214 -43.53 -24.15 -39.12
N ASP D 215 -43.03 -23.33 -38.19
CA ASP D 215 -42.31 -23.82 -37.03
C ASP D 215 -43.28 -24.22 -35.92
N LYS D 216 -44.17 -25.17 -36.22
CA LYS D 216 -45.23 -25.55 -35.30
C LYS D 216 -45.55 -27.03 -35.45
N GLU D 217 -46.15 -27.59 -34.39
CA GLU D 217 -46.75 -28.92 -34.44
C GLU D 217 -48.18 -28.83 -33.93
N ARG D 218 -49.03 -29.74 -34.40
CA ARG D 218 -50.45 -29.64 -34.13
C ARG D 218 -50.73 -29.86 -32.65
N VAL D 219 -51.81 -29.23 -32.17
CA VAL D 219 -52.03 -29.08 -30.74
C VAL D 219 -52.36 -30.42 -30.07
N SER D 220 -53.19 -31.24 -30.72
CA SER D 220 -53.68 -32.48 -30.12
C SER D 220 -53.31 -33.64 -31.03
N ALA D 221 -52.74 -34.71 -30.47
CA ALA D 221 -52.13 -35.75 -31.30
C ALA D 221 -53.16 -36.69 -31.93
N GLN D 222 -54.43 -36.60 -31.52
CA GLN D 222 -55.50 -37.32 -32.20
C GLN D 222 -55.83 -36.69 -33.54
N MET D 223 -55.38 -35.46 -33.76
CA MET D 223 -55.62 -34.70 -34.98
C MET D 223 -54.89 -35.31 -36.17
N PRO D 224 -55.56 -35.48 -37.31
CA PRO D 224 -54.93 -36.16 -38.45
C PRO D 224 -53.64 -35.48 -38.88
N LYS D 225 -52.60 -36.30 -39.12
CA LYS D 225 -51.27 -35.77 -39.37
C LYS D 225 -51.03 -35.51 -40.85
N LYS D 226 -51.96 -35.94 -41.70
CA LYS D 226 -51.88 -35.73 -43.14
C LYS D 226 -53.27 -35.38 -43.67
N VAL D 227 -53.36 -34.32 -44.46
CA VAL D 227 -54.61 -33.87 -45.06
C VAL D 227 -54.36 -33.51 -46.52
N THR D 228 -55.31 -33.89 -47.38
CA THR D 228 -55.24 -33.59 -48.82
C THR D 228 -56.39 -32.67 -49.21
N ASP D 229 -56.15 -31.79 -50.18
CA ASP D 229 -57.07 -30.71 -50.54
C ASP D 229 -57.63 -30.01 -49.30
N ALA D 230 -56.71 -29.50 -48.48
CA ALA D 230 -57.04 -28.83 -47.22
C ALA D 230 -57.89 -27.57 -47.43
N LYS D 231 -58.79 -27.33 -46.48
CA LYS D 231 -59.57 -26.09 -46.36
C LYS D 231 -59.07 -25.38 -45.11
N ILE D 232 -58.27 -24.33 -45.31
CA ILE D 232 -57.47 -23.77 -44.24
C ILE D 232 -58.14 -22.49 -43.73
N ALA D 233 -58.31 -22.41 -42.41
CA ALA D 233 -58.89 -21.23 -41.77
C ALA D 233 -57.84 -20.54 -40.90
N LEU D 234 -57.73 -19.23 -41.04
CA LEU D 234 -56.77 -18.43 -40.28
C LEU D 234 -57.50 -17.45 -39.37
N LEU D 235 -57.10 -17.43 -38.10
CA LEU D 235 -57.73 -16.60 -37.08
C LEU D 235 -56.71 -15.71 -36.38
N ASN D 236 -57.11 -14.47 -36.10
CA ASN D 236 -56.33 -13.53 -35.31
C ASN D 236 -56.85 -13.48 -33.87
N CYS D 237 -58.09 -13.90 -33.68
CA CYS D 237 -58.68 -14.05 -32.35
C CYS D 237 -58.34 -15.42 -31.76
N ALA D 238 -58.22 -15.44 -30.43
CA ALA D 238 -57.97 -16.65 -29.66
C ALA D 238 -59.27 -17.41 -29.40
N ILE D 239 -59.19 -18.73 -29.43
CA ILE D 239 -60.35 -19.57 -29.12
C ILE D 239 -60.32 -19.81 -27.62
N GLU D 240 -60.95 -18.90 -26.87
CA GLU D 240 -60.96 -18.93 -25.42
C GLU D 240 -62.23 -18.23 -24.94
N ILE D 241 -62.55 -18.42 -23.65
CA ILE D 241 -63.75 -17.82 -23.11
C ILE D 241 -63.54 -16.33 -22.94
N LYS D 242 -64.46 -15.55 -23.51
CA LYS D 242 -64.32 -14.09 -23.50
C LYS D 242 -64.43 -13.55 -22.07
N GLU D 243 -63.74 -12.43 -21.83
CA GLU D 243 -63.83 -11.68 -20.59
C GLU D 243 -64.59 -10.38 -20.83
N THR D 244 -65.14 -9.81 -19.76
CA THR D 244 -65.79 -8.51 -19.84
C THR D 244 -64.81 -7.41 -19.45
N GLU D 245 -64.65 -6.43 -20.35
CA GLU D 245 -63.75 -5.33 -20.09
C GLU D 245 -64.37 -4.30 -19.13
N THR D 246 -65.30 -4.75 -18.29
CA THR D 246 -65.95 -3.95 -17.26
C THR D 246 -65.88 -4.57 -15.87
N ASP D 247 -65.25 -5.74 -15.72
CA ASP D 247 -65.11 -6.51 -14.47
C ASP D 247 -66.40 -7.13 -13.92
N ALA D 248 -66.29 -8.37 -13.42
CA ALA D 248 -67.44 -9.25 -13.18
C ALA D 248 -67.24 -10.15 -11.97
N GLU D 249 -68.37 -10.52 -11.34
CA GLU D 249 -68.47 -11.56 -10.32
C GLU D 249 -69.79 -12.28 -10.51
N ILE D 250 -69.80 -13.61 -10.36
CA ILE D 250 -70.99 -14.40 -10.68
C ILE D 250 -71.92 -14.64 -9.49
N ARG D 251 -71.40 -14.65 -8.26
CA ARG D 251 -72.21 -14.69 -7.03
C ARG D 251 -73.21 -15.83 -6.98
N ILE D 252 -72.81 -16.96 -6.41
CA ILE D 252 -73.59 -18.19 -6.46
C ILE D 252 -74.36 -18.37 -5.16
N THR D 253 -75.65 -18.08 -5.18
CA THR D 253 -76.45 -18.08 -3.95
C THR D 253 -77.17 -19.41 -3.78
N ASP D 254 -77.44 -20.12 -4.87
CA ASP D 254 -78.00 -21.47 -4.82
C ASP D 254 -76.89 -22.47 -5.13
N PRO D 255 -76.58 -23.41 -4.23
CA PRO D 255 -75.61 -24.47 -4.54
C PRO D 255 -75.86 -25.18 -5.86
N ALA D 256 -77.13 -25.37 -6.25
CA ALA D 256 -77.44 -26.05 -7.50
C ALA D 256 -76.90 -25.34 -8.74
N LYS D 257 -76.36 -24.13 -8.60
CA LYS D 257 -75.90 -23.36 -9.74
C LYS D 257 -74.37 -23.32 -9.85
N LEU D 258 -73.67 -24.28 -9.27
CA LEU D 258 -72.23 -24.42 -9.53
C LEU D 258 -71.98 -25.08 -10.89
N MET D 259 -72.56 -26.25 -11.11
CA MET D 259 -72.34 -26.97 -12.37
C MET D 259 -72.95 -26.23 -13.55
N GLU D 260 -74.04 -25.49 -13.33
CA GLU D 260 -74.70 -24.78 -14.42
C GLU D 260 -73.81 -23.69 -14.99
N PHE D 261 -73.20 -22.87 -14.13
CA PHE D 261 -72.26 -21.87 -14.62
C PHE D 261 -71.12 -22.50 -15.41
N ILE D 262 -70.63 -23.65 -14.94
CA ILE D 262 -69.47 -24.30 -15.55
C ILE D 262 -69.85 -24.91 -16.92
N GLU D 263 -71.01 -25.57 -16.98
CA GLU D 263 -71.54 -26.09 -18.24
C GLU D 263 -71.74 -24.99 -19.28
N GLN D 264 -72.18 -23.80 -18.85
CA GLN D 264 -72.38 -22.74 -19.84
C GLN D 264 -71.05 -22.22 -20.36
N GLU D 265 -70.02 -22.15 -19.51
CA GLU D 265 -68.71 -21.88 -20.10
C GLU D 265 -68.24 -22.97 -21.06
N GLU D 266 -68.54 -24.24 -20.77
CA GLU D 266 -68.19 -25.29 -21.74
C GLU D 266 -68.95 -25.10 -23.06
N LYS D 267 -70.21 -24.71 -23.00
CA LYS D 267 -71.00 -24.54 -24.22
C LYS D 267 -70.50 -23.37 -25.04
N MET D 268 -69.99 -22.33 -24.38
CA MET D 268 -69.47 -21.19 -25.12
C MET D 268 -68.22 -21.52 -25.94
N LEU D 269 -67.54 -22.64 -25.65
CA LEU D 269 -66.49 -23.12 -26.53
C LEU D 269 -67.03 -24.10 -27.56
N LYS D 270 -67.98 -24.93 -27.14
CA LYS D 270 -68.60 -25.90 -28.04
C LYS D 270 -69.18 -25.23 -29.27
N ASP D 271 -69.82 -24.07 -29.07
CA ASP D 271 -70.45 -23.36 -30.18
C ASP D 271 -69.42 -22.74 -31.13
N MET D 272 -68.28 -22.29 -30.60
CA MET D 272 -67.21 -21.79 -31.48
C MET D 272 -66.72 -22.89 -32.40
N VAL D 273 -66.56 -24.10 -31.85
CA VAL D 273 -66.07 -25.19 -32.69
C VAL D 273 -67.11 -25.62 -33.71
N ALA D 274 -68.39 -25.65 -33.29
CA ALA D 274 -69.47 -25.87 -34.25
C ALA D 274 -69.42 -24.88 -35.40
N GLU D 275 -69.20 -23.59 -35.09
CA GLU D 275 -69.14 -22.56 -36.11
C GLU D 275 -67.93 -22.72 -37.03
N ILE D 276 -66.78 -23.09 -36.47
CA ILE D 276 -65.61 -23.32 -37.32
C ILE D 276 -65.88 -24.47 -38.28
N LYS D 277 -66.61 -25.48 -37.80
CA LYS D 277 -66.93 -26.62 -38.66
C LYS D 277 -67.90 -26.22 -39.77
N ALA D 278 -68.91 -25.42 -39.42
CA ALA D 278 -69.94 -25.04 -40.40
C ALA D 278 -69.37 -24.18 -41.53
N SER D 279 -68.25 -23.48 -41.31
CA SER D 279 -67.61 -22.81 -42.44
C SER D 279 -67.14 -23.77 -43.52
N GLY D 280 -66.82 -25.01 -43.15
CA GLY D 280 -66.27 -25.96 -44.10
C GLY D 280 -64.80 -26.30 -43.89
N ALA D 281 -64.20 -25.77 -42.83
CA ALA D 281 -62.75 -25.90 -42.62
C ALA D 281 -62.38 -27.31 -42.18
N ASN D 282 -61.12 -27.68 -42.45
CA ASN D 282 -60.54 -28.88 -41.84
C ASN D 282 -59.08 -28.70 -41.43
N VAL D 283 -58.52 -27.50 -41.57
CA VAL D 283 -57.21 -27.14 -41.06
C VAL D 283 -57.31 -25.73 -40.49
N LEU D 284 -56.65 -25.51 -39.35
CA LEU D 284 -56.77 -24.27 -38.59
C LEU D 284 -55.40 -23.74 -38.16
N PHE D 285 -55.25 -22.42 -38.21
CA PHE D 285 -54.12 -21.71 -37.63
C PHE D 285 -54.65 -20.57 -36.78
N CYS D 286 -54.09 -20.41 -35.58
CA CYS D 286 -54.46 -19.34 -34.66
C CYS D 286 -53.22 -18.54 -34.28
N GLN D 287 -53.30 -17.22 -34.48
CA GLN D 287 -52.21 -16.33 -34.08
C GLN D 287 -52.12 -16.14 -32.57
N LYS D 288 -52.92 -16.88 -31.80
CA LYS D 288 -53.13 -16.66 -30.37
C LYS D 288 -53.62 -17.96 -29.75
N GLY D 289 -54.00 -17.91 -28.47
CA GLY D 289 -54.20 -19.12 -27.70
C GLY D 289 -55.45 -19.89 -28.08
N ILE D 290 -55.36 -21.21 -27.93
CA ILE D 290 -56.49 -22.12 -28.00
C ILE D 290 -56.54 -22.89 -26.68
N ASP D 291 -57.71 -22.89 -26.04
CA ASP D 291 -57.87 -23.55 -24.75
C ASP D 291 -57.83 -25.07 -24.89
N ASP D 292 -57.48 -25.74 -23.78
CA ASP D 292 -57.33 -27.19 -23.80
C ASP D 292 -58.65 -27.94 -23.98
N LEU D 293 -59.79 -27.29 -23.71
CA LEU D 293 -61.07 -27.91 -24.03
C LEU D 293 -61.47 -27.66 -25.49
N ALA D 294 -61.12 -26.48 -26.01
CA ALA D 294 -61.29 -26.18 -27.43
C ALA D 294 -60.53 -27.18 -28.28
N GLN D 295 -59.31 -27.52 -27.84
CA GLN D 295 -58.47 -28.54 -28.46
C GLN D 295 -59.18 -29.88 -28.51
N HIS D 296 -59.89 -30.21 -27.43
CA HIS D 296 -60.68 -31.43 -27.40
C HIS D 296 -61.74 -31.43 -28.49
N TYR D 297 -62.54 -30.36 -28.56
CA TYR D 297 -63.62 -30.38 -29.54
C TYR D 297 -63.06 -30.37 -30.96
N LEU D 298 -61.96 -29.65 -31.18
CA LEU D 298 -61.28 -29.68 -32.47
C LEU D 298 -60.79 -31.08 -32.85
N ALA D 299 -60.17 -31.81 -31.91
CA ALA D 299 -59.78 -33.19 -32.18
C ALA D 299 -60.97 -34.15 -32.23
N LYS D 300 -62.14 -33.71 -31.74
CA LYS D 300 -63.31 -34.58 -31.81
C LYS D 300 -64.01 -34.40 -33.15
N GLU D 301 -63.88 -33.22 -33.74
CA GLU D 301 -64.47 -32.93 -35.05
C GLU D 301 -63.54 -33.31 -36.20
N GLY D 302 -62.33 -33.78 -35.90
CA GLY D 302 -61.29 -33.96 -36.92
C GLY D 302 -60.83 -32.72 -37.67
N ILE D 303 -60.53 -31.65 -36.95
CA ILE D 303 -59.96 -30.44 -37.53
C ILE D 303 -58.54 -30.29 -37.01
N VAL D 304 -57.59 -30.01 -37.90
CA VAL D 304 -56.18 -29.88 -37.52
C VAL D 304 -55.91 -28.42 -37.16
N ALA D 305 -55.27 -28.20 -36.02
CA ALA D 305 -55.08 -26.85 -35.47
C ALA D 305 -53.68 -26.63 -34.93
N ALA D 306 -53.15 -25.43 -35.20
CA ALA D 306 -51.94 -24.92 -34.56
C ALA D 306 -52.25 -23.57 -33.94
N ARG D 307 -51.50 -23.21 -32.90
CA ARG D 307 -51.79 -22.03 -32.10
C ARG D 307 -50.57 -21.15 -31.92
N ARG D 308 -50.83 -19.89 -31.52
CA ARG D 308 -49.79 -18.88 -31.30
C ARG D 308 -48.83 -18.76 -32.48
N VAL D 309 -49.37 -18.77 -33.69
CA VAL D 309 -48.59 -18.63 -34.90
C VAL D 309 -48.20 -17.18 -35.05
N LYS D 310 -46.94 -16.96 -35.42
CA LYS D 310 -46.42 -15.60 -35.53
C LYS D 310 -46.96 -14.88 -36.76
N LYS D 311 -46.98 -13.55 -36.67
CA LYS D 311 -47.72 -12.72 -37.62
C LYS D 311 -47.19 -12.85 -39.04
N SER D 312 -45.86 -12.93 -39.19
CA SER D 312 -45.27 -13.04 -40.52
C SER D 312 -45.66 -14.35 -41.18
N ASP D 313 -45.69 -15.43 -40.40
CA ASP D 313 -46.18 -16.71 -40.90
C ASP D 313 -47.65 -16.63 -41.28
N MET D 314 -48.43 -15.85 -40.54
CA MET D 314 -49.83 -15.63 -40.89
C MET D 314 -49.95 -14.93 -42.25
N GLU D 315 -49.11 -13.91 -42.47
CA GLU D 315 -49.06 -13.20 -43.75
C GLU D 315 -48.73 -14.17 -44.89
N LYS D 316 -47.70 -15.00 -44.69
CA LYS D 316 -47.25 -15.89 -45.74
C LYS D 316 -48.26 -17.00 -46.03
N LEU D 317 -48.95 -17.48 -44.98
CA LEU D 317 -50.05 -18.41 -45.20
C LEU D 317 -51.19 -17.79 -46.00
N ALA D 318 -51.62 -16.59 -45.60
CA ALA D 318 -52.69 -15.89 -46.31
C ALA D 318 -52.29 -15.65 -47.77
N LYS D 319 -51.03 -15.30 -48.00
CA LYS D 319 -50.54 -15.11 -49.35
C LYS D 319 -50.57 -16.41 -50.15
N ALA D 320 -50.13 -17.51 -49.54
CA ALA D 320 -49.89 -18.75 -50.28
C ALA D 320 -51.20 -19.44 -50.63
N THR D 321 -52.13 -19.50 -49.66
CA THR D 321 -53.37 -20.24 -49.78
C THR D 321 -54.53 -19.42 -50.35
N GLY D 322 -54.49 -18.11 -50.18
CA GLY D 322 -55.62 -17.26 -50.53
C GLY D 322 -56.66 -17.13 -49.43
N ALA D 323 -56.34 -17.57 -48.22
CA ALA D 323 -57.22 -17.41 -47.08
C ALA D 323 -57.18 -15.97 -46.57
N ASN D 324 -58.22 -15.61 -45.81
CA ASN D 324 -58.32 -14.29 -45.20
C ASN D 324 -58.21 -14.42 -43.70
N VAL D 325 -57.31 -13.64 -43.09
CA VAL D 325 -57.18 -13.67 -41.64
C VAL D 325 -58.43 -13.05 -41.03
N ILE D 326 -59.07 -13.78 -40.13
CA ILE D 326 -60.36 -13.41 -39.55
C ILE D 326 -60.13 -13.02 -38.10
N THR D 327 -60.79 -11.94 -37.67
CA THR D 327 -60.62 -11.46 -36.29
C THR D 327 -61.78 -11.85 -35.37
N ASN D 328 -62.88 -12.39 -35.92
CA ASN D 328 -64.06 -12.72 -35.13
C ASN D 328 -64.78 -13.90 -35.80
N ILE D 329 -65.09 -14.94 -35.01
CA ILE D 329 -65.46 -16.21 -35.62
C ILE D 329 -66.89 -16.19 -36.16
N LYS D 330 -67.70 -15.24 -35.72
CA LYS D 330 -69.09 -15.18 -36.16
C LYS D 330 -69.20 -14.79 -37.64
N ASP D 331 -68.16 -14.20 -38.21
CA ASP D 331 -68.20 -13.79 -39.60
C ASP D 331 -67.56 -14.80 -40.54
N LEU D 332 -66.90 -15.81 -39.99
CA LEU D 332 -66.18 -16.80 -40.78
C LEU D 332 -67.14 -17.60 -41.65
N SER D 333 -66.81 -17.72 -42.93
CA SER D 333 -67.70 -18.31 -43.92
C SER D 333 -66.86 -19.05 -44.97
N ALA D 334 -67.54 -19.65 -45.95
CA ALA D 334 -66.81 -20.35 -47.01
C ALA D 334 -66.05 -19.36 -47.91
N GLN D 335 -66.36 -18.07 -47.79
CA GLN D 335 -65.69 -17.03 -48.57
C GLN D 335 -64.28 -16.77 -48.07
N ASP D 336 -64.01 -17.10 -46.82
CA ASP D 336 -62.78 -16.73 -46.13
C ASP D 336 -61.74 -17.85 -46.13
N LEU D 337 -62.09 -19.03 -46.65
CA LEU D 337 -61.21 -20.20 -46.54
C LEU D 337 -60.24 -20.27 -47.70
N GLY D 338 -58.98 -20.58 -47.40
CA GLY D 338 -58.02 -20.86 -48.44
C GLY D 338 -58.00 -22.33 -48.83
N ASP D 339 -57.21 -22.64 -49.86
CA ASP D 339 -57.11 -23.99 -50.39
C ASP D 339 -55.65 -24.37 -50.61
N ALA D 340 -55.33 -25.63 -50.31
CA ALA D 340 -54.00 -26.17 -50.51
C ALA D 340 -54.06 -27.68 -50.66
N GLY D 341 -53.34 -28.20 -51.66
CA GLY D 341 -53.50 -29.58 -52.06
C GLY D 341 -53.00 -30.59 -51.05
N LEU D 342 -52.02 -30.21 -50.23
CA LEU D 342 -51.43 -31.14 -49.26
C LEU D 342 -50.91 -30.40 -48.03
N VAL D 343 -51.30 -30.91 -46.85
CA VAL D 343 -50.78 -30.45 -45.57
C VAL D 343 -50.37 -31.67 -44.76
N GLU D 344 -49.15 -31.64 -44.20
CA GLU D 344 -48.68 -32.74 -43.39
C GLU D 344 -47.63 -32.26 -42.39
N GLU D 345 -47.67 -32.81 -41.18
CA GLU D 345 -46.60 -32.60 -40.22
C GLU D 345 -45.47 -33.59 -40.47
N ARG D 346 -44.23 -33.09 -40.41
CA ARG D 346 -43.05 -33.94 -40.60
C ARG D 346 -41.98 -33.62 -39.56
N LYS D 347 -41.03 -34.55 -39.41
CA LYS D 347 -39.84 -34.31 -38.59
C LYS D 347 -38.64 -34.23 -39.53
N ILE D 348 -37.92 -33.11 -39.46
CA ILE D 348 -36.79 -32.85 -40.35
C ILE D 348 -35.68 -32.19 -39.55
N SER D 349 -34.45 -32.69 -39.71
CA SER D 349 -33.27 -32.11 -39.07
C SER D 349 -33.41 -32.05 -37.54
N GLY D 350 -34.31 -32.85 -37.00
CA GLY D 350 -34.58 -32.98 -35.59
C GLY D 350 -35.71 -32.12 -35.08
N ASP D 351 -36.30 -31.28 -35.92
CA ASP D 351 -37.39 -30.39 -35.55
C ASP D 351 -38.70 -30.86 -36.19
N SER D 352 -39.77 -30.82 -35.39
CA SER D 352 -41.12 -31.05 -35.89
C SER D 352 -41.64 -29.80 -36.59
N MET D 353 -42.09 -29.96 -37.84
CA MET D 353 -42.57 -28.82 -38.61
C MET D 353 -43.78 -29.22 -39.43
N ILE D 354 -44.62 -28.22 -39.72
CA ILE D 354 -45.82 -28.41 -40.53
C ILE D 354 -45.55 -27.89 -41.93
N PHE D 355 -45.87 -28.71 -42.94
CA PHE D 355 -45.59 -28.40 -44.33
C PHE D 355 -46.89 -28.15 -45.10
N VAL D 356 -46.93 -27.07 -45.86
CA VAL D 356 -48.06 -26.75 -46.73
C VAL D 356 -47.58 -26.81 -48.17
N GLU D 357 -48.26 -27.60 -49.00
CA GLU D 357 -47.79 -27.87 -50.35
C GLU D 357 -48.93 -27.87 -51.36
N GLU D 358 -48.55 -27.73 -52.63
CA GLU D 358 -49.48 -27.72 -53.77
C GLU D 358 -50.57 -26.66 -53.59
N CYS D 359 -50.13 -25.40 -53.53
CA CYS D 359 -51.00 -24.28 -53.28
C CYS D 359 -51.73 -23.87 -54.56
N LYS D 360 -52.93 -23.30 -54.37
CA LYS D 360 -53.82 -23.03 -55.50
C LYS D 360 -53.25 -21.94 -56.42
N HIS D 361 -52.74 -20.87 -55.84
CA HIS D 361 -52.06 -19.82 -56.60
C HIS D 361 -51.10 -19.09 -55.66
N PRO D 362 -49.88 -19.62 -55.49
CA PRO D 362 -48.96 -19.05 -54.50
C PRO D 362 -48.40 -17.70 -54.89
N LYS D 363 -48.72 -16.68 -54.09
CA LYS D 363 -48.06 -15.39 -54.16
C LYS D 363 -46.86 -15.28 -53.22
N ALA D 364 -46.48 -16.38 -52.57
CA ALA D 364 -45.29 -16.43 -51.72
C ALA D 364 -44.72 -17.85 -51.77
N VAL D 365 -43.39 -17.95 -51.68
CA VAL D 365 -42.69 -19.23 -51.82
C VAL D 365 -41.59 -19.35 -50.77
N THR D 366 -41.23 -20.60 -50.47
CA THR D 366 -40.22 -20.92 -49.45
C THR D 366 -39.07 -21.71 -50.08
N MET D 367 -37.84 -21.30 -49.78
CA MET D 367 -36.64 -21.99 -50.22
C MET D 367 -35.95 -22.66 -49.04
N LEU D 368 -35.69 -23.96 -49.15
CA LEU D 368 -35.18 -24.77 -48.04
C LEU D 368 -33.72 -25.11 -48.32
N ILE D 369 -32.82 -24.43 -47.62
CA ILE D 369 -31.39 -24.60 -47.84
C ILE D 369 -30.84 -25.70 -46.92
N ARG D 370 -30.20 -26.70 -47.52
CA ARG D 370 -29.64 -27.83 -46.79
C ARG D 370 -28.11 -27.74 -46.74
N GLY D 371 -27.51 -28.49 -45.81
CA GLY D 371 -26.06 -28.43 -45.65
C GLY D 371 -25.52 -29.19 -44.46
N THR D 372 -24.26 -29.61 -44.57
CA THR D 372 -23.62 -30.50 -43.61
C THR D 372 -23.10 -29.78 -42.38
N THR D 373 -23.32 -28.46 -42.29
CA THR D 373 -22.70 -27.69 -41.21
C THR D 373 -23.34 -26.32 -41.17
N GLU D 374 -23.43 -25.74 -39.97
CA GLU D 374 -24.12 -24.46 -39.82
C GLU D 374 -23.34 -23.32 -40.45
N HIS D 375 -22.00 -23.37 -40.35
CA HIS D 375 -21.17 -22.39 -41.04
C HIS D 375 -21.29 -22.50 -42.55
N VAL D 376 -21.70 -23.66 -43.07
CA VAL D 376 -21.91 -23.79 -44.49
C VAL D 376 -23.20 -23.08 -44.92
N ILE D 377 -24.25 -23.27 -44.12
CA ILE D 377 -25.58 -22.77 -44.48
C ILE D 377 -25.65 -21.26 -44.28
N GLU D 378 -24.94 -20.75 -43.26
CA GLU D 378 -24.87 -19.32 -43.02
C GLU D 378 -24.12 -18.61 -44.14
N GLU D 379 -23.48 -19.37 -45.04
CA GLU D 379 -22.87 -18.75 -46.23
C GLU D 379 -23.73 -18.97 -47.47
N VAL D 380 -24.31 -20.16 -47.59
CA VAL D 380 -25.18 -20.43 -48.75
C VAL D 380 -26.36 -19.46 -48.76
N ALA D 381 -26.85 -19.09 -47.57
CA ALA D 381 -27.94 -18.11 -47.51
C ALA D 381 -27.54 -16.78 -48.13
N ARG D 382 -26.33 -16.32 -47.87
CA ARG D 382 -25.81 -15.08 -48.47
C ARG D 382 -25.70 -15.25 -49.99
N ALA D 383 -25.14 -16.37 -50.43
CA ALA D 383 -24.98 -16.63 -51.86
C ALA D 383 -26.32 -16.71 -52.59
N VAL D 384 -27.40 -16.95 -51.87
CA VAL D 384 -28.71 -16.99 -52.50
C VAL D 384 -29.37 -15.61 -52.46
N ASP D 385 -29.14 -14.86 -51.36
CA ASP D 385 -29.71 -13.53 -51.25
C ASP D 385 -29.18 -12.62 -52.35
N ASP D 386 -27.89 -12.75 -52.69
CA ASP D 386 -27.30 -11.94 -53.75
C ASP D 386 -27.93 -12.20 -55.11
N ALA D 387 -28.21 -13.47 -55.39
CA ALA D 387 -28.84 -13.85 -56.65
C ALA D 387 -30.29 -13.38 -56.73
N VAL D 388 -31.02 -13.45 -55.61
CA VAL D 388 -32.37 -12.87 -55.58
C VAL D 388 -32.31 -11.38 -55.91
N GLY D 389 -31.32 -10.68 -55.33
CA GLY D 389 -31.08 -9.29 -55.69
C GLY D 389 -30.92 -9.01 -57.19
N VAL D 390 -29.88 -9.61 -57.78
CA VAL D 390 -29.62 -9.34 -59.21
C VAL D 390 -30.75 -9.80 -60.11
N VAL D 391 -31.48 -10.86 -59.75
CA VAL D 391 -32.62 -11.28 -60.57
C VAL D 391 -33.75 -10.26 -60.51
N GLY D 392 -34.05 -9.75 -59.31
CA GLY D 392 -35.04 -8.68 -59.20
C GLY D 392 -34.65 -7.46 -60.02
N CYS D 393 -33.37 -7.08 -59.96
CA CYS D 393 -32.90 -5.92 -60.73
C CYS D 393 -33.16 -6.10 -62.23
N THR D 394 -32.83 -7.28 -62.77
CA THR D 394 -33.04 -7.52 -64.19
C THR D 394 -34.52 -7.56 -64.54
N ILE D 395 -35.35 -8.10 -63.65
CA ILE D 395 -36.78 -8.21 -63.93
C ILE D 395 -37.44 -6.83 -63.90
N GLU D 396 -36.98 -5.95 -63.02
CA GLU D 396 -37.59 -4.64 -62.87
C GLU D 396 -37.13 -3.67 -63.96
N ASP D 397 -35.83 -3.63 -64.24
CA ASP D 397 -35.31 -2.61 -65.15
C ASP D 397 -35.21 -3.09 -66.60
N GLY D 398 -35.01 -4.39 -66.80
CA GLY D 398 -34.70 -4.95 -68.12
C GLY D 398 -33.53 -4.35 -68.85
N ARG D 399 -32.39 -4.17 -68.18
CA ARG D 399 -31.17 -3.67 -68.80
C ARG D 399 -29.97 -4.38 -68.19
N ILE D 400 -29.04 -4.83 -69.04
CA ILE D 400 -27.91 -5.63 -68.58
C ILE D 400 -26.61 -5.04 -69.11
N VAL D 401 -25.51 -5.38 -68.44
CA VAL D 401 -24.18 -4.91 -68.82
C VAL D 401 -23.22 -6.10 -68.81
N SER D 402 -22.14 -5.96 -69.57
CA SER D 402 -21.14 -7.02 -69.71
C SER D 402 -20.25 -7.07 -68.47
N GLY D 403 -19.83 -8.28 -68.09
CA GLY D 403 -19.10 -8.48 -66.86
C GLY D 403 -17.60 -8.63 -67.07
N GLY D 404 -16.96 -9.18 -66.04
CA GLY D 404 -15.51 -9.34 -66.05
C GLY D 404 -14.72 -8.06 -66.21
N GLY D 405 -15.21 -6.96 -65.67
CA GLY D 405 -14.58 -5.67 -65.81
C GLY D 405 -14.52 -5.10 -67.21
N SER D 406 -15.20 -5.70 -68.19
CA SER D 406 -15.25 -5.07 -69.50
C SER D 406 -15.98 -3.72 -69.53
N THR D 407 -16.70 -3.37 -68.47
CA THR D 407 -17.41 -2.09 -68.47
C THR D 407 -16.50 -0.95 -68.02
N GLU D 408 -15.65 -1.21 -67.04
CA GLU D 408 -14.80 -0.17 -66.47
C GLU D 408 -13.77 0.33 -67.48
N VAL D 409 -13.22 -0.57 -68.30
CA VAL D 409 -12.30 -0.15 -69.36
C VAL D 409 -12.99 0.76 -70.36
N GLU D 410 -14.21 0.40 -70.75
CA GLU D 410 -14.98 1.24 -71.67
C GLU D 410 -15.24 2.62 -71.07
N LEU D 411 -15.62 2.66 -69.80
CA LEU D 411 -15.89 3.94 -69.17
C LEU D 411 -14.63 4.79 -69.06
N SER D 412 -13.52 4.18 -68.69
CA SER D 412 -12.26 4.92 -68.60
C SER D 412 -11.91 5.54 -69.94
N MET D 413 -11.99 4.75 -71.02
CA MET D 413 -11.70 5.28 -72.35
C MET D 413 -12.63 6.43 -72.73
N LYS D 414 -13.94 6.24 -72.53
CA LYS D 414 -14.92 7.24 -72.95
C LYS D 414 -14.92 8.48 -72.05
N LEU D 415 -14.34 8.38 -70.86
CA LEU D 415 -14.14 9.58 -70.04
C LEU D 415 -12.84 10.28 -70.41
N ARG D 416 -11.87 9.55 -70.95
CA ARG D 416 -10.66 10.21 -71.40
C ARG D 416 -10.91 10.98 -72.70
N GLU D 417 -11.73 10.42 -73.59
CA GLU D 417 -12.23 11.18 -74.75
C GLU D 417 -13.07 12.39 -74.33
N TYR D 418 -13.71 12.32 -73.16
CA TYR D 418 -14.39 13.48 -72.56
C TYR D 418 -13.39 14.53 -72.08
N ALA D 419 -12.33 14.10 -71.42
CA ALA D 419 -11.49 15.03 -70.67
C ALA D 419 -10.78 16.03 -71.57
N GLU D 420 -10.62 15.73 -72.87
CA GLU D 420 -9.99 16.72 -73.75
C GLU D 420 -10.91 17.88 -74.08
N GLY D 421 -12.22 17.73 -73.92
CA GLY D 421 -13.12 18.86 -74.11
C GLY D 421 -13.10 19.85 -72.96
N ILE D 422 -12.84 19.36 -71.76
CA ILE D 422 -12.80 20.19 -70.56
C ILE D 422 -11.45 20.88 -70.47
N SER D 423 -11.46 22.17 -70.09
CA SER D 423 -10.22 22.91 -69.96
C SER D 423 -10.17 23.59 -68.59
N GLY D 424 -8.96 23.94 -68.18
CA GLY D 424 -8.68 24.40 -66.83
C GLY D 424 -8.01 23.30 -66.03
N ARG D 425 -8.24 23.26 -64.73
CA ARG D 425 -7.56 22.29 -63.87
C ARG D 425 -8.47 21.19 -63.37
N GLU D 426 -9.78 21.31 -63.56
CA GLU D 426 -10.67 20.16 -63.35
C GLU D 426 -10.37 19.02 -64.30
N GLN D 427 -9.66 19.30 -65.41
CA GLN D 427 -9.28 18.24 -66.34
C GLN D 427 -8.39 17.20 -65.65
N LEU D 428 -7.55 17.66 -64.72
CA LEU D 428 -6.70 16.74 -63.98
C LEU D 428 -7.52 15.78 -63.14
N ALA D 429 -8.52 16.31 -62.42
CA ALA D 429 -9.40 15.47 -61.61
C ALA D 429 -10.26 14.54 -62.45
N VAL D 430 -10.69 14.99 -63.63
CA VAL D 430 -11.47 14.13 -64.52
C VAL D 430 -10.62 12.95 -65.00
N ARG D 431 -9.34 13.21 -65.29
CA ARG D 431 -8.45 12.12 -65.69
C ARG D 431 -8.18 11.16 -64.54
N ALA D 432 -7.95 11.69 -63.34
CA ALA D 432 -7.73 10.84 -62.18
C ALA D 432 -8.96 10.01 -61.85
N PHE D 433 -10.16 10.53 -62.13
CA PHE D 433 -11.37 9.74 -61.95
C PHE D 433 -11.44 8.62 -62.97
N ALA D 434 -11.16 8.94 -64.24
CA ALA D 434 -11.23 7.94 -65.30
C ALA D 434 -10.20 6.84 -65.11
N ASP D 435 -9.06 7.18 -64.51
CA ASP D 435 -7.97 6.24 -64.29
C ASP D 435 -8.17 5.43 -63.01
N ALA D 436 -9.19 5.76 -62.22
CA ALA D 436 -9.43 5.07 -60.96
C ALA D 436 -10.43 3.92 -61.11
N LEU D 437 -11.12 3.84 -62.24
CA LEU D 437 -12.12 2.81 -62.43
C LEU D 437 -11.49 1.49 -62.88
N GLU D 438 -10.27 1.56 -63.41
CA GLU D 438 -9.54 0.37 -63.82
C GLU D 438 -8.94 -0.40 -62.65
N VAL D 439 -9.28 -0.03 -61.41
CA VAL D 439 -8.85 -0.80 -60.25
C VAL D 439 -9.51 -2.18 -60.23
N ILE D 440 -10.68 -2.28 -60.84
CA ILE D 440 -11.50 -3.50 -60.79
C ILE D 440 -10.91 -4.58 -61.71
N PRO D 441 -10.67 -4.31 -62.99
CA PRO D 441 -10.00 -5.33 -63.83
C PRO D 441 -8.56 -5.59 -63.42
N ARG D 442 -7.88 -4.59 -62.87
CA ARG D 442 -6.58 -4.81 -62.23
C ARG D 442 -6.68 -5.82 -61.10
N THR D 443 -7.58 -5.60 -60.14
CA THR D 443 -7.69 -6.55 -59.02
C THR D 443 -8.19 -7.91 -59.48
N LEU D 444 -9.02 -7.95 -60.52
CA LEU D 444 -9.50 -9.23 -61.05
C LEU D 444 -8.35 -10.06 -61.59
N ALA D 445 -7.31 -9.42 -62.10
CA ALA D 445 -6.10 -10.16 -62.46
C ALA D 445 -5.18 -10.41 -61.25
N GLU D 446 -5.13 -9.46 -60.31
CA GLU D 446 -4.25 -9.60 -59.14
C GLU D 446 -4.59 -10.83 -58.31
N ASN D 447 -5.89 -11.09 -58.12
CA ASN D 447 -6.31 -12.18 -57.26
C ASN D 447 -6.03 -13.55 -57.88
N ALA D 448 -6.15 -13.67 -59.20
CA ALA D 448 -5.89 -14.93 -59.91
C ALA D 448 -4.41 -15.21 -60.12
N GLY D 449 -3.53 -14.36 -59.59
CA GLY D 449 -2.11 -14.52 -59.79
C GLY D 449 -1.62 -14.26 -61.19
N LEU D 450 -2.32 -13.42 -61.94
CA LEU D 450 -1.94 -13.07 -63.30
C LEU D 450 -1.10 -11.80 -63.29
N ASP D 451 -0.54 -11.46 -64.45
CA ASP D 451 0.32 -10.29 -64.61
C ASP D 451 -0.58 -9.14 -65.08
N ALA D 452 -0.91 -8.25 -64.14
CA ALA D 452 -1.95 -7.26 -64.40
C ALA D 452 -1.52 -6.22 -65.44
N ILE D 453 -0.24 -5.82 -65.42
CA ILE D 453 0.21 -4.76 -66.31
C ILE D 453 0.23 -5.23 -67.75
N GLU D 454 0.52 -6.52 -67.98
CA GLU D 454 0.49 -7.07 -69.33
C GLU D 454 -0.95 -7.36 -69.77
N ILE D 455 -1.82 -7.72 -68.83
CA ILE D 455 -3.20 -8.04 -69.18
C ILE D 455 -3.96 -6.79 -69.59
N LEU D 456 -3.80 -5.70 -68.82
CA LEU D 456 -4.63 -4.51 -68.98
C LEU D 456 -4.45 -3.87 -70.35
N VAL D 457 -3.25 -3.94 -70.91
CA VAL D 457 -2.98 -3.35 -72.23
C VAL D 457 -3.74 -4.11 -73.31
N LYS D 458 -3.71 -5.44 -73.26
CA LYS D 458 -4.44 -6.25 -74.23
C LYS D 458 -5.93 -5.98 -74.14
N VAL D 459 -6.44 -5.87 -72.90
CA VAL D 459 -7.85 -5.58 -72.68
C VAL D 459 -8.22 -4.23 -73.31
N ARG D 460 -7.39 -3.20 -73.09
CA ARG D 460 -7.66 -1.90 -73.70
C ARG D 460 -7.64 -1.97 -75.21
N ALA D 461 -6.63 -2.67 -75.77
CA ALA D 461 -6.47 -2.74 -77.22
C ALA D 461 -7.69 -3.35 -77.88
N ALA D 462 -8.26 -4.38 -77.25
CA ALA D 462 -9.46 -5.02 -77.79
C ALA D 462 -10.61 -4.02 -77.96
N HIS D 463 -10.68 -3.02 -77.07
CA HIS D 463 -11.73 -2.01 -77.17
C HIS D 463 -11.39 -0.97 -78.22
N ALA D 464 -10.15 -0.46 -78.18
CA ALA D 464 -9.79 0.70 -79.00
C ALA D 464 -9.93 0.45 -80.51
N SER D 465 -9.96 -0.82 -80.93
CA SER D 465 -9.99 -1.13 -82.35
C SER D 465 -11.38 -1.51 -82.88
N ASN D 466 -12.41 -1.42 -82.05
CA ASN D 466 -13.69 -2.03 -82.39
C ASN D 466 -14.92 -1.29 -81.88
N GLY D 467 -14.83 -0.58 -80.77
CA GLY D 467 -16.08 -0.28 -80.08
C GLY D 467 -16.70 -1.52 -79.48
N ASN D 468 -15.89 -2.55 -79.22
CA ASN D 468 -16.35 -3.77 -78.55
C ASN D 468 -16.70 -3.43 -77.11
N LYS D 469 -17.99 -3.48 -76.79
CA LYS D 469 -18.45 -3.18 -75.45
C LYS D 469 -18.03 -4.24 -74.44
N CYS D 470 -17.67 -5.43 -74.93
CA CYS D 470 -17.79 -6.66 -74.15
C CYS D 470 -16.46 -7.28 -73.70
N ALA D 471 -15.36 -7.02 -74.39
CA ALA D 471 -14.15 -7.80 -74.19
C ALA D 471 -13.54 -7.56 -72.82
N GLY D 472 -13.03 -8.64 -72.21
CA GLY D 472 -12.54 -8.58 -70.85
C GLY D 472 -11.79 -9.84 -70.48
N LEU D 473 -11.34 -9.88 -69.21
CA LEU D 473 -10.44 -10.93 -68.76
C LEU D 473 -11.19 -12.23 -68.46
N ASN D 474 -10.66 -13.34 -68.97
CA ASN D 474 -11.03 -14.68 -68.52
C ASN D 474 -9.98 -15.13 -67.51
N VAL D 475 -10.38 -15.22 -66.23
CA VAL D 475 -9.44 -15.47 -65.13
C VAL D 475 -9.08 -16.95 -64.98
N PHE D 476 -9.49 -17.79 -65.93
CA PHE D 476 -9.21 -19.22 -65.89
C PHE D 476 -8.21 -19.63 -66.97
N THR D 477 -8.58 -19.46 -68.23
CA THR D 477 -7.63 -19.50 -69.33
C THR D 477 -6.58 -18.39 -69.30
N GLY D 478 -6.78 -17.34 -68.51
CA GLY D 478 -5.81 -16.26 -68.53
C GLY D 478 -5.74 -15.52 -69.85
N ALA D 479 -6.89 -15.21 -70.45
CA ALA D 479 -6.93 -14.63 -71.78
C ALA D 479 -8.12 -13.69 -71.91
N VAL D 480 -8.11 -12.90 -72.98
CA VAL D 480 -9.05 -11.79 -73.16
C VAL D 480 -10.18 -12.25 -74.08
N GLU D 481 -11.41 -12.25 -73.58
CA GLU D 481 -12.51 -12.83 -74.32
C GLU D 481 -13.76 -11.97 -74.26
N ASP D 482 -14.66 -12.22 -75.20
CA ASP D 482 -15.98 -11.59 -75.24
C ASP D 482 -16.79 -12.11 -74.05
N MET D 483 -17.19 -11.20 -73.16
CA MET D 483 -17.84 -11.64 -71.92
C MET D 483 -19.34 -11.81 -72.08
N CYS D 484 -19.90 -11.52 -73.27
CA CYS D 484 -21.30 -11.84 -73.53
C CYS D 484 -21.44 -13.23 -74.15
N GLU D 485 -20.54 -13.59 -75.06
CA GLU D 485 -20.49 -14.96 -75.58
C GLU D 485 -20.15 -15.95 -74.47
N ASN D 486 -19.38 -15.50 -73.47
CA ASN D 486 -19.04 -16.30 -72.31
C ASN D 486 -20.19 -16.42 -71.33
N GLY D 487 -21.19 -15.55 -71.43
CA GLY D 487 -22.32 -15.56 -70.52
C GLY D 487 -22.12 -14.93 -69.16
N VAL D 488 -21.19 -13.98 -69.03
CA VAL D 488 -20.95 -13.29 -67.77
C VAL D 488 -21.65 -11.93 -67.85
N VAL D 489 -22.83 -11.84 -67.23
CA VAL D 489 -23.75 -10.71 -67.42
C VAL D 489 -24.18 -10.18 -66.05
N GLU D 490 -24.41 -8.87 -65.98
CA GLU D 490 -24.83 -8.24 -64.74
C GLU D 490 -25.95 -7.25 -65.04
N PRO D 491 -26.74 -6.87 -64.04
CA PRO D 491 -27.78 -5.86 -64.28
C PRO D 491 -27.22 -4.45 -64.15
N LEU D 492 -27.76 -3.56 -64.99
CA LEU D 492 -27.21 -2.21 -65.12
C LEU D 492 -27.21 -1.46 -63.80
N ARG D 493 -28.20 -1.74 -62.94
CA ARG D 493 -28.37 -1.01 -61.68
C ARG D 493 -27.20 -1.24 -60.73
N VAL D 494 -26.37 -2.25 -60.98
CA VAL D 494 -25.24 -2.54 -60.11
C VAL D 494 -24.10 -1.55 -60.33
N LYS D 495 -23.95 -1.05 -61.55
CA LYS D 495 -22.87 -0.12 -61.85
C LYS D 495 -23.22 1.32 -61.45
N THR D 496 -24.37 1.80 -61.94
CA THR D 496 -24.81 3.17 -61.66
C THR D 496 -24.83 3.46 -60.18
N GLN D 497 -25.50 2.61 -59.39
CA GLN D 497 -25.54 2.78 -57.94
C GLN D 497 -24.15 2.79 -57.32
N ALA D 498 -23.27 1.90 -57.78
CA ALA D 498 -21.93 1.80 -57.21
C ALA D 498 -21.17 3.10 -57.38
N ILE D 499 -21.10 3.58 -58.63
CA ILE D 499 -20.37 4.81 -58.93
C ILE D 499 -21.01 5.99 -58.20
N GLN D 500 -22.34 5.99 -58.11
CA GLN D 500 -23.08 7.10 -57.53
C GLN D 500 -22.77 7.23 -56.04
N SER D 501 -22.91 6.13 -55.31
CA SER D 501 -22.52 6.03 -53.91
C SER D 501 -21.07 6.47 -53.69
N ALA D 502 -20.15 5.92 -54.50
CA ALA D 502 -18.72 6.13 -54.23
C ALA D 502 -18.32 7.58 -54.45
N ALA D 503 -18.82 8.20 -55.51
CA ALA D 503 -18.50 9.61 -55.75
C ALA D 503 -19.06 10.49 -54.63
N GLU D 504 -20.34 10.28 -54.27
CA GLU D 504 -20.98 11.12 -53.27
C GLU D 504 -20.31 10.97 -51.91
N SER D 505 -19.78 9.78 -51.59
CA SER D 505 -19.12 9.60 -50.30
C SER D 505 -17.66 10.04 -50.33
N THR D 506 -17.02 10.13 -51.51
CA THR D 506 -15.64 10.59 -51.52
C THR D 506 -15.57 12.12 -51.40
N GLU D 507 -16.59 12.79 -51.91
CA GLU D 507 -16.58 14.26 -51.96
C GLU D 507 -16.66 14.84 -50.56
N MET D 508 -17.32 14.14 -49.64
CA MET D 508 -17.42 14.62 -48.26
C MET D 508 -16.06 14.63 -47.57
N LEU D 509 -15.27 13.57 -47.76
CA LEU D 509 -13.93 13.54 -47.18
C LEU D 509 -12.98 14.49 -47.88
N LEU D 510 -13.27 14.85 -49.14
CA LEU D 510 -12.46 15.85 -49.79
C LEU D 510 -12.82 17.27 -49.35
N ARG D 511 -14.05 17.50 -48.88
CA ARG D 511 -14.46 18.84 -48.50
C ARG D 511 -14.15 19.18 -47.05
N ILE D 512 -13.65 18.23 -46.26
CA ILE D 512 -13.36 18.47 -44.85
C ILE D 512 -11.92 18.96 -44.69
N ASP D 513 -11.70 19.89 -43.75
CA ASP D 513 -10.32 20.23 -43.38
C ASP D 513 -10.03 20.30 -41.88
N ASP D 514 -10.98 19.96 -41.02
CA ASP D 514 -10.68 20.01 -39.59
C ASP D 514 -11.42 18.88 -38.88
N VAL D 515 -10.88 18.48 -37.72
CA VAL D 515 -11.49 17.48 -36.84
C VAL D 515 -11.46 18.03 -35.41
N ILE D 516 -12.65 18.20 -34.82
CA ILE D 516 -12.79 18.78 -33.49
C ILE D 516 -13.77 17.95 -32.66
N ALA D 517 -13.76 18.16 -31.34
CA ALA D 517 -14.46 17.27 -30.42
C ALA D 517 -15.85 17.80 -30.05
N ALA D 518 -16.80 16.89 -29.86
CA ALA D 518 -18.21 17.22 -29.67
C ALA D 518 -18.73 16.80 -28.30
N GLU D 519 -19.73 17.54 -27.83
CA GLU D 519 -20.20 17.52 -26.45
C GLU D 519 -21.54 16.76 -26.35
N LYS D 520 -21.46 15.44 -26.42
CA LYS D 520 -22.62 14.56 -26.45
C LYS D 520 -23.59 15.00 -27.55
N LEU D 521 -23.24 14.58 -28.77
CA LEU D 521 -23.84 15.12 -29.98
C LEU D 521 -25.34 14.84 -30.07
N ARG D 522 -25.72 13.57 -29.98
CA ARG D 522 -27.13 13.18 -30.10
C ARG D 522 -27.42 11.89 -29.35
N GLU E 10 3.97 27.39 -22.66
CA GLU E 10 4.24 28.57 -21.84
C GLU E 10 4.82 28.29 -20.42
N ASN E 11 4.30 28.98 -19.39
CA ASN E 11 4.80 28.90 -18.02
C ASN E 11 3.79 29.51 -17.03
N MET E 12 3.82 29.02 -15.77
CA MET E 12 3.00 29.61 -14.71
C MET E 12 3.08 31.14 -14.65
N LYS E 13 4.28 31.70 -14.60
CA LYS E 13 4.54 33.09 -14.22
C LYS E 13 4.26 34.08 -15.35
N ARG E 14 3.21 33.86 -16.13
CA ARG E 14 2.75 34.69 -17.24
C ARG E 14 1.27 35.02 -17.12
N TYR E 15 0.62 34.53 -16.05
CA TYR E 15 -0.79 34.75 -15.81
C TYR E 15 -1.02 36.20 -15.45
N MET E 16 0.02 36.83 -14.92
CA MET E 16 -0.02 38.22 -14.48
C MET E 16 -0.11 39.19 -15.64
N GLY E 17 0.39 38.81 -16.82
CA GLY E 17 0.76 39.74 -17.86
C GLY E 17 -0.34 40.25 -18.77
N ARG E 18 -1.61 39.94 -18.51
CA ARG E 18 -2.70 40.50 -19.32
C ARG E 18 -3.91 40.75 -18.46
N ASP E 19 -4.69 41.80 -18.78
CA ASP E 19 -5.85 42.10 -17.96
C ASP E 19 -6.98 41.10 -18.20
N ALA E 20 -8.04 41.21 -17.39
CA ALA E 20 -9.25 40.42 -17.59
C ALA E 20 -9.90 40.74 -18.94
N GLN E 21 -9.78 41.99 -19.38
CA GLN E 21 -10.35 42.37 -20.68
C GLN E 21 -9.55 41.74 -21.82
N ARG E 22 -8.22 41.67 -21.69
CA ARG E 22 -7.41 40.94 -22.66
C ARG E 22 -7.76 39.45 -22.65
N MET E 23 -7.88 38.87 -21.46
CA MET E 23 -8.39 37.50 -21.28
C MET E 23 -9.66 37.27 -22.11
N ASN E 24 -10.69 38.09 -21.87
CA ASN E 24 -11.98 37.90 -22.51
C ASN E 24 -11.91 38.15 -24.01
N ILE E 25 -11.17 39.18 -24.44
CA ILE E 25 -11.06 39.48 -25.87
C ILE E 25 -10.39 38.33 -26.62
N LEU E 26 -9.36 37.74 -26.01
CA LEU E 26 -8.67 36.60 -26.63
C LEU E 26 -9.55 35.35 -26.67
N ALA E 27 -10.19 35.03 -25.54
CA ALA E 27 -11.12 33.91 -25.48
C ALA E 27 -12.23 34.07 -26.51
N GLY E 28 -12.60 35.31 -26.82
CA GLY E 28 -13.60 35.54 -27.85
C GLY E 28 -13.05 35.38 -29.25
N ARG E 29 -11.90 36.00 -29.52
CA ARG E 29 -11.29 35.89 -30.84
C ARG E 29 -11.11 34.44 -31.24
N ILE E 30 -10.87 33.55 -30.28
CA ILE E 30 -10.65 32.14 -30.59
C ILE E 30 -11.87 31.54 -31.30
N ILE E 31 -13.07 31.87 -30.83
CA ILE E 31 -14.29 31.30 -31.41
C ILE E 31 -14.46 31.76 -32.86
N ALA E 32 -14.28 33.07 -33.11
CA ALA E 32 -14.40 33.58 -34.47
C ALA E 32 -13.33 32.99 -35.38
N GLU E 33 -12.13 32.75 -34.85
CA GLU E 33 -11.10 32.09 -35.64
C GLU E 33 -11.46 30.64 -35.96
N THR E 34 -12.25 30.00 -35.10
CA THR E 34 -12.63 28.61 -35.35
C THR E 34 -13.50 28.49 -36.61
N VAL E 35 -14.49 29.37 -36.77
CA VAL E 35 -15.51 29.17 -37.80
C VAL E 35 -15.23 29.92 -39.10
N ARG E 36 -14.16 30.71 -39.16
CA ARG E 36 -14.00 31.71 -40.21
C ARG E 36 -13.77 31.08 -41.59
N SER E 37 -13.02 29.99 -41.64
CA SER E 37 -12.71 29.27 -42.88
C SER E 37 -13.91 28.56 -43.48
N THR E 38 -15.05 28.55 -42.81
CA THR E 38 -16.27 27.97 -43.38
C THR E 38 -16.99 28.96 -44.30
N LEU E 39 -16.49 30.19 -44.41
CA LEU E 39 -17.26 31.28 -45.01
C LEU E 39 -17.11 31.30 -46.51
N GLY E 40 -18.21 31.60 -47.22
CA GLY E 40 -18.16 31.87 -48.63
C GLY E 40 -18.21 30.63 -49.49
N PRO E 41 -18.30 30.83 -50.81
CA PRO E 41 -18.51 29.68 -51.73
C PRO E 41 -17.40 28.65 -51.68
N LYS E 42 -16.15 29.08 -51.48
CA LYS E 42 -14.99 28.21 -51.34
C LYS E 42 -14.78 27.76 -49.90
N GLY E 43 -15.80 27.84 -49.06
CA GLY E 43 -15.67 27.41 -47.68
C GLY E 43 -15.55 25.90 -47.53
N MET E 44 -15.03 25.49 -46.38
CA MET E 44 -14.71 24.10 -46.13
C MET E 44 -15.43 23.60 -44.88
N ASP E 45 -15.58 22.28 -44.79
CA ASP E 45 -16.37 21.66 -43.73
C ASP E 45 -15.52 21.28 -42.52
N LYS E 46 -16.21 21.15 -41.38
CA LYS E 46 -15.60 20.69 -40.13
C LYS E 46 -16.15 19.31 -39.78
N MET E 47 -15.31 18.50 -39.13
CA MET E 47 -15.75 17.20 -38.62
C MET E 47 -15.85 17.25 -37.10
N LEU E 48 -17.01 16.87 -36.58
CA LEU E 48 -17.28 16.86 -35.14
C LEU E 48 -17.36 15.43 -34.65
N VAL E 49 -16.65 15.13 -33.55
CA VAL E 49 -16.57 13.76 -33.03
C VAL E 49 -16.96 13.76 -31.56
N ASP E 50 -17.76 12.77 -31.17
CA ASP E 50 -18.29 12.62 -29.83
C ASP E 50 -17.31 11.90 -28.91
N ASP E 51 -17.66 11.87 -27.63
CA ASP E 51 -17.06 10.90 -26.71
C ASP E 51 -17.48 9.48 -27.06
N LEU E 52 -18.74 9.29 -27.48
CA LEU E 52 -19.28 7.96 -27.70
C LEU E 52 -18.98 7.41 -29.09
N GLY E 53 -18.49 8.25 -30.00
CA GLY E 53 -18.18 7.84 -31.35
C GLY E 53 -19.12 8.33 -32.43
N ASP E 54 -20.17 9.07 -32.08
CA ASP E 54 -21.00 9.72 -33.10
C ASP E 54 -20.19 10.76 -33.86
N VAL E 55 -20.56 10.99 -35.13
CA VAL E 55 -19.82 11.86 -36.02
C VAL E 55 -20.79 12.77 -36.77
N VAL E 56 -20.42 14.04 -36.93
CA VAL E 56 -21.17 15.00 -37.73
C VAL E 56 -20.21 15.72 -38.67
N VAL E 57 -20.64 15.90 -39.93
CA VAL E 57 -19.86 16.65 -40.91
C VAL E 57 -20.73 17.78 -41.46
N THR E 58 -20.27 19.02 -41.30
CA THR E 58 -21.03 20.19 -41.72
C THR E 58 -20.11 21.40 -41.81
N ASN E 59 -20.57 22.42 -42.55
CA ASN E 59 -19.98 23.76 -42.44
C ASN E 59 -20.98 24.80 -41.93
N ASP E 60 -22.12 24.36 -41.43
CA ASP E 60 -23.08 25.27 -40.80
C ASP E 60 -22.48 25.80 -39.51
N GLY E 61 -22.43 27.12 -39.37
CA GLY E 61 -21.67 27.72 -38.28
C GLY E 61 -22.29 27.50 -36.91
N VAL E 62 -23.58 27.83 -36.78
CA VAL E 62 -24.23 27.72 -35.48
C VAL E 62 -24.23 26.28 -35.00
N THR E 63 -24.16 25.31 -35.92
CA THR E 63 -24.08 23.91 -35.52
C THR E 63 -22.72 23.58 -34.93
N ILE E 64 -21.65 24.09 -35.55
CA ILE E 64 -20.31 23.93 -35.00
C ILE E 64 -20.23 24.53 -33.61
N LEU E 65 -20.71 25.77 -33.47
CA LEU E 65 -20.69 26.48 -32.19
C LEU E 65 -21.62 25.82 -31.17
N ARG E 66 -22.63 25.10 -31.62
CA ARG E 66 -23.55 24.44 -30.68
C ARG E 66 -23.04 23.10 -30.20
N GLU E 67 -22.27 22.40 -31.02
CA GLU E 67 -21.79 21.08 -30.66
C GLU E 67 -20.38 21.07 -30.08
N MET E 68 -19.71 22.21 -30.02
CA MET E 68 -18.32 22.24 -29.59
C MET E 68 -18.24 22.14 -28.07
N SER E 69 -17.16 21.53 -27.58
CA SER E 69 -16.88 21.59 -26.15
C SER E 69 -16.21 22.93 -25.87
N VAL E 70 -16.97 23.87 -25.30
CA VAL E 70 -16.50 25.23 -25.08
C VAL E 70 -16.68 25.56 -23.59
N GLU E 71 -15.61 26.06 -22.96
CA GLU E 71 -15.58 26.14 -21.51
C GLU E 71 -15.34 27.53 -20.94
N HIS E 72 -14.79 28.46 -21.70
CA HIS E 72 -14.54 29.79 -21.14
C HIS E 72 -15.80 30.64 -21.25
N PRO E 73 -16.11 31.46 -20.24
CA PRO E 73 -17.39 32.19 -20.25
C PRO E 73 -17.59 33.11 -21.44
N ALA E 74 -16.56 33.82 -21.87
CA ALA E 74 -16.73 34.78 -22.96
C ALA E 74 -16.99 34.07 -24.29
N ALA E 75 -16.36 32.92 -24.50
CA ALA E 75 -16.64 32.13 -25.69
C ALA E 75 -18.07 31.61 -25.66
N LYS E 76 -18.55 31.26 -24.47
CA LYS E 76 -19.95 30.90 -24.27
C LYS E 76 -20.86 32.06 -24.60
N MET E 77 -20.42 33.29 -24.32
CA MET E 77 -21.18 34.48 -24.66
C MET E 77 -21.20 34.78 -26.15
N LEU E 78 -20.20 34.34 -26.91
CA LEU E 78 -20.21 34.55 -28.35
C LEU E 78 -21.10 33.55 -29.08
N ILE E 79 -21.28 32.35 -28.52
CA ILE E 79 -22.18 31.38 -29.14
C ILE E 79 -23.61 31.91 -29.22
N GLU E 80 -23.99 32.77 -28.27
CA GLU E 80 -25.35 33.33 -28.28
C GLU E 80 -25.56 34.31 -29.42
N VAL E 81 -24.49 34.76 -30.06
CA VAL E 81 -24.58 35.62 -31.25
C VAL E 81 -25.06 34.83 -32.46
N ALA E 82 -24.69 33.54 -32.54
CA ALA E 82 -25.15 32.69 -33.64
C ALA E 82 -26.59 32.25 -33.45
N LYS E 83 -26.96 31.81 -32.24
CA LYS E 83 -28.28 31.24 -31.99
C LYS E 83 -29.40 32.24 -32.30
N THR E 84 -29.17 33.53 -32.05
CA THR E 84 -30.21 34.51 -32.29
C THR E 84 -30.42 34.73 -33.78
N GLN E 85 -29.33 34.69 -34.55
CA GLN E 85 -29.43 34.74 -36.00
C GLN E 85 -30.11 33.49 -36.54
N GLU E 86 -29.86 32.34 -35.90
CA GLU E 86 -30.55 31.10 -36.25
C GLU E 86 -32.05 31.24 -36.04
N LYS E 87 -32.43 31.79 -34.89
CA LYS E 87 -33.81 31.79 -34.42
C LYS E 87 -34.64 32.83 -35.16
N GLU E 88 -34.12 34.05 -35.30
CA GLU E 88 -34.90 35.17 -35.79
C GLU E 88 -34.87 35.32 -37.31
N VAL E 89 -33.85 34.78 -37.97
CA VAL E 89 -33.65 34.96 -39.40
C VAL E 89 -33.56 33.58 -40.02
N GLY E 90 -32.55 32.83 -39.63
CA GLY E 90 -32.31 31.49 -40.13
C GLY E 90 -31.01 31.31 -40.87
N ASP E 91 -30.61 32.32 -41.65
CA ASP E 91 -29.32 32.29 -42.33
C ASP E 91 -28.48 33.45 -41.78
N GLY E 92 -27.18 33.39 -42.05
CA GLY E 92 -26.26 34.43 -41.62
C GLY E 92 -25.52 34.17 -40.33
N THR E 93 -25.47 32.93 -39.85
CA THR E 93 -24.89 32.66 -38.54
C THR E 93 -23.36 32.65 -38.54
N THR E 94 -22.72 32.84 -39.68
CA THR E 94 -21.26 32.93 -39.68
C THR E 94 -20.76 34.37 -39.85
N THR E 95 -21.51 35.19 -40.58
CA THR E 95 -21.17 36.60 -40.71
C THR E 95 -21.19 37.28 -39.34
N ALA E 96 -22.23 36.99 -38.55
CA ALA E 96 -22.38 37.57 -37.23
C ALA E 96 -21.16 37.29 -36.35
N VAL E 97 -20.69 36.04 -36.31
CA VAL E 97 -19.64 35.73 -35.34
C VAL E 97 -18.30 36.29 -35.82
N VAL E 98 -18.07 36.27 -37.13
CA VAL E 98 -16.81 36.79 -37.65
C VAL E 98 -16.73 38.29 -37.45
N VAL E 99 -17.85 39.00 -37.68
CA VAL E 99 -17.87 40.43 -37.43
C VAL E 99 -17.71 40.74 -35.95
N ALA E 100 -18.34 39.93 -35.08
CA ALA E 100 -18.18 40.12 -33.64
C ALA E 100 -16.72 40.00 -33.22
N GLY E 101 -16.04 38.93 -33.65
CA GLY E 101 -14.64 38.78 -33.27
C GLY E 101 -13.74 39.84 -33.86
N GLU E 102 -14.05 40.32 -35.07
CA GLU E 102 -13.25 41.40 -35.62
C GLU E 102 -13.46 42.68 -34.83
N LEU E 103 -14.67 42.88 -34.30
CA LEU E 103 -14.92 44.02 -33.43
C LEU E 103 -14.14 43.90 -32.13
N LEU E 104 -14.11 42.69 -31.55
CA LEU E 104 -13.27 42.46 -30.37
C LEU E 104 -11.81 42.81 -30.63
N ARG E 105 -11.28 42.36 -31.77
CA ARG E 105 -9.86 42.49 -32.06
C ARG E 105 -9.51 43.93 -32.43
N LYS E 106 -10.43 44.63 -33.10
CA LYS E 106 -10.26 46.06 -33.32
C LYS E 106 -10.29 46.83 -32.02
N ALA E 107 -11.17 46.45 -31.09
CA ALA E 107 -11.21 47.10 -29.79
C ALA E 107 -9.90 46.91 -29.05
N GLU E 108 -9.28 45.74 -29.23
CA GLU E 108 -8.00 45.45 -28.59
C GLU E 108 -6.90 46.39 -29.08
N GLU E 109 -7.03 46.90 -30.31
CA GLU E 109 -6.01 47.79 -30.86
C GLU E 109 -6.10 49.20 -30.29
N LEU E 110 -7.24 49.55 -29.66
CA LEU E 110 -7.38 50.86 -29.05
C LEU E 110 -7.11 50.86 -27.55
N LEU E 111 -7.31 49.72 -26.89
CA LEU E 111 -7.04 49.66 -25.45
C LEU E 111 -5.54 49.62 -25.17
N ASP E 112 -4.76 49.13 -26.13
CA ASP E 112 -3.31 49.21 -25.98
C ASP E 112 -2.75 50.60 -26.29
N GLN E 113 -3.61 51.56 -26.67
CA GLN E 113 -3.27 52.97 -26.69
C GLN E 113 -3.87 53.71 -25.49
N ASN E 114 -4.47 52.97 -24.55
CA ASN E 114 -5.00 53.47 -23.30
C ASN E 114 -6.27 54.31 -23.48
N VAL E 115 -7.15 53.91 -24.41
CA VAL E 115 -8.48 54.53 -24.53
C VAL E 115 -9.44 53.86 -23.56
N HIS E 116 -10.22 54.69 -22.84
CA HIS E 116 -11.12 54.16 -21.82
C HIS E 116 -12.18 53.27 -22.47
N PRO E 117 -12.49 52.11 -21.86
CA PRO E 117 -13.53 51.23 -22.41
C PRO E 117 -14.89 51.89 -22.64
N THR E 118 -15.35 52.75 -21.73
CA THR E 118 -16.63 53.41 -21.94
C THR E 118 -16.61 54.30 -23.19
N ILE E 119 -15.45 54.89 -23.51
CA ILE E 119 -15.36 55.70 -24.72
C ILE E 119 -15.52 54.83 -25.95
N VAL E 120 -14.90 53.63 -25.94
CA VAL E 120 -15.06 52.70 -27.05
C VAL E 120 -16.53 52.30 -27.20
N VAL E 121 -17.18 51.99 -26.08
CA VAL E 121 -18.56 51.51 -26.11
C VAL E 121 -19.50 52.60 -26.64
N LYS E 122 -19.33 53.84 -26.15
CA LYS E 122 -20.12 54.95 -26.65
C LYS E 122 -19.83 55.29 -28.11
N GLY E 123 -18.64 54.97 -28.62
CA GLY E 123 -18.45 55.11 -30.06
C GLY E 123 -19.13 54.04 -30.88
N TYR E 124 -18.92 52.77 -30.51
CA TYR E 124 -19.59 51.67 -31.21
C TYR E 124 -21.10 51.90 -31.26
N GLN E 125 -21.67 52.37 -30.15
CA GLN E 125 -23.10 52.62 -30.11
C GLN E 125 -23.53 53.64 -31.16
N ALA E 126 -22.78 54.72 -31.31
CA ALA E 126 -23.11 55.73 -32.31
C ALA E 126 -22.91 55.23 -33.73
N ALA E 127 -22.03 54.25 -33.92
CA ALA E 127 -21.77 53.69 -35.24
C ALA E 127 -22.88 52.73 -35.68
N ALA E 128 -23.40 51.92 -34.74
CA ALA E 128 -24.34 50.88 -35.13
C ALA E 128 -25.69 51.46 -35.55
N GLN E 129 -26.16 52.50 -34.86
CA GLN E 129 -27.40 53.16 -35.28
C GLN E 129 -27.25 53.77 -36.67
N LYS E 130 -26.07 54.31 -36.96
CA LYS E 130 -25.78 54.85 -38.28
C LYS E 130 -25.77 53.74 -39.33
N ALA E 131 -25.25 52.56 -38.97
CA ALA E 131 -25.29 51.44 -39.89
C ALA E 131 -26.72 50.97 -40.13
N GLN E 132 -27.60 51.13 -39.14
CA GLN E 132 -29.01 50.83 -39.35
C GLN E 132 -29.65 51.79 -40.34
N GLU E 133 -29.41 53.10 -40.18
CA GLU E 133 -29.89 54.08 -41.14
C GLU E 133 -29.41 53.76 -42.55
N LEU E 134 -28.10 53.51 -42.69
CA LEU E 134 -27.51 53.24 -43.99
C LEU E 134 -28.07 51.97 -44.63
N LEU E 135 -28.19 50.90 -43.85
CA LEU E 135 -28.78 49.67 -44.37
C LEU E 135 -30.23 49.86 -44.78
N LYS E 136 -30.97 50.72 -44.07
CA LYS E 136 -32.35 50.97 -44.44
C LYS E 136 -32.48 51.83 -45.69
N THR E 137 -31.41 52.51 -46.10
CA THR E 137 -31.47 53.35 -47.29
C THR E 137 -30.70 52.84 -48.51
N ILE E 138 -29.78 51.88 -48.36
CA ILE E 138 -29.03 51.34 -49.50
C ILE E 138 -29.64 50.07 -50.07
N ALA E 139 -30.80 49.65 -49.58
CA ALA E 139 -31.41 48.40 -50.01
C ALA E 139 -32.29 48.61 -51.25
N CYS E 140 -32.65 47.51 -51.90
CA CYS E 140 -33.51 47.54 -53.08
C CYS E 140 -34.88 46.95 -52.74
N GLU E 141 -35.93 47.56 -53.28
CA GLU E 141 -37.30 47.26 -52.89
C GLU E 141 -38.00 46.43 -53.97
N VAL E 142 -38.47 45.24 -53.58
CA VAL E 142 -39.01 44.27 -54.52
C VAL E 142 -40.32 43.70 -53.97
N GLY E 143 -41.23 43.32 -54.87
CA GLY E 143 -42.52 42.81 -54.46
C GLY E 143 -42.48 41.33 -54.12
N ALA E 144 -43.36 40.93 -53.20
CA ALA E 144 -43.30 39.58 -52.63
C ALA E 144 -43.83 38.52 -53.58
N GLN E 145 -44.52 38.94 -54.65
CA GLN E 145 -45.05 38.03 -55.65
C GLN E 145 -44.00 37.63 -56.70
N ASP E 146 -42.78 38.14 -56.58
CA ASP E 146 -41.77 38.08 -57.65
C ASP E 146 -40.91 36.83 -57.45
N LYS E 147 -41.36 35.73 -58.07
CA LYS E 147 -40.80 34.41 -57.77
C LYS E 147 -39.37 34.25 -58.30
N GLU E 148 -39.01 35.02 -59.34
CA GLU E 148 -37.70 34.91 -59.96
C GLU E 148 -36.58 35.30 -58.98
N ILE E 149 -36.69 36.48 -58.40
CA ILE E 149 -35.69 36.91 -57.43
C ILE E 149 -35.70 36.00 -56.20
N LEU E 150 -36.85 35.41 -55.88
CA LEU E 150 -36.89 34.41 -54.81
C LEU E 150 -36.03 33.19 -55.15
N THR E 151 -36.13 32.71 -56.40
CA THR E 151 -35.28 31.63 -56.86
C THR E 151 -33.80 31.99 -56.73
N LYS E 152 -33.45 33.21 -57.17
CA LYS E 152 -32.06 33.67 -57.15
C LYS E 152 -31.53 33.73 -55.72
N ILE E 153 -32.37 34.20 -54.79
CA ILE E 153 -31.96 34.26 -53.38
C ILE E 153 -31.78 32.86 -52.80
N ALA E 154 -32.66 31.93 -53.17
CA ALA E 154 -32.58 30.56 -52.69
C ALA E 154 -31.27 29.90 -53.15
N MET E 155 -30.96 30.06 -54.44
CA MET E 155 -29.70 29.56 -54.98
C MET E 155 -28.52 30.17 -54.26
N THR E 156 -28.58 31.48 -53.97
CA THR E 156 -27.53 32.15 -53.22
C THR E 156 -27.38 31.55 -51.82
N SER E 157 -28.47 31.01 -51.27
CA SER E 157 -28.41 30.43 -49.94
C SER E 157 -27.76 29.05 -49.96
N ILE E 158 -27.90 28.32 -51.07
CA ILE E 158 -27.42 26.95 -51.19
C ILE E 158 -25.94 26.92 -51.64
N THR E 159 -25.45 27.98 -52.26
CA THR E 159 -24.08 28.04 -52.77
C THR E 159 -23.04 27.92 -51.65
N GLY E 160 -22.01 27.08 -51.88
CA GLY E 160 -20.96 26.90 -50.91
C GLY E 160 -21.17 25.79 -49.89
N LYS E 161 -22.18 24.93 -50.08
CA LYS E 161 -22.56 23.97 -49.04
C LYS E 161 -22.38 22.52 -49.46
N GLY E 162 -21.63 22.23 -50.52
CA GLY E 162 -21.44 20.85 -50.94
C GLY E 162 -22.61 20.25 -51.69
N ALA E 163 -23.83 20.60 -51.31
CA ALA E 163 -25.02 20.25 -52.07
C ALA E 163 -25.31 21.31 -53.13
N GLU E 164 -24.28 21.75 -53.86
CA GLU E 164 -24.44 22.75 -54.91
C GLU E 164 -24.99 22.13 -56.19
N LYS E 165 -24.79 20.83 -56.36
CA LYS E 165 -25.03 20.23 -57.66
C LYS E 165 -26.51 20.17 -57.98
N ALA E 166 -27.36 20.25 -56.96
CA ALA E 166 -28.80 20.23 -57.11
C ALA E 166 -29.48 21.57 -56.87
N LYS E 167 -28.74 22.68 -56.76
CA LYS E 167 -29.35 23.92 -56.29
C LYS E 167 -30.41 24.44 -57.25
N GLU E 168 -30.24 24.20 -58.56
CA GLU E 168 -31.18 24.72 -59.54
C GLU E 168 -32.47 23.92 -59.62
N LYS E 169 -32.56 22.82 -58.85
CA LYS E 169 -33.83 22.12 -58.63
C LYS E 169 -34.40 22.40 -57.25
N LEU E 170 -33.51 22.41 -56.24
CA LEU E 170 -33.92 22.71 -54.87
C LEU E 170 -34.56 24.08 -54.78
N ALA E 171 -34.08 25.03 -55.61
CA ALA E 171 -34.62 26.38 -55.61
C ALA E 171 -36.10 26.38 -55.99
N GLU E 172 -36.46 25.70 -57.08
CA GLU E 172 -37.86 25.63 -57.49
C GLU E 172 -38.70 24.94 -56.43
N ILE E 173 -38.20 23.82 -55.92
CA ILE E 173 -38.94 23.05 -54.91
C ILE E 173 -39.25 23.94 -53.70
N ILE E 174 -38.22 24.63 -53.19
CA ILE E 174 -38.36 25.43 -51.97
C ILE E 174 -39.25 26.65 -52.23
N VAL E 175 -39.13 27.27 -53.40
CA VAL E 175 -39.96 28.44 -53.70
C VAL E 175 -41.43 28.07 -53.69
N GLU E 176 -41.79 26.97 -54.36
CA GLU E 176 -43.20 26.54 -54.30
C GLU E 176 -43.60 26.15 -52.88
N ALA E 177 -42.74 25.41 -52.18
CA ALA E 177 -43.04 24.91 -50.84
C ALA E 177 -43.37 26.06 -49.89
N VAL E 178 -42.58 27.14 -49.97
CA VAL E 178 -42.77 28.30 -49.10
C VAL E 178 -43.97 29.13 -49.56
N SER E 179 -44.16 29.23 -50.87
CA SER E 179 -45.26 30.05 -51.40
C SER E 179 -46.61 29.46 -51.01
N ALA E 180 -46.64 28.16 -50.74
CA ALA E 180 -47.87 27.49 -50.35
C ALA E 180 -48.34 27.96 -48.98
N VAL E 181 -47.40 28.13 -48.05
CA VAL E 181 -47.68 28.30 -46.63
C VAL E 181 -47.72 29.76 -46.22
N VAL E 182 -47.67 30.68 -47.18
CA VAL E 182 -47.85 32.11 -46.91
C VAL E 182 -49.30 32.32 -46.49
N ASP E 183 -49.51 32.75 -45.24
CA ASP E 183 -50.83 32.74 -44.64
C ASP E 183 -51.67 33.93 -45.11
N ASP E 184 -52.95 33.92 -44.74
CA ASP E 184 -53.86 34.95 -45.23
C ASP E 184 -53.50 36.35 -44.73
N GLU E 185 -52.55 36.46 -43.81
CA GLU E 185 -52.02 37.75 -43.40
C GLU E 185 -50.64 38.07 -43.98
N GLY E 186 -50.14 37.24 -44.90
CA GLY E 186 -48.88 37.51 -45.57
C GLY E 186 -47.63 37.22 -44.78
N LYS E 187 -47.64 36.19 -43.94
CA LYS E 187 -46.50 35.84 -43.10
C LYS E 187 -46.19 34.36 -43.27
N VAL E 188 -44.91 34.03 -43.16
CA VAL E 188 -44.43 32.67 -43.39
C VAL E 188 -44.12 32.03 -42.04
N ASP E 189 -44.71 30.86 -41.80
CA ASP E 189 -44.41 30.06 -40.62
C ASP E 189 -43.65 28.82 -41.07
N LYS E 190 -42.50 28.57 -40.43
CA LYS E 190 -41.57 27.56 -40.91
C LYS E 190 -42.06 26.14 -40.59
N ASP E 191 -42.77 25.99 -39.47
CA ASP E 191 -43.23 24.68 -39.03
C ASP E 191 -44.40 24.17 -39.87
N LEU E 192 -44.97 25.00 -40.76
CA LEU E 192 -46.00 24.51 -41.67
C LEU E 192 -45.42 23.74 -42.85
N ILE E 193 -44.10 23.62 -42.94
CA ILE E 193 -43.42 22.82 -43.95
C ILE E 193 -42.74 21.64 -43.26
N LYS E 194 -43.06 20.44 -43.72
CA LYS E 194 -42.56 19.21 -43.11
C LYS E 194 -41.40 18.68 -43.93
N ILE E 195 -40.28 18.43 -43.28
CA ILE E 195 -39.06 18.03 -43.95
C ILE E 195 -38.75 16.59 -43.57
N GLU E 196 -38.69 15.72 -44.56
CA GLU E 196 -38.52 14.28 -44.32
C GLU E 196 -37.29 13.76 -45.05
N LYS E 197 -36.61 12.80 -44.42
CA LYS E 197 -35.23 12.44 -44.74
C LYS E 197 -35.10 10.94 -44.97
N LYS E 198 -35.44 10.48 -46.18
CA LYS E 198 -35.49 9.06 -46.50
C LYS E 198 -34.37 8.73 -47.48
N SER E 199 -33.49 7.81 -47.08
CA SER E 199 -32.27 7.53 -47.83
C SER E 199 -32.57 6.71 -49.08
N GLY E 200 -31.51 6.36 -49.81
CA GLY E 200 -31.65 5.73 -51.10
C GLY E 200 -31.75 6.76 -52.22
N ALA E 201 -31.48 6.30 -53.45
CA ALA E 201 -31.40 7.18 -54.62
C ALA E 201 -30.38 8.32 -54.45
N SER E 202 -30.37 9.25 -55.40
CA SER E 202 -29.43 10.37 -55.39
C SER E 202 -30.15 11.68 -55.09
N ILE E 203 -29.34 12.68 -54.68
CA ILE E 203 -29.85 13.96 -54.21
C ILE E 203 -30.78 14.62 -55.22
N ASP E 204 -30.63 14.27 -56.50
CA ASP E 204 -31.49 14.82 -57.54
C ASP E 204 -32.85 14.14 -57.61
N ASP E 205 -33.06 13.05 -56.85
CA ASP E 205 -34.36 12.41 -56.75
C ASP E 205 -35.23 13.01 -55.65
N THR E 206 -34.80 14.10 -55.03
CA THR E 206 -35.65 14.81 -54.08
C THR E 206 -36.89 15.38 -54.77
N GLU E 207 -38.02 15.37 -54.07
CA GLU E 207 -39.29 15.80 -54.65
C GLU E 207 -40.17 16.46 -53.60
N LEU E 208 -41.24 17.09 -54.09
CA LEU E 208 -42.18 17.84 -53.27
C LEU E 208 -43.54 17.17 -53.29
N ILE E 209 -44.13 16.97 -52.11
CA ILE E 209 -45.46 16.38 -51.98
C ILE E 209 -46.43 17.47 -51.56
N LYS E 210 -47.51 17.62 -52.33
CA LYS E 210 -48.59 18.54 -51.98
C LYS E 210 -49.55 17.85 -51.01
N GLY E 211 -49.02 17.50 -49.84
CA GLY E 211 -49.77 16.69 -48.90
C GLY E 211 -48.86 16.16 -47.80
N VAL E 212 -49.13 14.95 -47.31
CA VAL E 212 -48.45 14.46 -46.12
C VAL E 212 -47.94 13.04 -46.36
N LEU E 213 -46.86 12.73 -45.62
CA LEU E 213 -46.32 11.40 -45.59
C LEU E 213 -46.48 11.08 -44.10
N VAL E 214 -47.08 9.95 -43.75
CA VAL E 214 -47.37 9.56 -42.37
C VAL E 214 -46.58 8.29 -42.05
N ASP E 215 -46.00 8.25 -40.85
CA ASP E 215 -45.19 7.11 -40.41
C ASP E 215 -46.09 6.02 -39.85
N LYS E 216 -47.00 5.49 -40.68
CA LYS E 216 -48.00 4.54 -40.23
C LYS E 216 -48.34 3.57 -41.35
N GLU E 217 -48.85 2.41 -40.97
CA GLU E 217 -49.47 1.47 -41.90
C GLU E 217 -50.86 1.10 -41.39
N ARG E 218 -51.74 0.75 -42.34
CA ARG E 218 -53.15 0.56 -41.98
C ARG E 218 -53.31 -0.65 -41.06
N VAL E 219 -54.35 -0.59 -40.23
CA VAL E 219 -54.45 -1.51 -39.09
C VAL E 219 -54.75 -2.93 -39.55
N SER E 220 -55.62 -3.10 -40.53
CA SER E 220 -56.08 -4.42 -40.95
C SER E 220 -55.79 -4.59 -42.44
N ALA E 221 -55.18 -5.73 -42.82
CA ALA E 221 -54.65 -5.84 -44.18
C ALA E 221 -55.73 -6.13 -45.23
N GLN E 222 -56.96 -6.41 -44.80
CA GLN E 222 -58.09 -6.49 -45.73
C GLN E 222 -58.52 -5.12 -46.22
N MET E 223 -58.06 -4.07 -45.54
CA MET E 223 -58.40 -2.69 -45.84
C MET E 223 -57.76 -2.25 -47.16
N PRO E 224 -58.51 -1.60 -48.06
CA PRO E 224 -57.97 -1.25 -49.37
C PRO E 224 -56.71 -0.40 -49.27
N LYS E 225 -55.71 -0.77 -50.07
CA LYS E 225 -54.40 -0.16 -49.95
C LYS E 225 -54.27 1.09 -50.83
N LYS E 226 -55.25 1.32 -51.69
CA LYS E 226 -55.29 2.49 -52.56
C LYS E 226 -56.70 3.04 -52.61
N VAL E 227 -56.84 4.36 -52.42
CA VAL E 227 -58.14 5.02 -52.46
C VAL E 227 -57.99 6.33 -53.24
N THR E 228 -59.01 6.62 -54.07
CA THR E 228 -59.04 7.84 -54.88
C THR E 228 -60.21 8.70 -54.44
N ASP E 229 -60.02 10.02 -54.53
CA ASP E 229 -60.97 11.01 -53.96
C ASP E 229 -61.43 10.60 -52.56
N ALA E 230 -60.44 10.43 -51.67
CA ALA E 230 -60.67 10.02 -50.30
C ALA E 230 -61.53 11.01 -49.52
N LYS E 231 -62.36 10.47 -48.61
CA LYS E 231 -63.12 11.23 -47.62
C LYS E 231 -62.52 10.89 -46.25
N ILE E 232 -61.74 11.81 -45.71
CA ILE E 232 -60.85 11.50 -44.60
C ILE E 232 -61.47 12.01 -43.31
N ALA E 233 -61.55 11.14 -42.30
CA ALA E 233 -62.07 11.49 -40.98
C ALA E 233 -60.95 11.42 -39.95
N LEU E 234 -60.85 12.46 -39.12
CA LEU E 234 -59.82 12.54 -38.09
C LEU E 234 -60.48 12.56 -36.71
N LEU E 235 -59.98 11.70 -35.82
CA LEU E 235 -60.53 11.55 -34.48
C LEU E 235 -59.45 11.75 -33.41
N ASN E 236 -59.83 12.41 -32.32
CA ASN E 236 -58.98 12.55 -31.14
C ASN E 236 -59.40 11.55 -30.06
N CYS E 237 -60.62 11.05 -30.15
CA CYS E 237 -61.11 10.00 -29.28
C CYS E 237 -60.74 8.63 -29.83
N ALA E 238 -60.51 7.69 -28.92
CA ALA E 238 -60.22 6.30 -29.24
C ALA E 238 -61.49 5.52 -29.51
N ILE E 239 -61.43 4.60 -30.48
CA ILE E 239 -62.57 3.73 -30.77
C ILE E 239 -62.44 2.50 -29.88
N GLU E 240 -63.00 2.59 -28.69
CA GLU E 240 -62.90 1.56 -27.67
C GLU E 240 -64.12 1.65 -26.76
N ILE E 241 -64.35 0.59 -25.97
CA ILE E 241 -65.50 0.58 -25.09
C ILE E 241 -65.28 1.54 -23.94
N LYS E 242 -66.22 2.45 -23.73
CA LYS E 242 -66.07 3.48 -22.71
C LYS E 242 -66.07 2.86 -21.32
N GLU E 243 -65.37 3.52 -20.39
CA GLU E 243 -65.35 3.18 -18.98
C GLU E 243 -66.12 4.24 -18.19
N THR E 244 -66.59 3.86 -17.01
CA THR E 244 -67.24 4.81 -16.11
C THR E 244 -66.21 5.37 -15.12
N GLU E 245 -66.12 6.70 -15.08
CA GLU E 245 -65.20 7.35 -14.16
C GLU E 245 -65.73 7.37 -12.73
N THR E 246 -66.60 6.41 -12.40
CA THR E 246 -67.17 6.24 -11.06
C THR E 246 -66.99 4.81 -10.51
N ASP E 247 -66.36 3.91 -11.27
CA ASP E 247 -66.13 2.49 -10.94
C ASP E 247 -67.39 1.61 -10.91
N ALA E 248 -67.25 0.38 -11.43
CA ALA E 248 -68.39 -0.46 -11.82
C ALA E 248 -68.10 -1.95 -11.60
N GLU E 249 -69.18 -2.71 -11.35
CA GLU E 249 -69.21 -4.17 -11.35
C GLU E 249 -70.55 -4.61 -11.93
N ILE E 250 -70.54 -5.66 -12.75
CA ILE E 250 -71.77 -6.05 -13.46
C ILE E 250 -72.62 -7.10 -12.74
N ARG E 251 -72.01 -7.95 -11.90
CA ARG E 251 -72.71 -8.88 -11.01
C ARG E 251 -73.72 -9.78 -11.74
N ILE E 252 -73.29 -10.96 -12.14
CA ILE E 252 -74.08 -11.83 -13.00
C ILE E 252 -74.75 -12.92 -12.15
N THR E 253 -76.04 -12.75 -11.88
CA THR E 253 -76.74 -13.65 -10.98
C THR E 253 -77.45 -14.76 -11.75
N ASP E 254 -77.82 -14.51 -13.01
CA ASP E 254 -78.38 -15.53 -13.89
C ASP E 254 -77.30 -15.97 -14.88
N PRO E 255 -76.94 -17.25 -14.91
CA PRO E 255 -76.00 -17.75 -15.94
C PRO E 255 -76.35 -17.33 -17.36
N ALA E 256 -77.63 -17.25 -17.69
CA ALA E 256 -78.05 -16.87 -19.04
C ALA E 256 -77.59 -15.48 -19.45
N LYS E 257 -77.04 -14.69 -18.53
CA LYS E 257 -76.65 -13.32 -18.82
C LYS E 257 -75.15 -13.13 -18.96
N LEU E 258 -74.40 -14.20 -19.28
CA LEU E 258 -73.00 -14.05 -19.63
C LEU E 258 -72.85 -13.54 -21.06
N MET E 259 -73.45 -14.25 -22.02
CA MET E 259 -73.33 -13.87 -23.42
C MET E 259 -74.03 -12.54 -23.71
N GLU E 260 -75.08 -12.21 -22.97
CA GLU E 260 -75.82 -10.98 -23.20
C GLU E 260 -74.96 -9.76 -22.89
N PHE E 261 -74.29 -9.75 -21.74
CA PHE E 261 -73.39 -8.65 -21.43
C PHE E 261 -72.31 -8.50 -22.51
N ILE E 262 -71.79 -9.62 -23.01
CA ILE E 262 -70.70 -9.60 -23.97
C ILE E 262 -71.17 -9.10 -25.34
N GLU E 263 -72.34 -9.57 -25.79
CA GLU E 263 -72.96 -9.07 -27.01
C GLU E 263 -73.23 -7.58 -26.95
N GLN E 264 -73.64 -7.06 -25.80
CA GLN E 264 -73.90 -5.62 -25.74
C GLN E 264 -72.61 -4.81 -25.82
N GLU E 265 -71.52 -5.31 -25.23
CA GLU E 265 -70.24 -4.65 -25.53
C GLU E 265 -69.86 -4.73 -27.01
N GLU E 266 -70.15 -5.84 -27.68
CA GLU E 266 -69.88 -5.89 -29.12
C GLU E 266 -70.72 -4.87 -29.88
N LYS E 267 -71.99 -4.70 -29.48
CA LYS E 267 -72.86 -3.76 -30.19
C LYS E 267 -72.41 -2.32 -29.98
N MET E 268 -71.84 -2.02 -28.81
CA MET E 268 -71.38 -0.66 -28.56
C MET E 268 -70.20 -0.27 -29.44
N LEU E 269 -69.51 -1.24 -30.06
CA LEU E 269 -68.52 -0.91 -31.08
C LEU E 269 -69.14 -0.91 -32.48
N LYS E 270 -70.07 -1.83 -32.70
CA LYS E 270 -70.76 -1.92 -33.99
C LYS E 270 -71.43 -0.60 -34.35
N ASP E 271 -72.05 0.04 -33.36
CA ASP E 271 -72.74 1.30 -33.61
C ASP E 271 -71.79 2.45 -33.92
N MET E 272 -70.61 2.46 -33.28
CA MET E 272 -69.61 3.47 -33.60
C MET E 272 -69.19 3.37 -35.06
N VAL E 273 -68.99 2.13 -35.54
CA VAL E 273 -68.57 1.96 -36.92
C VAL E 273 -69.70 2.32 -37.89
N ALA E 274 -70.94 1.95 -37.55
CA ALA E 274 -72.10 2.41 -38.31
C ALA E 274 -72.12 3.93 -38.43
N GLU E 275 -71.86 4.64 -37.32
CA GLU E 275 -71.88 6.09 -37.32
C GLU E 275 -70.74 6.68 -38.16
N ILE E 276 -69.55 6.08 -38.09
CA ILE E 276 -68.45 6.57 -38.92
C ILE E 276 -68.80 6.41 -40.39
N LYS E 277 -69.49 5.31 -40.73
CA LYS E 277 -69.89 5.10 -42.12
C LYS E 277 -70.94 6.13 -42.57
N ALA E 278 -71.91 6.40 -41.69
CA ALA E 278 -73.00 7.30 -42.05
C ALA E 278 -72.53 8.73 -42.29
N SER E 279 -71.39 9.13 -41.71
CA SER E 279 -70.83 10.43 -42.06
C SER E 279 -70.44 10.52 -43.54
N GLY E 280 -70.10 9.41 -44.18
CA GLY E 280 -69.63 9.42 -45.55
C GLY E 280 -68.16 9.10 -45.71
N ALA E 281 -67.46 8.76 -44.63
CA ALA E 281 -66.02 8.60 -44.66
C ALA E 281 -65.63 7.30 -45.36
N ASN E 282 -64.39 7.28 -45.89
CA ASN E 282 -63.78 6.03 -46.32
C ASN E 282 -62.29 5.94 -45.99
N VAL E 283 -61.73 6.92 -45.28
CA VAL E 283 -60.38 6.87 -44.73
C VAL E 283 -60.43 7.47 -43.33
N LEU E 284 -59.69 6.87 -42.41
CA LEU E 284 -59.74 7.20 -40.99
C LEU E 284 -58.34 7.34 -40.40
N PHE E 285 -58.19 8.33 -39.52
CA PHE E 285 -57.01 8.48 -38.67
C PHE E 285 -57.47 8.66 -37.22
N CYS E 286 -56.82 7.96 -36.30
CA CYS E 286 -57.11 8.06 -34.88
C CYS E 286 -55.85 8.42 -34.12
N GLN E 287 -55.92 9.49 -33.32
CA GLN E 287 -54.80 9.90 -32.48
C GLN E 287 -54.60 8.97 -31.28
N LYS E 288 -55.35 7.87 -31.21
CA LYS E 288 -55.45 7.02 -30.03
C LYS E 288 -55.90 5.63 -30.48
N GLY E 289 -56.18 4.76 -29.51
CA GLY E 289 -56.33 3.35 -29.81
C GLY E 289 -57.62 3.00 -30.55
N ILE E 290 -57.51 1.96 -31.37
CA ILE E 290 -58.66 1.31 -32.00
C ILE E 290 -58.61 -0.16 -31.60
N ASP E 291 -59.73 -0.67 -31.08
CA ASP E 291 -59.80 -2.05 -30.63
C ASP E 291 -59.78 -3.04 -31.80
N ASP E 292 -59.35 -4.28 -31.50
CA ASP E 292 -59.21 -5.29 -32.55
C ASP E 292 -60.55 -5.75 -33.11
N LEU E 293 -61.67 -5.53 -32.41
CA LEU E 293 -62.97 -5.80 -33.00
C LEU E 293 -63.47 -4.62 -33.84
N ALA E 294 -63.16 -3.40 -33.39
CA ALA E 294 -63.43 -2.20 -34.17
C ALA E 294 -62.74 -2.28 -35.52
N GLN E 295 -61.50 -2.78 -35.52
CA GLN E 295 -60.71 -3.01 -36.73
C GLN E 295 -61.43 -3.97 -37.67
N HIS E 296 -62.06 -4.99 -37.11
CA HIS E 296 -62.85 -5.93 -37.88
C HIS E 296 -64.00 -5.22 -38.59
N TYR E 297 -64.79 -4.43 -37.84
CA TYR E 297 -65.94 -3.82 -38.49
C TYR E 297 -65.49 -2.78 -39.53
N LEU E 298 -64.40 -2.06 -39.23
CA LEU E 298 -63.82 -1.15 -40.21
C LEU E 298 -63.36 -1.86 -41.49
N ALA E 299 -62.68 -3.01 -41.37
CA ALA E 299 -62.33 -3.77 -42.56
C ALA E 299 -63.53 -4.48 -43.19
N LYS E 300 -64.64 -4.56 -42.48
CA LYS E 300 -65.82 -5.19 -43.07
C LYS E 300 -66.62 -4.16 -43.85
N GLU E 301 -66.53 -2.89 -43.45
CA GLU E 301 -67.20 -1.81 -44.13
C GLU E 301 -66.37 -1.22 -45.28
N GLY E 302 -65.15 -1.71 -45.47
CA GLY E 302 -64.19 -1.08 -46.36
C GLY E 302 -63.78 0.35 -46.07
N ILE E 303 -63.42 0.63 -44.81
CA ILE E 303 -62.88 1.93 -44.41
C ILE E 303 -61.43 1.73 -44.01
N VAL E 304 -60.54 2.60 -44.50
CA VAL E 304 -59.11 2.49 -44.21
C VAL E 304 -58.80 3.30 -42.96
N ALA E 305 -58.08 2.68 -42.03
CA ALA E 305 -57.85 3.26 -40.70
C ALA E 305 -56.40 3.11 -40.24
N ALA E 306 -55.89 4.17 -39.63
CA ALA E 306 -54.63 4.15 -38.88
C ALA E 306 -54.89 4.65 -37.47
N ARG E 307 -54.05 4.21 -36.53
CA ARG E 307 -54.27 4.48 -35.11
C ARG E 307 -53.04 5.04 -34.43
N ARG E 308 -53.26 5.63 -33.26
CA ARG E 308 -52.20 6.25 -32.45
C ARG E 308 -51.33 7.21 -33.25
N VAL E 309 -51.96 8.02 -34.09
CA VAL E 309 -51.27 9.01 -34.90
C VAL E 309 -50.87 10.17 -34.00
N LYS E 310 -49.66 10.65 -34.17
CA LYS E 310 -49.13 11.71 -33.32
C LYS E 310 -49.75 13.06 -33.66
N LYS E 311 -49.77 13.95 -32.66
CA LYS E 311 -50.57 15.17 -32.70
C LYS E 311 -50.14 16.09 -33.83
N SER E 312 -48.83 16.21 -34.06
CA SER E 312 -48.33 17.09 -35.13
C SER E 312 -48.78 16.60 -36.50
N ASP E 313 -48.77 15.29 -36.69
CA ASP E 313 -49.30 14.71 -37.93
C ASP E 313 -50.80 14.96 -38.06
N MET E 314 -51.52 14.96 -36.94
CA MET E 314 -52.94 15.30 -36.95
C MET E 314 -53.15 16.74 -37.40
N GLU E 315 -52.32 17.65 -36.90
CA GLU E 315 -52.36 19.05 -37.31
C GLU E 315 -52.11 19.19 -38.81
N LYS E 316 -51.09 18.51 -39.30
CA LYS E 316 -50.72 18.64 -40.72
C LYS E 316 -51.75 18.00 -41.64
N LEU E 317 -52.36 16.89 -41.20
CA LEU E 317 -53.50 16.33 -41.95
C LEU E 317 -54.69 17.28 -42.01
N ALA E 318 -55.08 17.83 -40.86
CA ALA E 318 -56.18 18.77 -40.80
C ALA E 318 -55.91 19.99 -41.69
N LYS E 319 -54.65 20.46 -41.68
CA LYS E 319 -54.27 21.57 -42.54
C LYS E 319 -54.37 21.20 -44.01
N ALA E 320 -53.89 20.01 -44.38
CA ALA E 320 -53.71 19.66 -45.78
C ALA E 320 -55.05 19.35 -46.44
N THR E 321 -55.90 18.59 -45.74
CA THR E 321 -57.16 18.08 -46.28
C THR E 321 -58.34 19.00 -46.04
N GLY E 322 -58.29 19.83 -45.00
CA GLY E 322 -59.43 20.62 -44.58
C GLY E 322 -60.38 19.90 -43.65
N ALA E 323 -59.98 18.75 -43.12
CA ALA E 323 -60.78 18.02 -42.16
C ALA E 323 -60.69 18.67 -40.78
N ASN E 324 -61.67 18.37 -39.94
CA ASN E 324 -61.71 18.87 -38.57
C ASN E 324 -61.49 17.71 -37.60
N VAL E 325 -60.54 17.89 -36.69
CA VAL E 325 -60.30 16.86 -35.67
C VAL E 325 -61.50 16.81 -34.73
N ILE E 326 -62.08 15.62 -34.58
CA ILE E 326 -63.31 15.42 -33.82
C ILE E 326 -62.98 14.69 -32.53
N THR E 327 -63.59 15.12 -31.43
CA THR E 327 -63.33 14.51 -30.13
C THR E 327 -64.41 13.53 -29.69
N ASN E 328 -65.55 13.48 -30.38
CA ASN E 328 -66.68 12.64 -29.99
C ASN E 328 -67.44 12.23 -31.25
N ILE E 329 -67.70 10.94 -31.41
CA ILE E 329 -68.13 10.43 -32.72
C ILE E 329 -69.59 10.75 -33.01
N LYS E 330 -70.37 11.08 -31.98
CA LYS E 330 -71.78 11.38 -32.17
C LYS E 330 -72.00 12.68 -32.94
N ASP E 331 -71.00 13.55 -32.98
CA ASP E 331 -71.14 14.82 -33.67
C ASP E 331 -70.58 14.79 -35.08
N LEU E 332 -69.89 13.71 -35.45
CA LEU E 332 -69.24 13.60 -36.74
C LEU E 332 -70.27 13.60 -37.87
N SER E 333 -70.03 14.43 -38.88
CA SER E 333 -70.99 14.66 -39.95
C SER E 333 -70.24 14.91 -41.25
N ALA E 334 -70.99 15.15 -42.33
CA ALA E 334 -70.35 15.43 -43.62
C ALA E 334 -69.65 16.80 -43.61
N GLN E 335 -69.94 17.62 -42.59
CA GLN E 335 -69.33 18.93 -42.45
C GLN E 335 -67.88 18.83 -42.00
N ASP E 336 -67.52 17.73 -41.36
CA ASP E 336 -66.24 17.57 -40.69
C ASP E 336 -65.22 16.83 -41.53
N LEU E 337 -65.60 16.33 -42.70
CA LEU E 337 -64.75 15.47 -43.50
C LEU E 337 -63.85 16.28 -44.44
N GLY E 338 -62.58 15.90 -44.51
CA GLY E 338 -61.69 16.48 -45.50
C GLY E 338 -61.72 15.72 -46.82
N ASP E 339 -61.00 16.26 -47.81
CA ASP E 339 -60.96 15.67 -49.13
C ASP E 339 -59.52 15.62 -49.64
N ALA E 340 -59.19 14.53 -50.34
CA ALA E 340 -57.87 14.36 -50.93
C ALA E 340 -57.96 13.38 -52.11
N GLY E 341 -57.32 13.76 -53.21
CA GLY E 341 -57.52 13.04 -54.46
C GLY E 341 -56.94 11.64 -54.49
N LEU E 342 -55.91 11.38 -53.69
CA LEU E 342 -55.26 10.07 -53.70
C LEU E 342 -54.65 9.75 -52.34
N VAL E 343 -54.94 8.56 -51.84
CA VAL E 343 -54.33 8.00 -50.63
C VAL E 343 -53.86 6.58 -50.94
N GLU E 344 -52.62 6.27 -50.59
CA GLU E 344 -52.08 4.94 -50.82
C GLU E 344 -50.96 4.63 -49.84
N GLU E 345 -50.92 3.39 -49.36
CA GLU E 345 -49.78 2.92 -48.59
C GLU E 345 -48.68 2.44 -49.54
N ARG E 346 -47.44 2.82 -49.23
CA ARG E 346 -46.28 2.40 -50.02
C ARG E 346 -45.13 1.95 -49.12
N LYS E 347 -44.18 1.23 -49.72
CA LYS E 347 -42.92 0.88 -49.04
C LYS E 347 -41.79 1.65 -49.72
N ILE E 348 -41.07 2.43 -48.92
CA ILE E 348 -40.01 3.30 -49.43
C ILE E 348 -38.84 3.26 -48.46
N SER E 349 -37.63 3.06 -49.00
CA SER E 349 -36.40 3.09 -48.21
C SER E 349 -36.42 2.06 -47.08
N GLY E 350 -37.28 1.06 -47.21
CA GLY E 350 -37.45 -0.04 -46.28
C GLY E 350 -38.53 0.17 -45.25
N ASP E 351 -39.18 1.34 -45.22
CA ASP E 351 -40.24 1.65 -44.27
C ASP E 351 -41.59 1.69 -44.97
N SER E 352 -42.60 1.12 -44.32
CA SER E 352 -43.98 1.23 -44.75
C SER E 352 -44.55 2.59 -44.34
N MET E 353 -45.07 3.33 -45.31
CA MET E 353 -45.61 4.66 -45.03
C MET E 353 -46.89 4.91 -45.83
N ILE E 354 -47.74 5.77 -45.28
CA ILE E 354 -49.00 6.14 -45.92
C ILE E 354 -48.83 7.52 -46.56
N PHE E 355 -49.23 7.62 -47.83
CA PHE E 355 -49.05 8.84 -48.62
C PHE E 355 -50.40 9.48 -48.92
N VAL E 356 -50.49 10.79 -48.67
CA VAL E 356 -51.67 11.58 -49.00
C VAL E 356 -51.31 12.57 -50.10
N GLU E 357 -52.06 12.56 -51.21
CA GLU E 357 -51.68 13.34 -52.37
C GLU E 357 -52.90 13.99 -53.03
N GLU E 358 -52.61 14.99 -53.86
CA GLU E 358 -53.63 15.75 -54.60
C GLU E 358 -54.69 16.33 -53.65
N CYS E 359 -54.23 17.20 -52.76
CA CYS E 359 -55.09 17.78 -51.74
C CYS E 359 -55.90 18.94 -52.31
N LYS E 360 -57.07 19.16 -51.71
CA LYS E 360 -58.04 20.10 -52.27
C LYS E 360 -57.55 21.54 -52.19
N HIS E 361 -56.99 21.92 -51.05
CA HIS E 361 -56.35 23.24 -50.89
C HIS E 361 -55.32 23.15 -49.77
N PRO E 362 -54.10 22.71 -50.09
CA PRO E 362 -53.10 22.45 -49.04
C PRO E 362 -52.56 23.72 -48.40
N LYS E 363 -52.82 23.86 -47.10
CA LYS E 363 -52.15 24.87 -46.28
C LYS E 363 -50.89 24.34 -45.61
N ALA E 364 -50.47 23.11 -45.93
CA ALA E 364 -49.21 22.54 -45.44
C ALA E 364 -48.66 21.59 -46.50
N VAL E 365 -47.32 21.53 -46.59
CA VAL E 365 -46.65 20.75 -47.62
C VAL E 365 -45.48 19.97 -47.03
N THR E 366 -45.10 18.89 -47.72
CA THR E 366 -44.03 18.00 -47.29
C THR E 366 -42.93 17.94 -48.35
N MET E 367 -41.68 18.07 -47.92
CA MET E 367 -40.52 17.95 -48.80
C MET E 367 -39.75 16.68 -48.46
N LEU E 368 -39.51 15.84 -49.48
CA LEU E 368 -38.92 14.51 -49.29
C LEU E 368 -37.49 14.54 -49.81
N ILE E 369 -36.53 14.56 -48.89
CA ILE E 369 -35.11 14.67 -49.25
C ILE E 369 -34.52 13.27 -49.40
N ARG E 370 -33.92 13.01 -50.56
CA ARG E 370 -33.32 11.73 -50.87
C ARG E 370 -31.79 11.83 -50.86
N GLY E 371 -31.13 10.67 -50.77
CA GLY E 371 -29.68 10.67 -50.70
C GLY E 371 -29.05 9.32 -50.42
N THR E 372 -27.80 9.16 -50.87
CA THR E 372 -27.10 7.88 -50.85
C THR E 372 -26.49 7.56 -49.50
N THR E 373 -26.69 8.41 -48.49
CA THR E 373 -25.98 8.23 -47.23
C THR E 373 -26.61 9.17 -46.19
N GLU E 374 -26.61 8.72 -44.93
CA GLU E 374 -27.27 9.49 -43.89
C GLU E 374 -26.53 10.78 -43.57
N HIS E 375 -25.19 10.74 -43.62
CA HIS E 375 -24.41 11.95 -43.46
C HIS E 375 -24.64 12.93 -44.60
N VAL E 376 -25.11 12.45 -45.75
CA VAL E 376 -25.42 13.36 -46.86
C VAL E 376 -26.73 14.08 -46.58
N ILE E 377 -27.73 13.35 -46.09
CA ILE E 377 -29.06 13.90 -45.91
C ILE E 377 -29.10 14.82 -44.71
N GLU E 378 -28.33 14.50 -43.66
CA GLU E 378 -28.22 15.35 -42.49
C GLU E 378 -27.55 16.68 -42.84
N GLU E 379 -26.99 16.80 -44.04
CA GLU E 379 -26.47 18.10 -44.47
C GLU E 379 -27.42 18.78 -45.46
N VAL E 380 -28.03 17.99 -46.35
CA VAL E 380 -28.97 18.56 -47.31
C VAL E 380 -30.14 19.21 -46.57
N ALA E 381 -30.54 18.63 -45.44
CA ALA E 381 -31.62 19.22 -44.64
C ALA E 381 -31.25 20.62 -44.17
N ARG E 382 -30.01 20.82 -43.72
CA ARG E 382 -29.54 22.14 -43.32
C ARG E 382 -29.54 23.10 -44.51
N ALA E 383 -29.02 22.63 -45.65
CA ALA E 383 -28.97 23.47 -46.85
C ALA E 383 -30.36 23.86 -47.35
N VAL E 384 -31.40 23.12 -46.94
CA VAL E 384 -32.75 23.49 -47.34
C VAL E 384 -33.40 24.39 -46.30
N ASP E 385 -33.08 24.17 -45.02
CA ASP E 385 -33.62 25.02 -43.96
C ASP E 385 -33.17 26.46 -44.14
N ASP E 386 -31.92 26.66 -44.55
CA ASP E 386 -31.39 28.02 -44.75
C ASP E 386 -32.12 28.75 -45.87
N ALA E 387 -32.44 28.03 -46.95
CA ALA E 387 -33.16 28.63 -48.06
C ALA E 387 -34.61 28.94 -47.70
N VAL E 388 -35.26 28.07 -46.92
CA VAL E 388 -36.59 28.40 -46.41
C VAL E 388 -36.54 29.69 -45.60
N GLY E 389 -35.52 29.83 -44.76
CA GLY E 389 -35.29 31.09 -44.05
C GLY E 389 -35.25 32.33 -44.93
N VAL E 390 -34.25 32.39 -45.82
CA VAL E 390 -34.10 33.57 -46.67
C VAL E 390 -35.31 33.84 -47.56
N VAL E 391 -36.01 32.80 -48.01
CA VAL E 391 -37.20 33.02 -48.81
C VAL E 391 -38.32 33.64 -47.98
N GLY E 392 -38.53 33.14 -46.76
CA GLY E 392 -39.49 33.79 -45.88
C GLY E 392 -39.16 35.24 -45.62
N CYS E 393 -37.88 35.54 -45.39
CA CYS E 393 -37.46 36.92 -45.14
C CYS E 393 -37.84 37.83 -46.31
N THR E 394 -37.55 37.39 -47.54
CA THR E 394 -37.87 38.21 -48.71
C THR E 394 -39.37 38.37 -48.89
N ILE E 395 -40.15 37.32 -48.60
CA ILE E 395 -41.59 37.36 -48.79
C ILE E 395 -42.24 38.29 -47.77
N GLU E 396 -41.70 38.32 -46.55
CA GLU E 396 -42.29 39.12 -45.48
C GLU E 396 -41.91 40.58 -45.60
N ASP E 397 -40.63 40.88 -45.85
CA ASP E 397 -40.17 42.26 -45.81
C ASP E 397 -40.17 42.95 -47.17
N GLY E 398 -40.00 42.18 -48.24
CA GLY E 398 -39.80 42.71 -49.58
C GLY E 398 -38.68 43.71 -49.75
N ARG E 399 -37.49 43.42 -49.21
CA ARG E 399 -36.32 44.27 -49.37
C ARG E 399 -35.09 43.39 -49.51
N ILE E 400 -34.23 43.71 -50.48
CA ILE E 400 -33.07 42.88 -50.78
C ILE E 400 -31.81 43.73 -50.82
N VAL E 401 -30.66 43.07 -50.64
CA VAL E 401 -29.36 43.74 -50.66
C VAL E 401 -28.41 42.93 -51.54
N SER E 402 -27.39 43.62 -52.05
CA SER E 402 -26.41 43.00 -52.95
C SER E 402 -25.43 42.15 -52.17
N GLY E 403 -24.99 41.04 -52.78
CA GLY E 403 -24.18 40.06 -52.08
C GLY E 403 -22.71 40.18 -52.42
N GLY E 404 -21.98 39.10 -52.12
CA GLY E 404 -20.54 39.06 -52.33
C GLY E 404 -19.75 40.12 -51.58
N GLY E 405 -20.20 40.49 -50.39
CA GLY E 405 -19.57 41.53 -49.62
C GLY E 405 -19.61 42.92 -50.21
N SER E 406 -20.37 43.16 -51.29
CA SER E 406 -20.50 44.53 -51.76
C SER E 406 -21.23 45.47 -50.80
N THR E 407 -21.87 44.94 -49.76
CA THR E 407 -22.57 45.81 -48.82
C THR E 407 -21.62 46.35 -47.76
N GLU E 408 -20.70 45.51 -47.29
CA GLU E 408 -19.80 45.90 -46.20
C GLU E 408 -18.85 47.02 -46.63
N VAL E 409 -18.36 46.97 -47.88
CA VAL E 409 -17.52 48.06 -48.38
C VAL E 409 -18.28 49.39 -48.41
N GLU E 410 -19.53 49.34 -48.87
CA GLU E 410 -20.36 50.54 -48.89
C GLU E 410 -20.56 51.10 -47.47
N LEU E 411 -20.84 50.22 -46.52
CA LEU E 411 -21.07 50.66 -45.15
C LEU E 411 -19.79 51.26 -44.55
N SER E 412 -18.66 50.61 -44.79
CA SER E 412 -17.40 51.13 -44.27
C SER E 412 -17.13 52.53 -44.81
N MET E 413 -17.30 52.73 -46.12
CA MET E 413 -17.11 54.05 -46.71
C MET E 413 -18.06 55.09 -46.11
N LYS E 414 -19.35 54.76 -46.04
CA LYS E 414 -20.35 55.71 -45.56
C LYS E 414 -20.28 55.96 -44.07
N LEU E 415 -19.61 55.08 -43.31
CA LEU E 415 -19.35 55.37 -41.91
C LEU E 415 -18.07 56.18 -41.75
N ARG E 416 -17.14 56.09 -42.71
CA ARG E 416 -15.96 56.94 -42.63
C ARG E 416 -16.31 58.39 -42.99
N GLU E 417 -17.20 58.57 -43.97
CA GLU E 417 -17.78 59.89 -44.23
C GLU E 417 -18.57 60.42 -43.03
N TYR E 418 -19.13 59.52 -42.21
CA TYR E 418 -19.75 59.89 -40.94
C TYR E 418 -18.73 60.35 -39.92
N ALA E 419 -17.61 59.63 -39.81
CA ALA E 419 -16.71 59.81 -38.68
C ALA E 419 -16.06 61.19 -38.65
N GLU E 420 -16.01 61.89 -39.79
CA GLU E 420 -15.43 63.24 -39.76
C GLU E 420 -16.36 64.26 -39.12
N GLY E 421 -17.66 63.98 -39.03
CA GLY E 421 -18.56 64.86 -38.32
C GLY E 421 -18.45 64.77 -36.82
N ILE E 422 -18.10 63.58 -36.31
CA ILE E 422 -17.97 63.33 -34.88
C ILE E 422 -16.61 63.83 -34.41
N SER E 423 -16.59 64.47 -33.24
CA SER E 423 -15.33 64.97 -32.70
C SER E 423 -15.19 64.49 -31.26
N GLY E 424 -13.95 64.51 -30.79
CA GLY E 424 -13.56 63.90 -29.53
C GLY E 424 -12.83 62.59 -29.78
N ARG E 425 -12.97 61.64 -28.86
CA ARG E 425 -12.22 60.38 -28.97
C ARG E 425 -13.11 59.20 -29.34
N GLU E 426 -14.44 59.36 -29.31
CA GLU E 426 -15.32 58.36 -29.91
C GLU E 426 -15.08 58.23 -31.42
N GLN E 427 -14.47 59.23 -32.05
CA GLN E 427 -14.16 59.14 -33.47
C GLN E 427 -13.23 57.97 -33.76
N LEU E 428 -12.32 57.69 -32.84
CA LEU E 428 -11.42 56.55 -33.00
C LEU E 428 -12.19 55.24 -33.04
N ALA E 429 -13.13 55.06 -32.11
CA ALA E 429 -13.94 53.86 -32.07
C ALA E 429 -14.87 53.75 -33.27
N VAL E 430 -15.39 54.87 -33.76
CA VAL E 430 -16.23 54.85 -34.95
C VAL E 430 -15.42 54.39 -36.17
N ARG E 431 -14.18 54.84 -36.27
CA ARG E 431 -13.32 54.40 -37.37
C ARG E 431 -12.98 52.92 -37.25
N ALA E 432 -12.65 52.46 -36.04
CA ALA E 432 -12.36 51.05 -35.82
C ALA E 432 -13.57 50.16 -36.10
N PHE E 433 -14.77 50.68 -35.87
CA PHE E 433 -15.98 49.94 -36.22
C PHE E 433 -16.13 49.85 -37.74
N ALA E 434 -15.94 50.98 -38.42
CA ALA E 434 -16.10 51.01 -39.88
C ALA E 434 -15.06 50.15 -40.57
N ASP E 435 -13.88 50.03 -39.97
CA ASP E 435 -12.79 49.25 -40.55
C ASP E 435 -12.89 47.77 -40.19
N ALA E 436 -13.85 47.40 -39.35
CA ALA E 436 -14.00 46.01 -38.92
C ALA E 436 -15.01 45.25 -39.78
N LEU E 437 -15.78 45.96 -40.60
CA LEU E 437 -16.81 45.30 -41.41
C LEU E 437 -16.22 44.72 -42.68
N GLU E 438 -15.04 45.20 -43.08
CA GLU E 438 -14.35 44.67 -44.25
C GLU E 438 -13.68 43.34 -44.00
N VAL E 439 -13.91 42.71 -42.84
CA VAL E 439 -13.41 41.37 -42.58
C VAL E 439 -14.08 40.35 -43.50
N ILE E 440 -15.29 40.64 -43.95
CA ILE E 440 -16.11 39.71 -44.72
C ILE E 440 -15.60 39.61 -46.15
N PRO E 441 -15.45 40.72 -46.90
CA PRO E 441 -14.85 40.61 -48.25
C PRO E 441 -13.39 40.21 -48.22
N ARG E 442 -12.66 40.57 -47.16
CA ARG E 442 -11.32 40.03 -46.94
C ARG E 442 -11.33 38.51 -46.85
N THR E 443 -12.17 37.94 -45.97
CA THR E 443 -12.19 36.48 -45.83
C THR E 443 -12.74 35.80 -47.09
N LEU E 444 -13.64 36.47 -47.80
CA LEU E 444 -14.18 35.92 -49.04
C LEU E 444 -13.08 35.75 -50.09
N ALA E 445 -12.06 36.62 -50.05
CA ALA E 445 -10.89 36.40 -50.89
C ALA E 445 -9.90 35.42 -50.27
N GLU E 446 -9.76 35.43 -48.93
CA GLU E 446 -8.79 34.57 -48.27
C GLU E 446 -9.09 33.08 -48.51
N ASN E 447 -10.37 32.71 -48.48
CA ASN E 447 -10.73 31.31 -48.62
C ASN E 447 -10.50 30.78 -50.05
N ALA E 448 -10.72 31.61 -51.05
CA ALA E 448 -10.54 31.23 -52.45
C ALA E 448 -9.07 31.25 -52.88
N GLY E 449 -8.15 31.53 -51.96
CA GLY E 449 -6.74 31.62 -52.30
C GLY E 449 -6.36 32.82 -53.14
N LEU E 450 -7.11 33.90 -53.04
CA LEU E 450 -6.82 35.12 -53.77
C LEU E 450 -5.98 36.06 -52.92
N ASP E 451 -5.51 37.14 -53.54
CA ASP E 451 -4.66 38.13 -52.88
C ASP E 451 -5.57 39.23 -52.35
N ALA E 452 -5.83 39.19 -51.03
CA ALA E 452 -6.88 40.03 -50.46
C ALA E 452 -6.52 41.51 -50.49
N ILE E 453 -5.25 41.84 -50.28
CA ILE E 453 -4.85 43.24 -50.19
C ILE E 453 -4.95 43.92 -51.55
N GLU E 454 -4.68 43.18 -52.62
CA GLU E 454 -4.82 43.74 -53.96
C GLU E 454 -6.28 43.77 -54.40
N ILE E 455 -7.08 42.81 -53.93
CA ILE E 455 -8.49 42.76 -54.32
C ILE E 455 -9.27 43.91 -53.69
N LEU E 456 -9.04 44.14 -52.40
CA LEU E 456 -9.87 45.06 -51.62
C LEU E 456 -9.79 46.49 -52.15
N VAL E 457 -8.63 46.89 -52.67
CA VAL E 457 -8.47 48.25 -53.20
C VAL E 457 -9.30 48.43 -54.47
N LYS E 458 -9.27 47.45 -55.36
CA LYS E 458 -10.08 47.53 -56.57
C LYS E 458 -11.57 47.59 -56.24
N VAL E 459 -11.98 46.77 -55.26
CA VAL E 459 -13.37 46.76 -54.81
C VAL E 459 -13.77 48.13 -54.28
N ARG E 460 -12.92 48.74 -53.46
CA ARG E 460 -13.22 50.08 -52.95
C ARG E 460 -13.32 51.10 -54.08
N ALA E 461 -12.36 51.05 -55.01
CA ALA E 461 -12.32 52.02 -56.10
C ALA E 461 -13.59 51.99 -56.93
N ALA E 462 -14.12 50.79 -57.18
CA ALA E 462 -15.36 50.65 -57.93
C ALA E 462 -16.50 51.43 -57.29
N HIS E 463 -16.49 51.52 -55.95
CA HIS E 463 -17.55 52.24 -55.25
C HIS E 463 -17.28 53.75 -55.30
N ALA E 464 -16.04 54.14 -54.97
CA ALA E 464 -15.73 55.55 -54.76
C ALA E 464 -15.98 56.43 -55.99
N SER E 465 -16.05 55.82 -57.18
CA SER E 465 -16.19 56.60 -58.40
C SER E 465 -17.62 56.63 -58.96
N ASN E 466 -18.60 56.06 -58.25
CA ASN E 466 -19.90 55.81 -58.86
C ASN E 466 -21.08 55.92 -57.90
N GLY E 467 -20.90 55.64 -56.62
CA GLY E 467 -22.09 55.32 -55.85
C GLY E 467 -22.67 53.98 -56.25
N ASN E 468 -21.86 53.11 -56.84
CA ASN E 468 -22.27 51.76 -57.21
C ASN E 468 -22.51 50.97 -55.92
N LYS E 469 -23.78 50.65 -55.66
CA LYS E 469 -24.13 49.89 -54.47
C LYS E 469 -23.64 48.45 -54.53
N CYS E 470 -23.33 47.95 -55.73
CA CYS E 470 -23.40 46.53 -56.03
C CYS E 470 -22.05 45.84 -56.23
N ALA E 471 -20.99 46.57 -56.59
CA ALA E 471 -19.78 45.93 -57.08
C ALA E 471 -19.06 45.17 -55.98
N GLY E 472 -18.52 44.00 -56.33
CA GLY E 472 -17.93 43.11 -55.35
C GLY E 472 -17.15 41.99 -56.02
N LEU E 473 -16.63 41.09 -55.18
CA LEU E 473 -15.70 40.07 -55.64
C LEU E 473 -16.43 38.90 -56.31
N ASN E 474 -15.94 38.49 -57.48
CA ASN E 474 -16.29 37.21 -58.08
C ASN E 474 -15.17 36.23 -57.74
N VAL E 475 -15.48 35.25 -56.88
CA VAL E 475 -14.47 34.34 -56.34
C VAL E 475 -14.11 33.21 -57.29
N PHE E 476 -14.58 33.25 -58.53
CA PHE E 476 -14.31 32.23 -59.52
C PHE E 476 -13.40 32.73 -60.63
N THR E 477 -13.86 33.73 -61.37
CA THR E 477 -12.99 34.51 -62.25
C THR E 477 -11.94 35.32 -61.50
N GLY E 478 -12.07 35.51 -60.19
CA GLY E 478 -11.10 36.34 -59.51
C GLY E 478 -11.12 37.80 -59.92
N ALA E 479 -12.31 38.39 -60.06
CA ALA E 479 -12.45 39.74 -60.60
C ALA E 479 -13.64 40.43 -59.96
N VAL E 480 -13.71 41.75 -60.15
CA VAL E 480 -14.64 42.62 -59.45
C VAL E 480 -15.83 42.87 -60.37
N GLU E 481 -17.03 42.47 -59.93
CA GLU E 481 -18.19 42.54 -60.82
C GLU E 481 -19.42 43.03 -60.08
N ASP E 482 -20.40 43.48 -60.87
CA ASP E 482 -21.71 43.88 -60.38
C ASP E 482 -22.44 42.65 -59.86
N MET E 483 -22.75 42.64 -58.56
CA MET E 483 -23.32 41.44 -57.96
C MET E 483 -24.83 41.35 -58.11
N CYS E 484 -25.46 42.36 -58.71
CA CYS E 484 -26.88 42.26 -59.04
C CYS E 484 -27.08 41.69 -60.45
N GLU E 485 -26.25 42.12 -61.41
CA GLU E 485 -26.25 41.52 -62.73
C GLU E 485 -25.84 40.05 -62.66
N ASN E 486 -25.00 39.71 -61.69
CA ASN E 486 -24.58 38.34 -61.45
C ASN E 486 -25.65 37.50 -60.77
N GLY E 487 -26.65 38.15 -60.16
CA GLY E 487 -27.71 37.45 -59.46
C GLY E 487 -27.39 36.96 -58.06
N VAL E 488 -26.46 37.58 -57.36
CA VAL E 488 -26.12 37.20 -56.00
C VAL E 488 -26.81 38.19 -55.06
N VAL E 489 -27.94 37.76 -54.50
CA VAL E 489 -28.86 38.64 -53.78
C VAL E 489 -29.19 38.05 -52.42
N GLU E 490 -29.41 38.92 -51.42
CA GLU E 490 -29.73 38.47 -50.08
C GLU E 490 -30.86 39.34 -49.52
N PRO E 491 -31.58 38.86 -48.52
CA PRO E 491 -32.62 39.70 -47.91
C PRO E 491 -32.04 40.64 -46.86
N LEU E 492 -32.64 41.84 -46.78
CA LEU E 492 -32.10 42.92 -45.96
C LEU E 492 -31.99 42.52 -44.50
N ARG E 493 -32.91 41.67 -44.02
CA ARG E 493 -32.99 41.30 -42.63
C ARG E 493 -31.75 40.52 -42.17
N VAL E 494 -30.94 40.03 -43.11
CA VAL E 494 -29.75 39.25 -42.75
C VAL E 494 -28.63 40.16 -42.30
N LYS E 495 -28.56 41.38 -42.81
CA LYS E 495 -27.50 42.31 -42.42
C LYS E 495 -27.82 43.03 -41.11
N THR E 496 -29.00 43.66 -41.05
CA THR E 496 -29.41 44.42 -39.87
C THR E 496 -29.31 43.58 -38.60
N GLN E 497 -29.92 42.40 -38.62
CA GLN E 497 -29.86 41.50 -37.47
C GLN E 497 -28.42 41.14 -37.11
N ALA E 498 -27.58 40.86 -38.11
CA ALA E 498 -26.21 40.46 -37.85
C ALA E 498 -25.46 41.54 -37.11
N ILE E 499 -25.47 42.76 -37.65
CA ILE E 499 -24.76 43.88 -37.04
C ILE E 499 -25.34 44.17 -35.65
N GLN E 500 -26.66 44.04 -35.52
CA GLN E 500 -27.34 44.40 -34.27
C GLN E 500 -26.92 43.46 -33.15
N SER E 501 -27.03 42.15 -33.40
CA SER E 501 -26.52 41.12 -32.49
C SER E 501 -25.06 41.34 -32.12
N ALA E 502 -24.20 41.57 -33.13
CA ALA E 502 -22.77 41.60 -32.88
C ALA E 502 -22.36 42.79 -32.03
N ALA E 503 -22.93 43.96 -32.31
CA ALA E 503 -22.63 45.14 -31.52
C ALA E 503 -23.10 44.96 -30.07
N GLU E 504 -24.34 44.49 -29.89
CA GLU E 504 -24.90 44.36 -28.56
C GLU E 504 -24.13 43.32 -27.73
N SER E 505 -23.59 42.28 -28.38
CA SER E 505 -22.83 41.28 -27.63
C SER E 505 -21.38 41.69 -27.42
N THR E 506 -20.83 42.60 -28.23
CA THR E 506 -19.45 43.01 -27.99
C THR E 506 -19.37 44.02 -26.85
N GLU E 507 -20.43 44.81 -26.67
CA GLU E 507 -20.40 45.88 -25.67
C GLU E 507 -20.37 45.31 -24.26
N MET E 508 -20.96 44.12 -24.06
CA MET E 508 -20.95 43.50 -22.74
C MET E 508 -19.55 43.09 -22.33
N LEU E 509 -18.78 42.50 -23.25
CA LEU E 509 -17.41 42.14 -22.95
C LEU E 509 -16.50 43.35 -22.83
N LEU E 510 -16.87 44.47 -23.45
CA LEU E 510 -16.11 45.70 -23.25
C LEU E 510 -16.43 46.37 -21.92
N ARG E 511 -17.63 46.14 -21.36
CA ARG E 511 -17.99 46.80 -20.12
C ARG E 511 -17.58 46.04 -18.86
N ILE E 512 -17.02 44.83 -19.00
CA ILE E 512 -16.63 44.03 -17.85
C ILE E 512 -15.18 44.34 -17.48
N ASP E 513 -14.87 44.34 -16.18
CA ASP E 513 -13.48 44.41 -15.75
C ASP E 513 -13.07 43.41 -14.67
N ASP E 514 -13.96 42.51 -14.23
CA ASP E 514 -13.54 41.55 -13.21
C ASP E 514 -14.24 40.22 -13.45
N VAL E 515 -13.61 39.15 -12.95
CA VAL E 515 -14.17 37.80 -12.99
C VAL E 515 -14.03 37.18 -11.60
N ILE E 516 -15.17 36.83 -11.00
CA ILE E 516 -15.21 36.30 -9.63
C ILE E 516 -16.13 35.09 -9.58
N ALA E 517 -16.02 34.31 -8.49
CA ALA E 517 -16.66 33.00 -8.43
C ALA E 517 -18.00 33.05 -7.70
N ALA E 518 -18.95 32.21 -8.15
CA ALA E 518 -20.34 32.26 -7.71
C ALA E 518 -20.76 30.97 -7.00
N GLU E 519 -21.72 31.12 -6.10
CA GLU E 519 -22.09 30.11 -5.11
C GLU E 519 -23.42 29.45 -5.48
N LYS E 520 -23.35 28.56 -6.48
CA LYS E 520 -24.52 27.89 -7.05
C LYS E 520 -25.56 28.94 -7.46
N LEU E 521 -25.31 29.51 -8.63
CA LEU E 521 -26.00 30.72 -9.09
C LEU E 521 -27.49 30.50 -9.26
N ARG E 522 -27.88 29.52 -10.07
CA ARG E 522 -29.29 29.26 -10.34
C ARG E 522 -29.54 27.81 -10.70
N GLU F 10 2.50 35.63 2.91
CA GLU F 10 2.85 35.89 4.31
C GLU F 10 3.54 34.72 5.08
N ASN F 11 3.11 34.46 6.31
CA ASN F 11 3.71 33.47 7.20
C ASN F 11 2.79 33.16 8.39
N MET F 12 2.91 31.94 8.93
CA MET F 12 2.18 31.55 10.15
C MET F 12 2.27 32.60 11.26
N LYS F 13 3.48 33.02 11.62
CA LYS F 13 3.78 33.75 12.85
C LYS F 13 3.43 35.24 12.77
N ARG F 14 2.32 35.57 12.12
CA ARG F 14 1.78 36.93 11.96
C ARG F 14 0.31 37.00 12.36
N TYR F 15 -0.24 35.87 12.81
CA TYR F 15 -1.65 35.79 13.22
C TYR F 15 -1.83 36.54 14.51
N MET F 16 -0.74 36.68 15.27
CA MET F 16 -0.73 37.34 16.56
C MET F 16 -0.91 38.85 16.44
N GLY F 17 -0.51 39.43 15.31
CA GLY F 17 -0.21 40.86 15.21
C GLY F 17 -1.38 41.79 14.99
N ARG F 18 -2.62 41.33 15.03
CA ARG F 18 -3.76 42.24 14.91
C ARG F 18 -4.91 41.75 15.78
N ASP F 19 -5.69 42.69 16.34
CA ASP F 19 -6.79 42.26 17.21
C ASP F 19 -7.94 41.66 16.39
N ALA F 20 -8.93 41.12 17.11
CA ALA F 20 -10.16 40.64 16.49
C ALA F 20 -10.91 41.78 15.81
N GLN F 21 -10.82 42.99 16.36
CA GLN F 21 -11.48 44.14 15.75
C GLN F 21 -10.78 44.53 14.45
N ARG F 22 -9.45 44.46 14.41
CA ARG F 22 -8.73 44.66 13.17
C ARG F 22 -9.08 43.60 12.14
N MET F 23 -9.11 42.33 12.58
CA MET F 23 -9.63 41.22 11.78
C MET F 23 -10.95 41.57 11.11
N ASN F 24 -11.95 41.93 11.91
CA ASN F 24 -13.29 42.19 11.41
C ASN F 24 -13.33 43.42 10.52
N ILE F 25 -12.62 44.49 10.89
CA ILE F 25 -12.62 45.71 10.10
C ILE F 25 -12.03 45.45 8.71
N LEU F 26 -10.96 44.66 8.66
CA LEU F 26 -10.33 44.33 7.38
C LEU F 26 -11.22 43.43 6.52
N ALA F 27 -11.77 42.37 7.12
CA ALA F 27 -12.70 41.49 6.44
C ALA F 27 -13.88 42.28 5.89
N GLY F 28 -14.28 43.36 6.58
CA GLY F 28 -15.35 44.19 6.07
C GLY F 28 -14.91 45.09 4.94
N ARG F 29 -13.78 45.77 5.11
CA ARG F 29 -13.27 46.65 4.06
C ARG F 29 -13.13 45.92 2.74
N ILE F 30 -12.83 44.62 2.79
CA ILE F 30 -12.65 43.85 1.55
C ILE F 30 -13.92 43.87 0.71
N ILE F 31 -15.08 43.71 1.35
CA ILE F 31 -16.34 43.67 0.60
C ILE F 31 -16.62 45.00 -0.08
N ALA F 32 -16.46 46.10 0.66
CA ALA F 32 -16.68 47.41 0.07
C ALA F 32 -15.70 47.69 -1.07
N GLU F 33 -14.46 47.21 -0.93
CA GLU F 33 -13.49 47.35 -2.01
C GLU F 33 -13.89 46.53 -3.23
N THR F 34 -14.62 45.42 -3.04
CA THR F 34 -15.03 44.61 -4.17
C THR F 34 -15.99 45.37 -5.10
N VAL F 35 -16.99 46.04 -4.53
CA VAL F 35 -18.09 46.59 -5.33
C VAL F 35 -17.91 48.05 -5.73
N ARG F 36 -16.82 48.70 -5.28
CA ARG F 36 -16.75 50.16 -5.33
C ARG F 36 -16.63 50.69 -6.76
N SER F 37 -15.89 49.99 -7.62
CA SER F 37 -15.69 50.38 -9.01
C SER F 37 -16.93 50.23 -9.87
N THR F 38 -18.02 49.69 -9.33
CA THR F 38 -19.28 49.63 -10.07
C THR F 38 -20.06 50.93 -9.97
N LEU F 39 -19.58 51.91 -9.21
CA LEU F 39 -20.38 53.06 -8.82
C LEU F 39 -20.35 54.15 -9.88
N GLY F 40 -21.49 54.79 -10.10
CA GLY F 40 -21.55 55.98 -10.91
C GLY F 40 -21.68 55.71 -12.39
N PRO F 41 -21.87 56.78 -13.18
CA PRO F 41 -22.16 56.60 -14.61
C PRO F 41 -21.05 55.89 -15.39
N LYS F 42 -19.79 56.12 -15.01
CA LYS F 42 -18.63 55.46 -15.60
C LYS F 42 -18.31 54.14 -14.91
N GLY F 43 -19.26 53.55 -14.20
CA GLY F 43 -19.03 52.29 -13.53
C GLY F 43 -18.92 51.11 -14.50
N MET F 44 -18.31 50.05 -14.02
CA MET F 44 -17.98 48.90 -14.85
C MET F 44 -18.61 47.63 -14.27
N ASP F 45 -18.75 46.61 -15.12
CA ASP F 45 -19.48 45.40 -14.76
C ASP F 45 -18.53 44.31 -14.22
N LYS F 46 -19.13 43.39 -13.47
CA LYS F 46 -18.44 42.22 -12.95
C LYS F 46 -18.96 40.95 -13.64
N MET F 47 -18.09 39.97 -13.81
CA MET F 47 -18.49 38.67 -14.33
C MET F 47 -18.47 37.63 -13.22
N LEU F 48 -19.59 36.94 -13.04
CA LEU F 48 -19.74 35.90 -12.03
C LEU F 48 -19.80 34.53 -12.69
N VAL F 49 -19.00 33.58 -12.17
CA VAL F 49 -18.90 32.27 -12.77
C VAL F 49 -19.16 31.21 -11.71
N ASP F 50 -19.94 30.19 -12.08
CA ASP F 50 -20.37 29.11 -11.20
C ASP F 50 -19.33 28.00 -11.13
N ASP F 51 -19.58 27.05 -10.22
CA ASP F 51 -18.92 25.75 -10.30
C ASP F 51 -19.38 24.97 -11.53
N LEU F 52 -20.67 25.07 -11.86
CA LEU F 52 -21.23 24.26 -12.93
C LEU F 52 -21.05 24.86 -14.31
N GLY F 53 -20.62 26.12 -14.39
CA GLY F 53 -20.42 26.80 -15.66
C GLY F 53 -21.44 27.85 -16.02
N ASP F 54 -22.45 28.09 -15.19
CA ASP F 54 -23.36 29.21 -15.40
C ASP F 54 -22.59 30.53 -15.25
N VAL F 55 -23.07 31.56 -15.96
CA VAL F 55 -22.39 32.86 -16.02
C VAL F 55 -23.41 33.97 -15.85
N VAL F 56 -23.04 35.01 -15.09
CA VAL F 56 -23.84 36.21 -14.93
C VAL F 56 -22.96 37.43 -15.15
N VAL F 57 -23.47 38.43 -15.88
CA VAL F 57 -22.77 39.69 -16.09
C VAL F 57 -23.67 40.83 -15.63
N THR F 58 -23.19 41.63 -14.67
CA THR F 58 -23.97 42.71 -14.10
C THR F 58 -23.05 43.68 -13.36
N ASN F 59 -23.56 44.90 -13.13
CA ASN F 59 -22.95 45.79 -12.15
C ASN F 59 -23.88 46.12 -10.99
N ASP F 60 -25.00 45.41 -10.88
CA ASP F 60 -25.91 45.57 -9.74
C ASP F 60 -25.20 45.06 -8.49
N GLY F 61 -25.13 45.90 -7.46
CA GLY F 61 -24.27 45.59 -6.31
C GLY F 61 -24.79 44.45 -5.46
N VAL F 62 -26.07 44.52 -5.06
CA VAL F 62 -26.62 43.50 -4.18
C VAL F 62 -26.59 42.13 -4.86
N THR F 63 -26.60 42.10 -6.19
CA THR F 63 -26.50 40.83 -6.90
C THR F 63 -25.09 40.26 -6.80
N ILE F 64 -24.08 41.11 -6.94
CA ILE F 64 -22.69 40.67 -6.76
C ILE F 64 -22.50 40.12 -5.35
N LEU F 65 -22.96 40.87 -4.35
CA LEU F 65 -22.83 40.47 -2.95
C LEU F 65 -23.68 39.24 -2.63
N ARG F 66 -24.73 39.00 -3.40
CA ARG F 66 -25.58 37.84 -3.15
C ARG F 66 -25.04 36.56 -3.79
N GLU F 67 -24.34 36.68 -4.90
CA GLU F 67 -23.86 35.51 -5.62
C GLU F 67 -22.40 35.16 -5.30
N MET F 68 -21.72 35.97 -4.48
CA MET F 68 -20.31 35.75 -4.25
C MET F 68 -20.11 34.62 -3.26
N SER F 69 -19.00 33.89 -3.40
CA SER F 69 -18.59 32.95 -2.37
C SER F 69 -17.90 33.73 -1.26
N VAL F 70 -18.60 33.96 -0.16
CA VAL F 70 -18.11 34.79 0.94
C VAL F 70 -18.17 33.97 2.22
N GLU F 71 -17.05 33.94 2.96
CA GLU F 71 -16.91 32.97 4.04
C GLU F 71 -16.61 33.57 5.41
N HIS F 72 -16.11 34.79 5.49
CA HIS F 72 -15.81 35.35 6.81
C HIS F 72 -17.07 35.97 7.41
N PRO F 73 -17.29 35.81 8.72
CA PRO F 73 -18.56 36.27 9.32
C PRO F 73 -18.85 37.76 9.14
N ALA F 74 -17.84 38.61 9.26
CA ALA F 74 -18.08 40.06 9.18
C ALA F 74 -18.47 40.47 7.77
N ALA F 75 -17.86 39.84 6.77
CA ALA F 75 -18.23 40.11 5.38
C ALA F 75 -19.66 39.65 5.12
N LYS F 76 -20.05 38.52 5.74
CA LYS F 76 -21.43 38.06 5.72
C LYS F 76 -22.36 39.08 6.36
N MET F 77 -21.89 39.78 7.40
CA MET F 77 -22.67 40.82 8.05
C MET F 77 -22.80 42.08 7.20
N LEU F 78 -21.86 42.34 6.29
CA LEU F 78 -21.99 43.51 5.42
C LEU F 78 -22.93 43.28 4.26
N ILE F 79 -23.09 42.02 3.82
CA ILE F 79 -24.04 41.73 2.75
C ILE F 79 -25.46 42.09 3.17
N GLU F 80 -25.77 42.01 4.46
CA GLU F 80 -27.11 42.34 4.93
C GLU F 80 -27.40 43.84 4.84
N VAL F 81 -26.37 44.65 4.62
CA VAL F 81 -26.55 46.08 4.40
C VAL F 81 -27.14 46.36 3.02
N ALA F 82 -26.79 45.53 2.03
CA ALA F 82 -27.33 45.67 0.69
C ALA F 82 -28.77 45.16 0.59
N LYS F 83 -29.03 43.97 1.16
CA LYS F 83 -30.34 43.33 1.02
C LYS F 83 -31.47 44.20 1.58
N THR F 84 -31.21 44.96 2.64
CA THR F 84 -32.27 45.77 3.23
C THR F 84 -32.59 46.96 2.35
N GLN F 85 -31.56 47.53 1.72
CA GLN F 85 -31.76 48.58 0.73
C GLN F 85 -32.50 48.04 -0.50
N GLU F 86 -32.21 46.78 -0.87
CA GLU F 86 -32.94 46.12 -1.95
C GLU F 86 -34.42 46.01 -1.61
N LYS F 87 -34.70 45.56 -0.39
CA LYS F 87 -36.04 45.16 0.04
C LYS F 87 -36.92 46.37 0.30
N GLU F 88 -36.40 47.37 1.02
CA GLU F 88 -37.21 48.47 1.51
C GLU F 88 -37.30 49.64 0.54
N VAL F 89 -36.33 49.78 -0.36
CA VAL F 89 -36.25 50.93 -1.25
C VAL F 89 -36.22 50.39 -2.68
N GLY F 90 -35.18 49.63 -2.99
CA GLY F 90 -35.00 49.03 -4.30
C GLY F 90 -33.76 49.50 -5.02
N ASP F 91 -33.41 50.78 -4.89
CA ASP F 91 -32.18 51.30 -5.47
C ASP F 91 -31.28 51.78 -4.32
N GLY F 92 -30.00 52.00 -4.64
CA GLY F 92 -29.05 52.47 -3.65
C GLY F 92 -28.22 51.41 -2.97
N THR F 93 -28.14 50.20 -3.51
CA THR F 93 -27.46 49.11 -2.81
C THR F 93 -25.94 49.18 -2.92
N THR F 94 -25.38 50.16 -3.63
CA THR F 94 -23.93 50.29 -3.65
C THR F 94 -23.43 51.44 -2.79
N THR F 95 -24.23 52.52 -2.67
CA THR F 95 -23.89 53.62 -1.79
C THR F 95 -23.80 53.14 -0.35
N ALA F 96 -24.78 52.32 0.07
CA ALA F 96 -24.81 51.79 1.42
C ALA F 96 -23.53 51.04 1.77
N VAL F 97 -23.08 50.15 0.89
CA VAL F 97 -21.96 49.30 1.30
C VAL F 97 -20.65 50.09 1.27
N VAL F 98 -20.52 51.02 0.32
CA VAL F 98 -19.30 51.81 0.23
C VAL F 98 -19.20 52.74 1.43
N VAL F 99 -20.31 53.34 1.83
CA VAL F 99 -20.32 54.20 3.02
C VAL F 99 -20.03 53.37 4.28
N ALA F 100 -20.60 52.15 4.36
CA ALA F 100 -20.32 51.28 5.49
C ALA F 100 -18.84 50.97 5.62
N GLY F 101 -18.20 50.56 4.53
CA GLY F 101 -16.79 50.24 4.60
C GLY F 101 -15.92 51.47 4.87
N GLU F 102 -16.32 52.63 4.37
CA GLU F 102 -15.56 53.84 4.69
C GLU F 102 -15.69 54.17 6.17
N LEU F 103 -16.86 53.88 6.76
CA LEU F 103 -17.02 54.06 8.20
C LEU F 103 -16.15 53.10 8.98
N LEU F 104 -16.08 51.84 8.54
CA LEU F 104 -15.16 50.89 9.15
C LEU F 104 -13.72 51.39 9.12
N ARG F 105 -13.29 51.89 7.97
CA ARG F 105 -11.89 52.27 7.77
C ARG F 105 -11.56 53.57 8.50
N LYS F 106 -12.52 54.48 8.59
CA LYS F 106 -12.36 55.67 9.43
C LYS F 106 -12.27 55.29 10.90
N ALA F 107 -13.09 54.31 11.33
CA ALA F 107 -13.02 53.87 12.72
C ALA F 107 -11.66 53.27 13.02
N GLU F 108 -11.06 52.60 12.03
CA GLU F 108 -9.74 52.01 12.19
C GLU F 108 -8.67 53.07 12.45
N GLU F 109 -8.89 54.29 11.95
CA GLU F 109 -7.91 55.36 12.12
C GLU F 109 -7.95 55.96 13.52
N LEU F 110 -9.02 55.71 14.28
CA LEU F 110 -9.12 56.21 15.65
C LEU F 110 -8.73 55.16 16.69
N LEU F 111 -8.88 53.88 16.37
CA LEU F 111 -8.50 52.84 17.32
C LEU F 111 -6.99 52.68 17.40
N ASP F 112 -6.28 53.04 16.33
CA ASP F 112 -4.82 53.07 16.41
C ASP F 112 -4.28 54.30 17.14
N GLN F 113 -5.15 55.20 17.58
CA GLN F 113 -4.81 56.23 18.56
C GLN F 113 -5.31 55.88 19.95
N ASN F 114 -5.84 54.67 20.13
CA ASN F 114 -6.27 54.11 21.41
C ASN F 114 -7.55 54.77 21.94
N VAL F 115 -8.49 55.11 21.06
CA VAL F 115 -9.81 55.56 21.49
C VAL F 115 -10.71 54.35 21.78
N HIS F 116 -11.42 54.40 22.91
CA HIS F 116 -12.24 53.26 23.31
C HIS F 116 -13.36 53.03 22.30
N PRO F 117 -13.63 51.77 21.93
CA PRO F 117 -14.72 51.48 20.98
C PRO F 117 -16.08 52.05 21.36
N THR F 118 -16.46 52.00 22.65
CA THR F 118 -17.76 52.55 23.03
C THR F 118 -17.82 54.05 22.79
N ILE F 119 -16.69 54.75 22.91
CA ILE F 119 -16.68 56.19 22.62
C ILE F 119 -16.95 56.42 21.14
N VAL F 120 -16.34 55.60 20.27
CA VAL F 120 -16.60 55.72 18.84
C VAL F 120 -18.07 55.46 18.53
N VAL F 121 -18.64 54.43 19.15
CA VAL F 121 -20.02 54.04 18.87
C VAL F 121 -20.99 55.14 19.32
N LYS F 122 -20.76 55.68 20.53
CA LYS F 122 -21.58 56.78 21.02
C LYS F 122 -21.41 58.06 20.20
N GLY F 123 -20.27 58.26 19.54
CA GLY F 123 -20.18 59.38 18.62
C GLY F 123 -20.94 59.16 17.32
N TYR F 124 -20.72 58.01 16.68
CA TYR F 124 -21.45 57.69 15.45
C TYR F 124 -22.95 57.82 15.66
N GLN F 125 -23.43 57.34 16.81
CA GLN F 125 -24.85 57.41 17.12
C GLN F 125 -25.35 58.85 17.11
N ALA F 126 -24.60 59.77 17.73
CA ALA F 126 -25.00 61.16 17.76
C ALA F 126 -24.92 61.82 16.39
N ALA F 127 -24.06 61.30 15.50
CA ALA F 127 -23.92 61.86 14.16
C ALA F 127 -25.06 61.43 13.25
N ALA F 128 -25.51 60.17 13.37
CA ALA F 128 -26.49 59.66 12.41
C ALA F 128 -27.87 60.29 12.62
N GLN F 129 -28.27 60.52 13.86
CA GLN F 129 -29.53 61.23 14.11
C GLN F 129 -29.49 62.65 13.55
N LYS F 130 -28.33 63.30 13.66
CA LYS F 130 -28.14 64.61 13.08
C LYS F 130 -28.22 64.57 11.56
N ALA F 131 -27.69 63.51 10.95
CA ALA F 131 -27.80 63.35 9.50
C ALA F 131 -29.26 63.12 9.09
N GLN F 132 -30.06 62.50 9.97
CA GLN F 132 -31.48 62.36 9.69
C GLN F 132 -32.19 63.71 9.70
N GLU F 133 -31.91 64.53 10.73
CA GLU F 133 -32.47 65.88 10.78
C GLU F 133 -32.09 66.67 9.51
N LEU F 134 -30.82 66.65 9.17
CA LEU F 134 -30.33 67.41 8.02
C LEU F 134 -30.95 66.93 6.71
N LEU F 135 -31.01 65.60 6.51
CA LEU F 135 -31.65 65.09 5.31
C LEU F 135 -33.13 65.44 5.25
N LYS F 136 -33.80 65.51 6.40
CA LYS F 136 -35.21 65.87 6.40
C LYS F 136 -35.42 67.36 6.12
N THR F 137 -34.38 68.19 6.25
CA THR F 137 -34.54 69.61 6.01
C THR F 137 -33.86 70.16 4.75
N ILE F 138 -32.93 69.41 4.12
CA ILE F 138 -32.30 69.88 2.89
C ILE F 138 -32.96 69.34 1.63
N ALA F 139 -34.08 68.63 1.74
CA ALA F 139 -34.73 68.02 0.59
C ALA F 139 -35.70 69.00 -0.07
N CYS F 140 -36.12 68.66 -1.29
CA CYS F 140 -37.07 69.47 -2.04
C CYS F 140 -38.40 68.75 -2.14
N GLU F 141 -39.49 69.51 -2.04
CA GLU F 141 -40.84 68.96 -1.88
C GLU F 141 -41.62 69.08 -3.19
N VAL F 142 -42.07 67.96 -3.72
CA VAL F 142 -42.70 67.89 -5.04
C VAL F 142 -43.96 67.04 -4.97
N GLY F 143 -44.94 67.37 -5.82
CA GLY F 143 -46.20 66.65 -5.81
C GLY F 143 -46.14 65.36 -6.61
N ALA F 144 -46.95 64.38 -6.19
CA ALA F 144 -46.86 63.03 -6.74
C ALA F 144 -47.47 62.92 -8.13
N GLN F 145 -48.24 63.93 -8.55
CA GLN F 145 -48.85 63.98 -9.87
C GLN F 145 -47.90 64.49 -10.94
N ASP F 146 -46.65 64.82 -10.58
CA ASP F 146 -45.74 65.57 -11.45
C ASP F 146 -44.87 64.60 -12.24
N LYS F 147 -45.38 64.22 -13.42
CA LYS F 147 -44.81 63.11 -14.18
C LYS F 147 -43.43 63.44 -14.76
N GLU F 148 -43.15 64.72 -14.98
CA GLU F 148 -41.88 65.15 -15.56
C GLU F 148 -40.69 64.80 -14.66
N ILE F 149 -40.75 65.22 -13.41
CA ILE F 149 -39.67 64.89 -12.48
C ILE F 149 -39.59 63.39 -12.27
N LEU F 150 -40.73 62.68 -12.38
CA LEU F 150 -40.68 61.22 -12.33
C LEU F 150 -39.87 60.64 -13.48
N THR F 151 -40.06 61.17 -14.69
CA THR F 151 -39.26 60.77 -15.83
C THR F 151 -37.77 61.01 -15.58
N LYS F 152 -37.45 62.20 -15.06
CA LYS F 152 -36.06 62.58 -14.80
C LYS F 152 -35.41 61.64 -13.78
N ILE F 153 -36.17 61.27 -12.75
CA ILE F 153 -35.66 60.35 -11.73
C ILE F 153 -35.44 58.96 -12.32
N ALA F 154 -36.36 58.51 -13.18
CA ALA F 154 -36.25 57.20 -13.81
C ALA F 154 -34.99 57.13 -14.67
N MET F 155 -34.79 58.16 -15.50
CA MET F 155 -33.58 58.25 -16.32
C MET F 155 -32.32 58.24 -15.44
N THR F 156 -32.36 58.95 -14.32
CA THR F 156 -31.24 58.94 -13.38
C THR F 156 -30.99 57.55 -12.82
N SER F 157 -32.04 56.73 -12.75
CA SER F 157 -31.89 55.39 -12.22
C SER F 157 -31.26 54.45 -13.25
N ILE F 158 -31.49 54.72 -14.53
CA ILE F 158 -31.01 53.85 -15.61
C ILE F 158 -29.59 54.21 -16.05
N THR F 159 -29.13 55.43 -15.76
CA THR F 159 -27.81 55.89 -16.17
C THR F 159 -26.69 55.08 -15.53
N GLY F 160 -25.70 54.70 -16.34
CA GLY F 160 -24.56 53.93 -15.85
C GLY F 160 -24.71 52.43 -15.90
N LYS F 161 -25.72 51.89 -16.58
CA LYS F 161 -26.03 50.47 -16.50
C LYS F 161 -25.91 49.74 -17.83
N GLY F 162 -25.25 50.32 -18.83
CA GLY F 162 -25.09 49.64 -20.11
C GLY F 162 -26.32 49.69 -21.00
N ALA F 163 -27.50 49.61 -20.39
CA ALA F 163 -28.75 49.84 -21.11
C ALA F 163 -29.12 51.32 -21.09
N GLU F 164 -28.14 52.20 -21.36
CA GLU F 164 -28.39 53.65 -21.39
C GLU F 164 -29.04 54.07 -22.69
N LYS F 165 -28.86 53.29 -23.75
CA LYS F 165 -29.21 53.76 -25.08
C LYS F 165 -30.71 53.87 -25.25
N ALA F 166 -31.47 53.17 -24.41
CA ALA F 166 -32.93 53.18 -24.45
C ALA F 166 -33.58 53.94 -23.30
N LYS F 167 -32.81 54.68 -22.48
CA LYS F 167 -33.38 55.20 -21.24
C LYS F 167 -34.51 56.20 -21.49
N GLU F 168 -34.44 56.95 -22.58
CA GLU F 168 -35.45 57.97 -22.86
C GLU F 168 -36.74 57.38 -23.39
N LYS F 169 -36.79 56.07 -23.62
CA LYS F 169 -38.03 55.35 -23.88
C LYS F 169 -38.49 54.55 -22.67
N LEU F 170 -37.53 53.89 -22.02
CA LEU F 170 -37.83 53.12 -20.81
C LEU F 170 -38.44 54.00 -19.74
N ALA F 171 -38.02 55.27 -19.68
CA ALA F 171 -38.55 56.19 -18.69
C ALA F 171 -40.05 56.39 -18.87
N GLU F 172 -40.50 56.66 -20.10
CA GLU F 172 -41.93 56.84 -20.34
C GLU F 172 -42.70 55.56 -20.04
N ILE F 173 -42.17 54.42 -20.49
CA ILE F 173 -42.82 53.14 -20.28
C ILE F 173 -43.03 52.90 -18.79
N ILE F 174 -41.97 53.08 -18.00
CA ILE F 174 -42.02 52.79 -16.58
C ILE F 174 -42.90 53.78 -15.84
N VAL F 175 -42.88 55.06 -16.23
CA VAL F 175 -43.71 56.05 -15.56
C VAL F 175 -45.19 55.71 -15.73
N GLU F 176 -45.60 55.39 -16.96
CA GLU F 176 -47.00 54.97 -17.13
C GLU F 176 -47.30 53.68 -16.37
N ALA F 177 -46.39 52.71 -16.46
CA ALA F 177 -46.59 51.39 -15.84
C ALA F 177 -46.82 51.53 -14.34
N VAL F 178 -46.05 52.38 -13.69
CA VAL F 178 -46.16 52.57 -12.25
C VAL F 178 -47.38 53.43 -11.91
N SER F 179 -47.67 54.42 -12.76
CA SER F 179 -48.79 55.31 -12.48
C SER F 179 -50.11 54.56 -12.54
N ALA F 180 -50.13 53.44 -13.26
CA ALA F 180 -51.35 52.63 -13.39
C ALA F 180 -51.69 51.97 -12.06
N VAL F 181 -50.68 51.49 -11.34
CA VAL F 181 -50.85 50.60 -10.20
C VAL F 181 -50.84 51.35 -8.87
N VAL F 182 -50.86 52.68 -8.91
CA VAL F 182 -51.02 53.48 -7.70
C VAL F 182 -52.42 53.27 -7.16
N ASP F 183 -52.53 52.68 -5.96
CA ASP F 183 -53.80 52.19 -5.47
C ASP F 183 -54.66 53.33 -4.90
N ASP F 184 -55.91 53.00 -4.57
CA ASP F 184 -56.85 54.02 -4.14
C ASP F 184 -56.43 54.68 -2.83
N GLU F 185 -55.41 54.15 -2.15
CA GLU F 185 -54.84 54.81 -0.98
C GLU F 185 -53.51 55.51 -1.26
N GLY F 186 -53.09 55.60 -2.51
CA GLY F 186 -51.89 56.32 -2.89
C GLY F 186 -50.58 55.62 -2.60
N LYS F 187 -50.53 54.30 -2.73
CA LYS F 187 -49.34 53.52 -2.46
C LYS F 187 -49.04 52.60 -3.64
N VAL F 188 -47.77 52.35 -3.87
CA VAL F 188 -47.32 51.57 -5.02
C VAL F 188 -46.91 50.19 -4.55
N ASP F 189 -47.49 49.16 -5.16
CA ASP F 189 -47.11 47.77 -4.92
C ASP F 189 -46.39 47.25 -6.15
N LYS F 190 -45.19 46.69 -5.94
CA LYS F 190 -44.33 46.35 -7.06
C LYS F 190 -44.80 45.10 -7.80
N ASP F 191 -45.41 44.16 -7.07
CA ASP F 191 -45.85 42.91 -7.67
C ASP F 191 -47.09 43.08 -8.54
N LEU F 192 -47.71 44.26 -8.55
CA LEU F 192 -48.81 44.50 -9.48
C LEU F 192 -48.34 44.82 -10.89
N ILE F 193 -47.04 44.86 -11.11
CA ILE F 193 -46.44 45.04 -12.44
C ILE F 193 -45.73 43.75 -12.81
N LYS F 194 -46.08 43.21 -13.97
CA LYS F 194 -45.55 41.93 -14.44
C LYS F 194 -44.47 42.19 -15.47
N ILE F 195 -43.30 41.60 -15.25
CA ILE F 195 -42.13 41.86 -16.09
C ILE F 195 -41.81 40.58 -16.85
N GLU F 196 -41.84 40.66 -18.17
CA GLU F 196 -41.65 39.49 -19.01
C GLU F 196 -40.50 39.70 -19.99
N LYS F 197 -39.79 38.61 -20.25
CA LYS F 197 -38.44 38.64 -20.83
C LYS F 197 -38.33 37.74 -22.05
N LYS F 198 -38.77 38.26 -23.21
CA LYS F 198 -38.86 37.48 -24.43
C LYS F 198 -37.81 37.98 -25.43
N SER F 199 -36.92 37.09 -25.85
CA SER F 199 -35.76 37.48 -26.65
C SER F 199 -36.17 37.77 -28.09
N GLY F 200 -35.17 38.08 -28.92
CA GLY F 200 -35.41 38.55 -30.27
C GLY F 200 -35.60 40.05 -30.33
N ALA F 201 -35.43 40.61 -31.53
CA ALA F 201 -35.42 42.06 -31.74
C ALA F 201 -34.39 42.79 -30.89
N SER F 202 -34.44 44.12 -30.90
CA SER F 202 -33.50 44.96 -30.16
C SER F 202 -34.18 45.64 -28.98
N ILE F 203 -33.33 46.10 -28.04
CA ILE F 203 -33.79 46.66 -26.76
C ILE F 203 -34.79 47.78 -26.96
N ASP F 204 -34.75 48.44 -28.12
CA ASP F 204 -35.67 49.52 -28.41
C ASP F 204 -37.04 49.02 -28.86
N ASP F 205 -37.21 47.71 -29.07
CA ASP F 205 -38.51 47.11 -29.38
C ASP F 205 -39.28 46.72 -28.12
N THR F 206 -38.80 47.09 -26.93
CA THR F 206 -39.56 46.87 -25.71
C THR F 206 -40.84 47.70 -25.73
N GLU F 207 -41.92 47.15 -25.16
CA GLU F 207 -43.22 47.80 -25.20
C GLU F 207 -44.01 47.48 -23.95
N LEU F 208 -45.11 48.23 -23.77
CA LEU F 208 -45.97 48.12 -22.60
C LEU F 208 -47.34 47.59 -23.01
N ILE F 209 -47.84 46.60 -22.27
CA ILE F 209 -49.16 46.03 -22.52
C ILE F 209 -50.09 46.46 -21.40
N LYS F 210 -51.22 47.05 -21.77
CA LYS F 210 -52.27 47.41 -20.81
C LYS F 210 -53.15 46.18 -20.54
N GLY F 211 -52.53 45.13 -20.00
CA GLY F 211 -53.21 43.86 -19.87
C GLY F 211 -52.23 42.76 -19.52
N VAL F 212 -52.47 41.55 -20.00
CA VAL F 212 -51.70 40.39 -19.56
C VAL F 212 -51.22 39.57 -20.76
N LEU F 213 -50.10 38.90 -20.52
CA LEU F 213 -49.56 37.95 -21.48
C LEU F 213 -49.60 36.68 -20.64
N VAL F 214 -50.19 35.60 -21.15
CA VAL F 214 -50.37 34.34 -20.43
C VAL F 214 -49.57 33.25 -21.15
N ASP F 215 -48.90 32.41 -20.37
CA ASP F 215 -48.07 31.33 -20.90
C ASP F 215 -48.93 30.11 -21.24
N LYS F 216 -49.91 30.29 -22.13
CA LYS F 216 -50.87 29.24 -22.43
C LYS F 216 -51.30 29.33 -23.88
N GLU F 217 -51.80 28.21 -24.40
CA GLU F 217 -52.50 28.17 -25.68
C GLU F 217 -53.84 27.49 -25.50
N ARG F 218 -54.80 27.85 -26.35
CA ARG F 218 -56.17 27.40 -26.16
C ARG F 218 -56.28 25.89 -26.34
N VAL F 219 -57.25 25.29 -25.66
CA VAL F 219 -57.27 23.84 -25.48
C VAL F 219 -57.61 23.13 -26.80
N SER F 220 -58.56 23.66 -27.56
CA SER F 220 -59.06 23.00 -28.76
C SER F 220 -58.90 23.94 -29.95
N ALA F 221 -58.32 23.44 -31.05
CA ALA F 221 -57.90 24.33 -32.13
C ALA F 221 -59.06 24.82 -33.00
N GLN F 222 -60.26 24.26 -32.83
CA GLN F 222 -61.45 24.80 -33.47
C GLN F 222 -61.91 26.10 -32.81
N MET F 223 -61.40 26.39 -31.63
CA MET F 223 -61.74 27.56 -30.84
C MET F 223 -61.20 28.83 -31.50
N PRO F 224 -62.02 29.87 -31.64
CA PRO F 224 -61.58 31.07 -32.36
C PRO F 224 -60.31 31.67 -31.76
N LYS F 225 -59.38 32.03 -32.64
CA LYS F 225 -58.04 32.44 -32.21
C LYS F 225 -57.98 33.94 -31.96
N LYS F 226 -59.03 34.67 -32.33
CA LYS F 226 -59.12 36.12 -32.13
C LYS F 226 -60.54 36.47 -31.69
N VAL F 227 -60.64 37.26 -30.62
CA VAL F 227 -61.94 37.70 -30.09
C VAL F 227 -61.85 39.18 -29.74
N THR F 228 -62.90 39.92 -30.05
CA THR F 228 -63.00 41.35 -29.76
C THR F 228 -64.13 41.60 -28.77
N ASP F 229 -63.94 42.60 -27.90
CA ASP F 229 -64.83 42.85 -26.77
C ASP F 229 -65.17 41.55 -26.03
N ALA F 230 -64.12 40.86 -25.58
CA ALA F 230 -64.25 39.59 -24.88
C ALA F 230 -65.03 39.70 -23.59
N LYS F 231 -65.79 38.64 -23.28
CA LYS F 231 -66.46 38.44 -21.99
C LYS F 231 -65.77 37.27 -21.31
N ILE F 232 -64.94 37.58 -20.32
CA ILE F 232 -63.97 36.61 -19.81
C ILE F 232 -64.48 36.04 -18.49
N ALA F 233 -64.49 34.71 -18.39
CA ALA F 233 -64.90 34.01 -17.18
C ALA F 233 -63.71 33.28 -16.58
N LEU F 234 -63.53 33.44 -15.26
CA LEU F 234 -62.42 32.82 -14.53
C LEU F 234 -62.97 31.83 -13.52
N LEU F 235 -62.42 30.62 -13.52
CA LEU F 235 -62.85 29.55 -12.64
C LEU F 235 -61.70 28.98 -11.83
N ASN F 236 -61.97 28.68 -10.55
CA ASN F 236 -61.04 27.98 -9.68
C ASN F 236 -61.38 26.49 -9.60
N CYS F 237 -62.61 26.14 -9.93
CA CYS F 237 -63.03 24.75 -10.04
C CYS F 237 -62.72 24.19 -11.42
N ALA F 238 -62.44 22.89 -11.45
CA ALA F 238 -62.18 22.15 -12.68
C ALA F 238 -63.48 21.73 -13.35
N ILE F 239 -63.49 21.75 -14.67
CA ILE F 239 -64.66 21.29 -15.43
C ILE F 239 -64.47 19.80 -15.67
N GLU F 240 -64.95 19.00 -14.72
CA GLU F 240 -64.76 17.55 -14.74
C GLU F 240 -65.91 16.92 -13.96
N ILE F 241 -66.08 15.61 -14.14
CA ILE F 241 -67.17 14.92 -13.46
C ILE F 241 -66.85 14.79 -11.97
N LYS F 242 -67.77 15.25 -11.13
CA LYS F 242 -67.52 15.27 -9.69
C LYS F 242 -67.42 13.85 -9.14
N GLU F 243 -66.64 13.70 -8.07
CA GLU F 243 -66.51 12.46 -7.31
C GLU F 243 -67.21 12.62 -5.97
N THR F 244 -67.59 11.49 -5.36
CA THR F 244 -68.15 11.51 -4.02
C THR F 244 -67.06 11.26 -3.00
N GLU F 245 -66.94 12.18 -2.03
CA GLU F 245 -65.94 12.03 -0.99
C GLU F 245 -66.37 11.01 0.08
N THR F 246 -67.22 10.06 -0.31
CA THR F 246 -67.68 8.97 0.55
C THR F 246 -67.48 7.59 -0.08
N ASP F 247 -66.92 7.50 -1.29
CA ASP F 247 -66.68 6.29 -2.07
C ASP F 247 -67.92 5.58 -2.60
N ALA F 248 -67.85 5.08 -3.84
CA ALA F 248 -69.01 4.69 -4.64
C ALA F 248 -68.72 3.50 -5.56
N GLU F 249 -69.79 2.73 -5.84
CA GLU F 249 -69.82 1.70 -6.87
C GLU F 249 -71.21 1.72 -7.50
N ILE F 250 -71.29 1.56 -8.84
CA ILE F 250 -72.57 1.72 -9.53
C ILE F 250 -73.36 0.43 -9.72
N ARG F 251 -72.69 -0.73 -9.76
CA ARG F 251 -73.34 -2.04 -9.75
C ARG F 251 -74.42 -2.23 -10.82
N ILE F 252 -74.01 -2.76 -11.97
CA ILE F 252 -74.88 -2.81 -13.14
C ILE F 252 -75.48 -4.20 -13.27
N THR F 253 -76.75 -4.34 -12.87
CA THR F 253 -77.39 -5.65 -12.84
C THR F 253 -78.17 -5.93 -14.12
N ASP F 254 -78.62 -4.89 -14.81
CA ASP F 254 -79.26 -5.02 -16.12
C ASP F 254 -78.26 -4.58 -17.19
N PRO F 255 -77.92 -5.45 -18.14
CA PRO F 255 -77.08 -5.03 -19.27
C PRO F 255 -77.52 -3.75 -19.96
N ALA F 256 -78.84 -3.52 -20.06
CA ALA F 256 -79.36 -2.33 -20.73
C ALA F 256 -78.92 -1.02 -20.05
N LYS F 257 -78.28 -1.09 -18.88
CA LYS F 257 -77.91 0.11 -18.14
C LYS F 257 -76.41 0.41 -18.21
N LEU F 258 -75.71 -0.09 -19.22
CA LEU F 258 -74.34 0.35 -19.45
C LEU F 258 -74.30 1.72 -20.12
N MET F 259 -74.98 1.85 -21.26
CA MET F 259 -74.97 3.13 -21.99
C MET F 259 -75.67 4.23 -21.21
N GLU F 260 -76.66 3.88 -20.38
CA GLU F 260 -77.40 4.90 -19.64
C GLU F 260 -76.52 5.58 -18.61
N PHE F 261 -75.75 4.81 -17.84
CA PHE F 261 -74.82 5.41 -16.90
C PHE F 261 -73.83 6.34 -17.61
N ILE F 262 -73.36 5.92 -18.79
CA ILE F 262 -72.35 6.67 -19.52
C ILE F 262 -72.93 7.95 -20.11
N GLU F 263 -74.13 7.88 -20.68
CA GLU F 263 -74.83 9.06 -21.17
C GLU F 263 -75.09 10.07 -20.05
N GLN F 264 -75.40 9.60 -18.84
CA GLN F 264 -75.65 10.57 -17.77
C GLN F 264 -74.36 11.26 -17.34
N GLU F 265 -73.22 10.54 -17.33
CA GLU F 265 -71.98 11.29 -17.15
C GLU F 265 -71.72 12.29 -18.27
N GLU F 266 -72.06 11.95 -19.53
CA GLU F 266 -71.91 12.95 -20.59
C GLU F 266 -72.80 14.18 -20.36
N LYS F 267 -74.02 13.95 -19.88
CA LYS F 267 -74.94 15.07 -19.67
C LYS F 267 -74.47 15.97 -18.52
N MET F 268 -73.80 15.38 -17.53
CA MET F 268 -73.31 16.19 -16.41
C MET F 268 -72.19 17.15 -16.84
N LEU F 269 -71.57 16.93 -17.99
CA LEU F 269 -70.66 17.94 -18.54
C LEU F 269 -71.39 18.89 -19.49
N LYS F 270 -72.35 18.34 -20.25
CA LYS F 270 -73.13 19.14 -21.18
C LYS F 270 -73.81 20.30 -20.46
N ASP F 271 -74.35 20.04 -19.27
CA ASP F 271 -75.05 21.07 -18.52
C ASP F 271 -74.11 22.14 -17.97
N MET F 272 -72.89 21.77 -17.59
CA MET F 272 -71.90 22.76 -17.17
C MET F 272 -71.60 23.73 -18.31
N VAL F 273 -71.46 23.20 -19.52
CA VAL F 273 -71.14 24.08 -20.65
C VAL F 273 -72.34 24.95 -21.00
N ALA F 274 -73.55 24.38 -20.95
CA ALA F 274 -74.76 25.20 -21.09
C ALA F 274 -74.78 26.36 -20.09
N GLU F 275 -74.43 26.09 -18.84
CA GLU F 275 -74.44 27.13 -17.81
C GLU F 275 -73.37 28.18 -18.05
N ILE F 276 -72.18 27.76 -18.49
CA ILE F 276 -71.15 28.75 -18.81
C ILE F 276 -71.61 29.66 -19.94
N LYS F 277 -72.34 29.09 -20.90
CA LYS F 277 -72.84 29.90 -22.01
C LYS F 277 -73.91 30.87 -21.54
N ALA F 278 -74.81 30.41 -20.67
CA ALA F 278 -75.92 31.26 -20.22
C ALA F 278 -75.45 32.45 -19.41
N SER F 279 -74.26 32.39 -18.80
CA SER F 279 -73.73 33.59 -18.16
C SER F 279 -73.46 34.70 -19.15
N GLY F 280 -73.17 34.37 -20.41
CA GLY F 280 -72.81 35.38 -21.40
C GLY F 280 -71.37 35.34 -21.84
N ALA F 281 -70.59 34.37 -21.36
CA ALA F 281 -69.16 34.34 -21.58
C ALA F 281 -68.82 33.94 -23.01
N ASN F 282 -67.63 34.36 -23.48
CA ASN F 282 -67.07 33.81 -24.70
C ASN F 282 -65.56 33.58 -24.62
N VAL F 283 -64.94 33.81 -23.47
CA VAL F 283 -63.55 33.46 -23.19
C VAL F 283 -63.48 32.90 -21.78
N LEU F 284 -62.67 31.84 -21.60
CA LEU F 284 -62.62 31.10 -20.36
C LEU F 284 -61.18 30.84 -19.93
N PHE F 285 -60.94 30.92 -18.62
CA PHE F 285 -59.70 30.49 -17.99
C PHE F 285 -60.04 29.59 -16.81
N CYS F 286 -59.33 28.47 -16.69
CA CYS F 286 -59.50 27.53 -15.60
C CYS F 286 -58.17 27.31 -14.88
N GLN F 287 -58.18 27.50 -13.56
CA GLN F 287 -56.99 27.25 -12.76
C GLN F 287 -56.71 25.76 -12.57
N LYS F 288 -57.46 24.89 -13.25
CA LYS F 288 -57.48 23.45 -13.01
C LYS F 288 -57.97 22.76 -14.28
N GLY F 289 -58.18 21.45 -14.20
CA GLY F 289 -58.37 20.66 -15.40
C GLY F 289 -59.71 20.86 -16.08
N ILE F 290 -59.69 20.71 -17.40
CA ILE F 290 -60.88 20.63 -18.23
C ILE F 290 -60.82 19.32 -18.99
N ASP F 291 -61.89 18.54 -18.93
CA ASP F 291 -61.95 17.23 -19.57
C ASP F 291 -62.03 17.36 -21.10
N ASP F 292 -61.57 16.30 -21.78
CA ASP F 292 -61.54 16.33 -23.24
C ASP F 292 -62.91 16.33 -23.89
N LEU F 293 -63.97 15.93 -23.17
CA LEU F 293 -65.32 16.09 -23.70
C LEU F 293 -65.87 17.49 -23.41
N ALA F 294 -65.52 18.06 -22.26
CA ALA F 294 -65.84 19.44 -21.95
C ALA F 294 -65.25 20.37 -23.01
N GLN F 295 -64.02 20.08 -23.44
CA GLN F 295 -63.34 20.80 -24.50
C GLN F 295 -64.13 20.74 -25.80
N HIS F 296 -64.73 19.59 -26.08
CA HIS F 296 -65.58 19.45 -27.24
C HIS F 296 -66.77 20.39 -27.16
N TYR F 297 -67.50 20.38 -26.04
CA TYR F 297 -68.69 21.22 -26.00
C TYR F 297 -68.31 22.69 -26.02
N LEU F 298 -67.20 23.05 -25.37
CA LEU F 298 -66.68 24.41 -25.45
C LEU F 298 -66.34 24.84 -26.88
N ALA F 299 -65.67 23.97 -27.65
CA ALA F 299 -65.41 24.28 -29.06
C ALA F 299 -66.66 24.17 -29.93
N LYS F 300 -67.72 23.56 -29.42
CA LYS F 300 -68.94 23.46 -30.19
C LYS F 300 -69.80 24.71 -29.97
N GLU F 301 -69.66 25.33 -28.80
CA GLU F 301 -70.38 26.55 -28.48
C GLU F 301 -69.64 27.80 -28.91
N GLY F 302 -68.43 27.66 -29.46
CA GLY F 302 -67.54 28.79 -29.72
C GLY F 302 -67.10 29.60 -28.52
N ILE F 303 -66.64 28.94 -27.46
CA ILE F 303 -66.06 29.60 -26.30
C ILE F 303 -64.58 29.25 -26.25
N VAL F 304 -63.72 30.26 -26.03
CA VAL F 304 -62.28 30.05 -26.00
C VAL F 304 -61.87 29.75 -24.56
N ALA F 305 -61.08 28.69 -24.38
CA ALA F 305 -60.73 28.18 -23.05
C ALA F 305 -59.26 27.83 -22.92
N ALA F 306 -58.69 28.16 -21.77
CA ALA F 306 -57.38 27.69 -21.35
C ALA F 306 -57.51 27.03 -19.97
N ARG F 307 -56.62 26.10 -19.66
CA ARG F 307 -56.73 25.28 -18.47
C ARG F 307 -55.44 25.27 -17.67
N ARG F 308 -55.56 24.84 -16.40
CA ARG F 308 -54.43 24.76 -15.47
C ARG F 308 -53.62 26.07 -15.41
N VAL F 309 -54.31 27.19 -15.39
CA VAL F 309 -53.67 28.50 -15.29
C VAL F 309 -53.21 28.71 -13.87
N LYS F 310 -52.00 29.23 -13.73
CA LYS F 310 -51.40 29.41 -12.42
C LYS F 310 -52.03 30.57 -11.66
N LYS F 311 -51.95 30.49 -10.34
CA LYS F 311 -52.74 31.35 -9.46
C LYS F 311 -52.41 32.82 -9.63
N SER F 312 -51.12 33.13 -9.79
CA SER F 312 -50.70 34.53 -9.95
C SER F 312 -51.26 35.13 -11.23
N ASP F 313 -51.27 34.33 -12.30
CA ASP F 313 -51.89 34.77 -13.54
C ASP F 313 -53.41 34.96 -13.37
N MET F 314 -54.03 34.12 -12.53
CA MET F 314 -55.45 34.31 -12.21
C MET F 314 -55.68 35.64 -11.51
N GLU F 315 -54.81 35.98 -10.56
CA GLU F 315 -54.87 37.26 -9.86
C GLU F 315 -54.73 38.42 -10.83
N LYS F 316 -53.76 38.34 -11.72
CA LYS F 316 -53.51 39.44 -12.66
C LYS F 316 -54.61 39.58 -13.69
N LEU F 317 -55.20 38.46 -14.13
CA LEU F 317 -56.38 38.54 -14.98
C LEU F 317 -57.57 39.19 -14.28
N ALA F 318 -57.86 38.75 -13.05
CA ALA F 318 -58.96 39.33 -12.29
C ALA F 318 -58.73 40.83 -12.07
N LYS F 319 -57.49 41.21 -11.81
CA LYS F 319 -57.16 42.62 -11.65
C LYS F 319 -57.39 43.40 -12.95
N ALA F 320 -56.94 42.83 -14.07
CA ALA F 320 -56.88 43.59 -15.32
C ALA F 320 -58.26 43.76 -15.92
N THR F 321 -59.06 42.69 -15.92
CA THR F 321 -60.36 42.65 -16.58
C THR F 321 -61.52 43.07 -15.68
N GLY F 322 -61.37 42.92 -14.36
CA GLY F 322 -62.48 43.14 -13.45
C GLY F 322 -63.36 41.92 -13.25
N ALA F 323 -62.92 40.76 -13.70
CA ALA F 323 -63.64 39.51 -13.49
C ALA F 323 -63.44 39.02 -12.06
N ASN F 324 -64.36 38.16 -11.62
CA ASN F 324 -64.29 37.55 -10.30
C ASN F 324 -64.00 36.06 -10.44
N VAL F 325 -62.98 35.58 -9.73
CA VAL F 325 -62.68 34.16 -9.75
C VAL F 325 -63.80 33.40 -9.05
N ILE F 326 -64.37 32.43 -9.75
CA ILE F 326 -65.55 31.69 -9.28
C ILE F 326 -65.12 30.28 -8.91
N THR F 327 -65.64 29.78 -7.78
CA THR F 327 -65.28 28.44 -7.32
C THR F 327 -66.33 27.39 -7.64
N ASN F 328 -67.52 27.78 -8.09
CA ASN F 328 -68.62 26.86 -8.33
C ASN F 328 -69.48 27.42 -9.46
N ILE F 329 -69.77 26.59 -10.48
CA ILE F 329 -70.30 27.14 -11.72
C ILE F 329 -71.78 27.50 -11.61
N LYS F 330 -72.47 26.96 -10.60
CA LYS F 330 -73.90 27.24 -10.45
C LYS F 330 -74.16 28.70 -10.06
N ASP F 331 -73.15 29.39 -9.54
CA ASP F 331 -73.34 30.77 -9.12
C ASP F 331 -72.90 31.78 -10.18
N LEU F 332 -72.24 31.31 -11.23
CA LEU F 332 -71.69 32.17 -12.26
C LEU F 332 -72.81 32.90 -13.00
N SER F 333 -72.65 34.22 -13.14
CA SER F 333 -73.68 35.09 -13.67
C SER F 333 -73.03 36.21 -14.46
N ALA F 334 -73.87 37.11 -15.02
CA ALA F 334 -73.32 38.24 -15.75
C ALA F 334 -72.62 39.24 -14.83
N GLN F 335 -72.82 39.09 -13.51
CA GLN F 335 -72.19 39.96 -12.52
C GLN F 335 -70.71 39.64 -12.37
N ASP F 336 -70.31 38.42 -12.71
CA ASP F 336 -68.98 37.90 -12.43
C ASP F 336 -68.03 38.01 -13.62
N LEU F 337 -68.52 38.47 -14.78
CA LEU F 337 -67.73 38.47 -15.99
C LEU F 337 -66.91 39.74 -16.14
N GLY F 338 -65.65 39.59 -16.53
CA GLY F 338 -64.84 40.74 -16.87
C GLY F 338 -64.98 41.12 -18.34
N ASP F 339 -64.33 42.24 -18.71
CA ASP F 339 -64.39 42.76 -20.06
C ASP F 339 -63.00 43.15 -20.54
N ALA F 340 -62.73 42.89 -21.82
CA ALA F 340 -61.47 43.25 -22.44
C ALA F 340 -61.66 43.37 -23.95
N GLY F 341 -61.10 44.45 -24.51
CA GLY F 341 -61.40 44.82 -25.88
C GLY F 341 -60.85 43.86 -26.93
N LEU F 342 -59.76 43.17 -26.61
CA LEU F 342 -59.12 42.29 -27.58
C LEU F 342 -58.41 41.14 -26.89
N VAL F 343 -58.67 39.91 -27.36
CA VAL F 343 -57.97 38.70 -26.94
C VAL F 343 -57.54 37.94 -28.18
N GLU F 344 -56.27 37.53 -28.24
CA GLU F 344 -55.77 36.77 -29.37
C GLU F 344 -54.57 35.93 -28.96
N GLU F 345 -54.50 34.71 -29.51
CA GLU F 345 -53.32 33.89 -29.37
C GLU F 345 -52.29 34.27 -30.43
N ARG F 346 -51.02 34.38 -30.02
CA ARG F 346 -49.93 34.70 -30.94
C ARG F 346 -48.73 33.81 -30.71
N LYS F 347 -47.83 33.76 -31.70
CA LYS F 347 -46.54 33.10 -31.54
C LYS F 347 -45.46 34.18 -31.53
N ILE F 348 -44.65 34.21 -30.47
CA ILE F 348 -43.64 35.23 -30.28
C ILE F 348 -42.40 34.58 -29.71
N SER F 349 -41.24 34.88 -30.30
CA SER F 349 -39.94 34.39 -29.79
C SER F 349 -39.88 32.87 -29.72
N GLY F 350 -40.77 32.21 -30.46
CA GLY F 350 -40.86 30.77 -30.57
C GLY F 350 -41.86 30.14 -29.63
N ASP F 351 -42.49 30.91 -28.75
CA ASP F 351 -43.47 30.42 -27.80
C ASP F 351 -44.87 30.88 -28.18
N SER F 352 -45.83 29.96 -28.06
CA SER F 352 -47.25 30.28 -28.20
C SER F 352 -47.76 30.93 -26.92
N MET F 353 -48.37 32.11 -27.05
CA MET F 353 -48.87 32.83 -25.88
C MET F 353 -50.19 33.49 -26.19
N ILE F 354 -50.99 33.68 -25.13
CA ILE F 354 -52.30 34.33 -25.24
C ILE F 354 -52.17 35.77 -24.74
N PHE F 355 -52.66 36.72 -25.54
CA PHE F 355 -52.54 38.14 -25.25
C PHE F 355 -53.91 38.74 -24.92
N VAL F 356 -53.96 39.49 -23.82
CA VAL F 356 -55.17 40.21 -23.43
C VAL F 356 -54.87 41.71 -23.53
N GLU F 357 -55.71 42.44 -24.27
CA GLU F 357 -55.42 43.85 -24.56
C GLU F 357 -56.68 44.70 -24.50
N GLU F 358 -56.45 46.01 -24.39
CA GLU F 358 -57.51 47.02 -24.31
C GLU F 358 -58.48 46.72 -23.18
N CYS F 359 -57.96 46.72 -21.95
CA CYS F 359 -58.73 46.38 -20.77
C CYS F 359 -59.57 47.57 -20.31
N LYS F 360 -60.69 47.24 -19.65
CA LYS F 360 -61.69 48.24 -19.32
C LYS F 360 -61.19 49.23 -18.28
N HIS F 361 -60.52 48.73 -17.24
CA HIS F 361 -59.87 49.57 -16.24
C HIS F 361 -58.75 48.78 -15.58
N PRO F 362 -57.57 48.75 -16.19
CA PRO F 362 -56.50 47.89 -15.70
C PRO F 362 -55.89 48.36 -14.38
N LYS F 363 -56.04 47.54 -13.34
CA LYS F 363 -55.31 47.70 -12.10
C LYS F 363 -54.00 46.91 -12.07
N ALA F 364 -53.62 46.30 -13.19
CA ALA F 364 -52.34 45.61 -13.33
C ALA F 364 -51.88 45.71 -14.78
N VAL F 365 -50.55 45.79 -14.98
CA VAL F 365 -49.97 46.00 -16.30
C VAL F 365 -48.77 45.09 -16.50
N THR F 366 -48.44 44.83 -17.76
CA THR F 366 -47.34 43.94 -18.15
C THR F 366 -46.35 44.70 -19.01
N MET F 367 -45.06 44.55 -18.70
CA MET F 367 -43.96 45.15 -19.47
C MET F 367 -43.19 44.05 -20.18
N LEU F 368 -43.04 44.17 -21.50
CA LEU F 368 -42.44 43.14 -22.34
C LEU F 368 -41.06 43.58 -22.78
N ILE F 369 -40.02 43.00 -22.17
CA ILE F 369 -38.65 43.40 -22.43
C ILE F 369 -38.08 42.55 -23.56
N ARG F 370 -37.57 43.21 -24.61
CA ARG F 370 -37.01 42.55 -25.78
C ARG F 370 -35.48 42.68 -25.78
N GLY F 371 -34.82 41.83 -26.58
CA GLY F 371 -33.38 41.85 -26.61
C GLY F 371 -32.73 40.72 -27.42
N THR F 372 -31.53 41.00 -27.92
CA THR F 372 -30.85 40.11 -28.85
C THR F 372 -30.13 38.97 -28.16
N THR F 373 -30.24 38.85 -26.83
CA THR F 373 -29.44 37.86 -26.11
C THR F 373 -29.97 37.77 -24.69
N GLU F 374 -29.88 36.56 -24.11
CA GLU F 374 -30.46 36.34 -22.79
C GLU F 374 -29.68 37.08 -21.71
N HIS F 375 -28.35 37.14 -21.85
CA HIS F 375 -27.54 37.93 -20.93
C HIS F 375 -27.85 39.41 -21.03
N VAL F 376 -28.41 39.87 -22.15
CA VAL F 376 -28.81 41.26 -22.27
C VAL F 376 -30.08 41.52 -21.48
N ILE F 377 -31.04 40.60 -21.59
CA ILE F 377 -32.36 40.80 -21.00
C ILE F 377 -32.30 40.60 -19.49
N GLU F 378 -31.45 39.68 -19.03
CA GLU F 378 -31.24 39.47 -17.61
C GLU F 378 -30.59 40.68 -16.96
N GLU F 379 -30.12 41.65 -17.76
CA GLU F 379 -29.63 42.90 -17.18
C GLU F 379 -30.64 44.02 -17.34
N VAL F 380 -31.33 44.07 -18.49
CA VAL F 380 -32.33 45.10 -18.69
C VAL F 380 -33.44 44.98 -17.65
N ALA F 381 -33.75 43.74 -17.24
CA ALA F 381 -34.76 43.55 -16.19
C ALA F 381 -34.35 44.23 -14.89
N ARG F 382 -33.08 44.12 -14.52
CA ARG F 382 -32.57 44.80 -13.33
C ARG F 382 -32.65 46.31 -13.49
N ALA F 383 -32.23 46.81 -14.66
CA ALA F 383 -32.26 48.25 -14.92
C ALA F 383 -33.68 48.81 -14.91
N VAL F 384 -34.69 47.95 -15.08
CA VAL F 384 -36.06 48.42 -15.02
C VAL F 384 -36.61 48.30 -13.59
N ASP F 385 -36.20 47.25 -12.87
CA ASP F 385 -36.65 47.07 -11.50
C ASP F 385 -36.22 48.25 -10.63
N ASP F 386 -35.00 48.75 -10.85
CA ASP F 386 -34.47 49.87 -10.07
C ASP F 386 -35.28 51.15 -10.31
N ALA F 387 -35.69 51.39 -11.55
CA ALA F 387 -36.50 52.55 -11.88
C ALA F 387 -37.90 52.45 -11.31
N VAL F 388 -38.50 51.25 -11.33
CA VAL F 388 -39.79 51.06 -10.65
C VAL F 388 -39.66 51.41 -9.17
N GLY F 389 -38.57 50.96 -8.54
CA GLY F 389 -38.27 51.37 -7.18
C GLY F 389 -38.29 52.86 -6.91
N VAL F 390 -37.37 53.58 -7.58
CA VAL F 390 -37.27 55.03 -7.33
C VAL F 390 -38.53 55.79 -7.71
N VAL F 391 -39.29 55.32 -8.72
CA VAL F 391 -40.54 56.00 -9.06
C VAL F 391 -41.58 55.80 -7.95
N GLY F 392 -41.69 54.58 -7.43
CA GLY F 392 -42.59 54.36 -6.30
C GLY F 392 -42.22 55.23 -5.11
N CYS F 393 -40.92 55.33 -4.82
CA CYS F 393 -40.47 56.16 -3.70
C CYS F 393 -40.93 57.62 -3.85
N THR F 394 -40.75 58.18 -5.04
CA THR F 394 -41.15 59.57 -5.28
C THR F 394 -42.66 59.73 -5.21
N ILE F 395 -43.41 58.75 -5.70
CA ILE F 395 -44.88 58.85 -5.71
C ILE F 395 -45.43 58.75 -4.29
N GLU F 396 -44.80 57.94 -3.44
CA GLU F 396 -45.30 57.72 -2.09
C GLU F 396 -44.91 58.87 -1.15
N ASP F 397 -43.66 59.31 -1.21
CA ASP F 397 -43.19 60.28 -0.22
C ASP F 397 -43.29 61.73 -0.70
N GLY F 398 -43.21 61.94 -2.01
CA GLY F 398 -43.11 63.28 -2.60
C GLY F 398 -41.99 64.16 -2.08
N ARG F 399 -40.77 63.63 -1.98
CA ARG F 399 -39.61 64.40 -1.56
C ARG F 399 -38.39 63.94 -2.36
N ILE F 400 -37.61 64.89 -2.87
CA ILE F 400 -36.49 64.57 -3.74
C ILE F 400 -35.22 65.26 -3.24
N VAL F 401 -34.07 64.73 -3.66
CA VAL F 401 -32.78 65.28 -3.28
C VAL F 401 -31.91 65.37 -4.53
N SER F 402 -30.92 66.27 -4.47
CA SER F 402 -30.02 66.51 -5.59
C SER F 402 -28.98 65.40 -5.70
N GLY F 403 -28.62 65.06 -6.94
CA GLY F 403 -27.75 63.93 -7.19
C GLY F 403 -26.30 64.32 -7.44
N GLY F 404 -25.57 63.37 -8.04
CA GLY F 404 -24.15 63.57 -8.29
C GLY F 404 -23.30 63.84 -7.08
N GLY F 405 -23.64 63.24 -5.94
CA GLY F 405 -22.95 63.47 -4.70
C GLY F 405 -23.03 64.87 -4.13
N SER F 406 -23.87 65.75 -4.68
CA SER F 406 -24.02 67.06 -4.05
C SER F 406 -24.66 67.01 -2.66
N THR F 407 -25.23 65.87 -2.26
CA THR F 407 -25.84 65.79 -0.93
C THR F 407 -24.80 65.47 0.14
N GLU F 408 -23.85 64.59 -0.18
CA GLU F 408 -22.87 64.15 0.80
C GLU F 408 -21.95 65.28 1.23
N VAL F 409 -21.57 66.15 0.29
CA VAL F 409 -20.75 67.32 0.66
C VAL F 409 -21.50 68.24 1.61
N GLU F 410 -22.78 68.48 1.33
CA GLU F 410 -23.60 69.30 2.23
C GLU F 410 -23.69 68.68 3.61
N LEU F 411 -23.91 67.38 3.69
CA LEU F 411 -24.01 66.71 4.98
C LEU F 411 -22.69 66.77 5.75
N SER F 412 -21.59 66.54 5.06
CA SER F 412 -20.28 66.61 5.72
C SER F 412 -20.05 67.99 6.30
N MET F 413 -20.32 69.04 5.53
CA MET F 413 -20.17 70.41 6.03
C MET F 413 -21.05 70.68 7.25
N LYS F 414 -22.34 70.32 7.14
CA LYS F 414 -23.29 70.62 8.20
C LYS F 414 -23.10 69.74 9.43
N LEU F 415 -22.39 68.63 9.31
CA LEU F 415 -22.00 67.86 10.48
C LEU F 415 -20.72 68.38 11.10
N ARG F 416 -19.87 69.04 10.30
CA ARG F 416 -18.68 69.64 10.87
C ARG F 416 -19.04 70.90 11.67
N GLU F 417 -20.00 71.68 11.16
CA GLU F 417 -20.59 72.77 11.94
C GLU F 417 -21.28 72.26 13.22
N TYR F 418 -21.78 71.02 13.19
CA TYR F 418 -22.30 70.36 14.40
C TYR F 418 -21.18 70.01 15.38
N ALA F 419 -20.07 69.48 14.87
CA ALA F 419 -19.09 68.85 15.74
C ALA F 419 -18.43 69.84 16.69
N GLU F 420 -18.45 71.15 16.38
CA GLU F 420 -17.87 72.11 17.32
C GLU F 420 -18.74 72.33 18.55
N GLY F 421 -20.04 72.01 18.49
CA GLY F 421 -20.86 72.10 19.68
C GLY F 421 -20.63 70.97 20.66
N ILE F 422 -20.26 69.80 20.15
CA ILE F 422 -20.02 68.62 20.98
C ILE F 422 -18.62 68.71 21.58
N SER F 423 -18.50 68.34 22.86
CA SER F 423 -17.20 68.37 23.52
C SER F 423 -16.95 67.03 24.19
N GLY F 424 -15.67 66.76 24.45
CA GLY F 424 -15.19 65.47 24.89
C GLY F 424 -14.50 64.75 23.74
N ARG F 425 -14.57 63.42 23.73
CA ARG F 425 -13.86 62.65 22.73
C ARG F 425 -14.77 62.03 21.68
N GLU F 426 -16.10 62.06 21.89
CA GLU F 426 -17.02 61.73 20.82
C GLU F 426 -16.91 62.71 19.65
N GLN F 427 -16.34 63.89 19.87
CA GLN F 427 -16.14 64.84 18.79
C GLN F 427 -15.25 64.27 17.70
N LEU F 428 -14.27 63.46 18.10
CA LEU F 428 -13.39 62.80 17.13
C LEU F 428 -14.17 61.87 16.21
N ALA F 429 -15.04 61.04 16.82
CA ALA F 429 -15.86 60.12 16.04
C ALA F 429 -16.88 60.85 15.17
N VAL F 430 -17.43 61.96 15.65
CA VAL F 430 -18.36 62.75 14.84
C VAL F 430 -17.65 63.31 13.61
N ARG F 431 -16.42 63.76 13.78
CA ARG F 431 -15.65 64.26 12.63
C ARG F 431 -15.31 63.14 11.66
N ALA F 432 -14.90 61.98 12.17
CA ALA F 432 -14.60 60.85 11.30
C ALA F 432 -15.84 60.36 10.56
N PHE F 433 -17.01 60.50 11.16
CA PHE F 433 -18.25 60.16 10.46
C PHE F 433 -18.52 61.16 9.34
N ALA F 434 -18.38 62.46 9.64
CA ALA F 434 -18.65 63.50 8.65
C ALA F 434 -17.68 63.43 7.48
N ASP F 435 -16.45 62.96 7.75
CA ASP F 435 -15.41 62.88 6.73
C ASP F 435 -15.49 61.58 5.94
N ALA F 436 -16.39 60.67 6.34
CA ALA F 436 -16.52 59.38 5.67
C ALA F 436 -17.60 59.41 4.59
N LEU F 437 -18.44 60.44 4.56
CA LEU F 437 -19.52 60.49 3.58
C LEU F 437 -19.03 61.00 2.24
N GLU F 438 -17.89 61.68 2.23
CA GLU F 438 -17.30 62.17 0.99
C GLU F 438 -16.62 61.07 0.18
N VAL F 439 -16.77 59.81 0.57
CA VAL F 439 -16.26 58.69 -0.23
C VAL F 439 -17.01 58.59 -1.55
N ILE F 440 -18.25 59.05 -1.59
CA ILE F 440 -19.13 58.90 -2.74
C ILE F 440 -18.73 59.86 -3.85
N PRO F 441 -18.64 61.17 -3.62
CA PRO F 441 -18.15 62.07 -4.68
C PRO F 441 -16.69 61.84 -5.03
N ARG F 442 -15.88 61.39 -4.07
CA ARG F 442 -14.53 60.91 -4.38
C ARG F 442 -14.55 59.77 -5.39
N THR F 443 -15.31 58.71 -5.11
CA THR F 443 -15.35 57.58 -6.05
C THR F 443 -15.99 57.96 -7.37
N LEU F 444 -16.94 58.89 -7.36
CA LEU F 444 -17.58 59.35 -8.58
C LEU F 444 -16.56 60.01 -9.51
N ALA F 445 -15.54 60.65 -8.94
CA ALA F 445 -14.44 61.16 -9.76
C ALA F 445 -13.41 60.07 -10.07
N GLU F 446 -13.17 59.14 -9.13
CA GLU F 446 -12.16 58.10 -9.32
C GLU F 446 -12.48 57.21 -10.52
N ASN F 447 -13.76 56.87 -10.69
CA ASN F 447 -14.15 55.95 -11.76
C ASN F 447 -14.04 56.58 -13.15
N ALA F 448 -14.33 57.88 -13.25
CA ALA F 448 -14.25 58.60 -14.53
C ALA F 448 -12.82 58.99 -14.91
N GLY F 449 -11.83 58.59 -14.11
CA GLY F 449 -10.45 58.96 -14.38
C GLY F 449 -10.14 60.42 -14.15
N LEU F 450 -10.87 61.08 -13.26
CA LEU F 450 -10.62 62.47 -12.94
C LEU F 450 -9.71 62.58 -11.73
N ASP F 451 -9.27 63.80 -11.43
CA ASP F 451 -8.37 64.08 -10.33
C ASP F 451 -9.24 64.43 -9.12
N ALA F 452 -9.38 63.48 -8.21
CA ALA F 452 -10.38 63.61 -7.14
C ALA F 452 -10.01 64.71 -6.15
N ILE F 453 -8.73 64.85 -5.83
CA ILE F 453 -8.31 65.80 -4.80
C ILE F 453 -8.50 67.24 -5.27
N GLU F 454 -8.33 67.47 -6.58
CA GLU F 454 -8.57 68.81 -7.13
C GLU F 454 -10.06 69.07 -7.31
N ILE F 455 -10.82 68.02 -7.61
CA ILE F 455 -12.26 68.20 -7.84
C ILE F 455 -12.98 68.52 -6.54
N LEU F 456 -12.65 67.79 -5.47
CA LEU F 456 -13.41 67.86 -4.23
C LEU F 456 -13.36 69.24 -3.59
N VAL F 457 -12.24 69.95 -3.75
CA VAL F 457 -12.10 71.28 -3.18
C VAL F 457 -13.04 72.27 -3.88
N LYS F 458 -13.09 72.21 -5.21
CA LYS F 458 -13.99 73.08 -5.97
C LYS F 458 -15.44 72.80 -5.60
N VAL F 459 -15.78 71.52 -5.46
CA VAL F 459 -17.13 71.13 -5.06
C VAL F 459 -17.49 71.71 -3.70
N ARG F 460 -16.56 71.60 -2.73
CA ARG F 460 -16.81 72.18 -1.41
C ARG F 460 -16.99 73.69 -1.49
N ALA F 461 -16.11 74.36 -2.24
CA ALA F 461 -16.13 75.81 -2.33
C ALA F 461 -17.47 76.32 -2.86
N ALA F 462 -18.03 75.61 -3.84
CA ALA F 462 -19.33 75.99 -4.40
C ALA F 462 -20.41 76.03 -3.33
N HIS F 463 -20.30 75.15 -2.32
CA HIS F 463 -21.28 75.12 -1.24
C HIS F 463 -21.00 76.22 -0.24
N ALA F 464 -19.75 76.34 0.21
CA ALA F 464 -19.40 77.20 1.33
C ALA F 464 -19.75 78.68 1.09
N SER F 465 -19.91 79.08 -0.17
CA SER F 465 -20.14 80.49 -0.48
C SER F 465 -21.60 80.84 -0.77
N ASN F 466 -22.53 79.89 -0.61
CA ASN F 466 -23.88 80.06 -1.14
C ASN F 466 -24.99 79.42 -0.30
N GLY F 467 -24.71 78.32 0.39
CA GLY F 467 -25.83 77.49 0.78
C GLY F 467 -26.46 76.80 -0.41
N ASN F 468 -25.69 76.64 -1.49
CA ASN F 468 -26.15 75.92 -2.67
C ASN F 468 -26.29 74.45 -2.31
N LYS F 469 -27.54 73.97 -2.28
CA LYS F 469 -27.80 72.57 -1.94
C LYS F 469 -27.34 71.63 -3.04
N CYS F 470 -27.12 72.14 -4.26
CA CYS F 470 -27.22 71.33 -5.46
C CYS F 470 -25.91 71.05 -6.18
N ALA F 471 -24.88 71.88 -5.98
CA ALA F 471 -23.70 71.82 -6.85
C ALA F 471 -22.91 70.54 -6.66
N GLY F 472 -22.41 69.98 -7.77
CA GLY F 472 -21.75 68.70 -7.75
C GLY F 472 -21.04 68.41 -9.05
N LEU F 473 -20.45 67.21 -9.12
CA LEU F 473 -19.58 66.85 -10.23
C LEU F 473 -20.37 66.46 -11.47
N ASN F 474 -19.97 67.02 -12.62
CA ASN F 474 -20.38 66.52 -13.94
C ASN F 474 -19.26 65.64 -14.45
N VAL F 475 -19.50 64.33 -14.51
CA VAL F 475 -18.45 63.35 -14.83
C VAL F 475 -18.18 63.23 -16.32
N PHE F 476 -18.75 64.11 -17.14
CA PHE F 476 -18.56 64.09 -18.59
C PHE F 476 -17.74 65.28 -19.06
N THR F 477 -18.24 66.49 -18.85
CA THR F 477 -17.44 67.70 -18.98
C THR F 477 -16.33 67.81 -17.94
N GLY F 478 -16.35 67.00 -16.89
CA GLY F 478 -15.32 67.16 -15.87
C GLY F 478 -15.37 68.48 -15.13
N ALA F 479 -16.56 68.94 -14.74
CA ALA F 479 -16.72 70.26 -14.16
C ALA F 479 -17.86 70.26 -13.14
N VAL F 480 -17.92 71.32 -12.35
CA VAL F 480 -18.81 71.40 -11.18
C VAL F 480 -20.05 72.16 -11.57
N GLU F 481 -21.22 71.52 -11.48
CA GLU F 481 -22.44 72.12 -11.98
C GLU F 481 -23.61 71.90 -11.04
N ASP F 482 -24.64 72.72 -11.22
CA ASP F 482 -25.91 72.60 -10.51
C ASP F 482 -26.59 71.32 -10.97
N MET F 483 -26.81 70.39 -10.04
CA MET F 483 -27.34 69.08 -10.42
C MET F 483 -28.86 69.05 -10.49
N CYS F 484 -29.53 70.16 -10.18
CA CYS F 484 -30.97 70.26 -10.39
C CYS F 484 -31.29 70.83 -11.77
N GLU F 485 -30.53 71.84 -12.19
CA GLU F 485 -30.63 72.36 -13.56
C GLU F 485 -30.23 71.28 -14.56
N ASN F 486 -29.32 70.40 -14.18
CA ASN F 486 -28.90 69.28 -15.00
C ASN F 486 -29.92 68.15 -15.05
N GLY F 487 -30.86 68.14 -14.11
CA GLY F 487 -31.87 67.10 -14.03
C GLY F 487 -31.46 65.78 -13.42
N VAL F 488 -30.46 65.78 -12.54
CA VAL F 488 -30.01 64.56 -11.86
C VAL F 488 -30.62 64.57 -10.46
N VAL F 489 -31.71 63.82 -10.28
CA VAL F 489 -32.56 63.89 -9.10
C VAL F 489 -32.79 62.49 -8.54
N GLU F 490 -32.91 62.40 -7.22
CA GLU F 490 -33.14 61.12 -6.56
C GLU F 490 -34.21 61.29 -5.49
N PRO F 491 -34.86 60.20 -5.07
CA PRO F 491 -35.84 60.32 -3.99
C PRO F 491 -35.18 60.28 -2.62
N LEU F 492 -35.75 61.04 -1.69
CA LEU F 492 -35.14 61.25 -0.38
C LEU F 492 -34.92 59.94 0.37
N ARG F 493 -35.82 58.98 0.17
CA ARG F 493 -35.78 57.71 0.90
C ARG F 493 -34.51 56.91 0.59
N VAL F 494 -33.79 57.26 -0.47
CA VAL F 494 -32.59 56.51 -0.84
C VAL F 494 -31.41 56.89 0.06
N LYS F 495 -31.38 58.13 0.55
CA LYS F 495 -30.29 58.56 1.42
C LYS F 495 -30.49 58.13 2.86
N THR F 496 -31.66 58.48 3.43
CA THR F 496 -31.97 58.16 4.82
C THR F 496 -31.78 56.68 5.12
N GLN F 497 -32.40 55.82 4.31
CA GLN F 497 -32.26 54.38 4.48
C GLN F 497 -30.81 53.94 4.40
N ALA F 498 -30.05 54.49 3.45
CA ALA F 498 -28.66 54.09 3.26
C ALA F 498 -27.84 54.37 4.51
N ILE F 499 -27.89 55.62 4.97
CA ILE F 499 -27.12 56.01 6.16
C ILE F 499 -27.59 55.22 7.37
N GLN F 500 -28.89 54.97 7.46
CA GLN F 500 -29.47 54.32 8.63
C GLN F 500 -28.97 52.88 8.74
N SER F 501 -29.10 52.12 7.64
CA SER F 501 -28.55 50.78 7.53
C SER F 501 -27.06 50.75 7.85
N ALA F 502 -26.27 51.66 7.25
CA ALA F 502 -24.82 51.57 7.36
C ALA F 502 -24.34 51.84 8.78
N ALA F 503 -24.93 52.85 9.44
CA ALA F 503 -24.56 53.14 10.82
C ALA F 503 -24.90 51.96 11.73
N GLU F 504 -26.13 51.45 11.61
CA GLU F 504 -26.59 50.37 12.49
C GLU F 504 -25.77 49.10 12.30
N SER F 505 -25.29 48.85 11.08
CA SER F 505 -24.48 47.66 10.85
C SER F 505 -23.01 47.86 11.20
N THR F 506 -22.53 49.10 11.23
CA THR F 506 -21.12 49.30 11.61
C THR F 506 -20.95 49.21 13.12
N GLU F 507 -21.98 49.59 13.87
CA GLU F 507 -21.86 49.65 15.32
C GLU F 507 -21.72 48.25 15.91
N MET F 508 -22.31 47.25 15.26
CA MET F 508 -22.21 45.88 15.75
C MET F 508 -20.78 45.36 15.66
N LEU F 509 -20.10 45.63 14.54
CA LEU F 509 -18.70 45.22 14.42
C LEU F 509 -17.79 46.04 15.31
N LEU F 510 -18.20 47.26 15.68
CA LEU F 510 -17.40 48.03 16.64
C LEU F 510 -17.61 47.55 18.08
N ARG F 511 -18.75 46.94 18.37
CA ARG F 511 -19.02 46.52 19.75
C ARG F 511 -18.51 45.11 20.07
N ILE F 512 -17.98 44.38 19.08
CA ILE F 512 -17.51 43.02 19.30
C ILE F 512 -16.03 43.05 19.70
N ASP F 513 -15.62 42.15 20.60
CA ASP F 513 -14.20 41.97 20.86
C ASP F 513 -13.72 40.51 20.90
N ASP F 514 -14.57 39.52 20.63
CA ASP F 514 -14.10 38.15 20.64
C ASP F 514 -14.82 37.34 19.58
N VAL F 515 -14.17 36.26 19.15
CA VAL F 515 -14.73 35.30 18.20
C VAL F 515 -14.49 33.90 18.74
N ILE F 516 -15.58 33.16 18.98
CA ILE F 516 -15.51 31.83 19.57
C ILE F 516 -16.43 30.88 18.80
N ALA F 517 -16.25 29.58 19.03
CA ALA F 517 -16.90 28.57 18.18
C ALA F 517 -18.18 28.02 18.81
N ALA F 518 -19.16 27.71 17.96
CA ALA F 518 -20.51 27.35 18.39
C ALA F 518 -20.88 25.92 18.01
N GLU F 519 -21.78 25.34 18.82
CA GLU F 519 -22.08 23.91 18.83
C GLU F 519 -23.43 23.64 18.17
N LYS F 520 -23.45 23.71 16.83
CA LYS F 520 -24.67 23.60 16.04
C LYS F 520 -25.72 24.57 16.54
N LEU F 521 -25.57 25.82 16.11
CA LEU F 521 -26.28 26.95 16.68
C LEU F 521 -27.79 26.85 16.49
N ARG F 522 -28.24 26.71 15.26
CA ARG F 522 -29.68 26.65 14.97
C ARG F 522 -29.96 25.85 13.70
N GLU G 10 3.00 23.34 26.96
CA GLU G 10 3.45 22.56 28.12
C GLU G 10 4.19 21.22 27.80
N ASN G 11 3.86 20.15 28.52
CA ASN G 11 4.52 18.84 28.41
C ASN G 11 3.69 17.75 29.09
N MET G 12 3.83 16.50 28.61
CA MET G 12 3.19 15.35 29.24
C MET G 12 3.39 15.31 30.76
N LYS G 13 4.62 15.41 31.23
CA LYS G 13 5.01 15.08 32.60
C LYS G 13 4.67 16.17 33.62
N ARG G 14 3.52 16.82 33.46
CA ARG G 14 2.98 17.87 34.33
C ARG G 14 1.55 17.57 34.75
N TYR G 15 1.02 16.42 34.31
CA TYR G 15 -0.35 16.01 34.63
C TYR G 15 -0.43 15.62 36.09
N MET G 16 0.71 15.24 36.66
CA MET G 16 0.83 14.81 38.04
C MET G 16 0.66 15.96 39.02
N GLY G 17 0.97 17.19 38.60
CA GLY G 17 1.28 18.28 39.51
C GLY G 17 0.11 19.04 40.10
N ARG G 18 -1.14 18.63 39.87
CA ARG G 18 -2.27 19.30 40.50
C ARG G 18 -3.35 18.29 40.84
N ASP G 19 -4.08 18.52 41.93
CA ASP G 19 -5.12 17.56 42.32
C ASP G 19 -6.33 17.65 41.39
N ALA G 20 -7.26 16.72 41.58
CA ALA G 20 -8.54 16.76 40.88
C ALA G 20 -9.33 18.02 41.24
N GLN G 21 -9.19 18.49 42.48
CA GLN G 21 -9.88 19.70 42.89
C GLN G 21 -9.28 20.92 42.21
N ARG G 22 -7.96 20.96 42.05
CA ARG G 22 -7.32 22.02 41.27
C ARG G 22 -7.77 21.96 39.81
N MET G 23 -7.78 20.76 39.24
CA MET G 23 -8.36 20.51 37.91
C MET G 23 -9.73 21.17 37.77
N ASN G 24 -10.66 20.81 38.65
CA ASN G 24 -12.03 21.28 38.56
C ASN G 24 -12.13 22.79 38.79
N ILE G 25 -11.39 23.31 39.78
CA ILE G 25 -11.44 24.74 40.07
C ILE G 25 -10.95 25.55 38.87
N LEU G 26 -9.89 25.08 38.21
CA LEU G 26 -9.37 25.78 37.03
C LEU G 26 -10.33 25.69 35.85
N ALA G 27 -10.84 24.48 35.56
CA ALA G 27 -11.84 24.31 34.52
C ALA G 27 -13.06 25.19 34.76
N GLY G 28 -13.38 25.46 36.02
CA GLY G 28 -14.48 26.35 36.32
C GLY G 28 -14.12 27.81 36.13
N ARG G 29 -12.97 28.22 36.65
CA ARG G 29 -12.54 29.62 36.51
C ARG G 29 -12.50 30.03 35.04
N ILE G 30 -12.21 29.09 34.15
CA ILE G 30 -12.13 29.42 32.72
C ILE G 30 -13.46 29.97 32.21
N ILE G 31 -14.57 29.35 32.62
CA ILE G 31 -15.89 29.77 32.14
C ILE G 31 -16.21 31.19 32.61
N ALA G 32 -15.98 31.47 33.90
CA ALA G 32 -16.23 32.81 34.41
C ALA G 32 -15.33 33.84 33.76
N GLU G 33 -14.09 33.46 33.43
CA GLU G 33 -13.21 34.36 32.70
C GLU G 33 -13.71 34.63 31.29
N THR G 34 -14.42 33.68 30.70
CA THR G 34 -14.94 33.87 29.35
C THR G 34 -15.95 35.01 29.28
N VAL G 35 -16.90 35.04 30.22
CA VAL G 35 -18.05 35.94 30.11
C VAL G 35 -17.88 37.27 30.83
N ARG G 36 -16.77 37.47 31.55
CA ARG G 36 -16.68 38.54 32.53
C ARG G 36 -16.68 39.93 31.89
N SER G 37 -16.00 40.06 30.75
CA SER G 37 -15.90 41.33 30.01
C SER G 37 -17.22 41.77 29.38
N THR G 38 -18.27 40.96 29.45
CA THR G 38 -19.58 41.38 28.97
C THR G 38 -20.34 42.20 30.00
N LEU G 39 -19.78 42.38 31.20
CA LEU G 39 -20.54 42.88 32.32
C LEU G 39 -20.58 44.40 32.35
N GLY G 40 -21.73 44.96 32.71
CA GLY G 40 -21.84 46.37 32.99
C GLY G 40 -22.09 47.21 31.75
N PRO G 41 -22.33 48.52 31.96
CA PRO G 41 -22.72 49.38 30.83
C PRO G 41 -21.69 49.47 29.72
N LYS G 42 -20.40 49.44 30.07
CA LYS G 42 -19.29 49.43 29.12
C LYS G 42 -18.92 48.03 28.65
N GLY G 43 -19.84 47.06 28.81
CA GLY G 43 -19.57 45.71 28.37
C GLY G 43 -19.53 45.56 26.85
N MET G 44 -18.89 44.48 26.41
CA MET G 44 -18.65 44.27 24.99
C MET G 44 -19.24 42.93 24.54
N ASP G 45 -19.46 42.81 23.23
CA ASP G 45 -20.16 41.66 22.67
C ASP G 45 -19.19 40.56 22.24
N LYS G 46 -19.73 39.34 22.15
CA LYS G 46 -19.02 38.18 21.65
C LYS G 46 -19.60 37.75 20.31
N MET G 47 -18.75 37.20 19.44
CA MET G 47 -19.21 36.63 18.18
C MET G 47 -19.12 35.10 18.23
N LEU G 48 -20.23 34.43 17.93
CA LEU G 48 -20.31 32.98 17.95
C LEU G 48 -20.42 32.47 16.52
N VAL G 49 -19.61 31.47 16.16
CA VAL G 49 -19.57 30.96 14.80
C VAL G 49 -19.75 29.45 14.82
N ASP G 50 -20.56 28.95 13.89
CA ASP G 50 -20.94 27.55 13.78
C ASP G 50 -19.90 26.76 12.99
N ASP G 51 -20.08 25.45 12.97
CA ASP G 51 -19.44 24.60 11.97
C ASP G 51 -20.01 24.89 10.58
N LEU G 52 -21.32 25.14 10.49
CA LEU G 52 -21.97 25.28 9.19
C LEU G 52 -21.89 26.69 8.63
N GLY G 53 -21.45 27.66 9.43
CA GLY G 53 -21.34 29.04 9.00
C GLY G 53 -22.38 30.00 9.55
N ASP G 54 -23.32 29.53 10.37
CA ASP G 54 -24.23 30.44 11.06
C ASP G 54 -23.45 31.30 12.05
N VAL G 55 -23.96 32.51 12.31
CA VAL G 55 -23.27 33.50 13.13
C VAL G 55 -24.27 34.12 14.10
N VAL G 56 -23.84 34.35 15.35
CA VAL G 56 -24.62 35.05 16.36
C VAL G 56 -23.73 36.12 17.00
N VAL G 57 -24.30 37.31 17.22
CA VAL G 57 -23.60 38.38 17.92
C VAL G 57 -24.45 38.83 19.10
N THR G 58 -23.89 38.75 20.31
CA THR G 58 -24.62 39.07 21.53
C THR G 58 -23.63 39.29 22.67
N ASN G 59 -24.11 39.97 23.73
CA ASN G 59 -23.42 39.94 25.01
C ASN G 59 -24.27 39.32 26.12
N ASP G 60 -25.38 38.68 25.76
CA ASP G 60 -26.19 37.95 26.74
C ASP G 60 -25.39 36.73 27.22
N GLY G 61 -25.23 36.61 28.53
CA GLY G 61 -24.30 35.63 29.08
C GLY G 61 -24.76 34.19 28.91
N VAL G 62 -26.00 33.91 29.32
CA VAL G 62 -26.49 32.54 29.26
C VAL G 62 -26.53 32.05 27.82
N THR G 63 -26.64 32.96 26.85
CA THR G 63 -26.61 32.56 25.45
C THR G 63 -25.20 32.15 25.02
N ILE G 64 -24.19 32.90 25.47
CA ILE G 64 -22.81 32.53 25.20
C ILE G 64 -22.51 31.15 25.80
N LEU G 65 -22.88 30.97 27.06
CA LEU G 65 -22.65 29.71 27.77
C LEU G 65 -23.48 28.56 27.18
N ARG G 66 -24.60 28.88 26.52
CA ARG G 66 -25.44 27.84 25.93
C ARG G 66 -24.96 27.40 24.55
N GLU G 67 -24.35 28.31 23.80
CA GLU G 67 -23.92 28.01 22.45
C GLU G 67 -22.46 27.61 22.34
N MET G 68 -21.71 27.63 23.44
CA MET G 68 -20.28 27.39 23.37
C MET G 68 -20.01 25.90 23.27
N SER G 69 -18.93 25.53 22.58
CA SER G 69 -18.47 24.15 22.62
C SER G 69 -17.67 23.97 23.92
N VAL G 70 -18.29 23.32 24.90
CA VAL G 70 -17.71 23.16 26.23
C VAL G 70 -17.67 21.67 26.56
N GLU G 71 -16.50 21.18 26.99
CA GLU G 71 -16.28 19.74 27.07
C GLU G 71 -15.88 19.22 28.44
N HIS G 72 -15.36 20.05 29.33
CA HIS G 72 -14.96 19.54 30.64
C HIS G 72 -16.17 19.50 31.57
N PRO G 73 -16.28 18.46 32.41
CA PRO G 73 -17.50 18.31 33.23
C PRO G 73 -17.79 19.47 34.16
N ALA G 74 -16.76 20.04 34.79
CA ALA G 74 -17.00 21.10 35.76
C ALA G 74 -17.49 22.38 35.09
N ALA G 75 -16.96 22.67 33.89
CA ALA G 75 -17.45 23.80 33.13
C ALA G 75 -18.89 23.59 32.71
N LYS G 76 -19.24 22.35 32.38
CA LYS G 76 -20.62 21.97 32.12
C LYS G 76 -21.49 22.20 33.35
N MET G 77 -20.93 21.98 34.54
CA MET G 77 -21.65 22.23 35.78
C MET G 77 -21.84 23.71 36.08
N LEU G 78 -20.97 24.58 35.56
CA LEU G 78 -21.15 26.02 35.78
C LEU G 78 -22.18 26.63 34.85
N ILE G 79 -22.38 26.03 33.66
CA ILE G 79 -23.41 26.54 32.75
C ILE G 79 -24.79 26.43 33.38
N GLU G 80 -25.01 25.45 34.27
CA GLU G 80 -26.31 25.30 34.92
C GLU G 80 -26.59 26.41 35.91
N VAL G 81 -25.57 27.19 36.29
CA VAL G 81 -25.76 28.36 37.14
C VAL G 81 -26.44 29.48 36.40
N ALA G 82 -26.18 29.61 35.09
CA ALA G 82 -26.82 30.63 34.27
C ALA G 82 -28.26 30.26 33.93
N LYS G 83 -28.49 29.01 33.52
CA LYS G 83 -29.82 28.59 33.05
C LYS G 83 -30.89 28.77 34.11
N THR G 84 -30.54 28.57 35.38
CA THR G 84 -31.54 28.67 36.43
C THR G 84 -31.93 30.13 36.67
N GLN G 85 -30.95 31.03 36.57
CA GLN G 85 -31.20 32.46 36.61
C GLN G 85 -32.04 32.90 35.41
N GLU G 86 -31.79 32.28 34.25
CA GLU G 86 -32.61 32.54 33.06
C GLU G 86 -34.06 32.15 33.31
N LYS G 87 -34.25 30.96 33.89
CA LYS G 87 -35.55 30.32 33.98
C LYS G 87 -36.40 30.96 35.07
N GLU G 88 -35.81 31.17 36.25
CA GLU G 88 -36.58 31.58 37.43
C GLU G 88 -36.73 33.08 37.57
N VAL G 89 -35.83 33.86 36.96
CA VAL G 89 -35.80 35.31 37.14
C VAL G 89 -35.89 35.93 35.75
N GLY G 90 -34.88 35.65 34.92
CA GLY G 90 -34.81 36.16 33.57
C GLY G 90 -33.63 37.06 33.31
N ASP G 91 -33.25 37.89 34.29
CA ASP G 91 -32.07 38.73 34.17
C ASP G 91 -31.09 38.30 35.27
N GLY G 92 -29.84 38.73 35.12
CA GLY G 92 -28.80 38.43 36.09
C GLY G 92 -27.92 37.23 35.79
N THR G 93 -27.91 36.75 34.54
CA THR G 93 -27.18 35.52 34.23
C THR G 93 -25.68 35.71 34.11
N THR G 94 -25.16 36.94 34.26
CA THR G 94 -23.72 37.12 34.25
C THR G 94 -23.15 37.35 35.64
N THR G 95 -23.92 38.00 36.53
CA THR G 95 -23.50 38.17 37.90
C THR G 95 -23.31 36.82 38.58
N ALA G 96 -24.26 35.90 38.37
CA ALA G 96 -24.20 34.57 38.95
C ALA G 96 -22.89 33.87 38.59
N VAL G 97 -22.52 33.87 37.31
CA VAL G 97 -21.38 33.03 36.94
C VAL G 97 -20.08 33.68 37.39
N VAL G 98 -20.01 35.01 37.36
CA VAL G 98 -18.78 35.69 37.79
C VAL G 98 -18.59 35.51 39.29
N VAL G 99 -19.66 35.61 40.06
CA VAL G 99 -19.57 35.37 41.50
C VAL G 99 -19.20 33.92 41.79
N ALA G 100 -19.77 32.97 41.03
CA ALA G 100 -19.42 31.57 41.20
C ALA G 100 -17.93 31.32 40.98
N GLY G 101 -17.38 31.83 39.88
CA GLY G 101 -15.96 31.63 39.62
C GLY G 101 -15.06 32.33 40.62
N GLU G 102 -15.49 33.50 41.12
CA GLU G 102 -14.70 34.17 42.15
C GLU G 102 -14.72 33.36 43.44
N LEU G 103 -15.84 32.68 43.72
CA LEU G 103 -15.89 31.79 44.87
C LEU G 103 -14.97 30.59 44.70
N LEU G 104 -14.94 30.02 43.50
CA LEU G 104 -13.99 28.95 43.20
C LEU G 104 -12.55 29.40 43.45
N ARG G 105 -12.21 30.59 42.97
CA ARG G 105 -10.83 31.06 43.00
C ARG G 105 -10.42 31.48 44.41
N LYS G 106 -11.37 32.03 45.17
CA LYS G 106 -11.14 32.29 46.59
C LYS G 106 -10.94 30.98 47.36
N ALA G 107 -11.73 29.95 47.03
CA ALA G 107 -11.56 28.66 47.70
C ALA G 107 -10.18 28.09 47.40
N GLU G 108 -9.67 28.35 46.19
CA GLU G 108 -8.35 27.87 45.81
C GLU G 108 -7.26 28.50 46.67
N GLU G 109 -7.50 29.69 47.20
CA GLU G 109 -6.50 30.39 48.01
C GLU G 109 -6.42 29.82 49.43
N LEU G 110 -7.44 29.06 49.84
CA LEU G 110 -7.43 28.45 51.17
C LEU G 110 -6.97 26.99 51.15
N LEU G 111 -7.16 26.30 50.04
CA LEU G 111 -6.71 24.91 49.95
C LEU G 111 -5.20 24.81 49.81
N ASP G 112 -4.57 25.85 49.26
CA ASP G 112 -3.12 25.90 49.24
C ASP G 112 -2.51 26.27 50.59
N GLN G 113 -3.34 26.56 51.60
CA GLN G 113 -2.91 26.63 52.99
C GLN G 113 -3.30 25.38 53.76
N ASN G 114 -3.83 24.37 53.06
CA ASN G 114 -4.17 23.06 53.61
C ASN G 114 -5.39 23.09 54.53
N VAL G 115 -6.40 23.90 54.20
CA VAL G 115 -7.68 23.84 54.89
C VAL G 115 -8.56 22.75 54.31
N HIS G 116 -9.18 21.95 55.18
CA HIS G 116 -9.99 20.83 54.71
C HIS G 116 -11.18 21.33 53.90
N PRO G 117 -11.49 20.68 52.77
CA PRO G 117 -12.65 21.09 51.96
C PRO G 117 -13.97 21.15 52.71
N THR G 118 -14.25 20.19 53.60
CA THR G 118 -15.51 20.26 54.34
C THR G 118 -15.58 21.50 55.23
N ILE G 119 -14.44 21.96 55.75
CA ILE G 119 -14.44 23.18 56.54
C ILE G 119 -14.81 24.38 55.68
N VAL G 120 -14.29 24.44 54.46
CA VAL G 120 -14.65 25.51 53.54
C VAL G 120 -16.14 25.48 53.24
N VAL G 121 -16.67 24.28 52.98
CA VAL G 121 -18.08 24.14 52.59
C VAL G 121 -18.99 24.54 53.74
N LYS G 122 -18.67 24.10 54.96
CA LYS G 122 -19.44 24.50 56.12
C LYS G 122 -19.32 25.99 56.45
N GLY G 123 -18.22 26.65 56.05
CA GLY G 123 -18.20 28.09 56.17
C GLY G 123 -19.05 28.82 55.16
N TYR G 124 -18.90 28.47 53.87
CA TYR G 124 -19.72 29.07 52.82
C TYR G 124 -21.20 28.93 53.15
N GLN G 125 -21.59 27.77 53.66
CA GLN G 125 -22.99 27.54 54.02
C GLN G 125 -23.47 28.54 55.06
N ALA G 126 -22.67 28.79 56.09
CA ALA G 126 -23.05 29.74 57.12
C ALA G 126 -23.08 31.18 56.60
N ALA G 127 -22.29 31.47 55.56
CA ALA G 127 -22.24 32.81 55.00
C ALA G 127 -23.45 33.09 54.11
N ALA G 128 -23.91 32.10 53.34
CA ALA G 128 -24.96 32.36 52.37
C ALA G 128 -26.31 32.60 53.04
N GLN G 129 -26.62 31.87 54.11
CA GLN G 129 -27.85 32.14 54.85
C GLN G 129 -27.84 33.55 55.45
N LYS G 130 -26.66 33.99 55.92
CA LYS G 130 -26.51 35.34 56.43
C LYS G 130 -26.71 36.37 55.32
N ALA G 131 -26.23 36.07 54.11
CA ALA G 131 -26.46 36.96 52.99
C ALA G 131 -27.94 37.03 52.63
N GLN G 132 -28.68 35.93 52.85
CA GLN G 132 -30.12 35.96 52.64
C GLN G 132 -30.81 36.88 53.65
N GLU G 133 -30.45 36.75 54.93
CA GLU G 133 -30.99 37.65 55.95
C GLU G 133 -30.71 39.12 55.59
N LEU G 134 -29.45 39.40 55.25
CA LEU G 134 -29.04 40.77 54.95
C LEU G 134 -29.77 41.31 53.72
N LEU G 135 -29.87 40.52 52.65
CA LEU G 135 -30.59 40.96 51.47
C LEU G 135 -32.08 41.19 51.75
N LYS G 136 -32.65 40.40 52.67
CA LYS G 136 -34.05 40.58 53.02
C LYS G 136 -34.28 41.82 53.88
N THR G 137 -33.21 42.37 54.49
CA THR G 137 -33.38 43.55 55.33
C THR G 137 -32.80 44.85 54.78
N ILE G 138 -31.93 44.81 53.76
CA ILE G 138 -31.38 46.03 53.17
C ILE G 138 -32.14 46.52 51.95
N ALA G 139 -33.26 45.87 51.59
CA ALA G 139 -34.00 46.22 50.39
C ALA G 139 -35.00 47.33 50.67
N CYS G 140 -35.52 47.93 49.60
CA CYS G 140 -36.52 48.99 49.69
C CYS G 140 -37.86 48.48 49.19
N GLU G 141 -38.94 48.89 49.87
CA GLU G 141 -40.26 48.33 49.66
C GLU G 141 -41.14 49.30 48.89
N VAL G 142 -41.65 48.86 47.74
CA VAL G 142 -42.37 49.71 46.80
C VAL G 142 -43.63 49.00 46.33
N GLY G 143 -44.66 49.77 46.02
CA GLY G 143 -45.93 49.20 45.58
C GLY G 143 -45.95 48.85 44.11
N ALA G 144 -46.73 47.83 43.76
CA ALA G 144 -46.69 47.26 42.42
C ALA G 144 -47.41 48.13 41.39
N GLN G 145 -48.20 49.10 41.86
CA GLN G 145 -48.91 50.03 41.00
C GLN G 145 -48.03 51.19 40.54
N ASP G 146 -46.76 51.24 40.95
CA ASP G 146 -45.92 52.42 40.82
C ASP G 146 -45.12 52.33 39.51
N LYS G 147 -45.71 52.87 38.44
CA LYS G 147 -45.21 52.63 37.09
C LYS G 147 -43.88 53.34 36.84
N GLU G 148 -43.61 54.42 37.57
CA GLU G 148 -42.38 55.19 37.38
C GLU G 148 -41.12 54.37 37.69
N ILE G 149 -41.09 53.78 38.88
CA ILE G 149 -39.95 52.95 39.24
C ILE G 149 -39.86 51.73 38.33
N LEU G 150 -41.01 51.26 37.82
CA LEU G 150 -40.97 50.19 36.82
C LEU G 150 -40.25 50.62 35.54
N THR G 151 -40.55 51.83 35.08
CA THR G 151 -39.82 52.40 33.94
C THR G 151 -38.32 52.46 34.20
N LYS G 152 -37.95 52.95 35.39
CA LYS G 152 -36.55 53.11 35.74
C LYS G 152 -35.83 51.75 35.77
N ILE G 153 -36.51 50.72 36.29
CA ILE G 153 -35.93 49.38 36.32
C ILE G 153 -35.78 48.82 34.92
N ALA G 154 -36.76 49.07 34.06
CA ALA G 154 -36.71 48.58 32.67
C ALA G 154 -35.52 49.20 31.94
N MET G 155 -35.37 50.52 32.07
CA MET G 155 -34.22 51.21 31.49
C MET G 155 -32.91 50.65 32.01
N THR G 156 -32.85 50.37 33.32
CA THR G 156 -31.67 49.75 33.91
C THR G 156 -31.39 48.38 33.30
N SER G 157 -32.44 47.69 32.84
CA SER G 157 -32.25 46.38 32.25
C SER G 157 -31.71 46.47 30.83
N ILE G 158 -32.04 47.55 30.13
CA ILE G 158 -31.66 47.72 28.73
C ILE G 158 -30.26 48.34 28.58
N THR G 159 -29.77 49.03 29.62
CA THR G 159 -28.48 49.71 29.58
C THR G 159 -27.32 48.73 29.38
N GLY G 160 -26.40 49.08 28.48
CA GLY G 160 -25.23 48.24 28.22
C GLY G 160 -25.40 47.21 27.14
N LYS G 161 -26.47 47.26 26.34
CA LYS G 161 -26.79 46.18 25.41
C LYS G 161 -26.76 46.59 23.94
N GLY G 162 -26.18 47.74 23.61
CA GLY G 162 -26.13 48.16 22.22
C GLY G 162 -27.41 48.77 21.70
N ALA G 163 -28.56 48.23 22.14
CA ALA G 163 -29.85 48.84 21.87
C ALA G 163 -30.21 49.85 22.96
N GLU G 164 -29.25 50.72 23.32
CA GLU G 164 -29.47 51.75 24.33
C GLU G 164 -30.23 52.94 23.75
N LYS G 165 -30.14 53.13 22.44
CA LYS G 165 -30.57 54.39 21.85
C LYS G 165 -32.08 54.51 21.90
N ALA G 166 -32.78 53.40 22.04
CA ALA G 166 -34.24 53.37 22.11
C ALA G 166 -34.79 53.06 23.51
N LYS G 167 -33.97 53.05 24.55
CA LYS G 167 -34.42 52.51 25.83
C LYS G 167 -35.56 53.35 26.43
N GLU G 168 -35.57 54.65 26.19
CA GLU G 168 -36.59 55.52 26.76
C GLU G 168 -37.93 55.43 26.05
N LYS G 169 -38.00 54.65 24.97
CA LYS G 169 -39.26 54.26 24.35
C LYS G 169 -39.64 52.82 24.67
N LEU G 170 -38.63 51.93 24.62
CA LEU G 170 -38.85 50.53 24.93
C LEU G 170 -39.38 50.37 26.36
N ALA G 171 -38.93 51.25 27.26
CA ALA G 171 -39.38 51.19 28.65
C ALA G 171 -40.89 51.39 28.76
N GLU G 172 -41.42 52.43 28.11
CA GLU G 172 -42.87 52.65 28.13
C GLU G 172 -43.63 51.49 27.50
N ILE G 173 -43.14 51.03 26.35
CA ILE G 173 -43.79 49.94 25.63
C ILE G 173 -43.88 48.70 26.54
N ILE G 174 -42.76 48.34 27.16
CA ILE G 174 -42.71 47.12 27.96
C ILE G 174 -43.52 47.26 29.24
N VAL G 175 -43.52 48.45 29.85
CA VAL G 175 -44.29 48.64 31.08
C VAL G 175 -45.77 48.45 30.80
N GLU G 176 -46.29 49.07 29.73
CA GLU G 176 -47.70 48.83 29.40
C GLU G 176 -47.96 47.36 29.04
N ALA G 177 -47.05 46.77 28.24
CA ALA G 177 -47.22 45.41 27.77
C ALA G 177 -47.34 44.43 28.94
N VAL G 178 -46.51 44.62 29.96
CA VAL G 178 -46.51 43.74 31.12
C VAL G 178 -47.69 44.05 32.04
N SER G 179 -48.04 45.33 32.16
CA SER G 179 -49.13 45.72 33.04
C SER G 179 -50.46 45.17 32.55
N ALA G 180 -50.54 44.88 31.26
CA ALA G 180 -51.77 44.33 30.67
C ALA G 180 -52.02 42.92 31.17
N VAL G 181 -50.96 42.12 31.27
CA VAL G 181 -51.06 40.67 31.47
C VAL G 181 -50.93 40.27 32.93
N VAL G 182 -50.94 41.24 33.84
CA VAL G 182 -51.00 40.96 35.27
C VAL G 182 -52.36 40.36 35.58
N ASP G 183 -52.38 39.11 36.03
CA ASP G 183 -53.62 38.34 36.11
C ASP G 183 -54.42 38.71 37.36
N ASP G 184 -55.64 38.19 37.44
CA ASP G 184 -56.54 38.57 38.53
C ASP G 184 -56.01 38.13 39.89
N GLU G 185 -54.95 37.32 39.94
CA GLU G 185 -54.29 36.99 41.19
C GLU G 185 -52.97 37.75 41.41
N GLY G 186 -52.66 38.73 40.55
CA GLY G 186 -51.48 39.54 40.73
C GLY G 186 -50.15 38.91 40.35
N LYS G 187 -50.13 38.07 39.32
CA LYS G 187 -48.93 37.38 38.90
C LYS G 187 -48.73 37.57 37.40
N VAL G 188 -47.47 37.62 36.98
CA VAL G 188 -47.13 37.90 35.60
C VAL G 188 -46.69 36.60 34.93
N ASP G 189 -47.33 36.26 33.81
CA ASP G 189 -46.95 35.13 32.98
C ASP G 189 -46.33 35.67 31.69
N LYS G 190 -45.13 35.17 31.37
CA LYS G 190 -44.34 35.76 30.29
C LYS G 190 -44.88 35.36 28.92
N ASP G 191 -45.45 34.16 28.81
CA ASP G 191 -45.94 33.66 27.53
C ASP G 191 -47.24 34.35 27.11
N LEU G 192 -47.86 35.16 27.98
CA LEU G 192 -49.02 35.93 27.55
C LEU G 192 -48.66 37.18 26.75
N ILE G 193 -47.36 37.42 26.55
CA ILE G 193 -46.88 38.51 25.70
C ILE G 193 -46.20 37.89 24.48
N LYS G 194 -46.65 38.30 23.29
CA LYS G 194 -46.17 37.74 22.04
C LYS G 194 -45.16 38.71 21.44
N ILE G 195 -43.99 38.19 21.10
CA ILE G 195 -42.89 39.01 20.62
C ILE G 195 -42.64 38.66 19.16
N GLU G 196 -42.76 39.65 18.28
CA GLU G 196 -42.66 39.41 16.85
C GLU G 196 -41.57 40.29 16.23
N LYS G 197 -40.89 39.74 15.24
CA LYS G 197 -39.58 40.23 14.78
C LYS G 197 -39.59 40.46 13.27
N LYS G 198 -40.10 41.62 12.85
CA LYS G 198 -40.29 41.92 11.43
C LYS G 198 -39.33 43.03 11.02
N SER G 199 -38.47 42.73 10.04
CA SER G 199 -37.38 43.63 9.68
C SER G 199 -37.88 44.83 8.88
N GLY G 200 -36.95 45.68 8.45
CA GLY G 200 -37.28 46.94 7.85
C GLY G 200 -37.47 48.04 8.88
N ALA G 201 -37.39 49.28 8.41
CA ALA G 201 -37.38 50.47 9.27
C ALA G 201 -36.28 50.44 10.34
N SER G 202 -36.32 51.39 11.27
CA SER G 202 -35.32 51.51 12.32
C SER G 202 -35.90 51.13 13.69
N ILE G 203 -34.98 50.84 14.61
CA ILE G 203 -35.33 50.31 15.94
C ILE G 203 -36.34 51.21 16.65
N ASP G 204 -36.38 52.49 16.30
CA ASP G 204 -37.32 53.43 16.90
C ASP G 204 -38.72 53.31 16.31
N ASP G 205 -38.91 52.52 15.26
CA ASP G 205 -40.23 52.25 14.69
C ASP G 205 -40.91 51.06 15.35
N THR G 206 -40.33 50.50 16.42
CA THR G 206 -41.01 49.46 17.18
C THR G 206 -42.28 50.00 17.83
N GLU G 207 -43.31 49.15 17.90
CA GLU G 207 -44.61 49.59 18.42
C GLU G 207 -45.31 48.44 19.13
N LEU G 208 -46.38 48.79 19.85
CA LEU G 208 -47.16 47.86 20.65
C LEU G 208 -48.55 47.70 20.07
N ILE G 209 -49.00 46.46 19.92
CA ILE G 209 -50.33 46.15 19.43
C ILE G 209 -51.18 45.64 20.58
N LYS G 210 -52.33 46.27 20.80
CA LYS G 210 -53.30 45.80 21.79
C LYS G 210 -54.17 44.70 21.17
N GLY G 211 -53.51 43.61 20.79
CA GLY G 211 -54.20 42.57 20.02
C GLY G 211 -53.20 41.59 19.44
N VAL G 212 -53.49 41.06 18.25
CA VAL G 212 -52.71 39.96 17.70
C VAL G 212 -52.32 40.25 16.26
N LEU G 213 -51.19 39.65 15.88
CA LEU G 213 -50.73 39.68 14.51
C LEU G 213 -50.73 38.18 14.20
N VAL G 214 -51.36 37.74 13.11
CA VAL G 214 -51.50 36.34 12.74
C VAL G 214 -50.76 36.11 11.42
N ASP G 215 -50.04 34.99 11.34
CA ASP G 215 -49.27 34.65 10.15
C ASP G 215 -50.16 33.97 9.11
N LYS G 216 -51.20 34.68 8.66
CA LYS G 216 -52.19 34.10 7.77
C LYS G 216 -52.74 35.17 6.83
N GLU G 217 -53.28 34.71 5.71
CA GLU G 217 -54.08 35.55 4.81
C GLU G 217 -55.40 34.87 4.54
N ARG G 218 -56.43 35.68 4.25
CA ARG G 218 -57.78 35.17 4.16
C ARG G 218 -57.92 34.22 2.97
N VAL G 219 -58.84 33.26 3.10
CA VAL G 219 -58.86 32.12 2.20
C VAL G 219 -59.30 32.51 0.79
N SER G 220 -60.31 33.39 0.67
CA SER G 220 -60.90 33.74 -0.62
C SER G 220 -60.81 35.25 -0.80
N ALA G 221 -60.34 35.70 -1.97
CA ALA G 221 -59.99 37.10 -2.12
C ALA G 221 -61.20 38.00 -2.33
N GLN G 222 -62.39 37.43 -2.52
CA GLN G 222 -63.63 38.20 -2.53
C GLN G 222 -64.01 38.65 -1.13
N MET G 223 -63.42 38.04 -0.11
CA MET G 223 -63.69 38.31 1.30
C MET G 223 -63.20 39.70 1.69
N PRO G 224 -64.01 40.50 2.37
CA PRO G 224 -63.61 41.88 2.69
C PRO G 224 -62.30 41.94 3.45
N LYS G 225 -61.43 42.85 3.02
CA LYS G 225 -60.06 42.91 3.53
C LYS G 225 -59.97 43.80 4.77
N LYS G 226 -61.03 44.54 5.08
CA LYS G 226 -61.10 45.41 6.24
C LYS G 226 -62.46 45.28 6.90
N VAL G 227 -62.49 45.08 8.21
CA VAL G 227 -63.73 44.96 8.97
C VAL G 227 -63.60 45.78 10.25
N THR G 228 -64.68 46.47 10.62
CA THR G 228 -64.73 47.28 11.84
C THR G 228 -65.78 46.71 12.78
N ASP G 229 -65.52 46.82 14.10
CA ASP G 229 -66.32 46.16 15.13
C ASP G 229 -66.62 44.71 14.76
N ALA G 230 -65.55 43.95 14.52
CA ALA G 230 -65.63 42.54 14.12
C ALA G 230 -66.32 41.67 15.17
N LYS G 231 -67.05 40.67 14.69
CA LYS G 231 -67.62 39.60 15.50
C LYS G 231 -66.89 38.32 15.12
N ILE G 232 -65.98 37.87 15.98
CA ILE G 232 -64.98 36.88 15.61
C ILE G 232 -65.40 35.53 16.16
N ALA G 233 -65.42 34.51 15.30
CA ALA G 233 -65.74 33.15 15.69
C ALA G 233 -64.51 32.26 15.54
N LEU G 234 -64.24 31.45 16.56
CA LEU G 234 -63.08 30.55 16.58
C LEU G 234 -63.56 29.11 16.64
N LEU G 235 -63.02 28.28 15.74
CA LEU G 235 -63.40 26.87 15.63
C LEU G 235 -62.19 25.96 15.75
N ASN G 236 -62.38 24.83 16.44
CA ASN G 236 -61.38 23.77 16.51
C ASN G 236 -61.72 22.64 15.55
N CYS G 237 -62.98 22.56 15.14
CA CYS G 237 -63.42 21.63 14.12
C CYS G 237 -63.23 22.23 12.72
N ALA G 238 -62.96 21.34 11.76
CA ALA G 238 -62.79 21.69 10.36
C ALA G 238 -64.15 21.79 9.67
N ILE G 239 -64.26 22.74 8.75
CA ILE G 239 -65.49 22.88 7.96
C ILE G 239 -65.33 22.02 6.72
N GLU G 240 -65.74 20.75 6.86
CA GLU G 240 -65.57 19.75 5.82
C GLU G 240 -66.66 18.69 6.00
N ILE G 241 -66.86 17.88 4.95
CA ILE G 241 -67.89 16.86 5.02
C ILE G 241 -67.46 15.75 5.96
N LYS G 242 -68.31 15.43 6.94
CA LYS G 242 -67.96 14.45 7.95
C LYS G 242 -67.83 13.06 7.34
N GLU G 243 -66.97 12.24 7.94
CA GLU G 243 -66.80 10.83 7.59
C GLU G 243 -67.39 9.97 8.70
N THR G 244 -67.74 8.72 8.36
CA THR G 244 -68.19 7.76 9.35
C THR G 244 -67.03 6.92 9.84
N GLU G 245 -66.83 6.89 11.16
CA GLU G 245 -65.76 6.11 11.74
C GLU G 245 -66.10 4.62 11.80
N THR G 246 -67.00 4.16 10.90
CA THR G 246 -67.40 2.78 10.76
C THR G 246 -67.26 2.24 9.34
N ASP G 247 -66.79 3.07 8.39
CA ASP G 247 -66.62 2.75 6.96
C ASP G 247 -67.92 2.56 6.16
N ALA G 248 -67.93 3.08 4.93
CA ALA G 248 -69.16 3.32 4.17
C ALA G 248 -68.95 3.14 2.66
N GLU G 249 -70.04 2.74 1.99
CA GLU G 249 -70.17 2.73 0.53
C GLU G 249 -71.60 3.12 0.17
N ILE G 250 -71.77 3.94 -0.87
CA ILE G 250 -73.10 4.49 -1.18
C ILE G 250 -73.92 3.66 -2.17
N ARG G 251 -73.27 2.90 -3.05
CA ARG G 251 -73.92 1.93 -3.93
C ARG G 251 -75.08 2.50 -4.76
N ILE G 252 -74.77 2.94 -5.97
CA ILE G 252 -75.72 3.69 -6.78
C ILE G 252 -76.35 2.77 -7.82
N THR G 253 -77.59 2.33 -7.56
CA THR G 253 -78.23 1.34 -8.41
C THR G 253 -79.10 2.01 -9.46
N ASP G 254 -79.60 3.22 -9.19
CA ASP G 254 -80.34 4.01 -10.17
C ASP G 254 -79.43 5.12 -10.68
N PRO G 255 -79.16 5.19 -11.99
CA PRO G 255 -78.40 6.32 -12.55
C PRO G 255 -78.89 7.69 -12.11
N ALA G 256 -80.20 7.86 -11.93
CA ALA G 256 -80.76 9.15 -11.53
C ALA G 256 -80.26 9.62 -10.16
N LYS G 257 -79.54 8.79 -9.43
CA LYS G 257 -79.11 9.14 -8.08
C LYS G 257 -77.61 9.47 -8.00
N LEU G 258 -77.00 9.86 -9.11
CA LEU G 258 -75.64 10.39 -9.06
C LEU G 258 -75.63 11.84 -8.56
N MET G 259 -76.40 12.70 -9.23
CA MET G 259 -76.44 14.11 -8.85
C MET G 259 -77.06 14.32 -7.47
N GLU G 260 -77.99 13.45 -7.08
CA GLU G 260 -78.66 13.61 -5.80
C GLU G 260 -77.69 13.42 -4.63
N PHE G 261 -76.89 12.35 -4.68
CA PHE G 261 -75.87 12.17 -3.65
C PHE G 261 -74.94 13.38 -3.56
N ILE G 262 -74.56 13.93 -4.72
CA ILE G 262 -73.59 15.02 -4.77
C ILE G 262 -74.21 16.32 -4.24
N GLU G 263 -75.45 16.61 -4.63
CA GLU G 263 -76.19 17.75 -4.10
C GLU G 263 -76.34 17.69 -2.58
N GLN G 264 -76.57 16.48 -2.04
CA GLN G 264 -76.72 16.41 -0.58
C GLN G 264 -75.40 16.65 0.13
N GLU G 265 -74.27 16.20 -0.44
CA GLU G 265 -73.00 16.65 0.13
C GLU G 265 -72.83 18.17 0.03
N GLU G 266 -73.26 18.80 -1.07
CA GLU G 266 -73.18 20.26 -1.14
C GLU G 266 -74.04 20.92 -0.04
N LYS G 267 -75.23 20.36 0.21
CA LYS G 267 -76.11 20.96 1.20
C LYS G 267 -75.55 20.82 2.61
N MET G 268 -74.82 19.73 2.87
CA MET G 268 -74.23 19.55 4.19
C MET G 268 -73.14 20.58 4.50
N LEU G 269 -72.61 21.27 3.49
CA LEU G 269 -71.73 22.41 3.76
C LEU G 269 -72.53 23.72 3.80
N LYS G 270 -73.54 23.82 2.94
CA LYS G 270 -74.39 25.01 2.89
C LYS G 270 -75.01 25.30 4.26
N ASP G 271 -75.45 24.24 4.95
CA ASP G 271 -76.08 24.42 6.25
C ASP G 271 -75.09 24.84 7.33
N MET G 272 -73.84 24.36 7.26
CA MET G 272 -72.83 24.81 8.20
C MET G 272 -72.61 26.32 8.06
N VAL G 273 -72.55 26.80 6.82
CA VAL G 273 -72.32 28.23 6.63
C VAL G 273 -73.54 29.05 7.06
N ALA G 274 -74.75 28.55 6.78
CA ALA G 274 -75.95 29.17 7.31
C ALA G 274 -75.89 29.30 8.84
N GLU G 275 -75.45 28.23 9.51
CA GLU G 275 -75.37 28.25 10.97
C GLU G 275 -74.30 29.22 11.48
N ILE G 276 -73.16 29.29 10.81
CA ILE G 276 -72.14 30.26 11.21
C ILE G 276 -72.68 31.67 11.08
N LYS G 277 -73.48 31.92 10.04
CA LYS G 277 -74.06 33.24 9.86
C LYS G 277 -75.08 33.55 10.94
N ALA G 278 -75.92 32.58 11.28
CA ALA G 278 -76.99 32.81 12.26
C ALA G 278 -76.44 33.11 13.66
N SER G 279 -75.22 32.68 13.96
CA SER G 279 -74.62 33.11 15.24
C SER G 279 -74.42 34.62 15.30
N GLY G 280 -74.24 35.28 14.15
CA GLY G 280 -73.94 36.70 14.14
C GLY G 280 -72.52 37.06 13.72
N ALA G 281 -71.73 36.06 13.34
CA ALA G 281 -70.31 36.27 13.07
C ALA G 281 -70.09 37.01 11.76
N ASN G 282 -68.94 37.68 11.64
CA ASN G 282 -68.47 38.18 10.35
C ASN G 282 -66.97 38.03 10.16
N VAL G 283 -66.25 37.41 11.11
CA VAL G 283 -64.86 37.03 10.96
C VAL G 283 -64.69 35.65 11.56
N LEU G 284 -63.88 34.82 10.91
CA LEU G 284 -63.73 33.41 11.24
C LEU G 284 -62.27 32.99 11.29
N PHE G 285 -61.93 32.14 12.26
CA PHE G 285 -60.65 31.45 12.33
C PHE G 285 -60.91 29.97 12.54
N CYS G 286 -60.20 29.13 11.79
CA CYS G 286 -60.30 27.68 11.91
C CYS G 286 -58.93 27.08 12.19
N GLN G 287 -58.83 26.29 13.26
CA GLN G 287 -57.59 25.60 13.58
C GLN G 287 -57.31 24.43 12.64
N LYS G 288 -58.12 24.26 11.60
CA LYS G 288 -58.13 23.07 10.76
C LYS G 288 -58.72 23.44 9.40
N GLY G 289 -58.93 22.44 8.55
CA GLY G 289 -59.22 22.71 7.15
C GLY G 289 -60.61 23.28 6.90
N ILE G 290 -60.69 24.11 5.86
CA ILE G 290 -61.94 24.57 5.29
C ILE G 290 -61.94 24.17 3.81
N ASP G 291 -63.02 23.52 3.38
CA ASP G 291 -63.13 23.04 2.00
C ASP G 291 -63.32 24.20 1.03
N ASP G 292 -62.94 23.95 -0.24
CA ASP G 292 -63.02 25.00 -1.26
C ASP G 292 -64.44 25.39 -1.63
N LEU G 293 -65.43 24.55 -1.34
CA LEU G 293 -66.82 24.98 -1.52
C LEU G 293 -67.34 25.75 -0.30
N ALA G 294 -66.89 25.36 0.90
CA ALA G 294 -67.18 26.11 2.11
C ALA G 294 -66.66 27.53 1.98
N GLN G 295 -65.47 27.69 1.41
CA GLN G 295 -64.86 28.98 1.12
C GLN G 295 -65.75 29.81 0.21
N HIS G 296 -66.37 29.16 -0.77
CA HIS G 296 -67.33 29.83 -1.65
C HIS G 296 -68.49 30.39 -0.85
N TYR G 297 -69.13 29.57 -0.01
CA TYR G 297 -70.31 30.07 0.68
C TYR G 297 -69.92 31.15 1.68
N LEU G 298 -68.76 31.00 2.32
CA LEU G 298 -68.24 32.06 3.19
C LEU G 298 -68.01 33.37 2.46
N ALA G 299 -67.40 33.34 1.26
CA ALA G 299 -67.24 34.55 0.47
C ALA G 299 -68.56 35.03 -0.14
N LYS G 300 -69.58 34.19 -0.16
CA LYS G 300 -70.86 34.61 -0.69
C LYS G 300 -71.68 35.30 0.39
N GLU G 301 -71.45 34.92 1.64
CA GLU G 301 -72.13 35.53 2.77
C GLU G 301 -71.41 36.75 3.31
N GLY G 302 -70.25 37.10 2.74
CA GLY G 302 -69.38 38.12 3.30
C GLY G 302 -68.83 37.88 4.69
N ILE G 303 -68.30 36.69 4.95
CA ILE G 303 -67.63 36.36 6.20
C ILE G 303 -66.15 36.15 5.91
N VAL G 304 -65.27 36.75 6.72
CA VAL G 304 -63.84 36.65 6.51
C VAL G 304 -63.33 35.44 7.28
N ALA G 305 -62.52 34.61 6.63
CA ALA G 305 -62.09 33.32 7.18
C ALA G 305 -60.61 33.05 6.93
N ALA G 306 -59.95 32.51 7.96
CA ALA G 306 -58.62 31.93 7.84
C ALA G 306 -58.66 30.50 8.36
N ARG G 307 -57.74 29.67 7.86
CA ARG G 307 -57.77 28.23 8.14
C ARG G 307 -56.42 27.72 8.62
N ARG G 308 -56.45 26.53 9.22
CA ARG G 308 -55.27 25.86 9.77
C ARG G 308 -54.43 26.78 10.66
N VAL G 309 -55.10 27.53 11.52
CA VAL G 309 -54.45 28.43 12.46
C VAL G 309 -53.88 27.60 13.59
N LYS G 310 -52.66 27.93 13.98
CA LYS G 310 -51.96 27.16 15.00
C LYS G 310 -52.53 27.43 16.39
N LYS G 311 -52.34 26.43 17.28
CA LYS G 311 -53.06 26.39 18.55
C LYS G 311 -52.72 27.58 19.44
N SER G 312 -51.45 27.98 19.47
CA SER G 312 -51.03 29.09 20.31
C SER G 312 -51.67 30.40 19.86
N ASP G 313 -51.78 30.58 18.55
CA ASP G 313 -52.49 31.73 18.01
C ASP G 313 -53.98 31.68 18.36
N MET G 314 -54.55 30.47 18.40
CA MET G 314 -55.94 30.30 18.84
C MET G 314 -56.11 30.74 20.29
N GLU G 315 -55.15 30.36 21.15
CA GLU G 315 -55.15 30.77 22.56
C GLU G 315 -55.09 32.28 22.67
N LYS G 316 -54.17 32.91 21.93
CA LYS G 316 -53.98 34.36 22.02
C LYS G 316 -55.17 35.13 21.46
N LEU G 317 -55.79 34.62 20.40
CA LEU G 317 -57.04 35.21 19.92
C LEU G 317 -58.17 35.12 20.94
N ALA G 318 -58.37 33.94 21.52
CA ALA G 318 -59.40 33.76 22.54
C ALA G 318 -59.14 34.68 23.73
N LYS G 319 -57.88 34.83 24.12
CA LYS G 319 -57.52 35.73 25.20
C LYS G 319 -57.83 37.18 24.84
N ALA G 320 -57.49 37.60 23.62
CA ALA G 320 -57.51 39.02 23.27
C ALA G 320 -58.94 39.50 23.04
N THR G 321 -59.75 38.69 22.34
CA THR G 321 -61.09 39.06 21.92
C THR G 321 -62.18 38.68 22.93
N GLY G 322 -61.93 37.66 23.75
CA GLY G 322 -62.96 37.11 24.61
C GLY G 322 -63.83 36.08 23.95
N ALA G 323 -63.44 35.59 22.78
CA ALA G 323 -64.15 34.51 22.11
C ALA G 323 -63.86 33.17 22.75
N ASN G 324 -64.74 32.21 22.51
CA ASN G 324 -64.58 30.85 23.02
C ASN G 324 -64.31 29.91 21.85
N VAL G 325 -63.25 29.12 21.96
CA VAL G 325 -62.96 28.14 20.91
C VAL G 325 -64.03 27.05 20.95
N ILE G 326 -64.66 26.82 19.80
CA ILE G 326 -65.81 25.92 19.68
C ILE G 326 -65.37 24.67 18.93
N THR G 327 -65.80 23.50 19.41
CA THR G 327 -65.42 22.23 18.77
C THR G 327 -66.50 21.66 17.86
N ASN G 328 -67.72 22.21 17.90
CA ASN G 328 -68.85 21.68 17.14
C ASN G 328 -69.78 22.82 16.79
N ILE G 329 -70.16 22.94 15.51
CA ILE G 329 -70.77 24.18 15.03
C ILE G 329 -72.24 24.28 15.46
N LYS G 330 -72.85 23.16 15.84
CA LYS G 330 -74.26 23.18 16.23
C LYS G 330 -74.48 23.93 17.54
N ASP G 331 -73.43 24.10 18.34
CA ASP G 331 -73.58 24.78 19.62
C ASP G 331 -73.21 26.26 19.55
N LEU G 332 -72.63 26.69 18.44
CA LEU G 332 -72.16 28.06 18.28
C LEU G 332 -73.32 29.04 18.35
N SER G 333 -73.15 30.08 19.16
CA SER G 333 -74.22 31.02 19.46
C SER G 333 -73.63 32.41 19.66
N ALA G 334 -74.49 33.40 19.94
CA ALA G 334 -73.99 34.75 20.19
C ALA G 334 -73.21 34.84 21.50
N GLN G 335 -73.32 33.80 22.34
CA GLN G 335 -72.60 33.75 23.61
C GLN G 335 -71.12 33.49 23.41
N ASP G 336 -70.75 32.88 22.28
CA ASP G 336 -69.41 32.38 22.03
C ASP G 336 -68.56 33.33 21.22
N LEU G 337 -69.12 34.45 20.76
CA LEU G 337 -68.43 35.34 19.84
C LEU G 337 -67.62 36.38 20.59
N GLY G 338 -66.39 36.62 20.12
CA GLY G 338 -65.60 37.71 20.64
C GLY G 338 -65.84 39.01 19.88
N ASP G 339 -65.21 40.08 20.37
CA ASP G 339 -65.37 41.39 19.78
C ASP G 339 -64.02 42.08 19.64
N ALA G 340 -63.85 42.81 18.53
CA ALA G 340 -62.64 43.57 18.26
C ALA G 340 -62.94 44.70 17.30
N GLY G 341 -62.42 45.89 17.63
CA GLY G 341 -62.82 47.09 16.92
C GLY G 341 -62.35 47.17 15.48
N LEU G 342 -61.24 46.51 15.16
CA LEU G 342 -60.69 46.59 13.81
C LEU G 342 -59.94 45.32 13.44
N VAL G 343 -60.24 44.78 12.27
CA VAL G 343 -59.52 43.65 11.67
C VAL G 343 -59.20 44.01 10.23
N GLU G 344 -57.94 43.81 9.83
CA GLU G 344 -57.54 44.10 8.46
C GLU G 344 -56.32 43.26 8.08
N GLU G 345 -56.30 42.79 6.84
CA GLU G 345 -55.11 42.16 6.29
C GLU G 345 -54.17 43.22 5.74
N ARG G 346 -52.88 43.08 6.02
CA ARG G 346 -51.87 44.01 5.54
C ARG G 346 -50.65 43.26 5.00
N LYS G 347 -49.83 43.96 4.21
CA LYS G 347 -48.53 43.44 3.78
C LYS G 347 -47.44 44.26 4.48
N ILE G 348 -46.57 43.57 5.21
CA ILE G 348 -45.53 44.22 6.00
C ILE G 348 -44.25 43.40 5.87
N SER G 349 -43.13 44.09 5.59
CA SER G 349 -41.81 43.45 5.53
C SER G 349 -41.76 42.31 4.50
N GLY G 350 -42.71 42.33 3.57
CA GLY G 350 -42.82 41.38 2.49
C GLY G 350 -43.76 40.22 2.76
N ASP G 351 -44.31 40.13 3.97
CA ASP G 351 -45.22 39.05 4.36
C ASP G 351 -46.64 39.58 4.50
N SER G 352 -47.60 38.80 3.99
CA SER G 352 -49.02 39.07 4.20
C SER G 352 -49.43 38.59 5.60
N MET G 353 -50.02 39.50 6.37
CA MET G 353 -50.43 39.16 7.73
C MET G 353 -51.77 39.79 8.06
N ILE G 354 -52.48 39.15 8.99
CA ILE G 354 -53.79 39.62 9.46
C ILE G 354 -53.60 40.30 10.81
N PHE G 355 -54.14 41.51 10.95
CA PHE G 355 -53.99 42.32 12.14
C PHE G 355 -55.32 42.45 12.88
N VAL G 356 -55.30 42.21 14.19
CA VAL G 356 -56.45 42.40 15.06
C VAL G 356 -56.16 43.54 16.02
N GLU G 357 -57.04 44.55 16.06
CA GLU G 357 -56.76 45.75 16.82
C GLU G 357 -58.00 46.25 17.54
N GLU G 358 -57.76 47.13 18.53
CA GLU G 358 -58.80 47.74 19.36
C GLU G 358 -59.69 46.68 20.01
N CYS G 359 -59.07 45.84 20.85
CA CYS G 359 -59.74 44.73 21.49
C CYS G 359 -60.55 45.21 22.70
N LYS G 360 -61.61 44.47 23.00
CA LYS G 360 -62.57 44.90 24.01
C LYS G 360 -61.98 44.90 25.40
N HIS G 361 -61.25 43.85 25.75
CA HIS G 361 -60.52 43.77 27.01
C HIS G 361 -59.35 42.79 26.85
N PRO G 362 -58.23 43.26 26.33
CA PRO G 362 -57.13 42.34 26.01
C PRO G 362 -56.41 41.78 27.23
N LYS G 363 -56.50 40.46 27.39
CA LYS G 363 -55.66 39.74 28.35
C LYS G 363 -54.37 39.23 27.73
N ALA G 364 -54.08 39.59 26.48
CA ALA G 364 -52.82 39.27 25.82
C ALA G 364 -52.47 40.37 24.84
N VAL G 365 -51.17 40.63 24.68
CA VAL G 365 -50.68 41.73 23.86
C VAL G 365 -49.49 41.27 23.00
N THR G 366 -49.28 42.00 21.90
CA THR G 366 -48.22 41.70 20.94
C THR G 366 -47.29 42.89 20.80
N MET G 367 -45.97 42.63 20.85
CA MET G 367 -44.94 43.64 20.64
C MET G 367 -44.23 43.38 19.32
N LEU G 368 -44.18 44.41 18.47
CA LEU G 368 -43.66 44.30 17.10
C LEU G 368 -42.31 44.99 17.03
N ILE G 369 -41.23 44.20 16.99
CA ILE G 369 -39.88 44.73 17.00
C ILE G 369 -39.41 44.95 15.57
N ARG G 370 -38.97 46.17 15.26
CA ARG G 370 -38.50 46.55 13.93
C ARG G 370 -36.98 46.72 13.93
N GLY G 371 -36.39 46.71 12.74
CA GLY G 371 -34.95 46.81 12.63
C GLY G 371 -34.39 46.61 11.24
N THR G 372 -33.23 47.21 11.00
CA THR G 372 -32.61 47.28 9.67
C THR G 372 -31.86 46.00 9.32
N THR G 373 -31.87 44.99 10.17
CA THR G 373 -31.03 43.81 9.94
C THR G 373 -31.46 42.73 10.91
N GLU G 374 -31.32 41.47 10.47
CA GLU G 374 -31.80 40.35 11.28
C GLU G 374 -30.94 40.15 12.52
N HIS G 375 -29.62 40.35 12.38
CA HIS G 375 -28.74 40.31 13.55
C HIS G 375 -29.05 41.42 14.54
N VAL G 376 -29.68 42.51 14.09
CA VAL G 376 -30.07 43.56 15.01
C VAL G 376 -31.28 43.13 15.84
N ILE G 377 -32.26 42.51 15.17
CA ILE G 377 -33.52 42.17 15.80
C ILE G 377 -33.35 40.98 16.72
N GLU G 378 -32.47 40.05 16.35
CA GLU G 378 -32.16 38.90 17.20
C GLU G 378 -31.46 39.33 18.48
N GLU G 379 -31.03 40.60 18.57
CA GLU G 379 -30.49 41.10 19.82
C GLU G 379 -31.50 41.97 20.56
N VAL G 380 -32.27 42.78 19.82
CA VAL G 380 -33.28 43.61 20.46
C VAL G 380 -34.31 42.74 21.18
N ALA G 381 -34.61 41.56 20.62
CA ALA G 381 -35.52 40.64 21.29
C ALA G 381 -35.02 40.23 22.67
N ARG G 382 -33.72 39.94 22.77
CA ARG G 382 -33.11 39.61 24.06
C ARG G 382 -33.19 40.79 25.02
N ALA G 383 -32.86 41.99 24.52
CA ALA G 383 -32.90 43.19 25.35
C ALA G 383 -34.31 43.51 25.83
N VAL G 384 -35.32 42.98 25.16
CA VAL G 384 -36.70 43.21 25.63
C VAL G 384 -37.14 42.10 26.58
N ASP G 385 -36.68 40.87 26.33
CA ASP G 385 -37.03 39.75 27.20
C ASP G 385 -36.51 40.00 28.63
N ASP G 386 -35.30 40.57 28.73
CA ASP G 386 -34.71 40.84 30.05
C ASP G 386 -35.53 41.87 30.83
N ALA G 387 -36.03 42.89 30.15
CA ALA G 387 -36.85 43.92 30.79
C ALA G 387 -38.21 43.38 31.19
N VAL G 388 -38.81 42.51 30.38
CA VAL G 388 -40.05 41.85 30.79
C VAL G 388 -39.80 41.05 32.08
N GLY G 389 -38.67 40.35 32.15
CA GLY G 389 -38.28 39.69 33.39
C GLY G 389 -38.25 40.56 34.62
N VAL G 390 -37.38 41.58 34.60
CA VAL G 390 -37.25 42.44 35.79
C VAL G 390 -38.54 43.19 36.13
N VAL G 391 -39.37 43.53 35.14
CA VAL G 391 -40.63 44.19 35.45
C VAL G 391 -41.59 43.23 36.15
N GLY G 392 -41.67 41.98 35.67
CA GLY G 392 -42.48 41.00 36.37
C GLY G 392 -42.02 40.78 37.80
N CYS G 393 -40.70 40.71 38.00
CA CYS G 393 -40.16 40.54 39.36
C CYS G 393 -40.62 41.66 40.29
N THR G 394 -40.51 42.91 39.84
CA THR G 394 -40.93 44.04 40.67
C THR G 394 -42.43 44.04 40.94
N ILE G 395 -43.22 43.64 39.94
CA ILE G 395 -44.67 43.65 40.08
C ILE G 395 -45.13 42.56 41.05
N GLU G 396 -44.43 41.42 41.04
CA GLU G 396 -44.83 40.29 41.88
C GLU G 396 -44.36 40.47 43.32
N ASP G 397 -43.11 40.88 43.52
CA ASP G 397 -42.56 40.89 44.87
C ASP G 397 -42.69 42.26 45.56
N GLY G 398 -42.70 43.34 44.77
CA GLY G 398 -42.64 44.69 45.30
C GLY G 398 -41.48 45.01 46.22
N ARG G 399 -40.25 44.62 45.84
CA ARG G 399 -39.06 44.94 46.61
C ARG G 399 -37.91 45.22 45.65
N ILE G 400 -37.16 46.29 45.91
CA ILE G 400 -36.11 46.73 45.00
C ILE G 400 -34.80 46.93 45.76
N VAL G 401 -33.69 46.89 45.03
CA VAL G 401 -32.37 47.08 45.60
C VAL G 401 -31.60 48.06 44.73
N SER G 402 -30.60 48.71 45.35
CA SER G 402 -29.79 49.72 44.67
C SER G 402 -28.77 49.05 43.75
N GLY G 403 -28.49 49.70 42.61
CA GLY G 403 -27.66 49.12 41.58
C GLY G 403 -26.24 49.62 41.59
N GLY G 404 -25.56 49.42 40.46
CA GLY G 404 -24.16 49.80 40.33
C GLY G 404 -23.22 49.16 41.32
N GLY G 405 -23.49 47.93 41.73
CA GLY G 405 -22.69 47.26 42.73
C GLY G 405 -22.72 47.84 44.12
N SER G 406 -23.58 48.82 44.41
CA SER G 406 -23.69 49.30 45.79
C SER G 406 -24.22 48.25 46.76
N THR G 407 -24.76 47.13 46.29
CA THR G 407 -25.27 46.12 47.20
C THR G 407 -24.16 45.18 47.68
N GLU G 408 -23.24 44.83 46.77
CA GLU G 408 -22.20 43.87 47.10
C GLU G 408 -21.23 44.42 48.14
N VAL G 409 -20.91 45.72 48.07
CA VAL G 409 -20.07 46.33 49.10
C VAL G 409 -20.73 46.28 50.46
N GLU G 410 -22.03 46.58 50.52
CA GLU G 410 -22.77 46.50 51.77
C GLU G 410 -22.75 45.08 52.33
N LEU G 411 -22.97 44.09 51.47
CA LEU G 411 -22.99 42.71 51.93
C LEU G 411 -21.62 42.28 52.44
N SER G 412 -20.56 42.65 51.71
CA SER G 412 -19.22 42.29 52.15
C SER G 412 -18.93 42.87 53.53
N MET G 413 -19.24 44.16 53.73
CA MET G 413 -19.04 44.77 55.04
C MET G 413 -19.83 44.06 56.14
N LYS G 414 -21.12 43.83 55.89
CA LYS G 414 -22.00 43.25 56.91
C LYS G 414 -21.71 41.77 57.16
N LEU G 415 -21.03 41.09 56.24
CA LEU G 415 -20.55 39.75 56.50
C LEU G 415 -19.23 39.75 57.23
N ARG G 416 -18.43 40.82 57.08
CA ARG G 416 -17.19 40.90 57.84
C ARG G 416 -17.49 41.22 59.30
N GLU G 417 -18.47 42.08 59.56
CA GLU G 417 -18.99 42.27 60.92
C GLU G 417 -19.59 40.99 61.49
N TYR G 418 -20.10 40.11 60.64
CA TYR G 418 -20.52 38.76 61.04
C TYR G 418 -19.35 37.88 61.43
N ALA G 419 -18.28 37.90 60.63
CA ALA G 419 -17.24 36.90 60.74
C ALA G 419 -16.50 36.96 62.08
N GLU G 420 -16.54 38.10 62.78
CA GLU G 420 -15.88 38.15 64.08
C GLU G 420 -16.65 37.42 65.17
N GLY G 421 -17.95 37.16 64.98
CA GLY G 421 -18.68 36.35 65.92
C GLY G 421 -18.38 34.87 65.81
N ILE G 422 -18.07 34.41 64.61
CA ILE G 422 -17.77 33.01 64.35
C ILE G 422 -16.34 32.71 64.75
N SER G 423 -16.12 31.56 65.38
CA SER G 423 -14.77 31.18 65.79
C SER G 423 -14.48 29.76 65.31
N GLY G 424 -13.19 29.45 65.23
CA GLY G 424 -12.70 28.24 64.60
C GLY G 424 -12.10 28.58 63.25
N ARG G 425 -12.18 27.64 62.31
CA ARG G 425 -11.55 27.84 61.01
C ARG G 425 -12.55 28.08 59.88
N GLU G 426 -13.85 27.90 60.14
CA GLU G 426 -14.86 28.37 59.19
C GLU G 426 -14.83 29.89 59.05
N GLN G 427 -14.23 30.60 60.01
CA GLN G 427 -14.11 32.05 59.91
C GLN G 427 -13.31 32.44 58.67
N LEU G 428 -12.31 31.64 58.32
CA LEU G 428 -11.51 31.90 57.13
C LEU G 428 -12.38 31.84 55.87
N ALA G 429 -13.20 30.79 55.77
CA ALA G 429 -14.09 30.64 54.62
C ALA G 429 -15.16 31.71 54.57
N VAL G 430 -15.66 32.15 55.73
CA VAL G 430 -16.64 33.23 55.77
C VAL G 430 -16.02 34.52 55.25
N ARG G 431 -14.77 34.79 55.61
CA ARG G 431 -14.10 35.98 55.12
C ARG G 431 -13.84 35.89 53.62
N ALA G 432 -13.40 34.72 53.13
CA ALA G 432 -13.17 34.55 51.70
C ALA G 432 -14.47 34.66 50.91
N PHE G 433 -15.60 34.27 51.50
CA PHE G 433 -16.88 34.48 50.85
C PHE G 433 -17.23 35.96 50.78
N ALA G 434 -17.05 36.67 51.89
CA ALA G 434 -17.39 38.09 51.93
C ALA G 434 -16.51 38.92 51.00
N ASP G 435 -15.27 38.46 50.79
CA ASP G 435 -14.32 39.16 49.95
C ASP G 435 -14.48 38.79 48.48
N ALA G 436 -15.34 37.82 48.17
CA ALA G 436 -15.54 37.37 46.79
C ALA G 436 -16.70 38.09 46.11
N LEU G 437 -17.52 38.82 46.87
CA LEU G 437 -18.68 39.47 46.29
C LEU G 437 -18.29 40.82 45.66
N GLU G 438 -17.14 41.36 46.06
CA GLU G 438 -16.64 42.61 45.50
C GLU G 438 -16.04 42.42 44.11
N VAL G 439 -16.17 41.25 43.51
CA VAL G 439 -15.72 41.04 42.13
C VAL G 439 -16.57 41.86 41.16
N ILE G 440 -17.81 42.15 41.53
CA ILE G 440 -18.79 42.81 40.66
C ILE G 440 -18.46 44.30 40.53
N PRO G 441 -18.33 45.07 41.63
CA PRO G 441 -17.92 46.47 41.48
C PRO G 441 -16.50 46.63 40.97
N ARG G 442 -15.61 45.67 41.28
CA ARG G 442 -14.30 45.61 40.65
C ARG G 442 -14.41 45.51 39.13
N THR G 443 -15.16 44.53 38.62
CA THR G 443 -15.26 44.38 37.17
C THR G 443 -16.00 45.55 36.53
N LEU G 444 -16.95 46.16 37.26
CA LEU G 444 -17.67 47.32 36.75
C LEU G 444 -16.73 48.48 36.51
N ALA G 445 -15.65 48.58 37.30
CA ALA G 445 -14.62 49.56 37.00
C ALA G 445 -13.62 49.06 35.96
N GLU G 446 -13.32 47.76 35.96
CA GLU G 446 -12.34 47.20 35.02
C GLU G 446 -12.76 47.40 33.58
N ASN G 447 -14.05 47.22 33.28
CA ASN G 447 -14.52 47.29 31.91
C ASN G 447 -14.51 48.73 31.37
N ALA G 448 -14.80 49.71 32.22
CA ALA G 448 -14.82 51.12 31.83
C ALA G 448 -13.42 51.73 31.74
N GLY G 449 -12.37 50.93 31.97
CA GLY G 449 -11.01 51.45 31.95
C GLY G 449 -10.66 52.33 33.11
N LEU G 450 -11.32 52.14 34.26
CA LEU G 450 -11.04 52.93 35.46
C LEU G 450 -10.03 52.19 36.32
N ASP G 451 -9.57 52.87 37.38
CA ASP G 451 -8.58 52.33 38.30
C ASP G 451 -9.35 51.69 39.46
N ALA G 452 -9.43 50.36 39.44
CA ALA G 452 -10.34 49.66 40.35
C ALA G 452 -9.89 49.76 41.81
N ILE G 453 -8.59 49.70 42.05
CA ILE G 453 -8.09 49.67 43.41
C ILE G 453 -8.30 51.01 44.10
N GLU G 454 -8.22 52.11 43.34
CA GLU G 454 -8.49 53.43 43.90
C GLU G 454 -9.99 53.68 44.04
N ILE G 455 -10.78 53.10 43.14
CA ILE G 455 -12.23 53.32 43.18
C ILE G 455 -12.85 52.60 44.39
N LEU G 456 -12.44 51.34 44.60
CA LEU G 456 -13.11 50.49 45.58
C LEU G 456 -13.00 51.04 47.00
N VAL G 457 -11.88 51.69 47.32
CA VAL G 457 -11.69 52.25 48.65
C VAL G 457 -12.67 53.40 48.91
N LYS G 458 -12.82 54.29 47.93
CA LYS G 458 -13.77 55.39 48.05
C LYS G 458 -15.20 54.87 48.21
N VAL G 459 -15.53 53.84 47.43
CA VAL G 459 -16.86 53.22 47.52
C VAL G 459 -17.09 52.66 48.91
N ARG G 460 -16.10 51.95 49.46
CA ARG G 460 -16.24 51.42 50.82
C ARG G 460 -16.42 52.53 51.84
N ALA G 461 -15.59 53.58 51.72
CA ALA G 461 -15.60 54.67 52.69
C ALA G 461 -16.97 55.33 52.75
N ALA G 462 -17.61 55.51 51.59
CA ALA G 462 -18.94 56.11 51.54
C ALA G 462 -19.94 55.32 52.39
N HIS G 463 -19.76 54.00 52.48
CA HIS G 463 -20.66 53.18 53.28
C HIS G 463 -20.30 53.26 54.76
N ALA G 464 -19.02 53.10 55.07
CA ALA G 464 -18.58 52.94 56.45
C ALA G 464 -18.93 54.13 57.33
N SER G 465 -19.18 55.30 56.74
CA SER G 465 -19.42 56.51 57.53
C SER G 465 -20.90 56.88 57.66
N ASN G 466 -21.81 56.06 57.16
CA ASN G 466 -23.19 56.49 56.99
C ASN G 466 -24.24 55.40 57.20
N GLY G 467 -23.92 54.15 56.90
CA GLY G 467 -25.02 53.23 56.66
C GLY G 467 -25.75 53.55 55.36
N ASN G 468 -25.07 54.23 54.44
CA ASN G 468 -25.62 54.52 53.12
C ASN G 468 -25.74 53.21 52.35
N LYS G 469 -26.99 52.79 52.11
CA LYS G 469 -27.24 51.56 51.38
C LYS G 469 -26.86 51.67 49.91
N CYS G 470 -26.75 52.90 49.40
CA CYS G 470 -26.94 53.18 47.98
C CYS G 470 -25.68 53.53 47.20
N ALA G 471 -24.63 54.03 47.85
CA ALA G 471 -23.54 54.66 47.14
C ALA G 471 -22.73 53.65 46.32
N GLY G 472 -22.33 54.06 45.12
CA GLY G 472 -21.68 53.16 44.19
C GLY G 472 -21.08 53.91 43.01
N LEU G 473 -20.50 53.14 42.08
CA LEU G 473 -19.73 53.70 41.00
C LEU G 473 -20.61 54.26 39.89
N ASN G 474 -20.30 55.48 39.45
CA ASN G 474 -20.81 56.02 38.19
C ASN G 474 -19.73 55.82 37.14
N VAL G 475 -19.99 54.92 36.18
CA VAL G 475 -18.98 54.50 35.21
C VAL G 475 -18.82 55.48 34.05
N PHE G 476 -19.45 56.66 34.13
CA PHE G 476 -19.37 57.66 33.09
C PHE G 476 -18.57 58.88 33.53
N THR G 477 -19.05 59.57 34.55
CA THR G 477 -18.25 60.55 35.27
C THR G 477 -17.06 59.95 36.02
N GLY G 478 -17.01 58.63 36.21
CA GLY G 478 -15.91 58.07 36.97
C GLY G 478 -15.87 58.50 38.43
N ALA G 479 -17.03 58.50 39.09
CA ALA G 479 -17.14 59.02 40.45
C ALA G 479 -18.19 58.24 41.23
N VAL G 480 -18.19 58.44 42.54
CA VAL G 480 -18.98 57.64 43.47
C VAL G 480 -20.26 58.40 43.81
N GLU G 481 -21.41 57.81 43.49
CA GLU G 481 -22.66 58.54 43.63
C GLU G 481 -23.75 57.66 44.22
N ASP G 482 -24.79 58.33 44.74
CA ASP G 482 -26.00 57.68 45.22
C ASP G 482 -26.74 57.07 44.05
N MET G 483 -26.89 55.74 44.06
CA MET G 483 -27.46 55.06 42.90
C MET G 483 -28.98 55.02 42.91
N CYS G 484 -29.61 55.55 43.96
CA CYS G 484 -31.07 55.70 43.96
C CYS G 484 -31.48 57.06 43.42
N GLU G 485 -30.75 58.11 43.78
CA GLU G 485 -30.95 59.43 43.18
C GLU G 485 -30.63 59.39 41.69
N ASN G 486 -29.70 58.53 41.29
CA ASN G 486 -29.35 58.34 39.89
C ASN G 486 -30.38 57.53 39.14
N GLY G 487 -31.25 56.80 39.84
CA GLY G 487 -32.27 55.97 39.23
C GLY G 487 -31.81 54.62 38.70
N VAL G 488 -30.76 54.05 39.26
CA VAL G 488 -30.27 52.73 38.86
C VAL G 488 -30.77 51.72 39.89
N VAL G 489 -31.86 51.01 39.55
CA VAL G 489 -32.61 50.20 40.49
C VAL G 489 -32.80 48.80 39.92
N GLU G 490 -32.84 47.80 40.79
CA GLU G 490 -33.03 46.42 40.37
C GLU G 490 -34.00 45.74 41.31
N PRO G 491 -34.63 44.63 40.89
CA PRO G 491 -35.52 43.91 41.80
C PRO G 491 -34.76 42.95 42.69
N LEU G 492 -35.25 42.82 43.92
CA LEU G 492 -34.55 42.08 44.96
C LEU G 492 -34.27 40.63 44.56
N ARG G 493 -35.19 40.04 43.79
CA ARG G 493 -35.11 38.63 43.41
C ARG G 493 -33.89 38.34 42.56
N VAL G 494 -33.24 39.37 42.00
CA VAL G 494 -32.08 39.16 41.14
C VAL G 494 -30.83 38.85 41.98
N LYS G 495 -30.76 39.37 43.19
CA LYS G 495 -29.59 39.13 44.04
C LYS G 495 -29.70 37.80 44.78
N THR G 496 -30.81 37.59 45.50
CA THR G 496 -31.02 36.38 46.28
C THR G 496 -30.81 35.13 45.43
N GLN G 497 -31.51 35.05 44.29
CA GLN G 497 -31.36 33.91 43.39
C GLN G 497 -29.93 33.73 42.93
N ALA G 498 -29.24 34.83 42.60
CA ALA G 498 -27.87 34.75 42.10
C ALA G 498 -26.95 34.10 43.13
N ILE G 499 -26.95 34.65 44.34
CA ILE G 499 -26.09 34.14 45.41
C ILE G 499 -26.47 32.70 45.74
N GLN G 500 -27.77 32.39 45.71
CA GLN G 500 -28.27 31.08 46.11
C GLN G 500 -27.77 30.01 45.14
N SER G 501 -28.00 30.25 43.84
CA SER G 501 -27.46 29.39 42.78
C SER G 501 -25.95 29.21 42.90
N ALA G 502 -25.21 30.31 43.07
CA ALA G 502 -23.75 30.24 42.99
C ALA G 502 -23.17 29.47 44.16
N ALA G 503 -23.69 29.69 45.37
CA ALA G 503 -23.21 28.93 46.53
C ALA G 503 -23.51 27.44 46.37
N GLU G 504 -24.75 27.11 46.00
CA GLU G 504 -25.13 25.71 45.89
C GLU G 504 -24.34 24.98 44.81
N SER G 505 -23.97 25.69 43.74
CA SER G 505 -23.19 25.03 42.69
C SER G 505 -21.70 25.00 42.99
N THR G 506 -21.20 25.88 43.86
CA THR G 506 -19.77 25.82 44.17
C THR G 506 -19.47 24.70 45.17
N GLU G 507 -20.44 24.40 46.03
CA GLU G 507 -20.22 23.43 47.09
C GLU G 507 -20.05 22.02 46.53
N MET G 508 -20.70 21.74 45.39
CA MET G 508 -20.57 20.43 44.77
C MET G 508 -19.15 20.20 44.25
N LEU G 509 -18.55 21.20 43.62
CA LEU G 509 -17.17 21.07 43.15
C LEU G 509 -16.18 21.07 44.30
N LEU G 510 -16.55 21.65 45.44
CA LEU G 510 -15.68 21.56 46.62
C LEU G 510 -15.79 20.20 47.31
N ARG G 511 -16.91 19.50 47.16
CA ARG G 511 -17.08 18.23 47.85
C ARG G 511 -16.56 17.03 47.05
N ILE G 512 -16.11 17.22 45.81
CA ILE G 512 -15.63 16.12 44.98
C ILE G 512 -14.13 15.94 45.19
N ASP G 513 -13.66 14.68 45.18
CA ASP G 513 -12.23 14.44 45.14
C ASP G 513 -11.76 13.41 44.12
N ASP G 514 -12.64 12.85 43.28
CA ASP G 514 -12.17 11.88 42.30
C ASP G 514 -12.98 12.03 41.02
N VAL G 515 -12.37 11.59 39.91
CA VAL G 515 -13.03 11.56 38.60
C VAL G 515 -12.76 10.19 37.98
N ILE G 516 -13.83 9.44 37.70
CA ILE G 516 -13.74 8.08 37.17
C ILE G 516 -14.72 7.91 36.02
N ALA G 517 -14.53 6.84 35.24
CA ALA G 517 -15.25 6.68 33.97
C ALA G 517 -16.49 5.79 34.12
N ALA G 518 -17.53 6.12 33.36
CA ALA G 518 -18.85 5.51 33.48
C ALA G 518 -19.26 4.74 32.23
N GLU G 519 -20.10 3.72 32.45
CA GLU G 519 -20.40 2.69 31.47
C GLU G 519 -21.80 2.89 30.89
N LYS G 520 -21.92 3.88 30.00
CA LYS G 520 -23.20 4.29 29.42
C LYS G 520 -24.21 4.58 30.54
N LEU G 521 -24.07 5.78 31.09
CA LEU G 521 -24.72 6.16 32.34
C LEU G 521 -26.24 6.13 32.23
N ARG G 522 -26.79 6.89 31.28
CA ARG G 522 -28.24 6.98 31.12
C ARG G 522 -28.64 7.29 29.69
N GLU H 10 5.22 -2.23 35.31
CA GLU H 10 5.74 -3.57 35.55
C GLU H 10 6.45 -4.26 34.34
N ASN H 11 6.15 -5.55 34.12
CA ASN H 11 6.80 -6.36 33.07
C ASN H 11 6.01 -7.65 32.83
N MET H 12 6.11 -8.20 31.60
CA MET H 12 5.51 -9.50 31.28
C MET H 12 5.82 -10.58 32.31
N LYS H 13 7.09 -10.78 32.64
CA LYS H 13 7.59 -11.95 33.36
C LYS H 13 7.33 -11.91 34.87
N ARG H 14 6.17 -11.40 35.29
CA ARG H 14 5.71 -11.30 36.66
C ARG H 14 4.32 -11.87 36.83
N TYR H 15 3.73 -12.39 35.75
CA TYR H 15 2.40 -12.98 35.77
C TYR H 15 2.43 -14.28 36.53
N MET H 16 3.61 -14.90 36.59
CA MET H 16 3.82 -16.16 37.26
C MET H 16 3.74 -16.05 38.78
N GLY H 17 4.03 -14.87 39.32
CA GLY H 17 4.41 -14.73 40.71
C GLY H 17 3.30 -14.65 41.74
N ARG H 18 2.03 -14.85 41.37
CA ARG H 18 0.96 -14.86 42.35
C ARG H 18 -0.10 -15.87 41.95
N ASP H 19 -0.74 -16.51 42.92
CA ASP H 19 -1.75 -17.51 42.58
C ASP H 19 -3.03 -16.85 42.07
N ALA H 20 -3.96 -17.69 41.60
CA ALA H 20 -5.29 -17.23 41.21
C ALA H 20 -6.03 -16.63 42.39
N GLN H 21 -5.80 -17.16 43.60
CA GLN H 21 -6.44 -16.63 44.79
C GLN H 21 -5.89 -15.25 45.13
N ARG H 22 -4.58 -15.05 44.96
CA ARG H 22 -4.00 -13.72 45.12
C ARG H 22 -4.55 -12.75 44.08
N MET H 23 -4.62 -13.20 42.82
CA MET H 23 -5.30 -12.48 41.74
C MET H 23 -6.67 -11.97 42.18
N ASN H 24 -7.54 -12.89 42.61
CA ASN H 24 -8.90 -12.56 42.97
C ASN H 24 -8.97 -11.67 44.20
N ILE H 25 -8.15 -11.95 45.21
CA ILE H 25 -8.17 -11.14 46.44
C ILE H 25 -7.77 -9.70 46.13
N LEU H 26 -6.77 -9.51 45.26
CA LEU H 26 -6.33 -8.17 44.90
C LEU H 26 -7.38 -7.44 44.05
N ALA H 27 -7.92 -8.13 43.03
CA ALA H 27 -8.99 -7.56 42.23
C ALA H 27 -10.18 -7.16 43.09
N GLY H 28 -10.40 -7.88 44.19
CA GLY H 28 -11.47 -7.50 45.09
C GLY H 28 -11.12 -6.31 45.97
N ARG H 29 -9.93 -6.34 46.57
CA ARG H 29 -9.49 -5.23 47.41
C ARG H 29 -9.57 -3.91 46.67
N ILE H 30 -9.35 -3.93 45.35
CA ILE H 30 -9.39 -2.69 44.57
C ILE H 30 -10.75 -2.00 44.68
N ILE H 31 -11.83 -2.78 44.60
CA ILE H 31 -13.16 -2.20 44.64
C ILE H 31 -13.44 -1.55 45.99
N ALA H 32 -13.11 -2.25 47.09
CA ALA H 32 -13.31 -1.67 48.41
C ALA H 32 -12.45 -0.43 48.61
N GLU H 33 -11.24 -0.42 48.04
CA GLU H 33 -10.41 0.78 48.12
C GLU H 33 -11.02 1.94 47.33
N THR H 34 -11.79 1.64 46.29
CA THR H 34 -12.40 2.71 45.49
C THR H 34 -13.41 3.52 46.31
N VAL H 35 -14.28 2.83 47.06
CA VAL H 35 -15.43 3.50 47.68
C VAL H 35 -15.19 3.94 49.12
N ARG H 36 -14.03 3.63 49.69
CA ARG H 36 -13.85 3.70 51.14
C ARG H 36 -13.89 5.13 51.67
N SER H 37 -13.30 6.07 50.91
CA SER H 37 -13.25 7.49 51.28
C SER H 37 -14.60 8.18 51.22
N THR H 38 -15.65 7.51 50.76
CA THR H 38 -16.99 8.08 50.80
C THR H 38 -17.66 7.90 52.15
N LEU H 39 -17.01 7.22 53.09
CA LEU H 39 -17.68 6.74 54.29
C LEU H 39 -17.70 7.80 55.38
N GLY H 40 -18.82 7.89 56.10
CA GLY H 40 -18.90 8.70 57.30
C GLY H 40 -19.23 10.15 57.03
N PRO H 41 -19.45 10.91 58.10
CA PRO H 41 -19.92 12.30 57.94
C PRO H 41 -18.97 13.19 57.15
N LYS H 42 -17.65 12.98 57.30
CA LYS H 42 -16.63 13.70 56.56
C LYS H 42 -16.31 13.05 55.22
N GLY H 43 -17.22 12.21 54.70
CA GLY H 43 -16.99 11.57 53.42
C GLY H 43 -17.07 12.54 52.25
N MET H 44 -16.47 12.12 51.14
CA MET H 44 -16.34 12.97 49.96
C MET H 44 -16.98 12.31 48.74
N ASP H 45 -17.30 13.13 47.74
CA ASP H 45 -18.05 12.67 46.58
C ASP H 45 -17.13 12.25 45.44
N LYS H 46 -17.69 11.41 44.55
CA LYS H 46 -17.02 10.97 43.33
C LYS H 46 -17.71 11.59 42.11
N MET H 47 -16.93 11.85 41.07
CA MET H 47 -17.49 12.31 39.80
C MET H 47 -17.41 11.20 38.76
N LEU H 48 -18.55 10.88 38.15
CA LEU H 48 -18.64 9.83 37.12
C LEU H 48 -18.87 10.47 35.76
N VAL H 49 -18.09 10.05 34.77
CA VAL H 49 -18.15 10.64 33.44
C VAL H 49 -18.35 9.55 32.40
N ASP H 50 -19.24 9.82 31.44
CA ASP H 50 -19.62 8.88 30.40
C ASP H 50 -18.66 8.93 29.22
N ASP H 51 -18.86 7.99 28.29
CA ASP H 51 -18.30 8.13 26.95
C ASP H 51 -18.97 9.29 26.21
N LEU H 52 -20.28 9.46 26.39
CA LEU H 52 -21.03 10.45 25.61
C LEU H 52 -20.98 11.84 26.21
N GLY H 53 -20.47 11.99 27.44
CA GLY H 53 -20.38 13.28 28.10
C GLY H 53 -21.37 13.52 29.22
N ASP H 54 -22.26 12.57 29.51
CA ASP H 54 -23.09 12.68 30.70
C ASP H 54 -22.23 12.64 31.97
N VAL H 55 -22.71 13.29 33.02
CA VAL H 55 -21.96 13.44 34.27
C VAL H 55 -22.88 13.16 35.46
N VAL H 56 -22.34 12.47 36.46
CA VAL H 56 -23.03 12.22 37.72
C VAL H 56 -22.10 12.56 38.88
N VAL H 57 -22.63 13.23 39.91
CA VAL H 57 -21.88 13.53 41.12
C VAL H 57 -22.63 12.98 42.32
N THR H 58 -21.98 12.10 43.07
CA THR H 58 -22.61 11.44 44.22
C THR H 58 -21.54 10.82 45.12
N ASN H 59 -21.92 10.55 46.37
CA ASN H 59 -21.14 9.65 47.22
C ASN H 59 -21.91 8.40 47.62
N ASP H 60 -23.04 8.14 46.98
CA ASP H 60 -23.78 6.90 47.20
C ASP H 60 -22.96 5.73 46.64
N GLY H 61 -22.71 4.73 47.47
CA GLY H 61 -21.74 3.70 47.12
C GLY H 61 -22.23 2.78 46.00
N VAL H 62 -23.43 2.23 46.17
CA VAL H 62 -23.94 1.27 45.19
C VAL H 62 -24.08 1.94 43.83
N THR H 63 -24.26 3.26 43.79
CA THR H 63 -24.35 3.96 42.52
C THR H 63 -22.98 4.03 41.85
N ILE H 64 -21.94 4.30 42.62
CA ILE H 64 -20.57 4.30 42.09
C ILE H 64 -20.24 2.91 41.54
N LEU H 65 -20.52 1.87 42.32
CA LEU H 65 -20.25 0.49 41.91
C LEU H 65 -21.13 0.06 40.74
N ARG H 66 -22.29 0.69 40.56
CA ARG H 66 -23.17 0.32 39.47
C ARG H 66 -22.81 1.01 38.15
N GLU H 67 -22.25 2.21 38.23
CA GLU H 67 -21.94 2.96 37.03
C GLU H 67 -20.49 2.82 36.58
N MET H 68 -19.66 2.12 37.34
CA MET H 68 -18.24 2.06 37.02
C MET H 68 -17.99 1.07 35.88
N SER H 69 -16.97 1.36 35.08
CA SER H 69 -16.51 0.37 34.11
C SER H 69 -15.63 -0.63 34.85
N VAL H 70 -16.17 -1.82 35.11
CA VAL H 70 -15.49 -2.84 35.92
C VAL H 70 -15.44 -4.12 35.09
N GLU H 71 -14.24 -4.71 34.98
CA GLU H 71 -14.03 -5.78 34.00
C GLU H 71 -13.54 -7.10 34.58
N HIS H 72 -12.94 -7.10 35.78
CA HIS H 72 -12.45 -8.36 36.31
C HIS H 72 -13.57 -9.11 37.01
N PRO H 73 -13.64 -10.45 36.88
CA PRO H 73 -14.79 -11.19 37.43
C PRO H 73 -15.00 -11.03 38.92
N ALA H 74 -13.93 -11.02 39.72
CA ALA H 74 -14.07 -10.96 41.16
C ALA H 74 -14.60 -9.60 41.61
N ALA H 75 -14.17 -8.53 40.94
CA ALA H 75 -14.70 -7.21 41.22
C ALA H 75 -16.17 -7.14 40.87
N LYS H 76 -16.56 -7.80 39.78
CA LYS H 76 -17.95 -7.95 39.41
C LYS H 76 -18.73 -8.70 40.49
N MET H 77 -18.09 -9.67 41.15
CA MET H 77 -18.70 -10.39 42.25
C MET H 77 -18.86 -9.56 43.52
N LEU H 78 -18.02 -8.54 43.71
CA LEU H 78 -18.17 -7.69 44.88
C LEU H 78 -19.26 -6.65 44.71
N ILE H 79 -19.56 -6.24 43.48
CA ILE H 79 -20.66 -5.29 43.25
C ILE H 79 -21.99 -5.88 43.71
N GLU H 80 -22.13 -7.21 43.65
CA GLU H 80 -23.38 -7.83 44.07
C GLU H 80 -23.58 -7.77 45.59
N VAL H 81 -22.53 -7.42 46.33
CA VAL H 81 -22.64 -7.21 47.77
C VAL H 81 -23.37 -5.91 48.09
N ALA H 82 -23.21 -4.89 47.24
CA ALA H 82 -23.90 -3.62 47.41
C ALA H 82 -25.37 -3.71 47.00
N LYS H 83 -25.64 -4.32 45.84
CA LYS H 83 -27.00 -4.35 45.29
C LYS H 83 -27.98 -5.03 46.23
N THR H 84 -27.54 -6.04 46.97
CA THR H 84 -28.45 -6.76 47.85
C THR H 84 -28.80 -5.91 49.07
N GLN H 85 -27.82 -5.16 49.56
CA GLN H 85 -28.08 -4.18 50.62
C GLN H 85 -28.99 -3.07 50.13
N GLU H 86 -28.85 -2.67 48.86
CA GLU H 86 -29.75 -1.70 48.25
C GLU H 86 -31.17 -2.22 48.24
N LYS H 87 -31.33 -3.47 47.81
CA LYS H 87 -32.62 -4.06 47.50
C LYS H 87 -33.39 -4.41 48.79
N GLU H 88 -32.71 -5.06 49.73
CA GLU H 88 -33.38 -5.64 50.90
C GLU H 88 -33.51 -4.68 52.07
N VAL H 89 -32.65 -3.65 52.13
CA VAL H 89 -32.60 -2.75 53.27
C VAL H 89 -32.78 -1.34 52.74
N GLY H 90 -31.84 -0.91 51.90
CA GLY H 90 -31.87 0.41 51.30
C GLY H 90 -30.70 1.28 51.68
N ASP H 91 -30.25 1.21 52.93
CA ASP H 91 -29.06 1.94 53.36
C ASP H 91 -28.00 0.92 53.78
N GLY H 92 -26.76 1.39 53.91
CA GLY H 92 -25.67 0.54 54.31
C GLY H 92 -24.83 -0.06 53.20
N THR H 93 -24.91 0.48 51.97
CA THR H 93 -24.22 -0.14 50.86
C THR H 93 -22.72 0.16 50.82
N THR H 94 -22.19 0.94 51.75
CA THR H 94 -20.75 1.15 51.78
C THR H 94 -20.07 0.36 52.90
N THR H 95 -20.77 0.16 54.01
CA THR H 95 -20.25 -0.67 55.10
C THR H 95 -20.02 -2.09 54.61
N ALA H 96 -20.99 -2.63 53.87
CA ALA H 96 -20.88 -3.99 53.34
C ALA H 96 -19.63 -4.17 52.51
N VAL H 97 -19.35 -3.25 51.57
CA VAL H 97 -18.25 -3.52 50.65
C VAL H 97 -16.91 -3.33 51.36
N VAL H 98 -16.83 -2.36 52.27
CA VAL H 98 -15.58 -2.12 52.98
C VAL H 98 -15.26 -3.29 53.89
N VAL H 99 -16.28 -3.82 54.57
CA VAL H 99 -16.07 -5.00 55.43
C VAL H 99 -15.69 -6.21 54.59
N ALA H 100 -16.33 -6.37 53.42
CA ALA H 100 -15.97 -7.48 52.52
C ALA H 100 -14.51 -7.42 52.10
N GLY H 101 -14.05 -6.25 51.66
CA GLY H 101 -12.66 -6.16 51.24
C GLY H 101 -11.68 -6.31 52.39
N GLU H 102 -12.06 -5.85 53.59
CA GLU H 102 -11.18 -6.07 54.74
C GLU H 102 -11.10 -7.55 55.08
N LEU H 103 -12.20 -8.28 54.87
CA LEU H 103 -12.19 -9.72 55.06
C LEU H 103 -11.29 -10.41 54.04
N LEU H 104 -11.36 -9.97 52.79
CA LEU H 104 -10.44 -10.47 51.77
C LEU H 104 -8.98 -10.26 52.18
N ARG H 105 -8.66 -9.06 52.64
CA ARG H 105 -7.27 -8.68 52.91
C ARG H 105 -6.76 -9.35 54.19
N LYS H 106 -7.65 -9.55 55.17
CA LYS H 106 -7.30 -10.36 56.33
C LYS H 106 -7.06 -11.80 55.95
N ALA H 107 -7.88 -12.34 55.05
CA ALA H 107 -7.67 -13.72 54.60
C ALA H 107 -6.32 -13.85 53.90
N GLU H 108 -5.90 -12.80 53.19
CA GLU H 108 -4.61 -12.81 52.51
C GLU H 108 -3.46 -12.92 53.50
N GLU H 109 -3.65 -12.45 54.73
CA GLU H 109 -2.59 -12.48 55.73
C GLU H 109 -2.41 -13.87 56.32
N LEU H 110 -3.39 -14.76 56.14
CA LEU H 110 -3.28 -16.13 56.66
C LEU H 110 -2.85 -17.12 55.59
N LEU H 111 -3.12 -16.83 54.32
CA LEU H 111 -2.69 -17.73 53.25
C LEU H 111 -1.20 -17.63 53.00
N ASP H 112 -0.61 -16.47 53.31
CA ASP H 112 0.84 -16.38 53.23
C ASP H 112 1.56 -17.02 54.42
N GLN H 113 0.81 -17.57 55.38
CA GLN H 113 1.34 -18.47 56.39
C GLN H 113 1.00 -19.92 56.07
N ASN H 114 0.41 -20.18 54.90
CA ASN H 114 0.11 -21.51 54.38
C ASN H 114 -1.04 -22.18 55.13
N VAL H 115 -2.07 -21.43 55.51
CA VAL H 115 -3.29 -22.02 56.06
C VAL H 115 -4.23 -22.42 54.92
N HIS H 116 -4.78 -23.63 55.01
CA HIS H 116 -5.63 -24.14 53.95
C HIS H 116 -6.88 -23.27 53.79
N PRO H 117 -7.28 -22.95 52.55
CA PRO H 117 -8.49 -22.15 52.34
C PRO H 117 -9.76 -22.69 53.00
N THR H 118 -9.97 -24.02 52.97
CA THR H 118 -11.16 -24.55 53.62
C THR H 118 -11.16 -24.30 55.12
N ILE H 119 -9.98 -24.27 55.74
CA ILE H 119 -9.90 -23.97 57.17
C ILE H 119 -10.34 -22.53 57.42
N VAL H 120 -9.90 -21.60 56.57
CA VAL H 120 -10.33 -20.21 56.69
C VAL H 120 -11.84 -20.10 56.55
N VAL H 121 -12.40 -20.79 55.55
CA VAL H 121 -13.83 -20.68 55.26
C VAL H 121 -14.65 -21.24 56.42
N LYS H 122 -14.25 -22.41 56.95
CA LYS H 122 -14.92 -22.99 58.10
C LYS H 122 -14.76 -22.14 59.37
N GLY H 123 -13.70 -21.35 59.49
CA GLY H 123 -13.65 -20.40 60.59
C GLY H 123 -14.57 -19.21 60.44
N TYR H 124 -14.51 -18.56 59.27
CA TYR H 124 -15.41 -17.43 59.00
C TYR H 124 -16.86 -17.83 59.23
N GLN H 125 -17.23 -19.04 58.79
CA GLN H 125 -18.59 -19.52 58.96
C GLN H 125 -18.99 -19.55 60.44
N ALA H 126 -18.11 -20.07 61.29
CA ALA H 126 -18.40 -20.13 62.72
C ALA H 126 -18.45 -18.75 63.36
N ALA H 127 -17.74 -17.78 62.78
CA ALA H 127 -17.73 -16.43 63.32
C ALA H 127 -19.00 -15.65 62.98
N ALA H 128 -19.52 -15.84 61.76
CA ALA H 128 -20.65 -15.02 61.32
C ALA H 128 -21.94 -15.39 62.05
N GLN H 129 -22.16 -16.67 62.30
CA GLN H 129 -23.33 -17.06 63.10
C GLN H 129 -23.27 -16.49 64.50
N LYS H 130 -22.05 -16.45 65.08
CA LYS H 130 -21.85 -15.84 66.37
C LYS H 130 -22.12 -14.34 66.34
N ALA H 131 -21.74 -13.68 65.24
CA ALA H 131 -22.05 -12.26 65.09
C ALA H 131 -23.55 -12.04 64.96
N GLN H 132 -24.27 -13.01 64.39
CA GLN H 132 -25.74 -12.92 64.35
C GLN H 132 -26.33 -13.00 65.76
N GLU H 133 -25.89 -13.98 66.55
CA GLU H 133 -26.33 -14.08 67.94
C GLU H 133 -26.06 -12.78 68.70
N LEU H 134 -24.84 -12.27 68.58
CA LEU H 134 -24.45 -11.07 69.30
C LEU H 134 -25.26 -9.86 68.87
N LEU H 135 -25.44 -9.67 67.56
CA LEU H 135 -26.25 -8.56 67.07
C LEU H 135 -27.70 -8.67 67.53
N LYS H 136 -28.22 -9.90 67.66
CA LYS H 136 -29.58 -10.08 68.12
C LYS H 136 -29.73 -9.81 69.61
N THR H 137 -28.63 -9.81 70.36
CA THR H 137 -28.71 -9.57 71.81
C THR H 137 -28.16 -8.24 72.29
N ILE H 138 -27.37 -7.51 71.48
CA ILE H 138 -26.86 -6.20 71.90
C ILE H 138 -27.71 -5.03 71.42
N ALA H 139 -28.85 -5.29 70.78
CA ALA H 139 -29.68 -4.23 70.22
C ALA H 139 -30.66 -3.69 71.27
N CYS H 140 -31.25 -2.53 70.97
CA CYS H 140 -32.22 -1.90 71.83
C CYS H 140 -33.62 -1.97 71.20
N GLU H 141 -34.62 -2.21 72.03
CA GLU H 141 -35.98 -2.53 71.58
C GLU H 141 -36.90 -1.33 71.77
N VAL H 142 -37.49 -0.86 70.67
CA VAL H 142 -38.28 0.36 70.65
C VAL H 142 -39.58 0.12 69.89
N GLY H 143 -40.63 0.85 70.28
CA GLY H 143 -41.93 0.69 69.65
C GLY H 143 -42.06 1.48 68.36
N ALA H 144 -42.88 0.95 67.44
CA ALA H 144 -42.94 1.50 66.09
C ALA H 144 -43.73 2.80 66.02
N GLN H 145 -44.48 3.12 67.09
CA GLN H 145 -45.24 4.36 67.17
C GLN H 145 -44.39 5.55 67.60
N ASP H 146 -43.10 5.35 67.86
CA ASP H 146 -42.25 6.32 68.55
C ASP H 146 -41.55 7.21 67.51
N LYS H 147 -42.23 8.32 67.18
CA LYS H 147 -41.83 9.13 66.02
C LYS H 147 -40.52 9.87 66.25
N GLU H 148 -40.18 10.14 67.51
CA GLU H 148 -38.96 10.88 67.85
C GLU H 148 -37.70 10.14 67.42
N ILE H 149 -37.57 8.88 67.84
CA ILE H 149 -36.41 8.10 67.44
C ILE H 149 -36.42 7.88 65.93
N LEU H 150 -37.59 7.84 65.30
CA LEU H 150 -37.65 7.78 63.85
C LEU H 150 -37.03 9.03 63.21
N THR H 151 -37.34 10.20 63.75
CA THR H 151 -36.71 11.43 63.29
C THR H 151 -35.19 11.37 63.43
N LYS H 152 -34.72 10.90 64.60
CA LYS H 152 -33.29 10.83 64.87
C LYS H 152 -32.59 9.88 63.90
N ILE H 153 -33.23 8.76 63.58
CA ILE H 153 -32.66 7.80 62.63
C ILE H 153 -32.62 8.40 61.22
N ALA H 154 -33.66 9.14 60.85
CA ALA H 154 -33.72 9.76 59.53
C ALA H 154 -32.60 10.78 59.36
N MET H 155 -32.42 11.63 60.39
CA MET H 155 -31.32 12.59 60.39
C MET H 155 -29.97 11.88 60.29
N THR H 156 -29.82 10.76 61.01
CA THR H 156 -28.59 9.97 60.92
C THR H 156 -28.38 9.44 59.51
N SER H 157 -29.46 9.23 58.77
CA SER H 157 -29.34 8.70 57.41
C SER H 157 -28.90 9.80 56.43
N ILE H 158 -29.27 11.05 56.71
CA ILE H 158 -29.00 12.17 55.82
C ILE H 158 -27.61 12.78 56.08
N THR H 159 -27.04 12.57 57.26
CA THR H 159 -25.75 13.13 57.63
C THR H 159 -24.62 12.63 56.74
N GLY H 160 -23.76 13.56 56.29
CA GLY H 160 -22.63 13.21 55.45
C GLY H 160 -22.88 13.23 53.95
N LYS H 161 -24.02 13.77 53.49
CA LYS H 161 -24.41 13.64 52.09
C LYS H 161 -24.50 14.97 51.35
N GLY H 162 -23.93 16.04 51.89
CA GLY H 162 -23.98 17.32 51.21
C GLY H 162 -25.30 18.06 51.34
N ALA H 163 -26.41 17.31 51.33
CA ALA H 163 -27.72 17.86 51.66
C ALA H 163 -27.97 17.82 53.15
N GLU H 164 -26.98 18.21 53.97
CA GLU H 164 -27.13 18.23 55.42
C GLU H 164 -27.91 19.44 55.90
N LYS H 165 -27.92 20.50 55.10
CA LYS H 165 -28.40 21.79 55.59
C LYS H 165 -29.90 21.77 55.81
N ALA H 166 -30.59 20.84 55.16
CA ALA H 166 -32.03 20.70 55.27
C ALA H 166 -32.48 19.48 56.08
N LYS H 167 -31.57 18.77 56.76
CA LYS H 167 -31.94 17.47 57.32
C LYS H 167 -33.02 17.59 58.39
N GLU H 168 -33.04 18.69 59.14
CA GLU H 168 -34.00 18.85 60.23
C GLU H 168 -35.39 19.22 59.73
N LYS H 169 -35.55 19.42 58.43
CA LYS H 169 -36.87 19.53 57.80
C LYS H 169 -37.23 18.25 57.03
N LEU H 170 -36.24 17.72 56.30
CA LEU H 170 -36.44 16.48 55.56
C LEU H 170 -36.85 15.35 56.48
N ALA H 171 -36.34 15.35 57.71
CA ALA H 171 -36.68 14.32 58.68
C ALA H 171 -38.17 14.31 58.99
N GLU H 172 -38.74 15.48 59.29
CA GLU H 172 -40.19 15.55 59.55
C GLU H 172 -41.00 15.13 58.34
N ILE H 173 -40.60 15.65 57.17
CA ILE H 173 -41.32 15.33 55.92
C ILE H 173 -41.35 13.83 55.71
N ILE H 174 -40.18 13.17 55.82
CA ILE H 174 -40.08 11.75 55.53
C ILE H 174 -40.79 10.92 56.58
N VAL H 175 -40.74 11.33 57.85
CA VAL H 175 -41.41 10.57 58.90
C VAL H 175 -42.91 10.55 58.66
N GLU H 176 -43.50 11.71 58.36
CA GLU H 176 -44.93 11.70 58.05
C GLU H 176 -45.23 10.92 56.78
N ALA H 177 -44.39 11.10 55.74
CA ALA H 177 -44.61 10.44 54.45
C ALA H 177 -44.66 8.93 54.60
N VAL H 178 -43.74 8.39 55.41
CA VAL H 178 -43.66 6.94 55.60
C VAL H 178 -44.77 6.47 56.54
N SER H 179 -45.08 7.29 57.55
CA SER H 179 -46.11 6.88 58.52
C SER H 179 -47.47 6.77 57.86
N ALA H 180 -47.66 7.47 56.75
CA ALA H 180 -48.93 7.44 56.02
C ALA H 180 -49.16 6.07 55.40
N VAL H 181 -48.10 5.48 54.84
CA VAL H 181 -48.19 4.31 53.96
C VAL H 181 -47.96 3.00 54.71
N VAL H 182 -47.89 3.05 56.04
CA VAL H 182 -47.84 1.84 56.85
C VAL H 182 -49.18 1.13 56.73
N ASP H 183 -49.18 -0.08 56.17
CA ASP H 183 -50.41 -0.72 55.76
C ASP H 183 -51.11 -1.38 56.95
N ASP H 184 -52.33 -1.87 56.71
CA ASP H 184 -53.13 -2.41 57.80
C ASP H 184 -52.51 -3.65 58.43
N GLU H 185 -51.45 -4.20 57.84
CA GLU H 185 -50.70 -5.29 58.44
C GLU H 185 -49.37 -4.84 59.05
N GLY H 186 -49.11 -3.54 59.11
CA GLY H 186 -47.91 -3.02 59.75
C GLY H 186 -46.63 -3.15 58.96
N LYS H 187 -46.70 -3.01 57.64
CA LYS H 187 -45.52 -3.15 56.78
C LYS H 187 -45.45 -1.96 55.83
N VAL H 188 -44.22 -1.56 55.50
CA VAL H 188 -43.97 -0.37 54.69
C VAL H 188 -43.61 -0.81 53.28
N ASP H 189 -44.34 -0.28 52.30
CA ASP H 189 -44.02 -0.49 50.89
C ASP H 189 -43.50 0.83 50.31
N LYS H 190 -42.33 0.76 49.67
CA LYS H 190 -41.64 1.98 49.27
C LYS H 190 -42.28 2.63 48.05
N ASP H 191 -42.86 1.83 47.16
CA ASP H 191 -43.46 2.35 45.94
C ASP H 191 -44.78 3.07 46.19
N LEU H 192 -45.31 3.01 47.42
CA LEU H 192 -46.51 3.79 47.73
C LEU H 192 -46.19 5.26 48.02
N ILE H 193 -44.92 5.64 47.98
CA ILE H 193 -44.48 7.02 48.11
C ILE H 193 -43.92 7.49 46.77
N LYS H 194 -44.44 8.59 46.25
CA LYS H 194 -44.07 9.09 44.94
C LYS H 194 -43.10 10.25 45.13
N ILE H 195 -41.95 10.18 44.46
CA ILE H 195 -40.89 11.16 44.63
C ILE H 195 -40.76 11.94 43.34
N GLU H 196 -40.94 13.25 43.42
CA GLU H 196 -40.95 14.10 42.24
C GLU H 196 -39.90 15.20 42.36
N LYS H 197 -39.30 15.55 41.22
CA LYS H 197 -38.04 16.28 41.16
C LYS H 197 -38.16 17.51 40.26
N LYS H 198 -38.69 18.60 40.80
CA LYS H 198 -38.98 19.80 40.03
C LYS H 198 -38.04 20.92 40.46
N SER H 199 -37.27 21.44 39.51
CA SER H 199 -36.20 22.38 39.81
C SER H 199 -36.76 23.77 40.13
N GLY H 200 -35.85 24.72 40.37
CA GLY H 200 -36.22 26.03 40.85
C GLY H 200 -36.32 26.08 42.36
N ALA H 201 -36.26 27.29 42.90
CA ALA H 201 -36.18 27.53 44.35
C ALA H 201 -35.00 26.80 45.01
N SER H 202 -34.96 26.82 46.34
CA SER H 202 -33.88 26.21 47.11
C SER H 202 -34.35 24.97 47.85
N ILE H 203 -33.37 24.14 48.24
CA ILE H 203 -33.62 22.83 48.82
C ILE H 203 -34.57 22.91 50.02
N ASP H 204 -34.62 24.07 50.67
CA ASP H 204 -35.50 24.26 51.82
C ASP H 204 -36.94 24.52 51.41
N ASP H 205 -37.23 24.70 50.12
CA ASP H 205 -38.58 24.84 49.61
C ASP H 205 -39.23 23.50 49.27
N THR H 206 -38.57 22.38 49.60
CA THR H 206 -39.19 21.07 49.45
C THR H 206 -40.41 20.93 50.36
N GLU H 207 -41.43 20.24 49.89
CA GLU H 207 -42.69 20.12 50.63
C GLU H 207 -43.33 18.77 50.37
N LEU H 208 -44.34 18.48 51.18
CA LEU H 208 -45.07 17.20 51.15
C LEU H 208 -46.51 17.43 50.71
N ILE H 209 -46.98 16.63 49.75
CA ILE H 209 -48.35 16.71 49.28
C ILE H 209 -49.11 15.48 49.77
N LYS H 210 -50.24 15.72 50.44
CA LYS H 210 -51.12 14.65 50.86
C LYS H 210 -52.05 14.25 49.71
N GLY H 211 -51.44 13.78 48.63
CA GLY H 211 -52.19 13.56 47.40
C GLY H 211 -51.25 13.32 46.23
N VAL H 212 -51.63 13.76 45.03
CA VAL H 212 -50.89 13.40 43.83
C VAL H 212 -50.62 14.64 42.99
N LEU H 213 -49.52 14.53 42.22
CA LEU H 213 -49.18 15.55 41.26
C LEU H 213 -49.21 14.71 39.98
N VAL H 214 -49.93 15.12 38.95
CA VAL H 214 -50.11 14.38 37.70
C VAL H 214 -49.48 15.18 36.56
N ASP H 215 -48.77 14.47 35.67
CA ASP H 215 -48.10 15.10 34.54
C ASP H 215 -49.07 15.32 33.38
N LYS H 216 -50.14 16.08 33.63
CA LYS H 216 -51.20 16.25 32.65
C LYS H 216 -51.81 17.64 32.77
N GLU H 217 -52.44 18.08 31.68
CA GLU H 217 -53.29 19.26 31.69
C GLU H 217 -54.64 18.91 31.10
N ARG H 218 -55.68 19.64 31.53
CA ARG H 218 -57.04 19.27 31.18
C ARG H 218 -57.27 19.44 29.69
N VAL H 219 -58.19 18.62 29.16
CA VAL H 219 -58.29 18.44 27.71
C VAL H 219 -58.83 19.69 27.03
N SER H 220 -59.84 20.34 27.62
CA SER H 220 -60.52 21.47 26.99
C SER H 220 -60.44 22.67 27.91
N ALA H 221 -60.05 23.83 27.37
CA ALA H 221 -59.71 24.97 28.24
C ALA H 221 -60.93 25.68 28.80
N GLN H 222 -62.13 25.36 28.34
CA GLN H 222 -63.36 25.85 28.94
C GLN H 222 -63.63 25.17 30.27
N MET H 223 -62.96 24.04 30.52
CA MET H 223 -63.11 23.24 31.73
C MET H 223 -62.59 23.97 32.96
N PRO H 224 -63.33 24.01 34.06
CA PRO H 224 -62.90 24.79 35.23
C PRO H 224 -61.54 24.37 35.72
N LYS H 225 -60.69 25.35 36.01
CA LYS H 225 -59.29 25.11 36.34
C LYS H 225 -59.10 24.88 37.84
N LYS H 226 -60.13 25.12 38.64
CA LYS H 226 -60.09 24.92 40.08
C LYS H 226 -61.41 24.31 40.53
N VAL H 227 -61.33 23.24 41.32
CA VAL H 227 -62.52 22.56 41.85
C VAL H 227 -62.29 22.25 43.32
N THR H 228 -63.32 22.43 44.14
CA THR H 228 -63.27 22.15 45.57
C THR H 228 -64.25 21.02 45.90
N ASP H 229 -63.89 20.19 46.89
CA ASP H 229 -64.61 18.96 47.20
C ASP H 229 -64.95 18.16 45.93
N ALA H 230 -63.91 17.85 45.17
CA ALA H 230 -64.03 17.13 43.90
C ALA H 230 -64.65 15.74 44.07
N LYS H 231 -65.42 15.33 43.07
CA LYS H 231 -65.94 13.97 42.91
C LYS H 231 -65.25 13.37 41.70
N ILE H 232 -64.28 12.49 41.95
CA ILE H 232 -63.32 12.10 40.93
C ILE H 232 -63.72 10.73 40.38
N ALA H 233 -63.80 10.62 39.05
CA ALA H 233 -64.10 9.35 38.39
C ALA H 233 -62.90 8.89 37.58
N LEU H 234 -62.55 7.62 37.73
CA LEU H 234 -61.41 7.02 37.03
C LEU H 234 -61.89 5.93 36.08
N LEU H 235 -61.43 6.00 34.84
CA LEU H 235 -61.82 5.06 33.79
C LEU H 235 -60.61 4.39 33.15
N ASN H 236 -60.76 3.09 32.87
CA ASN H 236 -59.77 2.33 32.11
C ASN H 236 -60.19 2.19 30.65
N CYS H 237 -61.49 2.37 30.39
CA CYS H 237 -62.01 2.40 29.03
C CYS H 237 -61.91 3.81 28.45
N ALA H 238 -61.73 3.87 27.13
CA ALA H 238 -61.67 5.11 26.38
C ALA H 238 -63.07 5.60 26.04
N ILE H 239 -63.25 6.93 26.06
CA ILE H 239 -64.54 7.52 25.69
C ILE H 239 -64.48 7.77 24.19
N GLU H 240 -64.88 6.76 23.42
CA GLU H 240 -64.81 6.80 21.96
C GLU H 240 -65.90 5.88 21.42
N ILE H 241 -66.18 6.02 20.12
CA ILE H 241 -67.21 5.19 19.51
C ILE H 241 -66.71 3.76 19.36
N LYS H 242 -67.49 2.82 19.88
CA LYS H 242 -67.07 1.42 19.88
C LYS H 242 -67.00 0.87 18.46
N GLU H 243 -66.11 -0.09 18.26
CA GLU H 243 -65.97 -0.84 17.01
C GLU H 243 -66.48 -2.26 17.22
N THR H 244 -66.86 -2.91 16.12
CA THR H 244 -67.25 -4.32 16.18
C THR H 244 -66.06 -5.21 15.85
N GLU H 245 -65.77 -6.14 16.76
CA GLU H 245 -64.66 -7.06 16.55
C GLU H 245 -65.00 -8.17 15.56
N THR H 246 -65.97 -7.90 14.67
CA THR H 246 -66.39 -8.81 13.61
C THR H 246 -66.37 -8.18 12.22
N ASP H 247 -65.96 -6.91 12.11
CA ASP H 247 -65.90 -6.12 10.87
C ASP H 247 -67.26 -5.76 10.25
N ALA H 248 -67.37 -4.52 9.74
CA ALA H 248 -68.65 -3.87 9.43
C ALA H 248 -68.56 -2.94 8.23
N GLU H 249 -69.70 -2.80 7.54
CA GLU H 249 -69.94 -1.79 6.51
C GLU H 249 -71.39 -1.33 6.63
N ILE H 250 -71.63 -0.02 6.47
CA ILE H 250 -72.98 0.51 6.72
C ILE H 250 -73.88 0.59 5.48
N ARG H 251 -73.30 0.71 4.28
CA ARG H 251 -74.03 0.60 3.02
C ARG H 251 -75.24 1.52 2.91
N ILE H 252 -75.02 2.71 2.34
CA ILE H 252 -76.04 3.76 2.35
C ILE H 252 -76.75 3.81 1.00
N THR H 253 -77.96 3.27 0.96
CA THR H 253 -78.67 3.13 -0.31
C THR H 253 -79.62 4.31 -0.53
N ASP H 254 -80.09 4.94 0.55
CA ASP H 254 -80.89 6.16 0.46
C ASP H 254 -80.01 7.35 0.83
N PRO H 255 -79.84 8.33 -0.07
CA PRO H 255 -79.12 9.57 0.29
C PRO H 255 -79.56 10.20 1.60
N ALA H 256 -80.86 10.14 1.92
CA ALA H 256 -81.36 10.74 3.15
C ALA H 256 -80.77 10.14 4.42
N LYS H 257 -80.00 9.07 4.31
CA LYS H 257 -79.45 8.39 5.48
C LYS H 257 -77.96 8.63 5.67
N LEU H 258 -77.42 9.73 5.13
CA LEU H 258 -76.06 10.13 5.46
C LEU H 258 -76.00 10.80 6.83
N MET H 259 -76.81 11.86 7.02
CA MET H 259 -76.81 12.59 8.27
C MET H 259 -77.33 11.74 9.44
N GLU H 260 -78.23 10.80 9.15
CA GLU H 260 -78.80 9.98 10.22
C GLU H 260 -77.75 9.07 10.84
N PHE H 261 -76.96 8.39 10.01
CA PHE H 261 -75.87 7.59 10.56
C PHE H 261 -74.92 8.42 11.41
N ILE H 262 -74.62 9.65 10.95
CA ILE H 262 -73.66 10.50 11.63
C ILE H 262 -74.22 11.02 12.96
N GLU H 263 -75.48 11.44 12.96
CA GLU H 263 -76.16 11.84 14.19
C GLU H 263 -76.20 10.71 15.22
N GLN H 264 -76.40 9.47 14.78
CA GLN H 264 -76.43 8.38 15.76
C GLN H 264 -75.06 8.13 16.36
N GLU H 265 -73.99 8.27 15.56
CA GLU H 265 -72.68 8.24 16.21
C GLU H 265 -72.49 9.40 17.20
N GLU H 266 -73.01 10.59 16.88
CA GLU H 266 -72.92 11.68 17.86
C GLU H 266 -73.69 11.35 19.15
N LYS H 267 -74.86 10.71 19.01
CA LYS H 267 -75.67 10.40 20.19
C LYS H 267 -74.99 9.33 21.05
N MET H 268 -74.25 8.42 20.43
CA MET H 268 -73.56 7.38 21.20
C MET H 268 -72.45 7.95 22.08
N LEU H 269 -71.99 9.17 21.82
CA LEU H 269 -71.09 9.85 22.75
C LEU H 269 -71.86 10.70 23.76
N LYS H 270 -72.95 11.33 23.27
CA LYS H 270 -73.77 12.16 24.14
C LYS H 270 -74.29 11.38 25.34
N ASP H 271 -74.68 10.13 25.11
CA ASP H 271 -75.21 9.31 26.19
C ASP H 271 -74.14 8.89 27.19
N MET H 272 -72.91 8.66 26.73
CA MET H 272 -71.82 8.37 27.66
C MET H 272 -71.59 9.54 28.60
N VAL H 273 -71.63 10.76 28.06
CA VAL H 273 -71.40 11.93 28.91
C VAL H 273 -72.58 12.14 29.87
N ALA H 274 -73.80 11.93 29.40
CA ALA H 274 -74.96 11.93 30.28
C ALA H 274 -74.78 10.95 31.44
N GLU H 275 -74.29 9.75 31.16
CA GLU H 275 -74.10 8.73 32.19
C GLU H 275 -73.00 9.12 33.17
N ILE H 276 -71.91 9.70 32.67
CA ILE H 276 -70.85 10.15 33.57
C ILE H 276 -71.39 11.21 34.51
N LYS H 277 -72.26 12.08 34.00
CA LYS H 277 -72.84 13.13 34.84
C LYS H 277 -73.79 12.54 35.89
N ALA H 278 -74.60 11.56 35.49
CA ALA H 278 -75.58 10.99 36.41
C ALA H 278 -74.93 10.25 37.57
N SER H 279 -73.68 9.78 37.42
CA SER H 279 -72.99 9.23 38.58
C SER H 279 -72.77 10.26 39.68
N GLY H 280 -72.67 11.54 39.33
CA GLY H 280 -72.37 12.57 40.30
C GLY H 280 -70.99 13.19 40.16
N ALA H 281 -70.23 12.79 39.14
CA ALA H 281 -68.84 13.19 39.01
C ALA H 281 -68.72 14.65 38.60
N ASN H 282 -67.57 15.26 38.92
CA ASN H 282 -67.20 16.55 38.34
C ASN H 282 -65.71 16.65 37.99
N VAL H 283 -64.94 15.59 38.19
CA VAL H 283 -63.55 15.49 37.74
C VAL H 283 -63.35 14.08 37.18
N LEU H 284 -62.61 14.00 36.08
CA LEU H 284 -62.44 12.76 35.32
C LEU H 284 -60.98 12.51 34.97
N PHE H 285 -60.57 11.24 35.03
CA PHE H 285 -59.31 10.76 34.51
C PHE H 285 -59.56 9.54 33.64
N CYS H 286 -58.92 9.51 32.48
CA CYS H 286 -59.02 8.40 31.54
C CYS H 286 -57.63 7.85 31.24
N GLN H 287 -57.46 6.53 31.43
CA GLN H 287 -56.20 5.88 31.09
C GLN H 287 -56.00 5.72 29.59
N LYS H 288 -56.89 6.29 28.78
CA LYS H 288 -56.98 6.03 27.34
C LYS H 288 -57.67 7.23 26.68
N GLY H 289 -57.96 7.10 25.39
CA GLY H 289 -58.35 8.27 24.61
C GLY H 289 -59.74 8.79 24.92
N ILE H 290 -59.89 10.10 24.76
CA ILE H 290 -61.19 10.77 24.77
C ILE H 290 -61.30 11.52 23.45
N ASP H 291 -62.42 11.31 22.73
CA ASP H 291 -62.63 11.94 21.44
C ASP H 291 -62.89 13.43 21.57
N ASP H 292 -62.61 14.17 20.49
CA ASP H 292 -62.75 15.62 20.51
C ASP H 292 -64.20 16.09 20.60
N LEU H 293 -65.18 15.24 20.28
CA LEU H 293 -66.57 15.60 20.54
C LEU H 293 -66.99 15.26 21.97
N ALA H 294 -66.45 14.17 22.51
CA ALA H 294 -66.64 13.84 23.92
C ALA H 294 -66.12 14.96 24.80
N GLN H 295 -64.98 15.53 24.42
CA GLN H 295 -64.38 16.68 25.10
C GLN H 295 -65.33 17.88 25.10
N HIS H 296 -66.04 18.07 23.99
CA HIS H 296 -67.04 19.12 23.90
C HIS H 296 -68.14 18.90 24.93
N TYR H 297 -68.71 17.69 24.96
CA TYR H 297 -69.84 17.50 25.89
C TYR H 297 -69.37 17.59 27.34
N LEU H 298 -68.16 17.09 27.61
CA LEU H 298 -67.56 17.25 28.94
C LEU H 298 -67.38 18.72 29.34
N ALA H 299 -66.86 19.55 28.42
CA ALA H 299 -66.75 20.99 28.71
C ALA H 299 -68.11 21.69 28.70
N LYS H 300 -69.13 21.05 28.15
CA LYS H 300 -70.45 21.67 28.15
C LYS H 300 -71.19 21.35 29.45
N GLU H 301 -70.86 20.22 30.05
CA GLU H 301 -71.45 19.81 31.32
C GLU H 301 -70.68 20.36 32.53
N GLY H 302 -69.56 21.05 32.29
CA GLY H 302 -68.64 21.42 33.35
C GLY H 302 -67.99 20.29 34.14
N ILE H 303 -67.46 19.29 33.45
CA ILE H 303 -66.69 18.21 34.06
C ILE H 303 -65.24 18.34 33.61
N VAL H 304 -64.30 18.24 34.57
CA VAL H 304 -62.88 18.39 34.25
C VAL H 304 -62.31 17.01 33.93
N ALA H 305 -61.58 16.92 32.81
CA ALA H 305 -61.12 15.64 32.28
C ALA H 305 -59.67 15.69 31.82
N ALA H 306 -58.93 14.62 32.13
CA ALA H 306 -57.61 14.35 31.56
C ALA H 306 -57.63 12.97 30.91
N ARG H 307 -56.76 12.77 29.93
CA ARG H 307 -56.78 11.56 29.11
C ARG H 307 -55.40 10.92 29.01
N ARG H 308 -55.40 9.65 28.60
CA ARG H 308 -54.18 8.86 28.44
C ARG H 308 -53.27 8.92 29.67
N VAL H 309 -53.87 8.81 30.85
CA VAL H 309 -53.14 8.82 32.11
C VAL H 309 -52.48 7.47 32.28
N LYS H 310 -51.24 7.48 32.72
CA LYS H 310 -50.47 6.26 32.85
C LYS H 310 -50.92 5.43 34.07
N LYS H 311 -50.69 4.13 33.98
CA LYS H 311 -51.30 3.16 34.89
C LYS H 311 -50.89 3.39 36.34
N SER H 312 -49.61 3.72 36.56
CA SER H 312 -49.12 3.94 37.92
C SER H 312 -49.78 5.15 38.55
N ASP H 313 -49.99 6.20 37.76
CA ASP H 313 -50.73 7.36 38.23
C ASP H 313 -52.18 7.00 38.53
N MET H 314 -52.77 6.09 37.75
CA MET H 314 -54.11 5.59 38.03
C MET H 314 -54.17 4.88 39.38
N GLU H 315 -53.16 4.05 39.65
CA GLU H 315 -53.04 3.35 40.93
C GLU H 315 -52.96 4.35 42.08
N LYS H 316 -52.10 5.36 41.94
CA LYS H 316 -51.89 6.32 43.02
C LYS H 316 -53.11 7.21 43.23
N LEU H 317 -53.82 7.57 42.16
CA LEU H 317 -55.08 8.27 42.31
C LEU H 317 -56.13 7.43 43.04
N ALA H 318 -56.31 6.17 42.62
CA ALA H 318 -57.24 5.28 43.29
C ALA H 318 -56.90 5.11 44.76
N LYS H 319 -55.60 5.01 45.06
CA LYS H 319 -55.16 4.90 46.44
C LYS H 319 -55.49 6.17 47.23
N ALA H 320 -55.22 7.33 46.64
CA ALA H 320 -55.27 8.59 47.38
C ALA H 320 -56.70 9.02 47.65
N THR H 321 -57.57 8.90 46.65
CA THR H 321 -58.94 9.39 46.69
C THR H 321 -59.94 8.37 47.20
N GLY H 322 -59.65 7.08 47.04
CA GLY H 322 -60.62 6.03 47.32
C GLY H 322 -61.55 5.70 46.18
N ALA H 323 -61.24 6.21 44.98
CA ALA H 323 -62.02 5.89 43.80
C ALA H 323 -61.68 4.50 43.29
N ASN H 324 -62.59 3.93 42.50
CA ASN H 324 -62.41 2.64 41.88
C ASN H 324 -62.24 2.80 40.38
N VAL H 325 -61.17 2.21 39.83
CA VAL H 325 -60.98 2.26 38.39
C VAL H 325 -62.05 1.42 37.71
N ILE H 326 -62.77 2.03 36.77
CA ILE H 326 -63.93 1.42 36.12
C ILE H 326 -63.55 1.08 34.70
N THR H 327 -63.96 -0.10 34.23
CA THR H 327 -63.64 -0.53 32.87
C THR H 327 -64.79 -0.36 31.89
N ASN H 328 -66.00 -0.05 32.37
CA ASN H 328 -67.19 0.05 31.52
C ASN H 328 -68.15 1.07 32.14
N ILE H 329 -68.61 2.03 31.34
CA ILE H 329 -69.25 3.21 31.91
C ILE H 329 -70.68 2.91 32.38
N LYS H 330 -71.28 1.83 31.89
CA LYS H 330 -72.64 1.50 32.28
C LYS H 330 -72.76 1.09 33.74
N ASP H 331 -71.65 0.71 34.36
CA ASP H 331 -71.69 0.28 35.75
C ASP H 331 -71.31 1.38 36.72
N LEU H 332 -70.82 2.51 36.20
CA LEU H 332 -70.35 3.61 37.02
C LEU H 332 -71.49 4.20 37.83
N SER H 333 -71.25 4.39 39.13
CA SER H 333 -72.29 4.79 40.08
C SER H 333 -71.67 5.67 41.15
N ALA H 334 -72.50 6.13 42.11
CA ALA H 334 -71.97 6.93 43.20
C ALA H 334 -71.10 6.12 44.15
N GLN H 335 -71.14 4.78 44.01
CA GLN H 335 -70.33 3.89 44.83
C GLN H 335 -68.86 3.92 44.41
N ASP H 336 -68.60 4.29 43.17
CA ASP H 336 -67.29 4.17 42.56
C ASP H 336 -66.49 5.47 42.61
N LEU H 337 -67.08 6.55 43.10
CA LEU H 337 -66.45 7.86 43.03
C LEU H 337 -65.58 8.13 44.25
N GLY H 338 -64.38 8.68 44.01
CA GLY H 338 -63.54 9.12 45.10
C GLY H 338 -63.83 10.56 45.49
N ASP H 339 -63.16 11.01 46.55
CA ASP H 339 -63.36 12.36 47.08
C ASP H 339 -62.01 13.01 47.37
N ALA H 340 -61.92 14.31 47.09
CA ALA H 340 -60.73 15.09 47.37
C ALA H 340 -61.09 16.57 47.50
N GLY H 341 -60.54 17.20 48.54
CA GLY H 341 -60.98 18.53 48.92
C GLY H 341 -60.62 19.62 47.92
N LEU H 342 -59.55 19.43 47.16
CA LEU H 342 -59.10 20.46 46.24
C LEU H 342 -58.39 19.85 45.03
N VAL H 343 -58.80 20.28 43.84
CA VAL H 343 -58.13 19.93 42.58
C VAL H 343 -57.91 21.22 41.79
N GLU H 344 -56.69 21.42 41.30
CA GLU H 344 -56.38 22.61 40.50
C GLU H 344 -55.22 22.33 39.57
N GLU H 345 -55.29 22.87 38.36
CA GLU H 345 -54.15 22.87 37.45
C GLU H 345 -53.25 24.06 37.76
N ARG H 346 -51.94 23.82 37.78
CA ARG H 346 -50.96 24.87 38.02
C ARG H 346 -49.79 24.77 37.05
N LYS H 347 -49.03 25.87 36.94
CA LYS H 347 -47.77 25.87 36.19
C LYS H 347 -46.63 26.00 37.18
N ILE H 348 -45.70 25.05 37.16
CA ILE H 348 -44.61 25.00 38.12
C ILE H 348 -43.35 24.57 37.37
N SER H 349 -42.24 25.30 37.60
CA SER H 349 -40.94 24.96 37.02
C SER H 349 -40.98 24.88 35.50
N GLY H 350 -41.99 25.50 34.91
CA GLY H 350 -42.20 25.58 33.48
C GLY H 350 -43.12 24.52 32.91
N ASP H 351 -43.57 23.58 33.73
CA ASP H 351 -44.46 22.50 33.30
C ASP H 351 -45.87 22.71 33.86
N SER H 352 -46.86 22.47 33.01
CA SER H 352 -48.26 22.43 33.43
C SER H 352 -48.57 21.10 34.11
N MET H 353 -49.10 21.17 35.33
CA MET H 353 -49.39 19.95 36.08
C MET H 353 -50.70 20.10 36.84
N ILE H 354 -51.36 18.97 37.09
CA ILE H 354 -52.61 18.91 37.83
C ILE H 354 -52.32 18.44 39.24
N PHE H 355 -52.84 19.18 40.23
CA PHE H 355 -52.58 18.93 41.63
C PHE H 355 -53.85 18.43 42.33
N VAL H 356 -53.73 17.34 43.08
CA VAL H 356 -54.82 16.82 43.90
C VAL H 356 -54.44 16.96 45.36
N GLU H 357 -55.31 17.61 46.15
CA GLU H 357 -54.95 17.94 47.53
C GLU H 357 -56.14 17.72 48.48
N GLU H 358 -55.80 17.66 49.76
CA GLU H 358 -56.77 17.46 50.85
C GLU H 358 -57.62 16.21 50.62
N CYS H 359 -56.94 15.06 50.58
CA CYS H 359 -57.59 13.79 50.30
C CYS H 359 -58.28 13.24 51.54
N LYS H 360 -59.33 12.45 51.29
CA LYS H 360 -60.22 12.01 52.37
C LYS H 360 -59.51 11.05 53.32
N HIS H 361 -58.77 10.09 52.78
CA HIS H 361 -57.94 9.19 53.57
C HIS H 361 -56.81 8.66 52.70
N PRO H 362 -55.71 9.41 52.59
CA PRO H 362 -54.64 9.04 51.64
C PRO H 362 -53.85 7.82 52.08
N LYS H 363 -53.93 6.76 51.27
CA LYS H 363 -53.03 5.62 51.38
C LYS H 363 -51.79 5.75 50.50
N ALA H 364 -51.60 6.91 49.86
CA ALA H 364 -50.40 7.20 49.08
C ALA H 364 -50.11 8.69 49.15
N VAL H 365 -48.82 9.05 49.14
CA VAL H 365 -48.39 10.44 49.31
C VAL H 365 -47.28 10.77 48.31
N THR H 366 -47.14 12.07 48.03
CA THR H 366 -46.16 12.58 47.08
C THR H 366 -45.22 13.57 47.76
N MET H 367 -43.93 13.41 47.53
CA MET H 367 -42.90 14.32 48.04
C MET H 367 -42.29 15.10 46.88
N LEU H 368 -42.30 16.43 47.00
CA LEU H 368 -41.89 17.34 45.92
C LEU H 368 -40.54 17.95 46.28
N ILE H 369 -39.48 17.46 45.62
CA ILE H 369 -38.12 17.90 45.93
C ILE H 369 -37.76 19.09 45.03
N ARG H 370 -37.34 20.19 45.65
CA ARG H 370 -36.98 21.41 44.95
C ARG H 370 -35.46 21.61 44.99
N GLY H 371 -34.96 22.47 44.09
CA GLY H 371 -33.53 22.69 44.01
C GLY H 371 -33.07 23.55 42.84
N THR H 372 -31.92 24.20 43.02
CA THR H 372 -31.42 25.20 42.09
C THR H 372 -30.71 24.59 40.90
N THR H 373 -30.67 23.26 40.79
CA THR H 373 -29.85 22.63 39.75
C THR H 373 -30.21 21.16 39.70
N GLU H 374 -30.12 20.58 38.49
CA GLU H 374 -30.55 19.20 38.31
C GLU H 374 -29.59 18.23 38.99
N HIS H 375 -28.29 18.53 38.96
CA HIS H 375 -27.32 17.73 39.69
C HIS H 375 -27.54 17.80 41.19
N VAL H 376 -28.20 18.85 41.68
CA VAL H 376 -28.50 18.93 43.10
C VAL H 376 -29.65 17.99 43.45
N ILE H 377 -30.68 17.98 42.61
CA ILE H 377 -31.90 17.23 42.89
C ILE H 377 -31.66 15.74 42.69
N GLU H 378 -30.83 15.39 41.72
CA GLU H 378 -30.46 13.99 41.48
C GLU H 378 -29.66 13.43 42.65
N GLU H 379 -29.22 14.30 43.58
CA GLU H 379 -28.58 13.79 44.80
C GLU H 379 -29.52 13.84 45.99
N VAL H 380 -30.33 14.90 46.08
CA VAL H 380 -31.29 14.98 47.18
C VAL H 380 -32.26 13.81 47.13
N ALA H 381 -32.61 13.35 45.93
CA ALA H 381 -33.49 12.19 45.80
C ALA H 381 -32.87 10.95 46.46
N ARG H 382 -31.57 10.74 46.26
CA ARG H 382 -30.88 9.62 46.89
C ARG H 382 -30.88 9.79 48.41
N ALA H 383 -30.57 11.01 48.88
CA ALA H 383 -30.53 11.27 50.31
C ALA H 383 -31.90 11.10 50.97
N VAL H 384 -32.98 11.13 50.18
CA VAL H 384 -34.30 10.91 50.75
C VAL H 384 -34.67 9.42 50.68
N ASP H 385 -34.25 8.75 49.60
CA ASP H 385 -34.54 7.33 49.46
C ASP H 385 -33.91 6.53 50.60
N ASP H 386 -32.69 6.91 51.00
CA ASP H 386 -32.00 6.21 52.09
C ASP H 386 -32.75 6.35 53.43
N ALA H 387 -33.29 7.54 53.69
CA ALA H 387 -34.05 7.77 54.91
C ALA H 387 -35.38 7.04 54.90
N VAL H 388 -36.05 6.97 53.75
CA VAL H 388 -37.26 6.15 53.65
C VAL H 388 -36.92 4.69 53.99
N GLY H 389 -35.80 4.19 53.47
CA GLY H 389 -35.31 2.88 53.85
C GLY H 389 -35.19 2.63 55.34
N VAL H 390 -34.31 3.41 56.00
CA VAL H 390 -34.08 3.19 57.43
C VAL H 390 -35.33 3.42 58.28
N VAL H 391 -36.23 4.31 57.88
CA VAL H 391 -37.46 4.51 58.62
C VAL H 391 -38.37 3.29 58.50
N GLY H 392 -38.51 2.74 57.29
CA GLY H 392 -39.26 1.51 57.14
C GLY H 392 -38.69 0.37 57.98
N CYS H 393 -37.36 0.25 57.99
CA CYS H 393 -36.73 -0.80 58.80
C CYS H 393 -37.09 -0.69 60.27
N THR H 394 -37.02 0.52 60.82
CA THR H 394 -37.35 0.72 62.24
C THR H 394 -38.83 0.46 62.51
N ILE H 395 -39.70 0.84 61.57
CA ILE H 395 -41.14 0.67 61.77
C ILE H 395 -41.53 -0.80 61.71
N GLU H 396 -40.84 -1.57 60.86
CA GLU H 396 -41.19 -2.98 60.68
C GLU H 396 -40.62 -3.84 61.80
N ASP H 397 -39.34 -3.64 62.15
CA ASP H 397 -38.69 -4.54 63.09
C ASP H 397 -38.76 -4.06 64.55
N GLY H 398 -38.82 -2.76 64.75
CA GLY H 398 -38.70 -2.15 66.07
C GLY H 398 -37.47 -2.52 66.87
N ARG H 399 -36.29 -2.48 66.27
CA ARG H 399 -35.02 -2.74 66.95
C ARG H 399 -33.96 -1.80 66.40
N ILE H 400 -33.18 -1.18 67.29
CA ILE H 400 -32.20 -0.19 66.90
C ILE H 400 -30.84 -0.51 67.50
N VAL H 401 -29.79 0.03 66.89
CA VAL H 401 -28.42 -0.17 67.35
C VAL H 401 -27.70 1.17 67.38
N SER H 402 -26.67 1.25 68.20
CA SER H 402 -25.90 2.47 68.39
C SER H 402 -24.96 2.69 67.20
N GLY H 403 -24.76 3.97 66.84
CA GLY H 403 -24.03 4.32 65.65
C GLY H 403 -22.60 4.74 65.93
N GLY H 404 -22.00 5.42 64.95
CA GLY H 404 -20.62 5.85 65.04
C GLY H 404 -19.62 4.75 65.24
N GLY H 405 -19.86 3.57 64.68
CA GLY H 405 -19.00 2.42 64.85
C GLY H 405 -18.91 1.87 66.26
N SER H 406 -19.74 2.31 67.20
CA SER H 406 -19.73 1.68 68.51
C SER H 406 -20.20 0.23 68.50
N THR H 407 -20.77 -0.26 67.41
CA THR H 407 -21.23 -1.65 67.38
C THR H 407 -20.09 -2.59 66.98
N GLU H 408 -19.25 -2.16 66.04
CA GLU H 408 -18.19 -3.02 65.53
C GLU H 408 -17.15 -3.32 66.60
N VAL H 409 -16.82 -2.33 67.44
CA VAL H 409 -15.89 -2.58 68.55
C VAL H 409 -16.45 -3.61 69.52
N GLU H 410 -17.74 -3.49 69.84
CA GLU H 410 -18.38 -4.47 70.72
C GLU H 410 -18.34 -5.86 70.11
N LEU H 411 -18.63 -5.98 68.83
CA LEU H 411 -18.63 -7.29 68.18
C LEU H 411 -17.22 -7.88 68.14
N SER H 412 -16.22 -7.06 67.83
CA SER H 412 -14.84 -7.55 67.81
C SER H 412 -14.45 -8.09 69.18
N MET H 413 -14.73 -7.34 70.24
CA MET H 413 -14.42 -7.81 71.59
C MET H 413 -15.14 -9.12 71.91
N LYS H 414 -16.44 -9.19 71.66
CA LYS H 414 -17.25 -10.35 72.02
C LYS H 414 -16.95 -11.56 71.13
N LEU H 415 -16.35 -11.36 69.97
CA LEU H 415 -15.88 -12.48 69.18
C LEU H 415 -14.49 -12.93 69.61
N ARG H 416 -13.71 -12.02 70.20
CA ARG H 416 -12.40 -12.44 70.73
C ARG H 416 -12.58 -13.26 72.01
N GLU H 417 -13.54 -12.87 72.85
CA GLU H 417 -13.95 -13.71 73.98
C GLU H 417 -14.51 -15.07 73.52
N TYR H 418 -15.10 -15.11 72.32
CA TYR H 418 -15.50 -16.37 71.69
C TYR H 418 -14.30 -17.21 71.26
N ALA H 419 -13.30 -16.58 70.67
CA ALA H 419 -12.27 -17.32 69.97
C ALA H 419 -11.43 -18.17 70.91
N GLU H 420 -11.40 -17.86 72.22
CA GLU H 420 -10.64 -18.72 73.13
C GLU H 420 -11.33 -20.04 73.43
N GLY H 421 -12.64 -20.14 73.19
CA GLY H 421 -13.31 -21.42 73.33
C GLY H 421 -13.04 -22.38 72.20
N ILE H 422 -12.81 -21.84 71.00
CA ILE H 422 -12.55 -22.64 69.81
C ILE H 422 -11.09 -23.07 69.80
N SER H 423 -10.84 -24.32 69.42
CA SER H 423 -9.47 -24.81 69.36
C SER H 423 -9.22 -25.47 68.00
N GLY H 424 -7.95 -25.57 67.65
CA GLY H 424 -7.51 -25.96 66.33
C GLY H 424 -7.02 -24.74 65.57
N ARG H 425 -7.18 -24.75 64.25
CA ARG H 425 -6.65 -23.67 63.42
C ARG H 425 -7.73 -22.75 62.87
N GLU H 426 -9.01 -23.13 62.99
CA GLU H 426 -10.08 -22.17 62.72
C GLU H 426 -10.06 -21.00 63.69
N GLN H 427 -9.37 -21.13 64.83
CA GLN H 427 -9.24 -20.03 65.77
C GLN H 427 -8.55 -18.84 65.13
N LEU H 428 -7.58 -19.12 64.26
CA LEU H 428 -6.88 -18.06 63.54
C LEU H 428 -7.83 -17.25 62.67
N ALA H 429 -8.66 -17.97 61.90
CA ALA H 429 -9.64 -17.30 61.03
C ALA H 429 -10.70 -16.56 61.83
N VAL H 430 -11.11 -17.09 62.98
CA VAL H 430 -12.08 -16.40 63.83
C VAL H 430 -11.50 -15.09 64.34
N ARG H 431 -10.21 -15.10 64.71
CA ARG H 431 -9.57 -13.86 65.15
C ARG H 431 -9.43 -12.86 64.01
N ALA H 432 -9.03 -13.33 62.83
CA ALA H 432 -8.93 -12.44 61.68
C ALA H 432 -10.28 -11.87 61.27
N PHE H 433 -11.36 -12.60 61.49
CA PHE H 433 -12.69 -12.07 61.25
C PHE H 433 -13.03 -10.98 62.26
N ALA H 434 -12.75 -11.25 63.54
CA ALA H 434 -13.08 -10.29 64.60
C ALA H 434 -12.26 -9.01 64.46
N ASP H 435 -11.06 -9.12 63.91
CA ASP H 435 -10.16 -7.99 63.75
C ASP H 435 -10.44 -7.23 62.46
N ALA H 436 -11.33 -7.74 61.62
CA ALA H 436 -11.63 -7.10 60.33
C ALA H 436 -12.83 -6.16 60.43
N LEU H 437 -13.59 -6.23 61.52
CA LEU H 437 -14.79 -5.40 61.65
C LEU H 437 -14.44 -4.00 62.12
N GLU H 438 -13.25 -3.83 62.73
CA GLU H 438 -12.79 -2.53 63.17
C GLU H 438 -12.30 -1.65 62.03
N VAL H 439 -12.48 -2.07 60.77
CA VAL H 439 -12.15 -1.23 59.63
C VAL H 439 -13.06 0.00 59.57
N ILE H 440 -14.26 -0.12 60.12
CA ILE H 440 -15.29 0.91 60.03
C ILE H 440 -14.97 2.07 60.97
N PRO H 441 -14.75 1.86 62.27
CA PRO H 441 -14.34 2.98 63.13
C PRO H 441 -12.96 3.51 62.79
N ARG H 442 -12.07 2.66 62.29
CA ARG H 442 -10.80 3.12 61.73
C ARG H 442 -11.02 4.12 60.58
N THR H 443 -11.81 3.74 59.57
CA THR H 443 -12.04 4.65 58.45
C THR H 443 -12.81 5.89 58.87
N LEU H 444 -13.69 5.76 59.87
CA LEU H 444 -14.44 6.92 60.37
C LEU H 444 -13.51 7.95 60.96
N ALA H 445 -12.38 7.53 61.52
CA ALA H 445 -11.36 8.48 61.95
C ALA H 445 -10.46 8.91 60.79
N GLU H 446 -10.17 7.99 59.86
CA GLU H 446 -9.27 8.31 58.75
C GLU H 446 -9.79 9.44 57.88
N ASN H 447 -11.10 9.45 57.62
CA ASN H 447 -11.68 10.45 56.74
C ASN H 447 -11.70 11.85 57.36
N ALA H 448 -11.91 11.94 58.68
CA ALA H 448 -11.95 13.20 59.40
C ALA H 448 -10.55 13.77 59.67
N GLY H 449 -9.50 13.10 59.20
CA GLY H 449 -8.14 13.54 59.48
C GLY H 449 -7.69 13.37 60.91
N LEU H 450 -8.26 12.40 61.62
CA LEU H 450 -7.89 12.12 63.00
C LEU H 450 -6.82 11.03 63.04
N ASP H 451 -6.27 10.81 64.23
CA ASP H 451 -5.22 9.81 64.44
C ASP H 451 -5.90 8.51 64.87
N ALA H 452 -6.00 7.58 63.92
CA ALA H 452 -6.84 6.40 64.12
C ALA H 452 -6.28 5.47 65.19
N ILE H 453 -4.96 5.33 65.24
CA ILE H 453 -4.36 4.36 66.16
C ILE H 453 -4.50 4.82 67.61
N GLU H 454 -4.48 6.14 67.83
CA GLU H 454 -4.68 6.66 69.18
C GLU H 454 -6.17 6.67 69.54
N ILE H 455 -7.04 6.86 68.54
CA ILE H 455 -8.48 6.91 68.83
C ILE H 455 -9.01 5.53 69.20
N LEU H 456 -8.60 4.51 68.45
CA LEU H 456 -9.19 3.18 68.57
C LEU H 456 -8.97 2.57 69.95
N VAL H 457 -7.82 2.86 70.57
CA VAL H 457 -7.53 2.33 71.90
C VAL H 457 -8.48 2.92 72.94
N LYS H 458 -8.70 4.24 72.89
CA LYS H 458 -9.62 4.88 73.82
C LYS H 458 -11.03 4.34 73.64
N VAL H 459 -11.44 4.14 72.38
CA VAL H 459 -12.75 3.58 72.09
C VAL H 459 -12.89 2.18 72.70
N ARG H 460 -11.86 1.34 72.52
CA ARG H 460 -11.91 0.01 73.12
C ARG H 460 -11.99 0.08 74.64
N ALA H 461 -11.17 0.93 75.24
CA ALA H 461 -11.10 1.03 76.70
C ALA H 461 -12.45 1.39 77.30
N ALA H 462 -13.18 2.29 76.63
CA ALA H 462 -14.50 2.69 77.10
C ALA H 462 -15.44 1.50 77.21
N HIS H 463 -15.27 0.50 76.32
CA HIS H 463 -16.11 -0.69 76.37
C HIS H 463 -15.63 -1.64 77.45
N ALA H 464 -14.33 -1.92 77.47
CA ALA H 464 -13.79 -2.99 78.32
C ALA H 464 -14.05 -2.77 79.80
N SER H 465 -14.35 -1.55 80.22
CA SER H 465 -14.52 -1.25 81.64
C SER H 465 -15.97 -1.15 82.09
N ASN H 466 -16.93 -1.43 81.21
CA ASN H 466 -18.32 -1.07 81.48
C ASN H 466 -19.36 -2.04 80.91
N GLY H 467 -19.08 -2.70 79.80
CA GLY H 467 -20.20 -3.23 79.06
C GLY H 467 -21.02 -2.14 78.41
N ASN H 468 -20.40 -0.98 78.19
CA ASN H 468 -21.05 0.14 77.51
C ASN H 468 -21.26 -0.25 76.04
N LYS H 469 -22.51 -0.44 75.66
CA LYS H 469 -22.83 -0.82 74.28
C LYS H 469 -22.57 0.31 73.30
N CYS H 470 -22.47 1.55 73.80
CA CYS H 470 -22.77 2.74 73.00
C CYS H 470 -21.58 3.60 72.62
N ALA H 471 -20.48 3.55 73.37
CA ALA H 471 -19.44 4.55 73.25
C ALA H 471 -18.71 4.44 71.91
N GLY H 472 -18.39 5.59 71.32
CA GLY H 472 -17.83 5.65 69.98
C GLY H 472 -17.31 7.03 69.64
N LEU H 473 -16.81 7.16 68.41
CA LEU H 473 -16.11 8.36 67.99
C LEU H 473 -17.08 9.50 67.66
N ASN H 474 -16.78 10.68 68.19
CA ASN H 474 -17.39 11.94 67.71
C ASN H 474 -16.39 12.59 66.75
N VAL H 475 -16.73 12.60 65.46
CA VAL H 475 -15.81 13.04 64.41
C VAL H 475 -15.73 14.55 64.27
N PHE H 476 -16.34 15.30 65.20
CA PHE H 476 -16.33 16.76 65.17
C PHE H 476 -15.48 17.34 66.29
N THR H 477 -15.88 17.09 67.54
CA THR H 477 -15.02 17.31 68.69
C THR H 477 -13.78 16.43 68.71
N GLY H 478 -13.73 15.37 67.92
CA GLY H 478 -12.58 14.48 68.00
C GLY H 478 -12.44 13.76 69.33
N ALA H 479 -13.53 13.23 69.87
CA ALA H 479 -13.53 12.64 71.20
C ALA H 479 -14.52 11.50 71.26
N VAL H 480 -14.43 10.71 72.34
CA VAL H 480 -15.15 9.45 72.46
C VAL H 480 -16.38 9.69 73.32
N GLU H 481 -17.57 9.45 72.76
CA GLU H 481 -18.79 9.81 73.44
C GLU H 481 -19.85 8.71 73.31
N ASP H 482 -20.84 8.77 74.20
CA ASP H 482 -22.01 7.91 74.17
C ASP H 482 -22.83 8.27 72.94
N MET H 483 -23.00 7.31 72.03
CA MET H 483 -23.66 7.61 70.76
C MET H 483 -25.17 7.51 70.83
N CYS H 484 -25.73 7.11 71.99
CA CYS H 484 -27.18 7.16 72.18
C CYS H 484 -27.61 8.48 72.78
N GLU H 485 -26.85 9.01 73.74
CA GLU H 485 -27.08 10.35 74.25
C GLU H 485 -26.89 11.39 73.15
N ASN H 486 -25.99 11.10 72.21
CA ASN H 486 -25.75 11.96 71.06
C ASN H 486 -26.86 11.87 70.01
N GLY H 487 -27.67 10.82 70.06
CA GLY H 487 -28.73 10.62 69.09
C GLY H 487 -28.34 10.04 67.75
N VAL H 488 -27.24 9.30 67.68
CA VAL H 488 -26.80 8.67 66.44
C VAL H 488 -27.22 7.21 66.49
N VAL H 489 -28.34 6.89 65.81
CA VAL H 489 -29.04 5.62 65.94
C VAL H 489 -29.27 5.02 64.56
N GLU H 490 -29.25 3.68 64.48
CA GLU H 490 -29.48 3.00 63.22
C GLU H 490 -30.39 1.81 63.47
N PRO H 491 -31.05 1.29 62.43
CA PRO H 491 -31.88 0.10 62.62
C PRO H 491 -31.06 -1.18 62.53
N LEU H 492 -31.46 -2.17 63.33
CA LEU H 492 -30.68 -3.38 63.50
C LEU H 492 -30.46 -4.12 62.18
N ARG H 493 -31.43 -4.03 61.27
CA ARG H 493 -31.40 -4.77 60.01
C ARG H 493 -30.24 -4.31 59.11
N VAL H 494 -29.64 -3.16 59.42
CA VAL H 494 -28.54 -2.65 58.59
C VAL H 494 -27.24 -3.40 58.89
N LYS H 495 -27.06 -3.87 60.12
CA LYS H 495 -25.84 -4.59 60.47
C LYS H 495 -25.90 -6.07 60.06
N THR H 496 -26.96 -6.76 60.49
CA THR H 496 -27.11 -8.18 60.20
C THR H 496 -26.99 -8.48 58.71
N GLN H 497 -27.76 -7.75 57.89
CA GLN H 497 -27.70 -7.92 56.44
C GLN H 497 -26.30 -7.66 55.91
N ALA H 498 -25.63 -6.61 56.40
CA ALA H 498 -24.31 -6.26 55.91
C ALA H 498 -23.32 -7.39 56.13
N ILE H 499 -23.23 -7.86 57.37
CA ILE H 499 -22.30 -8.92 57.72
C ILE H 499 -22.66 -10.21 56.96
N GLN H 500 -23.96 -10.46 56.80
CA GLN H 500 -24.43 -11.69 56.18
C GLN H 500 -24.01 -11.74 54.72
N SER H 501 -24.35 -10.68 53.97
CA SER H 501 -23.89 -10.52 52.59
C SER H 501 -22.38 -10.66 52.46
N ALA H 502 -21.63 -9.95 53.32
CA ALA H 502 -20.18 -9.88 53.12
C ALA H 502 -19.50 -11.22 53.36
N ALA H 503 -19.94 -11.94 54.40
CA ALA H 503 -19.37 -13.26 54.66
C ALA H 503 -19.69 -14.23 53.52
N GLU H 504 -20.96 -14.25 53.10
CA GLU H 504 -21.38 -15.20 52.06
C GLU H 504 -20.67 -14.92 50.74
N SER H 505 -20.37 -13.65 50.44
CA SER H 505 -19.68 -13.34 49.19
C SER H 505 -18.17 -13.49 49.30
N THR H 506 -17.60 -13.46 50.51
CA THR H 506 -16.15 -13.65 50.60
C THR H 506 -15.78 -15.13 50.49
N GLU H 507 -16.69 -16.00 50.96
CA GLU H 507 -16.40 -17.43 51.01
C GLU H 507 -16.28 -18.02 49.61
N MET H 508 -17.01 -17.45 48.64
CA MET H 508 -16.94 -17.94 47.27
C MET H 508 -15.57 -17.67 46.66
N LEU H 509 -15.02 -16.48 46.88
CA LEU H 509 -13.68 -16.19 46.37
C LEU H 509 -12.61 -16.95 47.13
N LEU H 510 -12.88 -17.36 48.37
CA LEU H 510 -11.93 -18.21 49.07
C LEU H 510 -11.99 -19.65 48.62
N ARG H 511 -13.12 -20.10 48.08
CA ARG H 511 -13.25 -21.51 47.68
C ARG H 511 -12.80 -21.77 46.25
N ILE H 512 -12.45 -20.74 45.48
CA ILE H 512 -12.04 -20.91 44.09
C ILE H 512 -10.53 -21.11 44.02
N ASP H 513 -10.08 -21.97 43.09
CA ASP H 513 -8.65 -22.05 42.81
C ASP H 513 -8.28 -22.05 41.33
N ASP H 514 -9.22 -21.89 40.40
CA ASP H 514 -8.84 -21.86 39.00
C ASP H 514 -9.74 -20.90 38.23
N VAL H 515 -9.22 -20.40 37.11
CA VAL H 515 -9.97 -19.54 36.20
C VAL H 515 -9.76 -20.06 34.78
N ILE H 516 -10.86 -20.44 34.12
CA ILE H 516 -10.82 -21.03 32.79
C ILE H 516 -11.89 -20.40 31.91
N ALA H 517 -11.76 -20.60 30.59
CA ALA H 517 -12.58 -19.86 29.63
C ALA H 517 -13.81 -20.64 29.18
N ALA H 518 -14.92 -19.92 28.93
CA ALA H 518 -16.22 -20.51 28.68
C ALA H 518 -16.73 -20.20 27.27
N GLU H 519 -17.56 -21.11 26.76
CA GLU H 519 -17.95 -21.17 25.35
C GLU H 519 -19.39 -20.69 25.18
N LYS H 520 -19.57 -19.38 25.25
CA LYS H 520 -20.89 -18.73 25.21
C LYS H 520 -21.80 -19.36 26.26
N LEU H 521 -21.61 -18.89 27.49
CA LEU H 521 -22.16 -19.54 28.67
C LEU H 521 -23.69 -19.55 28.68
N ARG H 522 -24.30 -18.37 28.57
CA ARG H 522 -25.76 -18.26 28.60
C ARG H 522 -26.26 -17.05 27.83
N GLU I 10 -5.74 7.20 -34.58
CA GLU I 10 -6.01 5.92 -35.23
C GLU I 10 -6.53 4.78 -34.30
N ASN I 11 -5.97 3.57 -34.45
CA ASN I 11 -6.41 2.37 -33.72
C ASN I 11 -5.38 1.25 -33.85
N MET I 12 -5.34 0.36 -32.84
CA MET I 12 -4.49 -0.84 -32.89
C MET I 12 -4.61 -1.61 -34.21
N LYS I 13 -5.82 -1.95 -34.62
CA LYS I 13 -6.10 -2.93 -35.67
C LYS I 13 -5.90 -2.39 -37.08
N ARG I 14 -4.88 -1.56 -37.29
CA ARG I 14 -4.49 -0.97 -38.57
C ARG I 14 -3.00 -1.19 -38.86
N TYR I 15 -2.30 -1.89 -37.96
CA TYR I 15 -0.89 -2.16 -38.11
C TYR I 15 -0.67 -3.15 -39.23
N MET I 16 -1.71 -3.94 -39.50
CA MET I 16 -1.69 -4.98 -40.52
C MET I 16 -1.68 -4.40 -41.93
N GLY I 17 -2.21 -3.20 -42.12
CA GLY I 17 -2.65 -2.72 -43.41
C GLY I 17 -1.61 -2.14 -44.34
N ARG I 18 -0.32 -2.18 -43.99
CA ARG I 18 0.71 -1.69 -44.91
C ARG I 18 1.96 -2.54 -44.78
N ASP I 19 2.68 -2.73 -45.89
CA ASP I 19 3.89 -3.57 -45.82
C ASP I 19 5.02 -2.85 -45.10
N ALA I 20 6.10 -3.61 -44.87
CA ALA I 20 7.33 -3.02 -44.32
C ALA I 20 7.91 -1.96 -45.25
N GLN I 21 7.74 -2.16 -46.57
CA GLN I 21 8.24 -1.18 -47.53
C GLN I 21 7.42 0.11 -47.46
N ARG I 22 6.10 -0.02 -47.29
CA ARG I 22 5.26 1.16 -47.06
C ARG I 22 5.65 1.87 -45.76
N MET I 23 5.84 1.08 -44.69
CA MET I 23 6.40 1.58 -43.43
C MET I 23 7.63 2.45 -43.66
N ASN I 24 8.63 1.89 -44.32
CA ASN I 24 9.91 2.58 -44.52
C ASN I 24 9.77 3.80 -45.42
N ILE I 25 8.99 3.66 -46.50
CA ILE I 25 8.82 4.78 -47.42
C ILE I 25 8.14 5.96 -46.72
N LEU I 26 7.15 5.67 -45.87
CA LEU I 26 6.46 6.74 -45.14
C LEU I 26 7.38 7.38 -44.09
N ALA I 27 8.07 6.55 -43.30
CA ALA I 27 9.03 7.05 -42.33
C ALA I 27 10.09 7.91 -43.00
N GLY I 28 10.42 7.61 -44.25
CA GLY I 28 11.37 8.43 -44.98
C GLY I 28 10.77 9.73 -45.47
N ARG I 29 9.59 9.65 -46.08
CA ARG I 29 8.91 10.86 -46.57
C ARG I 29 8.76 11.89 -45.48
N ILE I 30 8.59 11.44 -44.22
CA ILE I 30 8.40 12.37 -43.12
C ILE I 30 9.59 13.31 -42.97
N ILE I 31 10.81 12.77 -43.10
CA ILE I 31 12.00 13.59 -42.93
C ILE I 31 12.10 14.65 -44.02
N ALA I 32 11.88 14.26 -45.27
CA ALA I 32 11.93 15.23 -46.35
C ALA I 32 10.84 16.27 -46.21
N GLU I 33 9.67 15.89 -45.70
CA GLU I 33 8.62 16.87 -45.45
C GLU I 33 9.01 17.83 -44.34
N THR I 34 9.85 17.40 -43.40
CA THR I 34 10.27 18.28 -42.31
C THR I 34 11.07 19.47 -42.82
N VAL I 35 12.03 19.23 -43.71
CA VAL I 35 13.02 20.25 -44.08
C VAL I 35 12.66 21.04 -45.33
N ARG I 36 11.55 20.70 -46.01
CA ARG I 36 11.34 21.16 -47.37
C ARG I 36 11.06 22.66 -47.45
N SER I 37 10.33 23.21 -46.47
CA SER I 37 9.99 24.63 -46.41
C SER I 37 11.18 25.53 -46.10
N THR I 38 12.35 24.96 -45.82
CA THR I 38 13.56 25.77 -45.65
C THR I 38 14.21 26.13 -46.97
N LEU I 39 13.68 25.64 -48.09
CA LEU I 39 14.39 25.68 -49.36
C LEU I 39 14.18 27.00 -50.09
N GLY I 40 15.23 27.51 -50.71
CA GLY I 40 15.12 28.63 -51.61
C GLY I 40 15.16 29.99 -50.92
N PRO I 41 15.20 31.06 -51.71
CA PRO I 41 15.38 32.40 -51.13
C PRO I 41 14.30 32.81 -50.15
N LYS I 42 13.06 32.41 -50.39
CA LYS I 42 11.93 32.66 -49.50
C LYS I 42 11.79 31.59 -48.43
N GLY I 43 12.85 30.83 -48.14
CA GLY I 43 12.79 29.81 -47.13
C GLY I 43 12.71 30.38 -45.72
N MET I 44 12.26 29.55 -44.79
CA MET I 44 11.98 29.98 -43.43
C MET I 44 12.77 29.12 -42.43
N ASP I 45 12.96 29.66 -41.23
CA ASP I 45 13.82 29.03 -40.23
C ASP I 45 13.03 28.11 -39.30
N LYS I 46 13.76 27.18 -38.68
CA LYS I 46 13.23 26.28 -37.66
C LYS I 46 13.83 26.63 -36.31
N MET I 47 13.04 26.42 -35.24
CA MET I 47 13.53 26.58 -33.89
C MET I 47 13.70 25.21 -33.22
N LEU I 48 14.89 24.96 -32.69
CA LEU I 48 15.23 23.70 -32.03
C LEU I 48 15.36 23.93 -30.53
N VAL I 49 14.71 23.09 -29.73
CA VAL I 49 14.69 23.27 -28.28
C VAL I 49 15.13 21.98 -27.61
N ASP I 50 15.97 22.12 -26.58
CA ASP I 50 16.57 21.01 -25.85
C ASP I 50 15.65 20.52 -24.74
N ASP I 51 16.05 19.40 -24.12
CA ASP I 51 15.52 19.04 -22.82
C ASP I 51 15.97 20.02 -21.75
N LEU I 52 17.21 20.50 -21.83
CA LEU I 52 17.78 21.34 -20.77
C LEU I 52 17.43 22.82 -20.94
N GLY I 53 16.88 23.21 -22.08
CA GLY I 53 16.52 24.59 -22.33
C GLY I 53 17.41 25.34 -23.30
N ASP I 54 18.45 24.72 -23.84
CA ASP I 54 19.21 25.33 -24.92
C ASP I 54 18.35 25.50 -26.16
N VAL I 55 18.65 26.52 -26.96
CA VAL I 55 17.85 26.89 -28.13
C VAL I 55 18.77 27.14 -29.32
N VAL I 56 18.35 26.68 -30.50
CA VAL I 56 19.05 26.96 -31.76
C VAL I 56 18.03 27.44 -32.79
N VAL I 57 18.39 28.48 -33.55
CA VAL I 57 17.56 28.96 -34.65
C VAL I 57 18.37 28.95 -35.93
N THR I 58 17.88 28.22 -36.94
CA THR I 58 18.59 28.06 -38.20
C THR I 58 17.64 27.55 -39.28
N ASN I 59 18.03 27.74 -40.54
CA ASN I 59 17.42 27.00 -41.63
C ASN I 59 18.40 26.09 -42.37
N ASP I 60 19.59 25.88 -41.79
CA ASP I 60 20.55 24.94 -42.35
C ASP I 60 19.99 23.53 -42.18
N GLY I 61 19.91 22.78 -43.29
CA GLY I 61 19.19 21.52 -43.28
C GLY I 61 19.86 20.42 -42.47
N VAL I 62 21.15 20.19 -42.76
CA VAL I 62 21.86 19.11 -42.09
C VAL I 62 21.91 19.36 -40.59
N THR I 63 21.83 20.62 -40.16
CA THR I 63 21.81 20.91 -38.73
C THR I 63 20.49 20.51 -38.11
N ILE I 64 19.37 20.79 -38.80
CA ILE I 64 18.06 20.37 -38.34
C ILE I 64 18.03 18.84 -38.23
N LEU I 65 18.47 18.16 -39.27
CA LEU I 65 18.50 16.70 -39.30
C LEU I 65 19.48 16.12 -38.28
N ARG I 66 20.50 16.88 -37.89
CA ARG I 66 21.47 16.38 -36.92
C ARG I 66 21.01 16.57 -35.48
N GLU I 67 20.23 17.60 -35.22
CA GLU I 67 19.81 17.89 -33.86
C GLU I 67 18.43 17.34 -33.52
N MET I 68 17.73 16.74 -34.47
CA MET I 68 16.36 16.31 -34.24
C MET I 68 16.34 15.02 -33.45
N SER I 69 15.31 14.84 -32.62
CA SER I 69 15.08 13.54 -32.00
C SER I 69 14.39 12.65 -33.03
N VAL I 70 15.15 11.73 -33.62
CA VAL I 70 14.66 10.88 -34.70
C VAL I 70 14.89 9.43 -34.31
N GLU I 71 13.83 8.60 -34.41
CA GLU I 71 13.86 7.28 -33.80
C GLU I 71 13.62 6.11 -34.75
N HIS I 72 13.00 6.35 -35.91
CA HIS I 72 12.75 5.23 -36.81
C HIS I 72 13.98 4.95 -37.67
N PRO I 73 14.31 3.68 -37.93
CA PRO I 73 15.56 3.37 -38.63
C PRO I 73 15.70 4.00 -40.01
N ALA I 74 14.61 4.04 -40.80
CA ALA I 74 14.72 4.55 -42.16
C ALA I 74 14.95 6.06 -42.16
N ALA I 75 14.33 6.77 -41.22
CA ALA I 75 14.58 8.20 -41.09
C ALA I 75 16.03 8.44 -40.68
N LYS I 76 16.56 7.57 -39.82
CA LYS I 76 17.98 7.61 -39.48
C LYS I 76 18.85 7.38 -40.71
N MET I 77 18.38 6.54 -41.64
CA MET I 77 19.10 6.31 -42.89
C MET I 77 19.05 7.49 -43.85
N LEU I 78 18.03 8.34 -43.75
CA LEU I 78 17.97 9.51 -44.62
C LEU I 78 18.85 10.64 -44.11
N ILE I 79 19.10 10.71 -42.81
CA ILE I 79 19.99 11.75 -42.28
C ILE I 79 21.40 11.60 -42.84
N GLU I 80 21.81 10.37 -43.17
CA GLU I 80 23.14 10.16 -43.73
C GLU I 80 23.28 10.70 -45.15
N VAL I 81 22.16 11.05 -45.79
CA VAL I 81 22.18 11.69 -47.10
C VAL I 81 22.63 13.14 -46.98
N ALA I 82 22.29 13.81 -45.88
CA ALA I 82 22.72 15.18 -45.65
C ALA I 82 24.19 15.26 -45.24
N LYS I 83 24.60 14.41 -44.31
CA LYS I 83 25.96 14.49 -43.75
C LYS I 83 27.04 14.32 -44.82
N THR I 84 26.78 13.49 -45.84
CA THR I 84 27.79 13.28 -46.86
C THR I 84 27.93 14.49 -47.76
N GLN I 85 26.81 15.16 -48.04
CA GLN I 85 26.84 16.42 -48.76
C GLN I 85 27.53 17.51 -47.94
N GLU I 86 27.34 17.47 -46.61
CA GLU I 86 28.05 18.37 -45.70
C GLU I 86 29.55 18.16 -45.80
N LYS I 87 29.96 16.90 -45.76
CA LYS I 87 31.36 16.52 -45.61
C LYS I 87 32.13 16.70 -46.91
N GLU I 88 31.58 16.24 -48.02
CA GLU I 88 32.30 16.18 -49.29
C GLU I 88 32.20 17.46 -50.12
N VAL I 89 31.17 18.26 -49.91
CA VAL I 89 30.91 19.43 -50.73
C VAL I 89 30.82 20.62 -49.79
N GLY I 90 29.84 20.61 -48.89
CA GLY I 90 29.64 21.66 -47.94
C GLY I 90 28.31 22.36 -48.07
N ASP I 91 27.84 22.58 -49.30
CA ASP I 91 26.52 23.15 -49.54
C ASP I 91 25.68 22.12 -50.26
N GLY I 92 24.36 22.35 -50.29
CA GLY I 92 23.44 21.46 -50.97
C GLY I 92 22.76 20.41 -50.11
N THR I 93 22.78 20.57 -48.77
CA THR I 93 22.25 19.52 -47.90
C THR I 93 20.73 19.49 -47.83
N THR I 94 20.02 20.40 -48.50
CA THR I 94 18.57 20.31 -48.52
C THR I 94 18.03 19.77 -49.84
N THR I 95 18.72 20.06 -50.94
CA THR I 95 18.34 19.50 -52.24
C THR I 95 18.41 17.98 -52.20
N ALA I 96 19.48 17.44 -51.62
CA ALA I 96 19.67 16.00 -51.51
C ALA I 96 18.50 15.33 -50.82
N VAL I 97 18.07 15.86 -49.67
CA VAL I 97 17.07 15.12 -48.91
C VAL I 97 15.69 15.25 -49.55
N VAL I 98 15.41 16.42 -50.14
CA VAL I 98 14.11 16.60 -50.79
C VAL I 98 14.00 15.71 -52.01
N VAL I 99 15.09 15.63 -52.79
CA VAL I 99 15.08 14.73 -53.95
C VAL I 99 14.98 13.27 -53.52
N ALA I 100 15.67 12.90 -52.44
CA ALA I 100 15.57 11.54 -51.92
C ALA I 100 14.13 11.18 -51.55
N GLY I 101 13.46 12.04 -50.80
CA GLY I 101 12.09 11.75 -50.41
C GLY I 101 11.13 11.74 -51.58
N GLU I 102 11.37 12.60 -52.58
CA GLU I 102 10.51 12.57 -53.76
C GLU I 102 10.73 11.26 -54.53
N LEU I 103 11.96 10.74 -54.51
CA LEU I 103 12.22 9.44 -55.13
C LEU I 103 11.50 8.32 -54.38
N LEU I 104 11.52 8.37 -53.05
CA LEU I 104 10.75 7.42 -52.25
C LEU I 104 9.27 7.46 -52.63
N ARG I 105 8.70 8.66 -52.73
CA ARG I 105 7.26 8.82 -52.91
C ARG I 105 6.85 8.47 -54.35
N LYS I 106 7.73 8.74 -55.32
CA LYS I 106 7.51 8.27 -56.67
C LYS I 106 7.58 6.75 -56.75
N ALA I 107 8.51 6.14 -56.02
CA ALA I 107 8.58 4.68 -56.00
C ALA I 107 7.32 4.09 -55.42
N GLU I 108 6.72 4.78 -54.44
CA GLU I 108 5.48 4.32 -53.83
C GLU I 108 4.33 4.28 -54.84
N GLU I 109 4.39 5.13 -55.87
CA GLU I 109 3.33 5.18 -56.87
C GLU I 109 3.41 4.02 -57.85
N LEU I 110 4.55 3.33 -57.92
CA LEU I 110 4.70 2.19 -58.81
C LEU I 110 4.50 0.85 -58.09
N LEU I 111 4.75 0.80 -56.79
CA LEU I 111 4.53 -0.45 -56.05
C LEU I 111 3.06 -0.71 -55.83
N ASP I 112 2.24 0.34 -55.80
CA ASP I 112 0.80 0.13 -55.74
C ASP I 112 0.19 -0.26 -57.08
N GLN I 113 1.01 -0.35 -58.14
CA GLN I 113 0.63 -1.00 -59.39
C GLN I 113 1.27 -2.38 -59.51
N ASN I 114 1.92 -2.85 -58.45
CA ASN I 114 2.50 -4.19 -58.32
C ASN I 114 3.74 -4.38 -59.20
N VAL I 115 4.58 -3.35 -59.32
CA VAL I 115 5.88 -3.50 -59.98
C VAL I 115 6.91 -4.03 -58.98
N HIS I 116 7.68 -5.03 -59.41
CA HIS I 116 8.65 -5.65 -58.52
C HIS I 116 9.71 -4.64 -58.07
N PRO I 117 10.07 -4.63 -56.79
CA PRO I 117 11.12 -3.70 -56.31
C PRO I 117 12.44 -3.77 -57.05
N THR I 118 12.91 -4.97 -57.41
CA THR I 118 14.17 -5.05 -58.15
C THR I 118 14.08 -4.37 -59.51
N ILE I 119 12.89 -4.40 -60.14
CA ILE I 119 12.72 -3.71 -61.41
C ILE I 119 12.85 -2.20 -61.21
N VAL I 120 12.26 -1.68 -60.13
CA VAL I 120 12.41 -0.25 -59.82
C VAL I 120 13.87 0.11 -59.62
N VAL I 121 14.58 -0.71 -58.85
CA VAL I 121 15.97 -0.43 -58.50
C VAL I 121 16.85 -0.45 -59.74
N LYS I 122 16.67 -1.46 -60.60
CA LYS I 122 17.40 -1.53 -61.86
C LYS I 122 17.05 -0.40 -62.82
N GLY I 123 15.85 0.18 -62.73
CA GLY I 123 15.58 1.37 -63.51
C GLY I 123 16.26 2.63 -62.98
N TYR I 124 16.11 2.88 -61.68
CA TYR I 124 16.78 4.03 -61.06
C TYR I 124 18.26 4.01 -61.35
N GLN I 125 18.88 2.82 -61.28
CA GLN I 125 20.30 2.69 -61.54
C GLN I 125 20.66 3.17 -62.94
N ALA I 126 19.86 2.76 -63.94
CA ALA I 126 20.12 3.19 -65.32
C ALA I 126 19.88 4.68 -65.52
N ALA I 127 19.02 5.28 -64.70
CA ALA I 127 18.72 6.69 -64.82
C ALA I 127 19.83 7.56 -64.23
N ALA I 128 20.41 7.13 -63.09
CA ALA I 128 21.37 7.99 -62.39
C ALA I 128 22.68 8.12 -63.16
N GLN I 129 23.16 7.03 -63.78
CA GLN I 129 24.36 7.13 -64.61
C GLN I 129 24.13 8.07 -65.80
N LYS I 130 22.92 8.04 -66.36
CA LYS I 130 22.56 8.96 -67.43
C LYS I 130 22.54 10.40 -66.94
N ALA I 131 22.07 10.62 -65.71
CA ALA I 131 22.10 11.96 -65.15
C ALA I 131 23.52 12.43 -64.91
N GLN I 132 24.44 11.49 -64.63
CA GLN I 132 25.86 11.85 -64.52
C GLN I 132 26.41 12.31 -65.86
N GLU I 133 26.15 11.54 -66.93
CA GLU I 133 26.57 11.94 -68.27
C GLU I 133 26.03 13.34 -68.62
N LEU I 134 24.73 13.54 -68.40
CA LEU I 134 24.08 14.79 -68.74
C LEU I 134 24.65 15.96 -67.95
N LEU I 135 24.83 15.78 -66.63
CA LEU I 135 25.42 16.84 -65.82
C LEU I 135 26.86 17.14 -66.24
N LYS I 136 27.60 16.14 -66.71
CA LYS I 136 28.96 16.37 -67.16
C LYS I 136 29.01 17.08 -68.50
N THR I 137 27.91 17.10 -69.26
CA THR I 137 27.91 17.77 -70.56
C THR I 137 27.08 19.06 -70.64
N ILE I 138 26.20 19.34 -69.69
CA ILE I 138 25.42 20.59 -69.70
C ILE I 138 26.04 21.70 -68.88
N ALA I 139 27.23 21.50 -68.32
CA ALA I 139 27.85 22.47 -67.44
C ALA I 139 28.67 23.49 -68.25
N CYS I 140 29.03 24.60 -67.59
CA CYS I 140 29.84 25.63 -68.21
C CYS I 140 31.23 25.65 -67.59
N GLU I 141 32.24 25.88 -68.43
CA GLU I 141 33.65 25.70 -68.04
C GLU I 141 34.30 27.06 -67.83
N VAL I 142 34.83 27.29 -66.63
CA VAL I 142 35.36 28.59 -66.23
C VAL I 142 36.70 28.40 -65.53
N GLY I 143 37.58 29.40 -65.66
CA GLY I 143 38.90 29.31 -65.06
C GLY I 143 38.92 29.69 -63.59
N ALA I 144 39.85 29.09 -62.85
CA ALA I 144 39.84 29.21 -61.39
C ALA I 144 40.37 30.57 -60.92
N GLN I 145 40.99 31.33 -61.81
CA GLN I 145 41.50 32.66 -61.51
C GLN I 145 40.42 33.74 -61.60
N ASP I 146 39.19 33.37 -61.94
CA ASP I 146 38.14 34.33 -62.33
C ASP I 146 37.32 34.71 -61.10
N LYS I 147 37.76 35.78 -60.44
CA LYS I 147 37.25 36.11 -59.11
C LYS I 147 35.81 36.62 -59.15
N GLU I 148 35.39 37.17 -60.28
CA GLU I 148 34.05 37.73 -60.43
C GLU I 148 32.97 36.66 -60.27
N ILE I 149 33.07 35.59 -61.05
CA ILE I 149 32.11 34.50 -60.94
C ILE I 149 32.19 33.85 -59.56
N LEU I 150 33.38 33.87 -58.94
CA LEU I 150 33.48 33.40 -57.56
C LEU I 150 32.65 34.24 -56.61
N THR I 151 32.70 35.56 -56.77
CA THR I 151 31.85 36.46 -55.98
C THR I 151 30.38 36.15 -56.18
N LYS I 152 29.98 35.96 -57.44
CA LYS I 152 28.58 35.69 -57.78
C LYS I 152 28.11 34.38 -57.14
N ILE I 153 28.98 33.36 -57.16
CA ILE I 153 28.63 32.08 -56.54
C ILE I 153 28.52 32.21 -55.03
N ALA I 154 29.41 32.99 -54.42
CA ALA I 154 29.37 33.20 -52.97
C ALA I 154 28.06 33.88 -52.56
N MET I 155 27.70 34.95 -53.27
CA MET I 155 26.43 35.62 -53.04
C MET I 155 25.25 34.67 -53.19
N THR I 156 25.30 33.81 -54.21
CA THR I 156 24.26 32.80 -54.41
C THR I 156 24.20 31.85 -53.21
N SER I 157 25.32 31.64 -52.53
CA SER I 157 25.34 30.73 -51.40
C SER I 157 24.72 31.38 -50.16
N ILE I 158 24.84 32.70 -50.04
CA ILE I 158 24.38 33.43 -48.87
C ILE I 158 22.89 33.81 -48.98
N THR I 159 22.33 33.84 -50.19
CA THR I 159 20.95 34.23 -50.42
C THR I 159 19.96 33.28 -49.74
N GLY I 160 18.96 33.84 -49.07
CA GLY I 160 17.95 33.05 -48.40
C GLY I 160 18.23 32.68 -46.96
N LYS I 161 19.25 33.27 -46.33
CA LYS I 161 19.70 32.80 -45.01
C LYS I 161 19.55 33.85 -43.91
N GLY I 162 18.77 34.90 -44.13
CA GLY I 162 18.58 35.91 -43.10
C GLY I 162 19.73 36.88 -42.96
N ALA I 163 20.97 36.41 -43.15
CA ALA I 163 22.12 37.28 -43.25
C ALA I 163 22.34 37.72 -44.69
N GLU I 164 21.26 38.13 -45.37
CA GLU I 164 21.37 38.61 -46.76
C GLU I 164 21.87 40.04 -46.83
N LYS I 165 21.70 40.80 -45.75
CA LYS I 165 21.90 42.24 -45.83
C LYS I 165 23.36 42.58 -46.00
N ALA I 166 24.26 41.66 -45.63
CA ALA I 166 25.69 41.84 -45.74
C ALA I 166 26.34 41.02 -46.85
N LYS I 167 25.57 40.39 -47.74
CA LYS I 167 26.18 39.41 -48.65
C LYS I 167 27.18 40.05 -49.60
N GLU I 168 26.96 41.30 -49.99
CA GLU I 168 27.83 41.96 -50.95
C GLU I 168 29.14 42.43 -50.33
N LYS I 169 29.30 42.27 -49.01
CA LYS I 169 30.59 42.44 -48.34
C LYS I 169 31.21 41.09 -47.97
N LEU I 170 30.37 40.18 -47.46
CA LEU I 170 30.83 38.85 -47.11
C LEU I 170 31.43 38.13 -48.32
N ALA I 171 30.89 38.41 -49.51
CA ALA I 171 31.40 37.79 -50.72
C ALA I 171 32.85 38.17 -50.97
N GLU I 172 33.18 39.46 -50.90
CA GLU I 172 34.57 39.89 -51.09
C GLU I 172 35.48 39.29 -50.03
N ILE I 173 35.03 39.35 -48.77
CA ILE I 173 35.82 38.83 -47.66
C ILE I 173 36.16 37.36 -47.89
N ILE I 174 35.14 36.57 -48.22
CA ILE I 174 35.32 35.13 -48.37
C ILE I 174 36.16 34.80 -49.60
N VAL I 175 35.98 35.54 -50.70
CA VAL I 175 36.76 35.27 -51.90
C VAL I 175 38.25 35.49 -51.63
N GLU I 176 38.60 36.60 -50.98
CA GLU I 176 40.01 36.78 -50.65
C GLU I 176 40.50 35.72 -49.65
N ALA I 177 39.69 35.43 -48.64
CA ALA I 177 40.06 34.48 -47.58
C ALA I 177 40.39 33.11 -48.17
N VAL I 178 39.58 32.66 -49.13
CA VAL I 178 39.78 31.35 -49.74
C VAL I 178 40.93 31.41 -50.75
N SER I 179 41.05 32.53 -51.47
CA SER I 179 42.10 32.63 -52.48
C SER I 179 43.48 32.60 -51.85
N ALA I 180 43.56 32.97 -50.56
CA ALA I 180 44.83 32.97 -49.84
C ALA I 180 45.34 31.55 -49.64
N VAL I 181 44.44 30.62 -49.32
CA VAL I 181 44.78 29.29 -48.82
C VAL I 181 44.79 28.25 -49.92
N VAL I 182 44.68 28.67 -51.18
CA VAL I 182 44.84 27.77 -52.32
C VAL I 182 46.30 27.33 -52.38
N ASP I 183 46.55 26.03 -52.19
CA ASP I 183 47.90 25.55 -51.95
C ASP I 183 48.68 25.42 -53.26
N ASP I 184 49.97 25.14 -53.15
CA ASP I 184 50.84 25.11 -54.32
C ASP I 184 50.45 24.01 -55.30
N GLU I 185 49.54 23.11 -54.93
CA GLU I 185 49.00 22.14 -55.86
C GLU I 185 47.59 22.47 -56.34
N GLY I 186 47.08 23.66 -56.03
CA GLY I 186 45.78 24.09 -56.51
C GLY I 186 44.56 23.49 -55.83
N LYS I 187 44.64 23.23 -54.53
CA LYS I 187 43.56 22.63 -53.79
C LYS I 187 43.27 23.44 -52.54
N VAL I 188 42.00 23.48 -52.14
CA VAL I 188 41.55 24.31 -51.03
C VAL I 188 41.32 23.41 -49.82
N ASP I 189 41.96 23.75 -48.70
CA ASP I 189 41.73 23.08 -47.43
C ASP I 189 40.97 24.04 -46.50
N LYS I 190 39.87 23.56 -45.94
CA LYS I 190 38.95 24.44 -45.22
C LYS I 190 39.49 24.82 -43.85
N ASP I 191 40.24 23.92 -43.22
CA ASP I 191 40.76 24.16 -41.89
C ASP I 191 41.90 25.18 -41.87
N LEU I 192 42.41 25.58 -43.05
CA LEU I 192 43.41 26.64 -43.08
C LEU I 192 42.81 28.04 -42.93
N ILE I 193 41.48 28.13 -42.81
CA ILE I 193 40.79 29.38 -42.54
C ILE I 193 40.18 29.30 -41.15
N LYS I 194 40.49 30.28 -40.31
CA LYS I 194 40.07 30.30 -38.92
C LYS I 194 38.88 31.25 -38.79
N ILE I 195 37.79 30.75 -38.21
CA ILE I 195 36.55 31.51 -38.11
C ILE I 195 36.31 31.83 -36.65
N GLU I 196 36.23 33.12 -36.34
CA GLU I 196 36.10 33.56 -34.96
C GLU I 196 34.86 34.43 -34.78
N LYS I 197 34.24 34.30 -33.61
CA LYS I 197 32.85 34.72 -33.38
C LYS I 197 32.75 35.62 -32.15
N LYS I 198 33.05 36.91 -32.34
CA LYS I 198 33.13 37.86 -31.22
C LYS I 198 31.97 38.84 -31.33
N SER I 199 31.13 38.91 -30.30
CA SER I 199 29.89 39.66 -30.34
C SER I 199 30.16 41.16 -30.23
N GLY I 200 29.08 41.94 -30.20
CA GLY I 200 29.17 43.39 -30.26
C GLY I 200 29.20 43.89 -31.69
N ALA I 201 28.90 45.18 -31.85
CA ALA I 201 28.72 45.81 -33.16
C ALA I 201 27.70 45.10 -34.04
N SER I 202 27.62 45.50 -35.31
CA SER I 202 26.65 44.95 -36.25
C SER I 202 27.35 44.08 -37.31
N ILE I 203 26.53 43.24 -37.95
CA ILE I 203 27.02 42.23 -38.91
C ILE I 203 27.89 42.85 -39.98
N ASP I 204 27.70 44.14 -40.26
CA ASP I 204 28.49 44.82 -41.28
C ASP I 204 29.87 45.24 -40.76
N ASP I 205 30.14 45.07 -39.47
CA ASP I 205 31.46 45.33 -38.90
C ASP I 205 32.37 44.09 -38.95
N THR I 206 31.94 43.02 -39.62
CA THR I 206 32.81 41.87 -39.85
C THR I 206 33.99 42.25 -40.72
N GLU I 207 35.16 41.66 -40.43
CA GLU I 207 36.38 42.01 -41.14
C GLU I 207 37.29 40.81 -41.27
N LEU I 208 38.32 40.96 -42.10
CA LEU I 208 39.27 39.91 -42.43
C LEU I 208 40.66 40.28 -41.90
N ILE I 209 41.29 39.33 -41.21
CA ILE I 209 42.65 39.53 -40.68
C ILE I 209 43.61 38.68 -41.49
N LYS I 210 44.65 39.32 -42.03
CA LYS I 210 45.73 38.62 -42.73
C LYS I 210 46.73 38.10 -41.70
N GLY I 211 46.26 37.21 -40.83
CA GLY I 211 47.07 36.78 -39.70
C GLY I 211 46.23 36.03 -38.68
N VAL I 212 46.56 36.17 -37.41
CA VAL I 212 45.94 35.33 -36.37
C VAL I 212 45.46 36.19 -35.21
N LEU I 213 44.43 35.66 -34.54
CA LEU I 213 43.91 36.24 -33.33
C LEU I 213 44.15 35.09 -32.36
N VAL I 214 44.80 35.31 -31.23
CA VAL I 214 45.15 34.29 -30.25
C VAL I 214 44.41 34.57 -28.96
N ASP I 215 43.89 33.51 -28.33
CA ASP I 215 43.13 33.63 -27.09
C ASP I 215 44.08 33.68 -25.89
N LYS I 216 44.96 34.67 -25.86
CA LYS I 216 46.01 34.75 -24.85
C LYS I 216 46.32 36.21 -24.54
N GLU I 217 46.89 36.43 -23.34
CA GLU I 217 47.48 37.70 -22.98
C GLU I 217 48.91 37.46 -22.48
N ARG I 218 49.76 38.48 -22.64
CA ARG I 218 51.18 38.30 -22.37
C ARG I 218 51.41 38.05 -20.89
N VAL I 219 52.49 37.31 -20.60
CA VAL I 219 52.67 36.74 -19.27
C VAL I 219 52.98 37.81 -18.22
N SER I 220 53.81 38.79 -18.57
CA SER I 220 54.28 39.78 -17.62
C SER I 220 53.94 41.17 -18.15
N ALA I 221 53.35 42.03 -17.30
CA ALA I 221 52.76 43.26 -17.80
C ALA I 221 53.79 44.35 -18.10
N GLN I 222 55.06 44.14 -17.70
CA GLN I 222 56.14 45.02 -18.10
C GLN I 222 56.50 44.83 -19.57
N MET I 223 56.06 43.72 -20.16
CA MET I 223 56.35 43.35 -21.54
C MET I 223 55.64 44.29 -22.51
N PRO I 224 56.33 44.81 -23.53
CA PRO I 224 55.73 45.80 -24.43
C PRO I 224 54.45 45.28 -25.07
N LYS I 225 53.42 46.13 -25.08
CA LYS I 225 52.10 45.71 -25.51
C LYS I 225 51.90 45.90 -27.01
N LYS I 226 52.84 46.56 -27.67
CA LYS I 226 52.81 46.80 -29.10
C LYS I 226 54.21 46.62 -29.68
N VAL I 227 54.31 45.84 -30.75
CA VAL I 227 55.59 45.59 -31.42
C VAL I 227 55.38 45.68 -32.93
N THR I 228 56.34 46.30 -33.62
CA THR I 228 56.32 46.44 -35.08
C THR I 228 57.48 45.68 -35.69
N ASP I 229 57.26 45.14 -36.89
CA ASP I 229 58.20 44.21 -37.53
C ASP I 229 58.72 43.17 -36.54
N ALA I 230 57.79 42.43 -35.94
CA ALA I 230 58.09 41.42 -34.94
C ALA I 230 58.95 40.29 -35.49
N LYS I 231 59.83 39.77 -34.63
CA LYS I 231 60.61 38.55 -34.87
C LYS I 231 60.08 37.49 -33.91
N ILE I 232 59.30 36.55 -34.43
CA ILE I 232 58.47 35.70 -33.60
C ILE I 232 59.13 34.32 -33.48
N ALA I 233 59.28 33.85 -32.24
CA ALA I 233 59.84 32.53 -31.97
C ALA I 233 58.78 31.63 -31.38
N LEU I 234 58.68 30.40 -31.90
CA LEU I 234 57.69 29.42 -31.45
C LEU I 234 58.42 28.22 -30.84
N LEU I 235 57.98 27.82 -29.64
CA LEU I 235 58.59 26.71 -28.91
C LEU I 235 57.55 25.65 -28.54
N ASN I 236 57.96 24.39 -28.64
CA ASN I 236 57.16 23.26 -28.17
C ASN I 236 57.64 22.78 -26.82
N CYS I 237 58.87 23.12 -26.46
CA CYS I 237 59.43 22.86 -25.14
C CYS I 237 59.07 23.99 -24.17
N ALA I 238 58.92 23.61 -22.91
CA ALA I 238 58.64 24.53 -21.82
C ALA I 238 59.92 25.18 -21.31
N ILE I 239 59.85 26.45 -20.94
CA ILE I 239 60.99 27.15 -20.37
C ILE I 239 60.93 26.93 -18.86
N GLU I 240 61.54 25.84 -18.41
CA GLU I 240 61.51 25.42 -17.01
C GLU I 240 62.77 24.62 -16.73
N ILE I 241 63.05 24.42 -15.44
CA ILE I 241 64.25 23.68 -15.06
C ILE I 241 64.05 22.20 -15.36
N LYS I 242 64.98 21.62 -16.12
CA LYS I 242 64.84 20.23 -16.54
C LYS I 242 64.92 19.29 -15.35
N GLU I 243 64.23 18.15 -15.47
CA GLU I 243 64.29 17.06 -14.50
C GLU I 243 65.06 15.89 -15.10
N THR I 244 65.59 15.02 -14.24
CA THR I 244 66.26 13.80 -14.69
C THR I 244 65.26 12.64 -14.68
N GLU I 245 65.14 11.97 -15.83
CA GLU I 245 64.23 10.84 -15.94
C GLU I 245 64.82 9.58 -15.31
N THR I 246 65.73 9.76 -14.35
CA THR I 246 66.37 8.67 -13.60
C THR I 246 66.26 8.85 -12.08
N ASP I 247 65.61 9.93 -11.61
CA ASP I 247 65.45 10.29 -10.20
C ASP I 247 66.71 10.71 -9.46
N ALA I 248 66.60 11.74 -8.61
CA ALA I 248 67.73 12.50 -8.08
C ALA I 248 67.50 13.00 -6.66
N GLU I 249 68.60 13.16 -5.92
CA GLU I 249 68.67 13.84 -4.62
C GLU I 249 70.00 14.59 -4.56
N ILE I 250 69.99 15.81 -4.01
CA ILE I 250 71.19 16.66 -4.05
C ILE I 250 72.09 16.53 -2.82
N ARG I 251 71.54 16.18 -1.67
CA ARG I 251 72.32 15.84 -0.47
C ARG I 251 73.32 16.91 -0.05
N ILE I 252 72.88 17.81 0.82
CA ILE I 252 73.66 19.00 1.17
C ILE I 252 74.40 18.79 2.49
N THR I 253 75.70 18.50 2.41
CA THR I 253 76.46 18.14 3.60
C THR I 253 77.17 19.35 4.18
N ASP I 254 77.47 20.36 3.35
CA ASP I 254 78.01 21.64 3.83
C ASP I 254 76.91 22.68 3.80
N PRO I 255 76.58 23.31 4.94
CA PRO I 255 75.62 24.42 4.94
C PRO I 255 75.89 25.48 3.90
N ALA I 256 77.17 25.77 3.61
CA ALA I 256 77.50 26.81 2.63
C ALA I 256 77.00 26.50 1.22
N LYS I 257 76.46 25.30 0.98
CA LYS I 257 76.02 24.91 -0.35
C LYS I 257 74.51 24.91 -0.51
N LEU I 258 73.79 25.66 0.32
CA LEU I 258 72.36 25.87 0.08
C LEU I 258 72.14 26.90 -1.04
N MET I 259 72.71 28.10 -0.88
CA MET I 259 72.53 29.15 -1.86
C MET I 259 73.17 28.80 -3.20
N GLU I 260 74.24 28.01 -3.18
CA GLU I 260 74.95 27.67 -4.43
C GLU I 260 74.07 26.81 -5.32
N PHE I 261 73.45 25.77 -4.76
CA PHE I 261 72.52 24.96 -5.54
C PHE I 261 71.40 25.81 -6.14
N ILE I 262 70.89 26.76 -5.35
CA ILE I 262 69.75 27.57 -5.78
C ILE I 262 70.15 28.56 -6.88
N GLU I 263 71.31 29.21 -6.72
CA GLU I 263 71.87 30.08 -7.75
C GLU I 263 72.10 29.33 -9.06
N GLN I 264 72.55 28.08 -9.01
CA GLN I 264 72.78 27.36 -10.26
C GLN I 264 71.45 27.03 -10.95
N GLU I 265 70.41 26.70 -10.18
CA GLU I 265 69.11 26.62 -10.85
C GLU I 265 68.66 27.96 -11.46
N GLU I 266 68.95 29.08 -10.79
CA GLU I 266 68.62 30.37 -11.41
C GLU I 266 69.40 30.59 -12.71
N LYS I 267 70.67 30.19 -12.73
CA LYS I 267 71.49 30.40 -13.93
C LYS I 267 71.02 29.52 -15.08
N MET I 268 70.50 28.34 -14.78
CA MET I 268 70.00 27.47 -15.84
C MET I 268 68.77 28.04 -16.54
N LEU I 269 68.08 29.02 -15.94
CA LEU I 269 67.04 29.74 -16.68
C LEU I 269 67.61 30.99 -17.35
N LYS I 270 68.55 31.65 -16.68
CA LYS I 270 69.18 32.85 -17.23
C LYS I 270 69.79 32.57 -18.59
N ASP I 271 70.43 31.40 -18.74
CA ASP I 271 71.09 31.06 -19.99
C ASP I 271 70.09 30.75 -21.10
N MET I 272 68.94 30.16 -20.77
CA MET I 272 67.90 29.95 -21.76
C MET I 272 67.42 31.28 -22.34
N VAL I 273 67.24 32.27 -21.46
CA VAL I 273 66.77 33.57 -21.93
C VAL I 273 67.85 34.28 -22.75
N ALA I 274 69.10 34.19 -22.32
CA ALA I 274 70.21 34.67 -23.13
C ALA I 274 70.19 34.07 -24.54
N GLU I 275 69.97 32.75 -24.62
CA GLU I 275 69.95 32.08 -25.92
C GLU I 275 68.76 32.51 -26.78
N ILE I 276 67.59 32.69 -26.16
CA ILE I 276 66.44 33.17 -26.93
C ILE I 276 66.73 34.55 -27.49
N LYS I 277 67.43 35.38 -26.72
CA LYS I 277 67.77 36.72 -27.19
C LYS I 277 68.78 36.67 -28.33
N ALA I 278 69.78 35.79 -28.23
CA ALA I 278 70.82 35.72 -29.24
C ALA I 278 70.30 35.25 -30.59
N SER I 279 69.18 34.52 -30.62
CA SER I 279 68.57 34.21 -31.91
C SER I 279 68.12 35.46 -32.66
N GLY I 280 67.79 36.53 -31.95
CA GLY I 280 67.26 37.72 -32.58
C GLY I 280 65.79 37.99 -32.32
N ALA I 281 65.15 37.17 -31.48
CA ALA I 281 63.71 37.23 -31.29
C ALA I 281 63.32 38.45 -30.46
N ASN I 282 62.06 38.89 -30.62
CA ASN I 282 61.46 39.85 -29.70
C ASN I 282 60.00 39.55 -29.39
N VAL I 283 59.44 38.46 -29.91
CA VAL I 283 58.11 37.96 -29.56
C VAL I 283 58.21 36.45 -29.43
N LEU I 284 57.53 35.89 -28.44
CA LEU I 284 57.62 34.49 -28.08
C LEU I 284 56.25 33.86 -27.86
N PHE I 285 56.11 32.62 -28.32
CA PHE I 285 54.97 31.77 -28.00
C PHE I 285 55.49 30.41 -27.51
N CYS I 286 54.89 29.91 -26.43
CA CYS I 286 55.24 28.61 -25.87
C CYS I 286 54.00 27.74 -25.79
N GLN I 287 54.08 26.53 -26.35
CA GLN I 287 52.98 25.58 -26.27
C GLN I 287 52.87 24.94 -24.88
N LYS I 288 53.65 25.41 -23.92
CA LYS I 288 53.82 24.77 -22.62
C LYS I 288 54.29 25.83 -21.62
N GLY I 289 54.64 25.39 -20.41
CA GLY I 289 54.81 26.32 -19.31
C GLY I 289 56.07 27.17 -19.40
N ILE I 290 55.96 28.38 -18.86
CA ILE I 290 57.10 29.26 -18.63
C ILE I 290 57.11 29.59 -17.14
N ASP I 291 58.25 29.41 -16.49
CA ASP I 291 58.39 29.65 -15.07
C ASP I 291 58.35 31.14 -14.74
N ASP I 292 57.95 31.45 -13.49
CA ASP I 292 57.81 32.84 -13.08
C ASP I 292 59.13 33.59 -12.99
N LEU I 293 60.26 32.90 -12.91
CA LEU I 293 61.55 33.58 -13.01
C LEU I 293 61.98 33.78 -14.45
N ALA I 294 61.65 32.80 -15.31
CA ALA I 294 61.87 32.95 -16.75
C ALA I 294 61.11 34.16 -17.28
N GLN I 295 59.88 34.36 -16.79
CA GLN I 295 59.06 35.51 -17.10
C GLN I 295 59.76 36.81 -16.73
N HIS I 296 60.44 36.80 -15.58
CA HIS I 296 61.22 37.95 -15.16
C HIS I 296 62.31 38.27 -16.17
N TYR I 297 63.11 37.27 -16.55
CA TYR I 297 64.22 37.59 -17.44
C TYR I 297 63.70 38.00 -18.82
N LEU I 298 62.61 37.38 -19.26
CA LEU I 298 61.96 37.80 -20.51
C LEU I 298 61.46 39.24 -20.46
N ALA I 299 60.83 39.67 -19.36
CA ALA I 299 60.43 41.06 -19.22
C ALA I 299 61.62 41.98 -18.94
N LYS I 300 62.77 41.42 -18.58
CA LYS I 300 63.94 42.27 -18.36
C LYS I 300 64.69 42.50 -19.67
N GLU I 301 64.57 41.54 -20.59
CA GLU I 301 65.19 41.67 -21.90
C GLU I 301 64.30 42.37 -22.91
N GLY I 302 63.08 42.74 -22.53
CA GLY I 302 62.06 43.21 -23.46
C GLY I 302 61.63 42.27 -24.57
N ILE I 303 61.32 41.02 -24.21
CA ILE I 303 60.76 40.04 -25.15
C ILE I 303 59.33 39.75 -24.72
N VAL I 304 58.40 39.75 -25.68
CA VAL I 304 56.99 39.52 -25.39
C VAL I 304 56.72 38.02 -25.49
N ALA I 305 56.04 37.47 -24.49
CA ALA I 305 55.85 36.02 -24.37
C ALA I 305 54.44 35.65 -23.96
N ALA I 306 53.92 34.60 -24.59
CA ALA I 306 52.69 33.92 -24.17
C ALA I 306 53.00 32.43 -23.96
N ARG I 307 52.22 31.79 -23.10
CA ARG I 307 52.50 30.41 -22.69
C ARG I 307 51.27 29.53 -22.81
N ARG I 308 51.54 28.21 -22.80
CA ARG I 308 50.49 27.18 -22.92
C ARG I 308 49.56 27.42 -24.11
N VAL I 309 50.14 27.79 -25.24
CA VAL I 309 49.39 28.03 -26.47
C VAL I 309 49.00 26.68 -27.05
N LYS I 310 47.76 26.58 -27.51
CA LYS I 310 47.25 25.33 -28.02
C LYS I 310 47.82 25.02 -29.40
N LYS I 311 47.84 23.71 -29.71
CA LYS I 311 48.61 23.20 -30.85
C LYS I 311 48.11 23.75 -32.17
N SER I 312 46.79 23.88 -32.33
CA SER I 312 46.23 24.38 -33.58
C SER I 312 46.63 25.84 -33.81
N ASP I 313 46.64 26.63 -32.73
CA ASP I 313 47.14 28.00 -32.82
C ASP I 313 48.62 28.03 -33.17
N MET I 314 49.39 27.07 -32.67
CA MET I 314 50.80 26.96 -33.04
C MET I 314 50.95 26.69 -34.54
N GLU I 315 50.11 25.79 -35.08
CA GLU I 315 50.10 25.51 -36.51
C GLU I 315 49.79 26.76 -37.31
N LYS I 316 48.76 27.48 -36.90
CA LYS I 316 48.33 28.67 -37.66
C LYS I 316 49.35 29.80 -37.57
N LEU I 317 50.00 29.96 -36.41
CA LEU I 317 51.10 30.91 -36.31
C LEU I 317 52.27 30.54 -37.22
N ALA I 318 52.69 29.27 -37.19
CA ALA I 318 53.78 28.82 -38.06
C ALA I 318 53.42 29.03 -39.52
N LYS I 319 52.17 28.77 -39.89
CA LYS I 319 51.71 28.99 -41.24
C LYS I 319 51.77 30.47 -41.62
N ALA I 320 51.29 31.34 -40.72
CA ALA I 320 51.07 32.74 -41.06
C ALA I 320 52.39 33.50 -41.14
N THR I 321 53.29 33.26 -40.19
CA THR I 321 54.54 34.02 -40.04
C THR I 321 55.70 33.40 -40.80
N GLY I 322 55.67 32.08 -41.04
CA GLY I 322 56.81 31.38 -41.59
C GLY I 322 57.82 30.92 -40.57
N ALA I 323 57.46 30.98 -39.28
CA ALA I 323 58.32 30.48 -38.22
C ALA I 323 58.29 28.96 -38.16
N ASN I 324 59.30 28.38 -37.53
CA ASN I 324 59.40 26.95 -37.34
C ASN I 324 59.24 26.62 -35.86
N VAL I 325 58.33 25.70 -35.55
CA VAL I 325 58.17 25.29 -34.16
C VAL I 325 59.41 24.51 -33.73
N ILE I 326 60.02 24.95 -32.63
CA ILE I 326 61.29 24.40 -32.15
C ILE I 326 61.03 23.60 -30.89
N THR I 327 61.67 22.43 -30.79
CA THR I 327 61.48 21.57 -29.63
C THR I 327 62.61 21.66 -28.60
N ASN I 328 63.72 22.33 -28.94
CA ASN I 328 64.89 22.41 -28.06
C ASN I 328 65.61 23.73 -28.32
N ILE I 329 65.90 24.48 -27.26
CA ILE I 329 66.27 25.88 -27.44
C ILE I 329 67.72 26.02 -27.93
N LYS I 330 68.53 24.98 -27.77
CA LYS I 330 69.93 25.05 -28.18
C LYS I 330 70.08 25.13 -29.69
N ASP I 331 69.04 24.73 -30.44
CA ASP I 331 69.13 24.75 -31.90
C ASP I 331 68.51 26.01 -32.50
N LEU I 332 67.83 26.80 -31.69
CA LEU I 332 67.12 27.98 -32.17
C LEU I 332 68.11 29.00 -32.73
N SER I 333 67.80 29.51 -33.92
CA SER I 333 68.72 30.36 -34.67
C SER I 333 67.90 31.39 -35.46
N ALA I 334 68.60 32.26 -36.21
CA ALA I 334 67.88 33.23 -37.03
C ALA I 334 67.17 32.57 -38.21
N GLN I 335 67.47 31.30 -38.47
CA GLN I 335 66.84 30.54 -39.54
C GLN I 335 65.41 30.15 -39.18
N ASP I 336 65.11 30.09 -37.89
CA ASP I 336 63.86 29.54 -37.38
C ASP I 336 62.82 30.61 -37.07
N LEU I 337 63.17 31.88 -37.20
CA LEU I 337 62.29 32.96 -36.76
C LEU I 337 61.35 33.40 -37.89
N GLY I 338 60.08 33.61 -37.52
CA GLY I 338 59.14 34.18 -38.45
C GLY I 338 59.13 35.70 -38.40
N ASP I 339 58.36 36.30 -39.30
CA ASP I 339 58.27 37.76 -39.40
C ASP I 339 56.81 38.19 -39.53
N ALA I 340 56.48 39.31 -38.88
CA ALA I 340 55.14 39.88 -38.95
C ALA I 340 55.21 41.37 -38.64
N GLY I 341 54.51 42.16 -39.45
CA GLY I 341 54.67 43.60 -39.42
C GLY I 341 54.14 44.26 -38.16
N LEU I 342 53.14 43.65 -37.52
CA LEU I 342 52.53 44.26 -36.34
C LEU I 342 51.98 43.18 -35.39
N VAL I 343 52.33 43.32 -34.11
CA VAL I 343 51.78 42.50 -33.03
C VAL I 343 51.34 43.41 -31.91
N GLU I 344 50.12 43.22 -31.41
CA GLU I 344 49.61 44.03 -30.31
C GLU I 344 48.55 43.28 -29.54
N GLU I 345 48.55 43.44 -28.22
CA GLU I 345 47.46 42.95 -27.40
C GLU I 345 46.34 43.97 -27.36
N ARG I 346 45.10 43.49 -27.50
CA ARG I 346 43.92 44.35 -27.45
C ARG I 346 42.82 43.74 -26.58
N LYS I 347 41.86 44.59 -26.18
CA LYS I 347 40.65 44.12 -25.50
C LYS I 347 39.47 44.32 -26.45
N ILE I 348 38.76 43.24 -26.74
CA ILE I 348 37.66 43.26 -27.69
C ILE I 348 36.53 42.39 -27.15
N SER I 349 35.31 42.92 -27.19
CA SER I 349 34.11 42.19 -26.78
C SER I 349 34.21 41.66 -25.35
N GLY I 350 35.10 42.27 -24.56
CA GLY I 350 35.33 41.96 -23.17
C GLY I 350 36.45 40.99 -22.91
N ASP I 351 37.07 40.43 -23.95
CA ASP I 351 38.15 39.47 -23.84
C ASP I 351 39.47 40.11 -24.27
N SER I 352 40.53 39.83 -23.50
CA SER I 352 41.88 40.20 -23.87
C SER I 352 42.43 39.21 -24.89
N MET I 353 42.90 39.73 -26.02
CA MET I 353 43.41 38.87 -27.09
C MET I 353 44.65 39.50 -27.74
N ILE I 354 45.49 38.63 -28.28
CA ILE I 354 46.72 39.05 -28.96
C ILE I 354 46.48 38.97 -30.47
N PHE I 355 46.82 40.06 -31.17
CA PHE I 355 46.58 40.19 -32.60
C PHE I 355 47.90 40.18 -33.37
N VAL I 356 47.97 39.35 -34.42
CA VAL I 356 49.11 39.31 -35.32
C VAL I 356 48.67 39.81 -36.69
N GLU I 357 49.37 40.81 -37.22
CA GLU I 357 48.93 41.46 -38.45
C GLU I 357 50.09 41.77 -39.38
N GLU I 358 49.75 42.03 -40.64
CA GLU I 358 50.70 42.36 -41.71
C GLU I 358 51.79 41.28 -41.82
N CYS I 359 51.35 40.07 -42.15
CA CYS I 359 52.24 38.91 -42.23
C CYS I 359 52.99 38.90 -43.56
N LYS I 360 54.19 38.30 -43.52
CA LYS I 360 55.10 38.38 -44.65
C LYS I 360 54.57 37.62 -45.87
N HIS I 361 54.05 36.42 -45.65
CA HIS I 361 53.39 35.65 -46.71
C HIS I 361 52.41 34.68 -46.06
N PRO I 362 51.19 35.14 -45.77
CA PRO I 362 50.25 34.30 -45.01
C PRO I 362 49.70 33.12 -45.81
N LYS I 363 50.01 31.92 -45.34
CA LYS I 363 49.35 30.71 -45.81
C LYS I 363 48.13 30.33 -44.98
N ALA I 364 47.73 31.17 -44.03
CA ALA I 364 46.52 30.98 -43.24
C ALA I 364 45.94 32.34 -42.87
N VAL I 365 44.61 32.42 -42.80
CA VAL I 365 43.91 33.68 -42.56
C VAL I 365 42.79 33.49 -41.55
N THR I 366 42.40 34.59 -40.89
CA THR I 366 41.37 34.59 -39.87
C THR I 366 40.23 35.53 -40.26
N MET I 367 39.00 35.06 -40.12
CA MET I 367 37.80 35.87 -40.37
C MET I 367 37.09 36.14 -39.05
N LEU I 368 36.84 37.42 -38.77
CA LEU I 368 36.28 37.87 -37.50
C LEU I 368 34.82 38.28 -37.69
N ILE I 369 33.91 37.42 -37.24
CA ILE I 369 32.49 37.65 -37.44
C ILE I 369 31.91 38.43 -36.26
N ARG I 370 31.27 39.56 -36.53
CA ARG I 370 30.69 40.42 -35.52
C ARG I 370 29.17 40.32 -35.53
N GLY I 371 28.54 40.76 -34.44
CA GLY I 371 27.09 40.67 -34.34
C GLY I 371 26.52 41.04 -32.99
N THR I 372 25.26 41.47 -33.00
CA THR I 372 24.59 42.04 -31.84
C THR I 372 24.04 40.97 -30.90
N THR I 373 24.26 39.70 -31.19
CA THR I 373 23.62 38.64 -30.41
C THR I 373 24.26 37.30 -30.78
N GLU I 374 24.33 36.40 -29.80
CA GLU I 374 25.02 35.13 -30.02
C GLU I 374 24.25 34.25 -30.99
N HIS I 375 22.92 34.26 -30.91
CA HIS I 375 22.10 33.53 -31.88
C HIS I 375 22.26 34.09 -33.29
N VAL I 376 22.69 35.34 -33.42
CA VAL I 376 22.94 35.90 -34.74
C VAL I 376 24.23 35.35 -35.32
N ILE I 377 25.26 35.29 -34.48
CA ILE I 377 26.60 34.91 -34.93
C ILE I 377 26.67 33.41 -35.20
N GLU I 378 25.95 32.62 -34.39
CA GLU I 378 25.86 31.19 -34.60
C GLU I 378 25.16 30.85 -35.90
N GLU I 379 24.53 31.84 -36.55
CA GLU I 379 23.96 31.61 -37.87
C GLU I 379 24.84 32.19 -38.97
N VAL I 380 25.44 33.36 -38.72
CA VAL I 380 26.32 33.96 -39.72
C VAL I 380 27.50 33.03 -39.98
N ALA I 381 27.98 32.32 -38.95
CA ALA I 381 29.06 31.37 -39.16
C ALA I 381 28.69 30.28 -40.17
N ARG I 382 27.46 29.77 -40.08
CA ARG I 382 26.98 28.78 -41.04
C ARG I 382 26.90 29.38 -42.44
N ALA I 383 26.34 30.60 -42.53
CA ALA I 383 26.21 31.27 -43.83
C ALA I 383 27.57 31.57 -44.47
N VAL I 384 28.64 31.57 -43.67
CA VAL I 384 29.96 31.79 -44.24
C VAL I 384 30.63 30.46 -44.59
N ASP I 385 30.38 29.43 -43.77
CA ASP I 385 30.94 28.11 -44.05
C ASP I 385 30.45 27.58 -45.40
N ASP I 386 29.17 27.82 -45.70
CA ASP I 386 28.60 27.35 -46.97
C ASP I 386 29.26 28.01 -48.18
N ALA I 387 29.56 29.31 -48.07
CA ALA I 387 30.21 30.03 -49.14
C ALA I 387 31.66 29.61 -49.31
N VAL I 388 32.37 29.34 -48.21
CA VAL I 388 33.71 28.77 -48.32
C VAL I 388 33.66 27.45 -49.08
N GLY I 389 32.68 26.62 -48.76
CA GLY I 389 32.45 25.40 -49.54
C GLY I 389 32.32 25.59 -51.04
N VAL I 390 31.29 26.34 -51.46
CA VAL I 390 31.08 26.51 -52.90
C VAL I 390 32.23 27.21 -53.60
N VAL I 391 32.94 28.11 -52.92
CA VAL I 391 34.09 28.75 -53.55
C VAL I 391 35.23 27.75 -53.76
N GLY I 392 35.51 26.91 -52.76
CA GLY I 392 36.49 25.86 -52.96
C GLY I 392 36.13 24.94 -54.11
N CYS I 393 34.85 24.56 -54.21
CA CYS I 393 34.41 23.69 -55.30
C CYS I 393 34.71 24.31 -56.67
N THR I 394 34.38 25.59 -56.84
CA THR I 394 34.62 26.25 -58.12
C THR I 394 36.12 26.38 -58.41
N ILE I 395 36.93 26.63 -57.37
CA ILE I 395 38.36 26.82 -57.57
C ILE I 395 39.03 25.50 -57.94
N GLU I 396 38.54 24.40 -57.37
CA GLU I 396 39.15 23.09 -57.60
C GLU I 396 38.74 22.50 -58.94
N ASP I 397 37.43 22.55 -59.26
CA ASP I 397 36.94 21.85 -60.45
C ASP I 397 36.87 22.73 -61.69
N GLY I 398 36.67 24.04 -61.50
CA GLY I 398 36.40 24.96 -62.58
C GLY I 398 35.24 24.63 -63.50
N ARG I 399 34.10 24.25 -62.94
CA ARG I 399 32.89 23.97 -63.71
C ARG I 399 31.67 24.47 -62.94
N ILE I 400 30.76 25.16 -63.64
CA ILE I 400 29.62 25.78 -63.00
C ILE I 400 28.33 25.38 -63.71
N VAL I 401 27.21 25.50 -63.00
CA VAL I 401 25.90 25.18 -63.54
C VAL I 401 24.93 26.30 -63.19
N SER I 402 23.88 26.41 -63.99
CA SER I 402 22.87 27.46 -63.82
C SER I 402 21.95 27.14 -62.66
N GLY I 403 21.52 28.19 -61.94
CA GLY I 403 20.76 28.01 -60.73
C GLY I 403 19.27 28.22 -60.92
N GLY I 404 18.59 28.45 -59.79
CA GLY I 404 17.15 28.60 -59.80
C GLY I 404 16.36 27.44 -60.35
N GLY I 405 16.84 26.21 -60.14
CA GLY I 405 16.22 25.02 -60.68
C GLY I 405 16.20 24.90 -62.19
N SER I 406 16.91 25.76 -62.93
CA SER I 406 16.99 25.55 -64.37
C SER I 406 17.72 24.28 -64.78
N THR I 407 18.42 23.63 -63.85
CA THR I 407 19.13 22.40 -64.22
C THR I 407 18.23 21.18 -64.15
N GLU I 408 17.35 21.14 -63.16
CA GLU I 408 16.49 19.98 -62.96
C GLU I 408 15.49 19.81 -64.10
N VAL I 409 14.95 20.92 -64.62
CA VAL I 409 14.05 20.83 -65.78
C VAL I 409 14.77 20.27 -66.99
N GLU I 410 16.00 20.71 -67.23
CA GLU I 410 16.80 20.19 -68.33
C GLU I 410 17.05 18.70 -68.16
N LEU I 411 17.40 18.27 -66.96
CA LEU I 411 17.67 16.86 -66.73
C LEU I 411 16.41 16.01 -66.92
N SER I 412 15.28 16.50 -66.40
CA SER I 412 14.03 15.76 -66.57
C SER I 412 13.71 15.58 -68.05
N MET I 413 13.81 16.65 -68.84
CA MET I 413 13.56 16.55 -70.28
C MET I 413 14.51 15.55 -70.95
N LYS I 414 15.80 15.68 -70.68
CA LYS I 414 16.80 14.85 -71.35
C LYS I 414 16.79 13.41 -70.87
N LEU I 415 16.18 13.13 -69.72
CA LEU I 415 15.96 11.75 -69.30
C LEU I 415 14.67 11.19 -69.90
N ARG I 416 13.72 12.06 -70.22
CA ARG I 416 12.52 11.57 -70.88
C ARG I 416 12.81 11.22 -72.34
N GLU I 417 13.65 12.02 -73.00
CA GLU I 417 14.18 11.64 -74.32
C GLU I 417 15.01 10.35 -74.26
N TYR I 418 15.63 10.07 -73.10
CA TYR I 418 16.29 8.78 -72.87
C TYR I 418 15.30 7.64 -72.74
N ALA I 419 14.20 7.86 -72.01
CA ALA I 419 13.35 6.75 -71.60
C ALA I 419 12.67 6.06 -72.78
N GLU I 420 12.54 6.74 -73.93
CA GLU I 420 11.94 6.06 -75.08
C GLU I 420 12.88 5.05 -75.73
N GLY I 421 14.19 5.14 -75.49
CA GLY I 421 15.08 4.11 -75.99
C GLY I 421 15.03 2.84 -75.19
N ILE I 422 14.76 2.94 -73.90
CA ILE I 422 14.68 1.79 -73.01
C ILE I 422 13.34 1.10 -73.16
N SER I 423 13.35 -0.24 -73.19
CA SER I 423 12.10 -0.98 -73.32
C SER I 423 12.02 -2.03 -72.22
N GLY I 424 10.80 -2.49 -71.95
CA GLY I 424 10.49 -3.33 -70.82
C GLY I 424 9.79 -2.52 -69.75
N ARG I 425 9.99 -2.87 -68.48
CA ARG I 425 9.28 -2.21 -67.40
C ARG I 425 10.18 -1.30 -66.56
N GLU I 426 11.51 -1.37 -66.75
CA GLU I 426 12.38 -0.35 -66.18
C GLU I 426 12.09 1.04 -66.75
N GLN I 427 11.41 1.11 -67.90
CA GLN I 427 11.05 2.39 -68.48
C GLN I 427 10.14 3.17 -67.54
N LEU I 428 9.28 2.46 -66.82
CA LEU I 428 8.39 3.12 -65.85
C LEU I 428 9.20 3.79 -64.73
N ALA I 429 10.18 3.07 -64.19
CA ALA I 429 11.03 3.62 -63.14
C ALA I 429 11.91 4.75 -63.65
N VAL I 430 12.38 4.68 -64.90
CA VAL I 430 13.16 5.76 -65.47
C VAL I 430 12.32 7.03 -65.59
N ARG I 431 11.06 6.88 -65.98
CA ARG I 431 10.17 8.04 -66.06
C ARG I 431 9.87 8.61 -64.68
N ALA I 432 9.62 7.74 -63.70
CA ALA I 432 9.36 8.22 -62.34
C ALA I 432 10.59 8.90 -61.74
N PHE I 433 11.79 8.47 -62.14
CA PHE I 433 12.99 9.17 -61.71
C PHE I 433 13.08 10.55 -62.34
N ALA I 434 12.83 10.63 -63.65
CA ALA I 434 12.93 11.89 -64.36
C ALA I 434 11.88 12.89 -63.88
N ASP I 435 10.73 12.38 -63.43
CA ASP I 435 9.64 13.24 -62.97
C ASP I 435 9.79 13.62 -61.51
N ALA I 436 10.79 13.06 -60.82
CA ALA I 436 11.01 13.34 -59.40
C ALA I 436 12.00 14.48 -59.17
N LEU I 437 12.72 14.89 -60.22
CA LEU I 437 13.72 15.94 -60.06
C LEU I 437 13.09 17.32 -60.11
N GLU I 438 11.89 17.42 -60.67
CA GLU I 438 11.16 18.68 -60.73
C GLU I 438 10.54 19.06 -59.39
N VAL I 439 10.84 18.34 -58.31
CA VAL I 439 10.38 18.73 -56.99
C VAL I 439 11.03 20.04 -56.54
N ILE I 440 12.22 20.33 -57.06
CA ILE I 440 13.03 21.47 -56.63
C ILE I 440 12.46 22.77 -57.19
N PRO I 441 12.24 22.90 -58.51
CA PRO I 441 11.60 24.12 -59.01
C PRO I 441 10.15 24.25 -58.58
N ARG I 442 9.45 23.13 -58.38
CA ARG I 442 8.15 23.15 -57.73
C ARG I 442 8.21 23.79 -56.34
N THR I 443 9.08 23.29 -55.47
CA THR I 443 9.15 23.86 -54.12
C THR I 443 9.66 25.29 -54.14
N LEU I 444 10.52 25.64 -55.10
CA LEU I 444 11.01 27.01 -55.21
C LEU I 444 9.87 27.98 -55.50
N ALA I 445 8.84 27.52 -56.21
CA ALA I 445 7.64 28.33 -56.36
C ALA I 445 6.69 28.21 -55.15
N GLU I 446 6.62 27.02 -54.53
CA GLU I 446 5.70 26.81 -53.42
C GLU I 446 6.03 27.72 -52.23
N ASN I 447 7.32 27.92 -51.94
CA ASN I 447 7.71 28.70 -50.78
C ASN I 447 7.44 30.20 -50.97
N ALA I 448 7.59 30.71 -52.19
CA ALA I 448 7.35 32.11 -52.50
C ALA I 448 5.87 32.45 -52.65
N GLY I 449 4.99 31.48 -52.44
CA GLY I 449 3.56 31.71 -52.60
C GLY I 449 3.11 31.88 -54.03
N LEU I 450 3.84 31.30 -54.99
CA LEU I 450 3.49 31.37 -56.39
C LEU I 450 2.65 30.15 -56.79
N ASP I 451 2.13 30.18 -58.00
CA ASP I 451 1.28 29.11 -58.53
C ASP I 451 2.19 28.16 -59.29
N ALA I 452 2.50 27.02 -58.67
CA ALA I 452 3.56 26.15 -59.18
C ALA I 452 3.16 25.48 -60.50
N ILE I 453 1.89 25.10 -60.63
CA ILE I 453 1.46 24.35 -61.80
C ILE I 453 1.47 25.24 -63.05
N GLU I 454 1.18 26.53 -62.88
CA GLU I 454 1.24 27.46 -64.00
C GLU I 454 2.68 27.87 -64.30
N ILE I 455 3.53 27.92 -63.27
CA ILE I 455 4.91 28.33 -63.47
C ILE I 455 5.69 27.25 -64.22
N LEU I 456 5.52 26.00 -63.82
CA LEU I 456 6.35 24.91 -64.30
C LEU I 456 6.22 24.70 -65.81
N VAL I 457 5.02 24.94 -66.36
CA VAL I 457 4.79 24.78 -67.79
C VAL I 457 5.58 25.82 -68.58
N LYS I 458 5.54 27.08 -68.13
CA LYS I 458 6.29 28.13 -68.80
C LYS I 458 7.79 27.85 -68.75
N VAL I 459 8.26 27.38 -67.60
CA VAL I 459 9.67 27.02 -67.44
C VAL I 459 10.06 25.92 -68.43
N ARG I 460 9.23 24.88 -68.54
CA ARG I 460 9.52 23.81 -69.50
C ARG I 460 9.54 24.34 -70.93
N ALA I 461 8.54 25.17 -71.28
CA ALA I 461 8.42 25.67 -72.64
C ALA I 461 9.66 26.45 -73.07
N ALA I 462 10.21 27.24 -72.14
CA ALA I 462 11.42 28.01 -72.43
C ALA I 462 12.56 27.11 -72.86
N HIS I 463 12.61 25.89 -72.31
CA HIS I 463 13.67 24.95 -72.68
C HIS I 463 13.37 24.28 -74.01
N ALA I 464 12.13 23.77 -74.16
CA ALA I 464 11.80 22.92 -75.29
C ALA I 464 11.97 23.61 -76.65
N SER I 465 12.00 24.94 -76.67
CA SER I 465 12.07 25.67 -77.93
C SER I 465 13.47 26.18 -78.28
N ASN I 466 14.49 25.85 -77.50
CA ASN I 466 15.77 26.54 -77.61
C ASN I 466 16.99 25.67 -77.32
N GLY I 467 16.88 24.66 -76.46
CA GLY I 467 18.10 24.16 -75.88
C GLY I 467 18.71 25.16 -74.91
N ASN I 468 17.89 26.07 -74.37
CA ASN I 468 18.32 27.02 -73.37
C ASN I 468 18.64 26.27 -72.09
N LYS I 469 19.92 26.23 -71.73
CA LYS I 469 20.35 25.53 -70.52
C LYS I 469 19.89 26.25 -69.25
N CYS I 470 19.55 27.53 -69.37
CA CYS I 470 19.64 28.46 -68.25
C CYS I 470 18.30 28.93 -67.67
N ALA I 471 17.21 28.88 -68.44
CA ALA I 471 15.99 29.58 -68.05
C ALA I 471 15.34 28.94 -66.83
N GLY I 472 14.82 29.78 -65.93
CA GLY I 472 14.29 29.32 -64.66
C GLY I 472 13.52 30.41 -63.94
N LEU I 473 13.06 30.07 -62.75
CA LEU I 473 12.14 30.94 -62.02
C LEU I 473 12.87 32.09 -61.33
N ASN I 474 12.34 33.31 -61.50
CA ASN I 474 12.70 34.45 -60.66
C ASN I 474 11.62 34.58 -59.58
N VAL I 475 12.00 34.28 -58.32
CA VAL I 475 11.03 34.20 -57.23
C VAL I 475 10.66 35.56 -56.65
N PHE I 476 11.08 36.64 -57.30
CA PHE I 476 10.79 38.00 -56.83
C PHE I 476 9.82 38.71 -57.76
N THR I 477 10.22 38.92 -59.00
CA THR I 477 9.30 39.31 -60.06
C THR I 477 8.26 38.24 -60.40
N GLY I 478 8.43 37.00 -59.95
CA GLY I 478 7.48 35.97 -60.33
C GLY I 478 7.44 35.67 -61.81
N ALA I 479 8.60 35.54 -62.45
CA ALA I 479 8.68 35.39 -63.89
C ALA I 479 9.88 34.53 -64.26
N VAL I 480 9.90 34.09 -65.52
CA VAL I 480 10.86 33.10 -66.00
C VAL I 480 11.99 33.81 -66.71
N GLU I 481 13.21 33.64 -66.19
CA GLU I 481 14.33 34.42 -66.72
C GLU I 481 15.58 33.57 -66.87
N ASP I 482 16.51 34.08 -67.67
CA ASP I 482 17.84 33.50 -67.86
C ASP I 482 18.61 33.63 -66.56
N MET I 483 18.98 32.50 -65.96
CA MET I 483 19.61 32.54 -64.65
C MET I 483 21.12 32.75 -64.70
N CYS I 484 21.69 32.83 -65.90
CA CYS I 484 23.10 33.21 -66.03
C CYS I 484 23.26 34.73 -66.19
N GLU I 485 22.38 35.34 -66.98
CA GLU I 485 22.33 36.80 -67.06
C GLU I 485 21.96 37.41 -65.71
N ASN I 486 21.16 36.69 -64.92
CA ASN I 486 20.80 37.11 -63.59
C ASN I 486 21.92 36.92 -62.57
N GLY I 487 22.92 36.11 -62.91
CA GLY I 487 24.04 35.85 -62.01
C GLY I 487 23.79 34.84 -60.91
N VAL I 488 22.86 33.90 -61.09
CA VAL I 488 22.59 32.86 -60.10
C VAL I 488 23.30 31.59 -60.57
N VAL I 489 24.48 31.32 -59.99
CA VAL I 489 25.40 30.30 -60.47
C VAL I 489 25.79 29.38 -59.32
N GLU I 490 26.04 28.10 -59.64
CA GLU I 490 26.43 27.13 -58.63
C GLU I 490 27.56 26.27 -59.19
N PRO I 491 28.34 25.62 -58.32
CA PRO I 491 29.37 24.71 -58.83
C PRO I 491 28.82 23.33 -59.14
N LEU I 492 29.39 22.72 -60.20
CA LEU I 492 28.85 21.49 -60.74
C LEU I 492 28.82 20.37 -59.69
N ARG I 493 29.79 20.37 -58.78
CA ARG I 493 29.93 19.30 -57.79
C ARG I 493 28.73 19.24 -56.84
N VAL I 494 27.91 20.28 -56.81
CA VAL I 494 26.75 20.30 -55.91
C VAL I 494 25.62 19.43 -56.45
N LYS I 495 25.50 19.31 -57.76
CA LYS I 495 24.44 18.51 -58.36
C LYS I 495 24.80 17.03 -58.40
N THR I 496 25.95 16.71 -58.98
CA THR I 496 26.40 15.32 -59.11
C THR I 496 26.37 14.59 -57.78
N GLN I 497 27.02 15.17 -56.77
CA GLN I 497 27.03 14.57 -55.44
C GLN I 497 25.62 14.39 -54.89
N ALA I 498 24.75 15.38 -55.07
CA ALA I 498 23.39 15.31 -54.53
C ALA I 498 22.64 14.12 -55.11
N ILE I 499 22.60 14.03 -56.44
CA ILE I 499 21.90 12.95 -57.11
C ILE I 499 22.52 11.61 -56.75
N GLN I 500 23.85 11.57 -56.64
CA GLN I 500 24.57 10.33 -56.40
C GLN I 500 24.23 9.77 -55.03
N SER I 501 24.35 10.61 -53.99
CA SER I 501 23.92 10.27 -52.64
C SER I 501 22.47 9.80 -52.60
N ALA I 502 21.56 10.56 -53.23
CA ALA I 502 20.13 10.29 -53.07
C ALA I 502 19.74 8.97 -53.72
N ALA I 503 20.27 8.69 -54.91
CA ALA I 503 19.97 7.42 -55.56
C ALA I 503 20.50 6.25 -54.75
N GLU I 504 21.76 6.34 -54.31
CA GLU I 504 22.38 5.24 -53.58
C GLU I 504 21.68 4.97 -52.26
N SER I 505 21.14 6.01 -51.62
CA SER I 505 20.44 5.80 -50.36
C SER I 505 18.98 5.39 -50.55
N THR I 506 18.39 5.66 -51.71
CA THR I 506 17.00 5.23 -51.89
C THR I 506 16.94 3.74 -52.25
N GLU I 507 17.98 3.24 -52.91
CA GLU I 507 17.97 1.86 -53.39
C GLU I 507 18.02 0.88 -52.23
N MET I 508 18.65 1.27 -51.13
CA MET I 508 18.72 0.39 -49.96
C MET I 508 17.34 0.19 -49.34
N LEU I 509 16.55 1.26 -49.22
CA LEU I 509 15.20 1.12 -48.68
C LEU I 509 14.27 0.42 -49.66
N LEU I 510 14.59 0.46 -50.97
CA LEU I 510 13.79 -0.31 -51.91
C LEU I 510 14.16 -1.79 -51.90
N ARG I 511 15.38 -2.15 -51.49
CA ARG I 511 15.78 -3.54 -51.52
C ARG I 511 15.44 -4.31 -50.25
N ILE I 512 14.91 -3.64 -49.22
CA ILE I 512 14.59 -4.29 -47.96
C ILE I 512 13.15 -4.79 -47.99
N ASP I 513 12.90 -5.96 -47.37
CA ASP I 513 11.52 -6.39 -47.17
C ASP I 513 11.20 -6.90 -45.76
N ASP I 514 12.12 -6.85 -44.81
CA ASP I 514 11.78 -7.31 -43.47
C ASP I 514 12.50 -6.46 -42.43
N VAL I 515 11.92 -6.43 -41.22
CA VAL I 515 12.52 -5.74 -40.08
C VAL I 515 12.45 -6.68 -38.88
N ILE I 516 13.63 -7.03 -38.33
CA ILE I 516 13.74 -7.97 -37.23
C ILE I 516 14.69 -7.44 -36.17
N ALA I 517 14.65 -8.04 -34.98
CA ALA I 517 15.33 -7.47 -33.81
C ALA I 517 16.70 -8.09 -33.58
N ALA I 518 17.65 -7.28 -33.10
CA ALA I 518 19.06 -7.65 -32.98
C ALA I 518 19.53 -7.67 -31.54
N GLU I 519 20.54 -8.51 -31.29
CA GLU I 519 20.97 -8.91 -29.96
C GLU I 519 22.29 -8.22 -29.61
N LYS I 520 22.21 -6.94 -29.27
CA LYS I 520 23.38 -6.09 -29.01
C LYS I 520 24.36 -6.19 -30.17
N LEU I 521 24.05 -5.42 -31.20
CA LEU I 521 24.68 -5.57 -32.52
C LEU I 521 26.18 -5.28 -32.47
N ARG I 522 26.56 -4.09 -32.00
CA ARG I 522 27.96 -3.70 -31.96
C ARG I 522 28.23 -2.69 -30.85
N GLU J 10 -3.35 -19.22 -30.07
CA GLU J 10 -3.64 -20.58 -29.63
C GLU J 10 -4.27 -20.73 -28.21
N ASN J 11 -3.78 -21.70 -27.43
CA ASN J 11 -4.30 -22.03 -26.10
C ASN J 11 -3.33 -22.91 -25.32
N MET J 12 -3.39 -22.82 -23.97
CA MET J 12 -2.60 -23.70 -23.11
C MET J 12 -2.68 -25.18 -23.50
N LYS J 13 -3.88 -25.72 -23.65
CA LYS J 13 -4.14 -27.16 -23.72
C LYS J 13 -3.83 -27.78 -25.09
N ARG J 14 -2.76 -27.33 -25.74
CA ARG J 14 -2.25 -27.80 -27.02
C ARG J 14 -0.78 -28.15 -26.97
N TYR J 15 -0.17 -28.01 -25.79
CA TYR J 15 1.24 -28.30 -25.58
C TYR J 15 1.47 -29.79 -25.66
N MET J 16 0.42 -30.55 -25.37
CA MET J 16 0.44 -32.01 -25.36
C MET J 16 0.57 -32.58 -26.76
N GLY J 17 0.11 -31.86 -27.79
CA GLY J 17 -0.23 -32.45 -29.07
C GLY J 17 0.89 -32.68 -30.05
N ARG J 18 2.16 -32.46 -29.68
CA ARG J 18 3.26 -32.75 -30.59
C ARG J 18 4.46 -33.26 -29.80
N ASP J 19 5.25 -34.16 -30.40
CA ASP J 19 6.38 -34.71 -29.67
C ASP J 19 7.52 -33.67 -29.58
N ALA J 20 8.55 -34.04 -28.80
CA ALA J 20 9.76 -33.23 -28.73
C ALA J 20 10.45 -33.13 -30.09
N GLN J 21 10.35 -34.19 -30.89
CA GLN J 21 10.95 -34.18 -32.22
C GLN J 21 10.20 -33.22 -33.14
N ARG J 22 8.87 -33.20 -33.04
CA ARG J 22 8.08 -32.21 -33.77
C ARG J 22 8.41 -30.79 -33.31
N MET J 23 8.50 -30.59 -31.99
CA MET J 23 9.00 -29.35 -31.41
C MET J 23 10.28 -28.89 -32.09
N ASN J 24 11.31 -29.74 -32.08
CA ASN J 24 12.62 -29.38 -32.60
C ASN J 24 12.60 -29.16 -34.11
N ILE J 25 11.88 -30.01 -34.84
CA ILE J 25 11.81 -29.88 -36.30
C ILE J 25 11.15 -28.55 -36.68
N LEU J 26 10.10 -28.16 -35.96
CA LEU J 26 9.43 -26.89 -36.24
C LEU J 26 10.30 -25.69 -35.88
N ALA J 27 10.90 -25.72 -34.68
CA ALA J 27 11.84 -24.67 -34.27
C ALA J 27 12.98 -24.53 -35.27
N GLY J 28 13.36 -25.63 -35.92
CA GLY J 28 14.39 -25.54 -36.94
C GLY J 28 13.88 -24.97 -38.25
N ARG J 29 12.73 -25.47 -38.72
CA ARG J 29 12.16 -24.97 -39.96
C ARG J 29 11.99 -23.46 -39.93
N ILE J 30 11.71 -22.91 -38.74
CA ILE J 30 11.51 -21.46 -38.63
C ILE J 30 12.73 -20.68 -39.10
N ILE J 31 13.93 -21.14 -38.71
CA ILE J 31 15.16 -20.44 -39.07
C ILE J 31 15.38 -20.45 -40.58
N ALA J 32 15.20 -21.61 -41.21
CA ALA J 32 15.37 -21.69 -42.65
C ALA J 32 14.33 -20.86 -43.38
N GLU J 33 13.11 -20.79 -42.83
CA GLU J 33 12.10 -19.92 -43.42
C GLU J 33 12.46 -18.44 -43.29
N THR J 34 13.23 -18.09 -42.26
CA THR J 34 13.61 -16.68 -42.08
C THR J 34 14.51 -16.20 -43.21
N VAL J 35 15.51 -16.99 -43.59
CA VAL J 35 16.56 -16.51 -44.50
C VAL J 35 16.31 -16.84 -45.96
N ARG J 36 15.25 -17.57 -46.28
CA ARG J 36 15.13 -18.21 -47.59
C ARG J 36 14.94 -17.20 -48.72
N SER J 37 14.18 -16.14 -48.47
CA SER J 37 13.89 -15.08 -49.45
C SER J 37 15.11 -14.22 -49.77
N THR J 38 16.24 -14.42 -49.09
CA THR J 38 17.47 -13.71 -49.45
C THR J 38 18.22 -14.39 -50.58
N LEU J 39 17.73 -15.53 -51.08
CA LEU J 39 18.52 -16.39 -51.94
C LEU J 39 18.41 -15.97 -53.40
N GLY J 40 19.53 -16.04 -54.12
CA GLY J 40 19.52 -15.88 -55.55
C GLY J 40 19.59 -14.43 -56.01
N PRO J 41 19.72 -14.24 -57.33
CA PRO J 41 19.94 -12.87 -57.85
C PRO J 41 18.82 -11.89 -57.53
N LYS J 42 17.58 -12.35 -57.50
CA LYS J 42 16.41 -11.56 -57.14
C LYS J 42 16.15 -11.56 -55.64
N GLY J 43 17.16 -11.89 -54.83
CA GLY J 43 16.99 -11.89 -53.39
C GLY J 43 16.86 -10.50 -52.81
N MET J 44 16.30 -10.45 -51.61
CA MET J 44 15.98 -9.18 -50.96
C MET J 44 16.65 -9.08 -49.60
N ASP J 45 16.79 -7.85 -49.11
CA ASP J 45 17.56 -7.58 -47.90
C ASP J 45 16.68 -7.58 -46.65
N LYS J 46 17.32 -7.79 -45.50
CA LYS J 46 16.68 -7.73 -44.20
C LYS J 46 17.21 -6.51 -43.43
N MET J 47 16.35 -5.92 -42.59
CA MET J 47 16.78 -4.84 -41.71
C MET J 47 16.84 -5.34 -40.27
N LEU J 48 17.98 -5.14 -39.62
CA LEU J 48 18.21 -5.56 -38.25
C LEU J 48 18.27 -4.33 -37.34
N VAL J 49 17.52 -4.37 -36.24
CA VAL J 49 17.43 -3.22 -35.34
C VAL J 49 17.76 -3.65 -33.92
N ASP J 50 18.55 -2.83 -33.23
CA ASP J 50 19.05 -3.10 -31.88
C ASP J 50 18.03 -2.67 -30.82
N ASP J 51 18.34 -3.03 -29.58
CA ASP J 51 17.72 -2.37 -28.43
C ASP J 51 18.15 -0.91 -28.34
N LEU J 52 19.42 -0.62 -28.63
CA LEU J 52 19.96 0.72 -28.44
C LEU J 52 19.69 1.65 -29.62
N GLY J 53 19.23 1.12 -30.75
CA GLY J 53 18.96 1.92 -31.92
C GLY J 53 19.94 1.78 -33.07
N ASP J 54 20.98 0.96 -32.93
CA ASP J 54 21.84 0.65 -34.07
C ASP J 54 21.05 -0.13 -35.13
N VAL J 55 21.47 0.04 -36.39
CA VAL J 55 20.75 -0.52 -37.53
C VAL J 55 21.75 -1.18 -38.48
N VAL J 56 21.38 -2.34 -39.03
CA VAL J 56 22.17 -3.03 -40.05
C VAL J 56 21.23 -3.42 -41.20
N VAL J 57 21.69 -3.23 -42.44
CA VAL J 57 20.95 -3.66 -43.62
C VAL J 57 21.83 -4.57 -44.45
N THR J 58 21.38 -5.79 -44.69
CA THR J 58 22.15 -6.79 -45.42
C THR J 58 21.24 -7.93 -45.89
N ASN J 59 21.71 -8.68 -46.88
CA ASN J 59 21.13 -9.98 -47.19
C ASN J 59 22.11 -11.12 -46.98
N ASP J 60 23.25 -10.88 -46.34
CA ASP J 60 24.19 -11.92 -45.99
C ASP J 60 23.56 -12.81 -44.92
N GLY J 61 23.51 -14.12 -45.19
CA GLY J 61 22.73 -15.01 -44.35
C GLY J 61 23.30 -15.21 -42.96
N VAL J 62 24.59 -15.57 -42.89
CA VAL J 62 25.20 -15.86 -41.60
C VAL J 62 25.18 -14.62 -40.71
N THR J 63 25.13 -13.42 -41.31
CA THR J 63 25.04 -12.22 -40.51
C THR J 63 23.65 -12.07 -39.89
N ILE J 64 22.61 -12.37 -40.67
CA ILE J 64 21.26 -12.35 -40.14
C ILE J 64 21.13 -13.35 -38.98
N LEU J 65 21.62 -14.57 -39.21
CA LEU J 65 21.56 -15.62 -38.19
C LEU J 65 22.45 -15.31 -36.99
N ARG J 66 23.48 -14.49 -37.18
CA ARG J 66 24.36 -14.15 -36.07
C ARG J 66 23.84 -13.00 -35.21
N GLU J 67 23.09 -12.10 -35.82
CA GLU J 67 22.60 -10.94 -35.09
C GLU J 67 21.18 -11.09 -34.57
N MET J 68 20.51 -12.19 -34.88
CA MET J 68 19.11 -12.34 -34.52
C MET J 68 18.98 -12.70 -33.05
N SER J 69 17.89 -12.26 -32.42
CA SER J 69 17.56 -12.74 -31.09
C SER J 69 16.90 -14.10 -31.23
N VAL J 70 17.63 -15.16 -30.95
CA VAL J 70 17.18 -16.54 -31.15
C VAL J 70 17.30 -17.29 -29.83
N GLU J 71 16.22 -17.95 -29.40
CA GLU J 71 16.15 -18.46 -28.04
C GLU J 71 15.90 -19.95 -27.91
N HIS J 72 15.37 -20.61 -28.94
CA HIS J 72 15.12 -22.04 -28.81
C HIS J 72 16.38 -22.83 -29.12
N PRO J 73 16.67 -23.92 -28.39
CA PRO J 73 17.95 -24.62 -28.58
C PRO J 73 18.20 -25.15 -29.98
N ALA J 74 17.16 -25.68 -30.65
CA ALA J 74 17.37 -26.28 -31.96
C ALA J 74 17.67 -25.21 -33.01
N ALA J 75 17.04 -24.05 -32.89
CA ALA J 75 17.36 -22.95 -33.78
C ALA J 75 18.78 -22.46 -33.56
N LYS J 76 19.22 -22.47 -32.30
CA LYS J 76 20.61 -22.20 -31.97
C LYS J 76 21.54 -23.22 -32.60
N MET J 77 21.09 -24.48 -32.71
CA MET J 77 21.87 -25.51 -33.37
C MET J 77 21.94 -25.36 -34.88
N LEU J 78 20.95 -24.70 -35.49
CA LEU J 78 21.01 -24.47 -36.94
C LEU J 78 21.91 -23.31 -37.31
N ILE J 79 22.07 -22.33 -36.41
CA ILE J 79 22.98 -21.22 -36.70
C ILE J 79 24.42 -21.72 -36.90
N GLU J 80 24.78 -22.82 -36.23
CA GLU J 80 26.13 -23.36 -36.37
C GLU J 80 26.39 -23.96 -37.75
N VAL J 81 25.33 -24.18 -38.51
CA VAL J 81 25.45 -24.65 -39.90
C VAL J 81 25.97 -23.54 -40.81
N ALA J 82 25.60 -22.29 -40.51
CA ALA J 82 26.08 -21.15 -41.29
C ALA J 82 27.52 -20.79 -40.94
N LYS J 83 27.85 -20.74 -39.65
CA LYS J 83 29.16 -20.28 -39.20
C LYS J 83 30.29 -21.14 -39.77
N THR J 84 30.05 -22.44 -39.92
CA THR J 84 31.11 -23.31 -40.41
C THR J 84 31.36 -23.08 -41.89
N GLN J 85 30.30 -22.82 -42.65
CA GLN J 85 30.43 -22.43 -44.04
C GLN J 85 31.12 -21.07 -44.16
N GLU J 86 30.86 -20.17 -43.22
CA GLU J 86 31.55 -18.88 -43.16
C GLU J 86 33.05 -19.09 -42.97
N LYS J 87 33.40 -19.95 -42.02
CA LYS J 87 34.76 -20.11 -41.53
C LYS J 87 35.62 -20.89 -42.52
N GLU J 88 35.10 -22.00 -43.03
CA GLU J 88 35.91 -22.94 -43.82
C GLU J 88 35.92 -22.62 -45.31
N VAL J 89 34.91 -21.90 -45.81
CA VAL J 89 34.75 -21.66 -47.23
C VAL J 89 34.67 -20.15 -47.42
N GLY J 90 33.64 -19.54 -46.84
CA GLY J 90 33.43 -18.11 -46.92
C GLY J 90 32.14 -17.72 -47.62
N ASP J 91 31.77 -18.44 -48.67
CA ASP J 91 30.50 -18.22 -49.35
C ASP J 91 29.64 -19.47 -49.19
N GLY J 92 28.35 -19.34 -49.48
CA GLY J 92 27.42 -20.44 -49.40
C GLY J 92 26.64 -20.58 -48.11
N THR J 93 26.59 -19.54 -47.28
CA THR J 93 25.96 -19.66 -45.97
C THR J 93 24.44 -19.65 -46.01
N THR J 94 23.82 -19.48 -47.18
CA THR J 94 22.37 -19.57 -47.25
C THR J 94 21.88 -20.89 -47.84
N THR J 95 22.65 -21.46 -48.77
CA THR J 95 22.33 -22.77 -49.32
C THR J 95 22.31 -23.82 -48.22
N ALA J 96 23.32 -23.78 -47.35
CA ALA J 96 23.43 -24.73 -46.25
C ALA J 96 22.18 -24.72 -45.37
N VAL J 97 21.72 -23.53 -44.97
CA VAL J 97 20.64 -23.53 -43.99
C VAL J 97 19.32 -23.91 -44.64
N VAL J 98 19.11 -23.50 -45.89
CA VAL J 98 17.87 -23.83 -46.58
C VAL J 98 17.80 -25.33 -46.83
N VAL J 99 18.92 -25.94 -47.23
CA VAL J 99 18.95 -27.38 -47.43
C VAL J 99 18.74 -28.12 -46.10
N ALA J 100 19.35 -27.61 -45.02
CA ALA J 100 19.15 -28.21 -43.70
C ALA J 100 17.68 -28.22 -43.30
N GLY J 101 17.00 -27.07 -43.42
CA GLY J 101 15.60 -27.02 -43.04
C GLY J 101 14.71 -27.86 -43.96
N GLU J 102 15.05 -27.95 -45.24
CA GLU J 102 14.28 -28.82 -46.12
C GLU J 102 14.47 -30.29 -45.74
N LEU J 103 15.66 -30.63 -45.26
CA LEU J 103 15.90 -31.98 -44.75
C LEU J 103 15.08 -32.25 -43.49
N LEU J 104 15.02 -31.28 -42.59
CA LEU J 104 14.15 -31.39 -41.42
C LEU J 104 12.70 -31.64 -41.82
N ARG J 105 12.21 -30.87 -42.78
CA ARG J 105 10.80 -30.91 -43.14
C ARG J 105 10.46 -32.16 -43.93
N LYS J 106 11.40 -32.65 -44.74
CA LYS J 106 11.24 -33.94 -45.39
C LYS J 106 11.24 -35.07 -44.37
N ALA J 107 12.09 -34.97 -43.34
CA ALA J 107 12.10 -36.00 -42.30
C ALA J 107 10.76 -36.01 -41.57
N GLU J 108 10.14 -34.84 -41.42
CA GLU J 108 8.85 -34.74 -40.76
C GLU J 108 7.77 -35.49 -41.53
N GLU J 109 7.93 -35.62 -42.85
CA GLU J 109 6.93 -36.30 -43.67
C GLU J 109 7.01 -37.82 -43.54
N LEU J 110 8.13 -38.33 -43.02
CA LEU J 110 8.27 -39.78 -42.83
C LEU J 110 7.96 -40.23 -41.40
N LEU J 111 8.13 -39.34 -40.42
CA LEU J 111 7.81 -39.70 -39.04
C LEU J 111 6.31 -39.74 -38.80
N ASP J 112 5.55 -38.98 -39.59
CA ASP J 112 4.09 -39.09 -39.51
C ASP J 112 3.55 -40.34 -40.23
N GLN J 113 4.42 -41.13 -40.86
CA GLN J 113 4.09 -42.48 -41.31
C GLN J 113 4.66 -43.54 -40.37
N ASN J 114 5.23 -43.11 -39.25
CA ASN J 114 5.74 -43.98 -38.17
C ASN J 114 7.01 -44.72 -38.56
N VAL J 115 7.91 -44.06 -39.31
CA VAL J 115 9.23 -44.62 -39.57
C VAL J 115 10.18 -44.29 -38.40
N HIS J 116 10.93 -45.30 -37.94
CA HIS J 116 11.81 -45.10 -36.80
C HIS J 116 12.88 -44.05 -37.11
N PRO J 117 13.17 -43.14 -36.18
CA PRO J 117 14.22 -42.14 -36.42
C PRO J 117 15.59 -42.70 -36.80
N THR J 118 16.02 -43.80 -36.17
CA THR J 118 17.32 -44.37 -36.54
C THR J 118 17.33 -44.85 -37.99
N ILE J 119 16.19 -45.32 -38.50
CA ILE J 119 16.12 -45.73 -39.89
C ILE J 119 16.32 -44.53 -40.81
N VAL J 120 15.70 -43.39 -40.47
CA VAL J 120 15.89 -42.16 -41.24
C VAL J 120 17.36 -41.75 -41.22
N VAL J 121 17.98 -41.79 -40.05
CA VAL J 121 19.36 -41.32 -39.90
C VAL J 121 20.31 -42.22 -40.69
N LYS J 122 20.12 -43.54 -40.60
CA LYS J 122 20.94 -44.46 -41.39
C LYS J 122 20.70 -44.34 -42.89
N GLY J 123 19.52 -43.89 -43.31
CA GLY J 123 19.36 -43.59 -44.73
C GLY J 123 20.06 -42.32 -45.19
N TYR J 124 19.85 -41.22 -44.46
CA TYR J 124 20.53 -39.97 -44.78
C TYR J 124 22.04 -40.18 -44.85
N GLN J 125 22.58 -40.96 -43.93
CA GLN J 125 24.01 -41.22 -43.91
C GLN J 125 24.47 -41.88 -45.20
N ALA J 126 23.73 -42.88 -45.69
CA ALA J 126 24.09 -43.54 -46.93
C ALA J 126 23.94 -42.63 -48.14
N ALA J 127 23.04 -41.64 -48.05
CA ALA J 127 22.83 -40.72 -49.16
C ALA J 127 23.94 -39.67 -49.27
N ALA J 128 24.43 -39.18 -48.12
CA ALA J 128 25.39 -38.08 -48.16
C ALA J 128 26.75 -38.51 -48.68
N GLN J 129 27.20 -39.72 -48.33
CA GLN J 129 28.45 -40.22 -48.89
C GLN J 129 28.35 -40.39 -50.40
N LYS J 130 27.17 -40.82 -50.87
CA LYS J 130 26.92 -40.93 -52.30
C LYS J 130 26.94 -39.56 -52.97
N ALA J 131 26.41 -38.54 -52.29
CA ALA J 131 26.47 -37.20 -52.84
C ALA J 131 27.91 -36.68 -52.89
N GLN J 132 28.76 -37.14 -51.96
CA GLN J 132 30.18 -36.79 -52.03
C GLN J 132 30.84 -37.42 -53.26
N GLU J 133 30.59 -38.72 -53.48
CA GLU J 133 31.11 -39.37 -54.68
C GLU J 133 30.66 -38.64 -55.95
N LEU J 134 29.37 -38.35 -56.04
CA LEU J 134 28.81 -37.71 -57.21
C LEU J 134 29.39 -36.31 -57.43
N LEU J 135 29.48 -35.51 -56.36
CA LEU J 135 30.07 -34.19 -56.48
C LEU J 135 31.54 -34.25 -56.89
N LYS J 136 32.25 -35.30 -56.46
CA LYS J 136 33.65 -35.43 -56.83
C LYS J 136 33.82 -35.88 -58.28
N THR J 137 32.76 -36.40 -58.90
CA THR J 137 32.87 -36.85 -60.29
C THR J 137 32.12 -36.00 -61.32
N ILE J 138 31.19 -35.13 -60.92
CA ILE J 138 30.48 -34.27 -61.87
C ILE J 138 31.10 -32.89 -62.03
N ALA J 139 32.25 -32.63 -61.39
CA ALA J 139 32.86 -31.32 -61.41
C ALA J 139 33.78 -31.16 -62.63
N CYS J 140 34.15 -29.91 -62.93
CA CYS J 140 35.04 -29.60 -64.03
C CYS J 140 36.40 -29.13 -63.50
N GLU J 141 37.47 -29.56 -64.16
CA GLU J 141 38.83 -29.40 -63.66
C GLU J 141 39.55 -28.29 -64.42
N VAL J 142 40.01 -27.28 -63.69
CA VAL J 142 40.58 -26.07 -64.28
C VAL J 142 41.86 -25.70 -63.55
N GLY J 143 42.79 -25.08 -64.27
CA GLY J 143 44.07 -24.71 -63.69
C GLY J 143 44.01 -23.40 -62.92
N ALA J 144 44.87 -23.29 -61.90
CA ALA J 144 44.79 -22.18 -60.96
C ALA J 144 45.35 -20.88 -61.54
N GLN J 145 46.06 -20.97 -62.66
CA GLN J 145 46.61 -19.81 -63.34
C GLN J 145 45.60 -19.12 -64.25
N ASP J 146 44.37 -19.62 -64.32
CA ASP J 146 43.40 -19.24 -65.35
C ASP J 146 42.52 -18.10 -64.82
N LYS J 147 42.98 -16.88 -65.06
CA LYS J 147 42.41 -15.70 -64.41
C LYS J 147 41.00 -15.38 -64.89
N GLU J 148 40.68 -15.80 -66.13
CA GLU J 148 39.38 -15.51 -66.72
C GLU J 148 38.23 -16.16 -65.94
N ILE J 149 38.34 -17.48 -65.73
CA ILE J 149 37.30 -18.17 -64.96
C ILE J 149 37.28 -17.65 -63.53
N LEU J 150 38.42 -17.20 -63.00
CA LEU J 150 38.42 -16.56 -61.69
C LEU J 150 37.57 -15.29 -61.68
N THR J 151 37.70 -14.47 -62.71
CA THR J 151 36.86 -13.29 -62.86
C THR J 151 35.38 -13.67 -62.89
N LYS J 152 35.04 -14.69 -63.68
CA LYS J 152 33.66 -15.13 -63.83
C LYS J 152 33.09 -15.61 -62.51
N ILE J 153 33.90 -16.33 -61.73
CA ILE J 153 33.46 -16.81 -60.41
C ILE J 153 33.25 -15.65 -59.45
N ALA J 154 34.14 -14.66 -59.50
CA ALA J 154 34.03 -13.49 -58.63
C ALA J 154 32.74 -12.72 -58.92
N MET J 155 32.47 -12.48 -60.20
CA MET J 155 31.23 -11.85 -60.61
C MET J 155 30.02 -12.64 -60.13
N THR J 156 30.09 -13.97 -60.25
CA THR J 156 29.01 -14.83 -59.75
C THR J 156 28.83 -14.67 -58.25
N SER J 157 29.90 -14.32 -57.53
CA SER J 157 29.80 -14.16 -56.09
C SER J 157 29.15 -12.83 -55.71
N ILE J 158 29.32 -11.82 -56.56
CA ILE J 158 28.82 -10.47 -56.28
C ILE J 158 27.36 -10.29 -56.73
N THR J 159 26.88 -11.12 -57.66
CA THR J 159 25.53 -11.02 -58.20
C THR J 159 24.47 -11.23 -57.13
N GLY J 160 23.45 -10.36 -57.13
CA GLY J 160 22.37 -10.47 -56.17
C GLY J 160 22.54 -9.71 -54.87
N LYS J 161 23.55 -8.84 -54.77
CA LYS J 161 23.90 -8.24 -53.48
C LYS J 161 23.73 -6.73 -53.44
N GLY J 162 23.02 -6.14 -54.40
CA GLY J 162 22.82 -4.69 -54.39
C GLY J 162 24.00 -3.89 -54.91
N ALA J 163 25.22 -4.35 -54.60
CA ALA J 163 26.43 -3.80 -55.19
C ALA J 163 26.76 -4.50 -56.51
N GLU J 164 25.74 -4.69 -57.37
CA GLU J 164 25.95 -5.34 -58.67
C GLU J 164 26.53 -4.37 -59.69
N LYS J 165 26.33 -3.07 -59.47
CA LYS J 165 26.60 -2.11 -60.52
C LYS J 165 28.09 -1.97 -60.78
N ALA J 166 28.91 -2.36 -59.79
CA ALA J 166 30.36 -2.29 -59.89
C ALA J 166 31.04 -3.66 -60.05
N LYS J 167 30.29 -4.73 -60.29
CA LYS J 167 30.90 -6.07 -60.19
C LYS J 167 31.99 -6.28 -61.24
N GLU J 168 31.85 -5.66 -62.42
CA GLU J 168 32.81 -5.88 -63.49
C GLU J 168 34.11 -5.08 -63.28
N LYS J 169 34.17 -4.27 -62.22
CA LYS J 169 35.43 -3.67 -61.76
C LYS J 169 35.96 -4.36 -60.50
N LEU J 170 35.05 -4.65 -59.58
CA LEU J 170 35.41 -5.35 -58.35
C LEU J 170 36.05 -6.69 -58.65
N ALA J 171 35.60 -7.35 -59.73
CA ALA J 171 36.15 -8.64 -60.11
C ALA J 171 37.64 -8.54 -60.45
N GLU J 172 38.02 -7.57 -61.28
CA GLU J 172 39.44 -7.39 -61.60
C GLU J 172 40.25 -7.05 -60.36
N ILE J 173 39.73 -6.12 -59.55
CA ILE J 173 40.43 -5.71 -58.34
C ILE J 173 40.70 -6.91 -57.45
N ILE J 174 39.67 -7.71 -57.19
CA ILE J 174 39.79 -8.83 -56.27
C ILE J 174 40.69 -9.93 -56.85
N VAL J 175 40.61 -10.17 -58.15
CA VAL J 175 41.44 -11.21 -58.76
C VAL J 175 42.92 -10.86 -58.60
N GLU J 176 43.29 -9.61 -58.90
CA GLU J 176 44.68 -9.24 -58.68
C GLU J 176 45.06 -9.28 -57.20
N ALA J 177 44.17 -8.78 -56.34
CA ALA J 177 44.42 -8.71 -54.90
C ALA J 177 44.73 -10.09 -54.33
N VAL J 178 43.96 -11.09 -54.75
CA VAL J 178 44.12 -12.45 -54.25
C VAL J 178 45.33 -13.11 -54.91
N SER J 179 45.56 -12.82 -56.19
CA SER J 179 46.67 -13.45 -56.89
C SER J 179 48.01 -13.02 -56.32
N ALA J 180 48.03 -11.85 -55.66
CA ALA J 180 49.25 -11.33 -55.06
C ALA J 180 49.69 -12.19 -53.88
N VAL J 181 48.71 -12.62 -53.07
CA VAL J 181 48.96 -13.21 -51.76
C VAL J 181 48.98 -14.73 -51.80
N VAL J 182 48.97 -15.32 -53.00
CA VAL J 182 49.15 -16.76 -53.15
C VAL J 182 50.59 -17.10 -52.77
N ASP J 183 50.76 -17.88 -51.70
CA ASP J 183 52.07 -18.05 -51.09
C ASP J 183 52.91 -19.06 -51.87
N ASP J 184 54.19 -19.18 -51.48
CA ASP J 184 55.12 -20.02 -52.23
C ASP J 184 54.74 -21.49 -52.17
N GLU J 185 53.77 -21.86 -51.35
CA GLU J 185 53.24 -23.22 -51.36
C GLU J 185 51.87 -23.34 -52.05
N GLY J 186 51.41 -22.28 -52.70
CA GLY J 186 50.16 -22.32 -53.45
C GLY J 186 48.88 -22.28 -52.65
N LYS J 187 48.87 -21.54 -51.54
CA LYS J 187 47.70 -21.45 -50.66
C LYS J 187 47.38 -19.99 -50.39
N VAL J 188 46.11 -19.70 -50.23
CA VAL J 188 45.63 -18.34 -50.05
C VAL J 188 45.27 -18.12 -48.59
N ASP J 189 45.86 -17.08 -47.99
CA ASP J 189 45.53 -16.66 -46.64
C ASP J 189 44.77 -15.34 -46.72
N LYS J 190 43.61 -15.29 -46.08
CA LYS J 190 42.69 -14.17 -46.25
C LYS J 190 43.16 -12.92 -45.51
N ASP J 191 43.84 -13.11 -44.37
CA ASP J 191 44.28 -11.99 -43.56
C ASP J 191 45.47 -11.25 -44.17
N LEU J 192 46.06 -11.79 -45.25
CA LEU J 192 47.12 -11.05 -45.94
C LEU J 192 46.57 -9.96 -46.87
N ILE J 193 45.25 -9.83 -46.94
CA ILE J 193 44.61 -8.76 -47.69
C ILE J 193 43.90 -7.84 -46.71
N LYS J 194 44.22 -6.55 -46.77
CA LYS J 194 43.72 -5.55 -45.84
C LYS J 194 42.57 -4.80 -46.50
N ILE J 195 41.43 -4.75 -45.83
CA ILE J 195 40.22 -4.15 -46.39
C ILE J 195 39.91 -2.89 -45.60
N GLU J 196 39.87 -1.76 -46.30
CA GLU J 196 39.68 -0.47 -45.64
C GLU J 196 38.47 0.26 -46.23
N LYS J 197 37.78 0.98 -45.36
CA LYS J 197 36.41 1.43 -45.58
C LYS J 197 36.28 2.94 -45.36
N LYS J 198 36.64 3.73 -46.38
CA LYS J 198 36.69 5.18 -46.26
C LYS J 198 35.60 5.79 -47.13
N SER J 199 34.71 6.56 -46.49
CA SER J 199 33.51 7.06 -47.16
C SER J 199 33.85 8.21 -48.10
N GLY J 200 32.80 8.76 -48.72
CA GLY J 200 32.97 9.74 -49.77
C GLY J 200 33.12 9.10 -51.14
N ALA J 201 32.89 9.89 -52.19
CA ALA J 201 32.82 9.41 -53.56
C ALA J 201 31.82 8.29 -53.77
N SER J 202 31.83 7.66 -54.95
CA SER J 202 30.90 6.60 -55.30
C SER J 202 31.61 5.25 -55.39
N ILE J 203 30.80 4.20 -55.31
CA ILE J 203 31.29 2.81 -55.23
C ILE J 203 32.26 2.50 -56.36
N ASP J 204 32.14 3.21 -57.48
CA ASP J 204 33.03 2.99 -58.62
C ASP J 204 34.39 3.65 -58.44
N ASP J 205 34.58 4.45 -57.39
CA ASP J 205 35.87 5.04 -57.06
C ASP J 205 36.71 4.14 -56.16
N THR J 206 36.27 2.90 -55.91
CA THR J 206 37.10 1.94 -55.20
C THR J 206 38.36 1.60 -55.99
N GLU J 207 39.46 1.39 -55.28
CA GLU J 207 40.75 1.15 -55.93
C GLU J 207 41.60 0.21 -55.10
N LEU J 208 42.69 -0.26 -55.72
CA LEU J 208 43.61 -1.23 -55.14
C LEU J 208 44.97 -0.58 -54.92
N ILE J 209 45.52 -0.76 -53.71
CA ILE J 209 46.84 -0.24 -53.38
C ILE J 209 47.82 -1.40 -53.28
N LYS J 210 48.91 -1.32 -54.03
CA LYS J 210 49.99 -2.30 -53.94
C LYS J 210 50.92 -1.94 -52.77
N GLY J 211 50.34 -1.95 -51.58
CA GLY J 211 51.07 -1.46 -50.41
C GLY J 211 50.13 -1.29 -49.23
N VAL J 212 50.38 -0.27 -48.39
CA VAL J 212 49.66 -0.14 -47.13
C VAL J 212 49.15 1.28 -46.95
N LEU J 213 48.06 1.35 -46.18
CA LEU J 213 47.50 2.62 -45.78
C LEU J 213 47.62 2.49 -44.26
N VAL J 214 48.21 3.45 -43.57
CA VAL J 214 48.46 3.42 -42.13
C VAL J 214 47.66 4.54 -41.47
N ASP J 215 47.04 4.22 -40.32
CA ASP J 215 46.22 5.17 -39.59
C ASP J 215 47.09 6.07 -38.71
N LYS J 216 48.02 6.80 -39.32
CA LYS J 216 49.01 7.57 -38.57
C LYS J 216 49.38 8.83 -39.35
N GLU J 217 49.88 9.82 -38.63
CA GLU J 217 50.52 10.99 -39.22
C GLU J 217 51.89 11.19 -38.59
N ARG J 218 52.80 11.80 -39.35
CA ARG J 218 54.19 11.87 -38.93
C ARG J 218 54.33 12.74 -37.68
N VAL J 219 55.34 12.44 -36.88
CA VAL J 219 55.41 12.96 -35.51
C VAL J 219 55.71 14.47 -35.51
N SER J 220 56.61 14.92 -36.38
CA SER J 220 57.07 16.31 -36.37
C SER J 220 56.82 16.91 -37.75
N ALA J 221 56.23 18.11 -37.80
CA ALA J 221 55.73 18.63 -39.07
C ALA J 221 56.84 19.20 -39.96
N GLN J 222 58.05 19.33 -39.44
CA GLN J 222 59.21 19.68 -40.26
C GLN J 222 59.66 18.52 -41.13
N MET J 223 59.19 17.32 -40.80
CA MET J 223 59.54 16.08 -41.49
C MET J 223 58.94 16.06 -42.90
N PRO J 224 59.72 15.71 -43.92
CA PRO J 224 59.21 15.77 -45.30
C PRO J 224 57.95 14.93 -45.49
N LYS J 225 56.98 15.52 -46.18
CA LYS J 225 55.66 14.92 -46.28
C LYS J 225 55.57 13.99 -47.49
N LYS J 226 56.58 14.00 -48.36
CA LYS J 226 56.64 13.16 -49.53
C LYS J 226 58.06 12.64 -49.71
N VAL J 227 58.19 11.33 -49.90
CA VAL J 227 59.50 10.70 -50.11
C VAL J 227 59.38 9.69 -51.25
N THR J 228 60.41 9.65 -52.10
CA THR J 228 60.48 8.73 -53.23
C THR J 228 61.63 7.76 -53.04
N ASP J 229 61.46 6.52 -53.52
CA ASP J 229 62.38 5.42 -53.25
C ASP J 229 62.81 5.39 -51.78
N ALA J 230 61.80 5.28 -50.91
CA ALA J 230 61.99 5.27 -49.46
C ALA J 230 62.83 4.08 -48.99
N LYS J 231 63.63 4.33 -47.94
CA LYS J 231 64.35 3.30 -47.20
C LYS J 231 63.71 3.23 -45.81
N ILE J 232 62.92 2.19 -45.58
CA ILE J 232 62.00 2.16 -44.46
C ILE J 232 62.60 1.29 -43.36
N ALA J 233 62.64 1.82 -42.14
CA ALA J 233 63.12 1.08 -40.97
C ALA J 233 61.97 0.84 -39.99
N LEU J 234 61.86 -0.39 -39.52
CA LEU J 234 60.80 -0.77 -38.57
C LEU J 234 61.42 -1.19 -37.24
N LEU J 235 60.89 -0.64 -36.16
CA LEU J 235 61.40 -0.90 -34.82
C LEU J 235 60.29 -1.39 -33.89
N ASN J 236 60.64 -2.36 -33.04
CA ASN J 236 59.76 -2.83 -31.98
C ASN J 236 60.13 -2.21 -30.63
N CYS J 237 61.37 -1.72 -30.54
CA CYS J 237 61.82 -0.96 -29.37
C CYS J 237 61.47 0.52 -29.51
N ALA J 238 61.22 1.14 -28.37
CA ALA J 238 60.91 2.57 -28.28
C ALA J 238 62.20 3.39 -28.27
N ILE J 239 62.16 4.55 -28.91
CA ILE J 239 63.31 5.47 -28.90
C ILE J 239 63.15 6.37 -27.69
N GLU J 240 63.68 5.92 -26.56
CA GLU J 240 63.54 6.61 -25.28
C GLU J 240 64.73 6.24 -24.41
N ILE J 241 64.93 7.02 -23.35
CA ILE J 241 66.07 6.77 -22.47
C ILE J 241 65.80 5.51 -21.64
N LYS J 242 66.75 4.57 -21.70
CA LYS J 242 66.57 3.28 -21.03
C LYS J 242 66.53 3.46 -19.51
N GLU J 243 65.81 2.57 -18.85
CA GLU J 243 65.75 2.47 -17.40
C GLU J 243 66.50 1.22 -16.95
N THR J 244 66.92 1.22 -15.69
CA THR J 244 67.55 0.04 -15.10
C THR J 244 66.52 -0.77 -14.35
N GLU J 245 66.42 -2.05 -14.70
CA GLU J 245 65.46 -2.94 -14.05
C GLU J 245 65.96 -3.40 -12.67
N THR J 246 66.83 -2.58 -12.05
CA THR J 246 67.34 -2.81 -10.70
C THR J 246 67.16 -1.62 -9.77
N ASP J 247 66.54 -0.53 -10.24
CA ASP J 247 66.30 0.73 -9.51
C ASP J 247 67.54 1.55 -9.18
N ALA J 248 67.43 2.88 -9.32
CA ALA J 248 68.56 3.81 -9.40
C ALA J 248 68.27 5.16 -8.76
N GLU J 249 69.34 5.79 -8.26
CA GLU J 249 69.36 7.19 -7.83
C GLU J 249 70.72 7.78 -8.21
N ILE J 250 70.74 9.04 -8.68
CA ILE J 250 71.97 9.62 -9.21
C ILE J 250 72.80 10.39 -8.18
N ARG J 251 72.16 10.95 -7.16
CA ARG J 251 72.84 11.57 -6.01
C ARG J 251 73.88 12.64 -6.40
N ILE J 252 73.43 13.89 -6.44
CA ILE J 252 74.25 14.97 -6.98
C ILE J 252 74.89 15.76 -5.84
N THR J 253 76.17 15.51 -5.59
CA THR J 253 76.84 16.10 -4.44
C THR J 253 77.58 17.38 -4.83
N ASP J 254 77.97 17.51 -6.10
CA ASP J 254 78.55 18.75 -6.62
C ASP J 254 77.50 19.47 -7.47
N PRO J 255 77.14 20.70 -7.12
CA PRO J 255 76.23 21.49 -7.98
C PRO J 255 76.61 21.51 -9.45
N ALA J 256 77.92 21.52 -9.75
CA ALA J 256 78.37 21.57 -11.14
C ALA J 256 77.93 20.35 -11.97
N LYS J 257 77.35 19.34 -11.34
CA LYS J 257 76.98 18.11 -12.03
C LYS J 257 75.47 17.98 -12.26
N LEU J 258 74.74 19.10 -12.26
CA LEU J 258 73.35 19.07 -12.68
C LEU J 258 73.24 19.01 -14.21
N MET J 259 73.87 19.98 -14.90
CA MET J 259 73.80 20.02 -16.36
C MET J 259 74.50 18.84 -17.01
N GLU J 260 75.53 18.30 -16.36
CA GLU J 260 76.28 17.19 -16.94
C GLU J 260 75.42 15.93 -17.02
N PHE J 261 74.71 15.59 -15.95
CA PHE J 261 73.81 14.46 -16.00
C PHE J 261 72.76 14.63 -17.11
N ILE J 262 72.25 15.85 -17.27
CA ILE J 262 71.19 16.12 -18.22
C ILE J 262 71.70 16.04 -19.66
N GLU J 263 72.88 16.62 -19.92
CA GLU J 263 73.53 16.52 -21.21
C GLU J 263 73.82 15.07 -21.60
N GLN J 264 74.19 14.22 -20.63
CA GLN J 264 74.46 12.83 -21.00
C GLN J 264 73.17 12.10 -21.36
N GLU J 265 72.06 12.41 -20.67
CA GLU J 265 70.80 11.86 -21.19
C GLU J 265 70.46 12.38 -22.59
N GLU J 266 70.75 13.65 -22.89
CA GLU J 266 70.53 14.11 -24.26
C GLU J 266 71.40 13.36 -25.28
N LYS J 267 72.65 13.08 -24.90
CA LYS J 267 73.55 12.39 -25.83
C LYS J 267 73.10 10.95 -26.07
N MET J 268 72.50 10.32 -25.05
CA MET J 268 72.02 8.94 -25.24
C MET J 268 70.88 8.84 -26.23
N LEU J 269 70.21 9.95 -26.55
CA LEU J 269 69.24 9.94 -27.66
C LEU J 269 69.91 10.36 -28.97
N LYS J 270 70.84 11.31 -28.88
CA LYS J 270 71.56 11.77 -30.06
C LYS J 270 72.25 10.61 -30.78
N ASP J 271 72.84 9.70 -30.01
CA ASP J 271 73.55 8.58 -30.61
C ASP J 271 72.60 7.57 -31.26
N MET J 272 71.40 7.37 -30.69
CA MET J 272 70.42 6.51 -31.33
C MET J 272 70.04 7.05 -32.70
N VAL J 273 69.86 8.37 -32.79
CA VAL J 273 69.47 8.95 -34.08
C VAL J 273 70.63 8.88 -35.08
N ALA J 274 71.86 9.13 -34.60
CA ALA J 274 73.04 8.91 -35.44
C ALA J 274 73.07 7.49 -36.00
N GLU J 275 72.78 6.49 -35.16
CA GLU J 275 72.80 5.11 -35.60
C GLU J 275 71.70 4.80 -36.59
N ILE J 276 70.50 5.36 -36.38
CA ILE J 276 69.42 5.14 -37.35
C ILE J 276 69.82 5.72 -38.70
N LYS J 277 70.51 6.87 -38.68
CA LYS J 277 70.94 7.48 -39.93
C LYS J 277 72.01 6.65 -40.63
N ALA J 278 72.96 6.11 -39.86
CA ALA J 278 74.06 5.35 -40.44
C ALA J 278 73.60 4.06 -41.10
N SER J 279 72.45 3.52 -40.70
CA SER J 279 71.90 2.38 -41.44
C SER J 279 71.56 2.73 -42.88
N GLY J 280 71.23 3.99 -43.16
CA GLY J 280 70.80 4.39 -44.49
C GLY J 280 69.33 4.74 -44.59
N ALA J 281 68.61 4.75 -43.48
CA ALA J 281 67.16 4.92 -43.50
C ALA J 281 66.78 6.36 -43.80
N ASN J 282 65.56 6.56 -44.32
CA ASN J 282 64.95 7.88 -44.39
C ASN J 282 63.46 7.88 -44.08
N VAL J 283 62.89 6.73 -43.73
CA VAL J 283 61.53 6.62 -43.23
C VAL J 283 61.53 5.63 -42.06
N LEU J 284 60.77 5.94 -41.02
CA LEU J 284 60.77 5.19 -39.77
C LEU J 284 59.36 4.89 -39.29
N PHE J 285 59.19 3.69 -38.73
CA PHE J 285 57.99 3.30 -38.01
C PHE J 285 58.40 2.69 -36.67
N CYS J 286 57.72 3.09 -35.60
CA CYS J 286 57.98 2.57 -34.26
C CYS J 286 56.69 2.00 -33.68
N GLN J 287 56.75 0.75 -33.24
CA GLN J 287 55.60 0.12 -32.59
C GLN J 287 55.37 0.64 -31.17
N LYS J 288 56.12 1.67 -30.75
CA LYS J 288 56.18 2.13 -29.37
C LYS J 288 56.64 3.59 -29.37
N GLY J 289 56.88 4.14 -28.18
CA GLY J 289 57.04 5.57 -28.05
C GLY J 289 58.34 6.11 -28.61
N ILE J 290 58.26 7.35 -29.09
CA ILE J 290 59.43 8.15 -29.46
C ILE J 290 59.36 9.44 -28.65
N ASP J 291 60.45 9.77 -27.97
CA ASP J 291 60.51 10.96 -27.12
C ASP J 291 60.52 12.24 -27.95
N ASP J 292 60.07 13.33 -27.31
CA ASP J 292 59.97 14.61 -28.01
C ASP J 292 61.32 15.22 -28.38
N LEU J 293 62.41 14.80 -27.74
CA LEU J 293 63.73 15.22 -28.19
C LEU J 293 64.26 14.34 -29.32
N ALA J 294 63.93 13.04 -29.26
CA ALA J 294 64.24 12.13 -30.36
C ALA J 294 63.58 12.61 -31.65
N GLN J 295 62.34 13.10 -31.53
CA GLN J 295 61.59 13.68 -32.63
C GLN J 295 62.33 14.87 -33.23
N HIS J 296 62.94 15.67 -32.37
CA HIS J 296 63.75 16.79 -32.81
C HIS J 296 64.92 16.31 -33.66
N TYR J 297 65.69 15.35 -33.17
CA TYR J 297 66.87 14.94 -33.94
C TYR J 297 66.44 14.27 -35.23
N LEU J 298 65.35 13.50 -35.20
CA LEU J 298 64.80 12.91 -36.42
C LEU J 298 64.38 13.97 -37.45
N ALA J 299 63.70 15.04 -37.01
CA ALA J 299 63.37 16.13 -37.93
C ALA J 299 64.58 16.98 -38.29
N LYS J 300 65.68 16.85 -37.56
CA LYS J 300 66.87 17.61 -37.89
C LYS J 300 67.71 16.86 -38.93
N GLU J 301 67.59 15.53 -38.92
CA GLU J 301 68.29 14.70 -39.88
C GLU J 301 67.50 14.48 -41.15
N GLY J 302 66.28 15.00 -41.23
CA GLY J 302 65.35 14.67 -42.30
C GLY J 302 64.94 13.22 -42.45
N ILE J 303 64.54 12.58 -41.35
CA ILE J 303 63.99 11.22 -41.36
C ILE J 303 62.53 11.30 -40.97
N VAL J 304 61.66 10.63 -41.72
CA VAL J 304 60.22 10.66 -41.46
C VAL J 304 59.88 9.51 -40.51
N ALA J 305 59.13 9.82 -39.46
CA ALA J 305 58.86 8.88 -38.37
C ALA J 305 57.40 8.90 -37.93
N ALA J 306 56.87 7.70 -37.67
CA ALA J 306 55.60 7.52 -36.99
C ALA J 306 55.81 6.61 -35.78
N ARG J 307 54.94 6.75 -34.77
CA ARG J 307 55.14 6.07 -33.50
C ARG J 307 53.88 5.34 -33.05
N ARG J 308 54.08 4.43 -32.09
CA ARG J 308 53.00 3.61 -31.54
C ARG J 308 52.15 2.92 -32.63
N VAL J 309 52.81 2.40 -33.63
CA VAL J 309 52.14 1.69 -34.72
C VAL J 309 51.73 0.32 -34.23
N LYS J 310 50.51 -0.08 -34.57
CA LYS J 310 49.98 -1.33 -34.09
C LYS J 310 50.60 -2.53 -34.79
N LYS J 311 50.59 -3.67 -34.09
CA LYS J 311 51.40 -4.83 -34.47
C LYS J 311 51.01 -5.37 -35.85
N SER J 312 49.71 -5.41 -36.14
CA SER J 312 49.25 -5.93 -37.42
C SER J 312 49.73 -5.05 -38.58
N ASP J 313 49.72 -3.75 -38.37
CA ASP J 313 50.28 -2.82 -39.37
C ASP J 313 51.78 -3.04 -39.53
N MET J 314 52.47 -3.37 -38.43
CA MET J 314 53.90 -3.70 -38.51
C MET J 314 54.13 -4.94 -39.37
N GLU J 315 53.28 -5.96 -39.17
CA GLU J 315 53.34 -7.18 -39.98
C GLU J 315 53.14 -6.86 -41.45
N LYS J 316 52.11 -6.06 -41.77
CA LYS J 316 51.79 -5.76 -43.16
C LYS J 316 52.86 -4.87 -43.81
N LEU J 317 53.44 -3.95 -43.05
CA LEU J 317 54.59 -3.20 -43.57
C LEU J 317 55.79 -4.09 -43.87
N ALA J 318 56.15 -4.97 -42.93
CA ALA J 318 57.26 -5.89 -43.13
C ALA J 318 57.01 -6.79 -44.34
N LYS J 319 55.76 -7.23 -44.50
CA LYS J 319 55.40 -8.03 -45.66
C LYS J 319 55.55 -7.24 -46.96
N ALA J 320 55.07 -6.00 -46.96
CA ALA J 320 54.93 -5.25 -48.21
C ALA J 320 56.28 -4.76 -48.71
N THR J 321 57.12 -4.26 -47.79
CA THR J 321 58.39 -3.61 -48.12
C THR J 321 59.56 -4.57 -48.14
N GLY J 322 59.49 -5.67 -47.39
CA GLY J 322 60.62 -6.55 -47.19
C GLY J 322 61.55 -6.14 -46.07
N ALA J 323 61.11 -5.20 -45.22
CA ALA J 323 61.88 -4.79 -44.07
C ALA J 323 61.76 -5.82 -42.95
N ASN J 324 62.72 -5.78 -42.03
CA ASN J 324 62.73 -6.67 -40.87
C ASN J 324 62.47 -5.85 -39.61
N VAL J 325 61.49 -6.29 -38.80
CA VAL J 325 61.23 -5.61 -37.55
C VAL J 325 62.39 -5.84 -36.60
N ILE J 326 62.97 -4.76 -36.08
CA ILE J 326 64.17 -4.80 -35.28
C ILE J 326 63.80 -4.48 -33.83
N THR J 327 64.39 -5.23 -32.89
CA THR J 327 64.08 -5.03 -31.47
C THR J 327 65.16 -4.23 -30.73
N ASN J 328 66.30 -3.98 -31.35
CA ASN J 328 67.42 -3.30 -30.69
C ASN J 328 68.22 -2.54 -31.75
N ILE J 329 68.48 -1.26 -31.52
CA ILE J 329 68.94 -0.39 -32.59
C ILE J 329 70.42 -0.62 -32.93
N LYS J 330 71.16 -1.24 -32.02
CA LYS J 330 72.58 -1.47 -32.25
C LYS J 330 72.83 -2.49 -33.36
N ASP J 331 71.82 -3.29 -33.70
CA ASP J 331 72.00 -4.31 -34.72
C ASP J 331 71.47 -3.86 -36.08
N LEU J 332 70.79 -2.72 -36.13
CA LEU J 332 70.17 -2.23 -37.35
C LEU J 332 71.24 -1.90 -38.39
N SER J 333 71.02 -2.38 -39.62
CA SER J 333 72.02 -2.29 -40.67
C SER J 333 71.31 -2.14 -42.01
N ALA J 334 72.08 -2.04 -43.09
CA ALA J 334 71.48 -1.94 -44.42
C ALA J 334 70.80 -3.24 -44.84
N GLN J 335 71.06 -4.32 -44.10
CA GLN J 335 70.44 -5.62 -44.38
C GLN J 335 68.98 -5.65 -43.96
N ASP J 336 68.60 -4.79 -43.03
CA ASP J 336 67.30 -4.82 -42.38
C ASP J 336 66.31 -3.86 -43.00
N LEU J 337 66.73 -3.04 -43.95
CA LEU J 337 65.88 -1.97 -44.48
C LEU J 337 65.02 -2.47 -45.65
N GLY J 338 63.75 -2.07 -45.64
CA GLY J 338 62.89 -2.33 -46.77
C GLY J 338 62.95 -1.22 -47.80
N ASP J 339 62.27 -1.43 -48.92
CA ASP J 339 62.26 -0.47 -50.02
C ASP J 339 60.83 -0.26 -50.52
N ALA J 340 60.51 0.99 -50.88
CA ALA J 340 59.22 1.33 -51.44
C ALA J 340 59.33 2.61 -52.26
N GLY J 341 58.72 2.59 -53.45
CA GLY J 341 58.96 3.64 -54.42
C GLY J 341 58.39 4.98 -54.04
N LEU J 342 57.32 5.00 -53.23
CA LEU J 342 56.67 6.25 -52.87
C LEU J 342 56.02 6.16 -51.50
N VAL J 343 56.29 7.16 -50.65
CA VAL J 343 55.64 7.32 -49.35
C VAL J 343 55.18 8.77 -49.24
N GLU J 344 53.92 8.97 -48.85
CA GLU J 344 53.39 10.32 -48.69
C GLU J 344 52.24 10.33 -47.70
N GLU J 345 52.17 11.37 -46.88
CA GLU J 345 51.01 11.60 -46.03
C GLU J 345 49.94 12.34 -46.81
N ARG J 346 48.69 11.90 -46.67
CA ARG J 346 47.55 12.53 -47.32
C ARG J 346 46.38 12.70 -46.38
N LYS J 347 45.44 13.58 -46.76
CA LYS J 347 44.18 13.71 -46.04
C LYS J 347 43.07 13.18 -46.94
N ILE J 348 42.31 12.20 -46.44
CA ILE J 348 41.28 11.53 -47.21
C ILE J 348 40.09 11.29 -46.30
N SER J 349 38.88 11.63 -46.81
CA SER J 349 37.63 11.39 -46.08
C SER J 349 37.62 12.03 -44.70
N GLY J 350 38.48 13.01 -44.50
CA GLY J 350 38.62 13.79 -43.28
C GLY J 350 39.67 13.29 -42.33
N ASP J 351 40.32 12.16 -42.63
CA ASP J 351 41.35 11.57 -41.79
C ASP J 351 42.72 11.73 -42.44
N SER J 352 43.71 12.08 -41.61
CA SER J 352 45.11 12.09 -42.02
C SER J 352 45.66 10.67 -42.02
N MET J 353 46.23 10.25 -43.16
CA MET J 353 46.75 8.90 -43.26
C MET J 353 48.05 8.89 -44.06
N ILE J 354 48.90 7.89 -43.77
CA ILE J 354 50.18 7.71 -44.45
C ILE J 354 50.02 6.60 -45.48
N PHE J 355 50.46 6.88 -46.72
CA PHE J 355 50.31 5.96 -47.83
C PHE J 355 51.67 5.42 -48.27
N VAL J 356 51.76 4.10 -48.42
CA VAL J 356 52.96 3.44 -48.94
C VAL J 356 52.62 2.83 -50.29
N GLU J 357 53.40 3.16 -51.32
CA GLU J 357 53.07 2.76 -52.68
C GLU J 357 54.31 2.33 -53.46
N GLU J 358 54.04 1.61 -54.56
CA GLU J 358 55.08 1.11 -55.47
C GLU J 358 56.11 0.27 -54.71
N CYS J 359 55.63 -0.83 -54.13
CA CYS J 359 56.48 -1.69 -53.30
C CYS J 359 57.31 -2.63 -54.17
N LYS J 360 58.45 -3.02 -53.62
CA LYS J 360 59.44 -3.76 -54.41
C LYS J 360 58.95 -5.16 -54.78
N HIS J 361 58.36 -5.85 -53.82
CA HIS J 361 57.73 -7.16 -54.07
C HIS J 361 56.67 -7.40 -53.01
N PRO J 362 55.46 -6.88 -53.22
CA PRO J 362 54.43 -6.94 -52.17
C PRO J 362 53.86 -8.33 -51.94
N LYS J 363 54.09 -8.86 -50.74
CA LYS J 363 53.40 -10.05 -50.28
C LYS J 363 52.12 -9.75 -49.51
N ALA J 364 51.70 -8.48 -49.47
CA ALA J 364 50.44 -8.07 -48.88
C ALA J 364 49.91 -6.85 -49.62
N VAL J 365 48.58 -6.75 -49.72
CA VAL J 365 47.93 -5.70 -50.49
C VAL J 365 46.74 -5.13 -49.73
N THR J 366 46.38 -3.89 -50.08
CA THR J 366 45.28 -3.16 -49.43
C THR J 366 44.22 -2.79 -50.46
N MET J 367 42.96 -3.04 -50.13
CA MET J 367 41.82 -2.65 -50.96
C MET J 367 41.04 -1.53 -50.27
N LEU J 368 40.82 -0.43 -51.00
CA LEU J 368 40.23 0.79 -50.45
C LEU J 368 38.80 0.92 -50.99
N ILE J 369 37.82 0.63 -50.14
CA ILE J 369 36.43 0.65 -50.56
C ILE J 369 35.82 2.02 -50.31
N ARG J 370 35.26 2.63 -51.35
CA ARG J 370 34.66 3.95 -51.28
C ARG J 370 33.13 3.85 -51.34
N GLY J 371 32.47 4.93 -50.93
CA GLY J 371 31.01 4.92 -50.90
C GLY J 371 30.37 6.13 -50.25
N THR J 372 29.14 6.42 -50.66
CA THR J 372 28.43 7.64 -50.29
C THR J 372 27.79 7.55 -48.93
N THR J 373 27.95 6.43 -48.21
CA THR J 373 27.21 6.24 -46.97
C THR J 373 27.81 5.03 -46.24
N GLU J 374 27.77 5.09 -44.91
CA GLU J 374 28.41 4.04 -44.12
C GLU J 374 27.67 2.71 -44.23
N HIS J 375 26.33 2.78 -44.29
CA HIS J 375 25.55 1.57 -44.52
C HIS J 375 25.81 0.98 -45.90
N VAL J 376 26.30 1.77 -46.84
CA VAL J 376 26.65 1.23 -48.16
C VAL J 376 27.95 0.45 -48.07
N ILE J 377 28.94 1.01 -47.36
CA ILE J 377 30.28 0.42 -47.31
C ILE J 377 30.28 -0.82 -46.43
N GLU J 378 29.48 -0.81 -45.36
CA GLU J 378 29.34 -1.99 -44.50
C GLU J 378 28.69 -3.15 -45.24
N GLU J 379 28.16 -2.90 -46.44
CA GLU J 379 27.66 -4.01 -47.27
C GLU J 379 28.64 -4.37 -48.38
N VAL J 380 29.26 -3.35 -48.98
CA VAL J 380 30.24 -3.62 -50.04
C VAL J 380 31.39 -4.46 -49.49
N ALA J 381 31.76 -4.24 -48.22
CA ALA J 381 32.81 -5.05 -47.61
C ALA J 381 32.44 -6.53 -47.58
N ARG J 382 31.19 -6.84 -47.25
CA ARG J 382 30.72 -8.22 -47.28
C ARG J 382 30.75 -8.79 -48.69
N ALA J 383 30.26 -8.00 -49.66
CA ALA J 383 30.25 -8.43 -51.06
C ALA J 383 31.64 -8.67 -51.61
N VAL J 384 32.67 -8.09 -50.97
CA VAL J 384 34.04 -8.32 -51.42
C VAL J 384 34.65 -9.51 -50.69
N ASP J 385 34.30 -9.67 -49.40
CA ASP J 385 34.81 -10.79 -48.62
C ASP J 385 34.38 -12.12 -49.24
N ASP J 386 33.14 -12.18 -49.73
CA ASP J 386 32.62 -13.41 -50.33
C ASP J 386 33.38 -13.79 -51.60
N ALA J 387 33.73 -12.79 -52.41
CA ALA J 387 34.49 -13.02 -53.63
C ALA J 387 35.93 -13.44 -53.34
N VAL J 388 36.55 -12.85 -52.31
CA VAL J 388 37.87 -13.31 -51.90
C VAL J 388 37.80 -14.79 -51.50
N GLY J 389 36.75 -15.17 -50.76
CA GLY J 389 36.52 -16.57 -50.48
C GLY J 389 36.49 -17.51 -51.67
N VAL J 390 35.53 -17.28 -52.58
CA VAL J 390 35.40 -18.17 -53.73
C VAL J 390 36.63 -18.16 -54.64
N VAL J 391 37.35 -17.03 -54.73
CA VAL J 391 38.56 -17.02 -55.54
C VAL J 391 39.66 -17.87 -54.90
N GLY J 392 39.83 -17.76 -53.58
CA GLY J 392 40.77 -18.64 -52.90
C GLY J 392 40.44 -20.10 -53.10
N CYS J 393 39.15 -20.44 -53.00
CA CYS J 393 38.74 -21.83 -53.19
C CYS J 393 39.14 -22.36 -54.56
N THR J 394 38.89 -21.58 -55.61
CA THR J 394 39.24 -22.01 -56.97
C THR J 394 40.76 -22.11 -57.15
N ILE J 395 41.51 -21.19 -56.53
CA ILE J 395 42.96 -21.19 -56.69
C ILE J 395 43.59 -22.38 -55.97
N GLU J 396 43.01 -22.76 -54.83
CA GLU J 396 43.58 -23.85 -54.03
C GLU J 396 43.20 -25.22 -54.59
N ASP J 397 41.93 -25.42 -54.95
CA ASP J 397 41.48 -26.75 -55.33
C ASP J 397 41.53 -27.00 -56.84
N GLY J 398 41.38 -25.95 -57.63
CA GLY J 398 41.22 -26.06 -59.08
C GLY J 398 40.10 -26.96 -59.57
N ARG J 399 38.90 -26.83 -59.00
CA ARG J 399 37.74 -27.59 -59.44
C ARG J 399 36.50 -26.70 -59.34
N ILE J 400 35.67 -26.72 -60.39
CA ILE J 400 34.52 -25.82 -60.46
C ILE J 400 33.27 -26.62 -60.79
N VAL J 401 32.11 -26.03 -60.46
CA VAL J 401 30.82 -26.66 -60.71
C VAL J 401 29.89 -25.62 -61.33
N SER J 402 28.88 -26.12 -62.06
CA SER J 402 27.93 -25.27 -62.75
C SER J 402 26.92 -24.67 -61.78
N GLY J 403 26.51 -23.44 -62.04
CA GLY J 403 25.66 -22.70 -61.11
C GLY J 403 24.20 -22.70 -61.52
N GLY J 404 23.46 -21.76 -60.92
CA GLY J 404 22.03 -21.66 -61.15
C GLY J 404 21.22 -22.88 -60.77
N GLY J 405 21.64 -23.60 -59.74
CA GLY J 405 20.99 -24.83 -59.33
C GLY J 405 21.05 -25.97 -60.31
N SER J 406 21.85 -25.88 -61.39
CA SER J 406 21.99 -27.05 -62.25
C SER J 406 22.69 -28.23 -61.58
N THR J 407 23.31 -28.05 -60.41
CA THR J 407 23.98 -29.15 -59.76
C THR J 407 23.01 -29.99 -58.93
N GLU J 408 22.06 -29.32 -58.26
CA GLU J 408 21.14 -30.01 -57.37
C GLU J 408 20.20 -30.94 -58.14
N VAL J 409 19.76 -30.53 -59.33
CA VAL J 409 18.93 -31.41 -60.15
C VAL J 409 19.69 -32.66 -60.55
N GLU J 410 20.96 -32.51 -60.94
CA GLU J 410 21.79 -33.64 -61.29
C GLU J 410 21.96 -34.59 -60.10
N LEU J 411 22.21 -34.03 -58.92
CA LEU J 411 22.39 -34.87 -57.75
C LEU J 411 21.11 -35.61 -57.38
N SER J 412 19.97 -34.91 -57.44
CA SER J 412 18.70 -35.57 -57.15
C SER J 412 18.46 -36.74 -58.08
N MET J 413 18.67 -36.54 -59.39
CA MET J 413 18.50 -37.62 -60.35
C MET J 413 19.43 -38.79 -60.06
N LYS J 414 20.72 -38.51 -59.84
CA LYS J 414 21.71 -39.56 -59.67
C LYS J 414 21.60 -40.25 -58.30
N LEU J 415 20.91 -39.62 -57.35
CA LEU J 415 20.60 -40.31 -56.09
C LEU J 415 19.32 -41.13 -56.22
N ARG J 416 18.43 -40.77 -57.13
CA ARG J 416 17.25 -41.59 -57.35
C ARG J 416 17.60 -42.86 -58.11
N GLU J 417 18.52 -42.76 -59.08
CA GLU J 417 19.12 -43.94 -59.70
C GLU J 417 19.88 -44.80 -58.69
N TYR J 418 20.41 -44.19 -57.62
CA TYR J 418 20.99 -44.93 -56.51
C TYR J 418 19.94 -45.66 -55.69
N ALA J 419 18.82 -45.00 -55.41
CA ALA J 419 17.88 -45.50 -54.40
C ALA J 419 17.24 -46.82 -54.80
N GLU J 420 17.22 -47.16 -56.11
CA GLU J 420 16.66 -48.45 -56.49
C GLU J 420 17.57 -49.62 -56.15
N GLY J 421 18.86 -49.38 -55.96
CA GLY J 421 19.75 -50.46 -55.52
C GLY J 421 19.59 -50.80 -54.05
N ILE J 422 19.23 -49.82 -53.23
CA ILE J 422 19.06 -50.00 -51.80
C ILE J 422 17.68 -50.62 -51.53
N SER J 423 17.63 -51.57 -50.60
CA SER J 423 16.36 -52.20 -50.26
C SER J 423 16.17 -52.18 -48.76
N GLY J 424 14.91 -52.32 -48.35
CA GLY J 424 14.50 -52.12 -46.98
C GLY J 424 13.77 -50.79 -46.84
N ARG J 425 13.88 -50.15 -45.68
CA ARG J 425 13.14 -48.92 -45.44
C ARG J 425 14.02 -47.68 -45.42
N GLU J 426 15.35 -47.85 -45.40
CA GLU J 426 16.24 -46.72 -45.66
C GLU J 426 16.05 -46.14 -47.05
N GLN J 427 15.46 -46.91 -47.97
CA GLN J 427 15.19 -46.40 -49.31
C GLN J 427 14.26 -45.20 -49.27
N LEU J 428 13.32 -45.19 -48.33
CA LEU J 428 12.42 -44.05 -48.16
C LEU J 428 13.19 -42.80 -47.79
N ALA J 429 14.11 -42.91 -46.82
CA ALA J 429 14.91 -41.77 -46.41
C ALA J 429 15.87 -41.32 -47.49
N VAL J 430 16.42 -42.25 -48.28
CA VAL J 430 17.28 -41.88 -49.39
C VAL J 430 16.51 -41.07 -50.44
N ARG J 431 15.27 -41.46 -50.70
CA ARG J 431 14.45 -40.72 -51.64
C ARG J 431 14.09 -39.32 -51.10
N ALA J 432 13.73 -39.25 -49.81
CA ALA J 432 13.42 -37.96 -49.20
C ALA J 432 14.64 -37.05 -49.17
N PHE J 433 15.84 -37.62 -49.05
CA PHE J 433 17.05 -36.80 -49.14
C PHE J 433 17.25 -36.28 -50.56
N ALA J 434 17.08 -37.15 -51.56
CA ALA J 434 17.28 -36.76 -52.95
C ALA J 434 16.26 -35.71 -53.39
N ASP J 435 15.06 -35.77 -52.81
CA ASP J 435 13.98 -34.85 -53.16
C ASP J 435 14.06 -33.54 -52.38
N ALA J 436 15.00 -33.45 -51.43
CA ALA J 436 15.13 -32.24 -50.61
C ALA J 436 16.16 -31.27 -51.18
N LEU J 437 16.97 -31.71 -52.15
CA LEU J 437 18.01 -30.85 -52.69
C LEU J 437 17.46 -29.91 -53.75
N GLU J 438 16.29 -30.24 -54.31
CA GLU J 438 15.63 -29.39 -55.29
C GLU J 438 14.95 -28.18 -54.67
N VAL J 439 15.15 -27.93 -53.37
CA VAL J 439 14.63 -26.73 -52.74
C VAL J 439 15.32 -25.48 -53.30
N ILE J 440 16.56 -25.63 -53.78
CA ILE J 440 17.38 -24.51 -54.21
C ILE J 440 16.91 -23.99 -55.57
N PRO J 441 16.79 -24.83 -56.61
CA PRO J 441 16.23 -24.32 -57.88
C PRO J 441 14.77 -23.94 -57.77
N ARG J 442 14.01 -24.59 -56.89
CA ARG J 442 12.66 -24.14 -56.56
C ARG J 442 12.68 -22.71 -56.02
N THR J 443 13.47 -22.44 -54.98
CA THR J 443 13.49 -21.09 -54.42
C THR J 443 14.06 -20.07 -55.40
N LEU J 444 14.99 -20.50 -56.26
CA LEU J 444 15.56 -19.60 -57.27
C LEU J 444 14.50 -19.13 -58.24
N ALA J 445 13.48 -19.96 -58.50
CA ALA J 445 12.33 -19.50 -59.27
C ALA J 445 11.32 -18.74 -58.41
N GLU J 446 11.15 -19.14 -57.14
CA GLU J 446 10.15 -18.51 -56.27
C GLU J 446 10.44 -17.03 -56.06
N ASN J 447 11.72 -16.69 -55.89
CA ASN J 447 12.08 -15.31 -55.59
C ASN J 447 11.90 -14.38 -56.79
N ALA J 448 12.15 -14.87 -58.01
CA ALA J 448 12.00 -14.10 -59.23
C ALA J 448 10.55 -13.98 -59.68
N GLY J 449 9.61 -14.52 -58.92
CA GLY J 449 8.21 -14.49 -59.31
C GLY J 449 7.86 -15.38 -60.47
N LEU J 450 8.61 -16.45 -60.69
CA LEU J 450 8.35 -17.40 -61.75
C LEU J 450 7.48 -18.54 -61.23
N ASP J 451 7.03 -19.39 -62.17
CA ASP J 451 6.17 -20.52 -61.85
C ASP J 451 7.07 -21.73 -61.65
N ALA J 452 7.28 -22.09 -60.38
CA ALA J 452 8.32 -23.07 -60.04
C ALA J 452 7.97 -24.47 -60.53
N ILE J 453 6.70 -24.85 -60.46
CA ILE J 453 6.31 -26.21 -60.80
C ILE J 453 6.44 -26.45 -62.30
N GLU J 454 6.20 -25.42 -63.10
CA GLU J 454 6.38 -25.55 -64.55
C GLU J 454 7.85 -25.47 -64.93
N ILE J 455 8.64 -24.70 -64.18
CA ILE J 455 10.05 -24.54 -64.51
C ILE J 455 10.82 -25.82 -64.22
N LEU J 456 10.55 -26.43 -63.06
CA LEU J 456 11.37 -27.55 -62.58
C LEU J 456 11.31 -28.75 -63.50
N VAL J 457 10.16 -28.98 -64.14
CA VAL J 457 10.02 -30.10 -65.06
C VAL J 457 10.90 -29.92 -66.29
N LYS J 458 10.89 -28.71 -66.86
CA LYS J 458 11.73 -28.43 -68.03
C LYS J 458 13.20 -28.58 -67.67
N VAL J 459 13.58 -28.11 -66.49
CA VAL J 459 14.96 -28.23 -66.02
C VAL J 459 15.36 -29.70 -65.91
N ARG J 460 14.49 -30.53 -65.32
CA ARG J 460 14.77 -31.96 -65.22
C ARG J 460 14.90 -32.59 -66.62
N ALA J 461 13.98 -32.26 -67.51
CA ALA J 461 13.95 -32.86 -68.84
C ALA J 461 15.26 -32.60 -69.59
N ALA J 462 15.79 -31.38 -69.45
CA ALA J 462 17.05 -31.03 -70.10
C ALA J 462 18.17 -31.97 -69.68
N HIS J 463 18.13 -32.45 -68.44
CA HIS J 463 19.16 -33.37 -67.95
C HIS J 463 18.90 -34.78 -68.44
N ALA J 464 17.67 -35.25 -68.29
CA ALA J 464 17.35 -36.66 -68.51
C ALA J 464 17.64 -37.12 -69.93
N SER J 465 17.74 -36.20 -70.90
CA SER J 465 17.92 -36.57 -72.30
C SER J 465 19.36 -36.45 -72.79
N ASN J 466 20.31 -36.12 -71.92
CA ASN J 466 21.63 -35.70 -72.38
C ASN J 466 22.79 -36.10 -71.48
N GLY J 467 22.58 -36.21 -70.18
CA GLY J 467 23.73 -36.14 -69.31
C GLY J 467 24.33 -34.75 -69.29
N ASN J 468 23.52 -33.74 -69.61
CA ASN J 468 23.94 -32.34 -69.54
C ASN J 468 24.14 -31.97 -68.07
N LYS J 469 25.40 -31.75 -67.70
CA LYS J 469 25.71 -31.38 -66.32
C LYS J 469 25.23 -29.99 -65.96
N CYS J 470 24.95 -29.16 -66.97
CA CYS J 470 25.02 -27.70 -66.84
C CYS J 470 23.67 -26.98 -66.85
N ALA J 471 22.63 -27.56 -67.45
CA ALA J 471 21.43 -26.80 -67.76
C ALA J 471 20.67 -26.39 -66.50
N GLY J 472 20.14 -25.17 -66.50
CA GLY J 472 19.51 -24.61 -65.32
C GLY J 472 18.76 -23.33 -65.64
N LEU J 473 18.21 -22.73 -64.59
CA LEU J 473 17.29 -21.60 -64.76
C LEU J 473 18.03 -20.30 -65.02
N ASN J 474 17.58 -19.56 -66.03
CA ASN J 474 17.93 -18.15 -66.22
C ASN J 474 16.81 -17.31 -65.62
N VAL J 475 17.08 -16.64 -64.51
CA VAL J 475 16.05 -15.93 -63.75
C VAL J 475 15.71 -14.57 -64.33
N PHE J 476 16.23 -14.25 -65.52
CA PHE J 476 15.98 -12.96 -66.17
C PHE J 476 15.10 -13.12 -67.40
N THR J 477 15.59 -13.85 -68.39
CA THR J 477 14.75 -14.32 -69.48
C THR J 477 13.68 -15.32 -69.05
N GLY J 478 13.77 -15.88 -67.84
CA GLY J 478 12.79 -16.88 -67.46
C GLY J 478 12.82 -18.14 -68.29
N ALA J 479 14.02 -18.68 -68.57
CA ALA J 479 14.17 -19.80 -69.47
C ALA J 479 15.35 -20.66 -69.04
N VAL J 480 15.43 -21.86 -69.62
CA VAL J 480 16.35 -22.90 -69.18
C VAL J 480 17.56 -22.88 -70.09
N GLU J 481 18.75 -22.63 -69.53
CA GLU J 481 19.93 -22.44 -70.35
C GLU J 481 21.14 -23.14 -69.77
N ASP J 482 22.14 -23.33 -70.63
CA ASP J 482 23.44 -23.88 -70.24
C ASP J 482 24.15 -22.86 -69.35
N MET J 483 24.42 -23.24 -68.11
CA MET J 483 24.97 -22.28 -67.16
C MET J 483 26.49 -22.15 -67.23
N CYS J 484 27.15 -22.94 -68.09
CA CYS J 484 28.57 -22.74 -68.34
C CYS J 484 28.81 -21.79 -69.50
N GLU J 485 28.00 -21.91 -70.57
CA GLU J 485 28.04 -20.94 -71.65
C GLU J 485 27.62 -19.56 -71.16
N ASN J 486 26.75 -19.52 -70.15
CA ASN J 486 26.32 -18.28 -69.53
C ASN J 486 27.37 -17.68 -68.61
N GLY J 487 28.35 -18.49 -68.20
CA GLY J 487 29.39 -18.04 -67.28
C GLY J 487 29.04 -17.98 -65.81
N VAL J 488 28.08 -18.77 -65.36
CA VAL J 488 27.70 -18.82 -63.95
C VAL J 488 28.36 -20.04 -63.33
N VAL J 489 29.49 -19.82 -62.63
CA VAL J 489 30.39 -20.87 -62.18
C VAL J 489 30.67 -20.71 -60.69
N GLU J 490 30.87 -21.83 -60.01
CA GLU J 490 31.16 -21.81 -58.58
C GLU J 490 32.26 -22.80 -58.28
N PRO J 491 32.96 -22.65 -57.14
CA PRO J 491 33.98 -23.64 -56.79
C PRO J 491 33.38 -24.85 -56.09
N LEU J 492 33.97 -26.01 -56.35
CA LEU J 492 33.41 -27.28 -55.91
C LEU J 492 33.26 -27.34 -54.39
N ARG J 493 34.17 -26.68 -53.66
CA ARG J 493 34.20 -26.74 -52.21
C ARG J 493 32.95 -26.12 -51.59
N VAL J 494 32.17 -25.37 -52.36
CA VAL J 494 30.97 -24.73 -51.82
C VAL J 494 29.83 -25.73 -51.68
N LYS J 495 29.78 -26.74 -52.54
CA LYS J 495 28.72 -27.74 -52.47
C LYS J 495 29.00 -28.82 -51.43
N THR J 496 30.18 -29.45 -51.53
CA THR J 496 30.56 -30.52 -50.62
C THR J 496 30.42 -30.10 -49.15
N GLN J 497 31.03 -28.96 -48.80
CA GLN J 497 30.93 -28.45 -47.44
C GLN J 497 29.49 -28.20 -47.03
N ALA J 498 28.68 -27.64 -47.92
CA ALA J 498 27.29 -27.32 -47.59
C ALA J 498 26.52 -28.57 -47.23
N ILE J 499 26.56 -29.57 -48.11
CA ILE J 499 25.84 -30.83 -47.88
C ILE J 499 26.37 -31.52 -46.63
N GLN J 500 27.68 -31.45 -46.42
CA GLN J 500 28.33 -32.15 -45.32
C GLN J 500 27.87 -31.59 -43.98
N SER J 501 27.98 -30.27 -43.83
CA SER J 501 27.46 -29.55 -42.67
C SER J 501 25.98 -29.86 -42.43
N ALA J 502 25.15 -29.78 -43.48
CA ALA J 502 23.71 -29.87 -43.29
C ALA J 502 23.29 -31.27 -42.84
N ALA J 503 23.87 -32.30 -43.45
CA ALA J 503 23.55 -33.66 -43.05
C ALA J 503 23.98 -33.92 -41.59
N GLU J 504 25.22 -33.54 -41.26
CA GLU J 504 25.73 -33.80 -39.91
C GLU J 504 24.93 -33.06 -38.85
N SER J 505 24.41 -31.88 -39.17
CA SER J 505 23.64 -31.14 -38.19
C SER J 505 22.17 -31.58 -38.14
N THR J 506 21.66 -32.20 -39.20
CA THR J 506 20.27 -32.66 -39.14
C THR J 506 20.15 -33.96 -38.35
N GLU J 507 21.21 -34.77 -38.38
CA GLU J 507 21.16 -36.09 -37.76
C GLU J 507 21.09 -35.96 -36.23
N MET J 508 21.67 -34.90 -35.68
CA MET J 508 21.62 -34.69 -34.23
C MET J 508 20.20 -34.41 -33.76
N LEU J 509 19.47 -33.57 -34.48
CA LEU J 509 18.07 -33.31 -34.12
C LEU J 509 17.18 -34.50 -34.39
N LEU J 510 17.57 -35.39 -35.31
CA LEU J 510 16.80 -36.61 -35.50
C LEU J 510 17.08 -37.65 -34.43
N ARG J 511 18.26 -37.60 -33.79
CA ARG J 511 18.60 -38.61 -32.79
C ARG J 511 18.14 -38.25 -31.38
N ILE J 512 17.59 -37.06 -31.17
CA ILE J 512 17.16 -36.63 -29.84
C ILE J 512 15.70 -37.03 -29.62
N ASP J 513 15.36 -37.42 -28.39
CA ASP J 513 13.95 -37.60 -28.04
C ASP J 513 13.52 -36.97 -26.72
N ASP J 514 14.38 -36.25 -26.01
CA ASP J 514 13.94 -35.63 -24.76
C ASP J 514 14.63 -34.29 -24.57
N VAL J 515 14.00 -33.42 -23.79
CA VAL J 515 14.54 -32.12 -23.42
C VAL J 515 14.36 -31.94 -21.91
N ILE J 516 15.48 -31.79 -21.20
CA ILE J 516 15.48 -31.69 -19.74
C ILE J 516 16.40 -30.55 -19.30
N ALA J 517 16.25 -30.13 -18.04
CA ALA J 517 16.88 -28.90 -17.56
C ALA J 517 18.22 -29.17 -16.85
N ALA J 518 19.17 -28.24 -17.01
CA ALA J 518 20.54 -28.42 -16.56
C ALA J 518 20.93 -27.40 -15.48
N GLU J 519 21.87 -27.83 -14.64
CA GLU J 519 22.22 -27.16 -13.38
C GLU J 519 23.54 -26.42 -13.52
N LYS J 520 23.51 -25.27 -14.19
CA LYS J 520 24.69 -24.47 -14.51
C LYS J 520 25.74 -25.36 -15.18
N LEU J 521 25.53 -25.56 -16.49
CA LEU J 521 26.23 -26.57 -17.25
C LEU J 521 27.73 -26.32 -17.31
N ARG J 522 28.14 -25.15 -17.78
CA ARG J 522 29.56 -24.83 -17.92
C ARG J 522 29.81 -23.33 -17.83
N GLU K 10 -2.41 -34.83 -7.95
CA GLU K 10 -2.79 -35.50 -6.70
C GLU K 10 -3.50 -34.62 -5.63
N ASN K 11 -3.10 -34.75 -4.36
CA ASN K 11 -3.73 -34.05 -3.23
C ASN K 11 -2.85 -34.11 -1.99
N MET K 12 -2.98 -33.11 -1.10
CA MET K 12 -2.28 -33.11 0.19
C MET K 12 -2.41 -34.45 0.94
N LYS K 13 -3.62 -34.94 1.12
CA LYS K 13 -3.94 -36.01 2.06
C LYS K 13 -3.58 -37.41 1.56
N ARG K 14 -2.46 -37.55 0.86
CA ARG K 14 -1.91 -38.79 0.32
C ARG K 14 -0.45 -38.98 0.72
N TYR K 15 0.09 -38.04 1.50
CA TYR K 15 1.48 -38.09 1.95
C TYR K 15 1.63 -39.20 2.96
N MET K 16 0.53 -39.55 3.62
CA MET K 16 0.48 -40.58 4.64
C MET K 16 0.66 -41.97 4.08
N GLY K 17 0.30 -42.19 2.81
CA GLY K 17 0.01 -43.52 2.29
C GLY K 17 1.19 -44.35 1.83
N ARG K 18 2.43 -43.92 2.04
CA ARG K 18 3.57 -44.77 1.69
C ARG K 18 4.70 -44.56 2.69
N ASP K 19 5.47 -45.62 2.96
CA ASP K 19 6.54 -45.48 3.94
C ASP K 19 7.71 -44.67 3.37
N ALA K 20 8.68 -44.38 4.24
CA ALA K 20 9.93 -43.75 3.83
C ALA K 20 10.69 -44.63 2.85
N GLN K 21 10.59 -45.95 3.01
CA GLN K 21 11.27 -46.86 2.11
C GLN K 21 10.61 -46.84 0.73
N ARG K 22 9.28 -46.76 0.69
CA ARG K 22 8.58 -46.58 -0.59
C ARG K 22 8.96 -45.25 -1.23
N MET K 23 8.98 -44.17 -0.43
CA MET K 23 9.50 -42.88 -0.86
C MET K 23 10.85 -43.02 -1.57
N ASN K 24 11.82 -43.61 -0.88
CA ASN K 24 13.18 -43.71 -1.41
C ASN K 24 13.26 -44.62 -2.63
N ILE K 25 12.54 -45.74 -2.61
CA ILE K 25 12.56 -46.68 -3.73
C ILE K 25 12.00 -46.01 -4.99
N LEU K 26 10.93 -45.23 -4.83
CA LEU K 26 10.33 -44.53 -5.97
C LEU K 26 11.24 -43.41 -6.49
N ALA K 27 11.77 -42.59 -5.58
CA ALA K 27 12.71 -41.55 -5.95
C ALA K 27 13.92 -42.14 -6.67
N GLY K 28 14.30 -43.37 -6.34
CA GLY K 28 15.37 -44.02 -7.04
C GLY K 28 14.98 -44.54 -8.41
N ARG K 29 13.84 -45.24 -8.48
CA ARG K 29 13.36 -45.77 -9.75
C ARG K 29 13.26 -44.67 -10.80
N ILE K 30 12.95 -43.44 -10.37
CA ILE K 30 12.80 -42.34 -11.32
C ILE K 30 14.09 -42.10 -12.11
N ILE K 31 15.24 -42.16 -11.42
CA ILE K 31 16.51 -41.90 -12.08
C ILE K 31 16.82 -42.96 -13.13
N ALA K 32 16.63 -44.23 -12.76
CA ALA K 32 16.87 -45.31 -13.71
C ALA K 32 15.92 -45.24 -14.89
N GLU K 33 14.68 -44.81 -14.65
CA GLU K 33 13.73 -44.61 -15.75
C GLU K 33 14.16 -43.47 -16.67
N THR K 34 14.88 -42.48 -16.13
CA THR K 34 15.32 -41.36 -16.95
C THR K 34 16.30 -41.81 -18.03
N VAL K 35 17.30 -42.63 -17.67
CA VAL K 35 18.41 -42.91 -18.57
C VAL K 35 18.24 -44.18 -19.40
N ARG K 36 17.16 -44.94 -19.19
CA ARG K 36 17.08 -46.32 -19.68
C ARG K 36 17.00 -46.39 -21.20
N SER K 37 16.28 -45.47 -21.83
CA SER K 37 16.11 -45.40 -23.28
C SER K 37 17.38 -45.01 -24.02
N THR K 38 18.46 -44.67 -23.32
CA THR K 38 19.73 -44.40 -23.98
C THR K 38 20.52 -45.68 -24.26
N LEU K 39 20.00 -46.83 -23.84
CA LEU K 39 20.81 -48.06 -23.78
C LEU K 39 20.80 -48.78 -25.12
N GLY K 40 21.96 -49.33 -25.50
CA GLY K 40 22.05 -50.22 -26.63
C GLY K 40 22.21 -49.52 -27.96
N PRO K 41 22.42 -50.30 -29.02
CA PRO K 41 22.74 -49.70 -30.32
C PRO K 41 21.65 -48.78 -30.87
N LYS K 42 20.38 -49.11 -30.63
CA LYS K 42 19.24 -48.30 -31.01
C LYS K 42 18.89 -47.25 -29.97
N GLY K 43 19.83 -46.90 -29.09
CA GLY K 43 19.58 -45.90 -28.08
C GLY K 43 19.48 -44.50 -28.66
N MET K 44 18.85 -43.60 -27.89
CA MET K 44 18.55 -42.26 -28.34
C MET K 44 19.16 -41.22 -27.39
N ASP K 45 19.32 -40.00 -27.90
CA ASP K 45 20.03 -38.96 -27.17
C ASP K 45 19.08 -38.09 -26.36
N LYS K 46 19.64 -37.43 -25.35
CA LYS K 46 18.93 -36.46 -24.52
C LYS K 46 19.47 -35.06 -24.79
N MET K 47 18.59 -34.05 -24.68
CA MET K 47 19.02 -32.66 -24.78
C MET K 47 18.96 -32.00 -23.40
N LEU K 48 20.08 -31.40 -23.00
CA LEU K 48 20.20 -30.72 -21.72
C LEU K 48 20.26 -29.22 -21.94
N VAL K 49 19.47 -28.46 -21.18
CA VAL K 49 19.37 -27.01 -21.35
C VAL K 49 19.60 -26.33 -20.02
N ASP K 50 20.38 -25.25 -20.05
CA ASP K 50 20.79 -24.49 -18.88
C ASP K 50 19.74 -23.45 -18.50
N ASP K 51 19.96 -22.82 -17.36
CA ASP K 51 19.30 -21.55 -17.05
C ASP K 51 19.79 -20.44 -17.97
N LEU K 52 21.08 -20.44 -18.29
CA LEU K 52 21.67 -19.35 -19.05
C LEU K 52 21.52 -19.51 -20.56
N GLY K 53 21.10 -20.69 -21.02
CA GLY K 53 20.94 -20.95 -22.44
C GLY K 53 21.98 -21.86 -23.08
N ASP K 54 22.97 -22.32 -22.32
CA ASP K 54 23.87 -23.35 -22.84
C ASP K 54 23.11 -24.64 -23.11
N VAL K 55 23.60 -25.42 -24.09
CA VAL K 55 22.93 -26.62 -24.55
C VAL K 55 23.96 -27.75 -24.69
N VAL K 56 23.57 -28.96 -24.29
CA VAL K 56 24.37 -30.17 -24.48
C VAL K 56 23.49 -31.26 -25.08
N VAL K 57 24.03 -31.99 -26.06
CA VAL K 57 23.33 -33.13 -26.65
C VAL K 57 24.23 -34.35 -26.54
N THR K 58 23.72 -35.40 -25.87
CA THR K 58 24.50 -36.61 -25.63
C THR K 58 23.56 -37.76 -25.24
N ASN K 59 24.06 -38.99 -25.38
CA ASN K 59 23.43 -40.13 -24.72
C ASN K 59 24.35 -40.80 -23.70
N ASP K 60 25.46 -40.15 -23.34
CA ASP K 60 26.33 -40.65 -22.28
C ASP K 60 25.59 -40.54 -20.95
N GLY K 61 25.49 -41.65 -20.22
CA GLY K 61 24.62 -41.70 -19.06
C GLY K 61 25.11 -40.86 -17.89
N VAL K 62 26.36 -41.05 -17.50
CA VAL K 62 26.90 -40.34 -16.34
C VAL K 62 26.88 -38.84 -16.57
N THR K 63 26.92 -38.41 -17.84
CA THR K 63 26.84 -36.98 -18.13
C THR K 63 25.43 -36.46 -17.90
N ILE K 64 24.42 -37.23 -18.32
CA ILE K 64 23.03 -36.85 -18.05
C ILE K 64 22.80 -36.76 -16.55
N LEU K 65 23.24 -37.78 -15.81
CA LEU K 65 23.07 -37.81 -14.36
C LEU K 65 23.90 -36.74 -13.66
N ARG K 66 24.98 -36.28 -14.30
CA ARG K 66 25.82 -35.24 -13.68
C ARG K 66 25.30 -33.83 -13.93
N GLU K 67 24.62 -33.62 -15.04
CA GLU K 67 24.14 -32.28 -15.38
C GLU K 67 22.69 -32.04 -15.01
N MET K 68 21.99 -33.05 -14.50
CA MET K 68 20.56 -32.91 -14.24
C MET K 68 20.33 -32.13 -12.96
N SER K 69 19.23 -31.39 -12.91
CA SER K 69 18.81 -30.79 -11.65
C SER K 69 18.08 -31.86 -10.85
N VAL K 70 18.76 -32.42 -9.85
CA VAL K 70 18.25 -33.53 -9.06
C VAL K 70 18.26 -33.14 -7.59
N GLU K 71 17.12 -33.32 -6.91
CA GLU K 71 16.95 -32.72 -5.59
C GLU K 71 16.63 -33.69 -4.47
N HIS K 72 16.12 -34.88 -4.76
CA HIS K 72 15.79 -35.81 -3.69
C HIS K 72 17.03 -36.59 -3.26
N PRO K 73 17.22 -36.84 -1.96
CA PRO K 73 18.48 -37.46 -1.51
C PRO K 73 18.78 -38.82 -2.11
N ALA K 74 17.77 -39.68 -2.27
CA ALA K 74 18.02 -41.02 -2.78
C ALA K 74 18.44 -41.00 -4.24
N ALA K 75 17.85 -40.10 -5.03
CA ALA K 75 18.27 -39.94 -6.41
C ALA K 75 19.70 -39.43 -6.48
N LYS K 76 20.07 -38.54 -5.55
CA LYS K 76 21.45 -38.10 -5.40
C LYS K 76 22.37 -39.27 -5.06
N MET K 77 21.87 -40.24 -4.29
CA MET K 77 22.64 -41.44 -3.97
C MET K 77 22.79 -42.39 -5.16
N LEU K 78 21.88 -42.36 -6.12
CA LEU K 78 22.03 -43.22 -7.30
C LEU K 78 23.00 -42.64 -8.32
N ILE K 79 23.17 -41.32 -8.36
CA ILE K 79 24.14 -40.72 -9.26
C ILE K 79 25.56 -41.19 -8.95
N GLU K 80 25.83 -41.51 -7.68
CA GLU K 80 27.16 -41.98 -7.30
C GLU K 80 27.46 -43.38 -7.82
N VAL K 81 26.44 -44.08 -8.30
CA VAL K 81 26.63 -45.39 -8.93
C VAL K 81 27.25 -45.24 -10.32
N ALA K 82 26.92 -44.15 -11.02
CA ALA K 82 27.50 -43.88 -12.33
C ALA K 82 28.93 -43.37 -12.23
N LYS K 83 29.19 -42.42 -11.33
CA LYS K 83 30.49 -41.77 -11.24
C LYS K 83 31.61 -42.77 -10.94
N THR K 84 31.32 -43.80 -10.16
CA THR K 84 32.37 -44.76 -9.81
C THR K 84 32.71 -45.64 -11.00
N GLN K 85 31.71 -45.98 -11.80
CA GLN K 85 31.94 -46.69 -13.05
C GLN K 85 32.71 -45.81 -14.04
N GLU K 86 32.42 -44.50 -14.03
CA GLU K 86 33.17 -43.54 -14.83
C GLU K 86 34.64 -43.54 -14.45
N LYS K 87 34.89 -43.49 -13.14
CA LYS K 87 36.22 -43.24 -12.58
C LYS K 87 37.09 -44.48 -12.68
N GLU K 88 36.56 -45.64 -12.30
CA GLU K 88 37.35 -46.84 -12.14
C GLU K 88 37.47 -47.68 -13.42
N VAL K 89 36.54 -47.52 -14.35
CA VAL K 89 36.48 -48.36 -15.54
C VAL K 89 36.47 -47.41 -16.73
N GLY K 90 35.44 -46.59 -16.83
CA GLY K 90 35.30 -45.64 -17.90
C GLY K 90 34.08 -45.86 -18.77
N ASP K 91 33.72 -47.11 -19.04
CA ASP K 91 32.52 -47.43 -19.76
C ASP K 91 31.59 -48.22 -18.85
N GLY K 92 30.33 -48.34 -19.24
CA GLY K 92 29.35 -49.08 -18.47
C GLY K 92 28.49 -48.27 -17.52
N THR K 93 28.43 -46.94 -17.67
CA THR K 93 27.72 -46.12 -16.70
C THR K 93 26.21 -46.15 -16.85
N THR K 94 25.68 -46.86 -17.84
CA THR K 94 24.22 -46.97 -17.94
C THR K 94 23.71 -48.33 -17.48
N THR K 95 24.51 -49.39 -17.67
CA THR K 95 24.15 -50.71 -17.17
C THR K 95 24.02 -50.68 -15.64
N ALA K 96 24.99 -50.03 -14.98
CA ALA K 96 24.98 -49.93 -13.52
C ALA K 96 23.69 -49.32 -13.01
N VAL K 97 23.25 -48.19 -13.59
CA VAL K 97 22.13 -47.51 -12.98
C VAL K 97 20.82 -48.24 -13.27
N VAL K 98 20.72 -48.84 -14.47
CA VAL K 98 19.50 -49.57 -14.81
C VAL K 98 19.37 -50.81 -13.93
N VAL K 99 20.48 -51.51 -13.71
CA VAL K 99 20.45 -52.68 -12.84
C VAL K 99 20.14 -52.27 -11.40
N ALA K 100 20.70 -51.13 -10.94
CA ALA K 100 20.39 -50.64 -9.60
C ALA K 100 18.91 -50.38 -9.42
N GLY K 101 18.29 -49.66 -10.36
CA GLY K 101 16.87 -49.37 -10.24
C GLY K 101 16.00 -50.61 -10.36
N GLU K 102 16.42 -51.58 -11.18
CA GLU K 102 15.64 -52.82 -11.24
C GLU K 102 15.75 -53.59 -9.94
N LEU K 103 16.90 -53.49 -9.26
CA LEU K 103 17.03 -54.09 -7.94
C LEU K 103 16.14 -53.40 -6.91
N LEU K 104 16.08 -52.07 -6.97
CA LEU K 104 15.14 -51.33 -6.12
C LEU K 104 13.69 -51.81 -6.34
N ARG K 105 13.30 -51.95 -7.60
CA ARG K 105 11.91 -52.23 -7.94
C ARG K 105 11.56 -53.68 -7.64
N LYS K 106 12.52 -54.59 -7.80
CA LYS K 106 12.34 -55.96 -7.35
C LYS K 106 12.23 -56.04 -5.84
N ALA K 107 13.01 -55.25 -5.12
CA ALA K 107 12.91 -55.24 -3.67
C ALA K 107 11.54 -54.76 -3.24
N GLU K 108 10.98 -53.82 -4.00
CA GLU K 108 9.64 -53.30 -3.69
C GLU K 108 8.57 -54.38 -3.79
N GLU K 109 8.81 -55.40 -4.63
CA GLU K 109 7.84 -56.46 -4.81
C GLU K 109 7.84 -57.45 -3.65
N LEU K 110 8.89 -57.44 -2.83
CA LEU K 110 8.94 -58.33 -1.67
C LEU K 110 8.53 -57.65 -0.37
N LEU K 111 8.69 -56.33 -0.29
CA LEU K 111 8.28 -55.62 0.92
C LEU K 111 6.77 -55.49 1.01
N ASP K 112 6.09 -55.50 -0.14
CA ASP K 112 4.62 -55.54 -0.11
C ASP K 112 4.07 -56.94 0.21
N GLN K 113 4.94 -57.93 0.38
CA GLN K 113 4.57 -59.21 0.99
C GLN K 113 5.03 -59.30 2.43
N ASN K 114 5.55 -58.19 2.98
CA ASN K 114 5.95 -58.06 4.38
C ASN K 114 7.22 -58.85 4.73
N VAL K 115 8.18 -58.89 3.81
CA VAL K 115 9.49 -59.47 4.11
C VAL K 115 10.38 -58.41 4.77
N HIS K 116 11.06 -58.79 5.86
CA HIS K 116 11.87 -57.84 6.60
C HIS K 116 13.02 -57.31 5.73
N PRO K 117 13.29 -56.01 5.76
CA PRO K 117 14.40 -55.45 4.97
C PRO K 117 15.75 -56.11 5.20
N THR K 118 16.10 -56.45 6.45
CA THR K 118 17.38 -57.09 6.69
C THR K 118 17.46 -58.45 6.00
N ILE K 119 16.34 -59.15 5.88
CA ILE K 119 16.33 -60.43 5.17
C ILE K 119 16.64 -60.21 3.69
N VAL K 120 16.06 -59.18 3.10
CA VAL K 120 16.35 -58.85 1.71
C VAL K 120 17.83 -58.53 1.53
N VAL K 121 18.38 -57.72 2.43
CA VAL K 121 19.77 -57.28 2.32
C VAL K 121 20.72 -58.47 2.45
N LYS K 122 20.47 -59.34 3.43
CA LYS K 122 21.28 -60.54 3.59
C LYS K 122 21.13 -61.52 2.42
N GLY K 123 20.00 -61.51 1.71
CA GLY K 123 19.95 -62.29 0.49
C GLY K 123 20.73 -61.71 -0.67
N TYR K 124 20.52 -60.41 -0.95
CA TYR K 124 21.28 -59.75 -2.00
C TYR K 124 22.78 -59.93 -1.80
N GLN K 125 23.23 -59.83 -0.55
CA GLN K 125 24.64 -60.00 -0.24
C GLN K 125 25.15 -61.37 -0.66
N ALA K 126 24.39 -62.42 -0.37
CA ALA K 126 24.79 -63.77 -0.76
C ALA K 126 24.75 -63.98 -2.26
N ALA K 127 23.90 -63.21 -2.96
CA ALA K 127 23.80 -63.35 -4.41
C ALA K 127 24.96 -62.66 -5.13
N ALA K 128 25.40 -61.51 -4.63
CA ALA K 128 26.41 -60.73 -5.36
C ALA K 128 27.78 -61.41 -5.32
N GLN K 129 28.15 -62.01 -4.19
CA GLN K 129 29.41 -62.76 -4.14
C GLN K 129 29.39 -63.94 -5.10
N LYS K 130 28.23 -64.59 -5.22
CA LYS K 130 28.05 -65.67 -6.17
C LYS K 130 28.17 -65.17 -7.60
N ALA K 131 27.65 -63.98 -7.88
CA ALA K 131 27.81 -63.39 -9.20
C ALA K 131 29.27 -63.06 -9.49
N GLN K 132 30.04 -62.72 -8.46
CA GLN K 132 31.47 -62.52 -8.65
C GLN K 132 32.18 -63.82 -9.02
N GLU K 133 31.89 -64.90 -8.30
CA GLU K 133 32.45 -66.20 -8.65
C GLU K 133 32.11 -66.58 -10.09
N LEU K 134 30.83 -66.44 -10.45
CA LEU K 134 30.38 -66.83 -11.78
C LEU K 134 31.03 -65.98 -12.86
N LEU K 135 31.10 -64.67 -12.67
CA LEU K 135 31.75 -63.80 -13.64
C LEU K 135 33.25 -64.13 -13.76
N LYS K 136 33.88 -64.55 -12.68
CA LYS K 136 35.29 -64.90 -12.74
C LYS K 136 35.52 -66.24 -13.44
N THR K 137 34.47 -67.06 -13.59
CA THR K 137 34.64 -68.35 -14.25
C THR K 137 34.00 -68.49 -15.63
N ILE K 138 33.09 -67.59 -16.03
CA ILE K 138 32.48 -67.65 -17.36
C ILE K 138 33.18 -66.77 -18.39
N ALA K 139 34.28 -66.14 -18.04
CA ALA K 139 34.96 -65.21 -18.94
C ALA K 139 35.95 -65.95 -19.84
N CYS K 140 36.40 -65.26 -20.88
CA CYS K 140 37.37 -65.81 -21.83
C CYS K 140 38.72 -65.10 -21.67
N GLU K 141 39.80 -65.86 -21.76
CA GLU K 141 41.14 -65.38 -21.43
C GLU K 141 41.94 -65.13 -22.69
N VAL K 142 42.41 -63.88 -22.85
CA VAL K 142 43.07 -63.43 -24.07
C VAL K 142 44.33 -62.65 -23.71
N GLY K 143 45.33 -62.71 -24.59
CA GLY K 143 46.59 -62.03 -24.35
C GLY K 143 46.55 -60.56 -24.72
N ALA K 144 47.34 -59.76 -24.02
CA ALA K 144 47.26 -58.30 -24.14
C ALA K 144 47.91 -57.79 -25.42
N GLN K 145 48.69 -58.63 -26.09
CA GLN K 145 49.33 -58.29 -27.36
C GLN K 145 48.41 -58.44 -28.56
N ASP K 146 47.16 -58.86 -28.34
CA ASP K 146 46.27 -59.32 -29.42
C ASP K 146 45.41 -58.14 -29.90
N LYS K 147 45.95 -57.44 -30.90
CA LYS K 147 45.39 -56.15 -31.30
C LYS K 147 44.03 -56.28 -31.98
N GLU K 148 43.76 -57.44 -32.58
CA GLU K 148 42.52 -57.66 -33.30
C GLU K 148 41.30 -57.60 -32.38
N ILE K 149 41.32 -58.37 -31.30
CA ILE K 149 40.22 -58.34 -30.35
C ILE K 149 40.14 -56.96 -29.69
N LEU K 150 41.27 -56.25 -29.56
CA LEU K 150 41.22 -54.88 -29.07
C LEU K 150 40.43 -53.98 -30.02
N THR K 151 40.66 -54.11 -31.32
CA THR K 151 39.88 -53.39 -32.32
C THR K 151 38.39 -53.69 -32.18
N LYS K 152 38.05 -54.98 -32.05
CA LYS K 152 36.66 -55.40 -31.96
C LYS K 152 35.99 -54.82 -30.72
N ILE K 153 36.72 -54.78 -29.60
CA ILE K 153 36.18 -54.21 -28.37
C ILE K 153 35.97 -52.69 -28.51
N ALA K 154 36.91 -52.02 -29.17
CA ALA K 154 36.81 -50.59 -29.39
C ALA K 154 35.58 -50.25 -30.23
N MET K 155 35.40 -50.98 -31.33
CA MET K 155 34.21 -50.83 -32.16
C MET K 155 32.93 -51.07 -31.35
N THR K 156 32.95 -52.09 -30.50
CA THR K 156 31.80 -52.35 -29.63
C THR K 156 31.53 -51.19 -28.69
N SER K 157 32.58 -50.43 -28.34
CA SER K 157 32.40 -49.30 -27.43
C SER K 157 31.79 -48.10 -28.16
N ILE K 158 32.06 -47.97 -29.46
CA ILE K 158 31.62 -46.82 -30.23
C ILE K 158 30.19 -47.02 -30.79
N THR K 159 29.74 -48.27 -30.90
CA THR K 159 28.42 -48.59 -31.46
C THR K 159 27.29 -47.99 -30.63
N GLY K 160 26.32 -47.39 -31.32
CA GLY K 160 25.16 -46.79 -30.65
C GLY K 160 25.30 -45.34 -30.25
N LYS K 161 26.35 -44.64 -30.71
CA LYS K 161 26.64 -43.31 -30.20
C LYS K 161 26.55 -42.20 -31.24
N GLY K 162 25.92 -42.46 -32.39
CA GLY K 162 25.79 -41.43 -33.41
C GLY K 162 27.04 -41.22 -34.24
N ALA K 163 28.21 -41.32 -33.61
CA ALA K 163 29.47 -41.33 -34.34
C ALA K 163 29.84 -42.75 -34.75
N GLU K 164 28.88 -43.51 -35.29
CA GLU K 164 29.13 -44.87 -35.75
C GLU K 164 29.82 -44.90 -37.11
N LYS K 165 29.66 -43.83 -37.88
CA LYS K 165 30.04 -43.89 -39.28
C LYS K 165 31.55 -43.94 -39.44
N ALA K 166 32.29 -43.53 -38.41
CA ALA K 166 33.74 -43.54 -38.42
C ALA K 166 34.36 -44.61 -37.53
N LYS K 167 33.58 -45.55 -36.99
CA LYS K 167 34.12 -46.42 -35.95
C LYS K 167 35.26 -47.31 -36.46
N GLU K 168 35.22 -47.70 -37.73
CA GLU K 168 36.23 -48.59 -38.27
C GLU K 168 37.54 -47.88 -38.58
N LYS K 169 37.59 -46.56 -38.40
CA LYS K 169 38.84 -45.80 -38.40
C LYS K 169 39.27 -45.40 -36.99
N LEU K 170 38.29 -44.96 -36.20
CA LEU K 170 38.56 -44.59 -34.81
C LEU K 170 39.14 -45.75 -34.04
N ALA K 171 38.72 -46.98 -34.36
CA ALA K 171 39.23 -48.16 -33.69
C ALA K 171 40.74 -48.31 -33.88
N GLU K 172 41.21 -48.20 -35.13
CA GLU K 172 42.66 -48.29 -35.37
C GLU K 172 43.41 -47.18 -34.67
N ILE K 173 42.89 -45.95 -34.79
CA ILE K 173 43.53 -44.80 -34.17
C ILE K 173 43.70 -45.02 -32.68
N ILE K 174 42.62 -45.42 -32.01
CA ILE K 174 42.63 -45.56 -30.56
C ILE K 174 43.50 -46.74 -30.14
N VAL K 175 43.49 -47.84 -30.89
CA VAL K 175 44.31 -49.00 -30.53
C VAL K 175 45.78 -48.63 -30.56
N GLU K 176 46.24 -47.94 -31.62
CA GLU K 176 47.63 -47.51 -31.63
C GLU K 176 47.92 -46.50 -30.51
N ALA K 177 46.99 -45.54 -30.32
CA ALA K 177 47.18 -44.47 -29.34
C ALA K 177 47.38 -45.04 -27.93
N VAL K 178 46.59 -46.06 -27.59
CA VAL K 178 46.66 -46.68 -26.27
C VAL K 178 47.87 -47.59 -26.18
N SER K 179 48.19 -48.29 -27.28
CA SER K 179 49.30 -49.23 -27.24
C SER K 179 50.64 -48.50 -27.05
N ALA K 180 50.67 -47.22 -27.41
CA ALA K 180 51.88 -46.42 -27.25
C ALA K 180 52.20 -46.18 -25.78
N VAL K 181 51.15 -45.94 -24.96
CA VAL K 181 51.30 -45.43 -23.61
C VAL K 181 51.26 -46.54 -22.57
N VAL K 182 51.28 -47.80 -22.99
CA VAL K 182 51.40 -48.94 -22.08
C VAL K 182 52.80 -48.89 -21.47
N ASP K 183 52.87 -48.70 -20.15
CA ASP K 183 54.14 -48.37 -19.50
C ASP K 183 54.98 -49.63 -19.28
N ASP K 184 56.22 -49.42 -18.83
CA ASP K 184 57.15 -50.54 -18.70
C ASP K 184 56.71 -51.56 -17.66
N GLU K 185 55.67 -51.25 -16.88
CA GLU K 185 55.07 -52.22 -15.98
C GLU K 185 53.75 -52.81 -16.49
N GLY K 186 53.36 -52.51 -17.72
CA GLY K 186 52.17 -53.08 -18.32
C GLY K 186 50.85 -52.49 -17.87
N LYS K 187 50.81 -51.19 -17.61
CA LYS K 187 49.60 -50.53 -17.14
C LYS K 187 49.33 -49.29 -17.99
N VAL K 188 48.06 -48.98 -18.18
CA VAL K 188 47.64 -47.90 -19.05
C VAL K 188 47.21 -46.71 -18.20
N ASP K 189 47.81 -45.55 -18.45
CA ASP K 189 47.42 -44.30 -17.81
C ASP K 189 46.73 -43.42 -18.86
N LYS K 190 45.53 -42.95 -18.53
CA LYS K 190 44.68 -42.28 -19.50
C LYS K 190 45.17 -40.87 -19.82
N ASP K 191 45.77 -40.21 -18.83
CA ASP K 191 46.21 -38.83 -19.01
C ASP K 191 47.47 -38.72 -19.87
N LEU K 192 48.09 -39.86 -20.21
CA LEU K 192 49.23 -39.81 -21.14
C LEU K 192 48.79 -39.69 -22.60
N ILE K 193 47.49 -39.66 -22.86
CA ILE K 193 46.93 -39.44 -24.19
C ILE K 193 46.21 -38.09 -24.18
N LYS K 194 46.60 -37.22 -25.11
CA LYS K 194 46.09 -35.86 -25.18
C LYS K 194 45.02 -35.80 -26.27
N ILE K 195 43.84 -35.30 -25.92
CA ILE K 195 42.70 -35.29 -26.83
C ILE K 195 42.40 -33.84 -27.17
N GLU K 196 42.46 -33.52 -28.46
CA GLU K 196 42.29 -32.15 -28.91
C GLU K 196 41.16 -32.05 -29.93
N LYS K 197 40.45 -30.92 -29.88
CA LYS K 197 39.11 -30.78 -30.46
C LYS K 197 39.04 -29.55 -31.38
N LYS K 198 39.50 -29.71 -32.62
CA LYS K 198 39.61 -28.59 -33.55
C LYS K 198 38.61 -28.77 -34.67
N SER K 199 37.71 -27.80 -34.83
CA SER K 199 36.58 -27.92 -35.74
C SER K 199 37.02 -27.77 -37.20
N GLY K 200 36.05 -27.81 -38.10
CA GLY K 200 36.32 -27.85 -39.52
C GLY K 200 36.52 -29.27 -40.02
N ALA K 201 36.38 -29.44 -41.33
CA ALA K 201 36.39 -30.75 -41.98
C ALA K 201 35.34 -31.70 -41.40
N SER K 202 35.39 -32.98 -41.81
CA SER K 202 34.43 -33.99 -41.39
C SER K 202 35.09 -35.01 -40.44
N ILE K 203 34.22 -35.70 -39.71
CA ILE K 203 34.64 -36.63 -38.64
C ILE K 203 35.66 -37.64 -39.14
N ASP K 204 35.64 -37.93 -40.45
CA ASP K 204 36.58 -38.87 -41.03
C ASP K 204 37.96 -38.27 -41.27
N ASP K 205 38.12 -36.96 -41.08
CA ASP K 205 39.42 -36.30 -41.16
C ASP K 205 40.17 -36.30 -39.82
N THR K 206 39.65 -37.01 -38.81
CA THR K 206 40.39 -37.17 -37.57
C THR K 206 41.67 -37.97 -37.80
N GLU K 207 42.73 -37.61 -37.06
CA GLU K 207 44.03 -38.23 -37.27
C GLU K 207 44.80 -38.31 -35.95
N LEU K 208 45.89 -39.07 -35.98
CA LEU K 208 46.72 -39.33 -34.82
C LEU K 208 48.10 -38.71 -35.01
N ILE K 209 48.57 -37.98 -34.00
CA ILE K 209 49.90 -37.37 -34.03
C ILE K 209 50.81 -38.12 -33.07
N LYS K 210 51.95 -38.58 -33.58
CA LYS K 210 52.97 -39.21 -32.74
C LYS K 210 53.84 -38.12 -32.10
N GLY K 211 53.20 -37.29 -31.28
CA GLY K 211 53.88 -36.12 -30.75
C GLY K 211 52.88 -35.17 -30.11
N VAL K 212 53.13 -33.86 -30.20
CA VAL K 212 52.34 -32.89 -29.45
C VAL K 212 51.90 -31.75 -30.37
N LEU K 213 50.76 -31.17 -29.96
CA LEU K 213 50.25 -29.98 -30.61
C LEU K 213 50.27 -29.00 -29.43
N VAL K 214 50.86 -27.83 -29.57
CA VAL K 214 51.02 -26.84 -28.51
C VAL K 214 50.24 -25.59 -28.89
N ASP K 215 49.54 -25.02 -27.90
CA ASP K 215 48.72 -23.83 -28.12
C ASP K 215 49.59 -22.57 -28.04
N LYS K 216 50.58 -22.47 -28.92
CA LYS K 216 51.56 -21.38 -28.87
C LYS K 216 52.03 -21.04 -30.28
N GLU K 217 52.53 -19.82 -30.42
CA GLU K 217 53.26 -19.40 -31.61
C GLU K 217 54.60 -18.80 -31.20
N ARG K 218 55.58 -18.90 -32.10
CA ARG K 218 56.95 -18.54 -31.75
C ARG K 218 57.04 -17.04 -31.48
N VAL K 219 58.00 -16.68 -30.61
CA VAL K 219 58.02 -15.35 -30.02
C VAL K 219 58.38 -14.28 -31.04
N SER K 220 59.35 -14.57 -31.91
CA SER K 220 59.87 -13.57 -32.84
C SER K 220 59.74 -14.11 -34.26
N ALA K 221 59.21 -13.30 -35.17
CA ALA K 221 58.81 -13.83 -36.48
C ALA K 221 59.99 -14.04 -37.43
N GLN K 222 61.19 -13.56 -37.06
CA GLN K 222 62.40 -13.89 -37.81
C GLN K 222 62.84 -15.32 -37.56
N MET K 223 62.30 -15.96 -36.53
CA MET K 223 62.63 -17.31 -36.13
C MET K 223 62.11 -18.32 -37.15
N PRO K 224 62.94 -19.28 -37.57
CA PRO K 224 62.51 -20.22 -38.63
C PRO K 224 61.23 -20.95 -38.27
N LYS K 225 60.32 -21.03 -39.23
CA LYS K 225 58.98 -21.54 -38.99
C LYS K 225 58.91 -23.05 -39.20
N LYS K 226 59.98 -23.64 -39.75
CA LYS K 226 60.07 -25.08 -39.98
C LYS K 226 61.47 -25.55 -39.63
N VAL K 227 61.55 -26.62 -38.84
CA VAL K 227 62.83 -27.21 -38.43
C VAL K 227 62.74 -28.72 -38.55
N THR K 228 63.81 -29.34 -39.05
CA THR K 228 63.90 -30.80 -39.19
C THR K 228 65.00 -31.34 -38.29
N ASP K 229 64.79 -32.55 -37.78
CA ASP K 229 65.66 -33.14 -36.75
C ASP K 229 65.98 -32.13 -35.64
N ALA K 230 64.93 -31.59 -35.04
CA ALA K 230 65.02 -30.59 -33.98
C ALA K 230 65.78 -31.08 -32.76
N LYS K 231 66.53 -30.17 -32.13
CA LYS K 231 67.15 -30.37 -30.82
C LYS K 231 66.45 -29.45 -29.84
N ILE K 232 65.59 -30.04 -29.01
CA ILE K 232 64.60 -29.27 -28.26
C ILE K 232 65.08 -29.11 -26.82
N ALA K 233 65.08 -27.87 -26.32
CA ALA K 233 65.46 -27.58 -24.95
C ALA K 233 64.25 -27.06 -24.19
N LEU K 234 64.04 -27.59 -22.98
CA LEU K 234 62.92 -27.22 -22.14
C LEU K 234 63.44 -26.58 -20.85
N LEU K 235 62.88 -25.42 -20.50
CA LEU K 235 63.29 -24.66 -19.33
C LEU K 235 62.11 -24.37 -18.42
N ASN K 236 62.36 -24.45 -17.11
CA ASN K 236 61.40 -24.05 -16.09
C ASN K 236 61.72 -22.66 -15.55
N CYS K 237 62.97 -22.23 -15.73
CA CYS K 237 63.39 -20.88 -15.41
C CYS K 237 63.12 -19.92 -16.57
N ALA K 238 62.83 -18.67 -16.22
CA ALA K 238 62.59 -17.60 -17.16
C ALA K 238 63.91 -16.99 -17.65
N ILE K 239 63.96 -16.62 -18.92
CA ILE K 239 65.15 -15.97 -19.47
C ILE K 239 64.96 -14.47 -19.26
N GLU K 240 65.40 -13.98 -18.11
CA GLU K 240 65.22 -12.59 -17.70
C GLU K 240 66.34 -12.24 -16.74
N ILE K 241 66.51 -10.93 -16.51
CA ILE K 241 67.58 -10.49 -15.62
C ILE K 241 67.22 -10.81 -14.18
N LYS K 242 68.12 -11.51 -13.48
CA LYS K 242 67.84 -11.95 -12.13
C LYS K 242 67.72 -10.75 -11.18
N GLU K 243 66.91 -10.93 -10.13
CA GLU K 243 66.76 -9.98 -9.05
C GLU K 243 67.42 -10.54 -7.79
N THR K 244 67.79 -9.65 -6.86
CA THR K 244 68.32 -10.07 -5.57
C THR K 244 67.19 -10.13 -4.55
N GLU K 245 67.07 -11.29 -3.90
CA GLU K 245 66.03 -11.47 -2.89
C GLU K 245 66.42 -10.81 -1.56
N THR K 246 67.29 -9.79 -1.61
CA THR K 246 67.73 -9.01 -0.47
C THR K 246 67.53 -7.50 -0.66
N ASP K 247 67.00 -7.06 -1.81
CA ASP K 247 66.78 -5.65 -2.19
C ASP K 247 68.03 -4.83 -2.45
N ALA K 248 67.99 -3.98 -3.48
CA ALA K 248 69.16 -3.38 -4.10
C ALA K 248 68.90 -1.96 -4.63
N GLU K 249 69.97 -1.15 -4.64
CA GLU K 249 70.03 0.14 -5.31
C GLU K 249 71.43 0.31 -5.90
N ILE K 250 71.54 0.86 -7.11
CA ILE K 250 72.83 0.91 -7.79
C ILE K 250 73.63 2.20 -7.56
N ARG K 251 72.96 3.31 -7.27
CA ARG K 251 73.60 4.56 -6.85
C ARG K 251 74.71 5.06 -7.79
N ILE K 252 74.33 5.91 -8.74
CA ILE K 252 75.22 6.31 -9.81
C ILE K 252 75.83 7.67 -9.51
N THR K 253 77.08 7.67 -9.06
CA THR K 253 77.72 8.92 -8.61
C THR K 253 78.53 9.56 -9.73
N ASP K 254 79.00 8.76 -10.70
CA ASP K 254 79.67 9.28 -11.89
C ASP K 254 78.71 9.18 -13.07
N PRO K 255 78.38 10.30 -13.72
CA PRO K 255 77.56 10.25 -14.94
C PRO K 255 78.04 9.24 -15.98
N ALA K 256 79.35 9.04 -16.10
CA ALA K 256 79.89 8.10 -17.08
C ALA K 256 79.44 6.64 -16.85
N LYS K 257 78.78 6.37 -15.72
CA LYS K 257 78.39 5.00 -15.39
C LYS K 257 76.90 4.74 -15.57
N LEU K 258 76.22 5.52 -16.41
CA LEU K 258 74.85 5.19 -16.79
C LEU K 258 74.83 4.07 -17.85
N MET K 259 75.55 4.28 -18.96
CA MET K 259 75.56 3.29 -20.03
C MET K 259 76.25 2.00 -19.60
N GLU K 260 77.21 2.08 -18.69
CA GLU K 260 77.93 0.88 -18.27
C GLU K 260 77.03 -0.08 -17.51
N PHE K 261 76.24 0.43 -16.56
CA PHE K 261 75.29 -0.42 -15.86
C PHE K 261 74.31 -1.08 -16.85
N ILE K 262 73.88 -0.33 -17.86
CA ILE K 262 72.88 -0.82 -18.81
C ILE K 262 73.48 -1.88 -19.74
N GLU K 263 74.69 -1.64 -20.23
CA GLU K 263 75.42 -2.61 -21.03
C GLU K 263 75.65 -3.92 -20.27
N GLN K 264 75.93 -3.84 -18.95
CA GLN K 264 76.14 -5.08 -18.21
C GLN K 264 74.85 -5.86 -18.05
N GLU K 265 73.72 -5.17 -17.87
CA GLU K 265 72.47 -5.94 -17.94
C GLU K 265 72.24 -6.55 -19.32
N GLU K 266 72.61 -5.86 -20.40
CA GLU K 266 72.49 -6.50 -21.72
C GLU K 266 73.38 -7.73 -21.84
N LYS K 267 74.59 -7.67 -21.29
CA LYS K 267 75.51 -8.80 -21.39
C LYS K 267 75.01 -10.00 -20.59
N MET K 268 74.32 -9.74 -19.48
CA MET K 268 73.80 -10.84 -18.67
C MET K 268 72.70 -11.62 -19.39
N LEU K 269 72.10 -11.06 -20.45
CA LEU K 269 71.20 -11.85 -21.28
C LEU K 269 71.96 -12.49 -22.46
N LYS K 270 72.94 -11.74 -23.00
CA LYS K 270 73.74 -12.23 -24.11
C LYS K 270 74.41 -13.56 -23.75
N ASP K 271 74.91 -13.66 -22.52
CA ASP K 271 75.61 -14.87 -22.09
C ASP K 271 74.65 -16.05 -21.92
N MET K 272 73.42 -15.80 -21.48
CA MET K 272 72.43 -16.87 -21.39
C MET K 272 72.16 -17.46 -22.77
N VAL K 273 72.04 -16.59 -23.78
CA VAL K 273 71.77 -17.09 -25.12
C VAL K 273 72.97 -17.83 -25.70
N ALA K 274 74.18 -17.30 -25.44
CA ALA K 274 75.39 -18.03 -25.79
C ALA K 274 75.39 -19.44 -25.19
N GLU K 275 75.01 -19.56 -23.92
CA GLU K 275 74.99 -20.85 -23.25
C GLU K 275 73.93 -21.79 -23.82
N ILE K 276 72.75 -21.26 -24.15
CA ILE K 276 71.73 -22.09 -24.77
C ILE K 276 72.23 -22.62 -26.10
N LYS K 277 72.97 -21.80 -26.84
CA LYS K 277 73.50 -22.24 -28.13
C LYS K 277 74.58 -23.32 -27.95
N ALA K 278 75.45 -23.14 -26.96
CA ALA K 278 76.54 -24.08 -26.75
C ALA K 278 76.06 -25.47 -26.35
N SER K 279 74.86 -25.58 -25.77
CA SER K 279 74.31 -26.91 -25.54
C SER K 279 74.07 -27.68 -26.83
N GLY K 280 73.82 -26.99 -27.95
CA GLY K 280 73.49 -27.65 -29.19
C GLY K 280 72.05 -27.47 -29.63
N ALA K 281 71.26 -26.69 -28.89
CA ALA K 281 69.83 -26.59 -29.14
C ALA K 281 69.52 -25.78 -30.39
N ASN K 282 68.36 -26.02 -30.98
CA ASN K 282 67.82 -25.14 -32.01
C ASN K 282 66.31 -24.94 -31.90
N VAL K 283 65.66 -25.51 -30.88
CA VAL K 283 64.26 -25.24 -30.55
C VAL K 283 64.16 -25.13 -29.04
N LEU K 284 63.34 -24.18 -28.57
CA LEU K 284 63.25 -23.82 -27.16
C LEU K 284 61.79 -23.71 -26.71
N PHE K 285 61.53 -24.18 -25.50
CA PHE K 285 60.28 -23.95 -24.79
C PHE K 285 60.58 -23.44 -23.39
N CYS K 286 59.87 -22.41 -22.97
CA CYS K 286 60.01 -21.83 -21.64
C CYS K 286 58.67 -21.84 -20.92
N GLN K 287 58.64 -22.41 -19.71
CA GLN K 287 57.43 -22.41 -18.89
C GLN K 287 57.14 -21.04 -18.28
N LYS K 288 57.91 -20.02 -18.66
CA LYS K 288 57.91 -18.72 -17.99
C LYS K 288 58.44 -17.68 -18.99
N GLY K 289 58.64 -16.46 -18.51
CA GLY K 289 58.85 -15.33 -19.41
C GLY K 289 60.21 -15.34 -20.10
N ILE K 290 60.21 -14.80 -21.31
CA ILE K 290 61.44 -14.47 -22.04
C ILE K 290 61.39 -13.00 -22.38
N ASP K 291 62.45 -12.27 -22.06
CA ASP K 291 62.51 -10.84 -22.28
C ASP K 291 62.63 -10.50 -23.76
N ASP K 292 62.20 -9.28 -24.11
CA ASP K 292 62.20 -8.87 -25.51
C ASP K 292 63.60 -8.68 -26.10
N LEU K 293 64.62 -8.52 -25.26
CA LEU K 293 65.99 -8.53 -25.79
C LEU K 293 66.55 -9.94 -25.93
N ALA K 294 66.15 -10.83 -25.00
CA ALA K 294 66.48 -12.24 -25.11
C ALA K 294 65.92 -12.82 -26.42
N GLN K 295 64.70 -12.40 -26.76
CA GLN K 295 64.04 -12.77 -28.01
C GLN K 295 64.87 -12.34 -29.21
N HIS K 296 65.47 -11.15 -29.12
CA HIS K 296 66.35 -10.66 -30.16
C HIS K 296 67.54 -11.59 -30.34
N TYR K 297 68.24 -11.93 -29.25
CA TYR K 297 69.44 -12.75 -29.42
C TYR K 297 69.06 -14.14 -29.90
N LEU K 298 67.93 -14.67 -29.42
CA LEU K 298 67.43 -15.95 -29.92
C LEU K 298 67.12 -15.92 -31.42
N ALA K 299 66.46 -14.87 -31.91
CA ALA K 299 66.23 -14.73 -33.35
C ALA K 299 67.51 -14.39 -34.11
N LYS K 300 68.55 -13.95 -33.42
CA LYS K 300 69.80 -13.64 -34.11
C LYS K 300 70.65 -14.89 -34.24
N GLU K 301 70.49 -15.83 -33.31
CA GLU K 301 71.20 -17.09 -33.36
C GLU K 301 70.47 -18.16 -34.16
N GLY K 302 69.28 -17.85 -34.68
CA GLY K 302 68.40 -18.84 -35.28
C GLY K 302 67.93 -19.98 -34.40
N ILE K 303 67.45 -19.66 -33.19
CA ILE K 303 66.84 -20.63 -32.29
C ILE K 303 65.36 -20.31 -32.18
N VAL K 304 64.50 -21.34 -32.30
CA VAL K 304 63.06 -21.14 -32.24
C VAL K 304 62.61 -21.28 -30.79
N ALA K 305 61.80 -20.33 -30.32
CA ALA K 305 61.43 -20.23 -28.90
C ALA K 305 59.95 -19.93 -28.71
N ALA K 306 59.34 -20.59 -27.73
CA ALA K 306 58.03 -20.26 -27.21
C ALA K 306 58.13 -20.05 -25.71
N ARG K 307 57.22 -19.24 -25.16
CA ARG K 307 57.30 -18.82 -23.76
C ARG K 307 55.99 -19.04 -23.02
N ARG K 308 56.08 -19.02 -21.69
CA ARG K 308 54.94 -19.22 -20.80
C ARG K 308 54.12 -20.47 -21.15
N VAL K 309 54.81 -21.55 -21.45
CA VAL K 309 54.17 -22.82 -21.78
C VAL K 309 53.68 -23.45 -20.50
N LYS K 310 52.46 -23.98 -20.54
CA LYS K 310 51.84 -24.55 -19.36
C LYS K 310 52.45 -25.88 -18.98
N LYS K 311 52.35 -26.21 -17.68
CA LYS K 311 53.12 -27.29 -17.08
C LYS K 311 52.78 -28.64 -17.70
N SER K 312 51.50 -28.89 -17.98
CA SER K 312 51.09 -30.17 -18.56
C SER K 312 51.68 -30.35 -19.95
N ASP K 313 51.72 -29.28 -20.73
CA ASP K 313 52.38 -29.32 -22.03
C ASP K 313 53.87 -29.57 -21.88
N MET K 314 54.48 -29.02 -20.82
CA MET K 314 55.89 -29.30 -20.54
C MET K 314 56.12 -30.79 -20.25
N GLU K 315 55.22 -31.39 -19.47
CA GLU K 315 55.27 -32.82 -19.18
C GLU K 315 55.16 -33.64 -20.47
N LYS K 316 54.20 -33.29 -21.32
CA LYS K 316 53.97 -34.05 -22.54
C LYS K 316 55.12 -33.88 -23.54
N LEU K 317 55.70 -32.69 -23.62
CA LEU K 317 56.91 -32.51 -24.42
C LEU K 317 58.08 -33.35 -23.91
N ALA K 318 58.34 -33.30 -22.60
CA ALA K 318 59.42 -34.09 -22.03
C ALA K 318 59.20 -35.58 -22.27
N LYS K 319 57.94 -36.02 -22.17
CA LYS K 319 57.61 -37.41 -22.45
C LYS K 319 57.87 -37.76 -23.90
N ALA K 320 57.45 -36.88 -24.82
CA ALA K 320 57.43 -37.23 -26.25
C ALA K 320 58.83 -37.22 -26.84
N THR K 321 59.63 -36.22 -26.48
CA THR K 321 60.94 -35.98 -27.08
C THR K 321 62.08 -36.65 -26.32
N GLY K 322 61.89 -36.90 -25.03
CA GLY K 322 62.98 -37.39 -24.18
C GLY K 322 63.86 -36.29 -23.61
N ALA K 323 63.42 -35.04 -23.70
CA ALA K 323 64.14 -33.92 -23.11
C ALA K 323 63.90 -33.88 -21.61
N ASN K 324 64.80 -33.20 -20.90
CA ASN K 324 64.70 -33.01 -19.46
C ASN K 324 64.40 -31.55 -19.16
N VAL K 325 63.37 -31.30 -18.36
CA VAL K 325 63.05 -29.93 -17.97
C VAL K 325 64.16 -29.42 -17.04
N ILE K 326 64.74 -28.28 -17.40
CA ILE K 326 65.90 -27.73 -16.71
C ILE K 326 65.46 -26.49 -15.93
N THR K 327 65.96 -26.36 -14.70
CA THR K 327 65.58 -25.22 -13.86
C THR K 327 66.64 -24.11 -13.82
N ASN K 328 67.83 -24.37 -14.35
CA ASN K 328 68.95 -23.41 -14.27
C ASN K 328 69.83 -23.62 -15.50
N ILE K 329 70.14 -22.54 -16.21
CA ILE K 329 70.71 -22.67 -17.55
C ILE K 329 72.19 -23.06 -17.52
N LYS K 330 72.85 -22.86 -16.38
CA LYS K 330 74.27 -23.17 -16.28
C LYS K 330 74.53 -24.68 -16.34
N ASP K 331 73.51 -25.49 -16.08
CA ASP K 331 73.69 -26.94 -16.09
C ASP K 331 73.27 -27.58 -17.40
N LEU K 332 72.64 -26.81 -18.28
CA LEU K 332 72.12 -27.32 -19.54
C LEU K 332 73.26 -27.81 -20.42
N SER K 333 73.11 -29.01 -20.97
CA SER K 333 74.16 -29.69 -21.70
C SER K 333 73.54 -30.53 -22.82
N ALA K 334 74.38 -31.21 -23.59
CA ALA K 334 73.86 -32.07 -24.65
C ALA K 334 73.14 -33.30 -24.08
N GLN K 335 73.31 -33.55 -22.78
CA GLN K 335 72.65 -34.67 -22.11
C GLN K 335 71.16 -34.41 -21.90
N ASP K 336 70.77 -33.15 -21.87
CA ASP K 336 69.43 -32.73 -21.49
C ASP K 336 68.53 -32.48 -22.67
N LEU K 337 69.04 -32.57 -23.90
CA LEU K 337 68.27 -32.19 -25.08
C LEU K 337 67.47 -33.36 -25.62
N GLY K 338 66.22 -33.09 -25.99
CA GLY K 338 65.42 -34.08 -26.68
C GLY K 338 65.58 -34.02 -28.19
N ASP K 339 64.96 -34.96 -28.88
CA ASP K 339 65.05 -35.06 -30.33
C ASP K 339 63.68 -35.27 -30.94
N ALA K 340 63.44 -34.64 -32.09
CA ALA K 340 62.19 -34.79 -32.83
C ALA K 340 62.42 -34.46 -34.29
N GLY K 341 61.88 -35.32 -35.17
CA GLY K 341 62.22 -35.26 -36.58
C GLY K 341 61.69 -34.03 -37.29
N LEU K 342 60.58 -33.46 -36.81
CA LEU K 342 59.97 -32.32 -37.49
C LEU K 342 59.23 -31.43 -36.50
N VAL K 343 59.50 -30.13 -36.58
CA VAL K 343 58.79 -29.09 -35.83
C VAL K 343 58.39 -27.99 -36.80
N GLU K 344 57.12 -27.59 -36.76
CA GLU K 344 56.65 -26.51 -37.63
C GLU K 344 55.44 -25.82 -37.02
N GLU K 345 55.38 -24.50 -37.17
CA GLU K 345 54.18 -23.76 -36.83
C GLU K 345 53.19 -23.79 -37.98
N ARG K 346 51.92 -24.02 -37.65
CA ARG K 346 50.85 -24.05 -38.66
C ARG K 346 49.63 -23.26 -38.19
N LYS K 347 48.76 -22.91 -39.14
CA LYS K 347 47.46 -22.32 -38.83
C LYS K 347 46.39 -23.34 -39.17
N ILE K 348 45.56 -23.69 -38.18
CA ILE K 348 44.54 -24.72 -38.34
C ILE K 348 43.28 -24.26 -37.62
N SER K 349 42.13 -24.37 -38.30
CA SER K 349 40.83 -24.05 -37.71
C SER K 349 40.77 -22.61 -37.18
N GLY K 350 41.66 -21.78 -37.68
CA GLY K 350 41.76 -20.37 -37.34
C GLY K 350 42.73 -20.04 -36.23
N ASP K 351 43.35 -21.05 -35.62
CA ASP K 351 44.29 -20.86 -34.53
C ASP K 351 45.71 -21.20 -34.99
N SER K 352 46.67 -20.36 -34.59
CA SER K 352 48.09 -20.64 -34.78
C SER K 352 48.58 -21.64 -33.73
N MET K 353 49.18 -22.73 -34.20
CA MET K 353 49.65 -23.76 -33.28
C MET K 353 50.98 -24.31 -33.75
N ILE K 354 51.76 -24.82 -32.78
CA ILE K 354 53.07 -25.41 -33.05
C ILE K 354 52.93 -26.92 -33.00
N PHE K 355 53.45 -27.60 -34.04
CA PHE K 355 53.32 -29.04 -34.19
C PHE K 355 54.68 -29.72 -34.01
N VAL K 356 54.72 -30.76 -33.20
CA VAL K 356 55.91 -31.58 -33.02
C VAL K 356 55.62 -32.97 -33.57
N GLU K 357 56.48 -33.46 -34.47
CA GLU K 357 56.21 -34.70 -35.17
C GLU K 357 57.47 -35.54 -35.32
N GLU K 358 57.24 -36.83 -35.62
CA GLU K 358 58.29 -37.82 -35.83
C GLU K 358 59.24 -37.87 -34.63
N CYS K 359 58.68 -38.25 -33.48
CA CYS K 359 59.42 -38.28 -32.23
C CYS K 359 60.26 -39.54 -32.12
N LYS K 360 61.36 -39.43 -31.37
CA LYS K 360 62.36 -40.49 -31.34
C LYS K 360 61.82 -41.75 -30.66
N HIS K 361 61.14 -41.58 -29.53
CA HIS K 361 60.47 -42.68 -28.84
C HIS K 361 59.33 -42.11 -28.00
N PRO K 362 58.16 -41.91 -28.61
CA PRO K 362 57.07 -41.22 -27.89
C PRO K 362 56.43 -42.06 -26.80
N LYS K 363 56.56 -41.59 -25.56
CA LYS K 363 55.80 -42.11 -24.44
C LYS K 363 54.48 -41.36 -24.21
N ALA K 364 54.13 -40.43 -25.11
CA ALA K 364 52.85 -39.73 -25.07
C ALA K 364 52.43 -39.39 -26.49
N VAL K 365 51.11 -39.41 -26.73
CA VAL K 365 50.55 -39.21 -28.07
C VAL K 365 49.36 -38.28 -28.01
N THR K 366 49.07 -37.65 -29.15
CA THR K 366 47.97 -36.68 -29.29
C THR K 366 46.99 -37.14 -30.36
N MET K 367 45.70 -37.09 -30.05
CA MET K 367 44.63 -37.41 -30.99
C MET K 367 43.87 -36.15 -31.35
N LEU K 368 43.75 -35.87 -32.65
CA LEU K 368 43.18 -34.63 -33.16
C LEU K 368 41.80 -34.92 -33.75
N ILE K 369 40.75 -34.55 -33.01
CA ILE K 369 39.38 -34.84 -33.42
C ILE K 369 38.84 -33.69 -34.26
N ARG K 370 38.36 -34.00 -35.46
CA ARG K 370 37.82 -33.02 -36.39
C ARG K 370 36.30 -33.14 -36.48
N GLY K 371 35.66 -32.09 -36.99
CA GLY K 371 34.21 -32.08 -37.08
C GLY K 371 33.59 -30.77 -37.52
N THR K 372 32.40 -30.87 -38.10
CA THR K 372 31.73 -29.75 -38.75
C THR K 372 30.99 -28.86 -37.77
N THR K 373 31.07 -29.15 -36.46
CA THR K 373 30.25 -28.41 -35.50
C THR K 373 30.75 -28.75 -34.10
N GLU K 374 30.64 -27.78 -33.19
CA GLU K 374 31.18 -27.96 -31.85
C GLU K 374 30.37 -28.98 -31.06
N HIS K 375 29.05 -28.99 -31.24
CA HIS K 375 28.22 -30.02 -30.62
C HIS K 375 28.54 -31.41 -31.15
N VAL K 376 29.13 -31.51 -32.35
CA VAL K 376 29.53 -32.80 -32.87
C VAL K 376 30.79 -33.29 -32.16
N ILE K 377 31.74 -32.39 -31.97
CA ILE K 377 33.05 -32.76 -31.43
C ILE K 377 32.95 -33.02 -29.93
N GLU K 378 32.09 -32.28 -29.25
CA GLU K 378 31.84 -32.50 -27.82
C GLU K 378 31.18 -33.86 -27.58
N GLU K 379 30.73 -34.53 -28.65
CA GLU K 379 30.23 -35.89 -28.48
C GLU K 379 31.25 -36.93 -28.94
N VAL K 380 31.96 -36.63 -30.04
CA VAL K 380 32.98 -37.55 -30.52
C VAL K 380 34.06 -37.75 -29.46
N ALA K 381 34.36 -36.71 -28.69
CA ALA K 381 35.34 -36.84 -27.61
C ALA K 381 34.89 -37.88 -26.59
N ARG K 382 33.62 -37.88 -26.22
CA ARG K 382 33.08 -38.87 -25.30
C ARG K 382 33.17 -40.27 -25.91
N ALA K 383 32.78 -40.39 -27.19
CA ALA K 383 32.83 -41.69 -27.87
C ALA K 383 34.25 -42.23 -27.99
N VAL K 384 35.25 -41.36 -27.87
CA VAL K 384 36.63 -41.84 -27.92
C VAL K 384 37.14 -42.15 -26.51
N ASP K 385 36.71 -41.37 -25.52
CA ASP K 385 37.13 -41.62 -24.14
C ASP K 385 36.67 -43.00 -23.68
N ASP K 386 35.46 -43.39 -24.07
CA ASP K 386 34.92 -44.70 -23.68
C ASP K 386 35.74 -45.85 -24.26
N ALA K 387 36.17 -45.71 -25.51
CA ALA K 387 36.99 -46.73 -26.15
C ALA K 387 38.39 -46.81 -25.55
N VAL K 388 38.97 -45.65 -25.19
CA VAL K 388 40.24 -45.68 -24.46
C VAL K 388 40.09 -46.45 -23.15
N GLY K 389 38.98 -46.21 -22.44
CA GLY K 389 38.65 -47.01 -21.27
C GLY K 389 38.66 -48.52 -21.47
N VAL K 390 37.77 -49.00 -22.33
CA VAL K 390 37.66 -50.45 -22.54
C VAL K 390 38.94 -51.06 -23.10
N VAL K 391 39.72 -50.34 -23.90
CA VAL K 391 40.98 -50.87 -24.39
C VAL K 391 41.99 -51.02 -23.26
N GLY K 392 42.09 -50.01 -22.39
CA GLY K 392 42.94 -50.14 -21.23
C GLY K 392 42.56 -51.33 -20.35
N CYS K 393 41.25 -51.51 -20.14
CA CYS K 393 40.78 -52.64 -19.33
C CYS K 393 41.24 -53.98 -19.90
N THR K 394 41.09 -54.16 -21.22
CA THR K 394 41.51 -55.42 -21.84
C THR K 394 43.02 -55.61 -21.79
N ILE K 395 43.78 -54.52 -21.94
CA ILE K 395 45.23 -54.62 -21.95
C ILE K 395 45.76 -54.95 -20.55
N GLU K 396 45.10 -54.43 -19.52
CA GLU K 396 45.57 -54.63 -18.15
C GLU K 396 45.16 -56.00 -17.61
N ASP K 397 43.90 -56.39 -17.82
CA ASP K 397 43.41 -57.62 -17.19
C ASP K 397 43.54 -58.86 -18.08
N GLY K 398 43.48 -58.67 -19.39
CA GLY K 398 43.40 -59.77 -20.35
C GLY K 398 42.28 -60.76 -20.14
N ARG K 399 41.06 -60.28 -19.92
CA ARG K 399 39.88 -61.13 -19.78
C ARG K 399 38.69 -60.44 -20.44
N ILE K 400 37.92 -61.21 -21.23
CA ILE K 400 36.82 -60.63 -21.99
C ILE K 400 35.55 -61.43 -21.76
N VAL K 401 34.40 -60.79 -22.02
CA VAL K 401 33.10 -61.43 -21.86
C VAL K 401 32.26 -61.14 -23.10
N SER K 402 31.28 -62.00 -23.33
CA SER K 402 30.41 -61.90 -24.49
C SER K 402 29.37 -60.79 -24.30
N GLY K 403 29.02 -60.10 -25.39
CA GLY K 403 28.16 -58.94 -25.31
C GLY K 403 26.73 -59.23 -25.69
N GLY K 404 26.01 -58.15 -26.00
CA GLY K 404 24.60 -58.25 -26.34
C GLY K 404 23.71 -58.87 -25.28
N GLY K 405 24.04 -58.64 -24.00
CA GLY K 405 23.31 -59.22 -22.91
C GLY K 405 23.37 -60.73 -22.79
N SER K 406 24.23 -61.41 -23.56
CA SER K 406 24.38 -62.85 -23.33
C SER K 406 24.98 -63.22 -21.98
N THR K 407 25.53 -62.25 -21.24
CA THR K 407 26.10 -62.58 -19.94
C THR K 407 25.05 -62.59 -18.85
N GLU K 408 24.11 -61.65 -18.91
CA GLU K 408 23.10 -61.53 -17.87
C GLU K 408 22.17 -62.73 -17.82
N VAL K 409 21.80 -63.28 -18.99
CA VAL K 409 20.99 -64.49 -19.01
C VAL K 409 21.71 -65.66 -18.36
N GLU K 410 23.01 -65.80 -18.66
CA GLU K 410 23.81 -66.87 -18.04
C GLU K 410 23.85 -66.70 -16.52
N LEU K 411 24.06 -65.47 -16.06
CA LEU K 411 24.14 -65.23 -14.62
C LEU K 411 22.80 -65.51 -13.94
N SER K 412 21.71 -65.08 -14.56
CA SER K 412 20.39 -65.33 -13.98
C SER K 412 20.15 -66.83 -13.84
N MET K 413 20.44 -67.60 -14.90
CA MET K 413 20.27 -69.05 -14.82
C MET K 413 21.14 -69.67 -13.72
N LYS K 414 22.42 -69.31 -13.69
CA LYS K 414 23.35 -69.92 -12.74
C LYS K 414 23.13 -69.45 -11.31
N LEU K 415 22.41 -68.34 -11.10
CA LEU K 415 22.00 -67.95 -9.77
C LEU K 415 20.69 -68.63 -9.37
N ARG K 416 19.87 -69.02 -10.35
CA ARG K 416 18.67 -69.77 -10.01
C ARG K 416 19.01 -71.21 -9.62
N GLU K 417 19.99 -71.80 -10.31
CA GLU K 417 20.56 -73.08 -9.88
C GLU K 417 21.22 -72.97 -8.50
N TYR K 418 21.72 -71.79 -8.14
CA TYR K 418 22.20 -71.51 -6.78
C TYR K 418 21.06 -71.47 -5.77
N ALA K 419 19.96 -70.82 -6.12
CA ALA K 419 18.95 -70.47 -5.12
C ALA K 419 18.27 -71.70 -4.54
N GLU K 420 18.31 -72.85 -5.22
CA GLU K 420 17.70 -74.04 -4.62
C GLU K 420 18.55 -74.64 -3.50
N GLY K 421 19.84 -74.31 -3.42
CA GLY K 421 20.64 -74.75 -2.30
C GLY K 421 20.38 -73.97 -1.03
N ILE K 422 20.02 -72.70 -1.17
CA ILE K 422 19.75 -71.82 -0.04
C ILE K 422 18.34 -72.08 0.48
N SER K 423 18.18 -72.11 1.81
CA SER K 423 16.87 -72.33 2.40
C SER K 423 16.60 -71.25 3.43
N GLY K 424 15.32 -71.07 3.72
CA GLY K 424 14.82 -69.96 4.53
C GLY K 424 14.16 -68.94 3.63
N ARG K 425 14.23 -67.66 4.01
CA ARG K 425 13.52 -66.63 3.26
C ARG K 425 14.47 -65.73 2.48
N GLU K 426 15.78 -65.82 2.71
CA GLU K 426 16.73 -65.19 1.80
C GLU K 426 16.67 -65.76 0.39
N GLN K 427 16.08 -66.96 0.24
CA GLN K 427 15.92 -67.55 -1.09
C GLN K 427 15.05 -66.66 -1.97
N LEU K 428 14.06 -66.01 -1.38
CA LEU K 428 13.21 -65.10 -2.13
C LEU K 428 14.00 -63.93 -2.70
N ALA K 429 14.86 -63.32 -1.86
CA ALA K 429 15.69 -62.21 -2.31
C ALA K 429 16.74 -62.65 -3.32
N VAL K 430 17.28 -63.86 -3.19
CA VAL K 430 18.23 -64.37 -4.17
C VAL K 430 17.56 -64.54 -5.53
N ARG K 431 16.31 -65.02 -5.54
CA ARG K 431 15.58 -65.15 -6.80
C ARG K 431 15.27 -63.79 -7.41
N ALA K 432 14.83 -62.83 -6.57
CA ALA K 432 14.54 -61.49 -7.07
C ALA K 432 15.81 -60.80 -7.60
N PHE K 433 16.97 -61.12 -7.03
CA PHE K 433 18.22 -60.60 -7.57
C PHE K 433 18.52 -61.21 -8.93
N ALA K 434 18.37 -62.54 -9.04
CA ALA K 434 18.67 -63.23 -10.28
C ALA K 434 17.73 -62.81 -11.40
N ASP K 435 16.50 -62.45 -11.04
CA ASP K 435 15.49 -62.06 -12.02
C ASP K 435 15.59 -60.58 -12.38
N ALA K 436 16.46 -59.84 -11.71
CA ALA K 436 16.61 -58.40 -11.95
C ALA K 436 17.72 -58.11 -12.97
N LEU K 437 18.56 -59.10 -13.29
CA LEU K 437 19.67 -58.85 -14.20
C LEU K 437 19.22 -58.93 -15.65
N GLU K 438 18.07 -59.57 -15.89
CA GLU K 438 17.52 -59.67 -17.23
C GLU K 438 16.85 -58.38 -17.70
N VAL K 439 16.99 -57.29 -16.94
CA VAL K 439 16.49 -55.99 -17.39
C VAL K 439 17.27 -55.49 -18.60
N ILE K 440 18.51 -55.92 -18.74
CA ILE K 440 19.43 -55.43 -19.77
C ILE K 440 19.06 -56.02 -21.13
N PRO K 441 18.96 -57.34 -21.29
CA PRO K 441 18.50 -57.88 -22.59
C PRO K 441 17.06 -57.54 -22.89
N ARG K 442 16.21 -57.40 -21.87
CA ARG K 442 14.88 -56.86 -22.05
C ARG K 442 14.92 -55.46 -22.68
N THR K 443 15.67 -54.53 -22.07
CA THR K 443 15.72 -53.17 -22.62
C THR K 443 16.39 -53.14 -23.98
N LEU K 444 17.36 -54.04 -24.22
CA LEU K 444 18.02 -54.10 -25.51
C LEU K 444 17.04 -54.46 -26.61
N ALA K 445 16.00 -55.24 -26.29
CA ALA K 445 14.92 -55.47 -27.25
C ALA K 445 13.90 -54.33 -27.24
N GLU K 446 13.63 -53.73 -26.08
CA GLU K 446 12.62 -52.67 -25.98
C GLU K 446 12.98 -51.47 -26.85
N ASN K 447 14.25 -51.09 -26.88
CA ASN K 447 14.65 -49.90 -27.61
C ASN K 447 14.59 -50.09 -29.12
N ALA K 448 14.89 -51.29 -29.61
CA ALA K 448 14.84 -51.61 -31.04
C ALA K 448 13.43 -51.85 -31.55
N GLY K 449 12.41 -51.70 -30.71
CA GLY K 449 11.04 -51.97 -31.11
C GLY K 449 10.72 -53.42 -31.33
N LEU K 450 11.44 -54.32 -30.66
CA LEU K 450 11.19 -55.76 -30.78
C LEU K 450 10.25 -56.22 -29.68
N ASP K 451 9.81 -57.47 -29.77
CA ASP K 451 8.87 -58.06 -28.82
C ASP K 451 9.70 -58.77 -27.75
N ALA K 452 9.83 -58.13 -26.59
CA ALA K 452 10.80 -58.58 -25.59
C ALA K 452 10.41 -59.92 -24.97
N ILE K 453 9.12 -60.14 -24.75
CA ILE K 453 8.68 -61.35 -24.07
C ILE K 453 8.90 -62.58 -24.94
N GLU K 454 8.75 -62.43 -26.26
CA GLU K 454 9.00 -63.54 -27.18
C GLU K 454 10.50 -63.73 -27.40
N ILE K 455 11.27 -62.65 -27.36
CA ILE K 455 12.72 -62.74 -27.59
C ILE K 455 13.40 -63.45 -26.42
N LEU K 456 13.04 -63.08 -25.19
CA LEU K 456 13.78 -63.51 -24.01
C LEU K 456 13.72 -65.03 -23.82
N VAL K 457 12.60 -65.65 -24.21
CA VAL K 457 12.45 -67.10 -24.07
C VAL K 457 13.40 -67.82 -25.01
N LYS K 458 13.49 -67.37 -26.26
CA LYS K 458 14.42 -67.98 -27.22
C LYS K 458 15.86 -67.83 -26.75
N VAL K 459 16.19 -66.65 -26.23
CA VAL K 459 17.53 -66.40 -25.70
C VAL K 459 17.84 -67.37 -24.56
N ARG K 460 16.90 -67.55 -23.63
CA ARG K 460 17.12 -68.49 -22.53
C ARG K 460 17.30 -69.92 -23.06
N ALA K 461 16.44 -70.32 -24.00
CA ALA K 461 16.48 -71.69 -24.52
C ALA K 461 17.82 -72.02 -25.13
N ALA K 462 18.40 -71.05 -25.85
CA ALA K 462 19.71 -71.24 -26.46
C ALA K 462 20.77 -71.61 -25.42
N HIS K 463 20.63 -71.08 -24.21
CA HIS K 463 21.59 -71.38 -23.14
C HIS K 463 21.29 -72.73 -22.52
N ALA K 464 20.02 -72.96 -22.17
CA ALA K 464 19.66 -74.12 -21.36
C ALA K 464 20.01 -75.45 -22.03
N SER K 465 20.20 -75.46 -23.35
CA SER K 465 20.45 -76.72 -24.06
C SER K 465 21.92 -76.97 -24.39
N ASN K 466 22.84 -76.12 -23.94
CA ASN K 466 24.20 -76.14 -24.46
C ASN K 466 25.28 -75.77 -23.45
N GLY K 467 24.98 -74.93 -22.46
CA GLY K 467 26.10 -74.26 -21.82
C GLY K 467 26.75 -73.25 -22.73
N ASN K 468 26.02 -72.76 -23.73
CA ASN K 468 26.49 -71.73 -24.64
C ASN K 468 26.63 -70.43 -23.84
N LYS K 469 27.87 -69.99 -23.63
CA LYS K 469 28.12 -68.76 -22.90
C LYS K 469 27.68 -67.52 -23.67
N CYS K 470 27.50 -67.65 -24.97
CA CYS K 470 27.63 -66.52 -25.90
C CYS K 470 26.32 -66.03 -26.52
N ALA K 471 25.30 -66.87 -26.60
CA ALA K 471 24.14 -66.56 -27.45
C ALA K 471 23.33 -65.39 -26.90
N GLY K 472 22.86 -64.53 -27.80
CA GLY K 472 22.20 -63.29 -27.41
C GLY K 472 21.53 -62.63 -28.59
N LEU K 473 20.93 -61.46 -28.31
CA LEU K 473 20.09 -60.78 -29.28
C LEU K 473 20.90 -60.04 -30.34
N ASN K 474 20.55 -60.23 -31.60
CA ASN K 474 20.99 -59.37 -32.69
C ASN K 474 19.86 -58.36 -32.95
N VAL K 475 20.10 -57.08 -32.61
CA VAL K 475 19.06 -56.06 -32.65
C VAL K 475 18.82 -55.50 -34.04
N PHE K 476 19.42 -56.10 -35.07
CA PHE K 476 19.27 -55.65 -36.45
C PHE K 476 18.46 -56.64 -37.28
N THR K 477 18.96 -57.84 -37.44
CA THR K 477 18.17 -58.96 -37.93
C THR K 477 17.04 -59.37 -37.00
N GLY K 478 17.03 -58.92 -35.75
CA GLY K 478 15.98 -59.37 -34.86
C GLY K 478 16.01 -60.86 -34.55
N ALA K 479 17.19 -61.42 -34.28
CA ALA K 479 17.34 -62.86 -34.13
C ALA K 479 18.45 -63.15 -33.12
N VAL K 480 18.50 -64.41 -32.68
CA VAL K 480 19.35 -64.82 -31.58
C VAL K 480 20.61 -65.45 -32.15
N GLU K 481 21.77 -64.87 -31.83
CA GLU K 481 23.01 -65.29 -32.46
C GLU K 481 24.15 -65.37 -31.46
N ASP K 482 25.19 -66.11 -31.86
CA ASP K 482 26.44 -66.22 -31.11
C ASP K 482 27.13 -64.86 -31.14
N MET K 483 27.32 -64.25 -29.98
CA MET K 483 27.85 -62.89 -29.94
C MET K 483 29.37 -62.85 -29.96
N CYS K 484 30.05 -64.01 -29.97
CA CYS K 484 31.49 -64.03 -30.18
C CYS K 484 31.84 -64.17 -31.65
N GLU K 485 31.10 -65.01 -32.38
CA GLU K 485 31.24 -65.08 -33.83
C GLU K 485 30.85 -63.76 -34.48
N ASN K 486 29.93 -63.03 -33.87
CA ASN K 486 29.53 -61.71 -34.33
C ASN K 486 30.55 -60.64 -34.00
N GLY K 487 31.47 -60.90 -33.08
CA GLY K 487 32.47 -59.94 -32.67
C GLY K 487 32.03 -58.86 -31.70
N VAL K 488 31.01 -59.12 -30.90
CA VAL K 488 30.55 -58.16 -29.89
C VAL K 488 31.13 -58.58 -28.54
N VAL K 489 32.21 -57.92 -28.13
CA VAL K 489 33.03 -58.35 -27.00
C VAL K 489 33.23 -57.19 -26.03
N GLU K 490 33.34 -57.50 -24.75
CA GLU K 490 33.54 -56.47 -23.73
C GLU K 490 34.58 -56.96 -22.73
N PRO K 491 35.21 -56.06 -21.99
CA PRO K 491 36.16 -56.50 -20.96
C PRO K 491 35.47 -56.86 -19.67
N LEU K 492 36.03 -57.87 -19.00
CA LEU K 492 35.38 -58.47 -17.83
C LEU K 492 35.14 -57.44 -16.72
N ARG K 493 36.03 -56.45 -16.61
CA ARG K 493 35.97 -55.47 -15.53
C ARG K 493 34.72 -54.60 -15.61
N VAL K 494 34.02 -54.61 -16.75
CA VAL K 494 32.82 -53.79 -16.92
C VAL K 494 31.63 -54.41 -16.19
N LYS K 495 31.59 -55.74 -16.09
CA LYS K 495 30.48 -56.41 -15.43
C LYS K 495 30.65 -56.44 -13.90
N THR K 496 31.79 -56.94 -13.45
CA THR K 496 32.08 -57.07 -12.01
C THR K 496 31.87 -55.73 -11.29
N GLN K 497 32.51 -54.68 -11.79
CA GLN K 497 32.36 -53.35 -11.20
C GLN K 497 30.90 -52.90 -11.18
N ALA K 498 30.18 -53.14 -12.28
CA ALA K 498 28.78 -52.70 -12.38
C ALA K 498 27.94 -53.33 -11.28
N ILE K 499 27.97 -54.66 -11.21
CA ILE K 499 27.18 -55.39 -10.22
C ILE K 499 27.61 -55.00 -8.81
N GLN K 500 28.92 -54.79 -8.62
CA GLN K 500 29.47 -54.52 -7.29
C GLN K 500 28.95 -53.17 -6.78
N SER K 501 29.11 -52.12 -7.59
CA SER K 501 28.56 -50.81 -7.30
C SER K 501 27.06 -50.86 -7.02
N ALA K 502 26.29 -51.55 -7.89
CA ALA K 502 24.84 -51.49 -7.80
C ALA K 502 24.33 -52.18 -6.54
N ALA K 503 24.90 -53.34 -6.20
CA ALA K 503 24.49 -54.02 -4.97
C ALA K 503 24.82 -53.18 -3.74
N GLU K 504 26.05 -52.66 -3.67
CA GLU K 504 26.48 -51.90 -2.50
C GLU K 504 25.66 -50.63 -2.33
N SER K 505 25.21 -50.01 -3.43
CA SER K 505 24.40 -48.80 -3.30
C SER K 505 22.93 -49.10 -3.08
N THR K 506 22.44 -50.29 -3.42
CA THR K 506 21.03 -50.58 -3.16
C THR K 506 20.82 -50.95 -1.70
N GLU K 507 21.83 -51.54 -1.07
CA GLU K 507 21.68 -52.04 0.30
C GLU K 507 21.52 -50.88 1.28
N MET K 508 22.13 -49.73 0.97
CA MET K 508 22.00 -48.56 1.84
C MET K 508 20.57 -48.05 1.88
N LEU K 509 19.92 -47.96 0.71
CA LEU K 509 18.52 -47.53 0.68
C LEU K 509 17.59 -48.58 1.27
N LEU K 510 17.99 -49.84 1.26
CA LEU K 510 17.18 -50.86 1.93
C LEU K 510 17.36 -50.84 3.45
N ARG K 511 18.49 -50.35 3.95
CA ARG K 511 18.72 -50.36 5.39
C ARG K 511 18.20 -49.11 6.10
N ILE K 512 17.69 -48.12 5.37
CA ILE K 512 17.20 -46.88 5.98
C ILE K 512 15.72 -47.02 6.30
N ASP K 513 15.29 -46.44 7.43
CA ASP K 513 13.86 -46.33 7.69
C ASP K 513 13.37 -44.96 8.15
N ASP K 514 14.22 -43.93 8.21
CA ASP K 514 13.74 -42.62 8.63
C ASP K 514 14.49 -41.54 7.87
N VAL K 515 13.84 -40.37 7.77
CA VAL K 515 14.43 -39.18 7.16
C VAL K 515 14.18 -38.00 8.09
N ILE K 516 15.25 -37.37 8.57
CA ILE K 516 15.17 -36.28 9.54
C ILE K 516 16.11 -35.15 9.12
N ALA K 517 15.92 -33.97 9.71
CA ALA K 517 16.58 -32.76 9.23
C ALA K 517 17.84 -32.43 10.02
N ALA K 518 18.85 -31.88 9.33
CA ALA K 518 20.18 -31.68 9.86
C ALA K 518 20.56 -30.20 9.95
N GLU K 519 21.43 -29.90 10.91
CA GLU K 519 21.72 -28.54 11.35
C GLU K 519 23.09 -28.09 10.84
N LYS K 520 23.14 -27.75 9.55
CA LYS K 520 24.38 -27.40 8.86
C LYS K 520 25.44 -28.50 9.07
N LEU K 521 25.29 -29.55 8.28
CA LEU K 521 25.99 -30.81 8.51
C LEU K 521 27.50 -30.66 8.40
N ARG K 522 27.99 -30.16 7.27
CA ARG K 522 29.43 -30.03 7.05
C ARG K 522 29.74 -28.89 6.08
N GLU L 10 -3.61 -30.36 18.67
CA GLU L 10 -4.09 -29.96 19.98
C GLU L 10 -4.83 -28.59 20.06
N ASN L 11 -4.52 -27.78 21.09
CA ASN L 11 -5.18 -26.50 21.35
C ASN L 11 -4.37 -25.66 22.34
N MET L 12 -4.51 -24.33 22.25
CA MET L 12 -3.89 -23.41 23.23
C MET L 12 -4.12 -23.83 24.69
N LYS L 13 -5.37 -24.07 25.07
CA LYS L 13 -5.80 -24.16 26.47
C LYS L 13 -5.47 -25.51 27.11
N ARG L 14 -4.32 -26.08 26.81
CA ARG L 14 -3.79 -27.34 27.33
C ARG L 14 -2.37 -27.19 27.85
N TYR L 15 -1.83 -25.96 27.79
CA TYR L 15 -0.49 -25.67 28.26
C TYR L 15 -0.44 -25.74 29.76
N MET L 16 -1.59 -25.54 30.39
CA MET L 16 -1.75 -25.55 31.83
C MET L 16 -1.60 -26.94 32.43
N GLY L 17 -1.91 -27.98 31.65
CA GLY L 17 -2.22 -29.29 32.19
C GLY L 17 -1.06 -30.20 32.55
N ARG L 18 0.19 -29.74 32.49
CA ARG L 18 1.30 -30.58 32.91
C ARG L 18 2.38 -29.72 33.57
N ASP L 19 3.08 -30.27 34.56
CA ASP L 19 4.10 -29.47 35.24
C ASP L 19 5.33 -29.29 34.36
N ALA L 20 6.26 -28.45 34.84
CA ALA L 20 7.56 -28.29 34.19
C ALA L 20 8.34 -29.59 34.19
N GLN L 21 8.17 -30.41 35.22
CA GLN L 21 8.85 -31.70 35.27
C GLN L 21 8.29 -32.66 34.23
N ARG L 22 6.97 -32.65 34.05
CA ARG L 22 6.36 -33.42 32.96
C ARG L 22 6.83 -32.92 31.61
N MET L 23 6.85 -31.60 31.41
CA MET L 23 7.47 -30.97 30.24
C MET L 23 8.84 -31.56 29.93
N ASN L 24 9.75 -31.49 30.91
CA ASN L 24 11.12 -31.92 30.71
C ASN L 24 11.22 -33.42 30.50
N ILE L 25 10.46 -34.21 31.25
CA ILE L 25 10.52 -35.67 31.10
C ILE L 25 10.05 -36.08 29.71
N LEU L 26 9.01 -35.43 29.19
CA LEU L 26 8.51 -35.74 27.85
C LEU L 26 9.51 -35.31 26.77
N ALA L 27 10.02 -34.07 26.87
CA ALA L 27 11.03 -33.59 25.94
C ALA L 27 12.25 -34.50 25.94
N GLY L 28 12.55 -35.14 27.08
CA GLY L 28 13.64 -36.09 27.12
C GLY L 28 13.30 -37.42 26.49
N ARG L 29 12.14 -37.98 26.84
CA ARG L 29 11.71 -39.25 26.27
C ARG L 29 11.73 -39.21 24.76
N ILE L 30 11.44 -38.04 24.17
CA ILE L 30 11.40 -37.94 22.71
C ILE L 30 12.75 -38.30 22.09
N ILE L 31 13.86 -37.84 22.70
CA ILE L 31 15.17 -38.11 22.15
C ILE L 31 15.49 -39.60 22.18
N ALA L 32 15.23 -40.25 23.32
CA ALA L 32 15.47 -41.68 23.42
C ALA L 32 14.60 -42.46 22.46
N GLU L 33 13.37 -42.00 22.23
CA GLU L 33 12.50 -42.65 21.25
C GLU L 33 13.04 -42.48 19.83
N THR L 34 13.77 -41.39 19.57
CA THR L 34 14.31 -41.17 18.23
C THR L 34 15.33 -42.24 17.85
N VAL L 35 16.26 -42.56 18.77
CA VAL L 35 17.42 -43.39 18.42
C VAL L 35 17.24 -44.87 18.71
N ARG L 36 16.10 -45.27 19.30
CA ARG L 36 16.00 -46.59 19.92
C ARG L 36 16.01 -47.73 18.88
N SER L 37 15.37 -47.51 17.73
CA SER L 37 15.29 -48.49 16.66
C SER L 37 16.62 -48.73 15.95
N THR L 38 17.67 -47.97 16.29
CA THR L 38 18.99 -48.24 15.74
C THR L 38 19.74 -49.33 16.49
N LEU L 39 19.15 -49.86 17.57
CA LEU L 39 19.88 -50.68 18.51
C LEU L 39 19.93 -52.14 18.09
N GLY L 40 21.07 -52.79 18.29
CA GLY L 40 21.18 -54.22 18.13
C GLY L 40 21.46 -54.65 16.71
N PRO L 41 21.70 -55.95 16.52
CA PRO L 41 22.13 -56.44 15.20
C PRO L 41 21.12 -56.18 14.08
N LYS L 42 19.82 -56.26 14.39
CA LYS L 42 18.74 -55.96 13.46
C LYS L 42 18.38 -54.49 13.43
N GLY L 43 19.28 -53.62 13.89
CA GLY L 43 19.01 -52.19 13.87
C GLY L 43 19.03 -51.60 12.47
N MET L 44 18.39 -50.43 12.34
CA MET L 44 18.18 -49.80 11.05
C MET L 44 18.78 -48.40 11.04
N ASP L 45 19.03 -47.88 9.83
CA ASP L 45 19.74 -46.62 9.67
C ASP L 45 18.78 -45.44 9.56
N LYS L 46 19.32 -44.26 9.85
CA LYS L 46 18.61 -42.99 9.71
C LYS L 46 19.22 -42.18 8.57
N MET L 47 18.39 -41.40 7.88
CA MET L 47 18.88 -40.47 6.86
C MET L 47 18.77 -39.04 7.37
N LEU L 48 19.89 -38.32 7.31
CA LEU L 48 19.96 -36.93 7.75
C LEU L 48 20.12 -36.01 6.55
N VAL L 49 19.31 -34.96 6.50
CA VAL L 49 19.28 -34.06 5.35
C VAL L 49 19.47 -32.62 5.82
N ASP L 50 20.30 -31.87 5.11
CA ASP L 50 20.68 -30.50 5.43
C ASP L 50 19.65 -29.51 4.88
N ASP L 51 19.83 -28.25 5.27
CA ASP L 51 19.21 -27.14 4.55
C ASP L 51 19.81 -27.00 3.15
N LEU L 52 21.12 -27.21 3.02
CA LEU L 52 21.81 -26.96 1.76
C LEU L 52 21.74 -28.14 0.80
N GLY L 53 21.30 -29.31 1.27
CA GLY L 53 21.21 -30.50 0.44
C GLY L 53 22.23 -31.58 0.70
N ASP L 54 23.16 -31.37 1.64
CA ASP L 54 24.04 -32.45 2.06
C ASP L 54 23.24 -33.57 2.72
N VAL L 55 23.75 -34.80 2.61
CA VAL L 55 23.05 -35.99 3.08
C VAL L 55 24.03 -36.88 3.85
N VAL L 56 23.56 -37.46 4.96
CA VAL L 56 24.32 -38.44 5.73
C VAL L 56 23.43 -39.65 6.01
N VAL L 57 23.99 -40.85 5.87
CA VAL L 57 23.28 -42.09 6.20
C VAL L 57 24.11 -42.87 7.21
N THR L 58 23.51 -43.14 8.37
CA THR L 58 24.21 -43.83 9.46
C THR L 58 23.20 -44.38 10.46
N ASN L 59 23.65 -45.34 11.27
CA ASN L 59 22.93 -45.70 12.49
C ASN L 59 23.75 -45.44 13.75
N ASP L 60 24.86 -44.72 13.64
CA ASP L 60 25.65 -44.31 14.81
C ASP L 60 24.83 -43.30 15.61
N GLY L 61 24.64 -43.58 16.90
CA GLY L 61 23.69 -42.80 17.68
C GLY L 61 24.15 -41.39 17.96
N VAL L 62 25.38 -41.23 18.47
CA VAL L 62 25.86 -39.92 18.83
C VAL L 62 25.93 -39.01 17.61
N THR L 63 26.07 -39.59 16.42
CA THR L 63 26.08 -38.80 15.20
C THR L 63 24.68 -38.27 14.89
N ILE L 64 23.66 -39.12 15.05
CA ILE L 64 22.28 -38.68 14.88
C ILE L 64 21.96 -37.55 15.85
N LEU L 65 22.30 -37.75 17.13
CA LEU L 65 22.05 -36.76 18.17
C LEU L 65 22.89 -35.49 17.96
N ARG L 66 24.01 -35.61 17.27
CA ARG L 66 24.86 -34.43 17.04
C ARG L 66 24.43 -33.60 15.85
N GLU L 67 23.84 -34.24 14.85
CA GLU L 67 23.44 -33.55 13.64
C GLU L 67 21.98 -33.13 13.62
N MET L 68 21.21 -33.48 14.64
CA MET L 68 19.78 -33.22 14.61
C MET L 68 19.51 -31.76 14.95
N SER L 69 18.43 -31.21 14.38
CA SER L 69 17.96 -29.90 14.82
C SER L 69 17.14 -30.11 16.09
N VAL L 70 17.73 -29.79 17.23
CA VAL L 70 17.12 -30.03 18.54
C VAL L 70 17.06 -28.72 19.30
N GLU L 71 15.88 -28.37 19.83
CA GLU L 71 15.65 -27.02 20.32
C GLU L 71 15.21 -26.93 21.78
N HIS L 72 14.68 -27.99 22.37
CA HIS L 72 14.24 -27.89 23.75
C HIS L 72 15.42 -28.13 24.69
N PRO L 73 15.52 -27.39 25.80
CA PRO L 73 16.71 -27.50 26.66
C PRO L 73 16.99 -28.89 27.22
N ALA L 74 15.94 -29.62 27.62
CA ALA L 74 16.16 -30.93 28.23
C ALA L 74 16.67 -31.94 27.21
N ALA L 75 16.17 -31.86 25.97
CA ALA L 75 16.69 -32.71 24.92
C ALA L 75 18.14 -32.38 24.62
N LYS L 76 18.49 -31.11 24.69
CA LYS L 76 19.88 -30.67 24.58
C LYS L 76 20.72 -31.25 25.71
N MET L 77 20.12 -31.40 26.90
CA MET L 77 20.82 -32.02 28.02
C MET L 77 21.00 -33.53 27.87
N LEU L 78 20.15 -34.20 27.09
CA LEU L 78 20.33 -35.63 26.88
C LEU L 78 21.38 -35.94 25.83
N ILE L 79 21.61 -35.02 24.88
CA ILE L 79 22.67 -35.23 23.90
C ILE L 79 24.03 -35.32 24.56
N GLU L 80 24.22 -34.66 25.70
CA GLU L 80 25.50 -34.70 26.40
C GLU L 80 25.76 -36.06 27.03
N VAL L 81 24.75 -36.91 27.12
CA VAL L 81 24.91 -38.28 27.60
C VAL L 81 25.62 -39.14 26.55
N ALA L 82 25.39 -38.87 25.27
CA ALA L 82 26.05 -39.60 24.20
C ALA L 82 27.50 -39.15 24.02
N LYS L 83 27.74 -37.83 24.00
CA LYS L 83 29.07 -37.30 23.72
C LYS L 83 30.12 -37.78 24.71
N THR L 84 29.74 -37.98 25.97
CA THR L 84 30.72 -38.40 26.96
C THR L 84 31.09 -39.86 26.77
N GLN L 85 30.12 -40.68 26.37
CA GLN L 85 30.39 -42.06 26.00
C GLN L 85 31.26 -42.11 24.74
N GLU L 86 31.03 -41.19 23.81
CA GLU L 86 31.88 -41.07 22.62
C GLU L 86 33.32 -40.78 23.01
N LYS L 87 33.49 -39.82 23.92
CA LYS L 87 34.79 -39.24 24.24
C LYS L 87 35.61 -40.18 25.11
N GLU L 88 35.00 -40.73 26.15
CA GLU L 88 35.74 -41.47 27.18
C GLU L 88 35.88 -42.96 26.86
N VAL L 89 35.01 -43.51 26.03
CA VAL L 89 34.99 -44.95 25.76
C VAL L 89 35.11 -45.12 24.25
N GLY L 90 34.12 -44.61 23.52
CA GLY L 90 34.09 -44.69 22.08
C GLY L 90 32.91 -45.47 21.53
N ASP L 91 32.52 -46.55 22.20
CA ASP L 91 31.34 -47.31 21.81
C ASP L 91 30.33 -47.22 22.96
N GLY L 92 29.09 -47.59 22.66
CA GLY L 92 28.02 -47.59 23.65
C GLY L 92 27.15 -46.36 23.68
N THR L 93 27.17 -45.52 22.64
CA THR L 93 26.43 -44.26 22.71
C THR L 93 24.94 -44.41 22.50
N THR L 94 24.43 -45.61 22.25
CA THR L 94 22.98 -45.78 22.16
C THR L 94 22.38 -46.41 23.41
N THR L 95 23.13 -47.29 24.07
CA THR L 95 22.68 -47.88 25.32
C THR L 95 22.46 -46.79 26.37
N ALA L 96 23.42 -45.85 26.46
CA ALA L 96 23.33 -44.75 27.42
C ALA L 96 22.04 -43.97 27.25
N VAL L 97 21.69 -43.58 26.01
CA VAL L 97 20.56 -42.68 25.88
C VAL L 97 19.25 -43.42 26.09
N VAL L 98 19.19 -44.68 25.66
CA VAL L 98 17.96 -45.46 25.83
C VAL L 98 17.72 -45.73 27.32
N VAL L 99 18.78 -46.05 28.06
CA VAL L 99 18.65 -46.26 29.49
C VAL L 99 18.26 -44.96 30.19
N ALA L 100 18.85 -43.84 29.76
CA ALA L 100 18.49 -42.54 30.35
C ALA L 100 17.00 -42.24 30.17
N GLY L 101 16.48 -42.40 28.95
CA GLY L 101 15.08 -42.12 28.73
C GLY L 101 14.15 -43.09 29.45
N GLU L 102 14.57 -44.35 29.58
CA GLU L 102 13.76 -45.28 30.34
C GLU L 102 13.74 -44.90 31.82
N LEU L 103 14.85 -44.36 32.32
CA LEU L 103 14.87 -43.85 33.69
C LEU L 103 13.95 -42.65 33.86
N LEU L 104 13.95 -41.73 32.87
CA LEU L 104 13.00 -40.63 32.89
C LEU L 104 11.55 -41.13 32.96
N ARG L 105 11.23 -42.12 32.13
CA ARG L 105 9.85 -42.57 31.98
C ARG L 105 9.41 -43.39 33.19
N LYS L 106 10.35 -44.15 33.78
CA LYS L 106 10.07 -44.81 35.06
C LYS L 106 9.85 -43.81 36.17
N ALA L 107 10.64 -42.73 36.18
CA ALA L 107 10.46 -41.70 37.21
C ALA L 107 9.08 -41.06 37.06
N GLU L 108 8.60 -40.94 35.82
CA GLU L 108 7.29 -40.36 35.57
C GLU L 108 6.17 -41.22 36.18
N GLU L 109 6.41 -42.52 36.32
CA GLU L 109 5.39 -43.42 36.86
C GLU L 109 5.28 -43.30 38.39
N LEU L 110 6.28 -42.70 39.03
CA LEU L 110 6.23 -42.52 40.48
C LEU L 110 5.77 -41.12 40.89
N LEU L 111 5.98 -40.13 40.03
CA LEU L 111 5.53 -38.78 40.36
C LEU L 111 4.03 -38.64 40.22
N ASP L 112 3.42 -39.47 39.36
CA ASP L 112 1.95 -39.49 39.30
C ASP L 112 1.32 -40.25 40.46
N GLN L 113 2.13 -40.83 41.36
CA GLN L 113 1.66 -41.31 42.65
C GLN L 113 2.03 -40.35 43.77
N ASN L 114 2.57 -39.18 43.41
CA ASN L 114 2.89 -38.10 44.34
C ASN L 114 4.09 -38.40 45.24
N VAL L 115 5.11 -39.07 44.70
CA VAL L 115 6.37 -39.24 45.41
C VAL L 115 7.27 -38.03 45.20
N HIS L 116 7.86 -37.53 46.29
CA HIS L 116 8.67 -36.32 46.21
C HIS L 116 9.88 -36.55 45.31
N PRO L 117 10.22 -35.60 44.43
CA PRO L 117 11.40 -35.75 43.57
C PRO L 117 12.71 -36.04 44.30
N THR L 118 12.95 -35.39 45.44
CA THR L 118 14.20 -35.68 46.17
C THR L 118 14.25 -37.13 46.65
N ILE L 119 13.10 -37.72 46.97
CA ILE L 119 13.08 -39.13 47.36
C ILE L 119 13.49 -40.01 46.18
N VAL L 120 12.99 -39.69 44.99
CA VAL L 120 13.38 -40.45 43.80
C VAL L 120 14.88 -40.33 43.56
N VAL L 121 15.41 -39.11 43.68
CA VAL L 121 16.82 -38.87 43.39
C VAL L 121 17.71 -39.61 44.39
N LYS L 122 17.36 -39.54 45.68
CA LYS L 122 18.10 -40.28 46.69
C LYS L 122 17.97 -41.79 46.55
N GLY L 123 16.90 -42.29 45.94
CA GLY L 123 16.88 -43.71 45.63
C GLY L 123 17.76 -44.11 44.46
N TYR L 124 17.63 -43.39 43.34
CA TYR L 124 18.48 -43.65 42.18
C TYR L 124 19.96 -43.62 42.57
N GLN L 125 20.33 -42.66 43.42
CA GLN L 125 21.72 -42.54 43.86
C GLN L 125 22.18 -43.82 44.56
N ALA L 126 21.36 -44.37 45.46
CA ALA L 126 21.71 -45.59 46.16
C ALA L 126 21.75 -46.80 45.24
N ALA L 127 20.99 -46.76 44.14
CA ALA L 127 20.97 -47.87 43.20
C ALA L 127 22.21 -47.89 42.30
N ALA L 128 22.67 -46.71 41.87
CA ALA L 128 23.75 -46.66 40.89
C ALA L 128 25.09 -47.10 41.50
N GLN L 129 25.36 -46.72 42.75
CA GLN L 129 26.57 -47.21 43.41
C GLN L 129 26.55 -48.73 43.55
N LYS L 130 25.37 -49.28 43.83
CA LYS L 130 25.21 -50.72 43.91
C LYS L 130 25.44 -51.38 42.55
N ALA L 131 25.00 -50.73 41.47
CA ALA L 131 25.25 -51.25 40.14
C ALA L 131 26.75 -51.20 39.81
N GLN L 132 27.46 -50.23 40.37
CA GLN L 132 28.92 -50.20 40.21
C GLN L 132 29.59 -51.38 40.91
N GLU L 133 29.19 -51.64 42.17
CA GLU L 133 29.71 -52.80 42.87
C GLU L 133 29.44 -54.09 42.09
N LEU L 134 28.21 -54.26 41.64
CA LEU L 134 27.80 -55.47 40.94
C LEU L 134 28.56 -55.63 39.62
N LEU L 135 28.68 -54.55 38.84
CA LEU L 135 29.44 -54.62 37.60
C LEU L 135 30.92 -54.93 37.85
N LYS L 136 31.46 -54.45 38.96
CA LYS L 136 32.86 -54.73 39.28
C LYS L 136 33.07 -56.17 39.73
N THR L 137 32.00 -56.87 40.13
CA THR L 137 32.15 -58.26 40.58
C THR L 137 31.57 -59.33 39.65
N ILE L 138 30.73 -58.97 38.66
CA ILE L 138 30.20 -59.96 37.72
C ILE L 138 31.00 -60.07 36.43
N ALA L 139 32.12 -59.35 36.31
CA ALA L 139 32.90 -59.32 35.08
C ALA L 139 33.90 -60.47 35.04
N CYS L 140 34.44 -60.72 33.85
CA CYS L 140 35.44 -61.77 33.65
C CYS L 140 36.80 -61.13 33.36
N GLU L 141 37.85 -61.73 33.91
CA GLU L 141 39.18 -61.14 33.91
C GLU L 141 40.09 -61.83 32.91
N VAL L 142 40.62 -61.07 31.95
CA VAL L 142 41.37 -61.60 30.82
C VAL L 142 42.64 -60.78 30.62
N GLY L 143 43.69 -61.44 30.12
CA GLY L 143 44.96 -60.77 29.91
C GLY L 143 45.01 -59.99 28.60
N ALA L 144 45.80 -58.91 28.61
CA ALA L 144 45.79 -57.96 27.49
C ALA L 144 46.54 -58.49 26.27
N GLN L 145 47.32 -59.57 26.45
CA GLN L 145 48.06 -60.20 25.36
C GLN L 145 47.20 -61.16 24.55
N ASP L 146 45.92 -61.32 24.90
CA ASP L 146 45.08 -62.41 24.39
C ASP L 146 44.31 -61.93 23.15
N LYS L 147 44.93 -62.13 22.00
CA LYS L 147 44.47 -61.49 20.76
C LYS L 147 43.14 -62.08 20.27
N GLU L 148 42.86 -63.33 20.65
CA GLU L 148 41.64 -64.01 20.19
C GLU L 148 40.38 -63.32 20.70
N ILE L 149 40.30 -63.11 22.01
CA ILE L 149 39.15 -62.42 22.58
C ILE L 149 39.09 -60.98 22.07
N LEU L 150 40.25 -60.39 21.75
CA LEU L 150 40.23 -59.07 21.13
C LEU L 150 39.54 -59.09 19.76
N THR L 151 39.84 -60.11 18.96
CA THR L 151 39.17 -60.31 17.69
C THR L 151 37.65 -60.43 17.88
N LYS L 152 37.26 -61.27 18.85
CA LYS L 152 35.84 -61.52 19.11
C LYS L 152 35.12 -60.23 19.53
N ILE L 153 35.78 -59.40 20.34
CA ILE L 153 35.19 -58.13 20.77
C ILE L 153 35.07 -57.17 19.60
N ALA L 154 36.08 -57.15 18.72
CA ALA L 154 36.06 -56.28 17.55
C ALA L 154 34.89 -56.65 16.62
N MET L 155 34.74 -57.94 16.35
CA MET L 155 33.62 -58.43 15.56
C MET L 155 32.28 -58.04 16.20
N THR L 156 32.20 -58.16 17.53
CA THR L 156 30.99 -57.76 18.25
C THR L 156 30.72 -56.26 18.07
N SER L 157 31.78 -55.47 17.86
CA SER L 157 31.61 -54.04 17.69
C SER L 157 31.10 -53.70 16.30
N ILE L 158 31.45 -54.52 15.31
CA ILE L 158 31.10 -54.26 13.91
C ILE L 158 29.72 -54.81 13.56
N THR L 159 29.20 -55.77 14.32
CA THR L 159 27.92 -56.40 14.04
C THR L 159 26.76 -55.40 14.13
N GLY L 160 25.86 -55.46 13.14
CA GLY L 160 24.70 -54.59 13.10
C GLY L 160 24.89 -53.27 12.39
N LYS L 161 25.98 -53.08 11.64
CA LYS L 161 26.32 -51.77 11.10
C LYS L 161 26.33 -51.73 9.57
N GLY L 162 25.76 -52.72 8.89
CA GLY L 162 25.75 -52.71 7.44
C GLY L 162 27.05 -53.14 6.79
N ALA L 163 28.17 -52.76 7.39
CA ALA L 163 29.48 -53.26 6.99
C ALA L 163 29.81 -54.57 7.73
N GLU L 164 28.84 -55.49 7.80
CA GLU L 164 29.05 -56.78 8.46
C GLU L 164 29.82 -57.74 7.56
N LYS L 165 29.76 -57.53 6.26
CA LYS L 165 30.23 -58.55 5.33
C LYS L 165 31.74 -58.70 5.38
N ALA L 166 32.43 -57.68 5.87
CA ALA L 166 33.88 -57.67 5.98
C ALA L 166 34.40 -57.79 7.41
N LYS L 167 33.54 -58.10 8.40
CA LYS L 167 33.97 -57.98 9.79
C LYS L 167 35.09 -58.94 10.14
N GLU L 168 35.11 -60.12 9.51
CA GLU L 168 36.12 -61.13 9.83
C GLU L 168 37.47 -60.82 9.20
N LYS L 169 37.57 -59.76 8.42
CA LYS L 169 38.85 -59.21 7.97
C LYS L 169 39.21 -57.93 8.72
N LEU L 170 38.20 -57.06 8.90
CA LEU L 170 38.41 -55.83 9.64
C LEU L 170 38.90 -56.10 11.05
N ALA L 171 38.43 -57.21 11.65
CA ALA L 171 38.84 -57.57 12.99
C ALA L 171 40.35 -57.79 13.07
N GLU L 172 40.91 -58.59 12.15
CA GLU L 172 42.35 -58.82 12.16
C GLU L 172 43.12 -57.53 11.92
N ILE L 173 42.66 -56.74 10.94
CA ILE L 173 43.32 -55.48 10.61
C ILE L 173 43.39 -54.58 11.84
N ILE L 174 42.25 -54.41 12.51
CA ILE L 174 42.17 -53.48 13.64
C ILE L 174 42.95 -54.02 14.84
N VAL L 175 42.94 -55.33 15.06
CA VAL L 175 43.68 -55.89 16.20
C VAL L 175 45.16 -55.63 16.03
N GLU L 176 45.71 -55.89 14.84
CA GLU L 176 47.13 -55.57 14.64
C GLU L 176 47.39 -54.06 14.73
N ALA L 177 46.51 -53.26 14.12
CA ALA L 177 46.68 -51.81 14.09
C ALA L 177 46.76 -51.23 15.49
N VAL L 178 45.91 -51.71 16.39
CA VAL L 178 45.88 -51.22 17.77
C VAL L 178 47.03 -51.80 18.56
N SER L 179 47.38 -53.06 18.31
CA SER L 179 48.45 -53.69 19.07
C SER L 179 49.79 -53.03 18.80
N ALA L 180 49.91 -52.36 17.66
CA ALA L 180 51.15 -51.67 17.29
C ALA L 180 51.38 -50.47 18.19
N VAL L 181 50.31 -49.73 18.51
CA VAL L 181 50.40 -48.42 19.12
C VAL L 181 50.23 -48.47 20.64
N VAL L 182 50.22 -49.67 21.22
CA VAL L 182 50.25 -49.83 22.67
C VAL L 182 51.60 -49.36 23.18
N ASP L 183 51.60 -48.29 23.98
CA ASP L 183 52.84 -47.59 24.32
C ASP L 183 53.60 -48.32 25.42
N ASP L 184 54.83 -47.84 25.69
CA ASP L 184 55.69 -48.53 26.64
C ASP L 184 55.14 -48.53 28.06
N GLU L 185 54.06 -47.77 28.31
CA GLU L 185 53.37 -47.83 29.58
C GLU L 185 52.06 -48.61 29.53
N GLY L 186 51.76 -49.28 28.42
CA GLY L 186 50.58 -50.12 28.31
C GLY L 186 49.27 -49.39 28.11
N LYS L 187 49.26 -48.29 27.38
CA LYS L 187 48.07 -47.50 27.15
C LYS L 187 47.91 -47.23 25.66
N VAL L 188 46.66 -47.14 25.22
CA VAL L 188 46.35 -46.99 23.80
C VAL L 188 45.93 -45.55 23.54
N ASP L 189 46.60 -44.91 22.59
CA ASP L 189 46.22 -43.57 22.14
C ASP L 189 45.64 -43.69 20.73
N LYS L 190 44.45 -43.12 20.53
CA LYS L 190 43.70 -43.35 19.31
C LYS L 190 44.27 -42.56 18.13
N ASP L 191 44.83 -41.40 18.41
CA ASP L 191 45.35 -40.53 17.35
C ASP L 191 46.66 -41.06 16.77
N LEU L 192 47.26 -42.10 17.36
CA LEU L 192 48.44 -42.71 16.76
C LEU L 192 48.10 -43.66 15.62
N ILE L 193 46.82 -43.83 15.31
CA ILE L 193 46.35 -44.60 14.17
C ILE L 193 45.71 -43.66 13.17
N LYS L 194 46.19 -43.69 11.94
CA LYS L 194 45.74 -42.78 10.89
C LYS L 194 44.75 -43.51 10.00
N ILE L 195 43.58 -42.92 9.81
CA ILE L 195 42.50 -43.55 9.07
C ILE L 195 42.29 -42.78 7.78
N GLU L 196 42.43 -43.46 6.65
CA GLU L 196 42.36 -42.82 5.35
C GLU L 196 41.30 -43.46 4.48
N LYS L 197 40.64 -42.64 3.66
CA LYS L 197 39.35 -42.95 3.06
C LYS L 197 39.39 -42.73 1.54
N LYS L 198 39.92 -43.71 0.81
CA LYS L 198 40.15 -43.57 -0.62
C LYS L 198 39.19 -44.50 -1.38
N SER L 199 38.36 -43.92 -2.24
CA SER L 199 37.29 -44.66 -2.88
C SER L 199 37.82 -45.57 -3.99
N GLY L 200 36.90 -46.25 -4.67
CA GLY L 200 37.26 -47.27 -5.63
C GLY L 200 37.42 -48.63 -4.97
N ALA L 201 37.35 -49.68 -5.79
CA ALA L 201 37.33 -51.07 -5.32
C ALA L 201 36.20 -51.35 -4.32
N SER L 202 36.22 -52.54 -3.72
CA SER L 202 35.19 -52.97 -2.78
C SER L 202 35.74 -53.02 -1.35
N ILE L 203 34.80 -53.01 -0.40
CA ILE L 203 35.12 -52.91 1.03
C ILE L 203 36.10 -53.98 1.47
N ASP L 204 36.16 -55.10 0.74
CA ASP L 204 37.08 -56.17 1.08
C ASP L 204 38.50 -55.89 0.58
N ASP L 205 38.71 -54.83 -0.20
CA ASP L 205 40.05 -54.41 -0.62
C ASP L 205 40.71 -53.46 0.39
N THR L 206 40.10 -53.25 1.56
CA THR L 206 40.75 -52.48 2.62
C THR L 206 42.01 -53.20 3.10
N GLU L 207 43.03 -52.42 3.46
CA GLU L 207 44.32 -52.99 3.85
C GLU L 207 44.99 -52.11 4.90
N LEU L 208 46.05 -52.66 5.49
CA LEU L 208 46.80 -52.03 6.56
C LEU L 208 48.22 -51.71 6.09
N ILE L 209 48.66 -50.47 6.34
CA ILE L 209 50.01 -50.04 5.98
C ILE L 209 50.82 -49.89 7.26
N LYS L 210 51.97 -50.56 7.32
CA LYS L 210 52.90 -50.41 8.42
C LYS L 210 53.79 -49.19 8.18
N GLY L 211 53.14 -48.02 8.12
CA GLY L 211 53.83 -46.81 7.72
C GLY L 211 52.85 -45.69 7.43
N VAL L 212 53.17 -44.83 6.47
CA VAL L 212 52.38 -43.62 6.26
C VAL L 212 52.04 -43.45 4.78
N LEU L 213 50.92 -42.76 4.56
CA LEU L 213 50.50 -42.39 3.24
C LEU L 213 50.50 -40.86 3.39
N VAL L 214 51.15 -40.13 2.51
CA VAL L 214 51.29 -38.68 2.58
C VAL L 214 50.59 -38.06 1.37
N ASP L 215 49.87 -36.96 1.61
CA ASP L 215 49.12 -36.28 0.56
C ASP L 215 50.03 -35.32 -0.21
N LYS L 216 51.09 -35.86 -0.83
CA LYS L 216 52.10 -35.05 -1.47
C LYS L 216 52.68 -35.78 -2.67
N GLU L 217 53.24 -35.01 -3.60
CA GLU L 217 54.06 -35.55 -4.68
C GLU L 217 55.40 -34.83 -4.70
N ARG L 218 56.42 -35.52 -5.20
CA ARG L 218 57.79 -35.00 -5.10
C ARG L 218 57.94 -33.74 -5.94
N VAL L 219 58.85 -32.88 -5.52
CA VAL L 219 58.89 -31.51 -6.03
C VAL L 219 59.37 -31.47 -7.48
N SER L 220 60.38 -32.27 -7.82
CA SER L 220 61.01 -32.22 -9.14
C SER L 220 60.94 -33.61 -9.77
N ALA L 221 60.50 -33.68 -11.03
CA ALA L 221 60.16 -34.98 -11.62
C ALA L 221 61.38 -35.78 -12.04
N GLN L 222 62.57 -35.18 -12.03
CA GLN L 222 63.81 -35.92 -12.24
C GLN L 222 64.16 -36.76 -11.03
N MET L 223 63.53 -36.48 -9.89
CA MET L 223 63.77 -37.16 -8.62
C MET L 223 63.28 -38.60 -8.68
N PRO L 224 64.07 -39.58 -8.24
CA PRO L 224 63.67 -40.98 -8.36
C PRO L 224 62.34 -41.27 -7.69
N LYS L 225 61.49 -42.01 -8.40
CA LYS L 225 60.12 -42.22 -7.96
C LYS L 225 59.99 -43.43 -7.05
N LYS L 226 61.06 -44.23 -6.94
CA LYS L 226 61.09 -45.41 -6.09
C LYS L 226 62.44 -45.49 -5.40
N VAL L 227 62.43 -45.69 -4.08
CA VAL L 227 63.65 -45.81 -3.29
C VAL L 227 63.49 -46.97 -2.32
N THR L 228 64.56 -47.75 -2.15
CA THR L 228 64.59 -48.88 -1.22
C THR L 228 65.61 -48.63 -0.12
N ASP L 229 65.32 -49.12 1.09
CA ASP L 229 66.09 -48.80 2.29
C ASP L 229 66.39 -47.31 2.38
N ALA L 230 65.32 -46.51 2.36
CA ALA L 230 65.41 -45.05 2.39
C ALA L 230 66.07 -44.54 3.67
N LYS L 231 66.81 -43.44 3.53
CA LYS L 231 67.36 -42.66 4.64
C LYS L 231 66.63 -41.32 4.64
N ILE L 232 65.70 -41.16 5.58
CA ILE L 232 64.70 -40.09 5.49
C ILE L 232 65.10 -38.96 6.44
N ALA L 233 65.13 -37.74 5.91
CA ALA L 233 65.44 -36.55 6.71
C ALA L 233 64.21 -35.66 6.80
N LEU L 234 63.90 -35.20 8.01
CA LEU L 234 62.75 -34.34 8.26
C LEU L 234 63.21 -32.98 8.76
N LEU L 235 62.70 -31.92 8.14
CA LEU L 235 63.07 -30.54 8.47
C LEU L 235 61.85 -29.71 8.82
N ASN L 236 62.02 -28.84 9.83
CA ASN L 236 61.02 -27.85 10.19
C ASN L 236 61.38 -26.47 9.62
N CYS L 237 62.65 -26.29 9.28
CA CYS L 237 63.11 -25.09 8.59
C CYS L 237 62.95 -25.24 7.08
N ALA L 238 62.71 -24.11 6.43
CA ALA L 238 62.58 -24.02 4.99
C ALA L 238 63.95 -23.91 4.33
N ILE L 239 64.10 -24.55 3.16
CA ILE L 239 65.34 -24.45 2.40
C ILE L 239 65.20 -23.25 1.48
N GLU L 240 65.60 -22.09 2.00
CA GLU L 240 65.47 -20.81 1.30
C GLU L 240 66.54 -19.87 1.81
N ILE L 241 66.77 -18.79 1.07
CA ILE L 241 67.79 -17.84 1.46
C ILE L 241 67.33 -17.05 2.69
N LYS L 242 68.15 -17.04 3.73
CA LYS L 242 67.77 -16.41 4.99
C LYS L 242 67.65 -14.89 4.81
N GLU L 243 66.77 -14.29 5.61
CA GLU L 243 66.61 -12.84 5.70
C GLU L 243 67.17 -12.35 7.03
N THR L 244 67.50 -11.07 7.08
CA THR L 244 67.94 -10.45 8.33
C THR L 244 66.75 -9.79 9.02
N GLU L 245 66.53 -10.16 10.28
CA GLU L 245 65.43 -9.58 11.04
C GLU L 245 65.77 -8.18 11.55
N THR L 246 66.68 -7.48 10.86
CA THR L 246 67.08 -6.11 11.16
C THR L 246 66.98 -5.17 9.94
N ASP L 247 66.53 -5.68 8.79
CA ASP L 247 66.40 -4.95 7.51
C ASP L 247 67.71 -4.53 6.85
N ALA L 248 67.77 -4.67 5.51
CA ALA L 248 69.01 -4.66 4.74
C ALA L 248 68.85 -4.03 3.36
N GLU L 249 69.94 -3.45 2.85
CA GLU L 249 70.11 -3.01 1.47
C GLU L 249 71.55 -3.29 1.06
N ILE L 250 71.75 -3.75 -0.18
CA ILE L 250 73.09 -4.18 -0.61
C ILE L 250 73.93 -3.09 -1.28
N ARG L 251 73.30 -2.11 -1.92
CA ARG L 251 73.98 -0.91 -2.44
C ARG L 251 75.15 -1.21 -3.37
N ILE L 252 74.88 -1.28 -4.67
CA ILE L 252 75.85 -1.75 -5.65
C ILE L 252 76.50 -0.57 -6.34
N THR L 253 77.73 -0.23 -5.93
CA THR L 253 78.39 0.96 -6.43
C THR L 253 79.30 0.65 -7.62
N ASP L 254 79.79 -0.59 -7.70
CA ASP L 254 80.55 -1.06 -8.86
C ASP L 254 79.66 -1.97 -9.70
N PRO L 255 79.42 -1.63 -10.97
CA PRO L 255 78.68 -2.55 -11.87
C PRO L 255 79.17 -3.99 -11.85
N ALA L 256 80.48 -4.20 -11.70
CA ALA L 256 81.02 -5.56 -11.68
C ALA L 256 80.50 -6.41 -10.54
N LYS L 257 79.76 -5.84 -9.60
CA LYS L 257 79.28 -6.57 -8.44
C LYS L 257 77.80 -6.90 -8.50
N LEU L 258 77.21 -6.94 -9.68
CA LEU L 258 75.85 -7.47 -9.83
C LEU L 258 75.84 -9.00 -9.78
N MET L 259 76.62 -9.62 -10.66
CA MET L 259 76.65 -11.08 -10.73
C MET L 259 77.25 -11.69 -9.46
N GLU L 260 78.17 -10.98 -8.79
CA GLU L 260 78.81 -11.52 -7.61
C GLU L 260 77.82 -11.68 -6.47
N PHE L 261 77.00 -10.66 -6.22
CA PHE L 261 75.96 -10.79 -5.20
C PHE L 261 75.02 -11.96 -5.50
N ILE L 262 74.69 -12.14 -6.78
CA ILE L 262 73.72 -13.16 -7.18
C ILE L 262 74.32 -14.57 -7.05
N GLU L 263 75.58 -14.73 -7.47
CA GLU L 263 76.31 -15.98 -7.29
C GLU L 263 76.42 -16.36 -5.82
N GLN L 264 76.63 -15.39 -4.94
CA GLN L 264 76.74 -15.75 -3.52
C GLN L 264 75.40 -16.19 -2.94
N GLU L 265 74.30 -15.58 -3.39
CA GLU L 265 73.02 -16.19 -3.01
C GLU L 265 72.84 -17.60 -3.56
N GLU L 266 73.31 -17.87 -4.79
CA GLU L 266 73.24 -19.25 -5.29
C GLU L 266 74.08 -20.20 -4.43
N LYS L 267 75.25 -19.76 -3.99
CA LYS L 267 76.12 -20.63 -3.20
C LYS L 267 75.52 -20.91 -1.82
N MET L 268 74.78 -19.95 -1.27
CA MET L 268 74.15 -20.17 0.02
C MET L 268 73.06 -21.24 -0.02
N LEU L 269 72.57 -21.59 -1.20
CA LEU L 269 71.69 -22.76 -1.31
C LEU L 269 72.48 -24.03 -1.63
N LYS L 270 73.52 -23.86 -2.47
CA LYS L 270 74.37 -24.99 -2.84
C LYS L 270 74.95 -25.68 -1.62
N ASP L 271 75.37 -24.87 -0.63
CA ASP L 271 75.98 -25.43 0.58
C ASP L 271 74.96 -26.15 1.46
N MET L 272 73.72 -25.67 1.50
CA MET L 272 72.68 -26.39 2.24
C MET L 272 72.46 -27.78 1.65
N VAL L 273 72.44 -27.87 0.33
CA VAL L 273 72.23 -29.17 -0.30
C VAL L 273 73.43 -30.08 -0.09
N ALA L 274 74.64 -29.53 -0.19
CA ALA L 274 75.84 -30.29 0.17
C ALA L 274 75.74 -30.87 1.59
N GLU L 275 75.28 -30.05 2.54
CA GLU L 275 75.16 -30.50 3.91
C GLU L 275 74.09 -31.57 4.08
N ILE L 276 72.96 -31.44 3.39
CA ILE L 276 71.94 -32.47 3.46
C ILE L 276 72.49 -33.79 2.92
N LYS L 277 73.32 -33.72 1.88
CA LYS L 277 73.90 -34.92 1.32
C LYS L 277 74.90 -35.56 2.29
N ALA L 278 75.73 -34.73 2.94
CA ALA L 278 76.77 -35.24 3.82
C ALA L 278 76.20 -35.95 5.05
N SER L 279 74.96 -35.62 5.45
CA SER L 279 74.33 -36.42 6.50
C SER L 279 74.13 -37.88 6.11
N GLY L 280 73.98 -38.16 4.82
CA GLY L 280 73.69 -39.51 4.38
C GLY L 280 72.29 -39.71 3.83
N ALA L 281 71.50 -38.64 3.74
CA ALA L 281 70.09 -38.76 3.40
C ALA L 281 69.91 -39.07 1.90
N ASN L 282 68.76 -39.68 1.58
CA ASN L 282 68.33 -39.77 0.19
C ASN L 282 66.83 -39.57 0.01
N VAL L 283 66.09 -39.26 1.07
CA VAL L 283 64.69 -38.86 1.01
C VAL L 283 64.50 -37.70 2.00
N LEU L 284 63.70 -36.71 1.60
CA LEU L 284 63.54 -35.47 2.34
C LEU L 284 62.08 -35.09 2.47
N PHE L 285 61.71 -34.56 3.64
CA PHE L 285 60.43 -33.92 3.87
C PHE L 285 60.68 -32.56 4.53
N CYS L 286 59.98 -31.54 4.05
CA CYS L 286 60.08 -30.19 4.60
C CYS L 286 58.69 -29.70 5.01
N GLN L 287 58.56 -29.26 6.27
CA GLN L 287 57.31 -28.70 6.74
C GLN L 287 57.05 -27.30 6.20
N LYS L 288 57.88 -26.83 5.27
CA LYS L 288 57.90 -25.43 4.83
C LYS L 288 58.53 -25.40 3.44
N GLY L 289 58.77 -24.18 2.93
CA GLY L 289 59.09 -24.02 1.52
C GLY L 289 60.48 -24.49 1.15
N ILE L 290 60.59 -24.97 -0.09
CA ILE L 290 61.86 -25.25 -0.74
C ILE L 290 61.90 -24.42 -2.03
N ASP L 291 62.99 -23.68 -2.22
CA ASP L 291 63.13 -22.81 -3.39
C ASP L 291 63.35 -23.62 -4.66
N ASP L 292 63.00 -23.01 -5.80
CA ASP L 292 63.09 -23.70 -7.09
C ASP L 292 64.54 -23.96 -7.52
N LEU L 293 65.52 -23.25 -6.96
CA LEU L 293 66.91 -23.61 -7.23
C LEU L 293 67.40 -24.71 -6.28
N ALA L 294 66.92 -24.69 -5.04
CA ALA L 294 67.19 -25.77 -4.10
C ALA L 294 66.68 -27.11 -4.66
N GLN L 295 65.51 -27.06 -5.28
CA GLN L 295 64.90 -28.20 -5.97
C GLN L 295 65.82 -28.74 -7.06
N HIS L 296 66.48 -27.83 -7.78
CA HIS L 296 67.45 -28.21 -8.79
C HIS L 296 68.59 -28.99 -8.18
N TYR L 297 69.20 -28.44 -7.12
CA TYR L 297 70.37 -29.14 -6.58
C TYR L 297 69.97 -30.47 -5.96
N LEU L 298 68.79 -30.51 -5.33
CA LEU L 298 68.24 -31.78 -4.82
C LEU L 298 68.03 -32.82 -5.93
N ALA L 299 67.46 -32.42 -7.07
CA ALA L 299 67.32 -33.35 -8.20
C ALA L 299 68.65 -33.62 -8.89
N LYS L 300 69.67 -32.81 -8.62
CA LYS L 300 70.98 -33.06 -9.23
C LYS L 300 71.78 -34.05 -8.38
N GLU L 301 71.51 -34.06 -7.08
CA GLU L 301 72.16 -34.97 -6.16
C GLU L 301 71.44 -36.31 -6.04
N GLY L 302 70.29 -36.47 -6.72
CA GLY L 302 69.41 -37.60 -6.51
C GLY L 302 68.83 -37.79 -5.12
N ILE L 303 68.29 -36.73 -4.53
CA ILE L 303 67.58 -36.78 -3.26
C ILE L 303 66.12 -36.49 -3.51
N VAL L 304 65.22 -37.31 -2.94
CA VAL L 304 63.79 -37.14 -3.15
C VAL L 304 63.25 -36.22 -2.06
N ALA L 305 62.46 -35.22 -2.46
CA ALA L 305 62.01 -34.17 -1.56
C ALA L 305 60.53 -33.82 -1.75
N ALA L 306 59.84 -33.61 -0.63
CA ALA L 306 58.50 -33.02 -0.60
C ALA L 306 58.53 -31.81 0.33
N ARG L 307 57.63 -30.87 0.09
CA ARG L 307 57.64 -29.58 0.78
C ARG L 307 56.28 -29.23 1.35
N ARG L 308 56.29 -28.28 2.29
CA ARG L 308 55.08 -27.80 2.97
C ARG L 308 54.24 -28.94 3.54
N VAL L 309 54.89 -29.91 4.14
CA VAL L 309 54.22 -31.05 4.75
C VAL L 309 53.61 -30.60 6.06
N LYS L 310 52.38 -31.03 6.30
CA LYS L 310 51.65 -30.60 7.50
C LYS L 310 52.19 -31.27 8.76
N LYS L 311 51.99 -30.59 9.89
CA LYS L 311 52.66 -30.93 11.13
C LYS L 311 52.31 -32.32 11.62
N SER L 312 51.03 -32.71 11.50
CA SER L 312 50.60 -34.02 11.96
C SER L 312 51.26 -35.13 11.15
N ASP L 313 51.40 -34.92 9.84
CA ASP L 313 52.14 -35.86 9.01
C ASP L 313 53.61 -35.91 9.40
N MET L 314 54.18 -34.78 9.81
CA MET L 314 55.55 -34.76 10.31
C MET L 314 55.68 -35.62 11.58
N GLU L 315 54.71 -35.50 12.49
CA GLU L 315 54.67 -36.31 13.70
C GLU L 315 54.61 -37.79 13.36
N LYS L 316 53.72 -38.16 12.43
CA LYS L 316 53.53 -39.56 12.09
C LYS L 316 54.74 -40.14 11.34
N LEU L 317 55.39 -39.33 10.50
CA LEU L 317 56.64 -39.77 9.90
C LEU L 317 57.75 -39.99 10.94
N ALA L 318 57.92 -39.04 11.84
CA ALA L 318 58.93 -39.17 12.90
C ALA L 318 58.64 -40.41 13.75
N LYS L 319 57.37 -40.65 14.04
CA LYS L 319 57.00 -41.85 14.79
C LYS L 319 57.33 -43.12 14.03
N ALA L 320 57.01 -43.15 12.73
CA ALA L 320 57.05 -44.39 11.97
C ALA L 320 58.48 -44.79 11.64
N THR L 321 59.30 -43.82 11.25
CA THR L 321 60.67 -44.06 10.76
C THR L 321 61.72 -44.00 11.86
N GLY L 322 61.44 -43.26 12.94
CA GLY L 322 62.46 -43.00 13.96
C GLY L 322 63.35 -41.82 13.66
N ALA L 323 62.97 -40.99 12.68
CA ALA L 323 63.70 -39.78 12.38
C ALA L 323 63.38 -38.70 13.39
N ASN L 324 64.26 -37.70 13.48
CA ASN L 324 64.09 -36.56 14.36
C ASN L 324 63.85 -35.31 13.51
N VAL L 325 62.77 -34.58 13.83
CA VAL L 325 62.50 -33.32 13.12
C VAL L 325 63.57 -32.31 13.50
N ILE L 326 64.23 -31.75 12.50
CA ILE L 326 65.37 -30.85 12.69
C ILE L 326 64.94 -29.44 12.33
N THR L 327 65.36 -28.47 13.15
CA THR L 327 64.99 -27.07 12.90
C THR L 327 66.10 -26.25 12.24
N ASN L 328 67.32 -26.79 12.14
CA ASN L 328 68.46 -26.05 11.60
C ASN L 328 69.41 -27.05 10.95
N ILE L 329 69.82 -26.78 9.70
CA ILE L 329 70.45 -27.82 8.90
C ILE L 329 71.90 -28.05 9.31
N LYS L 330 72.50 -27.10 10.02
CA LYS L 330 73.90 -27.24 10.43
C LYS L 330 74.09 -28.35 11.46
N ASP L 331 73.02 -28.75 12.14
CA ASP L 331 73.13 -29.78 13.16
C ASP L 331 72.77 -31.17 12.65
N LEU L 332 72.23 -31.25 11.44
CA LEU L 332 71.76 -32.50 10.86
C LEU L 332 72.94 -33.46 10.67
N SER L 333 72.75 -34.70 11.12
CA SER L 333 73.82 -35.69 11.15
C SER L 333 73.23 -37.07 10.91
N ALA L 334 74.08 -38.10 10.91
CA ALA L 334 73.58 -39.46 10.73
C ALA L 334 72.77 -39.95 11.93
N GLN L 335 72.85 -39.20 13.04
CA GLN L 335 72.10 -39.52 14.25
C GLN L 335 70.62 -39.21 14.10
N ASP L 336 70.29 -38.30 13.20
CA ASP L 336 68.95 -37.74 13.08
C ASP L 336 68.12 -38.41 12.00
N LEU L 337 68.70 -39.33 11.24
CA LEU L 337 68.03 -39.90 10.07
C LEU L 337 67.21 -41.11 10.45
N GLY L 338 65.99 -41.20 9.91
CA GLY L 338 65.19 -42.39 10.06
C GLY L 338 65.46 -43.40 8.95
N ASP L 339 64.82 -44.57 9.08
CA ASP L 339 65.01 -45.66 8.13
C ASP L 339 63.66 -46.25 7.75
N ALA L 340 63.53 -46.62 6.47
CA ALA L 340 62.32 -47.26 5.96
C ALA L 340 62.65 -48.06 4.71
N GLY L 341 62.13 -49.28 4.65
CA GLY L 341 62.55 -50.23 3.63
C GLY L 341 62.12 -49.87 2.23
N LEU L 342 61.02 -49.13 2.08
CA LEU L 342 60.50 -48.81 0.75
C LEU L 342 59.75 -47.48 0.77
N VAL L 343 60.08 -46.61 -0.18
CA VAL L 343 59.38 -45.35 -0.43
C VAL L 343 59.09 -45.26 -1.92
N GLU L 344 57.84 -44.96 -2.27
CA GLU L 344 57.47 -44.82 -3.68
C GLU L 344 56.27 -43.90 -3.82
N GLU L 345 56.28 -43.07 -4.86
CA GLU L 345 55.10 -42.30 -5.23
C GLU L 345 54.18 -43.16 -6.10
N ARG L 346 52.88 -43.09 -5.81
CA ARG L 346 51.87 -43.83 -6.59
C ARG L 346 50.66 -42.95 -6.90
N LYS L 347 49.87 -43.39 -7.88
CA LYS L 347 48.58 -42.76 -8.18
C LYS L 347 47.48 -43.74 -7.78
N ILE L 348 46.59 -43.30 -6.90
CA ILE L 348 45.53 -44.15 -6.37
C ILE L 348 44.25 -43.33 -6.28
N SER L 349 43.14 -43.89 -6.77
CA SER L 349 41.81 -43.27 -6.68
C SER L 349 41.79 -41.88 -7.31
N GLY L 350 42.76 -41.62 -8.18
CA GLY L 350 42.89 -40.38 -8.92
C GLY L 350 43.82 -39.36 -8.30
N ASP L 351 44.34 -39.63 -7.10
CA ASP L 351 45.24 -38.73 -6.40
C ASP L 351 46.66 -39.28 -6.38
N SER L 352 47.62 -38.39 -6.60
CA SER L 352 49.03 -38.70 -6.45
C SER L 352 49.41 -38.68 -4.96
N MET L 353 49.99 -39.78 -4.47
CA MET L 353 50.36 -39.86 -3.06
C MET L 353 51.70 -40.57 -2.91
N ILE L 354 52.38 -40.24 -1.82
CA ILE L 354 53.67 -40.83 -1.48
C ILE L 354 53.46 -41.88 -0.40
N PHE L 355 54.01 -43.08 -0.62
CA PHE L 355 53.83 -44.21 0.27
C PHE L 355 55.14 -44.56 0.98
N VAL L 356 55.07 -44.72 2.30
CA VAL L 356 56.22 -45.17 3.09
C VAL L 356 55.90 -46.54 3.67
N GLU L 357 56.78 -47.51 3.42
CA GLU L 357 56.49 -48.89 3.78
C GLU L 357 57.71 -49.60 4.36
N GLU L 358 57.45 -50.72 5.03
CA GLU L 358 58.47 -51.56 5.66
C GLU L 358 59.34 -50.74 6.62
N CYS L 359 58.69 -50.20 7.65
CA CYS L 359 59.36 -49.34 8.61
C CYS L 359 60.12 -50.14 9.65
N LYS L 360 61.18 -49.54 10.18
CA LYS L 360 62.12 -50.26 11.04
C LYS L 360 61.49 -50.67 12.36
N HIS L 361 60.74 -49.76 12.99
CA HIS L 361 59.97 -50.07 14.20
C HIS L 361 58.82 -49.08 14.30
N PRO L 362 57.70 -49.37 13.63
CA PRO L 362 56.60 -48.39 13.58
C PRO L 362 55.87 -48.23 14.89
N LYS L 363 55.94 -47.01 15.44
CA LYS L 363 55.08 -46.60 16.55
C LYS L 363 53.79 -45.93 16.08
N ALA L 364 53.54 -45.90 14.77
CA ALA L 364 52.30 -45.39 14.21
C ALA L 364 51.97 -46.15 12.93
N VAL L 365 50.67 -46.34 12.67
CA VAL L 365 50.22 -47.14 11.54
C VAL L 365 49.06 -46.45 10.83
N THR L 366 48.87 -46.82 9.56
CA THR L 366 47.84 -46.23 8.71
C THR L 366 46.90 -47.33 8.19
N MET L 367 45.59 -47.09 8.28
CA MET L 367 44.57 -47.99 7.76
C MET L 367 43.90 -47.35 6.55
N LEU L 368 43.87 -48.07 5.44
CA LEU L 368 43.38 -47.55 4.16
C LEU L 368 42.03 -48.18 3.85
N ILE L 369 40.96 -47.41 4.02
CA ILE L 369 39.61 -47.92 3.84
C ILE L 369 39.17 -47.69 2.39
N ARG L 370 38.75 -48.77 1.72
CA ARG L 370 38.31 -48.73 0.32
C ARG L 370 36.79 -48.89 0.24
N GLY L 371 36.24 -48.52 -0.92
CA GLY L 371 34.80 -48.59 -1.08
C GLY L 371 34.28 -47.97 -2.37
N THR L 372 33.11 -48.46 -2.80
CA THR L 372 32.54 -48.13 -4.10
C THR L 372 31.79 -46.80 -4.08
N THR L 373 31.78 -46.09 -2.95
CA THR L 373 30.94 -44.91 -2.85
C THR L 373 31.33 -44.15 -1.58
N GLU L 374 31.21 -42.82 -1.63
CA GLU L 374 31.66 -42.00 -0.52
C GLU L 374 30.76 -42.18 0.70
N HIS L 375 29.45 -42.33 0.48
CA HIS L 375 28.54 -42.63 1.58
C HIS L 375 28.82 -43.98 2.20
N VAL L 376 29.48 -44.89 1.47
CA VAL L 376 29.85 -46.18 2.04
C VAL L 376 31.03 -46.01 2.98
N ILE L 377 32.03 -45.23 2.56
CA ILE L 377 33.27 -45.10 3.30
C ILE L 377 33.07 -44.23 4.53
N GLU L 378 32.20 -43.22 4.43
CA GLU L 378 31.86 -42.38 5.58
C GLU L 378 31.12 -43.18 6.65
N GLU L 379 30.71 -44.42 6.33
CA GLU L 379 30.14 -45.28 7.38
C GLU L 379 31.13 -46.32 7.85
N VAL L 380 31.92 -46.88 6.92
CA VAL L 380 32.92 -47.86 7.30
C VAL L 380 33.92 -47.24 8.27
N ALA L 381 34.23 -45.95 8.11
CA ALA L 381 35.13 -45.28 9.03
C ALA L 381 34.58 -45.30 10.47
N ARG L 382 33.28 -45.05 10.62
CA ARG L 382 32.64 -45.12 11.93
C ARG L 382 32.71 -46.54 12.49
N ALA L 383 32.39 -47.53 11.65
CA ALA L 383 32.41 -48.93 12.08
C ALA L 383 33.81 -49.38 12.48
N VAL L 384 34.85 -48.67 12.03
CA VAL L 384 36.20 -49.04 12.44
C VAL L 384 36.62 -48.26 13.68
N ASP L 385 36.15 -47.02 13.81
CA ASP L 385 36.48 -46.21 14.98
C ASP L 385 35.93 -46.88 16.25
N ASP L 386 34.72 -47.44 16.15
CA ASP L 386 34.10 -48.09 17.31
C ASP L 386 34.90 -49.32 17.77
N ALA L 387 35.42 -50.09 16.82
CA ALA L 387 36.22 -51.26 17.15
C ALA L 387 37.57 -50.87 17.74
N VAL L 388 38.20 -49.80 17.23
CA VAL L 388 39.42 -49.30 17.86
C VAL L 388 39.14 -48.93 19.32
N GLY L 389 38.00 -48.27 19.56
CA GLY L 389 37.57 -48.01 20.92
C GLY L 389 37.52 -49.21 21.85
N VAL L 390 36.66 -50.18 21.50
CA VAL L 390 36.49 -51.35 22.37
C VAL L 390 37.77 -52.17 22.51
N VAL L 391 38.63 -52.21 21.48
CA VAL L 391 39.89 -52.93 21.61
C VAL L 391 40.83 -52.22 22.58
N GLY L 392 40.92 -50.90 22.50
CA GLY L 392 41.71 -50.17 23.49
C GLY L 392 41.20 -50.39 24.90
N CYS L 393 39.88 -50.38 25.09
CA CYS L 393 39.30 -50.62 26.41
C CYS L 393 39.74 -51.97 26.98
N THR L 394 39.66 -53.03 26.17
CA THR L 394 40.05 -54.35 26.65
C THR L 394 41.55 -54.44 26.93
N ILE L 395 42.36 -53.76 26.12
CA ILE L 395 43.82 -53.82 26.30
C ILE L 395 44.23 -53.08 27.55
N GLU L 396 43.54 -51.98 27.87
CA GLU L 396 43.92 -51.15 29.01
C GLU L 396 43.41 -51.75 30.33
N ASP L 397 42.16 -52.20 30.36
CA ASP L 397 41.56 -52.62 31.63
C ASP L 397 41.69 -54.13 31.87
N GLY L 398 41.72 -54.92 30.81
CA GLY L 398 41.65 -56.38 30.90
C GLY L 398 40.47 -56.95 31.66
N ARG L 399 39.26 -56.46 31.38
CA ARG L 399 38.04 -56.99 31.99
C ARG L 399 36.92 -56.96 30.96
N ILE L 400 36.17 -58.06 30.87
CA ILE L 400 35.15 -58.20 29.84
C ILE L 400 33.82 -58.62 30.48
N VAL L 401 32.73 -58.36 29.76
CA VAL L 401 31.39 -58.70 30.21
C VAL L 401 30.64 -59.38 29.07
N SER L 402 29.64 -60.17 29.43
CA SER L 402 28.84 -60.93 28.48
C SER L 402 27.85 -60.02 27.76
N GLY L 403 27.60 -60.29 26.48
CA GLY L 403 26.80 -59.42 25.65
C GLY L 403 25.37 -59.92 25.46
N GLY L 404 24.73 -59.37 24.45
CA GLY L 404 23.34 -59.69 24.17
C GLY L 404 22.36 -59.38 25.28
N GLY L 405 22.61 -58.33 26.05
CA GLY L 405 21.79 -57.98 27.18
C GLY L 405 21.78 -58.96 28.33
N SER L 406 22.65 -59.98 28.34
CA SER L 406 22.72 -60.84 29.51
C SER L 406 23.22 -60.14 30.77
N THR L 407 23.77 -58.93 30.67
CA THR L 407 24.25 -58.25 31.86
C THR L 407 23.12 -57.49 32.56
N GLU L 408 22.23 -56.87 31.78
CA GLU L 408 21.17 -56.06 32.35
C GLU L 408 20.18 -56.90 33.16
N VAL L 409 19.87 -58.11 32.69
CA VAL L 409 19.00 -58.99 33.47
C VAL L 409 19.63 -59.36 34.81
N GLU L 410 20.93 -59.66 34.79
CA GLU L 410 21.63 -59.96 36.03
C GLU L 410 21.60 -58.78 36.99
N LEU L 411 21.84 -57.58 36.48
CA LEU L 411 21.84 -56.40 37.32
C LEU L 411 20.45 -56.13 37.90
N SER L 412 19.42 -56.27 37.07
CA SER L 412 18.06 -56.06 37.56
C SER L 412 17.74 -57.02 38.69
N MET L 413 18.05 -58.31 38.51
CA MET L 413 17.81 -59.29 39.57
C MET L 413 18.58 -58.95 40.85
N LYS L 414 19.88 -58.66 40.73
CA LYS L 414 20.72 -58.41 41.89
C LYS L 414 20.43 -57.06 42.56
N LEU L 415 19.76 -56.15 41.86
CA LEU L 415 19.28 -54.93 42.51
C LEU L 415 17.93 -55.15 43.17
N ARG L 416 17.15 -56.12 42.69
CA ARG L 416 15.89 -56.42 43.36
C ARG L 416 16.14 -57.17 44.67
N GLU L 417 17.13 -58.07 44.68
CA GLU L 417 17.61 -58.66 45.92
C GLU L 417 18.19 -57.61 46.88
N TYR L 418 18.72 -56.51 46.33
CA TYR L 418 19.13 -55.36 47.14
C TYR L 418 17.94 -54.62 47.74
N ALA L 419 16.89 -54.41 46.95
CA ALA L 419 15.84 -53.48 47.33
C ALA L 419 15.07 -53.94 48.56
N GLU L 420 15.09 -55.24 48.89
CA GLU L 420 14.40 -55.68 50.09
C GLU L 420 15.14 -55.29 51.38
N GLY L 421 16.44 -55.00 51.29
CA GLY L 421 17.15 -54.51 52.47
C GLY L 421 16.85 -53.07 52.80
N ILE L 422 16.56 -52.27 51.77
CA ILE L 422 16.27 -50.85 51.93
C ILE L 422 14.82 -50.68 52.38
N SER L 423 14.58 -49.77 53.33
CA SER L 423 13.23 -49.52 53.79
C SER L 423 12.94 -48.03 53.74
N GLY L 424 11.65 -47.71 53.74
CA GLY L 424 11.16 -46.36 53.49
C GLY L 424 10.60 -46.28 52.08
N ARG L 425 10.71 -45.09 51.46
CA ARG L 425 10.11 -44.89 50.15
C ARG L 425 11.14 -44.80 49.03
N GLU L 426 12.42 -44.69 49.36
CA GLU L 426 13.47 -44.87 48.34
C GLU L 426 13.45 -46.28 47.75
N GLN L 427 12.83 -47.24 48.44
CA GLN L 427 12.71 -48.59 47.90
C GLN L 427 11.94 -48.60 46.59
N LEU L 428 10.95 -47.71 46.47
CA LEU L 428 10.19 -47.61 45.23
C LEU L 428 11.07 -47.17 44.07
N ALA L 429 11.90 -46.14 44.31
CA ALA L 429 12.81 -45.67 43.27
C ALA L 429 13.89 -46.68 42.94
N VAL L 430 14.37 -47.44 43.93
CA VAL L 430 15.35 -48.49 43.67
C VAL L 430 14.76 -49.57 42.77
N ARG L 431 13.50 -49.92 43.01
CA ARG L 431 12.83 -50.91 42.15
C ARG L 431 12.62 -50.37 40.74
N ALA L 432 12.18 -49.12 40.63
CA ALA L 432 12.00 -48.51 39.31
C ALA L 432 13.31 -48.38 38.54
N PHE L 433 14.42 -48.21 39.26
CA PHE L 433 15.73 -48.20 38.60
C PHE L 433 16.09 -49.60 38.10
N ALA L 434 15.88 -50.61 38.94
CA ALA L 434 16.22 -51.98 38.57
C ALA L 434 15.36 -52.48 37.41
N ASP L 435 14.14 -51.98 37.32
CA ASP L 435 13.20 -52.39 36.28
C ASP L 435 13.39 -51.60 34.99
N ALA L 436 14.27 -50.59 35.01
CA ALA L 436 14.49 -49.74 33.84
C ALA L 436 15.67 -50.24 33.00
N LEU L 437 16.47 -51.15 33.53
CA LEU L 437 17.66 -51.62 32.80
C LEU L 437 17.29 -52.70 31.80
N GLU L 438 16.13 -53.34 31.99
CA GLU L 438 15.66 -54.35 31.06
C GLU L 438 15.08 -53.77 29.78
N VAL L 439 15.22 -52.46 29.56
CA VAL L 439 14.82 -51.85 28.29
C VAL L 439 15.69 -52.35 27.14
N ILE L 440 16.92 -52.74 27.44
CA ILE L 440 17.92 -53.11 26.44
C ILE L 440 17.60 -54.49 25.86
N PRO L 441 17.45 -55.54 26.67
CA PRO L 441 17.05 -56.84 26.10
C PRO L 441 15.64 -56.83 25.54
N ARG L 442 14.75 -56.01 26.09
CA ARG L 442 13.44 -55.76 25.48
C ARG L 442 13.59 -55.22 24.06
N THR L 443 14.35 -54.13 23.89
CA THR L 443 14.50 -53.54 22.56
C THR L 443 15.26 -54.47 21.61
N LEU L 444 16.18 -55.27 22.15
CA LEU L 444 16.92 -56.23 21.33
C LEU L 444 15.99 -57.26 20.74
N ALA L 445 14.90 -57.60 21.43
CA ALA L 445 13.87 -58.44 20.83
C ALA L 445 12.91 -57.65 19.96
N GLU L 446 12.59 -56.40 20.33
CA GLU L 446 11.63 -55.59 19.59
C GLU L 446 12.09 -55.34 18.16
N ASN L 447 13.39 -55.08 17.97
CA ASN L 447 13.90 -54.75 16.64
C ASN L 447 13.91 -55.95 15.70
N ALA L 448 14.18 -57.15 16.22
CA ALA L 448 14.21 -58.38 15.43
C ALA L 448 12.81 -58.92 15.12
N GLY L 449 11.76 -58.23 15.55
CA GLY L 449 10.40 -58.71 15.35
C GLY L 449 10.03 -59.91 16.19
N LEU L 450 10.66 -60.08 17.34
CA LEU L 450 10.35 -61.17 18.25
C LEU L 450 9.32 -60.73 19.28
N ASP L 451 8.84 -61.68 20.06
CA ASP L 451 7.81 -61.44 21.08
C ASP L 451 8.55 -61.19 22.39
N ALA L 452 8.63 -59.91 22.78
CA ALA L 452 9.52 -59.52 23.87
C ALA L 452 9.03 -60.05 25.22
N ILE L 453 7.72 -60.07 25.44
CA ILE L 453 7.19 -60.44 26.74
C ILE L 453 7.38 -61.93 27.00
N GLU L 454 7.33 -62.75 25.95
CA GLU L 454 7.60 -64.18 26.09
C GLU L 454 9.09 -64.45 26.19
N ILE L 455 9.90 -63.64 25.52
CA ILE L 455 11.35 -63.87 25.53
C ILE L 455 11.93 -63.55 26.91
N LEU L 456 11.52 -62.42 27.48
CA LEU L 456 12.16 -61.89 28.69
C LEU L 456 12.01 -62.83 29.88
N VAL L 457 10.89 -63.55 29.96
CA VAL L 457 10.67 -64.48 31.06
C VAL L 457 11.64 -65.65 30.98
N LYS L 458 11.83 -66.21 29.79
CA LYS L 458 12.77 -67.31 29.60
C LYS L 458 14.19 -66.86 29.93
N VAL L 459 14.55 -65.65 29.51
CA VAL L 459 15.86 -65.09 29.81
C VAL L 459 16.06 -64.97 31.32
N ARG L 460 15.05 -64.45 32.02
CA ARG L 460 15.16 -64.35 33.48
C ARG L 460 15.31 -65.73 34.13
N ALA L 461 14.49 -66.69 33.68
CA ALA L 461 14.49 -68.02 34.28
C ALA L 461 15.85 -68.68 34.18
N ALA L 462 16.53 -68.49 33.03
CA ALA L 462 17.87 -69.05 32.84
C ALA L 462 18.83 -68.56 33.91
N HIS L 463 18.65 -67.33 34.38
CA HIS L 463 19.53 -66.79 35.41
C HIS L 463 19.13 -67.31 36.79
N ALA L 464 17.82 -67.24 37.10
CA ALA L 464 17.36 -67.50 38.46
C ALA L 464 17.68 -68.91 38.95
N SER L 465 17.97 -69.84 38.04
CA SER L 465 18.19 -71.23 38.44
C SER L 465 19.67 -71.63 38.49
N ASN L 466 20.59 -70.70 38.29
CA ASN L 466 21.98 -71.06 38.04
C ASN L 466 23.01 -70.09 38.57
N GLY L 467 22.70 -68.80 38.66
CA GLY L 467 23.80 -67.86 38.73
C GLY L 467 24.56 -67.78 37.43
N ASN L 468 23.90 -68.15 36.32
CA ASN L 468 24.49 -68.04 34.99
C ASN L 468 24.63 -66.56 34.65
N LYS L 469 25.87 -66.09 34.58
CA LYS L 469 26.14 -64.69 34.26
C LYS L 469 25.81 -64.36 32.81
N CYS L 470 25.70 -65.38 31.95
CA CYS L 470 25.93 -65.22 30.52
C CYS L 470 24.70 -65.32 29.63
N ALA L 471 23.64 -65.99 30.09
CA ALA L 471 22.55 -66.37 29.18
C ALA L 471 21.78 -65.16 28.69
N GLY L 472 21.40 -65.19 27.41
CA GLY L 472 20.77 -64.05 26.77
C GLY L 472 20.20 -64.41 25.41
N LEU L 473 19.65 -63.39 24.76
CA LEU L 473 18.90 -63.60 23.52
C LEU L 473 19.82 -63.81 22.32
N ASN L 474 19.52 -64.84 21.53
CA ASN L 474 20.06 -64.98 20.17
C ASN L 474 19.00 -64.46 19.20
N VAL L 475 19.29 -63.32 18.57
CA VAL L 475 18.30 -62.62 17.74
C VAL L 475 18.18 -63.21 16.35
N PHE L 476 18.81 -64.36 16.08
CA PHE L 476 18.76 -65.02 14.77
C PHE L 476 17.95 -66.30 14.82
N THR L 477 18.41 -67.27 15.61
CA THR L 477 17.59 -68.41 15.97
C THR L 477 16.39 -68.06 16.83
N GLY L 478 16.33 -66.86 17.40
CA GLY L 478 15.20 -66.55 18.27
C GLY L 478 15.13 -67.40 19.53
N ALA L 479 16.27 -67.60 20.20
CA ALA L 479 16.35 -68.51 21.34
C ALA L 479 17.37 -68.00 22.34
N VAL L 480 17.35 -68.59 23.54
CA VAL L 480 18.11 -68.09 24.69
C VAL L 480 19.37 -68.92 24.82
N GLU L 481 20.53 -68.28 24.71
CA GLU L 481 21.79 -69.01 24.66
C GLU L 481 22.86 -68.36 25.52
N ASP L 482 23.88 -69.15 25.83
CA ASP L 482 25.08 -68.69 26.53
C ASP L 482 25.84 -67.75 25.60
N MET L 483 25.99 -66.49 26.01
CA MET L 483 26.58 -65.49 25.13
C MET L 483 28.11 -65.46 25.19
N CYS L 484 28.71 -66.29 26.05
CA CYS L 484 30.17 -66.43 26.04
C CYS L 484 30.60 -67.56 25.12
N GLU L 485 29.86 -68.68 25.14
CA GLU L 485 30.09 -69.76 24.17
C GLU L 485 29.81 -69.27 22.75
N ASN L 486 28.89 -68.33 22.61
CA ASN L 486 28.56 -67.72 21.32
C ASN L 486 29.62 -66.72 20.87
N GLY L 487 30.47 -66.25 21.78
CA GLY L 487 31.49 -65.27 21.47
C GLY L 487 31.04 -63.83 21.37
N VAL L 488 29.97 -63.45 22.04
CA VAL L 488 29.49 -62.07 22.04
C VAL L 488 29.96 -61.42 23.34
N VAL L 489 31.04 -60.65 23.25
CA VAL L 489 31.78 -60.15 24.41
C VAL L 489 31.98 -58.64 24.28
N GLU L 490 31.98 -57.95 25.43
CA GLU L 490 32.17 -56.51 25.44
C GLU L 490 33.13 -56.15 26.57
N PRO L 491 33.75 -54.97 26.50
CA PRO L 491 34.63 -54.55 27.61
C PRO L 491 33.84 -53.91 28.74
N LEU L 492 34.30 -54.14 29.97
CA LEU L 492 33.55 -53.75 31.16
C LEU L 492 33.30 -52.24 31.20
N ARG L 493 34.23 -51.46 30.66
CA ARG L 493 34.15 -50.00 30.73
C ARG L 493 32.94 -49.45 29.96
N VAL L 494 32.32 -50.27 29.11
CA VAL L 494 31.17 -49.81 28.33
C VAL L 494 29.91 -49.75 29.18
N LYS L 495 29.80 -50.63 30.18
CA LYS L 495 28.62 -50.64 31.04
C LYS L 495 28.69 -49.60 32.15
N THR L 496 29.79 -49.61 32.91
CA THR L 496 29.97 -48.69 34.03
C THR L 496 29.79 -47.24 33.60
N GLN L 497 30.51 -46.83 32.55
CA GLN L 497 30.38 -45.48 32.02
C GLN L 497 28.96 -45.16 31.60
N ALA L 498 28.28 -46.10 30.94
CA ALA L 498 26.93 -45.87 30.46
C ALA L 498 25.98 -45.56 31.61
N ILE L 499 25.95 -46.45 32.60
CA ILE L 499 25.07 -46.28 33.76
C ILE L 499 25.43 -45.01 34.51
N GLN L 500 26.73 -44.71 34.61
CA GLN L 500 27.21 -43.58 35.39
C GLN L 500 26.73 -42.27 34.77
N SER L 501 26.99 -42.10 33.47
CA SER L 501 26.48 -40.96 32.70
C SER L 501 24.97 -40.83 32.83
N ALA L 502 24.22 -41.93 32.64
CA ALA L 502 22.77 -41.83 32.55
C ALA L 502 22.15 -41.44 33.89
N ALA L 503 22.65 -42.02 34.99
CA ALA L 503 22.13 -41.64 36.30
C ALA L 503 22.43 -40.17 36.61
N GLU L 504 23.68 -39.75 36.38
CA GLU L 504 24.06 -38.38 36.71
C GLU L 504 23.29 -37.36 35.87
N SER L 505 22.94 -37.71 34.64
CA SER L 505 22.20 -36.76 33.81
C SER L 505 20.69 -36.83 34.07
N THR L 506 20.17 -37.93 34.62
CA THR L 506 18.74 -37.96 34.90
C THR L 506 18.41 -37.18 36.19
N GLU L 507 19.36 -37.16 37.12
CA GLU L 507 19.10 -36.55 38.42
C GLU L 507 18.94 -35.04 38.29
N MET L 508 19.61 -34.44 37.30
CA MET L 508 19.49 -33.00 37.10
C MET L 508 18.09 -32.61 36.65
N LEU L 509 17.51 -33.37 35.72
CA LEU L 509 16.14 -33.10 35.29
C LEU L 509 15.13 -33.45 36.37
N LEU L 510 15.47 -34.34 37.29
CA LEU L 510 14.57 -34.61 38.40
C LEU L 510 14.65 -33.52 39.48
N ARG L 511 15.77 -32.80 39.57
CA ARG L 511 15.92 -31.80 40.62
C ARG L 511 15.42 -30.41 40.21
N ILE L 512 15.00 -30.24 38.95
CA ILE L 512 14.54 -28.93 38.48
C ILE L 512 13.03 -28.81 38.70
N ASP L 513 12.56 -27.61 39.04
CA ASP L 513 11.12 -27.36 39.05
C ASP L 513 10.68 -26.07 38.37
N ASP L 514 11.57 -25.29 37.76
CA ASP L 514 11.13 -24.07 37.09
C ASP L 514 11.97 -23.82 35.85
N VAL L 515 11.39 -23.08 34.92
CA VAL L 515 12.07 -22.65 33.69
C VAL L 515 11.81 -21.17 33.50
N ILE L 516 12.89 -20.37 33.48
CA ILE L 516 12.80 -18.92 33.39
C ILE L 516 13.81 -18.40 32.37
N ALA L 517 13.63 -17.15 31.94
CA ALA L 517 14.38 -16.62 30.80
C ALA L 517 15.62 -15.83 31.23
N ALA L 518 16.68 -15.91 30.43
CA ALA L 518 17.99 -15.36 30.77
C ALA L 518 18.43 -14.26 29.81
N GLU L 519 19.25 -13.36 30.35
CA GLU L 519 19.58 -12.08 29.74
C GLU L 519 21.00 -12.11 29.17
N LYS L 520 21.15 -12.78 28.02
CA LYS L 520 22.45 -13.01 27.38
C LYS L 520 23.42 -13.62 28.38
N LEU L 521 23.28 -14.94 28.55
CA LEU L 521 23.90 -15.66 29.64
C LEU L 521 25.42 -15.62 29.58
N ARG L 522 26.00 -16.05 28.46
CA ARG L 522 27.45 -16.09 28.32
C ARG L 522 27.88 -15.96 26.87
N GLU M 10 -6.17 -8.43 34.24
CA GLU M 10 -6.72 -7.22 34.86
C GLU M 10 -7.39 -6.19 33.89
N ASN M 11 -7.10 -4.90 34.07
CA ASN M 11 -7.72 -3.81 33.31
C ASN M 11 -6.93 -2.51 33.48
N MET M 12 -7.01 -1.62 32.47
CA MET M 12 -6.41 -0.29 32.56
C MET M 12 -6.75 0.44 33.87
N LYS M 13 -8.02 0.54 34.21
CA LYS M 13 -8.54 1.44 35.24
C LYS M 13 -8.32 0.95 36.66
N ARG M 14 -7.17 0.33 36.93
CA ARG M 14 -6.74 -0.18 38.23
C ARG M 14 -5.35 0.31 38.61
N TYR M 15 -4.75 1.14 37.74
CA TYR M 15 -3.41 1.68 37.96
C TYR M 15 -3.47 2.70 39.09
N MET M 16 -4.65 3.26 39.29
CA MET M 16 -4.90 4.29 40.31
C MET M 16 -4.84 3.72 41.72
N GLY M 17 -5.14 2.42 41.88
CA GLY M 17 -5.56 1.87 43.16
C GLY M 17 -4.47 1.49 44.14
N ARG M 18 -3.20 1.78 43.87
CA ARG M 18 -2.15 1.50 44.84
C ARG M 18 -1.08 2.58 44.79
N ASP M 19 -0.47 2.90 45.93
CA ASP M 19 0.55 3.94 45.92
C ASP M 19 1.84 3.46 45.27
N ALA M 20 2.78 4.40 45.09
CA ALA M 20 4.12 4.08 44.62
C ALA M 20 4.84 3.15 45.59
N GLN M 21 4.56 3.30 46.89
CA GLN M 21 5.18 2.43 47.87
C GLN M 21 4.64 1.02 47.77
N ARG M 22 3.33 0.88 47.53
CA ARG M 22 2.75 -0.44 47.27
C ARG M 22 3.34 -1.04 45.99
N MET M 23 3.43 -0.24 44.93
CA MET M 23 4.14 -0.61 43.70
C MET M 23 5.50 -1.23 44.01
N ASN M 24 6.35 -0.48 44.71
CA ASN M 24 7.72 -0.91 44.98
C ASN M 24 7.76 -2.14 45.89
N ILE M 25 6.91 -2.17 46.93
CA ILE M 25 6.90 -3.31 47.84
C ILE M 25 6.51 -4.59 47.12
N LEU M 26 5.54 -4.50 46.21
CA LEU M 26 5.11 -5.67 45.44
C LEU M 26 6.18 -6.11 44.45
N ALA M 27 6.73 -5.16 43.69
CA ALA M 27 7.83 -5.46 42.78
C ALA M 27 9.00 -6.10 43.51
N GLY M 28 9.20 -5.75 44.78
CA GLY M 28 10.24 -6.38 45.56
C GLY M 28 9.88 -7.78 46.03
N ARG M 29 8.67 -7.93 46.58
CA ARG M 29 8.22 -9.24 47.04
C ARG M 29 8.32 -10.28 45.94
N ILE M 30 8.13 -9.86 44.68
CA ILE M 30 8.19 -10.81 43.57
C ILE M 30 9.55 -11.51 43.49
N ILE M 31 10.63 -10.74 43.69
CA ILE M 31 11.97 -11.31 43.59
C ILE M 31 12.21 -12.34 44.69
N ALA M 32 11.85 -12.00 45.92
CA ALA M 32 12.02 -12.94 47.02
C ALA M 32 11.17 -14.18 46.82
N GLU M 33 9.98 -14.03 46.25
CA GLU M 33 9.15 -15.19 45.93
C GLU M 33 9.78 -16.06 44.85
N THR M 34 10.57 -15.47 43.96
CA THR M 34 11.20 -16.25 42.90
C THR M 34 12.20 -17.27 43.47
N VAL M 35 13.05 -16.84 44.40
CA VAL M 35 14.19 -17.66 44.83
C VAL M 35 13.91 -18.52 46.06
N ARG M 36 12.74 -18.39 46.68
CA ARG M 36 12.53 -18.89 48.03
C ARG M 36 12.55 -20.42 48.10
N SER M 37 11.99 -21.09 47.09
CA SER M 37 11.93 -22.55 47.01
C SER M 37 13.29 -23.19 46.78
N THR M 38 14.35 -22.42 46.57
CA THR M 38 15.69 -22.98 46.46
C THR M 38 16.33 -23.21 47.83
N LEU M 39 15.65 -22.84 48.91
CA LEU M 39 16.29 -22.75 50.21
C LEU M 39 16.28 -24.08 50.94
N GLY M 40 17.39 -24.39 51.62
CA GLY M 40 17.44 -25.51 52.52
C GLY M 40 17.78 -26.83 51.84
N PRO M 41 17.98 -27.88 52.64
CA PRO M 41 18.46 -29.15 52.09
C PRO M 41 17.53 -29.77 51.05
N LYS M 42 16.22 -29.60 51.21
CA LYS M 42 15.21 -30.06 50.27
C LYS M 42 14.92 -29.05 49.18
N GLY M 43 15.83 -28.09 48.96
CA GLY M 43 15.63 -27.10 47.92
C GLY M 43 15.76 -27.67 46.52
N MET M 44 15.18 -26.93 45.56
CA MET M 44 15.08 -27.40 44.19
C MET M 44 15.75 -26.40 43.23
N ASP M 45 16.09 -26.89 42.04
CA ASP M 45 16.87 -26.11 41.09
C ASP M 45 15.98 -25.35 40.10
N LYS M 46 16.55 -24.30 39.53
CA LYS M 46 15.91 -23.50 38.48
C LYS M 46 16.63 -23.72 37.15
N MET M 47 15.89 -23.66 36.05
CA MET M 47 16.48 -23.72 34.72
C MET M 47 16.41 -22.34 34.06
N LEU M 48 17.56 -21.86 33.60
CA LEU M 48 17.67 -20.56 32.94
C LEU M 48 17.94 -20.76 31.46
N VAL M 49 17.19 -20.06 30.62
CA VAL M 49 17.28 -20.24 29.16
C VAL M 49 17.49 -18.87 28.51
N ASP M 50 18.41 -18.84 27.54
CA ASP M 50 18.82 -17.63 26.83
C ASP M 50 17.89 -17.33 25.68
N ASP M 51 18.10 -16.15 25.07
CA ASP M 51 17.58 -15.89 23.74
C ASP M 51 18.27 -16.77 22.70
N LEU M 52 19.57 -16.99 22.85
CA LEU M 52 20.34 -17.70 21.84
C LEU M 52 20.28 -19.22 21.99
N GLY M 53 19.76 -19.72 23.10
CA GLY M 53 19.66 -21.15 23.34
C GLY M 53 20.61 -21.72 24.36
N ASP M 54 21.49 -20.90 24.95
CA ASP M 54 22.30 -21.37 26.08
C ASP M 54 21.40 -21.70 27.27
N VAL M 55 21.86 -22.65 28.10
CA VAL M 55 21.08 -23.16 29.21
C VAL M 55 21.96 -23.25 30.45
N VAL M 56 21.40 -22.89 31.61
CA VAL M 56 22.06 -23.03 32.91
C VAL M 56 21.11 -23.69 33.88
N VAL M 57 21.62 -24.64 34.67
CA VAL M 57 20.83 -25.29 35.72
C VAL M 57 21.56 -25.12 37.06
N THR M 58 20.88 -24.51 38.02
CA THR M 58 21.48 -24.23 39.32
C THR M 58 20.38 -23.91 40.34
N ASN M 59 20.74 -24.03 41.62
CA ASN M 59 19.93 -23.42 42.68
C ASN M 59 20.68 -22.35 43.45
N ASP M 60 21.83 -21.90 42.95
CA ASP M 60 22.56 -20.80 43.55
C ASP M 60 21.75 -19.52 43.35
N GLY M 61 21.46 -18.81 44.44
CA GLY M 61 20.52 -17.71 44.38
C GLY M 61 21.02 -16.51 43.61
N VAL M 62 22.22 -16.03 43.96
CA VAL M 62 22.74 -14.82 43.33
C VAL M 62 22.92 -15.05 41.83
N THR M 63 23.11 -16.31 41.41
CA THR M 63 23.23 -16.59 39.98
C THR M 63 21.88 -16.45 39.29
N ILE M 64 20.81 -16.95 39.92
CA ILE M 64 19.47 -16.77 39.38
C ILE M 64 19.14 -15.29 39.25
N LEU M 65 19.40 -14.53 40.32
CA LEU M 65 19.13 -13.09 40.34
C LEU M 65 20.04 -12.33 39.37
N ARG M 66 21.21 -12.88 39.05
CA ARG M 66 22.11 -12.20 38.13
C ARG M 66 21.79 -12.47 36.67
N GLU M 67 21.23 -13.63 36.37
CA GLU M 67 20.94 -13.99 34.99
C GLU M 67 19.51 -13.71 34.56
N MET M 68 18.66 -13.26 35.48
CA MET M 68 17.25 -13.11 35.17
C MET M 68 17.02 -11.83 34.36
N SER M 69 16.02 -11.85 33.49
CA SER M 69 15.58 -10.62 32.85
C SER M 69 14.68 -9.89 33.82
N VAL M 70 15.21 -8.84 34.45
CA VAL M 70 14.51 -8.11 35.50
C VAL M 70 14.47 -6.63 35.11
N GLU M 71 13.28 -6.02 35.15
CA GLU M 71 13.09 -4.72 34.53
C GLU M 71 12.57 -3.63 35.47
N HIS M 72 11.94 -3.98 36.59
CA HIS M 72 11.43 -2.94 37.46
C HIS M 72 12.54 -2.43 38.39
N PRO M 73 12.61 -1.12 38.66
CA PRO M 73 13.73 -0.58 39.43
C PRO M 73 13.91 -1.18 40.82
N ALA M 74 12.81 -1.42 41.55
CA ALA M 74 12.94 -1.92 42.91
C ALA M 74 13.45 -3.35 42.94
N ALA M 75 13.04 -4.16 41.97
CA ALA M 75 13.56 -5.51 41.86
C ALA M 75 15.05 -5.48 41.53
N LYS M 76 15.46 -4.51 40.70
CA LYS M 76 16.87 -4.28 40.44
C LYS M 76 17.61 -3.89 41.71
N MET M 77 16.94 -3.17 42.61
CA MET M 77 17.53 -2.80 43.89
C MET M 77 17.65 -3.97 44.85
N LEU M 78 16.82 -5.00 44.71
CA LEU M 78 16.94 -6.17 45.58
C LEU M 78 18.05 -7.12 45.13
N ILE M 79 18.38 -7.13 43.84
CA ILE M 79 19.48 -7.96 43.36
C ILE M 79 20.79 -7.55 44.01
N GLU M 80 20.94 -6.27 44.36
CA GLU M 80 22.18 -5.80 44.98
C GLU M 80 22.34 -6.33 46.41
N VAL M 81 21.27 -6.87 46.99
CA VAL M 81 21.34 -7.50 48.30
C VAL M 81 22.08 -8.84 48.23
N ALA M 82 21.94 -9.55 47.10
CA ALA M 82 22.63 -10.82 46.91
C ALA M 82 24.10 -10.62 46.58
N LYS M 83 24.40 -9.69 45.66
CA LYS M 83 25.77 -9.51 45.18
C LYS M 83 26.73 -9.14 46.31
N THR M 84 26.27 -8.39 47.30
CA THR M 84 27.17 -7.97 48.38
C THR M 84 27.48 -9.15 49.29
N GLN M 85 26.50 -10.02 49.52
CA GLN M 85 26.73 -11.26 50.24
C GLN M 85 27.66 -12.18 49.47
N GLU M 86 27.54 -12.18 48.13
CA GLU M 86 28.46 -12.93 47.28
C GLU M 86 29.89 -12.43 47.45
N LYS M 87 30.05 -11.11 47.43
CA LYS M 87 31.35 -10.46 47.35
C LYS M 87 32.07 -10.51 48.69
N GLU M 88 31.38 -10.17 49.77
CA GLU M 88 32.01 -9.97 51.07
C GLU M 88 32.11 -11.24 51.90
N VAL M 89 31.26 -12.24 51.64
CA VAL M 89 31.19 -13.44 52.45
C VAL M 89 31.39 -14.63 51.51
N GLY M 90 30.47 -14.78 50.57
CA GLY M 90 30.52 -15.86 49.61
C GLY M 90 29.35 -16.81 49.68
N ASP M 91 28.86 -17.11 50.88
CA ASP M 91 27.68 -17.93 51.05
C ASP M 91 26.60 -17.08 51.72
N GLY M 92 25.36 -17.55 51.67
CA GLY M 92 24.24 -16.87 52.28
C GLY M 92 23.43 -15.96 51.38
N THR M 93 23.55 -16.11 50.06
CA THR M 93 22.88 -15.18 49.16
C THR M 93 21.39 -15.44 49.00
N THR M 94 20.83 -16.47 49.64
CA THR M 94 19.40 -16.68 49.58
C THR M 94 18.69 -16.25 50.86
N THR M 95 19.35 -16.40 52.00
CA THR M 95 18.80 -15.93 53.27
C THR M 95 18.58 -14.42 53.23
N ALA M 96 19.57 -13.69 52.70
CA ALA M 96 19.47 -12.24 52.60
C ALA M 96 18.23 -11.81 51.83
N VAL M 97 17.98 -12.41 50.66
CA VAL M 97 16.91 -11.87 49.84
C VAL M 97 15.54 -12.26 50.41
N VAL M 98 15.45 -13.46 50.99
CA VAL M 98 14.18 -13.89 51.57
C VAL M 98 13.84 -13.05 52.79
N VAL M 99 14.84 -12.75 53.62
CA VAL M 99 14.60 -11.89 54.77
C VAL M 99 14.25 -10.47 54.33
N ALA M 100 14.90 -9.97 53.28
CA ALA M 100 14.57 -8.66 52.75
C ALA M 100 13.11 -8.57 52.30
N GLY M 101 12.67 -9.55 51.51
CA GLY M 101 11.28 -9.51 51.05
C GLY M 101 10.28 -9.71 52.17
N GLU M 102 10.63 -10.50 53.18
CA GLU M 102 9.72 -10.64 54.32
C GLU M 102 9.63 -9.33 55.09
N LEU M 103 10.73 -8.58 55.14
CA LEU M 103 10.71 -7.26 55.75
C LEU M 103 9.83 -6.29 54.96
N LEU M 104 9.94 -6.33 53.63
CA LEU M 104 9.04 -5.54 52.78
C LEU M 104 7.57 -5.86 53.08
N ARG M 105 7.24 -7.15 53.16
CA ARG M 105 5.86 -7.59 53.27
C ARG M 105 5.31 -7.32 54.67
N LYS M 106 6.17 -7.43 55.69
CA LYS M 106 5.79 -7.02 57.04
C LYS M 106 5.56 -5.51 57.10
N ALA M 107 6.39 -4.73 56.41
CA ALA M 107 6.19 -3.29 56.39
C ALA M 107 4.86 -2.95 55.73
N GLU M 108 4.46 -3.75 54.74
CA GLU M 108 3.19 -3.52 54.05
C GLU M 108 2.01 -3.71 55.00
N GLU M 109 2.17 -4.53 56.05
CA GLU M 109 1.08 -4.79 56.98
C GLU M 109 0.88 -3.64 57.95
N LEU M 110 1.88 -2.75 58.07
CA LEU M 110 1.74 -1.60 58.97
C LEU M 110 1.33 -0.33 58.24
N LEU M 111 1.64 -0.22 56.94
CA LEU M 111 1.23 0.97 56.19
C LEU M 111 -0.26 0.95 55.88
N ASP M 112 -0.85 -0.25 55.81
CA ASP M 112 -2.31 -0.32 55.67
C ASP M 112 -3.04 -0.06 56.98
N GLN M 113 -2.32 0.18 58.08
CA GLN M 113 -2.88 0.74 59.30
C GLN M 113 -2.54 2.22 59.45
N ASN M 114 -1.93 2.80 58.42
CA ASN M 114 -1.61 4.24 58.33
C ASN M 114 -0.49 4.66 59.27
N VAL M 115 0.54 3.81 59.44
CA VAL M 115 1.74 4.20 60.17
C VAL M 115 2.71 4.93 59.23
N HIS M 116 3.25 6.05 59.69
CA HIS M 116 4.13 6.85 58.84
C HIS M 116 5.38 6.06 58.46
N PRO M 117 5.80 6.13 57.20
CA PRO M 117 7.04 5.43 56.79
C PRO M 117 8.27 5.75 57.61
N THR M 118 8.49 7.01 57.98
CA THR M 118 9.66 7.33 58.79
C THR M 118 9.62 6.64 60.15
N ILE M 119 8.43 6.43 60.70
CA ILE M 119 8.31 5.71 61.97
C ILE M 119 8.75 4.26 61.79
N VAL M 120 8.35 3.64 60.69
CA VAL M 120 8.77 2.28 60.39
C VAL M 120 10.29 2.20 60.27
N VAL M 121 10.87 3.16 59.53
CA VAL M 121 12.30 3.14 59.27
C VAL M 121 13.09 3.33 60.56
N LYS M 122 12.67 4.28 61.39
CA LYS M 122 13.31 4.48 62.69
C LYS M 122 13.12 3.30 63.64
N GLY M 123 12.06 2.50 63.48
CA GLY M 123 11.99 1.27 64.26
C GLY M 123 12.92 0.18 63.77
N TYR M 124 12.90 -0.09 62.46
CA TYR M 124 13.80 -1.09 61.89
C TYR M 124 15.25 -0.79 62.26
N GLN M 125 15.62 0.49 62.22
CA GLN M 125 16.98 0.89 62.56
C GLN M 125 17.34 0.50 63.98
N ALA M 126 16.43 0.73 64.93
CA ALA M 126 16.69 0.36 66.33
C ALA M 126 16.72 -1.15 66.52
N ALA M 127 16.04 -1.90 65.66
CA ALA M 127 16.02 -3.35 65.78
C ALA M 127 17.31 -3.98 65.24
N ALA M 128 17.85 -3.45 64.15
CA ALA M 128 18.99 -4.09 63.51
C ALA M 128 20.26 -3.97 64.34
N GLN M 129 20.48 -2.82 64.98
CA GLN M 129 21.63 -2.69 65.88
C GLN M 129 21.53 -3.67 67.06
N LYS M 130 20.30 -3.87 67.54
CA LYS M 130 20.07 -4.83 68.61
C LYS M 130 20.35 -6.26 68.12
N ALA M 131 20.00 -6.56 66.87
CA ALA M 131 20.32 -7.86 66.31
C ALA M 131 21.82 -8.05 66.16
N GLN M 132 22.56 -6.96 65.93
CA GLN M 132 24.01 -7.04 65.89
C GLN M 132 24.58 -7.38 67.27
N GLU M 133 24.11 -6.68 68.32
CA GLU M 133 24.53 -7.00 69.68
C GLU M 133 24.25 -8.47 70.01
N LEU M 134 23.02 -8.92 69.72
CA LEU M 134 22.61 -10.27 70.03
C LEU M 134 23.44 -11.31 69.28
N LEU M 135 23.65 -11.09 67.98
CA LEU M 135 24.49 -12.01 67.20
C LEU M 135 25.92 -12.04 67.71
N LYS M 136 26.43 -10.91 68.21
CA LYS M 136 27.79 -10.88 68.73
C LYS M 136 27.90 -11.58 70.08
N THR M 137 26.77 -11.81 70.77
CA THR M 137 26.83 -12.46 72.07
C THR M 137 26.27 -13.89 72.12
N ILE M 138 25.51 -14.34 71.12
CA ILE M 138 24.98 -15.71 71.11
C ILE M 138 25.85 -16.69 70.32
N ALA M 139 27.01 -16.25 69.82
CA ALA M 139 27.86 -17.09 68.99
C ALA M 139 28.80 -17.93 69.84
N CYS M 140 29.41 -18.94 69.22
CA CYS M 140 30.37 -19.81 69.89
C CYS M 140 31.77 -19.56 69.35
N GLU M 141 32.76 -19.58 70.24
CA GLU M 141 34.11 -19.14 69.92
C GLU M 141 35.05 -20.35 69.76
N VAL M 142 35.66 -20.46 68.60
CA VAL M 142 36.46 -21.63 68.23
C VAL M 142 37.77 -21.19 67.61
N GLY M 143 38.82 -22.00 67.79
CA GLY M 143 40.13 -21.65 67.27
C GLY M 143 40.29 -22.03 65.80
N ALA M 144 41.13 -21.25 65.10
CA ALA M 144 41.23 -21.36 63.65
C ALA M 144 42.04 -22.59 63.22
N GLN M 145 42.75 -23.22 64.16
CA GLN M 145 43.52 -24.42 63.89
C GLN M 145 42.66 -25.70 63.93
N ASP M 146 41.36 -25.57 64.19
CA ASP M 146 40.50 -26.71 64.54
C ASP M 146 39.84 -27.24 63.27
N LYS M 147 40.51 -28.20 62.63
CA LYS M 147 40.15 -28.63 61.28
C LYS M 147 38.84 -29.40 61.24
N GLU M 148 38.47 -30.03 62.36
CA GLU M 148 37.26 -30.83 62.43
C GLU M 148 36.00 -29.99 62.20
N ILE M 149 35.85 -28.91 62.98
CA ILE M 149 34.70 -28.05 62.81
C ILE M 149 34.74 -27.38 61.43
N LEU M 150 35.93 -27.17 60.88
CA LEU M 150 36.02 -26.67 59.51
C LEU M 150 35.42 -27.66 58.51
N THR M 151 35.72 -28.95 58.68
CA THR M 151 35.10 -29.99 57.86
C THR M 151 33.59 -29.95 57.97
N LYS M 152 33.09 -29.86 59.21
CA LYS M 152 31.65 -29.87 59.46
C LYS M 152 30.97 -28.67 58.80
N ILE M 153 31.62 -27.50 58.86
CA ILE M 153 31.07 -26.31 58.22
C ILE M 153 31.07 -26.46 56.69
N ALA M 154 32.12 -27.04 56.14
CA ALA M 154 32.21 -27.26 54.70
C ALA M 154 31.09 -28.18 54.21
N MET M 155 30.90 -29.29 54.91
CA MET M 155 29.80 -30.20 54.61
C MET M 155 28.45 -29.49 54.70
N THR M 156 28.27 -28.64 55.71
CA THR M 156 27.05 -27.86 55.84
C THR M 156 26.87 -26.92 54.64
N SER M 157 27.97 -26.50 54.02
CA SER M 157 27.87 -25.60 52.89
C SER M 157 27.46 -26.35 51.62
N ILE M 158 27.83 -27.62 51.53
CA ILE M 158 27.58 -28.43 50.33
C ILE M 158 26.20 -29.08 50.35
N THR M 159 25.60 -29.23 51.54
CA THR M 159 24.30 -29.88 51.69
C THR M 159 23.18 -29.13 50.95
N GLY M 160 22.34 -29.88 50.23
CA GLY M 160 21.24 -29.28 49.50
C GLY M 160 21.53 -28.85 48.08
N LYS M 161 22.67 -29.24 47.50
CA LYS M 161 23.09 -28.70 46.22
C LYS M 161 23.21 -29.74 45.11
N GLY M 162 22.63 -30.93 45.29
CA GLY M 162 22.71 -31.94 44.25
C GLY M 162 24.03 -32.69 44.19
N ALA M 163 25.13 -31.98 44.44
CA ALA M 163 26.43 -32.61 44.61
C ALA M 163 26.66 -33.01 46.07
N GLU M 164 25.63 -33.63 46.70
CA GLU M 164 25.76 -34.08 48.08
C GLU M 164 26.53 -35.38 48.19
N LYS M 165 26.56 -36.15 47.11
CA LYS M 165 27.02 -37.53 47.21
C LYS M 165 28.53 -37.58 47.46
N ALA M 166 29.24 -36.51 47.14
CA ALA M 166 30.67 -36.41 47.32
C ALA M 166 31.09 -35.49 48.46
N LYS M 167 30.17 -35.02 49.31
CA LYS M 167 30.52 -33.94 50.24
C LYS M 167 31.57 -34.38 51.25
N GLU M 168 31.57 -35.66 51.64
CA GLU M 168 32.50 -36.13 52.66
C GLU M 168 33.91 -36.35 52.10
N LYS M 169 34.10 -36.15 50.80
CA LYS M 169 35.44 -36.06 50.19
C LYS M 169 35.81 -34.62 49.86
N LEU M 170 34.84 -33.89 49.30
CA LEU M 170 35.05 -32.49 48.96
C LEU M 170 35.44 -31.68 50.19
N ALA M 171 34.89 -32.05 51.35
CA ALA M 171 35.21 -31.36 52.59
C ALA M 171 36.70 -31.45 52.92
N GLU M 172 37.27 -32.66 52.88
CA GLU M 172 38.69 -32.80 53.15
C GLU M 172 39.53 -32.04 52.13
N ILE M 173 39.17 -32.18 50.85
CA ILE M 173 39.91 -31.52 49.78
C ILE M 173 39.95 -30.01 50.02
N ILE M 174 38.78 -29.42 50.29
CA ILE M 174 38.66 -27.98 50.44
C ILE M 174 39.36 -27.50 51.71
N VAL M 175 39.27 -28.27 52.80
CA VAL M 175 39.91 -27.86 54.04
C VAL M 175 41.41 -27.78 53.86
N GLU M 176 42.02 -28.80 53.24
CA GLU M 176 43.46 -28.71 52.98
C GLU M 176 43.78 -27.57 52.01
N ALA M 177 42.98 -27.43 50.94
CA ALA M 177 43.22 -26.43 49.92
C ALA M 177 43.25 -25.02 50.51
N VAL M 178 42.31 -24.74 51.42
CA VAL M 178 42.22 -23.42 52.04
C VAL M 178 43.30 -23.26 53.10
N SER M 179 43.61 -24.34 53.83
CA SER M 179 44.60 -24.24 54.90
C SER M 179 45.99 -23.95 54.34
N ALA M 180 46.20 -24.29 53.07
CA ALA M 180 47.48 -24.03 52.42
C ALA M 180 47.73 -22.54 52.24
N VAL M 181 46.67 -21.81 51.86
CA VAL M 181 46.78 -20.44 51.38
C VAL M 181 46.54 -19.41 52.47
N VAL M 182 46.43 -19.86 53.72
CA VAL M 182 46.35 -18.94 54.86
C VAL M 182 47.70 -18.24 54.99
N ASP M 183 47.70 -16.91 54.81
CA ASP M 183 48.95 -16.17 54.65
C ASP M 183 49.61 -15.91 56.00
N ASP M 184 50.83 -15.37 55.95
CA ASP M 184 51.60 -15.18 57.17
C ASP M 184 50.96 -14.19 58.13
N GLU M 185 49.92 -13.48 57.70
CA GLU M 185 49.15 -12.63 58.59
C GLU M 185 47.81 -13.23 59.00
N GLY M 186 47.55 -14.49 58.67
CA GLY M 186 46.33 -15.17 59.08
C GLY M 186 45.07 -14.82 58.34
N LYS M 187 45.16 -14.55 57.04
CA LYS M 187 44.02 -14.15 56.22
C LYS M 187 43.97 -15.00 54.97
N VAL M 188 42.76 -15.28 54.50
CA VAL M 188 42.54 -16.17 53.37
C VAL M 188 42.20 -15.33 52.14
N ASP M 189 42.95 -15.54 51.07
CA ASP M 189 42.67 -14.92 49.78
C ASP M 189 42.18 -16.00 48.82
N LYS M 190 41.02 -15.74 48.20
CA LYS M 190 40.33 -16.78 47.43
C LYS M 190 41.01 -17.04 46.10
N ASP M 191 41.62 -16.01 45.50
CA ASP M 191 42.24 -16.15 44.19
C ASP M 191 43.56 -16.92 44.25
N LEU M 192 44.07 -17.22 45.45
CA LEU M 192 45.25 -18.07 45.55
C LEU M 192 44.94 -19.56 45.38
N ILE M 193 43.66 -19.90 45.18
CA ILE M 193 43.24 -21.26 44.89
C ILE M 193 42.70 -21.29 43.46
N LYS M 194 43.25 -22.19 42.65
CA LYS M 194 42.90 -22.28 41.24
C LYS M 194 41.94 -23.44 41.05
N ILE M 195 40.81 -23.16 40.40
CA ILE M 195 39.74 -24.14 40.25
C ILE M 195 39.65 -24.51 38.78
N GLU M 196 39.83 -25.78 38.46
CA GLU M 196 39.87 -26.24 37.08
C GLU M 196 38.83 -27.33 36.84
N LYS M 197 38.26 -27.31 35.64
CA LYS M 197 37.00 -27.98 35.33
C LYS M 197 37.15 -28.89 34.11
N LYS M 198 37.66 -30.09 34.31
CA LYS M 198 37.98 -31.01 33.22
C LYS M 198 37.04 -32.20 33.27
N SER M 199 36.29 -32.42 32.19
CA SER M 199 35.21 -33.40 32.18
C SER M 199 35.78 -34.82 32.08
N GLY M 200 34.87 -35.79 32.00
CA GLY M 200 35.23 -37.19 32.07
C GLY M 200 35.29 -37.69 33.50
N ALA M 201 35.22 -39.01 33.65
CA ALA M 201 35.11 -39.66 34.96
C ALA M 201 33.91 -39.17 35.78
N SER M 202 33.83 -39.58 37.04
CA SER M 202 32.73 -39.23 37.93
C SER M 202 33.19 -38.26 39.02
N ILE M 203 32.19 -37.59 39.62
CA ILE M 203 32.42 -36.51 40.57
C ILE M 203 33.34 -36.96 41.71
N ASP M 204 33.39 -38.25 41.98
CA ASP M 204 34.23 -38.78 43.05
C ASP M 204 35.68 -38.91 42.61
N ASP M 205 36.00 -38.70 41.33
CA ASP M 205 37.37 -38.68 40.84
C ASP M 205 38.02 -37.30 40.93
N THR M 206 37.34 -36.33 41.57
CA THR M 206 37.97 -35.04 41.83
C THR M 206 39.16 -35.19 42.78
N GLU M 207 40.20 -34.38 42.56
CA GLU M 207 41.43 -34.50 43.32
C GLU M 207 42.09 -33.13 43.50
N LEU M 208 43.07 -33.10 44.39
CA LEU M 208 43.79 -31.88 44.75
C LEU M 208 45.24 -31.97 44.30
N ILE M 209 45.73 -30.93 43.64
CA ILE M 209 47.11 -30.85 43.19
C ILE M 209 47.86 -29.84 44.05
N LYS M 210 48.97 -30.27 44.65
CA LYS M 210 49.84 -29.36 45.40
C LYS M 210 50.79 -28.66 44.43
N GLY M 211 50.20 -27.88 43.52
CA GLY M 211 50.98 -27.30 42.45
C GLY M 211 50.07 -26.72 41.38
N VAL M 212 50.48 -26.78 40.11
CA VAL M 212 49.77 -26.08 39.05
C VAL M 212 49.52 -27.01 37.87
N LEU M 213 48.45 -26.68 37.14
CA LEU M 213 48.12 -27.35 35.91
C LEU M 213 48.19 -26.16 34.95
N VAL M 214 48.93 -26.26 33.85
CA VAL M 214 49.14 -25.19 32.89
C VAL M 214 48.54 -25.59 31.56
N ASP M 215 47.85 -24.66 30.89
CA ASP M 215 47.20 -24.92 29.61
C ASP M 215 48.20 -24.77 28.47
N LYS M 216 49.27 -25.59 28.50
CA LYS M 216 50.37 -25.45 27.55
C LYS M 216 50.97 -26.81 27.25
N GLU M 217 51.63 -26.91 26.10
CA GLU M 217 52.48 -28.05 25.78
C GLU M 217 53.85 -27.54 25.35
N ARG M 218 54.87 -28.37 25.57
CA ARG M 218 56.24 -27.92 25.39
C ARG M 218 56.52 -27.62 23.91
N VAL M 219 57.44 -26.70 23.67
CA VAL M 219 57.58 -26.08 22.34
C VAL M 219 58.14 -27.07 21.33
N SER M 220 59.13 -27.88 21.73
CA SER M 220 59.84 -28.77 20.81
C SER M 220 59.74 -30.19 21.33
N ALA M 221 59.37 -31.13 20.46
CA ALA M 221 59.01 -32.47 20.94
C ALA M 221 60.21 -33.33 21.29
N GLN M 222 61.43 -32.88 20.97
CA GLN M 222 62.64 -33.55 21.44
C GLN M 222 62.88 -33.29 22.92
N MET M 223 62.19 -32.29 23.47
CA MET M 223 62.33 -31.88 24.86
C MET M 223 61.77 -32.95 25.80
N PRO M 224 62.49 -33.32 26.86
CA PRO M 224 62.03 -34.41 27.72
C PRO M 224 60.65 -34.15 28.30
N LYS M 225 59.81 -35.18 28.26
CA LYS M 225 58.40 -35.02 28.61
C LYS M 225 58.16 -35.26 30.09
N LYS M 226 59.18 -35.73 30.81
CA LYS M 226 59.11 -35.98 32.25
C LYS M 226 60.41 -35.53 32.90
N VAL M 227 60.31 -34.75 33.97
CA VAL M 227 61.48 -34.27 34.71
C VAL M 227 61.21 -34.40 36.20
N THR M 228 62.22 -34.83 36.95
CA THR M 228 62.15 -34.98 38.39
C THR M 228 63.11 -34.01 39.07
N ASP M 229 62.72 -33.52 40.25
CA ASP M 229 63.42 -32.43 40.94
C ASP M 229 63.80 -31.31 39.97
N ALA M 230 62.77 -30.77 39.31
CA ALA M 230 62.93 -29.70 38.33
C ALA M 230 63.52 -28.43 38.91
N LYS M 231 64.33 -27.75 38.10
CA LYS M 231 64.84 -26.40 38.38
C LYS M 231 64.17 -25.46 37.38
N ILE M 232 63.20 -24.70 37.86
CA ILE M 232 62.27 -24.01 36.97
C ILE M 232 62.66 -22.54 36.87
N ALA M 233 62.79 -22.03 35.65
CA ALA M 233 63.10 -20.64 35.40
C ALA M 233 61.91 -19.95 34.74
N LEU M 234 61.55 -18.77 35.25
CA LEU M 234 60.42 -18.00 34.74
C LEU M 234 60.92 -16.67 34.17
N LEU M 235 60.49 -16.36 32.96
CA LEU M 235 60.91 -15.15 32.25
C LEU M 235 59.72 -14.31 31.81
N ASN M 236 59.86 -12.99 31.92
CA ASN M 236 58.89 -12.04 31.40
C ASN M 236 59.35 -11.47 30.07
N CYS M 237 60.64 -11.56 29.80
CA CYS M 237 61.20 -11.20 28.50
C CYS M 237 61.13 -12.37 27.52
N ALA M 238 60.97 -12.02 26.25
CA ALA M 238 60.94 -12.98 25.15
C ALA M 238 62.35 -13.36 24.71
N ILE M 239 62.54 -14.62 24.35
CA ILE M 239 63.82 -15.08 23.85
C ILE M 239 63.81 -14.88 22.34
N GLU M 240 64.22 -13.69 21.91
CA GLU M 240 64.19 -13.27 20.51
C GLU M 240 65.29 -12.24 20.30
N ILE M 241 65.60 -11.98 19.03
CA ILE M 241 66.64 -11.03 18.71
C ILE M 241 66.14 -9.61 18.98
N LYS M 242 66.90 -8.86 19.78
CA LYS M 242 66.47 -7.53 20.19
C LYS M 242 66.44 -6.58 19.00
N GLU M 243 65.54 -5.60 19.07
CA GLU M 243 65.44 -4.51 18.11
C GLU M 243 65.94 -3.22 18.74
N THR M 244 66.34 -2.26 17.90
CA THR M 244 66.72 -0.95 18.38
C THR M 244 65.53 0.00 18.32
N GLU M 245 65.22 0.62 19.45
CA GLU M 245 64.10 1.56 19.50
C GLU M 245 64.48 2.91 18.90
N THR M 246 65.46 2.93 17.99
CA THR M 246 65.91 4.11 17.27
C THR M 246 65.93 3.92 15.74
N ASP M 247 65.52 2.75 15.24
CA ASP M 247 65.51 2.37 13.83
C ASP M 247 66.87 2.20 13.15
N ALA M 248 67.00 1.17 12.31
CA ALA M 248 68.28 0.64 11.85
C ALA M 248 68.23 0.11 10.43
N GLU M 249 69.39 0.19 9.75
CA GLU M 249 69.66 -0.47 8.46
C GLU M 249 71.11 -0.96 8.48
N ILE M 250 71.36 -2.15 7.94
CA ILE M 250 72.70 -2.75 8.05
C ILE M 250 73.63 -2.45 6.88
N ARG M 251 73.09 -2.20 5.69
CA ARG M 251 73.84 -1.72 4.52
C ARG M 251 75.06 -2.58 4.17
N ILE M 252 74.86 -3.54 3.28
CA ILE M 252 75.87 -4.55 2.99
C ILE M 252 76.62 -4.19 1.71
N THR M 253 77.83 -3.66 1.86
CA THR M 253 78.58 -3.15 0.71
C THR M 253 79.54 -4.21 0.18
N ASP M 254 79.97 -5.14 1.02
CA ASP M 254 80.78 -6.28 0.58
C ASP M 254 79.90 -7.53 0.56
N PRO M 255 79.75 -8.19 -0.58
CA PRO M 255 79.03 -9.48 -0.64
C PRO M 255 79.44 -10.48 0.43
N ALA M 256 80.73 -10.51 0.79
CA ALA M 256 81.22 -11.46 1.79
C ALA M 256 80.58 -11.27 3.17
N LYS M 257 79.80 -10.20 3.37
CA LYS M 257 79.24 -9.91 4.67
C LYS M 257 77.73 -10.19 4.74
N LEU M 258 77.22 -11.07 3.89
CA LEU M 258 75.85 -11.55 4.05
C LEU M 258 75.76 -12.61 5.16
N MET M 259 76.57 -13.66 5.03
CA MET M 259 76.54 -14.74 6.02
C MET M 259 77.03 -14.29 7.39
N GLU M 260 77.93 -13.30 7.43
CA GLU M 260 78.47 -12.84 8.70
C GLU M 260 77.41 -12.15 9.54
N PHE M 261 76.62 -11.25 8.94
CA PHE M 261 75.53 -10.64 9.66
C PHE M 261 74.55 -11.70 10.20
N ILE M 262 74.28 -12.73 9.40
CA ILE M 262 73.29 -13.75 9.76
C ILE M 262 73.82 -14.64 10.89
N GLU M 263 75.10 -15.05 10.81
CA GLU M 263 75.74 -15.81 11.86
C GLU M 263 75.75 -15.04 13.19
N GLN M 264 75.96 -13.71 13.14
CA GLN M 264 75.96 -12.97 14.40
C GLN M 264 74.57 -12.89 15.02
N GLU M 265 73.53 -12.78 14.19
CA GLU M 265 72.20 -12.96 14.79
C GLU M 265 72.00 -14.36 15.38
N GLU M 266 72.52 -15.40 14.74
CA GLU M 266 72.42 -16.74 15.35
C GLU M 266 73.15 -16.81 16.69
N LYS M 267 74.32 -16.17 16.78
CA LYS M 267 75.09 -16.22 18.01
C LYS M 267 74.40 -15.46 19.14
N MET M 268 73.68 -14.39 18.79
CA MET M 268 72.96 -13.64 19.83
C MET M 268 71.82 -14.43 20.47
N LEU M 269 71.38 -15.53 19.83
CA LEU M 269 70.46 -16.45 20.51
C LEU M 269 71.21 -17.56 21.23
N LYS M 270 72.31 -18.02 20.60
CA LYS M 270 73.12 -19.07 21.19
C LYS M 270 73.60 -18.69 22.59
N ASP M 271 73.99 -17.43 22.76
CA ASP M 271 74.50 -16.97 24.05
C ASP M 271 73.40 -16.88 25.10
N MET M 272 72.18 -16.51 24.70
CA MET M 272 71.06 -16.51 25.64
C MET M 272 70.81 -17.90 26.19
N VAL M 273 70.87 -18.91 25.31
CA VAL M 273 70.63 -20.27 25.77
C VAL M 273 71.78 -20.77 26.65
N ALA M 274 73.02 -20.43 26.28
CA ALA M 274 74.15 -20.70 27.16
C ALA M 274 73.94 -20.12 28.55
N GLU M 275 73.46 -18.87 28.63
CA GLU M 275 73.24 -18.21 29.91
C GLU M 275 72.12 -18.87 30.71
N ILE M 276 71.04 -19.27 30.03
CA ILE M 276 69.96 -19.97 30.74
C ILE M 276 70.48 -21.28 31.32
N LYS M 277 71.37 -21.95 30.59
CA LYS M 277 71.93 -23.20 31.09
C LYS M 277 72.85 -22.96 32.29
N ALA M 278 73.66 -21.91 32.23
CA ALA M 278 74.62 -21.64 33.29
C ALA M 278 73.95 -21.28 34.62
N SER M 279 72.70 -20.78 34.58
CA SER M 279 71.98 -20.60 35.84
C SER M 279 71.73 -21.92 36.57
N GLY M 280 71.65 -23.04 35.85
CA GLY M 280 71.32 -24.31 36.46
C GLY M 280 69.95 -24.85 36.10
N ALA M 281 69.21 -24.15 35.23
CA ALA M 281 67.83 -24.50 34.96
C ALA M 281 67.72 -25.76 34.12
N ASN M 282 66.57 -26.44 34.21
CA ASN M 282 66.21 -27.49 33.26
C ASN M 282 64.73 -27.49 32.88
N VAL M 283 63.95 -26.52 33.37
CA VAL M 283 62.59 -26.28 32.93
C VAL M 283 62.39 -24.78 32.81
N LEU M 284 61.67 -24.36 31.76
CA LEU M 284 61.52 -22.96 31.41
C LEU M 284 60.06 -22.61 31.11
N PHE M 285 59.65 -21.41 31.54
CA PHE M 285 58.39 -20.80 31.16
C PHE M 285 58.67 -19.38 30.70
N CYS M 286 58.05 -18.99 29.58
CA CYS M 286 58.18 -17.65 29.03
C CYS M 286 56.79 -17.02 28.87
N GLN M 287 56.61 -15.83 29.44
CA GLN M 287 55.35 -15.10 29.29
C GLN M 287 55.19 -14.50 27.89
N LYS M 288 56.10 -14.81 26.98
CA LYS M 288 56.22 -14.14 25.69
C LYS M 288 56.93 -15.08 24.71
N GLY M 289 57.26 -14.57 23.52
CA GLY M 289 57.67 -15.45 22.45
C GLY M 289 59.05 -16.04 22.61
N ILE M 290 59.22 -17.25 22.07
CA ILE M 290 60.51 -17.89 21.91
C ILE M 290 60.67 -18.22 20.43
N ASP M 291 61.79 -17.81 19.85
CA ASP M 291 62.05 -18.02 18.43
C ASP M 291 62.31 -19.48 18.11
N ASP M 292 62.06 -19.86 16.84
CA ASP M 292 62.20 -21.25 16.43
C ASP M 292 63.65 -21.74 16.42
N LEU M 293 64.63 -20.83 16.38
CA LEU M 293 66.02 -21.25 16.57
C LEU M 293 66.40 -21.37 18.04
N ALA M 294 65.84 -20.49 18.87
CA ALA M 294 66.00 -20.59 20.31
C ALA M 294 65.46 -21.93 20.81
N GLN M 295 64.33 -22.35 20.25
CA GLN M 295 63.73 -23.65 20.53
C GLN M 295 64.68 -24.79 20.20
N HIS M 296 65.41 -24.64 19.10
CA HIS M 296 66.43 -25.62 18.72
C HIS M 296 67.49 -25.72 19.79
N TYR M 297 68.07 -24.58 20.21
CA TYR M 297 69.16 -24.69 21.17
C TYR M 297 68.65 -25.20 22.52
N LEU M 298 67.44 -24.80 22.90
CA LEU M 298 66.81 -25.35 24.11
C LEU M 298 66.62 -26.86 24.04
N ALA M 299 66.13 -27.39 22.91
CA ALA M 299 66.02 -28.84 22.75
C ALA M 299 67.38 -29.52 22.56
N LYS M 300 68.42 -28.74 22.25
CA LYS M 300 69.74 -29.34 22.10
C LYS M 300 70.44 -29.43 23.45
N GLU M 301 70.10 -28.53 24.36
CA GLU M 301 70.65 -28.52 25.70
C GLU M 301 69.86 -29.39 26.67
N GLY M 302 68.75 -29.98 26.22
CA GLY M 302 67.79 -30.66 27.09
C GLY M 302 67.13 -29.82 28.16
N ILE M 303 66.61 -28.65 27.79
CA ILE M 303 65.83 -27.80 28.68
C ILE M 303 64.38 -27.78 28.18
N VAL M 304 63.42 -27.97 29.09
CA VAL M 304 62.01 -28.01 28.72
C VAL M 304 61.45 -26.59 28.80
N ALA M 305 60.74 -26.17 27.75
CA ALA M 305 60.28 -24.80 27.61
C ALA M 305 58.85 -24.70 27.12
N ALA M 306 58.10 -23.77 27.72
CA ALA M 306 56.79 -23.34 27.22
C ALA M 306 56.82 -21.83 27.02
N ARG M 307 55.97 -21.34 26.12
CA ARG M 307 56.01 -19.93 25.71
C ARG M 307 54.63 -19.29 25.77
N ARG M 308 54.63 -17.95 25.76
CA ARG M 308 53.40 -17.15 25.81
C ARG M 308 52.48 -17.56 26.96
N VAL M 309 53.04 -17.83 28.11
CA VAL M 309 52.28 -18.21 29.30
C VAL M 309 51.62 -16.96 29.86
N LYS M 310 50.36 -17.11 30.24
CA LYS M 310 49.59 -15.97 30.71
C LYS M 310 50.01 -15.56 32.13
N LYS M 311 49.77 -14.28 32.43
CA LYS M 311 50.35 -13.63 33.60
C LYS M 311 49.90 -14.28 34.90
N SER M 312 48.63 -14.66 34.98
CA SER M 312 48.10 -15.27 36.21
C SER M 312 48.76 -16.62 36.47
N ASP M 313 48.99 -17.39 35.40
CA ASP M 313 49.73 -18.64 35.53
C ASP M 313 51.17 -18.39 35.95
N MET M 314 51.76 -17.29 35.50
CA MET M 314 53.10 -16.91 35.94
C MET M 314 53.12 -16.63 37.44
N GLU M 315 52.10 -15.91 37.93
CA GLU M 315 51.95 -15.63 39.35
C GLU M 315 51.84 -16.93 40.15
N LYS M 316 50.99 -17.85 39.68
CA LYS M 316 50.76 -19.08 40.42
C LYS M 316 51.97 -20.00 40.39
N LEU M 317 52.71 -20.03 39.27
CA LEU M 317 53.98 -20.75 39.24
C LEU M 317 55.00 -20.16 40.22
N ALA M 318 55.17 -18.84 40.20
CA ALA M 318 56.10 -18.19 41.12
C ALA M 318 55.72 -18.46 42.57
N LYS M 319 54.42 -18.46 42.86
CA LYS M 319 53.93 -18.77 44.20
C LYS M 319 54.25 -20.21 44.57
N ALA M 320 54.01 -21.15 43.65
CA ALA M 320 54.04 -22.57 44.00
C ALA M 320 55.47 -23.07 44.15
N THR M 321 56.36 -22.65 43.25
CA THR M 321 57.74 -23.14 43.18
C THR M 321 58.72 -22.32 44.00
N GLY M 322 58.42 -21.04 44.22
CA GLY M 322 59.38 -20.13 44.84
C GLY M 322 60.33 -19.49 43.86
N ALA M 323 60.07 -19.60 42.57
CA ALA M 323 60.87 -18.95 41.54
C ALA M 323 60.53 -17.46 41.47
N ASN M 324 61.46 -16.70 40.90
CA ASN M 324 61.29 -15.25 40.70
C ASN M 324 61.15 -14.97 39.22
N VAL M 325 60.11 -14.24 38.84
CA VAL M 325 59.94 -13.85 37.44
C VAL M 325 61.03 -12.85 37.08
N ILE M 326 61.77 -13.16 36.02
CA ILE M 326 62.94 -12.38 35.62
C ILE M 326 62.60 -11.63 34.33
N THR M 327 63.02 -10.36 34.25
CA THR M 327 62.72 -9.55 33.09
C THR M 327 63.91 -9.42 32.12
N ASN M 328 65.10 -9.86 32.52
CA ASN M 328 66.31 -9.71 31.71
C ASN M 328 67.25 -10.87 32.02
N ILE M 329 67.74 -11.55 30.98
CA ILE M 329 68.37 -12.85 31.19
C ILE M 329 69.79 -12.72 31.75
N LYS M 330 70.39 -11.53 31.63
CA LYS M 330 71.75 -11.33 32.12
C LYS M 330 71.83 -11.38 33.65
N ASP M 331 70.69 -11.21 34.33
CA ASP M 331 70.70 -11.21 35.79
C ASP M 331 70.30 -12.56 36.37
N LEU M 332 69.83 -13.47 35.52
CA LEU M 332 69.34 -14.77 35.97
C LEU M 332 70.47 -15.58 36.60
N SER M 333 70.21 -16.14 37.77
CA SER M 333 71.22 -16.81 38.57
C SER M 333 70.58 -17.98 39.33
N ALA M 334 71.38 -18.69 40.11
CA ALA M 334 70.83 -19.80 40.91
C ALA M 334 69.93 -19.29 42.04
N GLN M 335 69.97 -17.98 42.30
CA GLN M 335 69.15 -17.37 43.33
C GLN M 335 67.69 -17.26 42.90
N ASP M 336 67.46 -17.26 41.59
CA ASP M 336 66.16 -16.95 41.00
C ASP M 336 65.36 -18.20 40.65
N LEU M 337 65.94 -19.38 40.80
CA LEU M 337 65.32 -20.61 40.33
C LEU M 337 64.42 -21.22 41.39
N GLY M 338 63.23 -21.67 40.97
CA GLY M 338 62.37 -22.42 41.85
C GLY M 338 62.65 -23.91 41.80
N ASP M 339 61.96 -24.65 42.66
CA ASP M 339 62.14 -26.10 42.77
C ASP M 339 60.80 -26.80 42.82
N ALA M 340 60.72 -27.97 42.16
CA ALA M 340 59.52 -28.79 42.16
C ALA M 340 59.88 -30.23 41.86
N GLY M 341 59.31 -31.14 42.64
CA GLY M 341 59.75 -32.53 42.62
C GLY M 341 59.43 -33.27 41.34
N LEU M 342 58.36 -32.86 40.64
CA LEU M 342 57.95 -33.57 39.43
C LEU M 342 57.26 -32.62 38.46
N VAL M 343 57.70 -32.68 37.19
CA VAL M 343 57.07 -31.96 36.08
C VAL M 343 56.87 -32.95 34.93
N GLU M 344 55.67 -32.99 34.38
CA GLU M 344 55.38 -33.88 33.25
C GLU M 344 54.23 -33.35 32.42
N GLU M 345 54.35 -33.50 31.10
CA GLU M 345 53.23 -33.22 30.21
C GLU M 345 52.32 -34.44 30.13
N ARG M 346 51.02 -34.21 30.18
CA ARG M 346 50.03 -35.28 30.08
C ARG M 346 48.88 -34.89 29.15
N LYS M 347 48.12 -35.91 28.70
CA LYS M 347 46.89 -35.68 27.95
C LYS M 347 45.72 -36.10 28.84
N ILE M 348 44.80 -35.18 29.09
CA ILE M 348 43.67 -35.41 29.98
C ILE M 348 42.43 -34.78 29.36
N SER M 349 41.33 -35.54 29.34
CA SER M 349 40.03 -35.04 28.86
C SER M 349 40.11 -34.50 27.43
N GLY M 350 41.14 -34.92 26.70
CA GLY M 350 41.38 -34.57 25.32
C GLY M 350 42.31 -33.39 25.12
N ASP M 351 42.74 -32.74 26.19
CA ASP M 351 43.63 -31.59 26.13
C ASP M 351 45.03 -31.96 26.63
N SER M 352 46.05 -31.48 25.92
CA SER M 352 47.43 -31.57 26.37
C SER M 352 47.71 -30.51 27.42
N MET M 353 48.21 -30.93 28.58
CA MET M 353 48.48 -30.00 29.67
C MET M 353 49.78 -30.38 30.37
N ILE M 354 50.42 -29.37 30.97
CA ILE M 354 51.66 -29.55 31.72
C ILE M 354 51.32 -29.53 33.21
N PHE M 355 51.83 -30.53 33.93
CA PHE M 355 51.54 -30.71 35.35
C PHE M 355 52.79 -30.44 36.19
N VAL M 356 52.64 -29.63 37.23
CA VAL M 356 53.70 -29.37 38.20
C VAL M 356 53.29 -29.96 39.54
N GLU M 357 54.14 -30.80 40.12
CA GLU M 357 53.76 -31.54 41.33
C GLU M 357 54.92 -31.61 42.31
N GLU M 358 54.56 -31.94 43.56
CA GLU M 358 55.50 -32.08 44.67
C GLU M 358 56.34 -30.82 44.85
N CYS M 359 55.66 -29.71 45.14
CA CYS M 359 56.31 -28.41 45.26
C CYS M 359 56.97 -28.26 46.63
N LYS M 360 58.02 -27.44 46.65
CA LYS M 360 58.88 -27.34 47.84
C LYS M 360 58.15 -26.71 49.02
N HIS M 361 57.41 -25.63 48.77
CA HIS M 361 56.56 -25.00 49.78
C HIS M 361 55.45 -24.24 49.07
N PRO M 362 54.36 -24.92 48.71
CA PRO M 362 53.31 -24.28 47.91
C PRO M 362 52.51 -23.24 48.66
N LYS M 363 52.60 -21.99 48.21
CA LYS M 363 51.69 -20.93 48.63
C LYS M 363 50.48 -20.78 47.73
N ALA M 364 50.30 -21.69 46.76
CA ALA M 364 49.12 -21.73 45.91
C ALA M 364 48.84 -23.18 45.53
N VAL M 365 47.55 -23.51 45.38
CA VAL M 365 47.12 -24.88 45.10
C VAL M 365 46.04 -24.90 44.02
N THR M 366 45.91 -26.05 43.37
CA THR M 366 44.97 -26.25 42.28
C THR M 366 44.01 -27.40 42.61
N MET M 367 42.71 -27.17 42.40
CA MET M 367 41.69 -28.19 42.59
C MET M 367 41.11 -28.60 41.24
N LEU M 368 41.11 -29.90 40.96
CA LEU M 368 40.74 -30.44 39.65
C LEU M 368 39.37 -31.11 39.78
N ILE M 369 38.34 -30.45 39.27
CA ILE M 369 36.97 -30.95 39.39
C ILE M 369 36.63 -31.81 38.17
N ARG M 370 36.21 -33.05 38.43
CA ARG M 370 35.86 -34.01 37.39
C ARG M 370 34.34 -34.20 37.32
N GLY M 371 33.88 -34.75 36.19
CA GLY M 371 32.45 -34.93 36.02
C GLY M 371 32.02 -35.41 34.64
N THR M 372 30.87 -36.07 34.59
CA THR M 372 30.40 -36.75 33.39
C THR M 372 29.71 -35.81 32.41
N THR M 373 29.66 -34.51 32.72
CA THR M 373 28.87 -33.60 31.89
C THR M 373 29.22 -32.17 32.28
N GLU M 374 29.16 -31.26 31.30
CA GLU M 374 29.59 -29.89 31.56
C GLU M 374 28.61 -29.17 32.47
N HIS M 375 27.31 -29.45 32.31
CA HIS M 375 26.33 -28.89 33.23
C HIS M 375 26.51 -29.41 34.65
N VAL M 376 27.16 -30.56 34.81
CA VAL M 376 27.43 -31.07 36.16
C VAL M 376 28.56 -30.27 36.80
N ILE M 377 29.61 -30.01 36.03
CA ILE M 377 30.82 -29.38 36.55
C ILE M 377 30.59 -27.91 36.80
N GLU M 378 29.77 -27.27 35.95
CA GLU M 378 29.40 -25.87 36.15
C GLU M 378 28.58 -25.68 37.41
N GLU M 379 28.11 -26.79 38.02
CA GLU M 379 27.44 -26.67 39.31
C GLU M 379 28.35 -27.07 40.47
N VAL M 380 29.17 -28.11 40.25
CA VAL M 380 30.10 -28.53 41.30
C VAL M 380 31.06 -27.40 41.63
N ALA M 381 31.45 -26.60 40.62
CA ALA M 381 32.32 -25.46 40.88
C ALA M 381 31.69 -24.47 41.86
N ARG M 382 30.39 -24.20 41.69
CA ARG M 382 29.67 -23.33 42.63
C ARG M 382 29.63 -23.94 44.02
N ALA M 383 29.32 -25.23 44.09
CA ALA M 383 29.25 -25.93 45.38
C ALA M 383 30.60 -25.95 46.10
N VAL M 384 31.69 -25.76 45.36
CA VAL M 384 33.00 -25.72 46.00
C VAL M 384 33.38 -24.28 46.38
N ASP M 385 32.97 -23.32 45.55
CA ASP M 385 33.26 -21.91 45.84
C ASP M 385 32.60 -21.49 47.16
N ASP M 386 31.38 -21.98 47.40
CA ASP M 386 30.66 -21.63 48.63
C ASP M 386 31.37 -22.17 49.88
N ALA M 387 31.91 -23.38 49.78
CA ALA M 387 32.64 -23.98 50.89
C ALA M 387 33.97 -23.27 51.14
N VAL M 388 34.66 -22.87 50.08
CA VAL M 388 35.87 -22.06 50.26
C VAL M 388 35.52 -20.76 51.01
N GLY M 389 34.41 -20.13 50.64
CA GLY M 389 33.91 -19.00 51.38
C GLY M 389 33.74 -19.20 52.88
N VAL M 390 32.86 -20.14 53.25
CA VAL M 390 32.60 -20.37 54.67
C VAL M 390 33.83 -20.83 55.44
N VAL M 391 34.74 -21.57 54.81
CA VAL M 391 35.95 -21.98 55.50
C VAL M 391 36.86 -20.78 55.77
N GLY M 392 37.02 -19.91 54.78
CA GLY M 392 37.77 -18.68 55.03
C GLY M 392 37.18 -17.86 56.16
N CYS M 393 35.85 -17.73 56.18
CA CYS M 393 35.19 -16.96 57.24
C CYS M 393 35.52 -17.52 58.62
N THR M 394 35.44 -18.83 58.78
CA THR M 394 35.73 -19.45 60.08
C THR M 394 37.21 -19.29 60.45
N ILE M 395 38.10 -19.37 59.47
CA ILE M 395 39.54 -19.28 59.74
C ILE M 395 39.92 -17.86 60.14
N GLU M 396 39.26 -16.87 59.54
CA GLU M 396 39.60 -15.48 59.80
C GLU M 396 38.99 -14.98 61.11
N ASP M 397 37.72 -15.28 61.35
CA ASP M 397 37.04 -14.70 62.51
C ASP M 397 37.07 -15.58 63.74
N GLY M 398 37.12 -16.89 63.55
CA GLY M 398 36.98 -17.86 64.63
C GLY M 398 35.73 -17.75 65.48
N ARG M 399 34.56 -17.61 64.85
CA ARG M 399 33.29 -17.56 65.55
C ARG M 399 32.24 -18.29 64.72
N ILE M 400 31.43 -19.14 65.37
CA ILE M 400 30.47 -19.96 64.67
C ILE M 400 29.09 -19.83 65.32
N VAL M 401 28.06 -20.16 64.54
CA VAL M 401 26.68 -20.10 65.00
C VAL M 401 25.97 -21.39 64.62
N SER M 402 24.91 -21.70 65.35
CA SER M 402 24.14 -22.92 65.14
C SER M 402 23.23 -22.78 63.92
N GLY M 403 23.06 -23.89 63.19
CA GLY M 403 22.35 -23.86 61.93
C GLY M 403 20.91 -24.35 62.04
N GLY M 404 20.35 -24.69 60.88
CA GLY M 404 18.97 -25.12 60.80
C GLY M 404 17.95 -24.13 61.30
N GLY M 405 18.20 -22.84 61.12
CA GLY M 405 17.32 -21.81 61.62
C GLY M 405 17.20 -21.69 63.11
N SER M 406 18.02 -22.40 63.90
CA SER M 406 17.97 -22.18 65.34
C SER M 406 18.43 -20.80 65.79
N THR M 407 19.04 -20.00 64.89
CA THR M 407 19.48 -18.68 65.29
C THR M 407 18.35 -17.66 65.17
N GLU M 408 17.54 -17.78 64.13
CA GLU M 408 16.49 -16.81 63.87
C GLU M 408 15.42 -16.84 64.96
N VAL M 409 15.07 -18.03 65.45
CA VAL M 409 14.12 -18.12 66.56
C VAL M 409 14.65 -17.43 67.81
N GLU M 410 15.93 -17.64 68.12
CA GLU M 410 16.55 -16.98 69.26
C GLU M 410 16.50 -15.46 69.10
N LEU M 411 16.83 -14.98 67.91
CA LEU M 411 16.84 -13.53 67.68
C LEU M 411 15.43 -12.95 67.80
N SER M 412 14.44 -13.64 67.22
CA SER M 412 13.08 -13.16 67.32
C SER M 412 12.63 -13.05 68.78
N MET M 413 12.90 -14.08 69.57
CA MET M 413 12.56 -14.04 71.00
C MET M 413 13.26 -12.89 71.72
N LYS M 414 14.57 -12.75 71.52
CA LYS M 414 15.36 -11.75 72.24
C LYS M 414 15.08 -10.33 71.75
N LEU M 415 14.50 -10.17 70.56
CA LEU M 415 14.04 -8.87 70.13
C LEU M 415 12.64 -8.56 70.64
N ARG M 416 11.85 -9.60 70.92
CA ARG M 416 10.54 -9.35 71.51
C ARG M 416 10.67 -8.96 72.98
N GLU M 417 11.62 -9.59 73.69
CA GLU M 417 12.00 -9.13 75.03
C GLU M 417 12.57 -7.70 75.01
N TYR M 418 13.18 -7.29 73.89
CA TYR M 418 13.60 -5.91 73.69
C TYR M 418 12.41 -4.97 73.50
N ALA M 419 11.41 -5.39 72.71
CA ALA M 419 10.39 -4.47 72.25
C ALA M 419 9.52 -3.93 73.38
N GLU M 420 9.47 -4.63 74.53
CA GLU M 420 8.68 -4.09 75.64
C GLU M 420 9.36 -2.90 76.33
N GLY M 421 10.68 -2.75 76.17
CA GLY M 421 11.35 -1.57 76.71
C GLY M 421 11.10 -0.32 75.90
N ILE M 422 10.91 -0.47 74.60
CA ILE M 422 10.66 0.65 73.69
C ILE M 422 9.20 1.06 73.77
N SER M 423 8.96 2.38 73.78
CA SER M 423 7.58 2.87 73.84
C SER M 423 7.37 3.89 72.73
N GLY M 424 6.09 4.11 72.40
CA GLY M 424 5.69 4.88 71.24
C GLY M 424 5.23 3.94 70.14
N ARG M 425 5.42 4.35 68.88
CA ARG M 425 4.91 3.56 67.77
C ARG M 425 6.01 2.85 66.99
N GLU M 426 7.28 3.17 67.24
CA GLU M 426 8.37 2.34 66.73
C GLU M 426 8.32 0.92 67.30
N GLN M 427 7.61 0.71 68.41
CA GLN M 427 7.47 -0.62 68.98
C GLN M 427 6.78 -1.56 67.99
N LEU M 428 5.84 -1.03 67.22
CA LEU M 428 5.16 -1.83 66.20
C LEU M 428 6.13 -2.33 65.15
N ALA M 429 6.99 -1.42 64.65
CA ALA M 429 7.98 -1.80 63.66
C ALA M 429 9.03 -2.75 64.21
N VAL M 430 9.42 -2.59 65.49
CA VAL M 430 10.36 -3.51 66.11
C VAL M 430 9.77 -4.92 66.19
N ARG M 431 8.48 -5.01 66.51
CA ARG M 431 7.84 -6.32 66.55
C ARG M 431 7.72 -6.93 65.15
N ALA M 432 7.36 -6.13 64.17
CA ALA M 432 7.28 -6.63 62.79
C ALA M 432 8.64 -7.06 62.27
N PHE M 433 9.71 -6.42 62.73
CA PHE M 433 11.05 -6.87 62.36
C PHE M 433 11.37 -8.20 63.01
N ALA M 434 11.07 -8.34 64.31
CA ALA M 434 11.37 -9.57 65.03
C ALA M 434 10.56 -10.75 64.49
N ASP M 435 9.36 -10.46 63.98
CA ASP M 435 8.48 -11.51 63.47
C ASP M 435 8.79 -11.85 62.01
N ALA M 436 9.70 -11.11 61.38
CA ALA M 436 10.04 -11.33 59.98
C ALA M 436 11.24 -12.26 59.82
N LEU M 437 11.97 -12.53 60.90
CA LEU M 437 13.17 -13.37 60.80
C LEU M 437 12.81 -14.84 60.82
N GLU M 438 11.62 -15.17 61.31
CA GLU M 438 11.15 -16.55 61.34
C GLU M 438 10.68 -17.04 59.98
N VAL M 439 10.90 -16.26 58.91
CA VAL M 439 10.60 -16.73 57.57
C VAL M 439 11.51 -17.89 57.17
N ILE M 440 12.70 -17.94 57.75
CA ILE M 440 13.74 -18.90 57.38
C ILE M 440 13.39 -20.29 57.90
N PRO M 441 13.14 -20.47 59.22
CA PRO M 441 12.71 -21.80 59.69
C PRO M 441 11.34 -22.20 59.17
N ARG M 442 10.46 -21.24 58.93
CA ARG M 442 9.21 -21.50 58.22
C ARG M 442 9.47 -22.11 56.85
N THR M 443 10.28 -21.45 56.01
CA THR M 443 10.54 -21.98 54.67
C THR M 443 11.31 -23.30 54.72
N LEU M 444 12.17 -23.47 55.73
CA LEU M 444 12.90 -24.72 55.88
C LEU M 444 11.96 -25.89 56.11
N ALA M 445 10.82 -25.64 56.75
CA ALA M 445 9.80 -26.68 56.85
C ALA M 445 8.91 -26.73 55.59
N GLU M 446 8.65 -25.58 54.96
CA GLU M 446 7.77 -25.55 53.79
C GLU M 446 8.33 -26.38 52.63
N ASN M 447 9.64 -26.31 52.42
CA ASN M 447 10.24 -27.00 51.29
C ASN M 447 10.25 -28.52 51.47
N ALA M 448 10.44 -29.00 52.70
CA ALA M 448 10.46 -30.43 53.00
C ALA M 448 9.06 -31.04 53.07
N GLY M 449 8.01 -30.26 52.80
CA GLY M 449 6.65 -30.76 52.89
C GLY M 449 6.17 -31.02 54.30
N LEU M 450 6.71 -30.32 55.28
CA LEU M 450 6.31 -30.46 56.67
C LEU M 450 5.24 -29.43 57.01
N ASP M 451 4.66 -29.57 58.20
CA ASP M 451 3.60 -28.69 58.67
C ASP M 451 4.26 -27.57 59.48
N ALA M 452 4.38 -26.40 58.86
CA ALA M 452 5.21 -25.34 59.43
C ALA M 452 4.62 -24.77 60.71
N ILE M 453 3.30 -24.64 60.78
CA ILE M 453 2.67 -23.98 61.92
C ILE M 453 2.79 -24.86 63.17
N GLU M 454 2.76 -26.18 62.99
CA GLU M 454 2.94 -27.09 64.12
C GLU M 454 4.41 -27.22 64.50
N ILE M 455 5.31 -27.09 63.52
CA ILE M 455 6.73 -27.23 63.80
C ILE M 455 7.25 -26.03 64.59
N LEU M 456 6.85 -24.82 64.17
CA LEU M 456 7.44 -23.60 64.70
C LEU M 456 7.18 -23.43 66.18
N VAL M 457 6.03 -23.89 66.67
CA VAL M 457 5.70 -23.78 68.09
C VAL M 457 6.62 -24.67 68.93
N LYS M 458 6.84 -25.90 68.48
CA LYS M 458 7.74 -26.80 69.20
C LYS M 458 9.16 -26.23 69.23
N VAL M 459 9.60 -25.67 68.11
CA VAL M 459 10.92 -25.05 68.02
C VAL M 459 11.04 -23.90 69.01
N ARG M 460 10.01 -23.04 69.08
CA ARG M 460 10.04 -21.94 70.05
C ARG M 460 10.08 -22.47 71.48
N ALA M 461 9.24 -23.47 71.78
CA ALA M 461 9.14 -23.99 73.14
C ALA M 461 10.49 -24.52 73.63
N ALA M 462 11.23 -25.19 72.74
CA ALA M 462 12.55 -25.71 73.10
C ALA M 462 13.47 -24.60 73.58
N HIS M 463 13.32 -23.40 73.04
CA HIS M 463 14.15 -22.27 73.45
C HIS M 463 13.65 -21.68 74.76
N ALA M 464 12.33 -21.42 74.85
CA ALA M 464 11.78 -20.65 75.95
C ALA M 464 12.00 -21.30 77.32
N SER M 465 12.30 -22.60 77.35
CA SER M 465 12.43 -23.31 78.61
C SER M 465 13.88 -23.54 79.05
N ASN M 466 14.85 -23.02 78.32
CA ASN M 466 16.25 -23.44 78.50
C ASN M 466 17.28 -22.36 78.28
N GLY M 467 17.02 -21.39 77.41
CA GLY M 467 18.16 -20.66 76.89
C GLY M 467 19.00 -21.51 75.96
N ASN M 468 18.40 -22.57 75.39
CA ASN M 468 19.06 -23.41 74.41
C ASN M 468 19.30 -22.60 73.14
N LYS M 469 20.57 -22.31 72.86
CA LYS M 469 20.92 -21.54 71.67
C LYS M 469 20.69 -22.33 70.39
N CYS M 470 20.58 -23.65 70.48
CA CYS M 470 20.91 -24.55 69.38
C CYS M 470 19.73 -25.25 68.74
N ALA M 471 18.61 -25.42 69.44
CA ALA M 471 17.58 -26.34 68.99
C ALA M 471 16.88 -25.83 67.73
N GLY M 472 16.58 -26.76 66.82
CA GLY M 472 16.04 -26.41 65.51
C GLY M 472 15.55 -27.62 64.76
N LEU M 473 15.08 -27.37 63.54
CA LEU M 473 14.39 -28.40 62.76
C LEU M 473 15.37 -29.39 62.12
N ASN M 474 15.07 -30.67 62.27
CA ASN M 474 15.69 -31.73 61.45
C ASN M 474 14.72 -32.06 60.32
N VAL M 475 15.09 -31.68 59.09
CA VAL M 475 14.20 -31.79 57.94
C VAL M 475 14.13 -33.19 57.36
N PHE M 476 14.72 -34.18 58.03
CA PHE M 476 14.72 -35.56 57.56
C PHE M 476 13.85 -36.45 58.44
N THR M 477 14.21 -36.58 59.70
CA THR M 477 13.32 -37.14 60.71
C THR M 477 12.09 -36.30 60.97
N GLY M 478 12.05 -35.05 60.53
CA GLY M 478 10.88 -34.22 60.85
C GLY M 478 10.70 -33.94 62.32
N ALA M 479 11.79 -33.59 63.03
CA ALA M 479 11.75 -33.44 64.47
C ALA M 479 12.74 -32.36 64.91
N VAL M 480 12.62 -31.94 66.16
CA VAL M 480 13.32 -30.77 66.68
C VAL M 480 14.54 -31.26 67.46
N GLU M 481 15.73 -30.86 67.01
CA GLU M 481 16.95 -31.41 67.60
C GLU M 481 18.00 -30.33 67.82
N ASP M 482 18.97 -30.67 68.67
CA ASP M 482 20.13 -29.84 68.93
C ASP M 482 21.00 -29.81 67.67
N MET M 483 21.18 -28.63 67.09
CA MET M 483 21.87 -28.53 65.81
C MET M 483 23.38 -28.45 65.95
N CYS M 484 23.91 -28.43 67.18
CA CYS M 484 25.35 -28.53 67.39
C CYS M 484 25.78 -29.98 67.57
N GLU M 485 25.00 -30.77 68.31
CA GLU M 485 25.22 -32.21 68.40
C GLU M 485 25.05 -32.87 67.04
N ASN M 486 24.18 -32.30 66.20
CA ASN M 486 23.97 -32.78 64.84
C ASN M 486 25.10 -32.38 63.90
N GLY M 487 25.90 -31.40 64.27
CA GLY M 487 27.00 -30.92 63.45
C GLY M 487 26.62 -29.97 62.32
N VAL M 488 25.52 -29.23 62.45
CA VAL M 488 25.12 -28.25 61.44
C VAL M 488 25.54 -26.88 61.94
N VAL M 489 26.67 -26.38 61.41
CA VAL M 489 27.35 -25.20 61.94
C VAL M 489 27.62 -24.22 60.82
N GLU M 490 27.60 -22.92 61.13
CA GLU M 490 27.86 -21.89 60.15
C GLU M 490 28.75 -20.83 60.76
N PRO M 491 29.44 -20.04 59.93
CA PRO M 491 30.26 -18.95 60.49
C PRO M 491 29.43 -17.70 60.77
N LEU M 492 29.81 -17.01 61.84
CA LEU M 492 29.02 -15.89 62.35
C LEU M 492 28.83 -14.80 61.30
N ARG M 493 29.83 -14.61 60.44
CA ARG M 493 29.81 -13.53 59.45
C ARG M 493 28.68 -13.69 58.43
N VAL M 494 28.07 -14.88 58.37
CA VAL M 494 27.00 -15.11 57.41
C VAL M 494 25.69 -14.49 57.87
N LYS M 495 25.48 -14.40 59.18
CA LYS M 495 24.25 -13.81 59.71
C LYS M 495 24.31 -12.29 59.76
N THR M 496 25.36 -11.76 60.40
CA THR M 496 25.51 -10.31 60.56
C THR M 496 25.42 -9.59 59.22
N GLN M 497 26.22 -10.03 58.24
CA GLN M 497 26.19 -9.44 56.90
C GLN M 497 24.80 -9.52 56.28
N ALA M 498 24.14 -10.67 56.42
CA ALA M 498 22.82 -10.86 55.81
C ALA M 498 21.83 -9.84 56.34
N ILE M 499 21.69 -9.76 57.66
CA ILE M 499 20.75 -8.84 58.29
C ILE M 499 21.12 -7.40 57.96
N GLN M 500 22.42 -7.12 57.92
CA GLN M 500 22.91 -5.76 57.70
C GLN M 500 22.54 -5.26 56.32
N SER M 501 22.89 -6.05 55.30
CA SER M 501 22.47 -5.80 53.92
C SER M 501 20.96 -5.62 53.79
N ALA M 502 20.19 -6.54 54.38
CA ALA M 502 18.75 -6.56 54.14
C ALA M 502 18.06 -5.34 54.76
N ALA M 503 18.46 -4.97 55.98
CA ALA M 503 17.89 -3.78 56.61
C ALA M 503 18.23 -2.52 55.81
N GLU M 504 19.51 -2.36 55.45
CA GLU M 504 19.94 -1.16 54.75
C GLU M 504 19.27 -1.03 53.38
N SER M 505 18.99 -2.15 52.72
CA SER M 505 18.33 -2.08 51.42
C SER M 505 16.81 -1.95 51.53
N THR M 506 16.21 -2.34 52.66
CA THR M 506 14.77 -2.18 52.77
C THR M 506 14.40 -0.74 53.10
N GLU M 507 15.29 -0.05 53.82
CA GLU M 507 14.98 1.30 54.29
C GLU M 507 14.90 2.28 53.13
N MET M 508 15.66 2.03 52.06
CA MET M 508 15.62 2.90 50.89
C MET M 508 14.26 2.84 50.19
N LEU M 509 13.71 1.64 50.03
CA LEU M 509 12.38 1.51 49.43
C LEU M 509 11.29 2.01 50.36
N LEU M 510 11.54 2.03 51.67
CA LEU M 510 10.56 2.63 52.57
C LEU M 510 10.62 4.16 52.57
N ARG M 511 11.77 4.74 52.23
CA ARG M 511 11.90 6.19 52.26
C ARG M 511 11.49 6.88 50.97
N ILE M 512 11.16 6.12 49.92
CA ILE M 512 10.79 6.70 48.63
C ILE M 512 9.28 6.92 48.59
N ASP M 513 8.84 8.03 47.95
CA ASP M 513 7.43 8.19 47.67
C ASP M 513 7.08 8.62 46.25
N ASP M 514 8.05 8.75 45.34
CA ASP M 514 7.70 9.15 43.98
C ASP M 514 8.63 8.46 42.99
N VAL M 515 8.14 8.32 41.76
CA VAL M 515 8.91 7.76 40.65
C VAL M 515 8.74 8.68 39.45
N ILE M 516 9.85 9.25 38.96
CA ILE M 516 9.84 10.22 37.86
C ILE M 516 10.93 9.87 36.86
N ALA M 517 10.84 10.46 35.65
CA ALA M 517 11.68 10.03 34.54
C ALA M 517 12.91 10.92 34.37
N ALA M 518 14.03 10.29 33.95
CA ALA M 518 15.34 10.93 33.91
C ALA M 518 15.89 11.05 32.50
N GLU M 519 16.72 12.07 32.30
CA GLU M 519 17.14 12.55 30.99
C GLU M 519 18.59 12.14 30.71
N LYS M 520 18.78 10.86 30.39
CA LYS M 520 20.10 10.25 30.19
C LYS M 520 20.98 10.53 31.40
N LEU M 521 20.76 9.72 32.43
CA LEU M 521 21.28 9.98 33.76
C LEU M 521 22.81 9.99 33.80
N ARG M 522 23.43 8.89 33.36
CA ARG M 522 24.89 8.77 33.41
C ARG M 522 25.41 7.85 32.32
N GLU N 10 -8.58 18.07 29.70
CA GLU N 10 -9.10 19.36 29.24
C GLU N 10 -9.67 19.40 27.80
N ASN N 11 -9.33 20.45 27.03
CA ASN N 11 -9.84 20.68 25.68
C ASN N 11 -9.01 21.73 24.94
N MET N 12 -8.98 21.64 23.60
CA MET N 12 -8.33 22.67 22.78
C MET N 12 -8.71 24.09 23.16
N LYS N 13 -9.99 24.39 23.24
CA LYS N 13 -10.53 25.76 23.29
C LYS N 13 -10.42 26.41 24.66
N ARG N 14 -9.32 26.18 25.37
CA ARG N 14 -8.99 26.73 26.68
C ARG N 14 -7.60 27.36 26.71
N TYR N 15 -6.92 27.34 25.56
CA TYR N 15 -5.57 27.90 25.44
C TYR N 15 -5.65 29.41 25.51
N MET N 16 -6.80 29.94 25.17
CA MET N 16 -7.06 31.38 25.15
C MET N 16 -7.12 31.97 26.55
N GLY N 17 -7.50 31.17 27.55
CA GLY N 17 -8.01 31.68 28.81
C GLY N 17 -7.00 32.10 29.86
N ARG N 18 -5.71 32.13 29.56
CA ARG N 18 -4.73 32.63 30.52
C ARG N 18 -3.60 33.36 29.81
N ASP N 19 -3.05 34.39 30.44
CA ASP N 19 -1.99 35.14 29.77
C ASP N 19 -0.68 34.35 29.74
N ALA N 20 0.31 34.90 29.03
CA ALA N 20 1.66 34.35 29.02
C ALA N 20 2.27 34.38 30.42
N GLN N 21 1.93 35.40 31.21
CA GLN N 21 2.45 35.48 32.57
C GLN N 21 1.83 34.40 33.45
N ARG N 22 0.54 34.12 33.27
CA ARG N 22 -0.08 32.99 33.97
C ARG N 22 0.54 31.68 33.54
N MET N 23 0.74 31.49 32.23
CA MET N 23 1.51 30.37 31.68
C MET N 23 2.81 30.16 32.43
N ASN N 24 3.66 31.19 32.48
CA ASN N 24 4.98 31.09 33.07
C ASN N 24 4.92 30.86 34.58
N ILE N 25 4.01 31.55 35.26
CA ILE N 25 3.88 31.40 36.71
C ILE N 25 3.47 29.98 37.06
N LEU N 26 2.56 29.39 36.28
CA LEU N 26 2.13 28.02 36.54
C LEU N 26 3.23 27.01 36.24
N ALA N 27 3.88 27.16 35.07
CA ALA N 27 5.02 26.31 34.71
C ALA N 27 6.11 26.39 35.78
N GLY N 28 6.24 27.53 36.44
CA GLY N 28 7.20 27.64 37.51
C GLY N 28 6.74 26.98 38.80
N ARG N 29 5.50 27.24 39.20
CA ARG N 29 4.96 26.64 40.42
C ARG N 29 5.09 25.12 40.38
N ILE N 30 5.00 24.53 39.19
CA ILE N 30 5.07 23.07 39.08
C ILE N 30 6.40 22.54 39.60
N ILE N 31 7.50 23.23 39.29
CA ILE N 31 8.82 22.76 39.71
C ILE N 31 8.94 22.81 41.23
N ALA N 32 8.52 23.92 41.85
CA ALA N 32 8.59 24.03 43.30
C ALA N 32 7.68 23.00 43.97
N GLU N 33 6.53 22.69 43.36
CA GLU N 33 5.67 21.65 43.89
C GLU N 33 6.32 20.27 43.78
N THR N 34 7.19 20.07 42.80
CA THR N 34 7.85 18.78 42.65
C THR N 34 8.76 18.46 43.83
N VAL N 35 9.58 19.43 44.27
CA VAL N 35 10.64 19.15 45.23
C VAL N 35 10.25 19.41 46.68
N ARG N 36 9.05 19.93 46.94
CA ARG N 36 8.74 20.52 48.23
C ARG N 36 8.68 19.49 49.36
N SER N 37 8.15 18.30 49.07
CA SER N 37 8.03 17.21 50.03
C SER N 37 9.36 16.59 50.43
N THR N 38 10.47 17.01 49.81
CA THR N 38 11.79 16.55 50.24
C THR N 38 12.33 17.34 51.42
N LEU N 39 11.61 18.37 51.87
CA LEU N 39 12.17 19.35 52.78
C LEU N 39 12.06 18.91 54.23
N GLY N 40 13.11 19.20 55.00
CA GLY N 40 13.05 19.03 56.44
C GLY N 40 13.37 17.63 56.91
N PRO N 41 13.47 17.45 58.23
CA PRO N 41 13.92 16.15 58.77
C PRO N 41 13.03 14.97 58.39
N LYS N 42 11.71 15.19 58.29
CA LYS N 42 10.74 14.19 57.87
C LYS N 42 10.57 14.14 56.36
N GLY N 43 11.54 14.67 55.61
CA GLY N 43 11.45 14.64 54.16
C GLY N 43 11.63 13.26 53.58
N MET N 44 11.15 13.11 52.35
CA MET N 44 11.11 11.81 51.69
C MET N 44 11.88 11.84 50.37
N ASP N 45 12.27 10.67 49.89
CA ASP N 45 13.14 10.56 48.73
C ASP N 45 12.35 10.39 47.44
N LYS N 46 13.00 10.73 46.32
CA LYS N 46 12.46 10.55 44.98
C LYS N 46 13.25 9.46 44.25
N MET N 47 12.57 8.72 43.37
CA MET N 47 13.24 7.75 42.52
C MET N 47 13.28 8.26 41.09
N LEU N 48 14.48 8.29 40.49
CA LEU N 48 14.70 8.75 39.13
C LEU N 48 15.04 7.56 38.24
N VAL N 49 14.37 7.45 37.10
CA VAL N 49 14.54 6.32 36.20
C VAL N 49 14.86 6.82 34.79
N ASP N 50 15.83 6.16 34.15
CA ASP N 50 16.34 6.52 32.84
C ASP N 50 15.50 5.92 31.74
N ASP N 51 15.80 6.33 30.50
CA ASP N 51 15.38 5.57 29.33
C ASP N 51 16.08 4.23 29.26
N LEU N 52 17.36 4.18 29.64
CA LEU N 52 18.16 2.97 29.48
C LEU N 52 18.02 2.00 30.64
N GLY N 53 17.40 2.42 31.74
CA GLY N 53 17.22 1.58 32.90
C GLY N 53 18.08 1.91 34.11
N ASP N 54 18.96 2.91 34.01
CA ASP N 54 19.68 3.38 35.20
C ASP N 54 18.70 3.97 36.21
N VAL N 55 19.06 3.89 37.50
CA VAL N 55 18.19 4.30 38.59
C VAL N 55 18.99 5.13 39.59
N VAL N 56 18.38 6.20 40.11
CA VAL N 56 18.96 7.01 41.18
C VAL N 56 17.90 7.22 42.26
N VAL N 57 18.32 7.11 43.52
CA VAL N 57 17.45 7.38 44.66
C VAL N 57 18.10 8.43 45.54
N THR N 58 17.39 9.56 45.74
CA THR N 58 17.92 10.67 46.50
C THR N 58 16.80 11.61 46.92
N ASN N 59 17.06 12.43 47.94
CA ASN N 59 16.22 13.60 48.20
C ASN N 59 16.98 14.91 48.05
N ASP N 60 18.18 14.88 47.47
CA ASP N 60 18.92 16.10 47.17
C ASP N 60 18.19 16.85 46.06
N GLY N 61 17.88 18.12 46.31
CA GLY N 61 16.98 18.85 45.43
C GLY N 61 17.58 19.18 44.08
N VAL N 62 18.77 19.77 44.08
CA VAL N 62 19.40 20.18 42.82
C VAL N 62 19.66 18.97 41.94
N THR N 63 19.81 17.78 42.54
CA THR N 63 20.00 16.57 41.74
C THR N 63 18.70 16.17 41.05
N ILE N 64 17.58 16.26 41.76
CA ILE N 64 16.27 16.00 41.15
C ILE N 64 16.03 16.95 40.00
N LEU N 65 16.25 18.25 40.23
CA LEU N 65 16.06 19.27 39.22
C LEU N 65 17.06 19.14 38.07
N ARG N 66 18.22 18.54 38.32
CA ARG N 66 19.21 18.38 37.26
C ARG N 66 18.95 17.15 36.38
N GLU N 67 18.37 16.11 36.95
CA GLU N 67 18.15 14.88 36.20
C GLU N 67 16.76 14.76 35.61
N MET N 68 15.88 15.72 35.87
CA MET N 68 14.49 15.60 35.43
C MET N 68 14.38 15.94 33.94
N SER N 69 13.43 15.30 33.27
CA SER N 69 13.09 15.72 31.91
C SER N 69 12.16 16.92 32.02
N VAL N 70 12.70 18.11 31.77
CA VAL N 70 11.98 19.37 31.94
C VAL N 70 12.04 20.13 30.62
N GLU N 71 10.87 20.58 30.13
CA GLU N 71 10.79 21.07 28.76
C GLU N 71 10.26 22.50 28.62
N HIS N 72 9.56 23.04 29.61
CA HIS N 72 9.04 24.39 29.46
C HIS N 72 10.12 25.40 29.84
N PRO N 73 10.22 26.52 29.12
CA PRO N 73 11.33 27.47 29.38
C PRO N 73 11.40 28.02 30.79
N ALA N 74 10.24 28.35 31.39
CA ALA N 74 10.26 28.96 32.71
C ALA N 74 10.70 27.97 33.78
N ALA N 75 10.31 26.70 33.63
CA ALA N 75 10.78 25.67 34.54
C ALA N 75 12.28 25.48 34.40
N LYS N 76 12.78 25.58 33.17
CA LYS N 76 14.21 25.58 32.92
C LYS N 76 14.90 26.76 33.60
N MET N 77 14.21 27.90 33.68
CA MET N 77 14.74 29.07 34.38
C MET N 77 14.76 28.92 35.88
N LEU N 78 13.88 28.08 36.45
CA LEU N 78 13.90 27.86 37.89
C LEU N 78 14.98 26.88 38.32
N ILE N 79 15.39 25.96 37.44
CA ILE N 79 16.47 25.05 37.78
C ILE N 79 17.77 25.80 38.05
N GLU N 80 17.95 26.96 37.40
CA GLU N 80 19.16 27.74 37.61
C GLU N 80 19.22 28.38 39.00
N VAL N 81 18.10 28.38 39.71
CA VAL N 81 18.05 28.87 41.09
C VAL N 81 18.72 27.87 42.04
N ALA N 82 18.62 26.57 41.73
CA ALA N 82 19.27 25.55 42.54
C ALA N 82 20.77 25.47 42.27
N LYS N 83 21.16 25.49 40.99
CA LYS N 83 22.56 25.29 40.62
C LYS N 83 23.48 26.35 41.25
N THR N 84 22.98 27.58 41.39
CA THR N 84 23.83 28.63 41.92
C THR N 84 24.04 28.44 43.42
N GLN N 85 23.00 27.98 44.12
CA GLN N 85 23.12 27.62 45.52
C GLN N 85 24.06 26.41 45.68
N GLU N 86 24.02 25.48 44.74
CA GLU N 86 24.96 24.35 44.72
C GLU N 86 26.39 24.84 44.60
N LYS N 87 26.62 25.77 43.68
CA LYS N 87 27.95 26.18 43.26
C LYS N 87 28.59 27.10 44.30
N GLU N 88 27.84 28.10 44.77
CA GLU N 88 28.41 29.16 45.59
C GLU N 88 28.40 28.84 47.09
N VAL N 89 27.52 27.94 47.53
CA VAL N 89 27.34 27.66 48.95
C VAL N 89 27.53 26.17 49.13
N GLY N 90 26.67 25.37 48.50
CA GLY N 90 26.73 23.93 48.58
C GLY N 90 25.51 23.30 49.21
N ASP N 91 24.95 23.93 50.23
CA ASP N 91 23.71 23.46 50.84
C ASP N 91 22.64 24.52 50.64
N GLY N 92 21.38 24.15 50.85
CA GLY N 92 20.26 25.06 50.71
C GLY N 92 19.54 25.06 49.38
N THR N 93 19.74 24.02 48.55
CA THR N 93 19.17 24.03 47.21
C THR N 93 17.67 23.72 47.16
N THR N 94 17.04 23.44 48.30
CA THR N 94 15.60 23.24 48.29
C THR N 94 14.83 24.44 48.84
N THR N 95 15.42 25.14 49.80
CA THR N 95 14.83 26.36 50.34
C THR N 95 14.67 27.40 49.22
N ALA N 96 15.72 27.56 48.41
CA ALA N 96 15.71 28.52 47.31
C ALA N 96 14.53 28.27 46.38
N VAL N 97 14.32 27.03 45.95
CA VAL N 97 13.33 26.82 44.91
C VAL N 97 11.92 26.93 45.49
N VAL N 98 11.73 26.48 46.73
CA VAL N 98 10.41 26.57 47.35
C VAL N 98 10.04 28.03 47.58
N VAL N 99 11.00 28.83 48.05
CA VAL N 99 10.74 30.27 48.23
C VAL N 99 10.47 30.94 46.90
N ALA N 100 11.22 30.57 45.85
CA ALA N 100 10.97 31.13 44.52
C ALA N 100 9.56 30.86 44.03
N GLY N 101 9.11 29.61 44.13
CA GLY N 101 7.77 29.29 43.68
C GLY N 101 6.69 29.93 44.53
N GLU N 102 6.94 30.09 45.84
CA GLU N 102 5.96 30.78 46.66
C GLU N 102 5.88 32.26 46.29
N LEU N 103 7.02 32.83 45.87
CA LEU N 103 7.02 34.20 45.37
C LEU N 103 6.24 34.32 44.06
N LEU N 104 6.42 33.36 43.16
CA LEU N 104 5.61 33.31 41.94
C LEU N 104 4.12 33.28 42.26
N ARG N 105 3.72 32.43 43.21
CA ARG N 105 2.32 32.18 43.49
C ARG N 105 1.70 33.35 44.25
N LYS N 106 2.49 34.00 45.11
CA LYS N 106 2.05 35.24 45.74
C LYS N 106 1.88 36.34 44.71
N ALA N 107 2.79 36.42 43.74
CA ALA N 107 2.66 37.43 42.70
C ALA N 107 1.40 37.20 41.89
N GLU N 108 1.02 35.93 41.71
CA GLU N 108 -0.20 35.59 40.97
C GLU N 108 -1.45 36.12 41.69
N GLU N 109 -1.38 36.27 43.00
CA GLU N 109 -2.53 36.73 43.77
C GLU N 109 -2.73 38.24 43.64
N LEU N 110 -1.71 38.97 43.17
CA LEU N 110 -1.85 40.41 42.98
C LEU N 110 -2.16 40.80 41.54
N LEU N 111 -1.77 39.96 40.58
CA LEU N 111 -2.07 40.26 39.18
C LEU N 111 -3.53 40.02 38.86
N ASP N 112 -4.18 39.12 39.61
CA ASP N 112 -5.62 38.96 39.45
C ASP N 112 -6.43 40.06 40.13
N GLN N 113 -5.76 41.01 40.80
CA GLN N 113 -6.37 42.27 41.23
C GLN N 113 -5.96 43.42 40.32
N ASN N 114 -5.26 43.12 39.22
CA ASN N 114 -4.87 44.07 38.18
C ASN N 114 -3.78 45.04 38.64
N VAL N 115 -2.82 44.56 39.43
CA VAL N 115 -1.64 45.37 39.76
C VAL N 115 -0.59 45.23 38.65
N HIS N 116 -0.02 46.36 38.23
CA HIS N 116 0.94 46.33 37.13
C HIS N 116 2.17 45.52 37.52
N PRO N 117 2.68 44.68 36.61
CA PRO N 117 3.90 43.90 36.91
C PRO N 117 5.10 44.72 37.36
N THR N 118 5.35 45.88 36.75
CA THR N 118 6.49 46.69 37.18
C THR N 118 6.34 47.14 38.63
N ILE N 119 5.10 47.39 39.08
CA ILE N 119 4.88 47.77 40.46
C ILE N 119 5.26 46.61 41.39
N VAL N 120 4.88 45.39 41.02
CA VAL N 120 5.26 44.22 41.81
C VAL N 120 6.77 44.09 41.88
N VAL N 121 7.44 44.25 40.74
CA VAL N 121 8.89 44.07 40.67
C VAL N 121 9.61 45.12 41.51
N LYS N 122 9.18 46.37 41.40
CA LYS N 122 9.76 47.44 42.23
C LYS N 122 9.46 47.27 43.71
N GLY N 123 8.37 46.59 44.08
CA GLY N 123 8.19 46.26 45.48
C GLY N 123 9.10 45.14 45.98
N TYR N 124 9.14 44.03 45.25
CA TYR N 124 10.03 42.93 45.62
C TYR N 124 11.46 43.42 45.77
N GLN N 125 11.90 44.30 44.86
CA GLN N 125 13.25 44.83 44.93
C GLN N 125 13.51 45.55 46.25
N ALA N 126 12.56 46.39 46.69
CA ALA N 126 12.72 47.10 47.94
C ALA N 126 12.66 46.18 49.15
N ALA N 127 11.99 45.03 49.02
CA ALA N 127 11.90 44.08 50.12
C ALA N 127 13.18 43.27 50.29
N ALA N 128 13.81 42.89 49.18
CA ALA N 128 14.96 41.98 49.26
C ALA N 128 16.19 42.66 49.87
N GLN N 129 16.41 43.93 49.52
CA GLN N 129 17.51 44.67 50.15
C GLN N 129 17.30 44.81 51.66
N LYS N 130 16.04 45.00 52.07
CA LYS N 130 15.69 45.05 53.47
C LYS N 130 15.93 43.71 54.16
N ALA N 131 15.65 42.61 53.45
CA ALA N 131 15.93 41.29 54.00
C ALA N 131 17.44 41.06 54.14
N GLN N 132 18.24 41.68 53.26
CA GLN N 132 19.68 41.62 53.41
C GLN N 132 20.15 42.36 54.66
N GLU N 133 19.65 43.57 54.87
CA GLU N 133 19.96 44.31 56.10
C GLU N 133 19.60 43.50 57.34
N LEU N 134 18.38 42.97 57.35
CA LEU N 134 17.89 42.22 58.50
C LEU N 134 18.70 40.96 58.76
N LEU N 135 19.01 40.20 57.71
CA LEU N 135 19.84 39.02 57.86
C LEU N 135 21.24 39.36 58.35
N LYS N 136 21.78 40.51 57.95
CA LYS N 136 23.09 40.92 58.40
C LYS N 136 23.09 41.37 59.85
N THR N 137 21.91 41.69 60.42
CA THR N 137 21.86 42.14 61.80
C THR N 137 21.23 41.16 62.80
N ILE N 138 20.51 40.12 62.34
CA ILE N 138 19.93 39.14 63.27
C ILE N 138 20.80 37.90 63.46
N ALA N 139 22.00 37.88 62.89
CA ALA N 139 22.86 36.70 62.95
C ALA N 139 23.70 36.71 64.22
N CYS N 140 24.30 35.57 64.54
CA CYS N 140 25.17 35.42 65.70
C CYS N 140 26.61 35.23 65.23
N GLU N 141 27.55 35.84 65.96
CA GLU N 141 28.94 35.95 65.54
C GLU N 141 29.81 34.99 66.34
N VAL N 142 30.50 34.09 65.65
CA VAL N 142 31.25 33.01 66.27
C VAL N 142 32.63 32.90 65.61
N GLY N 143 33.62 32.46 66.39
CA GLY N 143 34.97 32.35 65.89
C GLY N 143 35.21 31.06 65.11
N ALA N 144 36.12 31.12 64.14
CA ALA N 144 36.31 30.02 63.20
C ALA N 144 37.07 28.85 63.82
N GLN N 145 37.70 29.07 64.98
CA GLN N 145 38.42 28.03 65.70
C GLN N 145 37.51 27.15 66.55
N ASP N 146 36.20 27.41 66.55
CA ASP N 146 35.27 26.84 67.53
C ASP N 146 34.65 25.56 66.95
N LYS N 147 35.33 24.44 67.24
CA LYS N 147 35.02 23.19 66.55
C LYS N 147 33.68 22.59 66.97
N GLU N 148 33.21 22.94 68.17
CA GLU N 148 31.96 22.41 68.69
C GLU N 148 30.76 22.83 67.84
N ILE N 149 30.62 24.14 67.63
CA ILE N 149 29.52 24.63 66.81
C ILE N 149 29.67 24.13 65.37
N LEU N 150 30.91 23.90 64.92
CA LEU N 150 31.10 23.28 63.61
C LEU N 150 30.51 21.87 63.56
N THR N 151 30.75 21.09 64.60
CA THR N 151 30.13 19.77 64.70
C THR N 151 28.60 19.85 64.65
N LYS N 152 28.04 20.79 65.42
CA LYS N 152 26.59 20.95 65.49
C LYS N 152 26.01 21.33 64.13
N ILE N 153 26.71 22.19 63.40
CA ILE N 153 26.26 22.59 62.06
C ILE N 153 26.34 21.41 61.09
N ALA N 154 27.40 20.61 61.20
CA ALA N 154 27.56 19.45 60.33
C ALA N 154 26.43 18.45 60.55
N MET N 155 26.14 18.15 61.82
CA MET N 155 25.02 17.28 62.16
C MET N 155 23.71 17.84 61.61
N THR N 156 23.51 19.15 61.72
CA THR N 156 22.33 19.79 61.17
C THR N 156 22.25 19.61 59.65
N SER N 157 23.41 19.47 58.99
CA SER N 157 23.42 19.31 57.55
C SER N 157 23.05 17.89 57.15
N ILE N 158 23.37 16.92 58.01
CA ILE N 158 23.16 15.50 57.70
C ILE N 158 21.74 15.05 58.08
N THR N 159 21.07 15.76 58.98
CA THR N 159 19.73 15.39 59.44
C THR N 159 18.70 15.41 58.31
N GLY N 160 17.87 14.36 58.26
CA GLY N 160 16.84 14.26 57.24
C GLY N 160 17.23 13.57 55.96
N LYS N 161 18.38 12.89 55.91
CA LYS N 161 18.92 12.38 54.65
C LYS N 161 19.05 10.86 54.61
N GLY N 162 18.40 10.14 55.53
CA GLY N 162 18.49 8.69 55.51
C GLY N 162 19.77 8.13 56.09
N ALA N 163 20.90 8.81 55.86
CA ALA N 163 22.15 8.49 56.52
C ALA N 163 22.27 9.24 57.85
N GLU N 164 21.19 9.24 58.64
CA GLU N 164 21.20 9.90 59.96
C GLU N 164 21.90 9.05 61.01
N LYS N 165 21.96 7.74 60.79
CA LYS N 165 22.35 6.84 61.86
C LYS N 165 23.82 6.99 62.19
N ALA N 166 24.61 7.54 61.27
CA ALA N 166 26.03 7.75 61.43
C ALA N 166 26.43 9.21 61.62
N LYS N 167 25.48 10.12 61.82
CA LYS N 167 25.82 11.55 61.74
C LYS N 167 26.79 11.96 62.85
N GLU N 168 26.71 11.33 64.02
CA GLU N 168 27.55 11.71 65.15
C GLU N 168 28.98 11.19 65.02
N LYS N 169 29.26 10.41 63.97
CA LYS N 169 30.63 10.06 63.58
C LYS N 169 31.08 10.84 62.35
N LEU N 170 30.19 10.96 61.38
CA LEU N 170 30.49 11.72 60.17
C LEU N 170 30.84 13.16 60.50
N ALA N 171 30.21 13.72 61.54
CA ALA N 171 30.47 15.08 61.95
C ALA N 171 31.93 15.26 62.35
N GLU N 172 32.46 14.38 63.22
CA GLU N 172 33.85 14.48 63.62
C GLU N 172 34.79 14.30 62.44
N ILE N 173 34.50 13.30 61.60
CA ILE N 173 35.33 13.03 60.44
C ILE N 173 35.42 14.27 59.56
N ILE N 174 34.27 14.86 59.24
CA ILE N 174 34.23 15.99 58.32
C ILE N 174 34.85 17.23 58.93
N VAL N 175 34.66 17.45 60.24
CA VAL N 175 35.25 18.62 60.88
C VAL N 175 36.76 18.56 60.80
N GLU N 176 37.36 17.41 61.13
CA GLU N 176 38.81 17.30 60.99
C GLU N 176 39.24 17.43 59.53
N ALA N 177 38.52 16.77 58.62
CA ALA N 177 38.87 16.75 57.20
C ALA N 177 38.93 18.17 56.64
N VAL N 178 37.96 19.01 57.01
CA VAL N 178 37.88 20.38 56.52
C VAL N 178 38.91 21.25 57.24
N SER N 179 39.12 21.00 58.53
CA SER N 179 40.05 21.83 59.30
C SER N 179 41.48 21.66 58.80
N ALA N 180 41.75 20.53 58.16
CA ALA N 180 43.08 20.26 57.62
C ALA N 180 43.41 21.19 56.46
N VAL N 181 42.41 21.43 55.60
CA VAL N 181 42.62 22.07 54.30
C VAL N 181 42.35 23.56 54.34
N VAL N 182 42.15 24.13 55.52
CA VAL N 182 42.05 25.58 55.68
C VAL N 182 43.42 26.19 55.37
N ASP N 183 43.49 27.00 54.32
CA ASP N 183 44.78 27.42 53.78
C ASP N 183 45.37 28.57 54.60
N ASP N 184 46.62 28.92 54.28
CA ASP N 184 47.33 29.92 55.08
C ASP N 184 46.69 31.30 54.99
N GLU N 185 45.70 31.48 54.11
CA GLU N 185 44.92 32.71 54.09
C GLU N 185 43.53 32.56 54.69
N GLY N 186 43.23 31.43 55.33
CA GLY N 186 41.96 31.23 56.00
C GLY N 186 40.76 30.95 55.13
N LYS N 187 40.96 30.22 54.02
CA LYS N 187 39.88 29.92 53.09
C LYS N 187 39.86 28.43 52.80
N VAL N 188 38.67 27.89 52.57
CA VAL N 188 38.47 26.46 52.38
C VAL N 188 38.26 26.19 50.90
N ASP N 189 39.05 25.30 50.34
CA ASP N 189 38.88 24.83 48.97
C ASP N 189 38.39 23.38 49.02
N LYS N 190 37.29 23.11 48.30
CA LYS N 190 36.59 21.83 48.44
C LYS N 190 37.35 20.70 47.74
N ASP N 191 38.03 21.03 46.64
CA ASP N 191 38.72 20.01 45.86
C ASP N 191 40.00 19.52 46.54
N LEU N 192 40.42 20.16 47.64
CA LEU N 192 41.55 19.63 48.40
C LEU N 192 41.18 18.45 49.29
N ILE N 193 39.91 18.07 49.31
CA ILE N 193 39.43 16.88 50.02
C ILE N 193 38.97 15.85 48.99
N LYS N 194 39.53 14.64 49.09
CA LYS N 194 39.28 13.58 48.13
C LYS N 194 38.26 12.62 48.73
N ILE N 195 37.19 12.35 48.00
CA ILE N 195 36.09 11.54 48.50
C ILE N 195 36.06 10.25 47.71
N GLU N 196 36.20 9.12 48.39
CA GLU N 196 36.31 7.82 47.74
C GLU N 196 35.23 6.87 48.25
N LYS N 197 34.74 6.03 47.36
CA LYS N 197 33.47 5.32 47.51
C LYS N 197 33.64 3.83 47.30
N LYS N 198 34.09 3.11 48.32
CA LYS N 198 34.43 1.70 48.22
C LYS N 198 33.43 0.89 49.02
N SER N 199 32.73 -0.04 48.35
CA SER N 199 31.62 -0.75 48.95
C SER N 199 32.11 -1.83 49.92
N GLY N 200 31.16 -2.58 50.48
CA GLY N 200 31.45 -3.52 51.54
C GLY N 200 31.40 -2.86 52.91
N ALA N 201 31.26 -3.69 53.94
CA ALA N 201 31.04 -3.23 55.31
C ALA N 201 29.82 -2.32 55.46
N SER N 202 29.65 -1.73 56.64
CA SER N 202 28.51 -0.86 56.93
C SER N 202 28.95 0.60 57.06
N ILE N 203 27.95 1.49 56.92
CA ILE N 203 28.18 2.93 56.86
C ILE N 203 29.00 3.43 58.05
N ASP N 204 28.97 2.69 59.16
CA ASP N 204 29.73 3.08 60.34
C ASP N 204 31.19 2.69 60.25
N ASP N 205 31.60 1.94 59.21
CA ASP N 205 33.00 1.62 58.96
C ASP N 205 33.70 2.67 58.11
N THR N 206 33.04 3.80 57.82
CA THR N 206 33.70 4.90 57.14
C THR N 206 34.83 5.47 58.01
N GLU N 207 35.92 5.90 57.36
CA GLU N 207 37.09 6.37 58.08
C GLU N 207 37.79 7.47 57.30
N LEU N 208 38.73 8.13 57.97
CA LEU N 208 39.48 9.25 57.44
C LEU N 208 40.95 8.89 57.29
N ILE N 209 41.53 9.17 56.12
CA ILE N 209 42.94 8.91 55.86
C ILE N 209 43.67 10.25 55.81
N LYS N 210 44.73 10.37 56.62
CA LYS N 210 45.60 11.55 56.58
C LYS N 210 46.63 11.37 55.47
N GLY N 211 46.14 11.28 54.24
CA GLY N 211 47.01 10.94 53.12
C GLY N 211 46.19 10.59 51.90
N VAL N 212 46.68 9.66 51.08
CA VAL N 212 46.07 9.40 49.78
C VAL N 212 45.85 7.91 49.58
N LEU N 213 44.76 7.58 48.89
CA LEU N 213 44.55 6.27 48.29
C LEU N 213 44.69 6.44 46.78
N VAL N 214 45.54 5.60 46.16
CA VAL N 214 45.85 5.70 44.74
C VAL N 214 45.31 4.46 44.04
N ASP N 215 44.72 4.65 42.87
CA ASP N 215 44.13 3.56 42.09
C ASP N 215 45.20 2.86 41.26
N LYS N 216 46.22 2.32 41.92
CA LYS N 216 47.37 1.75 41.24
C LYS N 216 47.94 0.58 42.05
N GLU N 217 48.65 -0.30 41.35
CA GLU N 217 49.48 -1.32 41.99
C GLU N 217 50.89 -1.25 41.43
N ARG N 218 51.86 -1.68 42.25
CA ARG N 218 53.25 -1.48 41.90
C ARG N 218 53.63 -2.30 40.67
N VAL N 219 54.61 -1.80 39.92
CA VAL N 219 54.85 -2.30 38.57
C VAL N 219 55.43 -3.72 38.58
N SER N 220 56.36 -4.00 39.51
CA SER N 220 57.07 -5.27 39.54
C SER N 220 56.87 -5.92 40.91
N ALA N 221 56.51 -7.21 40.92
CA ALA N 221 56.05 -7.82 42.17
C ALA N 221 57.19 -8.17 43.11
N GLN N 222 58.45 -8.07 42.67
CA GLN N 222 59.60 -8.20 43.55
C GLN N 222 59.76 -6.97 44.44
N MET N 223 59.09 -5.87 44.08
CA MET N 223 59.16 -4.61 44.78
C MET N 223 58.49 -4.71 46.15
N PRO N 224 59.14 -4.22 47.21
CA PRO N 224 58.57 -4.39 48.56
C PRO N 224 57.17 -3.80 48.68
N LYS N 225 56.29 -4.57 49.32
CA LYS N 225 54.87 -4.23 49.34
C LYS N 225 54.53 -3.35 50.54
N LYS N 226 55.48 -3.18 51.46
CA LYS N 226 55.31 -2.34 52.63
C LYS N 226 56.59 -1.56 52.89
N VAL N 227 56.47 -0.24 53.08
CA VAL N 227 57.61 0.63 53.35
C VAL N 227 57.24 1.59 54.49
N THR N 228 58.19 1.82 55.39
CA THR N 228 58.02 2.72 56.52
C THR N 228 58.98 3.90 56.39
N ASP N 229 58.55 5.08 56.84
CA ASP N 229 59.26 6.34 56.62
C ASP N 229 59.75 6.46 55.18
N ALA N 230 58.79 6.37 54.25
CA ALA N 230 59.05 6.42 52.82
C ALA N 230 59.67 7.76 52.39
N LYS N 231 60.56 7.67 51.39
CA LYS N 231 61.12 8.83 50.68
C LYS N 231 60.56 8.79 49.26
N ILE N 232 59.59 9.66 48.98
CA ILE N 232 58.75 9.51 47.81
C ILE N 232 59.22 10.49 46.73
N ALA N 233 59.43 9.99 45.53
CA ALA N 233 59.83 10.81 44.38
C ALA N 233 58.71 10.81 43.35
N LEU N 234 58.39 12.01 42.85
CA LEU N 234 57.33 12.20 41.85
C LEU N 234 57.93 12.73 40.56
N LEU N 235 57.58 12.10 39.45
CA LEU N 235 58.11 12.45 38.13
C LEU N 235 56.97 12.74 37.14
N ASN N 236 57.18 13.75 36.31
CA ASN N 236 56.29 14.06 35.20
C ASN N 236 56.85 13.52 33.88
N CYS N 237 58.16 13.28 33.86
CA CYS N 237 58.80 12.63 32.72
C CYS N 237 58.74 11.11 32.85
N ALA N 238 58.67 10.45 31.69
CA ALA N 238 58.66 9.00 31.59
C ALA N 238 60.07 8.44 31.65
N ILE N 239 60.23 7.28 32.31
CA ILE N 239 61.51 6.61 32.36
C ILE N 239 61.61 5.69 31.15
N GLU N 240 62.10 6.25 30.05
CA GLU N 240 62.17 5.55 28.76
C GLU N 240 63.32 6.14 27.97
N ILE N 241 63.72 5.43 26.91
CA ILE N 241 64.82 5.90 26.10
C ILE N 241 64.38 7.09 25.27
N LYS N 242 65.13 8.19 25.36
CA LYS N 242 64.74 9.41 24.68
C LYS N 242 64.82 9.25 23.17
N GLU N 243 63.97 9.99 22.46
CA GLU N 243 63.98 10.08 21.00
C GLU N 243 64.49 11.45 20.58
N THR N 244 64.99 11.55 19.35
CA THR N 244 65.42 12.81 18.79
C THR N 244 64.27 13.43 17.98
N GLU N 245 63.91 14.67 18.32
CA GLU N 245 62.85 15.36 17.61
C GLU N 245 63.33 15.91 16.27
N THR N 246 64.36 15.28 15.69
CA THR N 246 64.91 15.61 14.37
C THR N 246 65.00 14.41 13.43
N ASP N 247 64.58 13.22 13.89
CA ASP N 247 64.62 11.95 13.14
C ASP N 247 66.02 11.36 12.89
N ALA N 248 66.16 10.04 13.03
CA ALA N 248 67.43 9.35 13.17
C ALA N 248 67.45 7.97 12.53
N GLU N 249 68.63 7.56 12.10
CA GLU N 249 68.95 6.19 11.68
C GLU N 249 70.37 5.87 12.13
N ILE N 250 70.61 4.64 12.61
CA ILE N 250 71.90 4.30 13.21
C ILE N 250 72.91 3.70 12.23
N ARG N 251 72.45 3.04 11.18
CA ARG N 251 73.30 2.56 10.08
C ARG N 251 74.50 1.72 10.52
N ILE N 252 74.30 0.40 10.54
CA ILE N 252 75.28 -0.51 11.14
C ILE N 252 76.11 -1.15 10.04
N THR N 253 77.35 -0.66 9.86
CA THR N 253 78.18 -1.10 8.75
C THR N 253 79.12 -2.22 9.18
N ASP N 254 79.47 -2.29 10.47
CA ASP N 254 80.24 -3.39 11.02
C ASP N 254 79.30 -4.29 11.82
N PRO N 255 79.19 -5.58 11.46
CA PRO N 255 78.42 -6.53 12.27
C PRO N 255 78.71 -6.48 13.76
N ALA N 256 79.97 -6.25 14.14
CA ALA N 256 80.35 -6.22 15.55
C ALA N 256 79.64 -5.11 16.34
N LYS N 257 78.91 -4.22 15.67
CA LYS N 257 78.27 -3.09 16.34
C LYS N 257 76.77 -3.26 16.49
N LEU N 258 76.26 -4.49 16.46
CA LEU N 258 74.86 -4.73 16.80
C LEU N 258 74.66 -4.70 18.32
N MET N 259 75.42 -5.54 19.05
CA MET N 259 75.27 -5.61 20.49
C MET N 259 75.70 -4.30 21.17
N GLU N 260 76.65 -3.58 20.59
CA GLU N 260 77.14 -2.35 21.20
C GLU N 260 76.05 -1.28 21.23
N PHE N 261 75.36 -1.07 20.12
CA PHE N 261 74.25 -0.14 20.12
C PHE N 261 73.19 -0.51 21.16
N ILE N 262 72.92 -1.81 21.30
CA ILE N 262 71.87 -2.29 22.20
C ILE N 262 72.29 -2.12 23.66
N GLU N 263 73.54 -2.47 23.98
CA GLU N 263 74.09 -2.24 25.32
C GLU N 263 74.06 -0.76 25.70
N GLN N 264 74.32 0.14 24.76
CA GLN N 264 74.29 1.56 25.14
C GLN N 264 72.87 2.03 25.41
N GLU N 265 71.88 1.52 24.67
CA GLU N 265 70.51 1.81 25.11
C GLU N 265 70.21 1.22 26.49
N GLU N 266 70.71 0.04 26.82
CA GLU N 266 70.52 -0.48 28.18
C GLU N 266 71.16 0.42 29.23
N LYS N 267 72.36 0.95 28.93
CA LYS N 267 73.05 1.78 29.90
C LYS N 267 72.33 3.12 30.11
N MET N 268 71.67 3.63 29.07
CA MET N 268 70.94 4.88 29.20
C MET N 268 69.73 4.76 30.13
N LEU N 269 69.27 3.53 30.42
CA LEU N 269 68.27 3.36 31.47
C LEU N 269 68.92 3.07 32.82
N LYS N 270 70.03 2.32 32.79
CA LYS N 270 70.75 1.99 34.02
C LYS N 270 71.16 3.25 34.76
N ASP N 271 71.60 4.27 34.02
CA ASP N 271 72.06 5.50 34.65
C ASP N 271 70.90 6.31 35.24
N MET N 272 69.73 6.27 34.61
CA MET N 272 68.55 6.92 35.19
C MET N 272 68.21 6.32 36.54
N VAL N 273 68.28 4.99 36.63
CA VAL N 273 67.94 4.34 37.90
C VAL N 273 69.01 4.62 38.95
N ALA N 274 70.28 4.61 38.55
CA ALA N 274 71.35 5.04 39.45
C ALA N 274 71.09 6.45 40.01
N GLU N 275 70.66 7.37 39.15
CA GLU N 275 70.38 8.74 39.57
C GLU N 275 69.18 8.82 40.51
N ILE N 276 68.14 8.06 40.23
CA ILE N 276 66.99 8.05 41.14
C ILE N 276 67.40 7.54 42.52
N LYS N 277 68.31 6.55 42.53
CA LYS N 277 68.78 6.03 43.82
C LYS N 277 69.62 7.05 44.57
N ALA N 278 70.50 7.76 43.84
CA ALA N 278 71.41 8.71 44.48
C ALA N 278 70.66 9.89 45.11
N SER N 279 69.45 10.20 44.64
CA SER N 279 68.66 11.21 45.34
C SER N 279 68.31 10.79 46.77
N GLY N 280 68.21 9.49 47.04
CA GLY N 280 67.79 9.01 48.34
C GLY N 280 66.42 8.38 48.36
N ALA N 281 65.78 8.24 47.21
CA ALA N 281 64.39 7.80 47.15
C ALA N 281 64.28 6.30 47.43
N ASN N 282 63.09 5.88 47.89
CA ASN N 282 62.74 4.47 47.94
C ASN N 282 61.29 4.19 47.55
N VAL N 283 60.53 5.21 47.14
CA VAL N 283 59.20 5.06 46.58
C VAL N 283 59.08 6.03 45.41
N LEU N 284 58.44 5.58 44.33
CA LEU N 284 58.39 6.33 43.07
C LEU N 284 56.97 6.35 42.51
N PHE N 285 56.60 7.51 41.95
CA PHE N 285 55.39 7.66 41.15
C PHE N 285 55.75 8.35 39.84
N CYS N 286 55.23 7.84 38.74
CA CYS N 286 55.44 8.39 37.41
C CYS N 286 54.10 8.71 36.75
N GLN N 287 53.95 9.97 36.30
CA GLN N 287 52.74 10.36 35.59
C GLN N 287 52.69 9.81 34.16
N LYS N 288 53.64 8.95 33.80
CA LYS N 288 53.87 8.51 32.42
C LYS N 288 54.59 7.17 32.45
N GLY N 289 55.01 6.69 31.29
CA GLY N 289 55.44 5.31 31.17
C GLY N 289 56.79 5.02 31.81
N ILE N 290 56.92 3.79 32.28
CA ILE N 290 58.19 3.23 32.73
C ILE N 290 58.43 1.95 31.91
N ASP N 291 59.60 1.84 31.30
CA ASP N 291 59.93 0.70 30.46
C ASP N 291 60.15 -0.57 31.29
N ASP N 292 59.94 -1.73 30.64
CA ASP N 292 60.05 -3.01 31.34
C ASP N 292 61.46 -3.34 31.78
N LEU N 293 62.50 -2.71 31.20
CA LEU N 293 63.84 -2.88 31.72
C LEU N 293 64.13 -1.92 32.88
N ALA N 294 63.56 -0.71 32.80
CA ALA N 294 63.63 0.23 33.91
C ALA N 294 63.00 -0.37 35.15
N GLN N 295 61.89 -1.08 34.97
CA GLN N 295 61.20 -1.80 36.04
C GLN N 295 62.12 -2.84 36.68
N HIS N 296 62.92 -3.51 35.86
CA HIS N 296 63.92 -4.45 36.36
C HIS N 296 64.91 -3.76 37.27
N TYR N 297 65.51 -2.66 36.80
CA TYR N 297 66.54 -2.05 37.63
C TYR N 297 65.93 -1.46 38.90
N LEU N 298 64.71 -0.92 38.81
CA LEU N 298 63.99 -0.47 39.99
C LEU N 298 63.73 -1.59 41.00
N ALA N 299 63.28 -2.77 40.53
CA ALA N 299 63.12 -3.90 41.43
C ALA N 299 64.45 -4.51 41.86
N LYS N 300 65.54 -4.16 41.19
CA LYS N 300 66.84 -4.68 41.61
C LYS N 300 67.45 -3.79 42.67
N GLU N 301 67.09 -2.51 42.66
CA GLU N 301 67.56 -1.56 43.64
C GLU N 301 66.67 -1.51 44.88
N GLY N 302 65.58 -2.25 44.90
CA GLY N 302 64.54 -2.11 45.91
C GLY N 302 63.84 -0.77 46.03
N ILE N 303 63.40 -0.21 44.91
CA ILE N 303 62.61 1.01 44.88
C ILE N 303 61.21 0.66 44.40
N VAL N 304 60.19 1.16 45.11
CA VAL N 304 58.80 0.86 44.76
C VAL N 304 58.30 1.91 43.79
N ALA N 305 57.67 1.47 42.70
CA ALA N 305 57.30 2.34 41.59
C ALA N 305 55.89 2.05 41.07
N ALA N 306 55.15 3.14 40.77
CA ALA N 306 53.90 3.09 40.02
C ALA N 306 54.02 4.01 38.83
N ARG N 307 53.25 3.72 37.77
CA ARG N 307 53.38 4.42 36.50
C ARG N 307 52.03 4.90 35.99
N ARG N 308 52.10 5.85 35.04
CA ARG N 308 50.91 6.44 34.42
C ARG N 308 49.90 6.95 35.44
N VAL N 309 50.38 7.58 36.50
CA VAL N 309 49.53 8.14 37.54
C VAL N 309 48.89 9.41 37.01
N LYS N 310 47.61 9.57 37.29
CA LYS N 310 46.87 10.70 36.77
C LYS N 310 47.22 11.99 37.50
N LYS N 311 47.03 13.11 36.80
CA LYS N 311 47.57 14.40 37.22
C LYS N 311 47.01 14.85 38.56
N SER N 312 45.72 14.63 38.79
CA SER N 312 45.09 15.05 40.04
C SER N 312 45.66 14.29 41.22
N ASP N 313 45.91 12.99 41.03
CA ASP N 313 46.58 12.20 42.05
C ASP N 313 48.01 12.69 42.29
N MET N 314 48.69 13.15 41.23
CA MET N 314 50.01 13.75 41.38
C MET N 314 49.95 15.00 42.25
N GLU N 315 48.94 15.85 42.01
CA GLU N 315 48.72 17.04 42.82
C GLU N 315 48.50 16.69 44.28
N LYS N 316 47.64 15.70 44.53
CA LYS N 316 47.30 15.34 45.91
C LYS N 316 48.48 14.68 46.62
N LEU N 317 49.27 13.88 45.90
CA LEU N 317 50.51 13.36 46.49
C LEU N 317 51.50 14.47 46.84
N ALA N 318 51.74 15.40 45.92
CA ALA N 318 52.64 16.52 46.18
C ALA N 318 52.15 17.34 47.37
N LYS N 319 50.83 17.54 47.45
CA LYS N 319 50.26 18.25 48.59
C LYS N 319 50.49 17.50 49.89
N ALA N 320 50.25 16.18 49.89
CA ALA N 320 50.19 15.41 51.12
C ALA N 320 51.59 15.19 51.70
N THR N 321 52.55 14.86 50.83
CA THR N 321 53.90 14.46 51.24
C THR N 321 54.87 15.63 51.31
N GLY N 322 54.63 16.70 50.55
CA GLY N 322 55.58 17.78 50.41
C GLY N 322 56.63 17.56 49.35
N ALA N 323 56.43 16.56 48.50
CA ALA N 323 57.32 16.31 47.37
C ALA N 323 57.07 17.31 46.26
N ASN N 324 58.06 17.46 45.38
CA ASN N 324 57.96 18.34 44.22
C ASN N 324 57.94 17.50 42.95
N VAL N 325 56.94 17.74 42.09
CA VAL N 325 56.88 17.03 40.82
C VAL N 325 58.03 17.49 39.94
N ILE N 326 58.83 16.54 39.46
CA ILE N 326 60.05 16.81 38.73
C ILE N 326 59.83 16.44 37.27
N THR N 327 60.31 17.29 36.36
CA THR N 327 60.13 17.04 34.92
C THR N 327 61.38 16.46 34.24
N ASN N 328 62.52 16.43 34.93
CA ASN N 328 63.77 15.98 34.34
C ASN N 328 64.64 15.39 35.44
N ILE N 329 65.16 14.18 35.22
CA ILE N 329 65.71 13.40 36.34
C ILE N 329 67.10 13.91 36.75
N LYS N 330 67.76 14.68 35.88
CA LYS N 330 69.10 15.17 36.19
C LYS N 330 69.09 16.21 37.30
N ASP N 331 67.92 16.81 37.57
CA ASP N 331 67.85 17.83 38.62
C ASP N 331 67.34 17.28 39.94
N LEU N 332 66.89 16.03 39.95
CA LEU N 332 66.31 15.42 41.14
C LEU N 332 67.36 15.30 42.24
N SER N 333 66.99 15.72 43.44
CA SER N 333 67.92 15.82 44.56
C SER N 333 67.18 15.52 45.86
N ALA N 334 67.90 15.57 46.98
CA ALA N 334 67.25 15.35 48.28
C ALA N 334 66.32 16.50 48.65
N GLN N 335 66.40 17.60 47.92
CA GLN N 335 65.54 18.76 48.16
C GLN N 335 64.12 18.52 47.66
N ASP N 336 63.96 17.60 46.71
CA ASP N 336 62.72 17.39 45.99
C ASP N 336 61.89 16.25 46.55
N LEU N 337 62.41 15.52 47.54
CA LEU N 337 61.75 14.32 48.02
C LEU N 337 60.76 14.62 49.13
N GLY N 338 59.58 13.99 49.06
CA GLY N 338 58.63 14.08 50.15
C GLY N 338 58.85 12.99 51.18
N ASP N 339 58.08 13.07 52.26
CA ASP N 339 58.19 12.12 53.37
C ASP N 339 56.80 11.64 53.79
N ALA N 340 56.71 10.35 54.14
CA ALA N 340 55.47 9.76 54.62
C ALA N 340 55.78 8.52 55.45
N GLY N 341 55.13 8.42 56.60
CA GLY N 341 55.49 7.43 57.59
C GLY N 341 55.21 6.00 57.18
N LEU N 342 54.22 5.78 56.33
CA LEU N 342 53.84 4.43 55.93
C LEU N 342 53.26 4.40 54.53
N VAL N 343 53.76 3.48 53.70
CA VAL N 343 53.23 3.20 52.37
C VAL N 343 53.06 1.69 52.23
N GLU N 344 51.89 1.26 51.79
CA GLU N 344 51.64 -0.17 51.60
C GLU N 344 50.56 -0.38 50.54
N GLU N 345 50.75 -1.42 49.73
CA GLU N 345 49.70 -1.86 48.81
C GLU N 345 48.74 -2.79 49.54
N ARG N 346 47.45 -2.60 49.33
CA ARG N 346 46.41 -3.44 49.92
C ARG N 346 45.34 -3.83 48.91
N LYS N 347 44.57 -4.88 49.24
CA LYS N 347 43.39 -5.24 48.46
C LYS N 347 42.16 -4.93 49.29
N ILE N 348 41.27 -4.12 48.75
CA ILE N 348 40.08 -3.66 49.45
C ILE N 348 38.91 -3.65 48.48
N SER N 349 37.77 -4.22 48.92
CA SER N 349 36.54 -4.22 48.13
C SER N 349 36.73 -4.84 46.74
N GLY N 350 37.77 -5.64 46.60
CA GLY N 350 38.12 -6.37 45.39
C GLY N 350 39.11 -5.67 44.50
N ASP N 351 39.51 -4.44 44.83
CA ASP N 351 40.46 -3.66 44.05
C ASP N 351 41.80 -3.55 44.77
N SER N 352 42.88 -3.71 44.01
CA SER N 352 44.23 -3.45 44.49
C SER N 352 44.50 -1.95 44.51
N MET N 353 44.91 -1.43 45.67
CA MET N 353 45.16 0.00 45.81
C MET N 353 46.39 0.24 46.66
N ILE N 354 47.03 1.39 46.42
CA ILE N 354 48.22 1.79 47.17
C ILE N 354 47.81 2.86 48.19
N PHE N 355 48.21 2.66 49.45
CA PHE N 355 47.83 3.53 50.55
C PHE N 355 49.04 4.32 51.05
N VAL N 356 48.86 5.63 51.21
CA VAL N 356 49.89 6.51 51.79
C VAL N 356 49.36 7.04 53.12
N GLU N 357 50.13 6.84 54.19
CA GLU N 357 49.65 7.17 55.53
C GLU N 357 50.74 7.83 56.37
N GLU N 358 50.28 8.47 57.44
CA GLU N 358 51.15 9.16 58.41
C GLU N 358 52.04 10.19 57.70
N CYS N 359 51.40 11.17 57.09
CA CYS N 359 52.10 12.19 56.32
C CYS N 359 52.68 13.26 57.21
N LYS N 360 53.77 13.87 56.74
CA LYS N 360 54.56 14.78 57.57
C LYS N 360 53.79 16.05 57.91
N HIS N 361 53.12 16.63 56.91
CA HIS N 361 52.24 17.79 57.12
C HIS N 361 51.21 17.82 56.00
N PRO N 362 50.11 17.08 56.15
CA PRO N 362 49.15 16.95 55.04
C PRO N 362 48.35 18.21 54.78
N LYS N 363 48.53 18.78 53.59
CA LYS N 363 47.66 19.83 53.08
C LYS N 363 46.50 19.28 52.25
N ALA N 364 46.34 17.96 52.19
CA ALA N 364 45.21 17.32 51.52
C ALA N 364 44.89 16.02 52.24
N VAL N 365 43.59 15.66 52.27
CA VAL N 365 43.12 14.50 53.02
C VAL N 365 42.11 13.72 52.18
N THR N 366 41.96 12.44 52.52
CA THR N 366 41.07 11.52 51.82
C THR N 366 40.05 10.93 52.78
N MET N 367 38.77 10.94 52.38
CA MET N 367 37.69 10.34 53.15
C MET N 367 37.18 9.09 52.43
N LEU N 368 37.13 7.97 53.15
CA LEU N 368 36.81 6.66 52.57
C LEU N 368 35.41 6.26 53.03
N ILE N 369 34.44 6.36 52.13
CA ILE N 369 33.05 6.08 52.47
C ILE N 369 32.75 4.61 52.19
N ARG N 370 32.25 3.91 53.20
CA ARG N 370 31.91 2.49 53.12
C ARG N 370 30.40 2.29 53.09
N GLY N 371 29.97 1.11 52.65
CA GLY N 371 28.55 0.84 52.54
C GLY N 371 28.19 -0.47 51.85
N THR N 372 27.02 -0.99 52.21
CA THR N 372 26.58 -2.33 51.80
C THR N 372 25.99 -2.34 50.40
N THR N 373 25.99 -1.21 49.69
CA THR N 373 25.30 -1.15 48.41
C THR N 373 25.70 0.14 47.71
N GLU N 374 25.74 0.10 46.37
CA GLU N 374 26.21 1.25 45.61
C GLU N 374 25.22 2.40 45.67
N HIS N 375 23.92 2.08 45.66
CA HIS N 375 22.90 3.11 45.85
C HIS N 375 22.97 3.75 47.23
N VAL N 376 23.56 3.05 48.21
CA VAL N 376 23.73 3.64 49.54
C VAL N 376 24.86 4.66 49.51
N ILE N 377 25.96 4.31 48.86
CA ILE N 377 27.16 5.14 48.89
C ILE N 377 26.99 6.36 48.00
N GLU N 378 26.25 6.21 46.90
CA GLU N 378 25.95 7.34 46.02
C GLU N 378 25.05 8.35 46.72
N GLU N 379 24.50 8.00 47.89
CA GLU N 379 23.76 8.98 48.67
C GLU N 379 24.59 9.52 49.84
N VAL N 380 25.36 8.64 50.48
CA VAL N 380 26.20 9.09 51.58
C VAL N 380 27.20 10.13 51.09
N ALA N 381 27.68 9.99 49.85
CA ALA N 381 28.59 10.98 49.30
C ALA N 381 27.94 12.37 49.25
N ARG N 382 26.67 12.44 48.85
CA ARG N 382 25.94 13.70 48.84
C ARG N 382 25.80 14.26 50.25
N ALA N 383 25.41 13.39 51.20
CA ALA N 383 25.23 13.80 52.59
C ALA N 383 26.53 14.29 53.20
N VAL N 384 27.68 13.92 52.63
CA VAL N 384 28.95 14.42 53.16
C VAL N 384 29.37 15.71 52.44
N ASP N 385 29.06 15.80 51.15
CA ASP N 385 29.40 17.01 50.39
C ASP N 385 28.68 18.22 50.98
N ASP N 386 27.42 18.04 51.39
CA ASP N 386 26.64 19.14 51.97
C ASP N 386 27.25 19.65 53.27
N ALA N 387 27.75 18.74 54.11
CA ALA N 387 28.37 19.10 55.36
C ALA N 387 29.72 19.78 55.15
N VAL N 388 30.49 19.33 54.16
CA VAL N 388 31.72 20.05 53.81
C VAL N 388 31.39 21.48 53.41
N GLY N 389 30.34 21.66 52.62
CA GLY N 389 29.85 22.99 52.31
C GLY N 389 29.58 23.90 53.50
N VAL N 390 28.63 23.48 54.35
CA VAL N 390 28.28 24.33 55.49
C VAL N 390 29.43 24.55 56.46
N VAL N 391 30.35 23.58 56.60
CA VAL N 391 31.49 23.79 57.48
C VAL N 391 32.44 24.84 56.90
N GLY N 392 32.70 24.77 55.59
CA GLY N 392 33.50 25.82 54.96
C GLY N 392 32.88 27.19 55.13
N CYS N 393 31.56 27.28 54.95
CA CYS N 393 30.87 28.56 55.11
C CYS N 393 31.09 29.15 56.50
N THR N 394 30.94 28.32 57.55
CA THR N 394 31.13 28.81 58.91
C THR N 394 32.58 29.20 59.18
N ILE N 395 33.53 28.45 58.61
CA ILE N 395 34.95 28.72 58.85
C ILE N 395 35.37 30.02 58.16
N GLU N 396 34.79 30.29 56.99
CA GLU N 396 35.19 31.46 56.21
C GLU N 396 34.53 32.74 56.74
N ASP N 397 33.22 32.68 57.03
CA ASP N 397 32.50 33.90 57.38
C ASP N 397 32.42 34.15 58.88
N GLY N 398 32.42 33.09 59.68
CA GLY N 398 32.17 33.15 61.12
C GLY N 398 30.88 33.82 61.53
N ARG N 399 29.76 33.47 60.90
CA ARG N 399 28.44 33.99 61.27
C ARG N 399 27.42 32.88 61.11
N ILE N 400 26.54 32.73 62.11
CA ILE N 400 25.58 31.63 62.12
C ILE N 400 24.17 32.17 62.38
N VAL N 401 23.17 31.38 61.98
CA VAL N 401 21.77 31.74 62.16
C VAL N 401 21.02 30.55 62.74
N SER N 402 19.91 30.84 63.40
CA SER N 402 19.10 29.82 64.05
C SER N 402 18.28 29.05 63.02
N GLY N 403 18.08 27.75 63.27
CA GLY N 403 17.45 26.87 62.30
C GLY N 403 16.00 26.59 62.61
N GLY N 404 15.49 25.52 61.99
CA GLY N 404 14.09 25.15 62.14
C GLY N 404 13.09 26.21 61.72
N GLY N 405 13.41 26.99 60.70
CA GLY N 405 12.57 28.07 60.25
C GLY N 405 12.36 29.21 61.23
N SER N 406 13.09 29.26 62.34
CA SER N 406 12.97 30.43 63.20
C SER N 406 13.47 31.73 62.58
N THR N 407 14.16 31.67 61.44
CA THR N 407 14.65 32.89 60.82
C THR N 407 13.58 33.53 59.93
N GLU N 408 12.83 32.69 59.21
CA GLU N 408 11.84 33.20 58.26
C GLU N 408 10.70 33.93 58.97
N VAL N 409 10.28 33.43 60.15
CA VAL N 409 9.24 34.14 60.92
C VAL N 409 9.73 35.51 61.35
N GLU N 410 10.99 35.59 61.81
CA GLU N 410 11.56 36.87 62.20
C GLU N 410 11.61 37.84 61.02
N LEU N 411 12.03 37.34 59.86
CA LEU N 411 12.12 38.20 58.69
C LEU N 411 10.74 38.69 58.25
N SER N 412 9.75 37.79 58.26
CA SER N 412 8.39 38.19 57.88
C SER N 412 7.88 39.29 58.80
N MET N 413 8.05 39.12 60.12
CA MET N 413 7.62 40.15 61.05
C MET N 413 8.33 41.48 60.81
N LYS N 414 9.66 41.44 60.67
CA LYS N 414 10.44 42.67 60.54
C LYS N 414 10.27 43.33 59.18
N LEU N 415 9.77 42.59 58.19
CA LEU N 415 9.40 43.22 56.92
C LEU N 415 7.99 43.78 56.97
N ARG N 416 7.13 43.24 57.83
CA ARG N 416 5.81 43.82 57.97
C ARG N 416 5.87 45.13 58.75
N GLU N 417 6.74 45.20 59.77
CA GLU N 417 7.06 46.48 60.41
C GLU N 417 7.69 47.48 59.44
N TYR N 418 8.39 46.97 58.42
CA TYR N 418 8.88 47.82 57.32
C TYR N 418 7.76 48.34 56.45
N ALA N 419 6.79 47.48 56.11
CA ALA N 419 5.85 47.80 55.04
C ALA N 419 4.94 48.98 55.41
N GLU N 420 4.78 49.29 56.70
CA GLU N 420 3.96 50.45 57.05
C GLU N 420 4.65 51.78 56.77
N GLY N 421 5.98 51.78 56.64
CA GLY N 421 6.66 53.01 56.23
C GLY N 421 6.52 53.33 54.76
N ILE N 422 6.41 52.30 53.93
CA ILE N 422 6.27 52.45 52.49
C ILE N 422 4.83 52.80 52.14
N SER N 423 4.65 53.73 51.21
CA SER N 423 3.30 54.10 50.80
C SER N 423 3.21 54.05 49.28
N GLY N 424 1.96 53.96 48.81
CA GLY N 424 1.67 53.68 47.41
C GLY N 424 1.22 52.25 47.25
N ARG N 425 1.51 51.65 46.09
CA ARG N 425 1.03 50.30 45.82
C ARG N 425 2.15 49.25 45.86
N GLU N 426 3.41 49.67 45.91
CA GLU N 426 4.49 48.72 46.21
C GLU N 426 4.34 48.12 47.61
N GLN N 427 3.56 48.76 48.48
CA GLN N 427 3.31 48.20 49.81
C GLN N 427 2.64 46.83 49.72
N LEU N 428 1.77 46.66 48.73
CA LEU N 428 1.12 45.38 48.53
C LEU N 428 2.13 44.29 48.20
N ALA N 429 3.06 44.58 47.28
CA ALA N 429 4.09 43.62 46.92
C ALA N 429 5.06 43.35 48.06
N VAL N 430 5.37 44.36 48.87
CA VAL N 430 6.23 44.16 50.03
C VAL N 430 5.57 43.21 51.03
N ARG N 431 4.26 43.35 51.23
CA ARG N 431 3.55 42.46 52.13
C ARG N 431 3.49 41.04 51.57
N ALA N 432 3.23 40.89 50.27
CA ALA N 432 3.20 39.57 49.65
C ALA N 432 4.57 38.91 49.68
N PHE N 433 5.65 39.70 49.64
CA PHE N 433 6.98 39.14 49.80
C PHE N 433 7.20 38.65 51.22
N ALA N 434 6.81 39.47 52.21
CA ALA N 434 7.01 39.11 53.61
C ALA N 434 6.18 37.89 54.00
N ASP N 435 5.03 37.72 53.34
CA ASP N 435 4.13 36.61 53.65
C ASP N 435 4.51 35.34 52.88
N ALA N 436 5.49 35.43 51.99
CA ALA N 436 5.90 34.28 51.17
C ALA N 436 7.06 33.52 51.80
N LEU N 437 7.71 34.10 52.82
CA LEU N 437 8.87 33.45 53.42
C LEU N 437 8.44 32.41 54.46
N GLU N 438 7.21 32.52 54.94
CA GLU N 438 6.68 31.55 55.89
C GLU N 438 6.27 30.23 55.24
N VAL N 439 6.58 30.04 53.96
CA VAL N 439 6.34 28.76 53.31
C VAL N 439 7.23 27.66 53.91
N ILE N 440 8.37 28.04 54.45
CA ILE N 440 9.38 27.11 54.93
C ILE N 440 8.94 26.49 56.27
N PRO N 441 8.61 27.29 57.30
CA PRO N 441 8.09 26.68 58.53
C PRO N 441 6.73 26.02 58.35
N ARG N 442 5.91 26.52 57.43
CA ARG N 442 4.69 25.82 57.02
C ARG N 442 5.00 24.42 56.49
N THR N 443 5.90 24.31 55.50
CA THR N 443 6.21 23.00 54.95
C THR N 443 6.91 22.10 55.97
N LEU N 444 7.69 22.70 56.87
CA LEU N 444 8.36 21.92 57.91
C LEU N 444 7.36 21.25 58.83
N ALA N 445 6.18 21.87 59.02
CA ALA N 445 5.10 21.19 59.73
C ALA N 445 4.30 20.26 58.82
N GLU N 446 4.13 20.62 57.55
CA GLU N 446 3.33 19.83 56.62
C GLU N 446 3.92 18.42 56.43
N ASN N 447 5.24 18.33 56.34
CA ASN N 447 5.88 17.04 56.07
C ASN N 447 5.81 16.09 57.26
N ALA N 448 5.88 16.62 58.48
CA ALA N 448 5.82 15.83 59.71
C ALA N 448 4.39 15.42 60.07
N GLY N 449 3.41 15.78 59.26
CA GLY N 449 2.02 15.48 59.57
C GLY N 449 1.44 16.28 60.71
N LEU N 450 1.96 17.48 60.95
CA LEU N 450 1.47 18.35 62.00
C LEU N 450 0.42 19.31 61.44
N ASP N 451 -0.23 20.05 62.33
CA ASP N 451 -1.27 21.00 61.96
C ASP N 451 -0.60 22.36 61.80
N ALA N 452 -0.40 22.76 60.55
CA ALA N 452 0.45 23.92 60.26
C ALA N 452 -0.19 25.22 60.72
N ILE N 453 -1.50 25.35 60.58
CA ILE N 453 -2.16 26.62 60.88
C ILE N 453 -2.17 26.87 62.39
N GLU N 454 -2.25 25.81 63.19
CA GLU N 454 -2.18 25.96 64.65
C GLU N 454 -0.74 26.16 65.11
N ILE N 455 0.21 25.55 64.40
CA ILE N 455 1.62 25.67 64.80
C ILE N 455 2.14 27.07 64.56
N LEU N 456 1.83 27.64 63.38
CA LEU N 456 2.44 28.88 62.93
C LEU N 456 2.10 30.06 63.86
N VAL N 457 0.89 30.05 64.43
CA VAL N 457 0.48 31.12 65.33
C VAL N 457 1.31 31.10 66.62
N LYS N 458 1.50 29.92 67.19
CA LYS N 458 2.33 29.78 68.40
C LYS N 458 3.76 30.23 68.13
N VAL N 459 4.29 29.83 66.96
CA VAL N 459 5.64 30.22 66.57
C VAL N 459 5.75 31.74 66.48
N ARG N 460 4.77 32.39 65.84
CA ARG N 460 4.78 33.85 65.75
C ARG N 460 4.72 34.49 67.14
N ALA N 461 3.82 33.99 67.99
CA ALA N 461 3.62 34.57 69.31
C ALA N 461 4.89 34.56 70.13
N ALA N 462 5.65 33.46 70.03
CA ALA N 462 6.92 33.35 70.75
C ALA N 462 7.87 34.49 70.39
N HIS N 463 7.81 34.96 69.14
CA HIS N 463 8.67 36.06 68.71
C HIS N 463 8.11 37.39 69.18
N ALA N 464 6.82 37.62 68.95
CA ALA N 464 6.23 38.94 69.15
C ALA N 464 6.35 39.44 70.58
N SER N 465 6.57 38.54 71.55
CA SER N 465 6.59 38.93 72.96
C SER N 465 8.00 39.09 73.54
N ASN N 466 9.05 38.95 72.73
CA ASN N 466 10.40 38.79 73.26
C ASN N 466 11.51 39.42 72.42
N GLY N 467 11.35 39.49 71.10
CA GLY N 467 12.54 39.64 70.31
C GLY N 467 13.39 38.39 70.32
N ASN N 468 12.78 37.24 70.60
CA ASN N 468 13.46 35.96 70.57
C ASN N 468 13.81 35.64 69.12
N LYS N 469 15.11 35.66 68.81
CA LYS N 469 15.56 35.37 67.45
C LYS N 469 15.36 33.91 67.08
N CYS N 470 15.20 33.03 68.08
CA CYS N 470 15.55 31.62 67.95
C CYS N 470 14.38 30.66 67.89
N ALA N 471 13.21 31.02 68.43
CA ALA N 471 12.15 30.05 68.68
C ALA N 471 11.57 29.51 67.37
N GLY N 472 11.28 28.21 67.35
CA GLY N 472 10.84 27.54 66.14
C GLY N 472 10.32 26.15 66.43
N LEU N 473 9.94 25.45 65.35
CA LEU N 473 9.26 24.18 65.47
C LEU N 473 10.22 23.03 65.79
N ASN N 474 9.85 22.22 66.78
CA ASN N 474 10.48 20.90 66.99
C ASN N 474 9.56 19.86 66.34
N VAL N 475 10.02 19.26 65.24
CA VAL N 475 9.18 18.37 64.43
C VAL N 475 9.08 16.96 64.99
N PHE N 476 9.58 16.74 66.21
CA PHE N 476 9.55 15.43 66.85
C PHE N 476 8.59 15.40 68.04
N THR N 477 8.87 16.20 69.05
CA THR N 477 7.90 16.51 70.08
C THR N 477 6.68 17.28 69.59
N GLY N 478 6.74 17.87 68.39
CA GLY N 478 5.60 18.67 67.95
C GLY N 478 5.35 19.91 68.77
N ALA N 479 6.40 20.64 69.11
CA ALA N 479 6.29 21.78 70.03
C ALA N 479 7.30 22.85 69.65
N VAL N 480 7.11 24.04 70.22
CA VAL N 480 7.85 25.24 69.83
C VAL N 480 8.99 25.45 70.82
N GLU N 481 10.23 25.44 70.31
CA GLU N 481 11.38 25.46 71.21
C GLU N 481 12.46 26.39 70.68
N ASP N 482 13.35 26.77 71.59
CA ASP N 482 14.55 27.55 71.28
C ASP N 482 15.48 26.69 70.44
N MET N 483 15.76 27.12 69.21
CA MET N 483 16.53 26.28 68.30
C MET N 483 18.03 26.45 68.46
N CYS N 484 18.47 27.35 69.35
CA CYS N 484 19.89 27.43 69.67
C CYS N 484 20.25 26.53 70.86
N GLU N 485 19.38 26.49 71.88
CA GLU N 485 19.53 25.53 72.96
C GLU N 485 19.42 24.10 72.45
N ASN N 486 18.63 23.90 71.40
CA ASN N 486 18.48 22.60 70.76
C ASN N 486 19.67 22.24 69.90
N GLY N 487 20.51 23.21 69.54
CA GLY N 487 21.66 22.97 68.69
C GLY N 487 21.41 22.85 67.20
N VAL N 488 20.34 23.46 66.69
CA VAL N 488 20.04 23.44 65.26
C VAL N 488 20.49 24.77 64.67
N VAL N 489 21.68 24.76 64.04
CA VAL N 489 22.37 25.97 63.63
C VAL N 489 22.77 25.87 62.17
N GLU N 490 22.78 27.01 61.48
CA GLU N 490 23.15 27.05 60.07
C GLU N 490 24.06 28.25 59.83
N PRO N 491 24.84 28.24 58.75
CA PRO N 491 25.67 29.41 58.44
C PRO N 491 24.89 30.48 57.69
N LEU N 492 25.23 31.74 57.98
CA LEU N 492 24.46 32.88 57.51
C LEU N 492 24.39 32.92 55.98
N ARG N 493 25.45 32.45 55.31
CA ARG N 493 25.54 32.52 53.85
C ARG N 493 24.47 31.68 53.17
N VAL N 494 23.81 30.79 53.90
CA VAL N 494 22.78 29.93 53.31
C VAL N 494 21.48 30.69 53.10
N LYS N 495 21.20 31.68 53.94
CA LYS N 495 19.96 32.45 53.82
C LYS N 495 20.10 33.57 52.78
N THR N 496 21.13 34.40 52.94
CA THR N 496 21.34 35.55 52.05
C THR N 496 21.38 35.11 50.59
N GLN N 497 22.20 34.11 50.27
CA GLN N 497 22.28 33.60 48.90
C GLN N 497 20.94 33.08 48.42
N ALA N 498 20.20 32.36 49.27
CA ALA N 498 18.92 31.79 48.87
C ALA N 498 17.94 32.88 48.45
N ILE N 499 17.73 33.86 49.33
CA ILE N 499 16.80 34.94 49.05
C ILE N 499 17.26 35.74 47.82
N GLN N 500 18.58 35.92 47.69
CA GLN N 500 19.14 36.75 46.63
C GLN N 500 18.87 36.11 45.27
N SER N 501 19.24 34.84 45.13
CA SER N 501 18.93 34.04 43.94
C SER N 501 17.44 34.07 43.62
N ALA N 502 16.58 33.82 44.62
CA ALA N 502 15.16 33.64 44.35
C ALA N 502 14.51 34.93 43.89
N ALA N 503 14.85 36.06 44.51
CA ALA N 503 14.30 37.33 44.08
C ALA N 503 14.74 37.67 42.66
N GLU N 504 16.04 37.54 42.39
CA GLU N 504 16.58 37.90 41.08
C GLU N 504 16.00 37.02 39.98
N SER N 505 15.69 35.76 40.28
CA SER N 505 15.12 34.89 39.24
C SER N 505 13.61 35.05 39.13
N THR N 506 12.93 35.55 40.15
CA THR N 506 11.48 35.73 40.00
C THR N 506 11.16 36.99 39.20
N GLU N 507 12.04 38.00 39.29
CA GLU N 507 11.78 39.28 38.65
C GLU N 507 11.81 39.16 37.13
N MET N 508 12.62 38.23 36.61
CA MET N 508 12.69 38.02 35.18
C MET N 508 11.38 37.48 34.62
N LEU N 509 10.77 36.51 35.31
CA LEU N 509 9.49 35.99 34.87
C LEU N 509 8.36 36.99 35.08
N LEU N 510 8.53 37.92 36.02
CA LEU N 510 7.53 38.97 36.16
C LEU N 510 7.67 40.06 35.10
N ARG N 511 8.87 40.24 34.53
CA ARG N 511 9.06 41.30 33.55
C ARG N 511 8.76 40.86 32.12
N ILE N 512 8.46 39.59 31.88
CA ILE N 512 8.20 39.09 30.53
C ILE N 512 6.71 39.20 30.23
N ASP N 513 6.36 39.54 28.97
CA ASP N 513 4.96 39.44 28.54
C ASP N 513 4.72 38.74 27.21
N ASP N 514 5.76 38.20 26.55
CA ASP N 514 5.51 37.53 25.28
C ASP N 514 6.46 36.34 25.14
N VAL N 515 6.03 35.37 24.33
CA VAL N 515 6.85 34.20 23.99
C VAL N 515 6.79 34.01 22.48
N ILE N 516 7.96 34.07 21.83
CA ILE N 516 8.06 33.98 20.37
C ILE N 516 9.19 33.04 19.99
N ALA N 517 9.20 32.61 18.72
CA ALA N 517 10.09 31.53 18.29
C ALA N 517 11.37 32.05 17.65
N ALA N 518 12.47 31.32 17.87
CA ALA N 518 13.82 31.76 17.50
C ALA N 518 14.45 30.85 16.45
N GLU N 519 15.34 31.44 15.66
CA GLU N 519 15.87 30.86 14.43
C GLU N 519 17.31 30.38 14.63
N LYS N 520 17.45 29.25 15.32
CA LYS N 520 18.75 28.70 15.70
C LYS N 520 19.57 29.76 16.43
N LEU N 521 19.25 29.89 17.72
CA LEU N 521 19.70 31.03 18.52
C LEU N 521 21.22 31.07 18.66
N ARG N 522 21.81 29.99 19.16
CA ARG N 522 23.26 29.95 19.38
C ARG N 522 23.80 28.53 19.30
N GLU O 10 -9.42 33.68 7.54
CA GLU O 10 -9.85 34.27 6.27
C GLU O 10 -10.32 33.27 5.17
N ASN O 11 -9.89 33.48 3.92
CA ASN O 11 -10.30 32.69 2.76
C ASN O 11 -9.38 32.93 1.57
N MET O 12 -9.26 31.92 0.68
CA MET O 12 -8.51 32.07 -0.57
C MET O 12 -8.84 33.36 -1.33
N LYS O 13 -10.12 33.61 -1.58
CA LYS O 13 -10.58 34.61 -2.55
C LYS O 13 -10.53 36.05 -2.03
N ARG O 14 -9.49 36.39 -1.27
CA ARG O 14 -9.22 37.71 -0.70
C ARG O 14 -7.81 38.18 -1.02
N TYR O 15 -7.05 37.37 -1.76
CA TYR O 15 -5.67 37.69 -2.13
C TYR O 15 -5.68 38.82 -3.14
N MET O 16 -6.79 38.95 -3.86
CA MET O 16 -6.97 39.95 -4.90
C MET O 16 -7.09 41.36 -4.33
N GLY O 17 -7.57 41.49 -3.09
CA GLY O 17 -8.13 42.72 -2.58
C GLY O 17 -7.17 43.77 -2.06
N ARG O 18 -5.86 43.59 -2.20
CA ARG O 18 -4.91 44.64 -1.78
C ARG O 18 -3.72 44.66 -2.72
N ASP O 19 -3.15 45.85 -2.95
CA ASP O 19 -2.01 45.92 -3.87
C ASP O 19 -0.75 45.35 -3.23
N ALA O 20 0.31 45.25 -4.05
CA ALA O 20 1.63 44.86 -3.55
C ALA O 20 2.16 45.87 -2.54
N GLN O 21 1.82 47.15 -2.71
CA GLN O 21 2.24 48.17 -1.77
C GLN O 21 1.53 48.02 -0.44
N ARG O 22 0.23 47.68 -0.48
CA ARG O 22 -0.48 47.37 0.76
C ARG O 22 0.11 46.13 1.43
N MET O 23 0.37 45.08 0.65
CA MET O 23 1.12 43.91 1.10
C MET O 23 2.36 44.29 1.89
N ASN O 24 3.25 45.07 1.26
CA ASN O 24 4.53 45.43 1.85
C ASN O 24 4.35 46.32 3.08
N ILE O 25 3.44 47.28 3.01
CA ILE O 25 3.22 48.20 4.13
C ILE O 25 2.73 47.43 5.35
N LEU O 26 1.83 46.46 5.14
CA LEU O 26 1.32 45.65 6.25
C LEU O 26 2.39 44.73 6.83
N ALA O 27 3.11 44.03 5.95
CA ALA O 27 4.22 43.19 6.38
C ALA O 27 5.25 43.99 7.16
N GLY O 28 5.40 45.27 6.84
CA GLY O 28 6.30 46.11 7.60
C GLY O 28 5.73 46.54 8.94
N ARG O 29 4.48 47.01 8.94
CA ARG O 29 3.83 47.43 10.18
C ARG O 29 3.89 46.32 11.23
N ILE O 30 3.84 45.06 10.79
CA ILE O 30 3.85 43.95 11.74
C ILE O 30 5.12 43.96 12.60
N ILE O 31 6.27 44.22 11.97
CA ILE O 31 7.54 44.21 12.71
C ILE O 31 7.56 45.31 13.76
N ALA O 32 7.17 46.52 13.38
CA ALA O 32 7.14 47.62 14.34
C ALA O 32 6.15 47.35 15.47
N GLU O 33 5.03 46.70 15.15
CA GLU O 33 4.08 46.32 16.20
C GLU O 33 4.67 45.27 17.14
N THR O 34 5.60 44.45 16.65
CA THR O 34 6.19 43.43 17.51
C THR O 34 7.01 44.04 18.64
N VAL O 35 7.84 45.04 18.33
CA VAL O 35 8.83 45.54 19.29
C VAL O 35 8.37 46.74 20.10
N ARG O 36 7.18 47.27 19.82
CA ARG O 36 6.82 48.61 20.30
C ARG O 36 6.64 48.66 21.83
N SER O 37 6.07 47.61 22.41
CA SER O 37 5.83 47.51 23.85
C SER O 37 7.12 47.36 24.67
N THR O 38 8.28 47.23 24.02
CA THR O 38 9.53 47.21 24.75
C THR O 38 10.04 48.61 25.07
N LEU O 39 9.35 49.65 24.62
CA LEU O 39 9.91 51.00 24.61
C LEU O 39 9.68 51.71 25.94
N GLY O 40 10.69 52.46 26.38
CA GLY O 40 10.53 53.36 27.51
C GLY O 40 10.75 52.68 28.85
N PRO O 41 10.76 53.48 29.91
CA PRO O 41 11.11 52.95 31.24
C PRO O 41 10.19 51.84 31.73
N LYS O 42 8.90 51.92 31.41
CA LYS O 42 7.91 50.90 31.74
C LYS O 42 7.83 49.80 30.68
N GLY O 43 8.87 49.65 29.85
CA GLY O 43 8.87 48.62 28.84
C GLY O 43 9.01 47.22 29.41
N MET O 44 8.61 46.24 28.61
CA MET O 44 8.55 44.85 29.06
C MET O 44 9.39 43.96 28.15
N ASP O 45 9.75 42.79 28.67
CA ASP O 45 10.69 41.90 27.99
C ASP O 45 9.97 40.87 27.13
N LYS O 46 10.71 40.34 26.16
CA LYS O 46 10.25 39.26 25.29
C LYS O 46 11.02 37.99 25.59
N MET O 47 10.36 36.83 25.44
CA MET O 47 11.04 35.55 25.57
C MET O 47 11.19 34.90 24.19
N LEU O 48 12.42 34.52 23.86
CA LEU O 48 12.75 33.89 22.59
C LEU O 48 13.08 32.42 22.82
N VAL O 49 12.49 31.53 22.02
CA VAL O 49 12.66 30.10 22.20
C VAL O 49 13.09 29.47 20.88
N ASP O 50 14.06 28.56 20.96
CA ASP O 50 14.67 27.90 19.82
C ASP O 50 13.86 26.68 19.39
N ASP O 51 14.26 26.11 18.25
CA ASP O 51 13.88 24.75 17.92
C ASP O 51 14.52 23.75 18.87
N LEU O 52 15.77 23.99 19.27
CA LEU O 52 16.52 23.02 20.07
C LEU O 52 16.25 23.14 21.56
N GLY O 53 15.60 24.22 22.00
CA GLY O 53 15.29 24.44 23.40
C GLY O 53 16.11 25.52 24.09
N ASP O 54 17.03 26.18 23.39
CA ASP O 54 17.69 27.35 23.95
C ASP O 54 16.68 28.47 24.18
N VAL O 55 16.97 29.32 25.17
CA VAL O 55 16.05 30.37 25.59
C VAL O 55 16.82 31.67 25.78
N VAL O 56 16.23 32.79 25.36
CA VAL O 56 16.78 34.12 25.59
C VAL O 56 15.68 35.02 26.13
N VAL O 57 16.01 35.84 27.13
CA VAL O 57 15.08 36.82 27.68
C VAL O 57 15.72 38.20 27.61
N THR O 58 15.07 39.13 26.91
CA THR O 58 15.60 40.47 26.71
C THR O 58 14.49 41.41 26.26
N ASN O 59 14.74 42.72 26.42
CA ASN O 59 13.94 43.73 25.73
C ASN O 59 14.76 44.57 24.75
N ASP O 60 16.00 44.14 24.46
CA ASP O 60 16.82 44.80 23.45
C ASP O 60 16.19 44.56 22.09
N GLY O 61 15.92 45.64 21.34
CA GLY O 61 15.12 45.53 20.13
C GLY O 61 15.83 44.80 19.00
N VAL O 62 17.05 45.24 18.68
CA VAL O 62 17.76 44.65 17.55
C VAL O 62 18.02 43.17 17.80
N THR O 63 18.07 42.75 19.06
CA THR O 63 18.25 41.33 19.36
C THR O 63 16.99 40.55 19.05
N ILE O 64 15.82 41.10 19.41
CA ILE O 64 14.55 40.48 19.06
C ILE O 64 14.43 40.34 17.55
N LEU O 65 14.70 41.43 16.83
CA LEU O 65 14.61 41.44 15.37
C LEU O 65 15.67 40.55 14.73
N ARG O 66 16.78 40.30 15.42
CA ARG O 66 17.82 39.46 14.86
C ARG O 66 17.57 37.97 15.07
N GLU O 67 16.90 37.62 16.16
CA GLU O 67 16.66 36.22 16.48
C GLU O 67 15.31 35.70 16.02
N MET O 68 14.46 36.56 15.47
CA MET O 68 13.11 36.16 15.14
C MET O 68 13.10 35.35 13.85
N SER O 69 12.16 34.41 13.74
CA SER O 69 11.93 33.75 12.46
C SER O 69 11.06 34.67 11.62
N VAL O 70 11.67 35.35 10.64
CA VAL O 70 11.01 36.35 9.83
C VAL O 70 11.18 35.98 8.37
N GLU O 71 10.06 35.94 7.61
CA GLU O 71 10.09 35.33 6.29
C GLU O 71 9.64 36.23 5.15
N HIS O 72 8.91 37.30 5.42
CA HIS O 72 8.47 38.15 4.31
C HIS O 72 9.56 39.16 3.96
N PRO O 73 9.77 39.45 2.67
CA PRO O 73 10.91 40.31 2.28
C PRO O 73 10.92 41.70 2.89
N ALA O 74 9.75 42.34 3.00
CA ALA O 74 9.71 43.71 3.51
C ALA O 74 10.04 43.75 5.00
N ALA O 75 9.59 42.74 5.75
CA ALA O 75 9.95 42.66 7.15
C ALA O 75 11.45 42.43 7.30
N LYS O 76 12.03 41.65 6.40
CA LYS O 76 13.48 41.48 6.34
C LYS O 76 14.17 42.80 6.05
N MET O 77 13.54 43.66 5.25
CA MET O 77 14.08 44.99 4.96
C MET O 77 13.99 45.94 6.14
N LEU O 78 13.04 45.73 7.06
CA LEU O 78 12.96 46.60 8.24
C LEU O 78 13.96 46.21 9.31
N ILE O 79 14.37 44.95 9.36
CA ILE O 79 15.39 44.53 10.33
C ILE O 79 16.70 45.28 10.09
N GLU O 80 16.98 45.64 8.84
CA GLU O 80 18.22 46.36 8.53
C GLU O 80 18.22 47.79 9.08
N VAL O 81 17.05 48.29 9.49
CA VAL O 81 16.96 49.60 10.13
C VAL O 81 17.52 49.55 11.54
N ALA O 82 17.37 48.42 12.23
CA ALA O 82 17.91 48.26 13.57
C ALA O 82 19.42 48.04 13.55
N LYS O 83 19.89 47.15 12.67
CA LYS O 83 21.30 46.77 12.66
C LYS O 83 22.23 47.96 12.43
N THR O 84 21.79 48.93 11.62
CA THR O 84 22.65 50.07 11.32
C THR O 84 22.76 50.99 12.53
N GLN O 85 21.66 51.13 13.27
CA GLN O 85 21.67 51.87 14.53
C GLN O 85 22.54 51.14 15.56
N GLU O 86 22.51 49.81 15.54
CA GLU O 86 23.38 49.00 16.40
C GLU O 86 24.85 49.28 16.09
N LYS O 87 25.18 49.28 14.79
CA LYS O 87 26.55 49.30 14.32
C LYS O 87 27.18 50.69 14.46
N GLU O 88 26.44 51.72 14.05
CA GLU O 88 27.01 53.06 13.92
C GLU O 88 26.89 53.89 15.19
N VAL O 89 25.95 53.55 16.07
CA VAL O 89 25.66 54.35 17.26
C VAL O 89 25.78 53.42 18.46
N GLY O 90 24.92 52.41 18.50
CA GLY O 90 24.90 51.44 19.57
C GLY O 90 23.61 51.41 20.37
N ASP O 91 23.01 52.58 20.60
CA ASP O 91 21.72 52.66 21.27
C ASP O 91 20.71 53.27 20.29
N GLY O 92 19.43 53.13 20.61
CA GLY O 92 18.38 53.68 19.78
C GLY O 92 17.74 52.73 18.79
N THR O 93 17.94 51.41 18.94
CA THR O 93 17.45 50.48 17.93
C THR O 93 15.96 50.21 18.01
N THR O 94 15.23 50.80 18.95
CA THR O 94 13.79 50.64 18.97
C THR O 94 13.05 51.87 18.46
N THR O 95 13.61 53.06 18.71
CA THR O 95 13.04 54.29 18.17
C THR O 95 13.00 54.24 16.65
N ALA O 96 14.11 53.79 16.04
CA ALA O 96 14.21 53.71 14.59
C ALA O 96 13.09 52.86 14.00
N VAL O 97 12.85 51.67 14.56
CA VAL O 97 11.91 50.78 13.89
C VAL O 97 10.48 51.26 14.11
N VAL O 98 10.19 51.82 15.29
CA VAL O 98 8.84 52.30 15.56
C VAL O 98 8.52 53.50 14.69
N VAL O 99 9.49 54.41 14.52
CA VAL O 99 9.28 55.54 13.63
C VAL O 99 9.14 55.09 12.18
N ALA O 100 9.93 54.09 11.77
CA ALA O 100 9.80 53.56 10.41
C ALA O 100 8.40 53.01 10.15
N GLY O 101 7.89 52.18 11.06
CA GLY O 101 6.55 51.63 10.85
C GLY O 101 5.47 52.68 10.92
N GLU O 102 5.63 53.71 11.76
CA GLU O 102 4.65 54.77 11.77
C GLU O 102 4.67 55.55 10.47
N LEU O 103 5.85 55.68 9.86
CA LEU O 103 5.95 56.30 8.54
C LEU O 103 5.25 55.46 7.47
N LEU O 104 5.45 54.15 7.53
CA LEU O 104 4.72 53.25 6.64
C LEU O 104 3.20 53.44 6.76
N ARG O 105 2.71 53.49 8.01
CA ARG O 105 1.28 53.50 8.26
C ARG O 105 0.67 54.86 7.93
N LYS O 106 1.44 55.93 8.15
CA LYS O 106 1.02 57.25 7.69
C LYS O 106 0.97 57.31 6.18
N ALA O 107 1.94 56.69 5.50
CA ALA O 107 1.92 56.68 4.05
C ALA O 107 0.70 55.93 3.54
N GLU O 108 0.28 54.90 4.27
CA GLU O 108 -0.90 54.14 3.89
C GLU O 108 -2.17 55.00 3.93
N GLU O 109 -2.17 56.04 4.77
CA GLU O 109 -3.36 56.89 4.90
C GLU O 109 -3.47 57.87 3.73
N LEU O 110 -2.39 58.07 2.96
CA LEU O 110 -2.44 58.96 1.80
C LEU O 110 -2.64 58.22 0.49
N LEU O 111 -2.23 56.95 0.42
CA LEU O 111 -2.42 56.18 -0.81
C LEU O 111 -3.89 55.77 -0.98
N ASP O 112 -4.62 55.65 0.13
CA ASP O 112 -6.05 55.41 0.03
C ASP O 112 -6.85 56.66 -0.34
N GLN O 113 -6.18 57.82 -0.47
CA GLN O 113 -6.75 59.01 -1.10
C GLN O 113 -6.22 59.18 -2.51
N ASN O 114 -5.47 58.20 -3.02
CA ASN O 114 -4.98 58.15 -4.40
C ASN O 114 -3.87 59.18 -4.68
N VAL O 115 -2.99 59.40 -3.71
CA VAL O 115 -1.79 60.21 -3.94
C VAL O 115 -0.69 59.35 -4.54
N HIS O 116 -0.03 59.86 -5.59
CA HIS O 116 1.00 59.09 -6.27
C HIS O 116 2.16 58.79 -5.34
N PRO O 117 2.69 57.56 -5.35
CA PRO O 117 3.83 57.21 -4.50
C PRO O 117 5.04 58.13 -4.66
N THR O 118 5.39 58.53 -5.89
CA THR O 118 6.54 59.42 -6.05
C THR O 118 6.32 60.76 -5.37
N ILE O 119 5.07 61.23 -5.31
CA ILE O 119 4.78 62.48 -4.61
C ILE O 119 5.04 62.32 -3.11
N VAL O 120 4.63 61.18 -2.55
CA VAL O 120 4.91 60.91 -1.14
C VAL O 120 6.40 60.88 -0.88
N VAL O 121 7.16 60.20 -1.76
CA VAL O 121 8.58 60.02 -1.56
C VAL O 121 9.30 61.38 -1.64
N LYS O 122 8.95 62.19 -2.63
CA LYS O 122 9.51 63.53 -2.75
C LYS O 122 9.11 64.45 -1.60
N GLY O 123 7.98 64.22 -0.96
CA GLY O 123 7.70 64.97 0.26
C GLY O 123 8.52 64.54 1.46
N TYR O 124 8.54 63.23 1.73
CA TYR O 124 9.36 62.70 2.83
C TYR O 124 10.80 63.17 2.71
N GLN O 125 11.33 63.17 1.49
CA GLN O 125 12.70 63.61 1.26
C GLN O 125 12.91 65.05 1.71
N ALA O 126 11.98 65.94 1.36
CA ALA O 126 12.10 67.34 1.76
C ALA O 126 11.93 67.52 3.26
N ALA O 127 11.21 66.61 3.93
CA ALA O 127 11.00 66.71 5.36
C ALA O 127 12.23 66.26 6.15
N ALA O 128 12.92 65.21 5.68
CA ALA O 128 14.00 64.64 6.47
C ALA O 128 15.22 65.56 6.51
N GLN O 129 15.53 66.23 5.40
CA GLN O 129 16.62 67.20 5.42
C GLN O 129 16.32 68.36 6.37
N LYS O 130 15.06 68.76 6.42
CA LYS O 130 14.62 69.80 7.35
C LYS O 130 14.76 69.32 8.80
N ALA O 131 14.46 68.04 9.05
CA ALA O 131 14.65 67.49 10.38
C ALA O 131 16.13 67.44 10.75
N GLN O 132 17.01 67.27 9.76
CA GLN O 132 18.44 67.34 10.03
C GLN O 132 18.86 68.75 10.44
N GLU O 133 18.41 69.77 9.69
CA GLU O 133 18.68 71.14 10.07
C GLU O 133 18.20 71.44 11.49
N LEU O 134 16.96 71.06 11.78
CA LEU O 134 16.35 71.34 13.07
C LEU O 134 17.10 70.63 14.20
N LEU O 135 17.43 69.35 14.01
CA LEU O 135 18.19 68.62 15.02
C LEU O 135 19.58 69.22 15.24
N LYS O 136 20.18 69.77 14.18
CA LYS O 136 21.49 70.38 14.33
C LYS O 136 21.42 71.73 15.03
N THR O 137 20.23 72.33 15.12
CA THR O 137 20.11 73.63 15.78
C THR O 137 19.37 73.63 17.12
N ILE O 138 18.63 72.57 17.47
CA ILE O 138 17.95 72.51 18.77
C ILE O 138 18.74 71.78 19.84
N ALA O 139 19.98 71.36 19.55
CA ALA O 139 20.76 70.58 20.49
C ALA O 139 21.54 71.50 21.45
N CYS O 140 22.05 70.90 22.52
CA CYS O 140 22.85 71.61 23.51
C CYS O 140 24.30 71.18 23.44
N GLU O 141 25.22 72.13 23.59
CA GLU O 141 26.63 71.92 23.32
C GLU O 141 27.41 71.82 24.63
N VAL O 142 28.10 70.68 24.82
CA VAL O 142 28.75 70.36 26.08
C VAL O 142 30.16 69.84 25.81
N GLY O 143 31.07 70.08 26.74
CA GLY O 143 32.46 69.66 26.56
C GLY O 143 32.68 68.20 26.95
N ALA O 144 33.65 67.57 26.28
CA ALA O 144 33.84 66.13 26.41
C ALA O 144 34.50 65.74 27.72
N GLN O 145 35.06 66.71 28.45
CA GLN O 145 35.69 66.48 29.74
C GLN O 145 34.69 66.45 30.89
N ASP O 146 33.39 66.63 30.60
CA ASP O 146 32.37 66.90 31.62
C ASP O 146 31.73 65.58 32.06
N LYS O 147 32.33 64.99 33.09
CA LYS O 147 32.01 63.61 33.46
C LYS O 147 30.62 63.47 34.07
N GLU O 148 30.10 64.55 34.65
CA GLU O 148 28.79 64.53 35.30
C GLU O 148 27.67 64.24 34.30
N ILE O 149 27.60 65.01 33.23
CA ILE O 149 26.58 64.76 32.21
C ILE O 149 26.80 63.41 31.56
N LEU O 150 28.05 62.94 31.50
CA LEU O 150 28.29 61.57 31.01
C LEU O 150 27.64 60.53 31.91
N THR O 151 27.77 60.71 33.23
CA THR O 151 27.08 59.84 34.19
C THR O 151 25.58 59.85 33.96
N LYS O 152 25.01 61.05 33.80
CA LYS O 152 23.57 61.21 33.64
C LYS O 152 23.10 60.51 32.35
N ILE O 153 23.88 60.61 31.28
CA ILE O 153 23.53 59.95 30.02
C ILE O 153 23.61 58.44 30.17
N ALA O 154 24.62 57.95 30.88
CA ALA O 154 24.78 56.52 31.10
C ALA O 154 23.59 55.95 31.87
N MET O 155 23.20 56.62 32.95
CA MET O 155 22.02 56.24 33.71
C MET O 155 20.78 56.23 32.83
N THR O 156 20.64 57.24 31.97
CA THR O 156 19.52 57.29 31.05
C THR O 156 19.53 56.10 30.09
N SER O 157 20.72 55.56 29.82
CA SER O 157 20.82 54.42 28.90
C SER O 157 20.41 53.13 29.59
N ILE O 158 20.62 53.05 30.91
CA ILE O 158 20.36 51.82 31.67
C ILE O 158 18.90 51.75 32.15
N THR O 159 18.21 52.89 32.21
CA THR O 159 16.83 52.94 32.70
C THR O 159 15.88 52.14 31.81
N GLY O 160 15.00 51.36 32.44
CA GLY O 160 14.03 50.56 31.72
C GLY O 160 14.46 49.16 31.33
N LYS O 161 15.59 48.66 31.85
CA LYS O 161 16.16 47.41 31.36
C LYS O 161 16.23 46.31 32.41
N GLY O 162 15.49 46.44 33.51
CA GLY O 162 15.51 45.39 34.53
C GLY O 162 16.73 45.42 35.43
N ALA O 163 17.90 45.75 34.87
CA ALA O 163 19.08 46.00 35.66
C ALA O 163 19.15 47.47 36.09
N GLU O 164 18.03 48.02 36.58
CA GLU O 164 18.00 49.41 37.04
C GLU O 164 18.58 49.56 38.43
N LYS O 165 18.59 48.47 39.20
CA LYS O 165 18.88 48.58 40.62
C LYS O 165 20.34 48.94 40.86
N ALA O 166 21.19 48.67 39.89
CA ALA O 166 22.62 48.96 39.98
C ALA O 166 23.07 50.13 39.11
N LYS O 167 22.15 50.91 38.53
CA LYS O 167 22.57 51.88 37.51
C LYS O 167 23.48 52.96 38.08
N GLU O 168 23.30 53.33 39.35
CA GLU O 168 24.10 54.40 39.94
C GLU O 168 25.50 53.95 40.33
N LYS O 169 25.81 52.66 40.15
CA LYS O 169 27.18 52.15 40.23
C LYS O 169 27.75 51.86 38.85
N LEU O 170 26.92 51.24 38.00
CA LEU O 170 27.33 50.93 36.63
C LEU O 170 27.73 52.19 35.89
N ALA O 171 27.07 53.32 36.20
CA ALA O 171 27.38 54.58 35.54
C ALA O 171 28.82 55.01 35.81
N GLU O 172 29.23 54.99 37.08
CA GLU O 172 30.61 55.35 37.42
C GLU O 172 31.60 54.40 36.77
N ILE O 173 31.31 53.10 36.86
CA ILE O 173 32.21 52.09 36.29
C ILE O 173 32.42 52.36 34.81
N ILE O 174 31.31 52.55 34.08
CA ILE O 174 31.38 52.69 32.62
C ILE O 174 32.03 54.02 32.24
N VAL O 175 31.76 55.09 32.99
CA VAL O 175 32.37 56.39 32.67
C VAL O 175 33.88 56.31 32.78
N GLU O 176 34.40 55.72 33.87
CA GLU O 176 35.85 55.55 33.96
C GLU O 176 36.38 54.63 32.87
N ALA O 177 35.67 53.51 32.62
CA ALA O 177 36.12 52.51 31.66
C ALA O 177 36.28 53.11 30.27
N VAL O 178 35.33 53.96 29.88
CA VAL O 178 35.36 54.59 28.55
C VAL O 178 36.38 55.73 28.53
N SER O 179 36.49 56.46 29.64
CA SER O 179 37.41 57.60 29.68
C SER O 179 38.86 57.13 29.55
N ALA O 180 39.12 55.88 29.92
CA ALA O 180 40.46 55.32 29.83
C ALA O 180 40.90 55.17 28.38
N VAL O 181 39.98 54.73 27.52
CA VAL O 181 40.29 54.27 26.17
C VAL O 181 40.10 55.35 25.12
N VAL O 182 39.85 56.59 25.55
CA VAL O 182 39.81 57.74 24.64
C VAL O 182 41.22 57.97 24.10
N ASP O 183 41.40 57.80 22.79
CA ASP O 183 42.74 57.73 22.22
C ASP O 183 43.34 59.13 22.04
N ASP O 184 44.62 59.16 21.66
CA ASP O 184 45.32 60.44 21.58
C ASP O 184 44.74 61.36 20.51
N GLU O 185 43.84 60.87 19.68
CA GLU O 185 43.12 61.71 18.73
C GLU O 185 41.68 62.02 19.16
N GLY O 186 41.29 61.65 20.38
CA GLY O 186 39.98 61.98 20.91
C GLY O 186 38.83 61.15 20.38
N LYS O 187 39.05 59.86 20.13
CA LYS O 187 38.01 58.99 19.60
C LYS O 187 37.95 57.72 20.43
N VAL O 188 36.74 57.17 20.56
CA VAL O 188 36.49 56.01 21.41
C VAL O 188 36.35 54.78 20.53
N ASP O 189 37.14 53.75 20.83
CA ASP O 189 37.03 52.46 20.17
C ASP O 189 36.46 51.45 21.18
N LYS O 190 35.40 50.76 20.78
CA LYS O 190 34.64 49.94 21.72
C LYS O 190 35.37 48.64 22.07
N ASP O 191 36.14 48.11 21.12
CA ASP O 191 36.83 46.84 21.32
C ASP O 191 38.04 46.98 22.26
N LEU O 192 38.41 48.21 22.63
CA LEU O 192 39.47 48.38 23.62
C LEU O 192 38.99 48.16 25.05
N ILE O 193 37.70 47.88 25.23
CA ILE O 193 37.13 47.55 26.53
C ILE O 193 36.69 46.09 26.49
N LYS O 194 37.17 45.31 27.44
CA LYS O 194 36.93 43.87 27.50
C LYS O 194 35.84 43.60 28.51
N ILE O 195 34.79 42.89 28.10
CA ILE O 195 33.63 42.65 28.94
C ILE O 195 33.59 41.16 29.28
N GLU O 196 33.63 40.85 30.58
CA GLU O 196 33.71 39.47 31.03
C GLU O 196 32.56 39.15 31.98
N LYS O 197 32.08 37.91 31.89
CA LYS O 197 30.77 37.52 32.39
C LYS O 197 30.88 36.29 33.30
N LYS O 198 31.24 36.52 34.56
CA LYS O 198 31.51 35.45 35.51
C LYS O 198 30.42 35.42 36.58
N SER O 199 29.72 34.28 36.69
CA SER O 199 28.54 34.19 37.53
C SER O 199 28.92 34.11 39.01
N GLY O 200 27.91 33.97 39.85
CA GLY O 200 28.08 34.05 41.29
C GLY O 200 27.98 35.47 41.80
N ALA O 201 27.74 35.61 43.10
CA ALA O 201 27.46 36.90 43.74
C ALA O 201 26.28 37.63 43.10
N SER O 202 26.06 38.89 43.50
CA SER O 202 24.95 39.69 43.01
C SER O 202 25.45 40.82 42.11
N ILE O 203 24.51 41.35 41.32
CA ILE O 203 24.81 42.34 40.28
C ILE O 203 25.58 43.53 40.83
N ASP O 204 25.44 43.80 42.13
CA ASP O 204 26.14 44.90 42.77
C ASP O 204 27.59 44.57 43.08
N ASP O 205 28.02 43.32 42.90
CA ASP O 205 29.42 42.93 43.07
C ASP O 205 30.21 43.07 41.77
N THR O 206 29.63 43.68 40.73
CA THR O 206 30.39 43.99 39.53
C THR O 206 31.49 45.01 39.83
N GLU O 207 32.63 44.87 39.15
CA GLU O 207 33.78 45.72 39.43
C GLU O 207 34.59 45.95 38.16
N LEU O 208 35.51 46.91 38.25
CA LEU O 208 36.34 47.33 37.14
C LEU O 208 37.81 46.98 37.41
N ILE O 209 38.46 46.37 36.42
CA ILE O 209 39.87 46.02 36.53
C ILE O 209 40.67 46.94 35.62
N LYS O 210 41.68 47.61 36.19
CA LYS O 210 42.61 48.42 35.41
C LYS O 210 43.71 47.53 34.82
N GLY O 211 43.29 46.60 33.97
CA GLY O 211 44.19 45.57 33.49
C GLY O 211 43.44 44.46 32.80
N VAL O 212 43.93 43.22 32.92
CA VAL O 212 43.39 42.13 32.12
C VAL O 212 43.12 40.92 33.02
N LEU O 213 42.14 40.13 32.55
CA LEU O 213 41.82 38.86 33.17
C LEU O 213 42.10 37.92 32.00
N VAL O 214 42.90 36.87 32.18
CA VAL O 214 43.31 35.94 31.14
C VAL O 214 42.75 34.56 31.47
N ASP O 215 42.24 33.87 30.45
CA ASP O 215 41.65 32.54 30.63
C ASP O 215 42.75 31.47 30.61
N LYS O 216 43.69 31.56 31.54
CA LYS O 216 44.86 30.69 31.55
C LYS O 216 45.30 30.43 32.98
N GLU O 217 46.02 29.31 33.16
CA GLU O 217 46.74 29.05 34.39
C GLU O 217 48.20 28.72 34.06
N ARG O 218 49.08 29.00 35.01
CA ARG O 218 50.52 28.90 34.74
C ARG O 218 50.91 27.46 34.48
N VAL O 219 51.97 27.30 33.67
CA VAL O 219 52.27 25.99 33.08
C VAL O 219 52.78 25.00 34.13
N SER O 220 53.63 25.47 35.06
CA SER O 220 54.28 24.59 36.03
C SER O 220 53.97 25.08 37.42
N ALA O 221 53.55 24.17 38.32
CA ALA O 221 52.97 24.62 39.59
C ALA O 221 54.04 25.04 40.61
N GLN O 222 55.32 24.80 40.31
CA GLN O 222 56.41 25.35 41.12
C GLN O 222 56.57 26.84 40.90
N MET O 223 55.99 27.36 39.83
CA MET O 223 56.07 28.76 39.44
C MET O 223 55.31 29.65 40.43
N PRO O 224 55.92 30.75 40.89
CA PRO O 224 55.26 31.57 41.92
C PRO O 224 53.88 32.06 41.48
N LYS O 225 52.92 31.94 42.40
CA LYS O 225 51.52 32.20 42.07
C LYS O 225 51.16 33.66 42.28
N LYS O 226 52.06 34.45 42.87
CA LYS O 226 51.86 35.87 43.11
C LYS O 226 53.16 36.61 42.83
N VAL O 227 53.09 37.68 42.05
CA VAL O 227 54.24 38.50 41.71
C VAL O 227 53.86 39.97 41.82
N THR O 228 54.76 40.78 42.37
CA THR O 228 54.56 42.22 42.52
C THR O 228 55.59 42.96 41.68
N ASP O 229 55.18 44.13 41.14
CA ASP O 229 55.97 44.87 40.15
C ASP O 229 56.55 43.94 39.08
N ALA O 230 55.65 43.22 38.42
CA ALA O 230 56.00 42.26 37.38
C ALA O 230 56.72 42.90 36.20
N LYS O 231 57.66 42.15 35.61
CA LYS O 231 58.32 42.48 34.35
C LYS O 231 57.84 41.45 33.32
N ILE O 232 56.94 41.86 32.44
CA ILE O 232 56.16 40.92 31.65
C ILE O 232 56.75 40.87 30.24
N ALA O 233 57.01 39.66 29.75
CA ALA O 233 57.52 39.45 28.40
C ALA O 233 56.46 38.72 27.57
N LEU O 234 56.23 39.21 26.36
CA LEU O 234 55.25 38.63 25.44
C LEU O 234 55.95 38.11 24.20
N LEU O 235 55.65 36.87 23.82
CA LEU O 235 56.26 36.21 22.68
C LEU O 235 55.21 35.70 21.69
N ASN O 236 55.52 35.84 20.41
CA ASN O 236 54.71 35.27 19.33
C ASN O 236 55.33 33.97 18.82
N CYS O 237 56.61 33.78 19.08
CA CYS O 237 57.31 32.54 18.78
C CYS O 237 57.15 31.54 19.93
N ALA O 238 57.13 30.27 19.57
CA ALA O 238 57.05 29.15 20.51
C ALA O 238 58.44 28.81 21.06
N ILE O 239 58.48 28.45 22.35
CA ILE O 239 59.74 28.03 22.97
C ILE O 239 59.85 26.52 22.76
N GLU O 240 60.45 26.14 21.62
CA GLU O 240 60.55 24.75 21.21
C GLU O 240 61.78 24.61 20.32
N ILE O 241 62.21 23.37 20.10
CA ILE O 241 63.39 23.15 19.28
C ILE O 241 63.06 23.40 17.82
N LYS O 242 63.85 24.25 17.18
CA LYS O 242 63.57 24.65 15.80
C LYS O 242 63.73 23.46 14.86
N GLU O 243 62.96 23.48 13.76
CA GLU O 243 63.06 22.54 12.67
C GLU O 243 63.68 23.22 11.45
N THR O 244 64.25 22.42 10.55
CA THR O 244 64.77 22.93 9.30
C THR O 244 63.71 22.79 8.21
N GLU O 245 63.40 23.90 7.55
CA GLU O 245 62.41 23.89 6.48
C GLU O 245 62.99 23.33 5.19
N THR O 246 64.03 22.49 5.29
CA THR O 246 64.67 21.81 4.17
C THR O 246 64.77 20.29 4.36
N ASP O 247 64.26 19.75 5.48
CA ASP O 247 64.28 18.33 5.85
C ASP O 247 65.66 17.75 6.18
N ALA O 248 65.73 16.91 7.22
CA ALA O 248 66.96 16.54 7.91
C ALA O 248 66.94 15.10 8.42
N GLU O 249 68.13 14.51 8.50
CA GLU O 249 68.41 13.25 9.18
C GLU O 249 69.79 13.35 9.84
N ILE O 250 69.92 12.81 11.06
CA ILE O 250 71.17 13.01 11.81
C ILE O 250 72.21 11.90 11.63
N ARG O 251 71.78 10.68 11.32
CA ARG O 251 72.67 9.58 10.93
C ARG O 251 73.79 9.31 11.94
N ILE O 252 73.54 8.39 12.86
CA ILE O 252 74.42 8.16 14.00
C ILE O 252 75.30 6.95 13.73
N THR O 253 76.55 7.17 13.36
CA THR O 253 77.43 6.09 12.95
C THR O 253 78.29 5.61 14.11
N ASP O 254 78.55 6.47 15.11
CA ASP O 254 79.23 6.08 16.34
C ASP O 254 78.20 5.98 17.45
N PRO O 255 78.07 4.82 18.10
CA PRO O 255 77.19 4.71 19.28
C PRO O 255 77.40 5.79 20.31
N ALA O 256 78.64 6.24 20.52
CA ALA O 256 78.93 7.26 21.53
C ALA O 256 78.23 8.59 21.25
N LYS O 257 77.58 8.75 20.10
CA LYS O 257 76.97 10.01 19.73
C LYS O 257 75.44 9.98 19.83
N LEU O 258 74.88 9.08 20.63
CA LEU O 258 73.45 9.14 20.94
C LEU O 258 73.16 10.23 21.98
N MET O 259 73.83 10.15 23.13
CA MET O 259 73.60 11.12 24.20
C MET O 259 74.04 12.53 23.80
N GLU O 260 75.06 12.63 22.95
CA GLU O 260 75.56 13.95 22.56
C GLU O 260 74.54 14.72 21.75
N PHE O 261 73.91 14.08 20.76
CA PHE O 261 72.86 14.73 20.01
C PHE O 261 71.72 15.19 20.93
N ILE O 262 71.38 14.36 21.91
CA ILE O 262 70.25 14.64 22.81
C ILE O 262 70.59 15.79 23.76
N GLU O 263 71.80 15.78 24.33
CA GLU O 263 72.27 16.88 25.16
C GLU O 263 72.29 18.22 24.40
N GLN O 264 72.66 18.20 23.12
CA GLN O 264 72.68 19.47 22.39
C GLN O 264 71.27 19.98 22.13
N GLU O 265 70.29 19.09 21.89
CA GLU O 265 68.92 19.60 21.90
C GLU O 265 68.49 20.15 23.26
N GLU O 266 68.93 19.54 24.37
CA GLU O 266 68.62 20.12 25.67
C GLU O 266 69.25 21.51 25.84
N LYS O 267 70.48 21.68 25.35
CA LYS O 267 71.16 22.97 25.50
C LYS O 267 70.48 24.06 24.66
N MET O 268 69.92 23.67 23.51
CA MET O 268 69.24 24.65 22.67
C MET O 268 67.98 25.21 23.32
N LEU O 269 67.44 24.55 24.35
CA LEU O 269 66.36 25.15 25.14
C LEU O 269 66.92 25.90 26.35
N LYS O 270 67.98 25.35 26.94
CA LYS O 270 68.61 25.98 28.10
C LYS O 270 69.04 27.41 27.77
N ASP O 271 69.57 27.62 26.57
CA ASP O 271 70.05 28.94 26.18
C ASP O 271 68.90 29.92 25.94
N MET O 272 67.76 29.44 25.43
CA MET O 272 66.60 30.30 25.29
C MET O 272 66.14 30.82 26.65
N VAL O 273 66.13 29.93 27.65
CA VAL O 273 65.68 30.36 28.98
C VAL O 273 66.70 31.31 29.61
N ALA O 274 68.00 31.03 29.43
CA ALA O 274 69.02 31.99 29.84
C ALA O 274 68.79 33.37 29.24
N GLU O 275 68.46 33.42 27.95
CA GLU O 275 68.24 34.69 27.27
C GLU O 275 66.99 35.40 27.78
N ILE O 276 65.92 34.65 28.05
CA ILE O 276 64.72 35.27 28.60
C ILE O 276 65.02 35.88 29.96
N LYS O 277 65.87 35.21 30.74
CA LYS O 277 66.24 35.72 32.05
C LYS O 277 67.08 36.98 31.93
N ALA O 278 68.03 37.00 30.99
CA ALA O 278 68.94 38.13 30.85
C ALA O 278 68.23 39.40 30.40
N SER O 279 67.06 39.29 29.76
CA SER O 279 66.28 40.49 29.49
C SER O 279 65.82 41.19 30.77
N GLY O 280 65.65 40.45 31.86
CA GLY O 280 65.12 41.02 33.08
C GLY O 280 63.72 40.58 33.44
N ALA O 281 63.14 39.67 32.66
CA ALA O 281 61.74 39.29 32.83
C ALA O 281 61.54 38.43 34.07
N ASN O 282 60.31 38.44 34.59
CA ASN O 282 59.89 37.46 35.59
C ASN O 282 58.45 36.97 35.40
N VAL O 283 57.77 37.42 34.34
CA VAL O 283 56.46 36.89 33.94
C VAL O 283 56.48 36.77 32.41
N LEU O 284 55.88 35.68 31.91
CA LEU O 284 55.94 35.33 30.50
C LEU O 284 54.56 34.95 29.97
N PHE O 285 54.28 35.36 28.73
CA PHE O 285 53.13 34.90 27.96
C PHE O 285 53.62 34.47 26.59
N CYS O 286 53.13 33.32 26.12
CA CYS O 286 53.45 32.79 24.81
C CYS O 286 52.18 32.54 24.01
N GLN O 287 52.11 33.11 22.80
CA GLN O 287 50.97 32.87 21.92
C GLN O 287 50.99 31.48 21.29
N LYS O 288 51.91 30.63 21.72
CA LYS O 288 52.21 29.35 21.07
C LYS O 288 52.86 28.43 22.09
N GLY O 289 53.32 27.27 21.63
CA GLY O 289 53.69 26.20 22.55
C GLY O 289 54.98 26.46 23.31
N ILE O 290 55.03 25.93 24.53
CA ILE O 290 56.24 25.85 25.33
C ILE O 290 56.45 24.37 25.67
N ASP O 291 57.66 23.87 25.40
CA ASP O 291 57.98 22.47 25.64
C ASP O 291 58.08 22.16 27.13
N ASP O 292 57.88 20.87 27.47
CA ASP O 292 57.87 20.46 28.86
C ASP O 292 59.24 20.54 29.53
N LEU O 293 60.33 20.59 28.75
CA LEU O 293 61.63 20.85 29.35
C LEU O 293 61.90 22.35 29.51
N ALA O 294 61.40 23.14 28.56
CA ALA O 294 61.44 24.60 28.69
C ALA O 294 60.71 25.04 29.95
N GLN O 295 59.57 24.40 30.23
CA GLN O 295 58.78 24.63 31.43
C GLN O 295 59.61 24.35 32.69
N HIS O 296 60.43 23.30 32.64
CA HIS O 296 61.34 22.99 33.73
C HIS O 296 62.31 24.14 33.97
N TYR O 297 62.98 24.59 32.92
CA TYR O 297 63.99 25.63 33.16
C TYR O 297 63.34 26.93 33.61
N LEU O 298 62.16 27.23 33.06
CA LEU O 298 61.38 28.39 33.52
C LEU O 298 61.01 28.29 35.00
N ALA O 299 60.54 27.12 35.46
CA ALA O 299 60.25 26.94 36.88
C ALA O 299 61.53 26.83 37.73
N LYS O 300 62.67 26.61 37.08
CA LYS O 300 63.91 26.54 37.84
C LYS O 300 64.51 27.94 38.03
N GLU O 301 64.22 28.83 37.09
CA GLU O 301 64.68 30.21 37.15
C GLU O 301 63.70 31.11 37.93
N GLY O 302 62.57 30.58 38.38
CA GLY O 302 61.49 31.37 38.91
C GLY O 302 60.85 32.41 38.00
N ILE O 303 60.50 32.01 36.78
CA ILE O 303 59.77 32.86 35.84
C ILE O 303 58.39 32.26 35.64
N VAL O 304 57.35 33.10 35.71
CA VAL O 304 55.97 32.63 35.56
C VAL O 304 55.60 32.69 34.09
N ALA O 305 55.01 31.60 33.58
CA ALA O 305 54.75 31.45 32.15
C ALA O 305 53.37 30.86 31.87
N ALA O 306 52.71 31.41 30.86
CA ALA O 306 51.50 30.83 30.27
C ALA O 306 51.73 30.65 28.77
N ARG O 307 51.03 29.70 28.17
CA ARG O 307 51.26 29.31 26.79
C ARG O 307 49.97 29.27 25.99
N ARG O 308 50.14 29.28 24.65
CA ARG O 308 49.03 29.26 23.70
C ARG O 308 47.98 30.33 23.99
N VAL O 309 48.42 31.53 24.33
CA VAL O 309 47.55 32.64 24.62
C VAL O 309 47.01 33.18 23.30
N LYS O 310 45.71 33.47 23.28
CA LYS O 310 45.05 33.91 22.06
C LYS O 310 45.43 35.34 21.71
N LYS O 311 45.33 35.64 20.41
CA LYS O 311 45.92 36.86 19.84
C LYS O 311 45.30 38.12 20.43
N SER O 312 43.97 38.11 20.64
CA SER O 312 43.29 39.28 21.18
C SER O 312 43.76 39.57 22.61
N ASP O 313 43.96 38.52 23.40
CA ASP O 313 44.53 38.68 24.73
C ASP O 313 45.96 39.21 24.67
N MET O 314 46.72 38.80 23.65
CA MET O 314 48.06 39.34 23.45
C MET O 314 48.00 40.84 23.16
N GLU O 315 47.05 41.27 22.33
CA GLU O 315 46.84 42.68 22.04
C GLU O 315 46.51 43.45 23.31
N LYS O 316 45.59 42.92 24.12
CA LYS O 316 45.15 43.63 25.31
C LYS O 316 46.24 43.67 26.38
N LEU O 317 47.04 42.61 26.49
CA LEU O 317 48.21 42.66 27.36
C LEU O 317 49.23 43.70 26.92
N ALA O 318 49.58 43.71 25.63
CA ALA O 318 50.51 44.70 25.10
C ALA O 318 49.99 46.12 25.33
N LYS O 319 48.68 46.32 25.15
CA LYS O 319 48.07 47.61 25.41
C LYS O 319 48.18 48.00 26.88
N ALA O 320 47.89 47.05 27.77
CA ALA O 320 47.72 47.38 29.19
C ALA O 320 49.06 47.63 29.86
N THR O 321 50.05 46.80 29.56
CA THR O 321 51.35 46.81 30.22
C THR O 321 52.38 47.70 29.53
N GLY O 322 52.23 47.92 28.23
CA GLY O 322 53.24 48.61 27.44
C GLY O 322 54.34 47.71 26.92
N ALA O 323 54.14 46.39 27.00
CA ALA O 323 55.10 45.43 26.45
C ALA O 323 54.96 45.36 24.94
N ASN O 324 56.01 44.86 24.29
CA ASN O 324 56.03 44.67 22.85
C ASN O 324 56.04 43.18 22.54
N VAL O 325 55.12 42.74 21.68
CA VAL O 325 55.10 41.34 21.27
C VAL O 325 56.33 41.07 20.42
N ILE O 326 57.10 40.06 20.81
CA ILE O 326 58.38 39.73 20.19
C ILE O 326 58.24 38.45 19.40
N THR O 327 58.81 38.41 18.19
CA THR O 327 58.70 37.23 17.34
C THR O 327 59.95 36.35 17.37
N ASN O 328 61.06 36.83 17.96
CA ASN O 328 62.32 36.10 17.97
C ASN O 328 63.09 36.46 19.22
N ILE O 329 63.55 35.45 19.97
CA ILE O 329 64.01 35.68 21.33
C ILE O 329 65.39 36.35 21.38
N LYS O 330 66.14 36.29 20.28
CA LYS O 330 67.48 36.87 20.26
C LYS O 330 67.44 38.39 20.32
N ASP O 331 66.30 39.00 20.00
CA ASP O 331 66.20 40.46 20.01
C ASP O 331 65.60 41.00 21.30
N LEU O 332 65.08 40.11 22.15
CA LEU O 332 64.40 40.51 23.38
C LEU O 332 65.37 41.20 24.31
N SER O 333 64.96 42.35 24.84
CA SER O 333 65.82 43.21 25.64
C SER O 333 64.98 43.91 26.71
N ALA O 334 65.63 44.74 27.53
CA ALA O 334 64.90 45.48 28.54
C ALA O 334 63.99 46.55 27.94
N GLN O 335 64.17 46.84 26.65
CA GLN O 335 63.36 47.81 25.93
C GLN O 335 61.97 47.27 25.65
N ASP O 336 61.82 45.95 25.60
CA ASP O 336 60.61 45.29 25.14
C ASP O 336 59.70 44.87 26.28
N LEU O 337 60.12 45.05 27.53
CA LEU O 337 59.37 44.52 28.67
C LEU O 337 58.33 45.51 29.16
N GLY O 338 57.13 45.00 29.45
CA GLY O 338 56.12 45.81 30.09
C GLY O 338 56.23 45.78 31.60
N ASP O 339 55.39 46.57 32.26
CA ASP O 339 55.38 46.68 33.71
C ASP O 339 53.95 46.62 34.24
N ALA O 340 53.77 45.95 35.38
CA ALA O 340 52.49 45.86 36.04
C ALA O 340 52.68 45.57 37.52
N GLY O 341 51.95 46.30 38.36
CA GLY O 341 52.21 46.29 39.78
C GLY O 341 51.88 44.99 40.48
N LEU O 342 50.94 44.22 39.94
CA LEU O 342 50.51 42.98 40.58
C LEU O 342 50.02 41.96 39.56
N VAL O 343 50.54 40.74 39.66
CA VAL O 343 50.07 39.60 38.88
C VAL O 343 49.84 38.43 39.83
N GLU O 344 48.68 37.79 39.71
CA GLU O 344 48.36 36.64 40.56
C GLU O 344 47.35 35.74 39.88
N GLU O 345 47.53 34.43 40.04
CA GLU O 345 46.52 33.46 39.63
C GLU O 345 45.48 33.30 40.72
N ARG O 346 44.21 33.28 40.33
CA ARG O 346 43.11 33.09 41.26
C ARG O 346 42.08 32.09 40.74
N LYS O 347 41.24 31.57 41.64
CA LYS O 347 40.10 30.75 41.25
C LYS O 347 38.83 31.55 41.54
N ILE O 348 38.01 31.75 40.50
CA ILE O 348 36.81 32.55 40.59
C ILE O 348 35.70 31.87 39.80
N SER O 349 34.52 31.75 40.42
CA SER O 349 33.33 31.19 39.76
C SER O 349 33.57 29.77 39.23
N GLY O 350 34.60 29.12 39.78
CA GLY O 350 34.97 27.76 39.46
C GLY O 350 36.05 27.64 38.41
N ASP O 351 36.49 28.74 37.82
CA ASP O 351 37.52 28.75 36.79
C ASP O 351 38.81 29.34 37.33
N SER O 352 39.93 28.71 36.99
CA SER O 352 41.26 29.24 37.26
C SER O 352 41.60 30.33 36.24
N MET O 353 41.97 31.51 36.72
CA MET O 353 42.28 32.63 35.83
C MET O 353 43.46 33.42 36.37
N ILE O 354 44.18 34.06 35.45
CA ILE O 354 45.33 34.89 35.79
C ILE O 354 44.91 36.36 35.73
N PHE O 355 45.23 37.11 36.79
CA PHE O 355 44.82 38.50 36.93
C PHE O 355 46.03 39.43 36.83
N VAL O 356 45.91 40.47 36.00
CA VAL O 356 46.93 41.50 35.88
C VAL O 356 46.36 42.81 36.41
N GLU O 357 47.04 43.44 37.36
CA GLU O 357 46.50 44.61 38.05
C GLU O 357 47.57 45.68 38.26
N GLU O 358 47.08 46.89 38.54
CA GLU O 358 47.91 48.06 38.80
C GLU O 358 48.90 48.31 37.66
N CYS O 359 48.34 48.56 36.48
CA CYS O 359 49.13 48.75 35.27
C CYS O 359 49.71 50.15 35.21
N LYS O 360 50.86 50.26 34.53
CA LYS O 360 51.63 51.50 34.54
C LYS O 360 50.91 52.63 33.82
N HIS O 361 50.34 52.34 32.66
CA HIS O 361 49.50 53.30 31.93
C HIS O 361 48.55 52.52 31.03
N PRO O 362 47.41 52.10 31.57
CA PRO O 362 46.52 51.22 30.80
C PRO O 362 45.79 51.93 29.66
N LYS O 363 46.07 51.49 28.44
CA LYS O 363 45.29 51.86 27.27
C LYS O 363 44.15 50.88 26.97
N ALA O 364 43.93 49.90 27.85
CA ALA O 364 42.82 48.97 27.74
C ALA O 364 42.39 48.53 29.14
N VAL O 365 41.08 48.30 29.31
CA VAL O 365 40.50 47.99 30.61
C VAL O 365 39.50 46.84 30.50
N THR O 366 39.27 46.16 31.62
CA THR O 366 38.39 45.01 31.69
C THR O 366 37.28 45.26 32.71
N MET O 367 36.03 44.97 32.32
CA MET O 367 34.87 45.08 33.20
C MET O 367 34.35 43.68 33.52
N LEU O 368 34.21 43.39 34.82
CA LEU O 368 33.86 42.06 35.30
C LEU O 368 32.42 42.07 35.80
N ILE O 369 31.51 41.50 35.02
CA ILE O 369 30.09 41.53 35.35
C ILE O 369 29.73 40.30 36.15
N ARG O 370 29.14 40.50 37.33
CA ARG O 370 28.74 39.43 38.23
C ARG O 370 27.22 39.25 38.23
N GLY O 371 26.77 38.09 38.72
CA GLY O 371 25.34 37.81 38.71
C GLY O 371 24.96 36.40 39.12
N THR O 372 23.74 36.27 39.64
CA THR O 372 23.26 35.03 40.25
C THR O 372 22.77 34.02 39.23
N THR O 373 22.87 34.33 37.94
CA THR O 373 22.26 33.47 36.93
C THR O 373 22.76 33.90 35.56
N GLU O 374 22.89 32.93 34.65
CA GLU O 374 23.46 33.22 33.35
C GLU O 374 22.51 34.07 32.50
N HIS O 375 21.21 33.83 32.61
CA HIS O 375 20.24 34.68 31.93
C HIS O 375 20.26 36.10 32.48
N VAL O 376 20.74 36.30 33.70
CA VAL O 376 20.85 37.65 34.24
C VAL O 376 22.04 38.38 33.60
N ILE O 377 23.15 37.68 33.47
CA ILE O 377 24.40 38.29 33.01
C ILE O 377 24.33 38.53 31.50
N GLU O 378 23.67 37.64 30.77
CA GLU O 378 23.47 37.82 29.34
C GLU O 378 22.57 39.03 29.05
N GLU O 379 21.94 39.61 30.08
CA GLU O 379 21.20 40.85 29.89
C GLU O 379 21.97 42.05 30.40
N VAL O 380 22.66 41.88 31.54
CA VAL O 380 23.46 42.99 32.08
C VAL O 380 24.54 43.39 31.07
N ALA O 381 25.08 42.42 30.32
CA ALA O 381 26.07 42.75 29.31
C ALA O 381 25.50 43.70 28.25
N ARG O 382 24.26 43.45 27.81
CA ARG O 382 23.60 44.34 26.86
C ARG O 382 23.39 45.72 27.46
N ALA O 383 22.91 45.76 28.72
CA ALA O 383 22.67 47.03 29.39
C ALA O 383 23.94 47.83 29.59
N VAL O 384 25.10 47.18 29.53
CA VAL O 384 26.37 47.91 29.66
C VAL O 384 26.89 48.32 28.29
N ASP O 385 26.66 47.48 27.27
CA ASP O 385 27.10 47.81 25.91
C ASP O 385 26.42 49.09 25.42
N ASP O 386 25.13 49.23 25.74
CA ASP O 386 24.38 50.41 25.31
C ASP O 386 24.92 51.70 25.93
N ALA O 387 25.31 51.63 27.21
CA ALA O 387 25.88 52.79 27.89
C ALA O 387 27.27 53.13 27.37
N VAL O 388 28.08 52.12 27.05
CA VAL O 388 29.36 52.39 26.39
C VAL O 388 29.14 53.13 25.07
N GLY O 389 28.13 52.69 24.31
CA GLY O 389 27.73 53.41 23.11
C GLY O 389 27.44 54.90 23.30
N VAL O 390 26.41 55.19 24.11
CA VAL O 390 26.03 56.59 24.31
C VAL O 390 27.14 57.44 24.94
N VAL O 391 27.98 56.86 25.79
CA VAL O 391 29.09 57.63 26.35
C VAL O 391 30.12 57.97 25.27
N GLY O 392 30.46 57.01 24.41
CA GLY O 392 31.34 57.31 23.30
C GLY O 392 30.78 58.41 22.40
N CYS O 393 29.48 58.34 22.11
CA CYS O 393 28.84 59.35 21.27
C CYS O 393 29.01 60.76 21.87
N THR O 394 28.75 60.90 23.16
CA THR O 394 28.88 62.21 23.81
C THR O 394 30.33 62.68 23.84
N ILE O 395 31.27 61.76 24.04
CA ILE O 395 32.69 62.13 24.13
C ILE O 395 33.22 62.56 22.76
N GLU O 396 32.72 61.93 21.69
CA GLU O 396 33.22 62.23 20.35
C GLU O 396 32.60 63.50 19.78
N ASP O 397 31.27 63.65 19.93
CA ASP O 397 30.59 64.76 19.26
C ASP O 397 30.43 65.99 20.15
N GLY O 398 30.33 65.80 21.46
CA GLY O 398 30.00 66.85 22.40
C GLY O 398 28.71 67.61 22.14
N ARG O 399 27.62 66.90 21.84
CA ARG O 399 26.31 67.52 21.63
C ARG O 399 25.24 66.62 22.22
N ILE O 400 24.29 67.20 22.96
CA ILE O 400 23.28 66.42 23.67
C ILE O 400 21.90 66.97 23.36
N VAL O 401 20.88 66.12 23.56
CA VAL O 401 19.50 66.49 23.31
C VAL O 401 18.66 66.05 24.51
N SER O 402 17.52 66.71 24.68
CA SER O 402 16.61 66.43 25.80
C SER O 402 15.83 65.14 25.54
N GLY O 403 15.56 64.39 26.62
CA GLY O 403 14.94 63.09 26.50
C GLY O 403 13.46 63.09 26.80
N GLY O 404 12.94 61.89 27.07
CA GLY O 404 11.52 61.72 27.32
C GLY O 404 10.60 62.16 26.21
N GLY O 405 11.03 62.01 24.97
CA GLY O 405 10.26 62.46 23.82
C GLY O 405 10.04 63.94 23.70
N SER O 406 10.70 64.77 24.50
CA SER O 406 10.59 66.22 24.29
C SER O 406 11.18 66.69 22.97
N THR O 407 11.95 65.86 22.26
CA THR O 407 12.53 66.30 21.00
C THR O 407 11.55 66.12 19.85
N GLU O 408 10.80 65.01 19.87
CA GLU O 408 9.91 64.70 18.76
C GLU O 408 8.76 65.71 18.67
N VAL O 409 8.24 66.17 19.80
CA VAL O 409 7.20 67.21 19.77
C VAL O 409 7.73 68.50 19.16
N GLU O 410 8.95 68.89 19.53
CA GLU O 410 9.57 70.07 18.95
C GLU O 410 9.73 69.93 17.45
N LEU O 411 10.20 68.78 16.99
CA LEU O 411 10.40 68.56 15.57
C LEU O 411 9.07 68.59 14.81
N SER O 412 8.04 67.94 15.37
CA SER O 412 6.74 67.94 14.72
C SER O 412 6.23 69.37 14.56
N MET O 413 6.30 70.18 15.62
CA MET O 413 5.87 71.57 15.54
C MET O 413 6.66 72.35 14.48
N LYS O 414 7.98 72.24 14.51
CA LYS O 414 8.84 73.02 13.62
C LYS O 414 8.78 72.52 12.18
N LEU O 415 8.31 71.30 11.95
CA LEU O 415 8.04 70.85 10.59
C LEU O 415 6.66 71.28 10.12
N ARG O 416 5.73 71.49 11.04
CA ARG O 416 4.43 71.99 10.64
C ARG O 416 4.51 73.47 10.26
N GLU O 417 5.31 74.24 11.01
CA GLU O 417 5.66 75.60 10.59
C GLU O 417 6.40 75.64 9.25
N TYR O 418 7.13 74.57 8.93
CA TYR O 418 7.73 74.41 7.60
C TYR O 418 6.68 74.15 6.52
N ALA O 419 5.70 73.29 6.81
CA ALA O 419 4.85 72.77 5.77
C ALA O 419 3.97 73.84 5.13
N GLU O 420 3.75 74.98 5.81
CA GLU O 420 2.96 76.04 5.18
C GLU O 420 3.75 76.78 4.10
N GLY O 421 5.07 76.72 4.11
CA GLY O 421 5.84 77.31 3.02
C GLY O 421 5.81 76.51 1.74
N ILE O 422 5.69 75.18 1.87
CA ILE O 422 5.66 74.28 0.73
C ILE O 422 4.26 74.27 0.13
N SER O 423 4.18 74.27 -1.21
CA SER O 423 2.87 74.24 -1.86
C SER O 423 2.88 73.14 -2.91
N GLY O 424 1.66 72.72 -3.28
CA GLY O 424 1.43 71.54 -4.10
C GLY O 424 0.94 70.40 -3.23
N ARG O 425 1.27 69.17 -3.61
CA ARG O 425 0.74 68.01 -2.89
C ARG O 425 1.80 67.30 -2.06
N GLU O 426 3.07 67.65 -2.21
CA GLU O 426 4.08 67.20 -1.25
C GLU O 426 3.81 67.75 0.15
N GLN O 427 3.01 68.80 0.26
CA GLN O 427 2.66 69.34 1.58
C GLN O 427 1.94 68.30 2.42
N LEU O 428 1.12 67.47 1.77
CA LEU O 428 0.42 66.41 2.49
C LEU O 428 1.39 65.42 3.10
N ALA O 429 2.38 64.99 2.31
CA ALA O 429 3.39 64.06 2.81
C ALA O 429 4.27 64.68 3.88
N VAL O 430 4.58 65.97 3.78
CA VAL O 430 5.35 66.65 4.81
C VAL O 430 4.59 66.68 6.12
N ARG O 431 3.28 66.90 6.06
CA ARG O 431 2.47 66.89 7.27
C ARG O 431 2.39 65.49 7.86
N ALA O 432 2.19 64.47 7.02
CA ALA O 432 2.14 63.10 7.51
C ALA O 432 3.48 62.65 8.11
N PHE O 433 4.58 63.20 7.61
CA PHE O 433 5.88 62.92 8.22
C PHE O 433 5.98 63.58 9.58
N ALA O 434 5.57 64.85 9.68
CA ALA O 434 5.67 65.58 10.94
C ALA O 434 4.75 64.98 12.01
N ASP O 435 3.65 64.39 11.58
CA ASP O 435 2.67 63.80 12.49
C ASP O 435 3.03 62.37 12.87
N ALA O 436 4.08 61.81 12.24
CA ALA O 436 4.47 60.43 12.52
C ALA O 436 5.56 60.34 13.59
N LEU O 437 6.17 61.47 13.95
CA LEU O 437 7.26 61.45 14.93
C LEU O 437 6.72 61.43 16.35
N GLU O 438 5.46 61.84 16.53
CA GLU O 438 4.82 61.81 17.83
C GLU O 438 4.39 60.42 18.26
N VAL O 439 4.78 59.37 17.51
CA VAL O 439 4.52 58.00 17.93
C VAL O 439 5.31 57.65 19.19
N ILE O 440 6.43 58.32 19.40
CA ILE O 440 7.37 58.01 20.49
C ILE O 440 6.82 58.51 21.82
N PRO O 441 6.45 59.78 21.97
CA PRO O 441 5.83 60.22 23.24
C PRO O 441 4.46 59.61 23.46
N ARG O 442 3.72 59.31 22.39
CA ARG O 442 2.50 58.52 22.50
C ARG O 442 2.77 57.15 23.13
N THR O 443 3.72 56.39 22.57
CA THR O 443 4.00 55.06 23.12
C THR O 443 4.60 55.14 24.53
N LEU O 444 5.35 56.21 24.82
CA LEU O 444 5.92 56.40 26.15
C LEU O 444 4.82 56.55 27.19
N ALA O 445 3.67 57.12 26.80
CA ALA O 445 2.52 57.13 27.70
C ALA O 445 1.73 55.82 27.65
N GLU O 446 1.65 55.19 26.47
CA GLU O 446 0.87 53.96 26.32
C GLU O 446 1.40 52.83 27.21
N ASN O 447 2.72 52.71 27.31
CA ASN O 447 3.31 51.62 28.07
C ASN O 447 3.12 51.77 29.58
N ALA O 448 3.15 53.01 30.08
CA ALA O 448 2.97 53.31 31.50
C ALA O 448 1.50 53.27 31.93
N GLY O 449 0.59 52.94 31.02
CA GLY O 449 -0.83 52.94 31.35
C GLY O 449 -1.44 54.30 31.54
N LEU O 450 -0.88 55.32 30.91
CA LEU O 450 -1.39 56.68 31.02
C LEU O 450 -2.35 56.95 29.85
N ASP O 451 -3.02 58.10 29.92
CA ASP O 451 -3.99 58.51 28.91
C ASP O 451 -3.25 59.37 27.89
N ALA O 452 -2.94 58.77 26.74
CA ALA O 452 -2.02 59.41 25.80
C ALA O 452 -2.63 60.65 25.15
N ILE O 453 -3.92 60.63 24.86
CA ILE O 453 -4.54 61.74 24.14
C ILE O 453 -4.62 62.98 25.03
N GLU O 454 -4.80 62.79 26.33
CA GLU O 454 -4.82 63.92 27.26
C GLU O 454 -3.41 64.40 27.56
N ILE O 455 -2.43 63.47 27.56
CA ILE O 455 -1.06 63.85 27.88
C ILE O 455 -0.46 64.68 26.75
N LEU O 456 -0.66 64.25 25.50
CA LEU O 456 0.04 64.83 24.36
C LEU O 456 -0.30 66.30 24.17
N VAL O 457 -1.54 66.70 24.48
CA VAL O 457 -1.95 68.10 24.33
C VAL O 457 -1.20 68.98 25.32
N LYS O 458 -1.10 68.55 26.58
CA LYS O 458 -0.37 69.31 27.59
C LYS O 458 1.09 69.44 27.19
N VAL O 459 1.67 68.36 26.69
CA VAL O 459 3.06 68.37 26.25
C VAL O 459 3.26 69.39 25.12
N ARG O 460 2.35 69.38 24.14
CA ARG O 460 2.44 70.37 23.06
C ARG O 460 2.31 71.79 23.58
N ALA O 461 1.34 72.02 24.47
CA ALA O 461 1.09 73.37 24.99
C ALA O 461 2.31 73.94 25.68
N ALA O 462 3.02 73.10 26.43
CA ALA O 462 4.24 73.54 27.11
C ALA O 462 5.26 74.10 26.14
N HIS O 463 5.30 73.56 24.91
CA HIS O 463 6.24 74.04 23.91
C HIS O 463 5.72 75.32 23.26
N ALA O 464 4.46 75.31 22.84
CA ALA O 464 3.92 76.38 22.00
C ALA O 464 3.97 77.75 22.68
N SER O 465 4.09 77.79 24.01
CA SER O 465 4.04 79.06 24.73
C SER O 465 5.42 79.59 25.14
N ASN O 466 6.51 78.93 24.75
CA ASN O 466 7.81 79.21 25.34
C ASN O 466 9.00 79.06 24.40
N GLY O 467 8.92 78.19 23.40
CA GLY O 467 10.17 77.76 22.82
C GLY O 467 10.96 76.88 23.77
N ASN O 468 10.27 76.26 24.74
CA ASN O 468 10.89 75.32 25.66
C ASN O 468 11.31 74.08 24.89
N LYS O 469 12.62 73.88 24.76
CA LYS O 469 13.15 72.74 24.04
C LYS O 469 12.91 71.43 24.79
N CYS O 470 12.63 71.51 26.09
CA CYS O 470 12.92 70.42 27.02
C CYS O 470 11.71 69.68 27.56
N ALA O 471 10.54 70.32 27.60
CA ALA O 471 9.42 69.78 28.37
C ALA O 471 8.89 68.48 27.78
N GLY O 472 8.53 67.54 28.66
CA GLY O 472 8.14 66.20 28.24
C GLY O 472 7.54 65.41 29.37
N LEU O 473 7.20 64.16 29.06
CA LEU O 473 6.45 63.33 30.00
C LEU O 473 7.33 62.74 31.09
N ASN O 474 6.87 62.85 32.34
CA ASN O 474 7.41 62.08 33.46
C ASN O 474 6.48 60.88 33.66
N VAL O 475 6.98 59.67 33.34
CA VAL O 475 6.16 58.48 33.32
C VAL O 475 5.95 57.86 34.70
N PHE O 476 6.36 58.57 35.76
CA PHE O 476 6.22 58.08 37.13
C PHE O 476 5.19 58.88 37.91
N THR O 477 5.45 60.18 38.08
CA THR O 477 4.43 61.11 38.53
C THR O 477 3.29 61.30 37.54
N GLY O 478 3.44 60.87 36.30
CA GLY O 478 2.37 61.12 35.33
C GLY O 478 2.13 62.58 35.03
N ALA O 479 3.20 63.36 34.82
CA ALA O 479 3.08 64.79 34.67
C ALA O 479 4.16 65.31 33.73
N VAL O 480 4.01 66.56 33.28
CA VAL O 480 4.82 67.14 32.22
C VAL O 480 5.91 67.99 32.87
N GLU O 481 7.17 67.64 32.61
CA GLU O 481 8.26 68.29 33.31
C GLU O 481 9.42 68.59 32.38
N ASP O 482 10.28 69.52 32.83
CA ASP O 482 11.53 69.86 32.16
C ASP O 482 12.47 68.66 32.24
N MET O 483 12.83 68.11 31.09
CA MET O 483 13.61 66.88 31.08
C MET O 483 15.11 67.12 31.20
N CYS O 484 15.56 68.38 31.23
CA CYS O 484 16.95 68.69 31.51
C CYS O 484 17.19 68.89 33.02
N GLU O 485 16.26 69.56 33.70
CA GLU O 485 16.29 69.65 35.15
C GLU O 485 16.14 68.27 35.79
N ASN O 486 15.40 67.38 35.12
CA ASN O 486 15.23 66.02 35.56
C ASN O 486 16.46 65.15 35.30
N GLY O 487 17.36 65.60 34.43
CA GLY O 487 18.55 64.84 34.09
C GLY O 487 18.39 63.71 33.09
N VAL O 488 17.38 63.77 32.23
CA VAL O 488 17.16 62.74 31.20
C VAL O 488 17.72 63.29 29.89
N VAL O 489 18.94 62.85 29.54
CA VAL O 489 19.73 63.43 28.46
C VAL O 489 20.20 62.33 27.52
N GLU O 490 20.31 62.66 26.23
CA GLU O 490 20.77 61.71 25.24
C GLU O 490 21.74 62.39 24.30
N PRO O 491 22.58 61.63 23.59
CA PRO O 491 23.49 62.25 22.62
C PRO O 491 22.81 62.48 21.28
N LEU O 492 23.20 63.58 20.64
CA LEU O 492 22.52 64.05 19.44
C LEU O 492 22.55 63.00 18.32
N ARG O 493 23.62 62.20 18.27
CA ARG O 493 23.81 61.24 17.19
C ARG O 493 22.74 60.15 17.21
N VAL O 494 21.99 60.02 18.31
CA VAL O 494 20.96 58.98 18.40
C VAL O 494 19.72 59.36 17.62
N LYS O 495 19.43 60.67 17.50
CA LYS O 495 18.25 61.10 16.77
C LYS O 495 18.49 61.18 15.27
N THR O 496 19.55 61.90 14.87
CA THR O 496 19.88 62.08 13.46
C THR O 496 19.97 60.74 12.73
N GLN O 497 20.77 59.82 13.27
CA GLN O 497 20.92 58.49 12.67
C GLN O 497 19.57 57.77 12.58
N ALA O 498 18.75 57.85 13.63
CA ALA O 498 17.47 57.16 13.64
C ALA O 498 16.58 57.63 12.51
N ILE O 499 16.37 58.93 12.42
CA ILE O 499 15.51 59.51 11.39
C ILE O 499 16.09 59.22 10.01
N GLN O 500 17.41 59.26 9.89
CA GLN O 500 18.08 59.11 8.60
C GLN O 500 17.87 57.70 8.06
N SER O 501 18.18 56.70 8.89
CA SER O 501 17.90 55.29 8.58
C SER O 501 16.44 55.06 8.22
N ALA O 502 15.51 55.59 9.03
CA ALA O 502 14.10 55.26 8.86
C ALA O 502 13.54 55.84 7.57
N ALA O 503 13.90 57.08 7.26
CA ALA O 503 13.43 57.69 6.01
C ALA O 503 13.98 56.93 4.80
N GLU O 504 15.29 56.65 4.81
CA GLU O 504 15.92 56.00 3.66
C GLU O 504 15.37 54.60 3.45
N SER O 505 14.98 53.90 4.52
CA SER O 505 14.44 52.56 4.36
C SER O 505 12.95 52.56 4.05
N THR O 506 12.23 53.65 4.36
CA THR O 506 10.81 53.66 4.02
C THR O 506 10.60 53.99 2.53
N GLU O 507 11.51 54.77 1.97
CA GLU O 507 11.36 55.23 0.60
C GLU O 507 11.49 54.08 -0.39
N MET O 508 12.27 53.06 -0.04
CA MET O 508 12.42 51.90 -0.92
C MET O 508 11.13 51.12 -1.02
N LEU O 509 10.43 50.90 0.09
CA LEU O 509 9.15 50.20 0.05
C LEU O 509 8.06 51.06 -0.59
N LEU O 510 8.22 52.38 -0.57
CA LEU O 510 7.26 53.22 -1.28
C LEU O 510 7.52 53.24 -2.78
N ARG O 511 8.75 52.99 -3.22
CA ARG O 511 9.06 53.06 -4.65
C ARG O 511 8.83 51.74 -5.38
N ILE O 512 8.48 50.66 -4.68
CA ILE O 512 8.28 49.35 -5.31
C ILE O 512 6.82 49.21 -5.72
N ASP O 513 6.57 48.56 -6.86
CA ASP O 513 5.20 48.18 -7.21
C ASP O 513 5.01 46.74 -7.68
N ASP O 514 6.04 45.90 -7.69
CA ASP O 514 5.86 44.53 -8.13
C ASP O 514 6.75 43.60 -7.33
N VAL O 515 6.34 42.33 -7.25
CA VAL O 515 7.10 41.27 -6.61
C VAL O 515 7.14 40.07 -7.54
N ILE O 516 8.33 39.66 -7.96
CA ILE O 516 8.52 38.58 -8.93
C ILE O 516 9.64 37.65 -8.45
N ALA O 517 9.70 36.45 -9.04
CA ALA O 517 10.56 35.39 -8.52
C ALA O 517 11.90 35.31 -9.23
N ALA O 518 12.95 34.97 -8.48
CA ALA O 518 14.33 35.02 -8.96
C ALA O 518 14.98 33.64 -9.00
N GLU O 519 15.95 33.52 -9.91
CA GLU O 519 16.53 32.25 -10.33
C GLU O 519 17.92 32.06 -9.74
N LYS O 520 17.96 31.74 -8.45
CA LYS O 520 19.21 31.63 -7.68
C LYS O 520 20.03 32.90 -7.85
N LEU O 521 19.64 33.91 -7.07
CA LEU O 521 20.10 35.28 -7.26
C LEU O 521 21.61 35.42 -7.07
N ARG O 522 22.12 35.01 -5.91
CA ARG O 522 23.54 35.15 -5.61
C ARG O 522 24.01 34.09 -4.62
N GLU P 10 -8.25 29.14 -19.06
CA GLU P 10 -8.58 28.66 -20.40
C GLU P 10 -9.03 27.18 -20.51
N ASN P 11 -8.51 26.45 -21.51
CA ASN P 11 -8.89 25.07 -21.80
C ASN P 11 -7.89 24.41 -22.75
N MET P 12 -7.78 23.07 -22.66
CA MET P 12 -6.94 22.30 -23.59
C MET P 12 -7.16 22.68 -25.07
N LYS P 13 -8.40 22.67 -25.52
CA LYS P 13 -8.77 22.69 -26.94
C LYS P 13 -8.68 24.08 -27.57
N ARG P 14 -7.66 24.87 -27.20
CA ARG P 14 -7.37 26.20 -27.70
C ARG P 14 -5.92 26.32 -28.15
N TYR P 15 -5.16 25.23 -28.05
CA TYR P 15 -3.75 25.21 -28.43
C TYR P 15 -3.64 25.30 -29.95
N MET P 16 -4.71 24.87 -30.63
CA MET P 16 -4.77 24.86 -32.08
C MET P 16 -4.86 26.26 -32.67
N GLY P 17 -5.40 27.22 -31.92
CA GLY P 17 -5.93 28.45 -32.47
C GLY P 17 -4.96 29.57 -32.78
N ARG P 18 -3.64 29.37 -32.65
CA ARG P 18 -2.69 30.40 -33.01
C ARG P 18 -1.43 29.76 -33.60
N ASP P 19 -0.80 30.45 -34.56
CA ASP P 19 0.40 29.86 -35.17
C ASP P 19 1.59 29.92 -34.22
N ALA P 20 2.68 29.28 -34.65
CA ALA P 20 3.95 29.36 -33.93
C ALA P 20 4.46 30.79 -33.87
N GLN P 21 4.20 31.57 -34.93
CA GLN P 21 4.63 32.97 -34.95
C GLN P 21 3.82 33.80 -33.95
N ARG P 22 2.52 33.52 -33.83
CA ARG P 22 1.72 34.16 -32.79
C ARG P 22 2.21 33.76 -31.40
N MET P 23 2.47 32.46 -31.21
CA MET P 23 3.13 31.96 -30.00
C MET P 23 4.34 32.80 -29.63
N ASN P 24 5.29 32.90 -30.55
CA ASN P 24 6.56 33.59 -30.27
C ASN P 24 6.35 35.08 -30.06
N ILE P 25 5.49 35.72 -30.85
CA ILE P 25 5.25 37.14 -30.71
C ILE P 25 4.64 37.46 -29.35
N LEU P 26 3.72 36.61 -28.88
CA LEU P 26 3.10 36.82 -27.57
C LEU P 26 4.10 36.58 -26.44
N ALA P 27 4.83 35.46 -26.51
CA ALA P 27 5.88 35.18 -25.52
C ALA P 27 6.89 36.31 -25.45
N GLY P 28 7.12 37.01 -26.57
CA GLY P 28 8.01 38.14 -26.56
C GLY P 28 7.38 39.38 -25.96
N ARG P 29 6.16 39.71 -26.38
CA ARG P 29 5.47 40.87 -25.84
C ARG P 29 5.40 40.82 -24.31
N ILE P 30 5.32 39.62 -23.75
CA ILE P 30 5.22 39.50 -22.29
C ILE P 30 6.44 40.12 -21.60
N ILE P 31 7.63 39.88 -22.15
CA ILE P 31 8.85 40.39 -21.52
C ILE P 31 8.88 41.91 -21.54
N ALA P 32 8.55 42.50 -22.70
CA ALA P 32 8.53 43.95 -22.79
C ALA P 32 7.47 44.55 -21.88
N GLU P 33 6.33 43.87 -21.72
CA GLU P 33 5.31 44.32 -20.79
C GLU P 33 5.79 44.25 -19.34
N THR P 34 6.70 43.33 -19.03
CA THR P 34 7.20 43.20 -17.67
C THR P 34 7.97 44.45 -17.24
N VAL P 35 8.87 44.94 -18.10
CA VAL P 35 9.82 45.98 -17.69
C VAL P 35 9.37 47.41 -18.00
N ARG P 36 8.22 47.58 -18.65
CA ARG P 36 7.90 48.86 -19.29
C ARG P 36 7.64 49.97 -18.26
N SER P 37 6.99 49.63 -17.15
CA SER P 37 6.66 50.57 -16.08
C SER P 37 7.88 51.05 -15.30
N THR P 38 9.07 50.51 -15.58
CA THR P 38 10.28 51.02 -14.96
C THR P 38 10.84 52.24 -15.68
N LEU P 39 10.22 52.66 -16.77
CA LEU P 39 10.84 53.61 -17.69
C LEU P 39 10.57 55.05 -17.26
N GLY P 40 11.58 55.90 -17.40
CA GLY P 40 11.41 57.32 -17.24
C GLY P 40 11.52 57.80 -15.80
N PRO P 41 11.50 59.11 -15.61
CA PRO P 41 11.75 59.68 -14.27
C PRO P 41 10.75 59.22 -13.22
N LYS P 42 9.48 59.04 -13.60
CA LYS P 42 8.43 58.54 -12.72
C LYS P 42 8.35 57.02 -12.71
N GLY P 43 9.43 56.34 -13.11
CA GLY P 43 9.44 54.89 -13.10
C GLY P 43 9.48 54.30 -11.70
N MET P 44 9.07 53.04 -11.61
CA MET P 44 8.92 52.37 -10.33
C MET P 44 9.78 51.11 -10.27
N ASP P 45 10.06 50.65 -9.05
CA ASP P 45 10.98 49.54 -8.84
C ASP P 45 10.27 48.19 -8.78
N LYS P 46 11.04 47.14 -9.04
CA LYS P 46 10.58 45.76 -8.93
C LYS P 46 11.27 45.08 -7.76
N MET P 47 10.57 44.14 -7.11
CA MET P 47 11.17 43.32 -6.07
C MET P 47 11.37 41.90 -6.57
N LEU P 48 12.60 41.40 -6.45
CA LEU P 48 12.98 40.06 -6.88
C LEU P 48 13.23 39.18 -5.66
N VAL P 49 12.63 37.99 -5.64
CA VAL P 49 12.72 37.09 -4.50
C VAL P 49 13.20 35.73 -4.96
N ASP P 50 14.13 35.14 -4.19
CA ASP P 50 14.77 33.88 -4.49
C ASP P 50 13.93 32.70 -3.99
N ASP P 51 14.38 31.49 -4.37
CA ASP P 51 13.94 30.29 -3.67
C ASP P 51 14.47 30.26 -2.24
N LEU P 52 15.71 30.71 -2.04
CA LEU P 52 16.36 30.60 -0.74
C LEU P 52 16.01 31.74 0.20
N GLY P 53 15.38 32.80 -0.29
CA GLY P 53 15.02 33.94 0.53
C GLY P 53 15.83 35.19 0.32
N ASP P 54 16.83 35.18 -0.57
CA ASP P 54 17.50 36.42 -0.94
C ASP P 54 16.55 37.37 -1.65
N VAL P 55 16.80 38.67 -1.52
CA VAL P 55 15.92 39.71 -2.03
C VAL P 55 16.74 40.77 -2.75
N VAL P 56 16.24 41.26 -3.89
CA VAL P 56 16.83 42.37 -4.62
C VAL P 56 15.74 43.39 -4.95
N VAL P 57 16.05 44.67 -4.79
CA VAL P 57 15.13 45.75 -5.16
C VAL P 57 15.85 46.68 -6.13
N THR P 58 15.28 46.84 -7.32
CA THR P 58 15.89 47.66 -8.37
C THR P 58 14.86 48.01 -9.44
N ASN P 59 15.16 49.04 -10.22
CA ASN P 59 14.45 49.26 -11.48
C ASN P 59 15.37 49.18 -12.69
N ASP P 60 16.60 48.68 -12.52
CA ASP P 60 17.50 48.45 -13.63
C ASP P 60 16.94 47.30 -14.48
N GLY P 61 16.77 47.55 -15.77
CA GLY P 61 16.04 46.61 -16.61
C GLY P 61 16.78 45.30 -16.85
N VAL P 62 18.03 45.40 -17.30
CA VAL P 62 18.79 44.19 -17.63
C VAL P 62 18.96 43.32 -16.39
N THR P 63 18.92 43.91 -15.20
CA THR P 63 19.01 43.12 -13.97
C THR P 63 17.72 42.33 -13.74
N ILE P 64 16.57 42.97 -13.96
CA ILE P 64 15.29 42.27 -13.87
C ILE P 64 15.25 41.10 -14.85
N LEU P 65 15.62 41.37 -16.10
CA LEU P 65 15.63 40.36 -17.16
C LEU P 65 16.68 39.29 -16.90
N ARG P 66 17.72 39.59 -16.15
CA ARG P 66 18.76 38.62 -15.87
C ARG P 66 18.43 37.71 -14.69
N GLU P 67 17.68 38.22 -13.73
CA GLU P 67 17.36 37.45 -12.54
C GLU P 67 16.01 36.75 -12.60
N MET P 68 15.23 36.96 -13.67
CA MET P 68 13.88 36.43 -13.72
C MET P 68 13.91 34.95 -14.06
N SER P 69 12.94 34.20 -13.55
CA SER P 69 12.75 32.82 -14.01
C SER P 69 11.97 32.88 -15.32
N VAL P 70 12.68 32.69 -16.44
CA VAL P 70 12.11 32.81 -17.77
C VAL P 70 12.35 31.51 -18.53
N GLU P 71 11.28 30.95 -19.13
CA GLU P 71 11.36 29.58 -19.63
C GLU P 71 11.02 29.42 -21.10
N HIS P 72 10.33 30.37 -21.71
CA HIS P 72 9.99 30.19 -23.13
C HIS P 72 11.15 30.66 -24.00
N PRO P 73 11.45 29.96 -25.10
CA PRO P 73 12.65 30.30 -25.90
C PRO P 73 12.68 31.72 -26.43
N ALA P 74 11.54 32.24 -26.90
CA ALA P 74 11.54 33.57 -27.51
C ALA P 74 11.78 34.65 -26.47
N ALA P 75 11.25 34.47 -25.26
CA ALA P 75 11.52 35.40 -24.17
C ALA P 75 12.99 35.36 -23.79
N LYS P 76 13.59 34.16 -23.83
CA LYS P 76 15.02 34.01 -23.65
C LYS P 76 15.80 34.76 -24.73
N MET P 77 15.25 34.79 -25.96
CA MET P 77 15.88 35.54 -27.05
C MET P 77 15.76 37.05 -26.89
N LEU P 78 14.74 37.54 -26.17
CA LEU P 78 14.64 38.98 -25.95
C LEU P 78 15.56 39.47 -24.84
N ILE P 79 15.91 38.62 -23.88
CA ILE P 79 16.84 39.01 -22.83
C ILE P 79 18.20 39.38 -23.42
N GLU P 80 18.57 38.76 -24.55
CA GLU P 80 19.86 39.07 -25.17
C GLU P 80 19.89 40.46 -25.79
N VAL P 81 18.73 41.09 -25.95
CA VAL P 81 18.66 42.47 -26.42
C VAL P 81 19.13 43.45 -25.34
N ALA P 82 18.88 43.12 -24.07
CA ALA P 82 19.34 43.96 -22.97
C ALA P 82 20.84 43.79 -22.71
N LYS P 83 21.32 42.55 -22.68
CA LYS P 83 22.70 42.28 -22.31
C LYS P 83 23.70 42.97 -23.25
N THR P 84 23.36 43.09 -24.53
CA THR P 84 24.28 43.70 -25.46
C THR P 84 24.36 45.20 -25.25
N GLN P 85 23.23 45.81 -24.91
CA GLN P 85 23.21 47.22 -24.53
C GLN P 85 23.98 47.44 -23.23
N GLU P 86 23.89 46.47 -22.31
CA GLU P 86 24.67 46.52 -21.07
C GLU P 86 26.16 46.51 -21.38
N LYS P 87 26.56 45.60 -22.27
CA LYS P 87 27.97 45.28 -22.51
C LYS P 87 28.64 46.37 -23.34
N GLU P 88 27.99 46.81 -24.42
CA GLU P 88 28.62 47.69 -25.41
C GLU P 88 28.47 49.16 -25.10
N VAL P 89 27.46 49.54 -24.31
CA VAL P 89 27.14 50.94 -24.04
C VAL P 89 27.14 51.12 -22.54
N GLY P 90 26.24 50.43 -21.86
CA GLY P 90 26.11 50.49 -20.43
C GLY P 90 24.78 51.03 -19.95
N ASP P 91 24.22 52.02 -20.64
CA ASP P 91 22.90 52.53 -20.33
C ASP P 91 21.98 52.26 -21.52
N GLY P 92 20.68 52.38 -21.30
CA GLY P 92 19.70 52.18 -22.35
C GLY P 92 19.08 50.79 -22.43
N THR P 93 19.20 49.97 -21.38
CA THR P 93 18.73 48.60 -21.46
C THR P 93 17.22 48.45 -21.35
N THR P 94 16.47 49.53 -21.15
CA THR P 94 15.02 49.42 -21.13
C THR P 94 14.38 49.93 -22.41
N THR P 95 14.98 50.94 -23.03
CA THR P 95 14.50 51.43 -24.32
C THR P 95 14.55 50.33 -25.36
N ALA P 96 15.67 49.60 -25.39
CA ALA P 96 15.85 48.51 -26.36
C ALA P 96 14.73 47.49 -26.25
N VAL P 97 14.39 47.03 -25.05
CA VAL P 97 13.45 45.93 -24.97
C VAL P 97 12.03 46.41 -25.26
N VAL P 98 11.71 47.64 -24.83
CA VAL P 98 10.37 48.16 -25.07
C VAL P 98 10.16 48.38 -26.57
N VAL P 99 11.18 48.92 -27.24
CA VAL P 99 11.09 49.11 -28.69
C VAL P 99 11.01 47.76 -29.41
N ALA P 100 11.76 46.76 -28.95
CA ALA P 100 11.70 45.43 -29.54
C ALA P 100 10.29 44.84 -29.44
N GLY P 101 9.68 44.89 -28.25
CA GLY P 101 8.34 44.35 -28.12
C GLY P 101 7.29 45.13 -28.89
N GLU P 102 7.47 46.45 -29.00
CA GLU P 102 6.53 47.21 -29.82
C GLU P 102 6.66 46.84 -31.28
N LEU P 103 7.89 46.52 -31.71
CA LEU P 103 8.09 46.04 -33.08
C LEU P 103 7.43 44.68 -33.30
N LEU P 104 7.55 43.78 -32.31
CA LEU P 104 6.83 42.51 -32.38
C LEU P 104 5.33 42.72 -32.53
N ARG P 105 4.76 43.63 -31.73
CA ARG P 105 3.32 43.81 -31.66
C ARG P 105 2.80 44.54 -32.90
N LYS P 106 3.60 45.46 -33.44
CA LYS P 106 3.28 46.07 -34.72
C LYS P 106 3.33 45.04 -35.84
N ALA P 107 4.30 44.13 -35.81
CA ALA P 107 4.36 43.10 -36.83
C ALA P 107 3.14 42.21 -36.76
N GLU P 108 2.63 41.99 -35.55
CA GLU P 108 1.44 41.17 -35.37
C GLU P 108 0.21 41.79 -36.04
N GLU P 109 0.20 43.12 -36.18
CA GLU P 109 -0.93 43.81 -36.78
C GLU P 109 -0.94 43.68 -38.30
N LEU P 110 0.19 43.29 -38.89
CA LEU P 110 0.25 43.11 -40.35
C LEU P 110 0.10 41.66 -40.76
N LEU P 111 0.45 40.71 -39.90
CA LEU P 111 0.29 39.30 -40.24
C LEU P 111 -1.17 38.88 -40.18
N ASP P 112 -1.98 39.57 -39.37
CA ASP P 112 -3.41 39.31 -39.39
C ASP P 112 -4.12 39.94 -40.58
N GLN P 113 -3.39 40.67 -41.43
CA GLN P 113 -3.87 41.07 -42.75
C GLN P 113 -3.26 40.20 -43.85
N ASN P 114 -2.53 39.15 -43.47
CA ASN P 114 -1.95 38.15 -44.36
C ASN P 114 -0.78 38.69 -45.19
N VAL P 115 0.06 39.54 -44.60
CA VAL P 115 1.31 39.96 -45.25
C VAL P 115 2.40 38.93 -44.98
N HIS P 116 3.14 38.56 -46.04
CA HIS P 116 4.16 37.54 -45.90
C HIS P 116 5.25 37.99 -44.93
N PRO P 117 5.72 37.11 -44.04
CA PRO P 117 6.80 37.48 -43.11
C PRO P 117 8.06 38.03 -43.77
N THR P 118 8.49 37.45 -44.89
CA THR P 118 9.70 37.97 -45.54
C THR P 118 9.50 39.41 -46.03
N ILE P 119 8.27 39.77 -46.41
CA ILE P 119 8.00 41.15 -46.81
C ILE P 119 8.17 42.09 -45.62
N VAL P 120 7.67 41.67 -44.45
CA VAL P 120 7.84 42.47 -43.24
C VAL P 120 9.32 42.65 -42.92
N VAL P 121 10.08 41.55 -43.01
CA VAL P 121 11.50 41.59 -42.65
C VAL P 121 12.28 42.48 -43.59
N LYS P 122 12.03 42.36 -44.90
CA LYS P 122 12.67 43.24 -45.88
C LYS P 122 12.24 44.70 -45.73
N GLY P 123 11.06 44.98 -45.20
CA GLY P 123 10.75 46.36 -44.90
C GLY P 123 11.47 46.91 -43.68
N TYR P 124 11.42 46.17 -42.57
CA TYR P 124 12.14 46.58 -41.36
C TYR P 124 13.61 46.85 -41.66
N GLN P 125 14.21 45.99 -42.49
CA GLN P 125 15.61 46.15 -42.85
C GLN P 125 15.86 47.48 -43.53
N ALA P 126 14.99 47.88 -44.47
CA ALA P 126 15.15 49.14 -45.16
C ALA P 126 14.90 50.34 -44.25
N ALA P 127 14.11 50.13 -43.19
CA ALA P 127 13.83 51.22 -42.26
C ALA P 127 14.97 51.46 -41.29
N ALA P 128 15.63 50.39 -40.84
CA ALA P 128 16.64 50.56 -39.80
C ALA P 128 17.90 51.24 -40.32
N GLN P 129 18.32 50.94 -41.56
CA GLN P 129 19.45 51.65 -42.14
C GLN P 129 19.14 53.14 -42.30
N LYS P 130 17.89 53.46 -42.65
CA LYS P 130 17.46 54.84 -42.74
C LYS P 130 17.49 55.52 -41.38
N ALA P 131 17.12 54.79 -40.32
CA ALA P 131 17.20 55.35 -38.98
C ALA P 131 18.64 55.58 -38.57
N GLN P 132 19.57 54.76 -39.09
CA GLN P 132 20.99 55.01 -38.83
C GLN P 132 21.45 56.30 -39.51
N GLU P 133 21.10 56.49 -40.78
CA GLU P 133 21.42 57.74 -41.47
C GLU P 133 20.87 58.95 -40.71
N LEU P 134 19.59 58.87 -40.33
CA LEU P 134 18.92 59.98 -39.65
C LEU P 134 19.57 60.28 -38.30
N LEU P 135 19.85 59.23 -37.51
CA LEU P 135 20.50 59.44 -36.23
C LEU P 135 21.91 60.02 -36.40
N LYS P 136 22.60 59.67 -37.47
CA LYS P 136 23.93 60.22 -37.70
C LYS P 136 23.88 61.68 -38.16
N THR P 137 22.71 62.15 -38.62
CA THR P 137 22.62 63.54 -39.06
C THR P 137 21.80 64.48 -38.17
N ILE P 138 20.99 63.96 -37.23
CA ILE P 138 20.23 64.83 -36.33
C ILE P 138 20.92 65.07 -34.99
N ALA P 139 22.15 64.59 -34.82
CA ALA P 139 22.85 64.69 -33.54
C ALA P 139 23.60 66.03 -33.45
N CYS P 140 24.02 66.37 -32.22
CA CYS P 140 24.79 67.57 -31.98
C CYS P 140 26.23 67.22 -31.60
N GLU P 141 27.17 68.01 -32.10
CA GLU P 141 28.60 67.69 -32.03
C GLU P 141 29.29 68.55 -30.98
N VAL P 142 29.90 67.88 -30.00
CA VAL P 142 30.46 68.54 -28.82
C VAL P 142 31.86 67.98 -28.54
N GLY P 143 32.74 68.81 -27.99
CA GLY P 143 34.09 68.41 -27.70
C GLY P 143 34.22 67.64 -26.40
N ALA P 144 35.20 66.74 -26.35
CA ALA P 144 35.31 65.80 -25.23
C ALA P 144 35.89 66.46 -23.98
N GLN P 145 36.45 67.66 -24.11
CA GLN P 145 36.99 68.41 -22.98
C GLN P 145 35.92 69.19 -22.22
N ASP P 146 34.65 69.11 -22.65
CA ASP P 146 33.59 70.01 -22.20
C ASP P 146 32.87 69.38 -21.00
N LYS P 147 33.37 69.70 -19.81
CA LYS P 147 32.96 68.96 -18.60
C LYS P 147 31.53 69.29 -18.19
N GLU P 148 31.03 70.46 -18.58
CA GLU P 148 29.68 70.89 -18.21
C GLU P 148 28.61 69.97 -18.79
N ILE P 149 28.65 69.76 -20.10
CA ILE P 149 27.67 68.86 -20.72
C ILE P 149 27.87 67.44 -20.21
N LEU P 150 29.10 67.07 -19.83
CA LEU P 150 29.30 65.78 -19.20
C LEU P 150 28.55 65.66 -17.87
N THR P 151 28.60 66.71 -17.06
CA THR P 151 27.82 66.75 -15.82
C THR P 151 26.34 66.60 -16.10
N LYS P 152 25.84 67.34 -17.10
CA LYS P 152 24.42 67.31 -17.44
C LYS P 152 23.98 65.92 -17.89
N ILE P 153 24.84 65.24 -18.67
CA ILE P 153 24.53 63.89 -19.11
C ILE P 153 24.53 62.91 -17.95
N ALA P 154 25.47 63.08 -17.02
CA ALA P 154 25.55 62.21 -15.84
C ALA P 154 24.29 62.34 -14.99
N MET P 155 23.87 63.59 -14.73
CA MET P 155 22.63 63.83 -14.01
C MET P 155 21.45 63.21 -14.72
N THR P 156 21.40 63.32 -16.04
CA THR P 156 20.35 62.68 -16.82
C THR P 156 20.36 61.17 -16.66
N SER P 157 21.54 60.59 -16.39
CA SER P 157 21.63 59.15 -16.22
C SER P 157 21.12 58.71 -14.86
N ILE P 158 21.25 59.58 -13.85
CA ILE P 158 20.88 59.24 -12.48
C ILE P 158 19.40 59.51 -12.20
N THR P 159 18.76 60.37 -13.00
CA THR P 159 17.35 60.74 -12.80
C THR P 159 16.42 59.53 -12.94
N GLY P 160 15.47 59.42 -12.01
CA GLY P 160 14.51 58.33 -12.04
C GLY P 160 14.90 57.07 -11.30
N LYS P 161 15.97 57.10 -10.49
CA LYS P 161 16.51 55.87 -9.92
C LYS P 161 16.45 55.83 -8.40
N GLY P 162 15.66 56.68 -7.77
CA GLY P 162 15.57 56.66 -6.31
C GLY P 162 16.73 57.33 -5.59
N ALA P 163 17.94 57.17 -6.13
CA ALA P 163 19.10 57.92 -5.65
C ALA P 163 19.21 59.26 -6.38
N GLU P 164 18.09 59.98 -6.51
CA GLU P 164 18.10 61.29 -7.16
C GLU P 164 18.61 62.38 -6.23
N LYS P 165 18.51 62.16 -4.93
CA LYS P 165 18.72 63.24 -3.98
C LYS P 165 20.18 63.68 -3.94
N ALA P 166 21.08 62.80 -4.39
CA ALA P 166 22.51 63.08 -4.42
C ALA P 166 23.07 63.31 -5.82
N LYS P 167 22.23 63.45 -6.85
CA LYS P 167 22.74 63.42 -8.22
C LYS P 167 23.67 64.60 -8.50
N GLU P 168 23.45 65.75 -7.89
CA GLU P 168 24.24 66.93 -8.16
C GLU P 168 25.59 66.89 -7.46
N LYS P 169 25.85 65.86 -6.65
CA LYS P 169 27.19 65.57 -6.13
C LYS P 169 27.83 64.38 -6.85
N LEU P 170 27.03 63.34 -7.09
CA LEU P 170 27.50 62.16 -7.81
C LEU P 170 28.00 62.54 -9.20
N ALA P 171 27.37 63.54 -9.81
CA ALA P 171 27.79 63.99 -11.15
C ALA P 171 29.21 64.49 -11.14
N GLU P 172 29.56 65.38 -10.19
CA GLU P 172 30.93 65.88 -10.11
C GLU P 172 31.92 64.75 -9.84
N ILE P 173 31.56 63.89 -8.88
CA ILE P 173 32.43 62.78 -8.51
C ILE P 173 32.74 61.92 -9.73
N ILE P 174 31.70 61.53 -10.46
CA ILE P 174 31.85 60.63 -11.59
C ILE P 174 32.59 61.30 -12.74
N VAL P 175 32.33 62.59 -12.98
CA VAL P 175 33.01 63.28 -14.07
C VAL P 175 34.52 63.32 -13.82
N GLU P 176 34.93 63.66 -12.60
CA GLU P 176 36.37 63.63 -12.31
C GLU P 176 36.92 62.20 -12.39
N ALA P 177 36.18 61.24 -11.83
CA ALA P 177 36.62 59.84 -11.77
C ALA P 177 36.91 59.30 -13.17
N VAL P 178 36.02 59.62 -14.12
CA VAL P 178 36.15 59.13 -15.49
C VAL P 178 37.22 59.93 -16.22
N SER P 179 37.31 61.24 -15.95
CA SER P 179 38.27 62.08 -16.66
C SER P 179 39.70 61.68 -16.31
N ALA P 180 39.89 61.04 -15.16
CA ALA P 180 41.21 60.60 -14.72
C ALA P 180 41.72 59.47 -15.60
N VAL P 181 40.83 58.55 -15.98
CA VAL P 181 41.20 57.26 -16.59
C VAL P 181 41.12 57.31 -18.10
N VAL P 182 40.91 58.48 -18.68
CA VAL P 182 40.97 58.65 -20.14
C VAL P 182 42.42 58.45 -20.57
N ASP P 183 42.68 57.40 -21.36
CA ASP P 183 44.04 56.96 -21.62
C ASP P 183 44.71 57.83 -22.68
N ASP P 184 46.02 57.60 -22.88
CA ASP P 184 46.78 58.45 -23.78
C ASP P 184 46.32 58.35 -25.23
N GLU P 185 45.44 57.40 -25.55
CA GLU P 185 44.82 57.33 -26.85
C GLU P 185 43.37 57.85 -26.88
N GLY P 186 42.90 58.44 -25.79
CA GLY P 186 41.57 59.03 -25.74
C GLY P 186 40.41 58.07 -25.62
N LYS P 187 40.58 56.98 -24.88
CA LYS P 187 39.55 55.97 -24.72
C LYS P 187 39.37 55.66 -23.25
N VAL P 188 38.13 55.34 -22.86
CA VAL P 188 37.77 55.12 -21.47
C VAL P 188 37.63 53.63 -21.23
N ASP P 189 38.35 53.12 -20.24
CA ASP P 189 38.21 51.73 -19.80
C ASP P 189 37.54 51.73 -18.43
N LYS P 190 36.47 50.94 -18.30
CA LYS P 190 35.63 51.01 -17.12
C LYS P 190 36.27 50.34 -15.91
N ASP P 191 37.07 49.30 -16.14
CA ASP P 191 37.68 48.56 -15.05
C ASP P 191 38.84 49.32 -14.40
N LEU P 192 39.25 50.46 -14.97
CA LEU P 192 40.25 51.27 -14.31
C LEU P 192 39.68 52.13 -13.19
N ILE P 193 38.36 52.05 -12.96
CA ILE P 193 37.70 52.72 -11.84
C ILE P 193 37.20 51.66 -10.88
N LYS P 194 37.59 51.77 -9.62
CA LYS P 194 37.27 50.79 -8.60
C LYS P 194 36.11 51.31 -7.76
N ILE P 195 35.06 50.50 -7.63
CA ILE P 195 33.83 50.91 -6.96
C ILE P 195 33.71 50.10 -5.68
N GLU P 196 33.66 50.79 -4.54
CA GLU P 196 33.64 50.13 -3.25
C GLU P 196 32.42 50.56 -2.44
N LYS P 197 31.89 49.62 -1.67
CA LYS P 197 30.53 49.67 -1.12
C LYS P 197 30.54 49.46 0.38
N LYS P 198 30.82 50.50 1.14
CA LYS P 198 30.99 50.41 2.59
C LYS P 198 29.85 51.13 3.28
N SER P 199 29.09 50.40 4.10
CA SER P 199 27.85 50.91 4.68
C SER P 199 28.14 51.91 5.81
N GLY P 200 27.07 52.39 6.44
CA GLY P 200 27.17 53.46 7.41
C GLY P 200 27.10 54.83 6.75
N ALA P 201 26.79 55.84 7.56
CA ALA P 201 26.53 57.20 7.09
C ALA P 201 25.43 57.26 6.03
N SER P 202 25.26 58.43 5.42
CA SER P 202 24.22 58.66 4.42
C SER P 202 24.81 58.82 3.03
N ILE P 203 23.95 58.64 2.02
CA ILE P 203 24.36 58.61 0.61
C ILE P 203 25.15 59.85 0.23
N ASP P 204 24.95 60.96 0.94
CA ASP P 204 25.66 62.20 0.67
C ASP P 204 27.08 62.20 1.24
N ASP P 205 27.45 61.18 2.02
CA ASP P 205 28.81 61.03 2.52
C ASP P 205 29.69 60.23 1.56
N THR P 206 29.20 59.91 0.36
CA THR P 206 30.04 59.30 -0.65
C THR P 206 31.17 60.25 -1.08
N GLU P 207 32.35 59.68 -1.37
CA GLU P 207 33.52 60.48 -1.69
C GLU P 207 34.41 59.76 -2.69
N LEU P 208 35.37 60.51 -3.23
CA LEU P 208 36.29 60.04 -4.25
C LEU P 208 37.70 59.99 -3.70
N ILE P 209 38.39 58.86 -3.92
CA ILE P 209 39.78 58.70 -3.49
C ILE P 209 40.67 58.72 -4.71
N LYS P 210 41.68 59.59 -4.70
CA LYS P 210 42.68 59.63 -5.76
C LYS P 210 43.76 58.60 -5.46
N GLY P 211 43.35 57.34 -5.44
CA GLY P 211 44.25 56.28 -5.00
C GLY P 211 43.48 54.99 -4.76
N VAL P 212 43.90 54.20 -3.77
CA VAL P 212 43.36 52.86 -3.60
C VAL P 212 42.97 52.62 -2.15
N LEU P 213 41.99 51.73 -1.98
CA LEU P 213 41.57 51.27 -0.68
C LEU P 213 41.87 49.77 -0.83
N VAL P 214 42.61 49.17 0.09
CA VAL P 214 43.04 47.77 0.04
C VAL P 214 42.40 47.02 1.21
N ASP P 215 41.91 45.81 0.94
CA ASP P 215 41.25 44.99 1.94
C ASP P 215 42.30 44.22 2.76
N LYS P 216 43.18 44.95 3.43
CA LYS P 216 44.31 44.34 4.14
C LYS P 216 44.65 45.18 5.36
N GLU P 217 45.31 44.52 6.33
CA GLU P 217 45.95 45.20 7.45
C GLU P 217 47.40 44.74 7.55
N ARG P 218 48.24 45.61 8.10
CA ARG P 218 49.68 45.37 8.07
C ARG P 218 50.03 44.16 8.93
N VAL P 219 51.11 43.48 8.56
CA VAL P 219 51.39 42.15 9.08
C VAL P 219 51.78 42.20 10.56
N SER P 220 52.60 43.17 10.95
CA SER P 220 53.15 43.23 12.30
C SER P 220 52.77 44.58 12.92
N ALA P 221 52.26 44.55 14.16
CA ALA P 221 51.64 45.76 14.71
C ALA P 221 52.66 46.78 15.21
N GLN P 222 53.95 46.42 15.26
CA GLN P 222 55.01 47.38 15.54
C GLN P 222 55.26 48.29 14.34
N MET P 223 54.76 47.90 13.17
CA MET P 223 54.93 48.62 11.92
C MET P 223 54.16 49.94 11.94
N PRO P 224 54.78 51.05 11.54
CA PRO P 224 54.11 52.35 11.64
C PRO P 224 52.79 52.37 10.88
N LYS P 225 51.77 52.94 11.54
CA LYS P 225 50.41 52.88 11.03
C LYS P 225 50.11 54.05 10.11
N LYS P 226 51.00 55.04 10.06
CA LYS P 226 50.85 56.21 9.21
C LYS P 226 52.20 56.56 8.59
N VAL P 227 52.23 56.77 7.28
CA VAL P 227 53.44 57.12 6.55
C VAL P 227 53.12 58.23 5.57
N THR P 228 54.02 59.21 5.45
CA THR P 228 53.89 60.33 4.53
C THR P 228 55.00 60.28 3.49
N ASP P 229 54.68 60.72 2.26
CA ASP P 229 55.56 60.56 1.10
C ASP P 229 56.15 59.15 1.04
N ALA P 230 55.26 58.16 1.01
CA ALA P 230 55.63 56.75 0.98
C ALA P 230 56.44 56.38 -0.27
N LYS P 231 57.37 55.45 -0.07
CA LYS P 231 58.12 54.79 -1.15
C LYS P 231 57.66 53.33 -1.18
N ILE P 232 56.83 53.00 -2.16
CA ILE P 232 56.07 51.77 -2.13
C ILE P 232 56.73 50.74 -3.05
N ALA P 233 56.96 49.54 -2.52
CA ALA P 233 57.54 48.44 -3.29
C ALA P 233 56.50 47.33 -3.45
N LEU P 234 56.36 46.83 -4.67
CA LEU P 234 55.41 45.76 -4.98
C LEU P 234 56.16 44.52 -5.45
N LEU P 235 55.82 43.38 -4.87
CA LEU P 235 56.47 42.11 -5.15
C LEU P 235 55.46 41.05 -5.57
N ASN P 236 55.85 40.24 -6.56
CA ASN P 236 55.07 39.07 -6.97
C ASN P 236 55.65 37.79 -6.39
N CYS P 237 56.92 37.85 -5.97
CA CYS P 237 57.56 36.76 -5.26
C CYS P 237 57.30 36.87 -3.76
N ALA P 238 57.23 35.70 -3.11
CA ALA P 238 57.05 35.58 -1.67
C ALA P 238 58.37 35.74 -0.94
N ILE P 239 58.33 36.38 0.23
CA ILE P 239 59.53 36.53 1.05
C ILE P 239 59.58 35.30 1.97
N GLU P 240 60.22 34.24 1.48
CA GLU P 240 60.29 32.97 2.18
C GLU P 240 61.56 32.26 1.73
N ILE P 241 61.94 31.23 2.49
CA ILE P 241 63.15 30.49 2.16
C ILE P 241 62.92 29.64 0.92
N LYS P 242 63.78 29.80 -0.08
CA LYS P 242 63.61 29.11 -1.35
C LYS P 242 63.77 27.61 -1.17
N GLU P 243 63.07 26.85 -2.02
CA GLU P 243 63.18 25.40 -2.11
C GLU P 243 63.90 25.03 -3.41
N THR P 244 64.48 23.83 -3.44
CA THR P 244 65.10 23.32 -4.65
C THR P 244 64.11 22.44 -5.41
N GLU P 245 63.88 22.77 -6.68
CA GLU P 245 62.97 22.00 -7.50
C GLU P 245 63.60 20.69 -7.98
N THR P 246 64.58 20.18 -7.23
CA THR P 246 65.26 18.91 -7.50
C THR P 246 65.27 17.97 -6.30
N ASP P 247 64.67 18.36 -5.16
CA ASP P 247 64.60 17.63 -3.90
C ASP P 247 65.93 17.46 -3.16
N ALA P 248 65.89 17.59 -1.82
CA ALA P 248 67.07 17.82 -0.98
C ALA P 248 66.95 17.16 0.39
N GLU P 249 68.11 16.81 0.96
CA GLU P 249 68.28 16.39 2.35
C GLU P 249 69.62 16.94 2.84
N ILE P 250 69.66 17.42 4.09
CA ILE P 250 70.86 18.10 4.59
C ILE P 250 71.85 17.19 5.30
N ARG P 251 71.39 16.10 5.91
CA ARG P 251 72.25 15.05 6.48
C ARG P 251 73.30 15.58 7.48
N ILE P 252 72.94 15.58 8.75
CA ILE P 252 73.75 16.22 9.78
C ILE P 252 74.58 15.17 10.51
N THR P 253 75.86 15.09 10.18
CA THR P 253 76.72 14.03 10.72
C THR P 253 77.47 14.52 11.96
N ASP P 254 77.72 15.82 12.06
CA ASP P 254 78.31 16.42 13.26
C ASP P 254 77.21 17.14 14.05
N PRO P 255 76.97 16.76 15.30
CA PRO P 255 76.02 17.50 16.15
C PRO P 255 76.22 19.01 16.14
N ALA P 256 77.47 19.48 16.07
CA ALA P 256 77.75 20.91 16.08
C ALA P 256 77.14 21.66 14.91
N LYS P 257 76.57 20.95 13.93
CA LYS P 257 76.03 21.60 12.73
C LYS P 257 74.51 21.63 12.70
N LEU P 258 73.86 21.55 13.87
CA LEU P 258 72.42 21.80 13.93
C LEU P 258 72.12 23.30 13.88
N MET P 259 72.72 24.06 14.81
CA MET P 259 72.47 25.50 14.85
C MET P 259 72.99 26.22 13.62
N GLU P 260 74.07 25.70 13.02
CA GLU P 260 74.66 26.36 11.86
C GLU P 260 73.72 26.33 10.67
N PHE P 261 73.12 25.18 10.37
CA PHE P 261 72.15 25.11 9.30
C PHE P 261 70.98 26.07 9.54
N ILE P 262 70.54 26.18 10.80
CA ILE P 262 69.38 27.00 11.14
C ILE P 262 69.71 28.49 11.04
N GLU P 263 70.89 28.88 11.53
CA GLU P 263 71.36 30.26 11.39
C GLU P 263 71.49 30.66 9.92
N GLN P 264 71.93 29.76 9.05
CA GLN P 264 72.05 30.14 7.64
C GLN P 264 70.68 30.32 7.00
N GLU P 265 69.69 29.51 7.38
CA GLU P 265 68.34 29.86 6.92
C GLU P 265 67.87 31.21 7.47
N GLU P 266 68.21 31.55 8.71
CA GLU P 266 67.84 32.88 9.20
C GLU P 266 68.53 33.99 8.39
N LYS P 267 69.79 33.78 8.01
CA LYS P 267 70.51 34.81 7.27
C LYS P 267 69.94 34.98 5.86
N MET P 268 69.44 33.90 5.27
CA MET P 268 68.86 34.00 3.93
C MET P 268 67.58 34.85 3.91
N LEU P 269 66.95 35.09 5.07
CA LEU P 269 65.86 36.06 5.12
C LEU P 269 66.38 37.45 5.49
N LYS P 270 67.39 37.49 6.37
CA LYS P 270 67.98 38.75 6.79
C LYS P 270 68.49 39.55 5.59
N ASP P 271 69.10 38.84 4.64
CA ASP P 271 69.66 39.52 3.47
C ASP P 271 68.57 40.04 2.53
N MET P 272 67.45 39.32 2.42
CA MET P 272 66.33 39.83 1.62
C MET P 272 65.82 41.15 2.19
N VAL P 273 65.72 41.22 3.51
CA VAL P 273 65.21 42.46 4.12
C VAL P 273 66.23 43.59 3.98
N ALA P 274 67.51 43.28 4.15
CA ALA P 274 68.56 44.25 3.84
C ALA P 274 68.44 44.81 2.43
N GLU P 275 68.19 43.93 1.45
CA GLU P 275 68.07 44.36 0.06
C GLU P 275 66.83 45.21 -0.17
N ILE P 276 65.71 44.85 0.46
CA ILE P 276 64.51 45.67 0.33
C ILE P 276 64.76 47.07 0.89
N LYS P 277 65.52 47.14 1.98
CA LYS P 277 65.84 48.44 2.57
C LYS P 277 66.76 49.26 1.66
N ALA P 278 67.75 48.61 1.06
CA ALA P 278 68.72 49.31 0.23
C ALA P 278 68.10 49.90 -1.03
N SER P 279 66.97 49.36 -1.49
CA SER P 279 66.26 50.02 -2.59
C SER P 279 65.76 51.41 -2.21
N GLY P 280 65.48 51.66 -0.93
CA GLY P 280 64.92 52.91 -0.51
C GLY P 280 63.47 52.85 -0.05
N ALA P 281 62.90 51.65 0.00
CA ALA P 281 61.48 51.49 0.27
C ALA P 281 61.16 51.75 1.74
N ASN P 282 59.90 52.12 2.01
CA ASN P 282 59.38 52.12 3.37
C ASN P 282 57.94 51.63 3.47
N VAL P 283 57.34 51.19 2.36
CA VAL P 283 56.04 50.52 2.34
C VAL P 283 56.13 49.36 1.36
N LEU P 284 55.52 48.23 1.72
CA LEU P 284 55.64 46.98 0.97
C LEU P 284 54.28 46.33 0.77
N PHE P 285 54.10 45.75 -0.43
CA PHE P 285 52.97 44.87 -0.74
C PHE P 285 53.52 43.60 -1.37
N CYS P 286 53.00 42.45 -0.92
CA CYS P 286 53.38 41.15 -1.46
C CYS P 286 52.14 40.41 -1.94
N GLN P 287 52.18 39.97 -3.20
CA GLN P 287 51.08 39.17 -3.76
C GLN P 287 51.07 37.75 -3.21
N LYS P 288 51.92 37.44 -2.23
CA LYS P 288 52.19 36.07 -1.78
C LYS P 288 52.74 36.14 -0.37
N GLY P 289 53.17 35.00 0.16
CA GLY P 289 53.44 34.89 1.58
C GLY P 289 54.69 35.62 2.04
N ILE P 290 54.63 36.09 3.28
CA ILE P 290 55.79 36.61 4.00
C ILE P 290 55.92 35.80 5.29
N ASP P 291 57.11 35.28 5.55
CA ASP P 291 57.35 34.45 6.72
C ASP P 291 57.34 35.27 8.00
N ASP P 292 57.06 34.60 9.12
CA ASP P 292 56.95 35.29 10.41
C ASP P 292 58.28 35.83 10.93
N LEU P 293 59.41 35.32 10.42
CA LEU P 293 60.70 35.94 10.76
C LEU P 293 61.01 37.12 9.85
N ALA P 294 60.62 37.02 8.57
CA ALA P 294 60.73 38.14 7.64
C ALA P 294 59.93 39.33 8.17
N GLN P 295 58.76 39.07 8.73
CA GLN P 295 57.91 40.06 9.37
C GLN P 295 58.64 40.76 10.51
N HIS P 296 59.42 39.99 11.27
CA HIS P 296 60.24 40.54 12.33
C HIS P 296 61.26 41.53 11.78
N TYR P 297 62.01 41.12 10.76
CA TYR P 297 63.05 42.03 10.28
C TYR P 297 62.44 43.26 9.63
N LEU P 298 61.31 43.08 8.94
CA LEU P 298 60.56 44.22 8.40
C LEU P 298 60.09 45.20 9.48
N ALA P 299 59.54 44.69 10.59
CA ALA P 299 59.17 45.56 11.71
C ALA P 299 60.39 46.09 12.47
N LYS P 300 61.56 45.49 12.26
CA LYS P 300 62.75 45.98 12.94
C LYS P 300 63.38 47.10 12.14
N GLU P 301 63.19 47.08 10.82
CA GLU P 301 63.71 48.11 9.94
C GLU P 301 62.75 49.27 9.78
N GLY P 302 61.56 49.21 10.38
CA GLY P 302 60.48 50.15 10.12
C GLY P 302 59.96 50.23 8.70
N ILE P 303 59.67 49.09 8.09
CA ILE P 303 59.04 49.01 6.78
C ILE P 303 57.63 48.44 6.95
N VAL P 304 56.63 49.08 6.33
CA VAL P 304 55.24 48.64 6.46
C VAL P 304 54.96 47.64 5.34
N ALA P 305 54.36 46.49 5.70
CA ALA P 305 54.17 45.38 4.78
C ALA P 305 52.79 44.76 4.89
N ALA P 306 52.21 44.44 3.73
CA ALA P 306 51.02 43.60 3.63
C ALA P 306 51.33 42.42 2.71
N ARG P 307 50.60 41.31 2.91
CA ARG P 307 50.90 40.06 2.23
C ARG P 307 49.67 39.45 1.57
N ARG P 308 49.92 38.53 0.65
CA ARG P 308 48.86 37.84 -0.10
C ARG P 308 47.84 38.79 -0.72
N VAL P 309 48.33 39.89 -1.29
CA VAL P 309 47.49 40.87 -1.94
C VAL P 309 47.06 40.32 -3.28
N LYS P 310 45.79 40.51 -3.60
CA LYS P 310 45.22 39.95 -4.82
C LYS P 310 45.68 40.71 -6.05
N LYS P 311 45.67 40.01 -7.19
CA LYS P 311 46.34 40.49 -8.40
C LYS P 311 45.75 41.80 -8.91
N SER P 312 44.43 41.92 -8.86
CA SER P 312 43.77 43.14 -9.36
C SER P 312 44.17 44.35 -8.51
N ASP P 313 44.27 44.15 -7.20
CA ASP P 313 44.76 45.21 -6.32
C ASP P 313 46.22 45.55 -6.63
N MET P 314 47.01 44.55 -7.01
CA MET P 314 48.39 44.80 -7.44
C MET P 314 48.43 45.68 -8.69
N GLU P 315 47.55 45.38 -9.65
CA GLU P 315 47.42 46.18 -10.87
C GLU P 315 47.05 47.62 -10.54
N LYS P 316 46.06 47.80 -9.67
CA LYS P 316 45.59 49.14 -9.34
C LYS P 316 46.62 49.93 -8.53
N LEU P 317 47.36 49.25 -7.65
CA LEU P 317 48.47 49.92 -6.98
C LEU P 317 49.57 50.36 -7.96
N ALA P 318 49.98 49.46 -8.85
CA ALA P 318 51.00 49.80 -9.84
C ALA P 318 50.53 50.96 -10.72
N LYS P 319 49.25 50.96 -11.08
CA LYS P 319 48.68 52.06 -11.86
C LYS P 319 48.73 53.38 -11.07
N ALA P 320 48.33 53.34 -9.80
CA ALA P 320 48.09 54.55 -9.05
C ALA P 320 49.40 55.22 -8.64
N THR P 321 50.37 54.42 -8.19
CA THR P 321 51.64 54.91 -7.64
C THR P 321 52.74 55.06 -8.67
N GLY P 322 52.68 54.30 -9.77
CA GLY P 322 53.77 54.24 -10.73
C GLY P 322 54.85 53.25 -10.38
N ALA P 323 54.60 52.36 -9.41
CA ALA P 323 55.52 51.31 -9.06
C ALA P 323 55.48 50.19 -10.08
N ASN P 324 56.54 49.39 -10.11
CA ASN P 324 56.64 48.23 -10.99
C ASN P 324 56.58 46.96 -10.17
N VAL P 325 55.70 46.04 -10.54
CA VAL P 325 55.64 44.76 -9.85
C VAL P 325 56.90 43.96 -10.17
N ILE P 326 57.60 43.53 -9.11
CA ILE P 326 58.90 42.87 -9.24
C ILE P 326 58.73 41.40 -8.89
N THR P 327 59.37 40.53 -9.68
CA THR P 327 59.26 39.09 -9.46
C THR P 327 60.47 38.50 -8.73
N ASN P 328 61.55 39.25 -8.57
CA ASN P 328 62.79 38.75 -7.96
C ASN P 328 63.49 39.90 -7.26
N ILE P 329 63.87 39.71 -5.99
CA ILE P 329 64.24 40.85 -5.16
C ILE P 329 65.65 41.36 -5.49
N LYS P 330 66.47 40.55 -6.16
CA LYS P 330 67.82 40.96 -6.49
C LYS P 330 67.85 42.08 -7.52
N ASP P 331 66.76 42.28 -8.26
CA ASP P 331 66.74 43.32 -9.28
C ASP P 331 66.09 44.60 -8.78
N LEU P 332 65.48 44.57 -7.61
CA LEU P 332 64.74 45.71 -7.07
C LEU P 332 65.69 46.87 -6.82
N SER P 333 65.30 48.06 -7.28
CA SER P 333 66.15 49.24 -7.26
C SER P 333 65.29 50.47 -7.05
N ALA P 334 65.93 51.65 -7.01
CA ALA P 334 65.18 52.89 -6.87
C ALA P 334 64.36 53.21 -8.12
N GLN P 335 64.64 52.51 -9.21
CA GLN P 335 63.91 52.69 -10.46
C GLN P 335 62.51 52.09 -10.40
N ASP P 336 62.31 51.12 -9.51
CA ASP P 336 61.10 50.32 -9.46
C ASP P 336 60.10 50.81 -8.43
N LEU P 337 60.45 51.82 -7.64
CA LEU P 337 59.62 52.25 -6.52
C LEU P 337 58.59 53.29 -6.95
N GLY P 338 57.35 53.13 -6.47
CA GLY P 338 56.35 54.14 -6.67
C GLY P 338 56.36 55.19 -5.56
N ASP P 339 55.52 56.20 -5.73
CA ASP P 339 55.44 57.30 -4.77
C ASP P 339 53.98 57.62 -4.47
N ALA P 340 53.70 57.94 -3.20
CA ALA P 340 52.37 58.34 -2.77
C ALA P 340 52.47 59.18 -1.50
N GLY P 341 51.72 60.28 -1.48
CA GLY P 341 51.90 61.28 -0.44
C GLY P 341 51.47 60.84 0.94
N LEU P 342 50.52 59.91 1.02
CA LEU P 342 50.01 59.47 2.32
C LEU P 342 49.52 58.03 2.27
N VAL P 343 49.96 57.24 3.25
CA VAL P 343 49.51 55.87 3.46
C VAL P 343 49.16 55.70 4.93
N GLU P 344 47.97 55.16 5.21
CA GLU P 344 47.56 54.94 6.60
C GLU P 344 46.54 53.82 6.68
N GLU P 345 46.65 53.00 7.72
CA GLU P 345 45.63 52.02 8.02
C GLU P 345 44.51 52.67 8.83
N ARG P 346 43.26 52.36 8.48
CA ARG P 346 42.10 52.88 9.19
C ARG P 346 41.07 51.79 9.44
N LYS P 347 40.15 52.06 10.38
CA LYS P 347 38.99 51.19 10.60
C LYS P 347 37.75 51.94 10.14
N ILE P 348 37.01 51.34 9.21
CA ILE P 348 35.84 51.98 8.62
C ILE P 348 34.75 50.93 8.47
N SER P 349 33.53 51.27 8.89
CA SER P 349 32.35 50.39 8.73
C SER P 349 32.55 49.02 9.36
N GLY P 350 33.51 48.95 10.29
CA GLY P 350 33.85 47.76 11.04
C GLY P 350 34.97 46.94 10.47
N ASP P 351 35.50 47.31 9.31
CA ASP P 351 36.59 46.60 8.65
C ASP P 351 37.87 47.41 8.72
N SER P 352 38.98 46.73 9.00
CA SER P 352 40.31 47.31 8.92
C SER P 352 40.77 47.37 7.46
N MET P 353 41.16 48.56 7.00
CA MET P 353 41.57 48.72 5.61
C MET P 353 42.76 49.67 5.53
N ILE P 354 43.56 49.49 4.48
CA ILE P 354 44.72 50.32 4.21
C ILE P 354 44.38 51.31 3.12
N PHE P 355 44.67 52.60 3.36
CA PHE P 355 44.33 53.67 2.45
C PHE P 355 45.58 54.27 1.82
N VAL P 356 45.56 54.43 0.50
CA VAL P 356 46.64 55.09 -0.24
C VAL P 356 46.09 56.38 -0.83
N GLU P 357 46.76 57.51 -0.55
CA GLU P 357 46.23 58.81 -0.92
C GLU P 357 47.32 59.73 -1.44
N GLU P 358 46.89 60.79 -2.12
CA GLU P 358 47.76 61.81 -2.70
C GLU P 358 48.82 61.19 -3.61
N CYS P 359 48.35 60.54 -4.67
CA CYS P 359 49.22 59.82 -5.59
C CYS P 359 49.87 60.78 -6.58
N LYS P 360 51.05 60.38 -7.06
CA LYS P 360 51.88 61.27 -7.85
C LYS P 360 51.26 61.57 -9.21
N HIS P 361 50.75 60.54 -9.88
CA HIS P 361 50.00 60.70 -11.13
C HIS P 361 49.06 59.52 -11.29
N PRO P 362 47.88 59.57 -10.70
CA PRO P 362 46.98 58.40 -10.69
C PRO P 362 46.36 58.11 -12.05
N LYS P 363 46.70 56.93 -12.59
CA LYS P 363 46.00 56.38 -13.74
C LYS P 363 44.85 55.46 -13.33
N ALA P 364 44.52 55.38 -12.04
CA ALA P 364 43.37 54.63 -11.56
C ALA P 364 42.84 55.30 -10.30
N VAL P 365 41.51 55.24 -10.11
CA VAL P 365 40.84 55.93 -9.01
C VAL P 365 39.81 55.03 -8.36
N THR P 366 39.48 55.34 -7.11
CA THR P 366 38.54 54.56 -6.31
C THR P 366 37.38 55.45 -5.86
N MET P 367 36.15 54.96 -6.02
CA MET P 367 34.95 55.65 -5.56
C MET P 367 34.33 54.88 -4.39
N LEU P 368 34.11 55.58 -3.28
CA LEU P 368 33.67 54.97 -2.03
C LEU P 368 32.20 55.33 -1.79
N ILE P 369 31.31 54.37 -2.02
CA ILE P 369 29.88 54.60 -1.92
C ILE P 369 29.42 54.29 -0.49
N ARG P 370 28.75 55.26 0.15
CA ARG P 370 28.26 55.13 1.51
C ARG P 370 26.74 55.00 1.51
N GLY P 371 26.20 54.51 2.64
CA GLY P 371 24.76 54.30 2.73
C GLY P 371 24.30 53.58 3.98
N THR P 372 23.04 53.85 4.35
CA THR P 372 22.47 53.39 5.61
C THR P 372 22.00 51.95 5.56
N THR P 373 22.18 51.26 4.43
CA THR P 373 21.59 49.93 4.29
C THR P 373 22.19 49.28 3.05
N GLU P 374 22.32 47.95 3.09
CA GLU P 374 22.99 47.23 2.01
C GLU P 374 22.14 47.25 0.75
N HIS P 375 20.81 47.13 0.90
CA HIS P 375 19.93 47.26 -0.25
C HIS P 375 19.98 48.65 -0.87
N VAL P 376 20.41 49.66 -0.10
CA VAL P 376 20.55 51.00 -0.66
C VAL P 376 21.80 51.07 -1.54
N ILE P 377 22.89 50.49 -1.05
CA ILE P 377 24.18 50.61 -1.72
C ILE P 377 24.22 49.73 -2.96
N GLU P 378 23.55 48.57 -2.90
CA GLU P 378 23.45 47.69 -4.06
C GLU P 378 22.63 48.33 -5.17
N GLU P 379 21.98 49.46 -4.89
CA GLU P 379 21.30 50.21 -5.96
C GLU P 379 22.10 51.43 -6.39
N VAL P 380 22.72 52.12 -5.42
CA VAL P 380 23.53 53.28 -5.75
C VAL P 380 24.68 52.88 -6.67
N ALA P 381 25.22 51.67 -6.47
CA ALA P 381 26.29 51.18 -7.35
C ALA P 381 25.83 51.10 -8.80
N ARG P 382 24.60 50.62 -9.03
CA ARG P 382 24.04 50.57 -10.38
C ARG P 382 23.86 51.98 -10.93
N ALA P 383 23.31 52.89 -10.11
CA ALA P 383 23.09 54.26 -10.55
C ALA P 383 24.40 54.98 -10.88
N VAL P 384 25.51 54.48 -10.37
CA VAL P 384 26.80 55.10 -10.69
C VAL P 384 27.43 54.43 -11.92
N ASP P 385 27.23 53.12 -12.07
CA ASP P 385 27.75 52.39 -13.22
C ASP P 385 27.16 52.95 -14.51
N ASP P 386 25.87 53.27 -14.49
CA ASP P 386 25.19 53.81 -15.68
C ASP P 386 25.77 55.16 -16.11
N ALA P 387 26.08 56.01 -15.13
CA ALA P 387 26.66 57.32 -15.42
C ALA P 387 28.09 57.20 -15.92
N VAL P 388 28.87 56.26 -15.38
CA VAL P 388 30.21 56.01 -15.93
C VAL P 388 30.09 55.59 -17.40
N GLY P 389 29.11 54.73 -17.71
CA GLY P 389 28.82 54.41 -19.09
C GLY P 389 28.58 55.59 -20.02
N VAL P 390 27.53 56.37 -19.73
CA VAL P 390 27.20 57.49 -20.61
C VAL P 390 28.31 58.55 -20.68
N VAL P 391 29.08 58.74 -19.61
CA VAL P 391 30.19 59.68 -19.67
C VAL P 391 31.29 59.18 -20.59
N GLY P 392 31.63 57.89 -20.50
CA GLY P 392 32.58 57.34 -21.43
C GLY P 392 32.14 57.48 -22.88
N CYS P 393 30.85 57.21 -23.13
CA CYS P 393 30.33 57.34 -24.50
C CYS P 393 30.52 58.75 -25.04
N THR P 394 30.19 59.77 -24.24
CA THR P 394 30.34 61.15 -24.69
C THR P 394 31.80 61.52 -24.89
N ILE P 395 32.69 61.01 -24.04
CA ILE P 395 34.11 61.35 -24.13
C ILE P 395 34.74 60.70 -25.36
N GLU P 396 34.28 59.50 -25.71
CA GLU P 396 34.88 58.76 -26.82
C GLU P 396 34.34 59.27 -28.16
N ASP P 397 33.02 59.46 -28.28
CA ASP P 397 32.43 59.78 -29.57
C ASP P 397 32.28 61.27 -29.82
N GLY P 398 32.10 62.06 -28.76
CA GLY P 398 31.76 63.46 -28.86
C GLY P 398 30.53 63.81 -29.69
N ARG P 399 29.42 63.09 -29.48
CA ARG P 399 28.17 63.38 -30.16
C ARG P 399 27.02 63.13 -29.18
N ILE P 400 26.06 64.06 -29.14
CA ILE P 400 24.97 64.00 -28.18
C ILE P 400 23.63 64.16 -28.89
N VAL P 401 22.57 63.69 -28.22
CA VAL P 401 21.21 63.77 -28.76
C VAL P 401 20.29 64.28 -27.67
N SER P 402 19.17 64.87 -28.09
CA SER P 402 18.19 65.46 -27.18
C SER P 402 17.37 64.36 -26.52
N GLY P 403 17.00 64.58 -25.25
CA GLY P 403 16.33 63.56 -24.47
C GLY P 403 14.83 63.77 -24.37
N GLY P 404 14.24 63.11 -23.37
CA GLY P 404 12.80 63.14 -23.18
C GLY P 404 11.97 62.67 -24.34
N GLY P 405 12.46 61.69 -25.08
CA GLY P 405 11.78 61.19 -26.26
C GLY P 405 11.65 62.16 -27.41
N SER P 406 12.30 63.32 -27.38
CA SER P 406 12.27 64.19 -28.54
C SER P 406 12.97 63.62 -29.78
N THR P 407 13.72 62.53 -29.63
CA THR P 407 14.40 61.96 -30.78
C THR P 407 13.49 61.01 -31.55
N GLU P 408 12.69 60.23 -30.82
CA GLU P 408 11.84 59.22 -31.45
C GLU P 408 10.75 59.86 -32.32
N VAL P 409 10.18 60.99 -31.87
CA VAL P 409 9.20 61.69 -32.69
C VAL P 409 9.82 62.18 -34.00
N GLU P 410 11.04 62.73 -33.92
CA GLU P 410 11.74 63.17 -35.11
C GLU P 410 11.99 62.00 -36.07
N LEU P 411 12.43 60.87 -35.54
CA LEU P 411 12.70 59.72 -36.38
C LEU P 411 11.42 59.19 -37.04
N SER P 412 10.33 59.11 -36.27
CA SER P 412 9.08 58.65 -36.82
C SER P 412 8.64 59.55 -37.99
N MET P 413 8.69 60.87 -37.79
CA MET P 413 8.33 61.79 -38.87
C MET P 413 9.22 61.62 -40.10
N LYS P 414 10.53 61.57 -39.90
CA LYS P 414 11.47 61.50 -41.02
C LYS P 414 11.48 60.14 -41.69
N LEU P 415 10.96 59.10 -41.03
CA LEU P 415 10.76 57.83 -41.70
C LEU P 415 9.43 57.78 -42.43
N ARG P 416 8.46 58.57 -42.00
CA ARG P 416 7.20 58.63 -42.74
C ARG P 416 7.38 59.42 -44.03
N GLU P 417 8.18 60.50 -43.99
CA GLU P 417 8.61 61.18 -45.21
C GLU P 417 9.42 60.27 -46.13
N TYR P 418 10.13 59.28 -45.55
CA TYR P 418 10.79 58.24 -46.33
C TYR P 418 9.80 57.29 -46.99
N ALA P 419 8.77 56.87 -46.25
CA ALA P 419 7.94 55.76 -46.69
C ALA P 419 7.17 56.07 -47.96
N GLU P 420 6.96 57.35 -48.29
CA GLU P 420 6.26 57.65 -49.55
C GLU P 420 7.13 57.43 -50.79
N GLY P 421 8.46 57.40 -50.62
CA GLY P 421 9.32 57.06 -51.75
C GLY P 421 9.32 55.59 -52.09
N ILE P 422 9.13 54.74 -51.09
CA ILE P 422 9.12 53.29 -51.26
C ILE P 422 7.76 52.85 -51.78
N SER P 423 7.76 51.92 -52.74
CA SER P 423 6.51 51.42 -53.27
C SER P 423 6.51 49.90 -53.24
N GLY P 424 5.30 49.33 -53.30
CA GLY P 424 5.07 47.92 -53.07
C GLY P 424 4.47 47.71 -51.69
N ARG P 425 4.76 46.57 -51.07
CA ARG P 425 4.13 46.25 -49.79
C ARG P 425 5.10 46.35 -48.61
N GLU P 426 6.40 46.50 -48.88
CA GLU P 426 7.32 46.87 -47.81
C GLU P 426 7.01 48.23 -47.22
N GLN P 427 6.25 49.06 -47.94
CA GLN P 427 5.85 50.36 -47.42
C GLN P 427 5.03 50.22 -46.15
N LEU P 428 4.21 49.16 -46.08
CA LEU P 428 3.42 48.89 -44.89
C LEU P 428 4.30 48.64 -43.68
N ALA P 429 5.33 47.78 -43.86
CA ALA P 429 6.25 47.48 -42.78
C ALA P 429 7.10 48.69 -42.39
N VAL P 430 7.47 49.53 -43.35
CA VAL P 430 8.22 50.74 -43.04
C VAL P 430 7.38 51.68 -42.18
N ARG P 431 6.09 51.78 -42.49
CA ARG P 431 5.21 52.63 -41.67
C ARG P 431 5.02 52.05 -40.28
N ALA P 432 4.83 50.73 -40.18
CA ALA P 432 4.68 50.10 -38.87
C ALA P 432 5.95 50.22 -38.04
N PHE P 433 7.12 50.26 -38.70
CA PHE P 433 8.36 50.51 -37.97
C PHE P 433 8.42 51.94 -37.45
N ALA P 434 8.07 52.90 -38.31
CA ALA P 434 8.12 54.31 -37.92
C ALA P 434 7.11 54.63 -36.81
N ASP P 435 6.00 53.89 -36.79
CA ASP P 435 4.95 54.12 -35.80
C ASP P 435 5.22 53.36 -34.50
N ALA P 436 6.27 52.54 -34.47
CA ALA P 436 6.59 51.76 -33.28
C ALA P 436 7.60 52.45 -32.38
N LEU P 437 8.25 53.50 -32.87
CA LEU P 437 9.27 54.19 -32.08
C LEU P 437 8.65 55.17 -31.09
N GLU P 438 7.40 55.58 -31.36
CA GLU P 438 6.69 56.47 -30.46
C GLU P 438 6.17 55.79 -29.21
N VAL P 439 6.54 54.52 -28.98
CA VAL P 439 6.19 53.84 -27.73
C VAL P 439 6.89 54.49 -26.54
N ILE P 440 8.03 55.12 -26.78
CA ILE P 440 8.88 55.66 -25.71
C ILE P 440 8.28 56.95 -25.16
N PRO P 441 7.97 57.96 -25.98
CA PRO P 441 7.29 59.16 -25.44
C PRO P 441 5.88 58.87 -24.96
N ARG P 442 5.20 57.90 -25.56
CA ARG P 442 3.94 57.40 -25.02
C ARG P 442 4.12 56.88 -23.60
N THR P 443 5.05 55.95 -23.38
CA THR P 443 5.24 55.40 -22.03
C THR P 443 5.74 56.46 -21.05
N LEU P 444 6.54 57.43 -21.54
CA LEU P 444 7.02 58.50 -20.69
C LEU P 444 5.87 59.34 -20.15
N ALA P 445 4.79 59.45 -20.90
CA ALA P 445 3.59 60.08 -20.37
C ALA P 445 2.74 59.11 -19.55
N GLU P 446 2.71 57.83 -19.93
CA GLU P 446 1.88 56.84 -19.24
C GLU P 446 2.28 56.68 -17.77
N ASN P 447 3.59 56.67 -17.52
CA ASN P 447 4.08 56.44 -16.17
C ASN P 447 3.81 57.61 -15.23
N ALA P 448 3.88 58.84 -15.75
CA ALA P 448 3.62 60.04 -14.96
C ALA P 448 2.14 60.30 -14.73
N GLY P 449 1.26 59.43 -15.21
CA GLY P 449 -0.17 59.65 -15.08
C GLY P 449 -0.72 60.75 -15.96
N LEU P 450 -0.08 61.04 -17.07
CA LEU P 450 -0.53 62.06 -17.99
C LEU P 450 -1.40 61.44 -19.08
N ASP P 451 -2.02 62.29 -19.89
CA ASP P 451 -2.91 61.86 -20.97
C ASP P 451 -2.07 61.76 -22.24
N ALA P 452 -1.72 60.53 -22.61
CA ALA P 452 -0.72 60.33 -23.65
C ALA P 452 -1.22 60.75 -25.03
N ILE P 453 -2.51 60.52 -25.31
CA ILE P 453 -3.03 60.79 -26.65
C ILE P 453 -3.10 62.30 -26.90
N GLU P 454 -3.36 63.08 -25.86
CA GLU P 454 -3.38 64.53 -26.00
C GLU P 454 -1.97 65.10 -26.02
N ILE P 455 -1.05 64.45 -25.30
CA ILE P 455 0.33 64.95 -25.23
C ILE P 455 1.04 64.75 -26.57
N LEU P 456 0.88 63.57 -27.16
CA LEU P 456 1.67 63.17 -28.32
C LEU P 456 1.42 64.09 -29.53
N VAL P 457 0.19 64.58 -29.68
CA VAL P 457 -0.15 65.46 -30.78
C VAL P 457 0.57 66.79 -30.66
N LYS P 458 0.58 67.37 -29.45
CA LYS P 458 1.28 68.62 -29.22
C LYS P 458 2.78 68.46 -29.48
N VAL P 459 3.34 67.34 -29.03
CA VAL P 459 4.75 67.04 -29.25
C VAL P 459 5.05 66.97 -30.74
N ARG P 460 4.21 66.27 -31.51
CA ARG P 460 4.41 66.21 -32.95
C ARG P 460 4.33 67.59 -33.59
N ALA P 461 3.32 68.38 -33.20
CA ALA P 461 3.10 69.69 -33.80
C ALA P 461 4.30 70.59 -33.63
N ALA P 462 4.93 70.53 -32.44
CA ALA P 462 6.12 71.34 -32.18
C ALA P 462 7.22 71.05 -33.19
N HIS P 463 7.30 69.82 -33.67
CA HIS P 463 8.32 69.44 -34.65
C HIS P 463 7.91 69.89 -36.05
N ALA P 464 6.67 69.59 -36.43
CA ALA P 464 6.24 69.76 -37.82
C ALA P 464 6.31 71.20 -38.29
N SER P 465 6.35 72.17 -37.38
CA SER P 465 6.33 73.58 -37.76
C SER P 465 7.70 74.25 -37.73
N ASN P 466 8.77 73.51 -37.48
CA ASN P 466 10.06 74.14 -37.15
C ASN P 466 11.29 73.38 -37.62
N GLY P 467 11.23 72.06 -37.73
CA GLY P 467 12.49 71.35 -37.73
C GLY P 467 13.17 71.41 -36.38
N ASN P 468 12.41 71.64 -35.32
CA ASN P 468 12.92 71.63 -33.95
C ASN P 468 13.33 70.21 -33.59
N LYS P 469 14.64 69.99 -33.46
CA LYS P 469 15.15 68.67 -33.12
C LYS P 469 14.80 68.27 -31.69
N CYS P 470 14.45 69.24 -30.84
CA CYS P 470 14.64 69.11 -29.40
C CYS P 470 13.35 68.97 -28.59
N ALA P 471 12.22 69.43 -29.10
CA ALA P 471 11.03 69.59 -28.26
C ALA P 471 10.47 68.25 -27.80
N GLY P 472 10.02 68.19 -26.55
CA GLY P 472 9.59 66.95 -25.94
C GLY P 472 8.89 67.18 -24.62
N LEU P 473 8.51 66.07 -23.98
CA LEU P 473 7.66 66.13 -22.80
C LEU P 473 8.45 66.50 -21.54
N ASN P 474 7.92 67.45 -20.77
CA ASN P 474 8.35 67.69 -19.40
C ASN P 474 7.36 66.97 -18.49
N VAL P 475 7.82 65.89 -17.83
CA VAL P 475 6.94 65.02 -17.06
C VAL P 475 6.62 65.56 -15.67
N PHE P 476 7.01 66.81 -15.38
CA PHE P 476 6.77 67.43 -14.08
C PHE P 476 5.73 68.54 -14.17
N THR P 477 6.04 69.58 -14.93
CA THR P 477 5.04 70.55 -15.35
C THR P 477 3.98 69.98 -16.28
N GLY P 478 4.18 68.80 -16.84
CA GLY P 478 3.19 68.29 -17.78
C GLY P 478 3.03 69.11 -19.04
N ALA P 479 4.13 69.53 -19.65
CA ALA P 479 4.10 70.44 -20.78
C ALA P 479 5.26 70.15 -21.72
N VAL P 480 5.19 70.72 -22.92
CA VAL P 480 6.09 70.39 -24.02
C VAL P 480 7.18 71.45 -24.09
N GLU P 481 8.43 71.04 -23.91
CA GLU P 481 9.51 72.01 -23.79
C GLU P 481 10.74 71.58 -24.58
N ASP P 482 11.60 72.55 -24.85
CA ASP P 482 12.91 72.33 -25.47
C ASP P 482 13.78 71.55 -24.50
N MET P 483 14.19 70.34 -24.90
CA MET P 483 14.91 69.48 -23.98
C MET P 483 16.41 69.74 -23.96
N CYS P 484 16.91 70.67 -24.79
CA CYS P 484 18.29 71.09 -24.69
C CYS P 484 18.45 72.29 -23.75
N GLU P 485 17.52 73.24 -23.82
CA GLU P 485 17.48 74.32 -22.85
C GLU P 485 17.22 73.79 -21.44
N ASN P 486 16.48 72.69 -21.35
CA ASN P 486 16.22 72.03 -20.08
C ASN P 486 17.42 71.24 -19.56
N GLY P 487 18.39 70.95 -20.43
CA GLY P 487 19.56 70.18 -20.05
C GLY P 487 19.40 68.68 -19.97
N VAL P 488 18.45 68.10 -20.71
CA VAL P 488 18.25 66.66 -20.72
C VAL P 488 18.91 66.12 -21.98
N VAL P 489 20.11 65.57 -21.83
CA VAL P 489 21.00 65.23 -22.95
C VAL P 489 21.47 63.78 -22.81
N GLU P 490 21.68 63.11 -23.94
CA GLU P 490 22.14 61.74 -23.94
C GLU P 490 23.21 61.57 -25.01
N PRO P 491 24.05 60.54 -24.91
CA PRO P 491 25.04 60.30 -25.97
C PRO P 491 24.45 59.52 -27.13
N LEU P 492 24.94 59.86 -28.33
CA LEU P 492 24.35 59.33 -29.56
C LEU P 492 24.38 57.81 -29.61
N ARG P 493 25.42 57.21 -29.02
CA ARG P 493 25.62 55.77 -29.08
C ARG P 493 24.51 54.99 -28.38
N VAL P 494 23.69 55.67 -27.57
CA VAL P 494 22.61 54.99 -26.85
C VAL P 494 21.44 54.70 -27.77
N LYS P 495 21.21 55.54 -28.79
CA LYS P 495 20.10 55.34 -29.71
C LYS P 495 20.44 54.32 -30.80
N THR P 496 21.55 54.56 -31.51
CA THR P 496 21.97 53.70 -32.61
C THR P 496 22.05 52.24 -32.18
N GLN P 497 22.77 51.96 -31.09
CA GLN P 497 22.88 50.61 -30.56
C GLN P 497 21.51 50.02 -30.22
N ALA P 498 20.64 50.82 -29.60
CA ALA P 498 19.33 50.32 -29.19
C ALA P 498 18.52 49.84 -30.40
N ILE P 499 18.38 50.72 -31.40
CA ILE P 499 17.61 50.39 -32.59
C ILE P 499 18.25 49.21 -33.32
N GLN P 500 19.59 49.17 -33.34
CA GLN P 500 20.32 48.16 -34.09
C GLN P 500 20.07 46.78 -33.50
N SER P 501 20.29 46.65 -32.18
CA SER P 501 19.96 45.44 -31.44
C SER P 501 18.51 45.01 -31.65
N ALA P 502 17.56 45.94 -31.51
CA ALA P 502 16.15 45.58 -31.50
C ALA P 502 15.69 45.07 -32.87
N ALA P 503 16.13 45.74 -33.94
CA ALA P 503 15.77 45.29 -35.28
C ALA P 503 16.35 43.91 -35.56
N GLU P 504 17.65 43.72 -35.27
CA GLU P 504 18.31 42.46 -35.56
C GLU P 504 17.71 41.31 -34.77
N SER P 505 17.23 41.57 -33.56
CA SER P 505 16.63 40.50 -32.77
C SER P 505 15.17 40.26 -33.11
N THR P 506 14.48 41.26 -33.70
CA THR P 506 13.08 41.01 -34.05
C THR P 506 12.98 40.20 -35.35
N GLU P 507 13.96 40.36 -36.23
CA GLU P 507 13.91 39.72 -37.54
C GLU P 507 14.03 38.21 -37.41
N MET P 508 14.75 37.73 -36.40
CA MET P 508 14.89 36.29 -36.19
C MET P 508 13.57 35.65 -35.81
N LEU P 509 12.81 36.29 -34.92
CA LEU P 509 11.49 35.75 -34.57
C LEU P 509 10.49 35.90 -35.70
N LEU P 510 10.71 36.86 -36.60
CA LEU P 510 9.84 36.94 -37.77
C LEU P 510 10.19 35.90 -38.83
N ARG P 511 11.43 35.42 -38.86
CA ARG P 511 11.83 34.46 -39.90
C ARG P 511 11.57 33.01 -39.51
N ILE P 512 11.13 32.74 -38.28
CA ILE P 512 10.90 31.37 -37.82
C ILE P 512 9.46 30.96 -38.12
N ASP P 513 9.25 29.69 -38.49
CA ASP P 513 7.89 29.17 -38.57
C ASP P 513 7.67 27.82 -37.92
N ASP P 514 8.66 27.22 -37.25
CA ASP P 514 8.42 25.93 -36.61
C ASP P 514 9.22 25.84 -35.32
N VAL P 515 8.75 24.99 -34.41
CA VAL P 515 9.42 24.70 -33.15
C VAL P 515 9.45 23.19 -32.97
N ILE P 516 10.65 22.61 -32.89
CA ILE P 516 10.85 21.17 -32.79
C ILE P 516 11.88 20.85 -31.72
N ALA P 517 11.92 19.59 -31.29
CA ALA P 517 12.69 19.21 -30.11
C ALA P 517 14.08 18.66 -30.46
N ALA P 518 15.06 18.95 -29.61
CA ALA P 518 16.47 18.67 -29.88
C ALA P 518 17.06 17.66 -28.89
N GLU P 519 18.07 16.94 -29.37
CA GLU P 519 18.60 15.74 -28.73
C GLU P 519 19.95 16.04 -28.09
N LYS P 520 19.91 16.72 -26.94
CA LYS P 520 21.10 17.19 -26.23
C LYS P 520 21.99 17.99 -27.17
N LEU P 521 21.60 19.25 -27.35
CA LEU P 521 22.14 20.09 -28.42
C LEU P 521 23.63 20.34 -28.27
N ARG P 522 24.05 20.87 -27.12
CA ARG P 522 25.46 21.19 -26.90
C ARG P 522 25.82 21.13 -25.43
MG MG Q . -21.21 -35.84 43.29
PB ADP R . -19.11 -36.72 42.27
O1B ADP R . -20.11 -37.47 43.11
O2B ADP R . -19.59 -35.41 41.71
O3B ADP R . -18.41 -37.61 41.26
PA ADP R . -18.25 -35.40 44.59
O1A ADP R . -17.53 -34.08 44.48
O2A ADP R . -19.73 -35.46 44.89
O3A ADP R . -17.93 -36.27 43.28
O5' ADP R . -17.52 -36.31 45.70
C5' ADP R . -18.23 -37.38 46.28
C4' ADP R . -17.28 -38.30 47.02
O4' ADP R . -17.02 -37.75 48.32
C3' ADP R . -17.89 -39.68 47.23
O3' ADP R . -17.01 -40.69 46.72
C2' ADP R . -18.01 -39.83 48.72
O2' ADP R . -17.68 -41.17 49.12
C1' ADP R . -17.03 -38.81 49.26
N9 ADP R . -17.42 -38.38 50.62
C8 ADP R . -18.58 -37.83 51.03
N7 ADP R . -18.57 -37.57 52.36
C5 ADP R . -17.37 -37.98 52.82
C6 ADP R . -16.68 -38.01 54.13
N6 ADP R . -17.27 -37.55 55.24
N1 ADP R . -15.43 -38.53 54.16
C2 ADP R . -14.82 -39.00 53.06
N3 ADP R . -15.39 -39.00 51.86
C4 ADP R . -16.64 -38.52 51.67
AL AF3 S . -21.21 -33.76 41.04
F1 AF3 S . -22.24 -34.80 40.32
F2 AF3 S . -20.88 -33.85 42.65
F3 AF3 S . -20.56 -32.54 40.18
K K T . -17.53 -31.61 45.39
MG MG U . -18.17 -56.90 6.66
PB ADP V . -16.16 -56.70 5.19
O1B ADP V . -17.11 -57.87 5.33
O2B ADP V . -16.67 -55.40 5.75
O3B ADP V . -15.55 -56.58 3.82
PA ADP V . -15.11 -57.36 7.72
O1A ADP V . -14.39 -56.30 8.52
O2A ADP V . -16.57 -57.66 7.97
O3A ADP V . -14.92 -57.03 6.15
O5' ADP V . -14.31 -58.74 7.82
C5' ADP V . -14.99 -59.95 7.52
C4' ADP V . -13.98 -61.06 7.34
O4' ADP V . -13.61 -61.58 8.62
C3' ADP V . -14.59 -62.22 6.55
O3' ADP V . -13.75 -62.54 5.42
C2' ADP V . -14.59 -63.39 7.50
O2' ADP V . -14.25 -64.61 6.83
C1' ADP V . -13.57 -63.00 8.54
N9 ADP V . -13.86 -63.67 9.83
C8 ADP V . -14.98 -63.61 10.58
N7 ADP V . -14.85 -64.36 11.71
C5 ADP V . -13.63 -64.92 11.67
C6 ADP V . -12.83 -65.83 12.52
N6 ADP V . -13.34 -66.31 13.69
N1 ADP V . -11.59 -66.16 12.12
C2 ADP V . -11.07 -65.70 10.97
N3 ADP V . -11.73 -64.87 10.14
C4 ADP V . -12.98 -64.46 10.43
AL AF3 W . -18.32 -53.83 6.54
F1 AF3 W . -19.42 -54.12 5.35
F2 AF3 W . -17.89 -55.02 7.59
F3 AF3 W . -17.74 -52.33 6.75
K K X . -14.30 -55.18 10.91
MG MG Y . -18.09 -45.93 -34.27
PB ADP Z . -16.20 -44.66 -35.29
O1B ADP Z . -17.14 -45.63 -35.97
O2B ADP Z . -16.66 -44.16 -33.95
O3B ADP Z . -15.69 -43.58 -36.21
PA ADP Z . -14.97 -46.85 -34.03
O1A ADP Z . -14.18 -46.63 -32.76
O2A ADP Z . -16.40 -47.32 -33.97
O3A ADP Z . -14.89 -45.51 -34.92
O5' ADP Z . -14.16 -47.86 -34.97
C5' ADP Z . -14.88 -48.54 -36.00
C4' ADP Z . -13.90 -49.17 -36.97
O4' ADP Z . -13.44 -50.41 -36.45
C3' ADP Z . -14.58 -49.45 -38.32
O3' ADP Z . -13.84 -48.86 -39.38
C2' ADP Z . -14.52 -50.96 -38.46
O2' ADP Z . -14.22 -51.34 -39.81
C1' ADP Z . -13.41 -51.36 -37.51
N9 ADP Z . -13.60 -52.76 -37.04
C8 ADP Z . -14.66 -53.30 -36.41
N7 ADP Z . -14.46 -54.61 -36.16
C5 ADP Z . -13.25 -54.93 -36.65
C6 ADP Z . -12.40 -56.14 -36.73
N6 ADP Z . -12.81 -57.32 -36.22
N1 ADP Z . -11.20 -56.03 -37.33
C2 ADP Z . -10.76 -54.87 -37.84
N3 ADP Z . -11.48 -53.72 -37.81
C4 ADP Z . -12.70 -53.71 -37.23
AL AF3 AA . -18.23 -43.68 -32.19
F1 AF3 AA . -19.41 -43.10 -33.17
F2 AF3 AA . -17.71 -45.24 -32.31
F3 AF3 AA . -17.61 -42.73 -31.02
K K BA . -13.90 -47.52 -30.29
MG MG CA . -21.03 -9.36 -55.50
PB ADP DA . -19.21 -7.65 -55.45
O1B ADP DA . -20.21 -7.92 -56.55
O2B ADP DA . -19.56 -8.26 -54.11
O3B ADP DA . -18.77 -6.21 -55.37
PA ADP DA . -17.90 -10.04 -56.17
O1A ADP DA . -17.02 -10.73 -55.17
O2A ADP DA . -19.33 -10.48 -56.38
O3A ADP DA . -17.88 -8.46 -55.86
O5' ADP DA . -17.19 -10.05 -57.60
C5' ADP DA . -17.98 -9.85 -58.76
C4' ADP DA . -17.09 -9.57 -59.95
O4' ADP DA . -16.61 -10.80 -60.49
C3' ADP DA . -17.86 -8.86 -61.05
O3' ADP DA . -17.20 -7.64 -61.44
C2' ADP DA . -17.84 -9.82 -62.23
O2' ADP DA . -17.65 -9.12 -63.46
C1' ADP DA . -16.66 -10.72 -61.91
N9 ADP DA . -16.83 -12.04 -62.54
C8 ADP DA . -17.84 -12.93 -62.41
N7 ADP DA . -17.64 -14.03 -63.18
C5 ADP DA . -16.47 -13.85 -63.82
C6 ADP DA . -15.64 -14.61 -64.78
N6 ADP DA . -16.03 -15.84 -65.22
N1 ADP DA . -14.48 -14.06 -65.19
C2 ADP DA . -14.08 -12.85 -64.77
N3 ADP DA . -14.77 -12.10 -63.90
C4 ADP DA . -15.95 -12.54 -63.40
AL AF3 EA . -20.99 -9.23 -52.44
F1 AF3 EA . -22.24 -8.19 -52.65
F2 AF3 EA . -20.50 -10.23 -53.65
F3 AF3 EA . -20.28 -9.35 -50.98
K K FA . -16.56 -13.08 -54.05
MG MG GA . -25.26 31.37 -44.54
PB ADP HA . -23.43 32.64 -43.40
O1B ADP HA . -24.51 33.17 -44.31
O2B ADP HA . -23.68 31.25 -42.88
O3B ADP HA . -22.97 33.62 -42.37
PA ADP HA . -22.20 31.51 -45.67
O1A ADP HA . -21.25 30.35 -45.50
O2A ADP HA . -23.64 31.27 -46.05
O3A ADP HA . -22.14 32.43 -44.34
O5' ADP HA . -21.59 32.54 -46.73
C5' ADP HA . -22.46 33.46 -47.37
C4' ADP HA . -21.66 34.55 -48.06
O4' ADP HA . -21.23 34.07 -49.34
C3' ADP HA . -22.51 35.78 -48.31
O3' ADP HA . -21.87 36.94 -47.76
C2' ADP HA . -22.57 35.92 -49.81
O2' ADP HA . -22.48 37.30 -50.21
C1' ADP HA . -21.39 35.11 -50.29
N9 ADP HA . -21.62 34.61 -51.66
C8 ADP HA . -22.62 33.84 -52.13
N7 ADP HA . -22.48 33.60 -53.46
C5 ADP HA . -21.35 34.24 -53.85
C6 ADP HA . -20.61 34.41 -55.12
N6 ADP HA . -21.03 33.84 -56.27
N1 ADP HA . -19.48 35.15 -55.09
C2 ADP HA . -19.04 35.73 -53.96
N3 ADP HA . -19.66 35.62 -52.78
C4 ADP HA . -20.80 34.90 -52.67
AL AF3 IA . -25.00 29.32 -42.29
F1 AF3 IA . -26.24 30.15 -41.63
F2 AF3 IA . -24.60 29.48 -43.87
F3 AF3 IA . -24.18 28.24 -41.37
K K JA . -20.72 27.92 -46.40
MG MG KA . -28.31 52.41 -7.93
PB ADP LA . -26.39 52.59 -6.36
O1B ADP LA . -27.53 53.56 -6.55
O2B ADP LA . -26.61 51.23 -6.94
O3B ADP LA . -25.84 52.59 -4.95
PA ADP LA . -25.34 53.45 -8.82
O1A ADP LA . -24.39 52.56 -9.58
O2A ADP LA . -26.81 53.48 -9.16
O3A ADP LA . -25.18 53.16 -7.25
O5' ADP LA . -24.81 54.97 -8.89
C5' ADP LA . -25.73 56.02 -8.63
C4' ADP LA . -24.97 57.31 -8.41
O4' ADP LA . -24.64 57.89 -9.67
C3' ADP LA . -25.83 58.32 -7.65
O3' ADP LA . -25.14 58.78 -6.49
C2' ADP LA . -26.01 59.48 -8.61
O2' ADP LA . -25.93 60.73 -7.94
C1' ADP LA . -24.87 59.30 -9.59
N9 ADP LA . -25.21 59.90 -10.90
C8 ADP LA . -26.26 59.63 -11.71
N7 ADP LA . -26.21 60.41 -12.83
C5 ADP LA . -25.13 61.19 -12.73
C6 ADP LA . -24.48 62.23 -13.55
N6 ADP LA . -25.00 62.62 -14.73
N1 ADP LA . -23.34 62.80 -13.07
C2 ADP LA . -22.81 62.43 -11.90
N3 ADP LA . -23.34 61.49 -11.10
C4 ADP LA . -24.48 60.85 -11.46
AL AF3 MA . -27.88 49.38 -7.81
F1 AF3 MA . -29.08 49.44 -6.68
F2 AF3 MA . -27.61 50.63 -8.84
F3 AF3 MA . -27.01 48.02 -7.98
K K NA . -23.96 51.49 -11.96
MG MG OA . -28.39 41.43 32.98
PB ADP PA . -26.35 40.54 34.11
O1B ADP PA . -27.49 41.31 34.73
O2B ADP PA . -26.62 39.96 32.75
O3B ADP PA . -25.70 39.58 35.07
PA ADP PA . -25.50 42.93 32.90
O1A ADP PA . -24.60 42.88 31.69
O2A ADP PA . -26.99 43.13 32.77
O3A ADP PA . -25.21 41.63 33.81
O5' ADP PA . -24.95 44.08 33.89
C5' ADP PA . -25.83 44.61 34.87
C4' ADP PA . -25.05 45.40 35.89
O4' ADP PA . -24.81 46.71 35.38
C3' ADP PA . -25.84 45.54 37.20
O3' ADP PA . -25.06 45.09 38.30
C2' ADP PA . -26.08 47.03 37.34
O2' ADP PA . -25.94 47.44 38.70
C1' ADP PA . -25.02 47.64 36.44
N9 ADP PA . -25.45 48.98 35.96
C8 ADP PA . -26.56 49.31 35.27
N7 ADP PA . -26.60 50.64 35.02
C5 ADP PA . -25.49 51.17 35.57
C6 ADP PA . -24.90 52.53 35.69
N6 ADP PA . -25.50 53.61 35.16
N1 ADP PA . -23.73 52.65 36.36
C2 ADP PA . -23.11 51.59 36.90
N3 ADP PA . -23.59 50.33 36.83
C4 ADP PA . -24.75 50.08 36.20
AL AF3 QA . -27.99 39.21 30.91
F1 AF3 QA . -29.08 38.40 31.82
F2 AF3 QA . -27.78 40.83 31.05
F3 AF3 QA . -27.13 38.40 29.77
K K RA . -24.36 43.81 29.23
MG MG SA . -25.47 4.87 54.20
PB ADP TA . -23.35 3.54 54.25
O1B ADP TA . -24.44 3.61 55.29
O2B ADP TA . -23.74 4.08 52.90
O3B ADP TA . -22.64 2.22 54.20
PA ADP TA . -22.58 6.13 55.03
O1A ADP TA . -21.78 6.99 54.08
O2A ADP TA . -24.07 6.29 55.16
O3A ADP TA . -22.23 4.59 54.73
O5' ADP TA . -21.95 6.27 56.50
C5' ADP TA . -22.75 5.91 57.62
C4' ADP TA . -21.88 5.80 58.85
O4' ADP TA . -21.67 7.10 59.41
C3' ADP TA . -22.56 4.95 59.92
O3' ADP TA . -21.71 3.89 60.34
C2' ADP TA . -22.79 5.90 61.09
O2' ADP TA . -22.54 5.24 62.33
C1' ADP TA . -21.79 7.00 60.83
N9 ADP TA . -22.25 8.26 61.45
C8 ADP TA . -23.41 8.94 61.26
N7 ADP TA . -23.45 10.06 62.02
C5 ADP TA . -22.30 10.11 62.72
C6 ADP TA . -21.68 11.01 63.73
N6 ADP TA . -22.33 12.13 64.15
N1 ADP TA . -20.47 10.68 64.21
C2 ADP TA . -19.82 9.57 63.81
N3 ADP TA . -20.31 8.71 62.91
C4 ADP TA . -21.52 8.92 62.35
AL AF3 UA . -25.24 4.77 51.15
F1 AF3 UA . -26.27 3.51 51.30
F2 AF3 UA . -25.02 5.83 52.37
F3 AF3 UA . -24.49 5.03 49.72
K K VA . -21.73 9.40 52.98
MG MG WA . 22.40 25.44 -49.57
PB ADP XA . 20.59 23.80 -50.09
O1B ADP XA . 21.60 24.38 -51.03
O2B ADP XA . 20.90 23.98 -48.62
O3B ADP XA . 20.15 22.41 -50.46
PA ADP XA . 19.29 26.30 -50.09
O1A ADP XA . 18.37 26.66 -48.95
O2A ADP XA . 20.72 26.77 -50.12
O3A ADP XA . 19.26 24.69 -50.28
O5' ADP XA . 18.60 26.73 -51.47
C5' ADP XA . 19.43 26.89 -52.62
C4' ADP XA . 18.57 26.98 -53.87
O4' ADP XA . 18.09 28.32 -54.02
C3' ADP XA . 19.37 26.64 -55.11
O3' ADP XA . 18.72 25.59 -55.85
C2' ADP XA . 19.37 27.90 -55.94
O2' ADP XA . 19.21 27.61 -57.33
C1' ADP XA . 18.18 28.67 -55.39
N9 ADP XA . 18.36 30.13 -55.60
C8 ADP XA . 19.37 30.92 -55.18
N7 ADP XA . 19.17 32.21 -55.58
C5 ADP XA . 18.02 32.23 -56.28
C6 ADP XA . 17.21 33.25 -56.98
N6 ADP XA . 17.60 34.54 -57.04
N1 ADP XA . 16.06 32.84 -57.58
C2 ADP XA . 15.65 31.57 -57.54
N3 ADP XA . 16.33 30.60 -56.92
C4 ADP XA . 17.50 30.86 -56.28
AL AF3 YA . 22.28 24.40 -46.70
F1 AF3 YA . 23.54 23.46 -47.18
F2 AF3 YA . 21.82 25.71 -47.57
F3 AF3 YA . 21.53 24.07 -45.29
K K ZA . 17.87 28.57 -47.20
MG MG AB . 26.51 -16.65 -51.31
PB ADP BB . 24.64 -18.19 -50.65
O1B ADP BB . 25.74 -18.45 -51.65
O2B ADP BB . 24.87 -17.02 -49.72
O3B ADP BB . 24.15 -19.44 -49.96
PA ADP BB . 23.47 -16.43 -52.51
O1A ADP BB . 22.51 -15.38 -52.04
O2A ADP BB . 24.93 -16.11 -52.76
O3A ADP BB . 23.38 -17.70 -51.52
O5' ADP BB . 22.89 -17.10 -53.86
C5' ADP BB . 23.80 -17.79 -54.71
C4' ADP BB . 23.01 -18.62 -55.71
O4' ADP BB . 22.61 -17.78 -56.80
C3' ADP BB . 23.87 -19.73 -56.29
O3' ADP BB . 23.22 -21.00 -56.12
C2' ADP BB . 23.98 -19.42 -57.77
O2' ADP BB . 23.90 -20.61 -58.56
C1' ADP BB . 22.80 -18.50 -58.02
N9 ADP BB . 23.07 -17.62 -59.17
C8 ADP BB . 24.09 -16.74 -59.35
N7 ADP BB . 23.98 -16.12 -60.56
C5 ADP BB . 22.87 -16.60 -61.16
C6 ADP BB . 22.16 -16.39 -62.43
N6 ADP BB . 22.61 -15.51 -63.35
N1 ADP BB . 21.04 -17.09 -62.66
C2 ADP BB . 20.55 -17.98 -61.77
N3 ADP BB . 21.15 -18.23 -60.58
C4 ADP BB . 22.28 -17.59 -60.24
AL AF3 CB . 26.16 -15.36 -48.55
F1 AF3 CB . 27.39 -16.36 -48.14
F2 AF3 CB . 25.82 -15.05 -50.12
F3 AF3 CB . 25.31 -14.60 -47.39
K K DB . 22.00 -12.79 -52.18
MG MG EB . 28.72 -47.73 -22.55
PB ADP FB . 26.75 -48.37 -21.14
O1B ADP FB . 27.90 -49.25 -21.60
O2B ADP FB . 26.98 -46.89 -21.30
O3B ADP FB . 26.17 -48.79 -19.82
PA ADP FB . 25.77 -48.45 -23.78
O1A ADP FB . 24.84 -47.37 -24.26
O2A ADP FB . 27.25 -48.38 -24.08
O3A ADP FB . 25.57 -48.65 -22.19
O5' ADP FB . 25.24 -49.87 -24.31
C5' ADP FB . 26.16 -50.95 -24.36
C4' ADP FB . 25.40 -52.25 -24.55
O4' ADP FB . 25.10 -52.42 -25.94
C3' ADP FB . 26.25 -53.44 -24.11
O3' ADP FB . 25.53 -54.24 -23.16
C2' ADP FB . 26.45 -54.26 -25.37
O2' ADP FB . 26.37 -55.67 -25.10
C1' ADP FB . 25.33 -53.79 -26.28
N9 ADP FB . 25.71 -53.97 -27.70
C8 ADP FB . 26.78 -53.48 -28.37
N7 ADP FB . 26.76 -53.88 -29.67
C5 ADP FB . 25.68 -54.66 -29.83
C6 ADP FB . 25.05 -55.41 -30.94
N6 ADP FB . 25.61 -55.42 -32.18
N1 ADP FB . 23.91 -56.08 -30.68
C2 ADP FB . 23.34 -56.09 -29.46
N3 ADP FB . 23.85 -55.42 -28.41
C4 ADP FB . 24.99 -54.71 -28.53
AL AF3 GB . 28.28 -44.87 -21.53
F1 AF3 GB . 29.44 -45.28 -20.45
F2 AF3 GB . 28.04 -45.76 -22.89
F3 AF3 GB . 27.39 -43.52 -21.31
K K HB . 24.47 -45.64 -26.22
MG MG IB . 27.71 -49.51 19.77
PB ADP JB . 25.63 -49.00 21.06
O1B ADP JB . 26.76 -49.92 21.45
O2B ADP JB . 25.94 -48.05 19.94
O3B ADP JB . 24.95 -48.36 22.25
PA ADP JB . 24.82 -50.92 19.18
O1A ADP JB . 23.96 -50.50 18.01
O2A ADP JB . 26.32 -51.06 19.03
O3A ADP JB . 24.50 -49.94 20.42
O5' ADP JB . 24.26 -52.30 19.75
C5' ADP JB . 25.11 -53.10 20.55
C4' ADP JB . 24.31 -54.16 21.28
O4' ADP JB . 24.09 -55.27 20.39
C3' ADP JB . 25.06 -54.69 22.49
O3' ADP JB . 24.26 -54.59 23.66
C2' ADP JB . 25.31 -56.16 22.18
O2' ADP JB . 25.14 -56.96 23.36
C1' ADP JB . 24.28 -56.47 21.13
N9 ADP JB . 24.72 -57.60 20.28
C8 ADP JB . 25.85 -57.71 19.55
N7 ADP JB . 25.90 -58.92 18.92
C5 ADP JB . 24.79 -59.59 19.26
C6 ADP JB . 24.20 -60.90 18.95
N6 ADP JB . 24.82 -61.78 18.13
N1 ADP JB . 23.01 -61.22 19.52
C2 ADP JB . 22.37 -60.36 20.33
N3 ADP JB . 22.85 -59.15 20.65
C4 ADP JB . 24.03 -58.72 20.15
AL AF3 KB . 27.34 -46.78 18.45
F1 AF3 KB . 28.42 -46.29 19.59
F2 AF3 KB . 27.15 -48.37 18.09
F3 AF3 KB . 26.51 -45.66 17.59
K K LB . 23.79 -50.65 15.38
MG MG MB . 24.08 -20.97 50.88
PB ADP NB . 21.95 -19.71 51.27
O1B ADP NB . 23.01 -20.08 52.28
O2B ADP NB . 22.38 -19.82 49.83
O3B ADP NB . 21.23 -18.43 51.61
PA ADP NB . 21.16 -22.40 51.22
O1A ADP NB . 20.40 -22.94 50.03
O2A ADP NB . 22.65 -22.60 51.34
O3A ADP NB . 20.81 -20.84 51.39
O5' ADP NB . 20.49 -22.98 52.56
C5' ADP NB . 21.27 -22.97 53.76
C4' ADP NB . 20.37 -23.23 54.95
O4' ADP NB . 20.16 -24.64 55.08
C3' ADP NB . 21.03 -22.74 56.24
O3' ADP NB . 20.15 -21.85 56.93
C2' ADP NB . 21.22 -23.99 57.07
O2' ADP NB . 20.95 -23.74 58.46
C1' ADP NB . 20.25 -24.98 56.47
N9 ADP NB . 20.69 -26.37 56.69
C8 ADP NB . 21.85 -26.95 56.34
N7 ADP NB . 21.88 -28.25 56.74
C5 ADP NB . 20.72 -28.50 57.37
C6 ADP NB . 20.08 -29.66 58.03
N6 ADP NB . 20.72 -30.85 58.12
N1 ADP NB . 18.85 -29.49 58.57
C2 ADP NB . 18.21 -28.31 58.50
N3 ADP NB . 18.71 -27.23 57.91
C4 ADP NB . 19.94 -27.26 57.34
AL AF3 OB . 23.92 -19.95 47.99
F1 AF3 OB . 24.94 -18.80 48.53
F2 AF3 OB . 23.67 -21.34 48.83
F3 AF3 OB . 23.20 -19.78 46.54
K K PB . 20.38 -24.90 48.27
MG MG QB . 19.98 21.15 52.59
PB ADP RB . 17.90 22.31 51.82
O1B ADP RB . 18.87 22.75 52.87
O2B ADP RB . 18.40 21.22 50.91
O3B ADP RB . 17.22 23.45 51.10
PA ADP RB . 16.98 20.35 53.62
O1A ADP RB . 16.27 19.13 53.10
O2A ADP RB . 18.46 20.31 53.95
O3A ADP RB . 16.70 21.57 52.61
O5' ADP RB . 16.21 20.88 54.92
C5' ADP RB . 16.92 21.73 55.82
C4' ADP RB . 15.94 22.38 56.78
O4' ADP RB . 15.64 21.48 57.84
C3' ADP RB . 16.54 23.64 57.39
O3' ADP RB . 15.67 24.76 57.20
C2' ADP RB . 16.62 23.34 58.88
O2' ADP RB . 16.28 24.49 59.65
C1' ADP RB . 15.63 22.22 59.06
N9 ADP RB . 16.00 21.39 60.24
C8 ADP RB . 17.15 20.73 60.48
N7 ADP RB . 17.10 20.09 61.68
C5 ADP RB . 15.88 20.35 62.21
C6 ADP RB . 15.16 19.99 63.46
N6 ADP RB . 15.73 19.22 64.40
N1 ADP RB . 13.91 20.48 63.62
C2 ADP RB . 13.33 21.26 62.69
N3 ADP RB . 13.92 21.62 61.55
C4 ADP RB . 15.17 21.21 61.26
AL AF3 SB . 20.04 19.83 49.81
F1 AF3 SB . 21.08 21.04 49.46
F2 AF3 SB . 19.68 19.45 51.37
F3 AF3 SB . 19.42 18.93 48.61
K K TB . 16.26 16.49 53.23
MG MG UB . 17.78 52.21 23.83
PB ADP VB . 15.81 52.48 22.31
O1B ADP VB . 16.75 53.54 22.82
O2B ADP VB . 16.31 51.06 22.47
O3B ADP VB . 15.24 52.78 20.95
PA ADP VB . 14.70 52.34 24.89
O1A ADP VB . 13.96 51.10 25.32
O2A ADP VB . 16.14 52.55 25.26
O3A ADP VB . 14.54 52.50 23.28
O5' ADP VB . 13.87 53.63 25.37
C5' ADP VB . 14.57 54.87 25.47
C4' ADP VB . 13.56 56.00 25.61
O4' ADP VB . 13.16 56.10 26.98
C3' ADP VB . 14.17 57.34 25.22
O3' ADP VB . 13.38 57.99 24.22
C2' ADP VB . 14.15 58.17 26.48
O2' ADP VB . 13.82 59.53 26.20
C1' ADP VB . 13.11 57.49 27.33
N9 ADP VB . 13.35 57.72 28.77
C8 ADP VB . 14.45 57.45 29.49
N7 ADP VB . 14.29 57.83 30.79
C5 ADP VB . 13.06 58.38 30.89
C6 ADP VB . 12.25 58.99 31.96
N6 ADP VB . 12.72 59.10 33.22
N1 ADP VB . 11.02 59.43 31.64
C2 ADP VB . 10.53 59.34 30.39
N3 ADP VB . 11.20 58.79 29.36
C4 ADP VB . 12.46 58.31 29.56
AL AF3 WB . 17.96 49.33 22.80
F1 AF3 WB . 19.08 49.96 21.78
F2 AF3 WB . 17.48 50.15 24.13
F3 AF3 WB . 17.37 47.83 22.52
K K XB . 13.81 49.32 27.26
MG MG YB . 18.79 53.98 -18.50
PB ADP ZB . 16.93 53.09 -19.91
O1B ADP ZB . 17.89 54.21 -20.23
O2B ADP ZB . 17.36 52.20 -18.76
O3B ADP ZB . 16.45 52.33 -21.12
PA ADP ZB . 15.67 54.79 -18.07
O1A ADP ZB . 14.84 54.21 -16.94
O2A ADP ZB . 17.09 55.22 -17.84
O3A ADP ZB . 15.61 53.78 -19.33
O5' ADP ZB . 14.88 56.05 -18.69
C5' ADP ZB . 15.62 57.00 -19.44
C4' ADP ZB . 14.66 57.90 -20.21
O4' ADP ZB . 14.18 58.93 -19.34
C3' ADP ZB . 15.37 58.58 -21.38
O3' ADP ZB . 14.65 58.32 -22.60
C2' ADP ZB . 15.31 60.05 -21.08
O2' ADP ZB . 15.04 60.82 -22.25
C1' ADP ZB . 14.17 60.15 -20.08
N9 ADP ZB . 14.35 61.34 -19.21
C8 ADP ZB . 15.39 61.66 -18.41
N7 ADP ZB . 15.18 62.85 -17.78
C5 ADP ZB . 13.97 63.30 -18.19
C6 ADP ZB . 13.12 64.48 -17.92
N6 ADP ZB . 13.52 65.45 -17.06
N1 ADP ZB . 11.93 64.56 -18.56
C2 ADP ZB . 11.51 63.60 -19.40
N3 ADP ZB . 12.23 62.51 -19.70
C4 ADP ZB . 13.44 62.30 -19.13
AL AF3 AC . 18.89 51.22 -17.19
F1 AF3 AC . 20.11 50.95 -18.27
F2 AF3 AC . 18.38 52.73 -16.84
F3 AF3 AC . 18.25 49.95 -16.37
K K BC . 14.50 54.31 -14.34
#